data_1MT5
#
_entry.id   1MT5
#
_cell.length_a   147.107
_cell.length_b   272.019
_cell.length_c   147.216
_cell.angle_alpha   90.00
_cell.angle_beta   115.21
_cell.angle_gamma   90.00
#
_symmetry.space_group_name_H-M   'P 1 21 1'
#
loop_
_entity.id
_entity.type
_entity.pdbx_description
1 polymer 'Fatty-acid amide hydrolase'
2 non-polymer 'METHYL ARACHIDONYL FLUOROPHOSPHONATE'
#
_entity_poly.entity_id   1
_entity_poly.type   'polypeptide(L)'
_entity_poly.pdbx_seq_one_letter_code
;ARGAATRARQKQRASLETMDKAVQRFRLQNPDLDSEALLTLPLLQLVQKLQSGELSPEAVFFTYLGKAWEVNKGTNCVTS
YLTDCETQLSQAPRQGLLYGVPVSLKECFSYKGHDSTLGLSLNEGMPSESDCVVVQVLKLQGAVPFVHTNVPQSMLSFDC
SNPLFGQTMNPWKSSKSPGGSSGGEGALIGSGGSPLGLGTDIGGSIRFPSAFCGICGLKPTGNRLSKSGLKGCVYGQTAV
QLSLGPMARDVESLALCLKALLCEHLFTLDPTVPPLPFREEVYRSSRPLRVGYYETDNYTMPSPAMRRALIETKQRLEAA
GHTLIPFLPNNIPYALEVLSAGGLFSDGGRSFLQNFKGDFVDPCLGDLILILRLPSWFKRLLSLLLKPLFPRLAAFLNSM
RPRSAEKLWKLQHEIEMYRQSVIAQWKAMNLDVLLTPMLGPALDLNTPGRATGAISYTVLYNCLDFPAGVVPVTTVTAED
DAQMELYKGYFGDIWDIILKKAMKNSVGLPVAVQCVALPWQEELCLRFMREVEQLMT
;
_entity_poly.pdbx_strand_id   A,B,C,D,E,F,G,H,I,J,K,L,M,N,O,P
#
loop_
_chem_comp.id
_chem_comp.type
_chem_comp.name
_chem_comp.formula
MAY non-polymer 'METHYL ARACHIDONYL FLUOROPHOSPHONATE' 'C21 H36 F O2 P'
#
# COMPACT_ATOMS: atom_id res chain seq x y z
N ALA A 1 18.87 47.53 28.93
CA ALA A 1 19.54 48.53 28.00
C ALA A 1 18.60 49.63 27.55
N ARG A 2 17.34 49.25 27.28
CA ARG A 2 16.28 50.19 26.92
C ARG A 2 15.60 50.84 28.13
N GLY A 3 15.93 50.34 29.33
CA GLY A 3 15.61 51.00 30.59
C GLY A 3 16.17 52.42 30.70
N ALA A 4 17.31 52.65 30.02
CA ALA A 4 17.75 53.99 29.52
C ALA A 4 16.80 54.73 28.48
N ALA A 5 15.51 54.80 28.83
CA ALA A 5 14.57 55.84 28.41
C ALA A 5 14.43 56.85 29.55
N THR A 6 14.76 56.39 30.76
CA THR A 6 15.05 57.27 31.91
C THR A 6 16.23 58.20 31.64
N ARG A 7 17.21 57.73 30.85
CA ARG A 7 18.35 58.55 30.40
C ARG A 7 17.97 59.66 29.43
N ALA A 8 16.90 59.45 28.67
CA ALA A 8 16.36 60.45 27.75
C ALA A 8 15.42 61.43 28.45
N ARG A 9 14.73 60.93 29.48
CA ARG A 9 13.75 61.71 30.25
C ARG A 9 14.40 62.82 31.09
N GLN A 10 15.61 62.54 31.60
CA GLN A 10 16.39 63.53 32.35
C GLN A 10 17.07 64.56 31.44
N LYS A 11 17.45 64.13 30.23
CA LYS A 11 17.99 65.02 29.19
C LYS A 11 16.95 66.04 28.74
N GLN A 12 15.70 65.58 28.64
CA GLN A 12 14.57 66.40 28.28
C GLN A 12 14.24 67.39 29.41
N ARG A 13 14.26 66.89 30.66
CA ARG A 13 14.01 67.69 31.87
C ARG A 13 15.04 68.80 32.02
N ALA A 14 16.31 68.48 31.71
CA ALA A 14 17.45 69.41 31.78
C ALA A 14 17.35 70.55 30.77
N SER A 15 17.01 70.19 29.53
CA SER A 15 16.83 71.14 28.42
C SER A 15 15.70 72.13 28.70
N LEU A 16 14.65 71.65 29.37
CA LEU A 16 13.48 72.45 29.74
C LEU A 16 13.80 73.44 30.87
N GLU A 17 14.68 73.00 31.79
CA GLU A 17 15.20 73.86 32.84
C GLU A 17 16.10 74.96 32.28
N THR A 18 16.92 74.60 31.28
CA THR A 18 17.80 75.53 30.56
C THR A 18 17.02 76.60 29.77
N MET A 19 15.87 76.22 29.21
CA MET A 19 14.93 77.16 28.57
C MET A 19 14.38 78.16 29.61
N ASP A 20 13.91 77.61 30.72
CA ASP A 20 13.20 78.36 31.76
C ASP A 20 14.13 79.35 32.50
N LYS A 21 15.40 78.96 32.68
CA LYS A 21 16.39 79.80 33.34
C LYS A 21 17.08 80.80 32.38
N ALA A 22 16.73 80.74 31.09
CA ALA A 22 17.18 81.74 30.10
C ALA A 22 16.10 82.80 29.79
N VAL A 23 14.83 82.43 30.01
CA VAL A 23 13.68 83.33 29.80
C VAL A 23 13.29 84.13 31.05
N GLN A 24 13.71 83.64 32.22
CA GLN A 24 13.62 84.42 33.47
C GLN A 24 14.87 85.28 33.69
N ARG A 25 15.96 84.91 32.99
CA ARG A 25 17.12 85.80 32.83
C ARG A 25 16.89 86.88 31.75
N PHE A 26 15.85 86.69 30.91
CA PHE A 26 15.45 87.69 29.93
C PHE A 26 14.27 88.54 30.37
N ARG A 27 13.18 87.91 30.86
CA ARG A 27 11.97 88.66 31.28
C ARG A 27 12.16 89.56 32.55
N LEU A 28 13.18 89.24 33.38
CA LEU A 28 13.64 90.15 34.44
C LEU A 28 14.38 91.39 33.88
N GLN A 29 15.30 91.16 32.92
CA GLN A 29 16.10 92.24 32.30
C GLN A 29 15.28 93.13 31.36
N ASN A 30 14.19 92.56 30.80
CA ASN A 30 13.31 93.26 29.88
C ASN A 30 11.86 93.26 30.42
N PRO A 31 11.57 94.10 31.44
CA PRO A 31 10.28 93.98 32.16
C PRO A 31 9.08 94.64 31.45
N ASP A 32 9.35 95.46 30.42
CA ASP A 32 8.34 96.32 29.80
C ASP A 32 7.83 95.85 28.40
N LEU A 33 8.53 94.85 27.81
CA LEU A 33 8.24 94.37 26.44
C LEU A 33 6.92 93.56 26.34
N ASP A 34 6.10 93.90 25.32
CA ASP A 34 4.80 93.23 25.09
C ASP A 34 4.97 91.80 24.54
N SER A 35 4.71 90.82 25.44
CA SER A 35 4.80 89.37 25.12
C SER A 35 3.74 88.94 24.09
N GLU A 36 2.45 89.21 24.39
CA GLU A 36 1.30 88.67 23.62
C GLU A 36 1.18 89.17 22.17
N ALA A 37 1.46 90.47 21.96
CA ALA A 37 1.44 91.07 20.60
C ALA A 37 2.77 90.93 19.85
N LEU A 38 3.77 90.31 20.48
CA LEU A 38 4.89 89.70 19.75
C LEU A 38 4.49 88.38 19.08
N LEU A 39 3.76 87.55 19.80
CA LEU A 39 3.52 86.19 19.38
C LEU A 39 2.36 86.10 18.40
N THR A 40 1.44 87.08 18.47
CA THR A 40 0.27 87.12 17.58
C THR A 40 0.50 87.93 16.27
N LEU A 41 1.74 88.43 16.10
CA LEU A 41 2.20 88.94 14.81
C LEU A 41 2.27 87.77 13.80
N PRO A 42 1.66 87.95 12.61
CA PRO A 42 1.99 87.13 11.43
C PRO A 42 3.47 87.19 11.10
N LEU A 43 4.05 86.11 10.56
CA LEU A 43 5.50 86.02 10.30
C LEU A 43 6.03 87.09 9.35
N LEU A 44 5.25 87.44 8.34
CA LEU A 44 5.64 88.46 7.37
C LEU A 44 5.86 89.82 8.01
N GLN A 45 4.92 90.21 8.86
CA GLN A 45 5.09 91.35 9.79
C GLN A 45 6.24 91.20 10.80
N LEU A 46 6.46 89.98 11.29
CA LEU A 46 7.54 89.68 12.25
C LEU A 46 8.93 89.85 11.65
N VAL A 47 9.18 89.27 10.45
CA VAL A 47 10.49 89.37 9.78
C VAL A 47 10.78 90.80 9.31
N GLN A 48 9.72 91.52 8.89
CA GLN A 48 9.83 92.92 8.51
C GLN A 48 10.18 93.84 9.68
N LYS A 49 9.63 93.55 10.87
CA LYS A 49 9.95 94.29 12.09
C LYS A 49 11.39 94.03 12.55
N LEU A 50 11.88 92.80 12.31
CA LEU A 50 13.26 92.39 12.60
C LEU A 50 14.31 93.04 11.71
N GLN A 51 14.08 92.95 10.38
CA GLN A 51 14.93 93.55 9.36
C GLN A 51 14.98 95.07 9.47
N SER A 52 13.82 95.69 9.78
CA SER A 52 13.75 97.12 10.09
C SER A 52 14.16 97.47 11.54
N GLY A 53 14.63 96.49 12.32
CA GLY A 53 15.33 96.74 13.59
C GLY A 53 14.49 97.31 14.72
N GLU A 54 13.17 97.25 14.55
CA GLU A 54 12.18 97.65 15.54
C GLU A 54 12.20 96.70 16.74
N LEU A 55 12.53 95.44 16.45
CA LEU A 55 12.86 94.44 17.47
C LEU A 55 14.28 93.94 17.31
N SER A 56 14.92 93.67 18.45
CA SER A 56 16.18 92.92 18.49
C SER A 56 15.93 91.44 18.16
N PRO A 57 16.96 90.72 17.63
CA PRO A 57 16.89 89.25 17.49
C PRO A 57 16.71 88.52 18.82
N GLU A 58 17.27 89.08 19.90
CA GLU A 58 17.17 88.53 21.26
C GLU A 58 15.75 88.56 21.79
N ALA A 59 15.02 89.65 21.50
CA ALA A 59 13.66 89.83 22.00
C ALA A 59 12.70 88.84 21.44
N VAL A 60 12.84 88.55 20.13
CA VAL A 60 11.95 87.64 19.41
C VAL A 60 12.31 86.17 19.58
N PHE A 61 13.58 85.88 19.92
CA PHE A 61 13.99 84.54 20.23
C PHE A 61 13.44 84.13 21.57
N PHE A 62 13.59 85.03 22.56
CA PHE A 62 13.31 84.70 23.95
C PHE A 62 11.85 84.76 24.31
N THR A 63 11.09 85.61 23.62
CA THR A 63 9.62 85.59 23.72
C THR A 63 9.00 84.29 23.17
N TYR A 64 9.57 83.79 22.06
CA TYR A 64 9.15 82.47 21.52
C TYR A 64 9.55 81.29 22.39
N LEU A 65 10.75 81.37 22.96
CA LEU A 65 11.30 80.31 23.83
C LEU A 65 10.56 80.14 25.14
N GLY A 66 10.07 81.26 25.68
CA GLY A 66 9.16 81.25 26.82
C GLY A 66 7.85 80.61 26.45
N LYS A 67 7.32 80.99 25.28
CA LYS A 67 6.01 80.49 24.82
C LYS A 67 6.09 79.03 24.40
N ALA A 68 7.28 78.60 23.94
CA ALA A 68 7.58 77.17 23.69
C ALA A 68 7.55 76.36 24.98
N TRP A 69 8.29 76.83 25.99
CA TRP A 69 8.26 76.30 27.36
C TRP A 69 6.84 76.21 27.96
N GLU A 70 6.04 77.28 27.79
CA GLU A 70 4.72 77.41 28.45
C GLU A 70 3.67 76.39 27.95
N VAL A 71 3.68 76.12 26.64
CA VAL A 71 2.69 75.23 26.01
C VAL A 71 3.14 73.76 26.02
N ASN A 72 4.45 73.55 26.18
CA ASN A 72 5.04 72.21 26.37
C ASN A 72 4.67 71.57 27.73
N LYS A 73 4.38 72.43 28.71
CA LYS A 73 3.72 72.05 29.96
C LYS A 73 2.39 71.33 29.73
N GLY A 74 1.62 71.79 28.75
CA GLY A 74 0.40 71.12 28.34
C GLY A 74 0.64 69.91 27.46
N THR A 75 1.37 70.11 26.37
CA THR A 75 1.31 69.21 25.23
C THR A 75 2.30 68.08 25.29
N ASN A 76 3.41 68.26 26.02
CA ASN A 76 4.65 67.43 25.88
C ASN A 76 5.11 67.25 24.43
N CYS A 77 5.54 68.35 23.84
CA CYS A 77 5.94 68.38 22.44
C CYS A 77 7.44 68.55 22.28
N VAL A 78 8.12 69.01 23.31
CA VAL A 78 9.53 69.41 23.20
C VAL A 78 10.50 68.34 23.73
N THR A 79 11.41 67.95 22.86
CA THR A 79 12.27 66.82 23.03
C THR A 79 13.60 67.27 23.66
N SER A 80 14.16 68.36 23.11
CA SER A 80 15.37 68.98 23.60
C SER A 80 15.49 70.39 23.03
N TYR A 81 16.35 71.19 23.65
CA TYR A 81 16.55 72.57 23.33
C TYR A 81 17.96 72.72 22.80
N LEU A 82 18.09 73.34 21.62
CA LEU A 82 19.28 73.20 20.81
C LEU A 82 20.31 74.23 21.20
N THR A 83 21.25 73.80 22.06
CA THR A 83 21.95 74.69 23.03
C THR A 83 22.84 75.77 22.40
N ASP A 84 23.42 75.49 21.23
CA ASP A 84 24.30 76.45 20.52
C ASP A 84 23.53 77.45 19.62
N CYS A 85 22.28 77.74 20.00
CA CYS A 85 21.65 79.04 19.80
C CYS A 85 22.19 80.04 20.85
N GLU A 86 21.75 81.32 20.75
CA GLU A 86 22.39 82.53 21.41
C GLU A 86 23.78 82.92 20.83
N THR A 87 24.66 81.93 20.69
CA THR A 87 25.86 82.05 19.85
C THR A 87 25.53 81.98 18.34
N GLN A 88 24.41 81.33 17.99
CA GLN A 88 23.81 81.41 16.64
C GLN A 88 23.12 82.77 16.41
N LEU A 89 22.57 83.36 17.48
CA LEU A 89 22.00 84.73 17.46
C LEU A 89 23.06 85.81 17.23
N SER A 90 24.22 85.66 17.92
CA SER A 90 25.37 86.61 17.87
C SER A 90 25.96 86.75 16.46
N GLN A 91 26.10 85.60 15.77
CA GLN A 91 26.58 85.56 14.39
C GLN A 91 25.48 85.07 13.43
N ALA A 92 24.39 85.84 13.34
CA ALA A 92 23.34 85.60 12.36
C ALA A 92 23.44 86.64 11.24
N PRO A 93 23.44 86.20 9.96
CA PRO A 93 23.57 87.12 8.80
C PRO A 93 22.31 87.94 8.58
N ARG A 94 22.47 89.27 8.47
CA ARG A 94 21.34 90.21 8.38
C ARG A 94 20.58 90.14 7.07
N GLN A 95 21.31 89.98 5.97
CA GLN A 95 20.73 89.97 4.64
C GLN A 95 20.00 88.63 4.27
N GLY A 96 20.14 87.61 5.13
CA GLY A 96 19.34 86.38 5.07
C GLY A 96 17.86 86.66 5.22
N LEU A 97 17.04 85.91 4.47
CA LEU A 97 15.60 86.19 4.34
C LEU A 97 14.74 85.71 5.53
N LEU A 98 15.40 85.10 6.51
CA LEU A 98 14.77 84.67 7.73
C LEU A 98 15.57 85.09 8.99
N TYR A 99 16.09 86.34 9.00
CA TYR A 99 17.12 86.83 9.97
C TYR A 99 16.77 86.71 11.46
N GLY A 100 15.54 87.00 11.81
CA GLY A 100 15.20 86.95 13.21
C GLY A 100 14.66 85.64 13.68
N VAL A 101 14.24 84.82 12.72
CA VAL A 101 13.18 83.84 12.94
C VAL A 101 13.69 82.54 13.63
N PRO A 102 13.17 82.23 14.83
CA PRO A 102 13.40 80.92 15.44
C PRO A 102 12.54 79.79 14.79
N VAL A 103 13.19 78.66 14.49
CA VAL A 103 12.52 77.51 13.83
C VAL A 103 12.50 76.26 14.70
N SER A 104 11.36 75.58 14.69
CA SER A 104 11.29 74.29 15.36
C SER A 104 11.62 73.17 14.42
N LEU A 105 12.35 72.18 14.94
CA LEU A 105 12.74 71.00 14.18
C LEU A 105 12.04 69.75 14.67
N LYS A 106 11.52 68.97 13.72
CA LYS A 106 11.24 67.56 13.90
C LYS A 106 12.54 66.86 14.26
N GLU A 107 12.48 65.92 15.23
CA GLU A 107 13.69 65.26 15.77
C GLU A 107 14.68 64.63 14.72
N CYS A 108 14.11 64.14 13.61
CA CYS A 108 14.83 63.53 12.48
C CYS A 108 15.81 64.44 11.65
N PHE A 109 15.61 65.75 11.67
CA PHE A 109 16.58 66.73 11.14
C PHE A 109 17.77 66.78 12.09
N SER A 110 18.87 66.16 11.69
CA SER A 110 20.03 66.03 12.56
C SER A 110 20.73 67.39 12.80
N TYR A 111 21.14 67.58 14.05
CA TYR A 111 21.70 68.82 14.56
C TYR A 111 22.93 68.43 15.40
N LYS A 112 24.07 69.11 15.16
CA LYS A 112 25.41 68.69 15.68
C LYS A 112 25.47 68.62 17.21
N GLY A 113 25.96 67.48 17.70
CA GLY A 113 26.01 67.20 19.13
C GLY A 113 24.64 66.94 19.75
N HIS A 114 23.71 66.40 18.96
CA HIS A 114 22.37 66.04 19.45
C HIS A 114 21.88 64.76 18.85
N ASP A 115 21.06 64.08 19.63
CA ASP A 115 20.46 62.81 19.32
C ASP A 115 19.31 63.00 18.33
N SER A 116 19.41 62.29 17.22
CA SER A 116 18.27 62.03 16.37
C SER A 116 17.80 60.63 16.66
N THR A 117 17.28 60.42 17.87
CA THR A 117 16.52 59.19 18.20
C THR A 117 15.26 59.32 17.45
N LEU A 118 14.76 58.22 16.92
CA LEU A 118 13.45 58.32 16.30
C LEU A 118 12.40 57.97 17.27
N GLY A 119 12.83 57.76 18.49
CA GLY A 119 12.02 57.20 19.54
C GLY A 119 12.51 55.86 19.99
N LEU A 120 13.74 55.56 19.59
CA LEU A 120 14.27 54.24 19.54
C LEU A 120 15.50 54.22 20.40
N SER A 121 15.56 53.25 21.31
CA SER A 121 16.73 53.03 22.17
C SER A 121 18.02 52.69 21.40
N LEU A 122 17.86 52.10 20.21
CA LEU A 122 18.92 52.02 19.20
C LEU A 122 19.73 53.32 18.96
N ASN A 123 19.01 54.44 18.77
CA ASN A 123 19.66 55.73 18.46
C ASN A 123 19.70 56.72 19.64
N GLU A 124 19.63 56.20 20.87
CA GLU A 124 19.74 56.99 22.08
C GLU A 124 21.22 57.16 22.51
N GLY A 125 22.08 56.31 21.97
CA GLY A 125 23.53 56.48 22.08
C GLY A 125 24.06 57.80 21.53
N MET A 126 24.13 57.92 20.21
CA MET A 126 25.12 58.79 19.57
C MET A 126 24.56 60.09 19.00
N PRO A 127 25.15 61.21 19.45
CA PRO A 127 24.82 62.53 18.89
C PRO A 127 25.36 62.67 17.47
N SER A 128 24.77 63.56 16.67
CA SER A 128 25.23 63.77 15.28
C SER A 128 26.56 64.49 15.24
N GLU A 129 27.41 64.10 14.31
CA GLU A 129 28.65 64.82 14.03
C GLU A 129 28.39 66.25 13.46
N SER A 130 27.43 66.36 12.54
CA SER A 130 27.18 67.60 11.81
C SER A 130 25.70 67.92 11.64
N ASP A 131 25.42 69.22 11.48
CA ASP A 131 24.11 69.76 11.13
C ASP A 131 23.71 69.33 9.73
N CYS A 132 22.46 68.89 9.58
CA CYS A 132 21.94 68.45 8.32
C CYS A 132 21.76 69.60 7.34
N VAL A 133 21.64 69.26 6.05
CA VAL A 133 21.78 70.24 4.98
C VAL A 133 20.79 71.39 5.03
N VAL A 134 19.50 71.12 5.26
CA VAL A 134 18.48 72.19 5.31
C VAL A 134 18.58 73.05 6.57
N VAL A 135 19.14 72.47 7.63
CA VAL A 135 19.51 73.19 8.84
C VAL A 135 20.70 74.11 8.59
N GLN A 136 21.71 73.60 7.85
CA GLN A 136 22.85 74.42 7.39
C GLN A 136 22.39 75.68 6.64
N VAL A 137 21.44 75.53 5.72
CA VAL A 137 20.93 76.66 4.93
C VAL A 137 20.01 77.64 5.68
N LEU A 138 19.20 77.13 6.62
CA LEU A 138 18.35 77.96 7.50
C LEU A 138 19.22 78.88 8.40
N LYS A 139 20.33 78.33 8.92
CA LYS A 139 21.34 79.08 9.64
C LYS A 139 22.09 80.13 8.80
N LEU A 140 22.36 79.81 7.53
CA LEU A 140 22.96 80.78 6.61
C LEU A 140 21.93 81.81 6.13
N GLN A 141 20.65 81.50 6.36
CA GLN A 141 19.55 82.42 6.07
C GLN A 141 19.07 83.22 7.29
N GLY A 142 19.86 83.19 8.36
CA GLY A 142 19.60 83.99 9.54
C GLY A 142 18.67 83.36 10.56
N ALA A 143 18.17 82.16 10.30
CA ALA A 143 17.25 81.52 11.22
C ALA A 143 17.96 80.85 12.38
N VAL A 144 17.24 80.68 13.48
CA VAL A 144 17.80 80.16 14.73
C VAL A 144 17.01 78.92 15.19
N PRO A 145 17.38 77.71 14.69
CA PRO A 145 16.78 76.46 15.17
C PRO A 145 16.94 76.29 16.65
N PHE A 146 15.85 76.06 17.34
CA PHE A 146 15.84 76.22 18.79
C PHE A 146 15.39 75.00 19.59
N VAL A 147 14.55 74.18 18.98
CA VAL A 147 14.04 72.96 19.61
C VAL A 147 13.95 71.77 18.66
N HIS A 148 14.19 70.57 19.18
CA HIS A 148 13.63 69.35 18.62
C HIS A 148 12.28 69.06 19.20
N THR A 149 11.40 68.56 18.34
CA THR A 149 10.06 68.21 18.72
C THR A 149 9.82 66.73 18.61
N ASN A 150 8.88 66.23 19.43
CA ASN A 150 8.57 64.79 19.52
C ASN A 150 7.94 64.18 18.24
N VAL A 151 8.15 62.88 18.08
CA VAL A 151 7.60 62.09 17.01
C VAL A 151 6.92 60.85 17.68
N PRO A 152 6.05 60.13 16.96
CA PRO A 152 5.79 58.72 17.26
C PRO A 152 7.02 57.82 17.08
N GLN A 153 6.98 56.63 17.71
CA GLN A 153 8.14 55.70 17.80
C GLN A 153 9.00 55.45 16.54
N SER A 154 8.45 54.92 15.46
CA SER A 154 9.36 54.76 14.34
C SER A 154 9.23 55.77 13.18
N MET A 155 8.47 56.82 13.48
CA MET A 155 7.86 57.76 12.53
C MET A 155 6.77 57.19 11.66
N LEU A 156 6.49 55.88 11.77
CA LEU A 156 5.48 55.25 10.91
C LEU A 156 4.18 55.16 11.67
N SER A 157 3.60 56.34 11.91
CA SER A 157 2.37 56.50 12.68
C SER A 157 1.88 57.92 12.49
N PHE A 158 0.56 58.09 12.39
CA PHE A 158 -0.01 59.43 12.43
C PHE A 158 -0.60 59.87 13.78
N ASP A 159 -0.30 59.09 14.85
CA ASP A 159 -0.33 59.55 16.26
C ASP A 159 1.05 60.14 16.65
N CYS A 160 1.26 60.43 17.93
CA CYS A 160 2.50 61.02 18.45
C CYS A 160 2.69 60.67 19.90
N SER A 161 3.66 59.80 20.15
CA SER A 161 3.83 58.99 21.39
C SER A 161 4.91 57.98 21.15
N ASN A 162 5.66 57.70 22.21
CA ASN A 162 7.04 57.41 22.09
C ASN A 162 7.60 56.94 23.44
N PRO A 163 8.25 55.74 23.49
CA PRO A 163 8.71 55.14 24.78
C PRO A 163 9.76 55.98 25.46
N LEU A 164 10.57 56.70 24.68
CA LEU A 164 11.67 57.50 25.15
C LEU A 164 11.31 58.87 25.80
N PHE A 165 10.16 59.46 25.43
CA PHE A 165 9.80 60.86 25.78
C PHE A 165 8.35 61.05 26.24
N GLY A 166 7.48 60.13 25.85
CA GLY A 166 6.06 60.19 26.20
C GLY A 166 5.13 60.64 25.07
N GLN A 167 3.84 60.68 25.38
CA GLN A 167 2.77 61.11 24.46
C GLN A 167 2.73 62.62 24.30
N THR A 168 2.51 63.05 23.07
CA THR A 168 2.23 64.45 22.75
C THR A 168 0.72 64.64 22.61
N MET A 169 0.21 65.76 23.09
CA MET A 169 -1.22 66.02 23.04
C MET A 169 -1.58 67.14 22.06
N ASN A 170 -2.84 67.12 21.63
CA ASN A 170 -3.41 68.20 20.85
C ASN A 170 -3.73 69.41 21.74
N PRO A 171 -3.15 70.59 21.39
CA PRO A 171 -3.40 71.85 22.13
C PRO A 171 -4.87 72.34 22.18
N TRP A 172 -5.67 71.92 21.21
CA TRP A 172 -7.10 72.21 21.20
C TRP A 172 -7.88 71.36 22.23
N LYS A 173 -7.50 70.08 22.37
CA LYS A 173 -8.20 69.11 23.26
C LYS A 173 -7.29 67.95 23.71
N SER A 174 -7.28 67.65 25.02
CA SER A 174 -6.32 66.69 25.61
C SER A 174 -6.56 65.21 25.24
N SER A 175 -7.81 64.87 24.89
CA SER A 175 -8.20 63.48 24.56
C SER A 175 -7.90 63.11 23.07
N LYS A 176 -7.15 63.99 22.41
CA LYS A 176 -7.01 64.01 20.97
C LYS A 176 -5.56 63.95 20.54
N SER A 177 -5.35 63.35 19.39
CA SER A 177 -4.05 63.21 18.80
C SER A 177 -3.68 64.52 18.14
N PRO A 178 -2.41 64.95 18.25
CA PRO A 178 -1.90 66.13 17.53
C PRO A 178 -1.59 65.86 16.04
N GLY A 179 -1.87 64.66 15.56
CA GLY A 179 -1.34 64.23 14.30
C GLY A 179 0.04 63.71 14.45
N GLY A 180 0.58 63.26 13.34
CA GLY A 180 1.86 62.61 13.30
C GLY A 180 2.23 62.38 11.88
N SER A 181 3.51 62.24 11.57
CA SER A 181 4.55 62.06 12.53
C SER A 181 5.27 63.35 12.98
N SER A 182 5.08 64.45 12.25
CA SER A 182 5.52 65.78 12.74
C SER A 182 4.52 66.36 13.78
N GLY A 183 4.16 65.55 14.76
CA GLY A 183 3.12 65.87 15.72
C GLY A 183 3.59 66.84 16.76
N GLY A 184 4.87 66.77 17.08
CA GLY A 184 5.52 67.74 17.93
C GLY A 184 5.50 69.12 17.32
N GLU A 185 5.95 69.21 16.06
CA GLU A 185 5.81 70.40 15.22
C GLU A 185 4.41 70.96 15.22
N GLY A 186 3.44 70.09 14.95
CA GLY A 186 2.02 70.45 14.89
C GLY A 186 1.44 70.95 16.18
N ALA A 187 1.82 70.34 17.30
CA ALA A 187 1.38 70.78 18.64
C ALA A 187 1.98 72.12 19.07
N LEU A 188 3.27 72.35 18.75
CA LEU A 188 4.00 73.56 19.11
C LEU A 188 3.63 74.81 18.27
N ILE A 189 3.36 74.62 16.97
CA ILE A 189 3.03 75.77 16.06
C ILE A 189 1.57 76.25 16.23
N GLY A 190 0.60 75.33 16.29
CA GLY A 190 -0.67 75.57 17.00
C GLY A 190 -0.38 75.97 18.44
N SER A 191 -1.24 76.78 19.06
CA SER A 191 -0.96 77.39 20.41
C SER A 191 0.29 78.33 20.54
N GLY A 192 1.05 78.50 19.45
CA GLY A 192 1.82 79.73 19.21
C GLY A 192 3.26 79.81 19.72
N GLY A 193 3.84 78.68 20.14
CA GLY A 193 5.24 78.65 20.58
C GLY A 193 6.35 78.67 19.50
N SER A 194 5.95 78.66 18.23
CA SER A 194 6.87 78.67 17.09
C SER A 194 6.17 79.38 15.86
N PRO A 195 6.86 80.31 15.16
CA PRO A 195 6.32 80.86 13.90
C PRO A 195 6.44 79.89 12.70
N LEU A 196 7.50 79.05 12.69
CA LEU A 196 7.91 78.27 11.53
C LEU A 196 8.56 76.97 11.98
N GLY A 197 8.26 75.90 11.25
CA GLY A 197 8.87 74.61 11.49
C GLY A 197 8.92 73.64 10.33
N LEU A 198 9.81 72.64 10.44
CA LEU A 198 10.09 71.69 9.37
C LEU A 198 9.65 70.29 9.74
N GLY A 199 9.02 69.60 8.78
CA GLY A 199 8.54 68.23 9.00
C GLY A 199 8.94 67.32 7.87
N THR A 200 8.60 66.02 7.96
CA THR A 200 8.74 65.10 6.81
C THR A 200 7.46 64.44 6.49
N ASP A 201 7.34 63.90 5.29
CA ASP A 201 6.11 63.33 4.83
C ASP A 201 6.36 62.22 3.80
N ILE A 202 5.88 61.00 4.16
CA ILE A 202 5.83 59.79 3.26
C ILE A 202 4.41 59.10 3.19
N GLY A 203 3.55 59.38 4.17
CA GLY A 203 2.15 58.97 4.10
C GLY A 203 1.18 60.04 4.58
N GLY A 204 1.70 61.18 5.06
CA GLY A 204 0.87 62.35 5.32
C GLY A 204 1.36 63.12 6.52
N SER A 205 2.58 62.84 6.96
CA SER A 205 3.12 63.36 8.22
C SER A 205 3.33 64.89 8.35
N ILE A 206 3.20 65.63 7.25
CA ILE A 206 3.20 67.11 7.30
C ILE A 206 1.75 67.60 7.35
N ARG A 207 0.87 66.79 6.79
CA ARG A 207 -0.52 67.13 6.56
C ARG A 207 -1.47 66.65 7.65
N PHE A 208 -1.24 65.44 8.21
CA PHE A 208 -1.91 65.08 9.48
C PHE A 208 -1.83 66.12 10.62
N PRO A 209 -0.63 66.62 11.02
CA PRO A 209 -0.56 67.55 12.14
C PRO A 209 -1.10 68.91 11.82
N SER A 210 -0.81 69.39 10.61
CA SER A 210 -1.37 70.61 10.08
C SER A 210 -2.88 70.59 10.22
N ALA A 211 -3.52 69.57 9.67
CA ALA A 211 -4.98 69.43 9.72
C ALA A 211 -5.60 69.15 11.11
N PHE A 212 -4.84 68.62 12.05
CA PHE A 212 -5.41 68.22 13.35
C PHE A 212 -5.38 69.39 14.33
N CYS A 213 -4.34 70.22 14.20
CA CYS A 213 -4.04 71.32 15.09
C CYS A 213 -4.46 72.67 14.46
N GLY A 214 -4.92 72.61 13.21
CA GLY A 214 -5.39 73.77 12.49
C GLY A 214 -4.30 74.69 12.08
N ILE A 215 -3.25 74.11 11.50
CA ILE A 215 -2.24 74.92 10.81
C ILE A 215 -2.04 74.54 9.35
N CYS A 216 -1.07 75.23 8.74
CA CYS A 216 -0.80 75.15 7.33
C CYS A 216 0.49 74.43 7.14
N GLY A 217 0.53 73.62 6.09
CA GLY A 217 1.67 72.74 5.81
C GLY A 217 1.68 72.36 4.35
N LEU A 218 2.90 72.23 3.79
CA LEU A 218 3.08 71.79 2.40
C LEU A 218 4.08 70.63 2.31
N LYS A 219 3.69 69.60 1.57
CA LYS A 219 4.60 68.55 1.19
C LYS A 219 5.02 68.75 -0.27
N PRO A 220 6.24 69.25 -0.52
CA PRO A 220 6.75 69.40 -1.89
C PRO A 220 6.98 68.05 -2.61
N THR A 221 7.15 68.11 -3.94
CA THR A 221 7.84 67.06 -4.72
C THR A 221 9.10 66.56 -3.99
N GLY A 222 9.15 65.26 -3.72
CA GLY A 222 10.25 64.62 -2.98
C GLY A 222 11.70 65.07 -3.19
N ASN A 223 12.06 65.41 -4.43
CA ASN A 223 13.42 65.96 -4.71
C ASN A 223 13.57 67.51 -4.82
N ARG A 224 12.55 68.27 -4.37
CA ARG A 224 12.65 69.76 -4.31
C ARG A 224 13.64 70.22 -3.29
N LEU A 225 13.68 69.52 -2.17
CA LEU A 225 14.56 69.89 -1.07
C LEU A 225 15.47 68.72 -0.74
N SER A 226 16.47 68.99 0.10
CA SER A 226 17.56 68.07 0.29
C SER A 226 17.38 67.26 1.54
N LYS A 227 17.68 65.98 1.44
CA LYS A 227 17.42 65.04 2.50
C LYS A 227 18.70 64.63 3.17
N SER A 228 19.75 65.42 2.95
CA SER A 228 21.12 64.94 3.07
C SER A 228 21.64 64.74 4.48
N GLY A 229 20.83 65.09 5.48
CA GLY A 229 21.08 64.59 6.81
C GLY A 229 19.93 63.91 7.54
N LEU A 230 18.78 63.75 6.87
CA LEU A 230 17.58 63.13 7.47
C LEU A 230 17.81 61.72 8.03
N LYS A 231 17.78 61.63 9.36
CA LYS A 231 17.65 60.38 10.05
C LYS A 231 16.28 59.77 9.72
N GLY A 232 16.31 58.67 8.99
CA GLY A 232 15.17 57.76 8.85
C GLY A 232 15.48 56.49 9.61
N CYS A 233 14.56 55.52 9.61
CA CYS A 233 14.84 54.24 10.21
C CYS A 233 14.90 53.04 9.21
N VAL A 234 14.35 53.23 8.02
CA VAL A 234 14.79 52.45 6.85
C VAL A 234 15.31 53.42 5.73
N TYR A 235 16.27 52.93 4.92
CA TYR A 235 16.89 53.71 3.87
C TYR A 235 16.84 52.94 2.51
N GLY A 236 16.79 53.70 1.40
CA GLY A 236 16.93 53.14 0.07
C GLY A 236 15.65 52.70 -0.61
N GLN A 237 14.54 52.75 0.10
CA GLN A 237 13.23 52.56 -0.49
C GLN A 237 12.87 53.80 -1.36
N THR A 238 12.68 53.58 -2.66
CA THR A 238 12.49 54.67 -3.64
C THR A 238 11.19 54.57 -4.47
N ALA A 239 10.17 53.95 -3.90
CA ALA A 239 8.86 53.88 -4.55
C ALA A 239 7.85 54.22 -3.50
N VAL A 240 7.18 55.36 -3.68
CA VAL A 240 6.61 56.21 -2.57
C VAL A 240 7.65 57.11 -1.87
N GLN A 241 7.52 58.40 -2.17
CA GLN A 241 8.60 59.34 -2.09
C GLN A 241 8.53 60.13 -0.83
N LEU A 242 9.66 60.25 -0.15
CA LEU A 242 9.77 61.02 1.06
C LEU A 242 9.96 62.51 0.73
N SER A 243 9.25 63.37 1.43
CA SER A 243 9.52 64.81 1.37
C SER A 243 9.57 65.47 2.70
N LEU A 244 10.49 66.41 2.84
CA LEU A 244 10.43 67.40 3.89
C LEU A 244 9.82 68.70 3.41
N GLY A 245 9.35 69.51 4.35
CA GLY A 245 8.87 70.84 4.04
C GLY A 245 8.34 71.62 5.22
N PRO A 246 7.79 72.82 4.95
CA PRO A 246 7.45 73.77 6.00
C PRO A 246 6.08 73.57 6.64
N MET A 247 6.01 73.96 7.89
CA MET A 247 4.76 74.08 8.64
C MET A 247 4.71 75.45 9.34
N ALA A 248 3.52 76.07 9.33
CA ALA A 248 3.35 77.48 9.76
C ALA A 248 1.89 77.88 10.01
N ARG A 249 1.71 79.06 10.61
CA ARG A 249 0.39 79.59 10.94
C ARG A 249 -0.35 80.22 9.76
N ASP A 250 0.39 80.57 8.69
CA ASP A 250 -0.21 81.09 7.45
C ASP A 250 0.55 80.62 6.21
N VAL A 251 -0.13 80.49 5.04
CA VAL A 251 0.50 79.94 3.80
C VAL A 251 1.61 80.82 3.26
N GLU A 252 1.52 82.10 3.58
CA GLU A 252 2.54 83.10 3.27
C GLU A 252 3.92 82.78 3.87
N SER A 253 3.91 82.15 5.04
CA SER A 253 5.13 81.73 5.70
C SER A 253 5.76 80.51 5.05
N LEU A 254 4.90 79.59 4.57
CA LEU A 254 5.37 78.39 3.83
C LEU A 254 6.08 78.80 2.57
N ALA A 255 5.54 79.82 1.90
CA ALA A 255 6.18 80.52 0.78
C ALA A 255 7.51 81.20 1.13
N LEU A 256 7.60 81.74 2.34
CA LEU A 256 8.83 82.37 2.78
C LEU A 256 9.90 81.35 3.08
N CYS A 257 9.52 80.32 3.81
CA CYS A 257 10.43 79.22 4.11
C CYS A 257 10.98 78.57 2.88
N LEU A 258 10.10 78.28 1.93
CA LEU A 258 10.51 77.69 0.67
C LEU A 258 11.44 78.59 -0.17
N LYS A 259 11.14 79.89 -0.23
CA LYS A 259 11.99 80.86 -0.98
C LYS A 259 13.36 81.09 -0.32
N ALA A 260 13.38 81.11 1.01
CA ALA A 260 14.63 81.06 1.78
C ALA A 260 15.44 79.79 1.54
N LEU A 261 14.74 78.66 1.38
CA LEU A 261 15.37 77.34 1.20
C LEU A 261 15.89 77.15 -0.24
N LEU A 262 15.17 77.68 -1.23
CA LEU A 262 15.47 77.42 -2.62
C LEU A 262 16.59 78.34 -3.18
N CYS A 263 17.69 78.43 -2.46
CA CYS A 263 18.75 79.40 -2.72
C CYS A 263 20.01 78.70 -3.17
N GLU A 264 20.99 79.47 -3.67
CA GLU A 264 22.25 78.93 -4.20
C GLU A 264 23.12 78.12 -3.19
N HIS A 265 23.02 78.43 -1.89
CA HIS A 265 23.67 77.62 -0.83
C HIS A 265 23.17 76.18 -0.81
N LEU A 266 21.87 76.00 -1.04
CA LEU A 266 21.23 74.68 -0.99
C LEU A 266 21.68 73.82 -2.15
N PHE A 267 21.67 74.40 -3.35
CA PHE A 267 22.01 73.70 -4.61
C PHE A 267 23.51 73.39 -4.73
N THR A 268 24.30 73.92 -3.78
CA THR A 268 25.75 73.71 -3.68
C THR A 268 26.12 72.71 -2.55
N LEU A 269 25.43 72.81 -1.41
CA LEU A 269 25.50 71.81 -0.35
C LEU A 269 24.41 70.77 -0.57
N ASP A 270 24.64 69.86 -1.52
CA ASP A 270 23.62 68.95 -2.21
C ASP A 270 23.27 69.34 -3.66
N PRO A 271 24.16 69.00 -4.62
CA PRO A 271 23.86 69.15 -6.04
C PRO A 271 22.96 68.06 -6.64
N THR A 272 22.44 67.11 -5.85
CA THR A 272 21.47 66.13 -6.38
C THR A 272 20.09 66.73 -6.48
N VAL A 273 19.86 67.78 -5.69
CA VAL A 273 18.65 68.57 -5.75
C VAL A 273 18.74 69.49 -6.94
N PRO A 274 17.75 69.44 -7.84
CA PRO A 274 17.70 70.34 -8.98
C PRO A 274 17.63 71.86 -8.58
N PRO A 275 18.54 72.66 -9.15
CA PRO A 275 18.60 74.10 -8.91
C PRO A 275 17.41 74.94 -9.46
N LEU A 276 16.21 74.68 -8.92
CA LEU A 276 14.98 75.35 -9.34
C LEU A 276 14.61 76.41 -8.33
N PRO A 277 14.55 77.68 -8.76
CA PRO A 277 14.36 78.80 -7.82
C PRO A 277 12.90 78.95 -7.44
N PHE A 278 12.61 79.73 -6.42
CA PHE A 278 11.23 80.06 -6.12
C PHE A 278 10.69 81.02 -7.16
N ARG A 279 9.86 80.49 -8.06
CA ARG A 279 9.21 81.26 -9.12
C ARG A 279 8.10 82.16 -8.58
N GLU A 280 8.49 83.39 -8.20
CA GLU A 280 7.64 84.36 -7.49
C GLU A 280 6.41 84.79 -8.31
N GLU A 281 6.59 84.86 -9.63
CA GLU A 281 5.53 85.22 -10.56
C GLU A 281 4.34 84.23 -10.57
N VAL A 282 4.63 82.91 -10.42
CA VAL A 282 3.61 81.84 -10.45
C VAL A 282 2.85 81.80 -9.11
N TYR A 283 3.60 81.98 -8.01
CA TYR A 283 3.02 82.18 -6.70
C TYR A 283 2.13 83.44 -6.59
N ARG A 284 2.61 84.61 -7.03
CA ARG A 284 1.89 85.89 -6.81
C ARG A 284 0.72 86.18 -7.81
N SER A 285 0.42 85.17 -8.65
CA SER A 285 -0.63 85.24 -9.69
C SER A 285 -2.07 85.36 -9.13
N SER A 286 -2.91 86.07 -9.90
CA SER A 286 -4.33 86.27 -9.56
C SER A 286 -5.26 85.93 -10.75
N ARG A 287 -4.66 85.35 -11.80
CA ARG A 287 -5.39 84.69 -12.90
C ARG A 287 -6.29 83.54 -12.37
N PRO A 288 -7.55 83.43 -12.87
CA PRO A 288 -8.50 82.42 -12.37
C PRO A 288 -8.11 80.97 -12.76
N LEU A 289 -8.62 80.00 -11.99
CA LEU A 289 -8.08 78.64 -11.91
C LEU A 289 -9.11 77.61 -12.31
N ARG A 290 -8.65 76.70 -13.17
CA ARG A 290 -9.33 75.44 -13.42
C ARG A 290 -8.99 74.45 -12.28
N VAL A 291 -9.99 74.20 -11.41
CA VAL A 291 -9.80 73.43 -10.17
C VAL A 291 -10.60 72.13 -10.21
N GLY A 292 -9.86 71.00 -10.33
CA GLY A 292 -10.39 69.67 -10.04
C GLY A 292 -10.87 69.51 -8.60
N TYR A 293 -11.93 68.74 -8.41
CA TYR A 293 -12.37 68.37 -7.06
C TYR A 293 -12.97 66.98 -6.98
N TYR A 294 -12.92 66.40 -5.79
CA TYR A 294 -13.82 65.30 -5.42
C TYR A 294 -14.30 65.38 -3.95
N GLU A 295 -15.44 64.76 -3.69
CA GLU A 295 -16.06 64.78 -2.37
C GLU A 295 -15.53 63.64 -1.53
N THR A 296 -15.11 62.58 -2.21
CA THR A 296 -14.64 61.34 -1.60
C THR A 296 -13.70 60.61 -2.55
N ASP A 297 -12.86 59.72 -2.00
CA ASP A 297 -11.98 58.87 -2.79
C ASP A 297 -12.52 57.38 -3.00
N ASN A 298 -13.76 57.13 -2.52
CA ASN A 298 -14.39 55.78 -2.48
C ASN A 298 -13.63 54.70 -1.68
N TYR A 299 -13.01 55.15 -0.60
CA TYR A 299 -12.15 54.33 0.23
C TYR A 299 -12.38 54.62 1.71
N THR A 300 -11.77 55.69 2.20
CA THR A 300 -12.17 56.26 3.48
C THR A 300 -13.35 57.17 3.24
N MET A 301 -14.47 56.85 3.89
CA MET A 301 -15.59 57.77 3.97
C MET A 301 -15.16 59.05 4.67
N PRO A 302 -15.53 60.19 4.08
CA PRO A 302 -15.45 61.46 4.79
C PRO A 302 -16.35 61.51 5.99
N SER A 303 -15.89 62.21 7.02
CA SER A 303 -16.76 62.70 8.07
C SER A 303 -17.69 63.78 7.48
N PRO A 304 -18.90 63.99 8.06
CA PRO A 304 -19.73 65.18 7.78
C PRO A 304 -18.99 66.54 7.86
N ALA A 305 -17.99 66.66 8.75
CA ALA A 305 -17.09 67.81 8.84
C ALA A 305 -16.20 67.98 7.60
N MET A 306 -15.65 66.87 7.09
CA MET A 306 -14.77 66.85 5.91
C MET A 306 -15.53 67.28 4.70
N ARG A 307 -16.75 66.75 4.59
CA ARG A 307 -17.67 66.97 3.48
C ARG A 307 -18.17 68.40 3.46
N ARG A 308 -18.66 68.89 4.60
CA ARG A 308 -19.00 70.32 4.81
C ARG A 308 -17.85 71.26 4.50
N ALA A 309 -16.63 70.92 4.96
CA ALA A 309 -15.40 71.65 4.58
C ALA A 309 -15.26 71.74 3.06
N LEU A 310 -15.20 70.57 2.41
CA LEU A 310 -14.94 70.43 0.96
C LEU A 310 -15.94 71.20 0.09
N ILE A 311 -17.22 70.96 0.33
CA ILE A 311 -18.33 71.56 -0.43
C ILE A 311 -18.42 73.10 -0.24
N GLU A 312 -18.06 73.59 0.94
CA GLU A 312 -18.10 75.02 1.23
C GLU A 312 -17.00 75.80 0.53
N THR A 313 -15.74 75.31 0.61
CA THR A 313 -14.64 75.90 -0.19
C THR A 313 -14.76 75.68 -1.69
N LYS A 314 -15.51 74.65 -2.12
CA LYS A 314 -15.88 74.48 -3.53
C LYS A 314 -16.73 75.64 -3.99
N GLN A 315 -17.74 75.97 -3.17
CA GLN A 315 -18.71 77.03 -3.44
C GLN A 315 -18.08 78.43 -3.45
N ARG A 316 -17.23 78.70 -2.46
CA ARG A 316 -16.53 80.00 -2.35
C ARG A 316 -15.51 80.22 -3.45
N LEU A 317 -14.86 79.15 -3.88
CA LEU A 317 -13.98 79.20 -5.05
C LEU A 317 -14.74 79.48 -6.37
N GLU A 318 -15.98 78.97 -6.49
CA GLU A 318 -16.84 79.23 -7.66
C GLU A 318 -17.31 80.69 -7.73
N ALA A 319 -17.65 81.25 -6.56
CA ALA A 319 -18.09 82.63 -6.39
C ALA A 319 -16.99 83.66 -6.65
N ALA A 320 -15.72 83.23 -6.56
CA ALA A 320 -14.58 84.09 -6.84
C ALA A 320 -13.99 83.84 -8.22
N GLY A 321 -14.77 83.21 -9.07
CA GLY A 321 -14.50 83.19 -10.50
C GLY A 321 -13.74 81.98 -11.00
N HIS A 322 -13.55 80.98 -10.13
CA HIS A 322 -12.85 79.77 -10.53
C HIS A 322 -13.80 78.69 -10.99
N THR A 323 -13.51 78.12 -12.14
CA THR A 323 -14.28 77.02 -12.68
C THR A 323 -13.90 75.67 -11.98
N LEU A 324 -14.91 75.02 -11.40
CA LEU A 324 -14.72 73.91 -10.50
C LEU A 324 -15.21 72.60 -11.15
N ILE A 325 -14.27 71.69 -11.43
CA ILE A 325 -14.49 70.57 -12.34
C ILE A 325 -14.43 69.23 -11.59
N PRO A 326 -15.49 68.41 -11.71
CA PRO A 326 -15.46 67.01 -11.21
C PRO A 326 -14.30 66.16 -11.80
N PHE A 327 -13.46 65.61 -10.89
CA PHE A 327 -12.23 64.89 -11.24
C PHE A 327 -11.88 63.89 -10.15
N LEU A 328 -11.78 62.62 -10.51
CA LEU A 328 -11.22 61.61 -9.61
C LEU A 328 -10.14 60.80 -10.32
N PRO A 329 -8.93 60.74 -9.72
CA PRO A 329 -7.84 59.95 -10.29
C PRO A 329 -8.20 58.47 -10.35
N ASN A 330 -7.85 57.81 -11.46
CA ASN A 330 -8.20 56.41 -11.72
C ASN A 330 -7.53 55.46 -10.77
N ASN A 331 -8.20 54.33 -10.53
CA ASN A 331 -7.66 53.19 -9.77
C ASN A 331 -7.07 53.53 -8.41
N ILE A 332 -7.79 54.37 -7.66
CA ILE A 332 -7.48 54.62 -6.26
C ILE A 332 -7.24 53.34 -5.37
N PRO A 333 -8.10 52.27 -5.43
CA PRO A 333 -7.83 51.03 -4.68
C PRO A 333 -6.47 50.38 -5.03
N TYR A 334 -6.15 50.33 -6.33
CA TYR A 334 -4.89 49.80 -6.88
C TYR A 334 -3.71 50.63 -6.48
N ALA A 335 -3.91 51.95 -6.37
CA ALA A 335 -2.87 52.90 -5.97
C ALA A 335 -2.52 52.79 -4.51
N LEU A 336 -3.54 52.63 -3.68
CA LEU A 336 -3.33 52.42 -2.25
C LEU A 336 -2.86 51.00 -1.87
N GLU A 337 -3.57 49.97 -2.33
CA GLU A 337 -3.38 48.60 -1.81
C GLU A 337 -2.18 47.88 -2.38
N VAL A 338 -1.95 48.00 -3.67
CA VAL A 338 -0.81 47.37 -4.25
C VAL A 338 0.42 48.28 -4.43
N LEU A 339 0.24 49.50 -4.95
CA LEU A 339 1.37 50.40 -5.19
C LEU A 339 1.96 51.05 -3.91
N SER A 340 1.09 51.61 -3.07
CA SER A 340 1.52 52.40 -1.92
C SER A 340 1.95 51.51 -0.81
N ALA A 341 1.04 50.60 -0.40
CA ALA A 341 1.24 49.73 0.74
C ALA A 341 2.26 48.65 0.44
N GLY A 342 2.30 48.22 -0.82
CA GLY A 342 3.26 47.24 -1.27
C GLY A 342 4.59 47.86 -1.60
N GLY A 343 4.62 49.17 -1.84
CA GLY A 343 5.85 49.92 -1.99
C GLY A 343 6.52 50.20 -0.69
N LEU A 344 5.73 50.43 0.35
CA LEU A 344 6.26 50.67 1.70
C LEU A 344 6.75 49.40 2.35
N PHE A 345 6.03 48.30 2.12
CA PHE A 345 6.32 47.01 2.78
C PHE A 345 6.92 45.97 1.86
N SER A 346 7.71 46.43 0.87
CA SER A 346 8.26 45.55 -0.19
C SER A 346 9.14 44.44 0.31
N ASP A 347 9.78 44.68 1.46
CA ASP A 347 10.74 43.78 2.02
C ASP A 347 10.17 42.89 3.11
N GLY A 348 8.86 43.01 3.33
CA GLY A 348 8.17 42.35 4.44
C GLY A 348 8.16 43.16 5.75
N GLY A 349 8.93 44.25 5.77
CA GLY A 349 9.12 45.02 6.95
C GLY A 349 10.30 44.57 7.76
N ARG A 350 11.19 43.75 7.18
CA ARG A 350 12.41 43.27 7.87
C ARG A 350 13.39 44.38 8.30
N SER A 351 13.68 45.31 7.37
CA SER A 351 14.54 46.51 7.62
C SER A 351 14.02 47.41 8.76
N PHE A 352 12.70 47.62 8.78
CA PHE A 352 11.98 48.39 9.79
C PHE A 352 12.02 47.67 11.16
N LEU A 353 11.82 46.34 11.15
CA LEU A 353 11.71 45.53 12.38
C LEU A 353 13.02 45.32 13.13
N GLN A 354 14.13 45.59 12.43
CA GLN A 354 15.46 45.59 12.99
C GLN A 354 15.75 46.77 13.93
N ASN A 355 14.98 47.87 13.78
CA ASN A 355 14.99 49.00 14.75
C ASN A 355 14.38 48.64 16.07
N PHE A 356 13.56 47.59 16.08
CA PHE A 356 12.75 47.22 17.23
C PHE A 356 13.28 46.04 18.10
N LYS A 357 14.45 45.50 17.73
CA LYS A 357 15.14 44.48 18.52
C LYS A 357 15.55 45.02 19.88
N GLY A 358 14.95 44.45 20.92
CA GLY A 358 15.22 44.83 22.31
C GLY A 358 14.49 46.09 22.79
N ASP A 359 13.52 46.55 22.01
CA ASP A 359 12.78 47.76 22.34
C ASP A 359 11.39 47.44 22.86
N PHE A 360 10.86 48.39 23.63
CA PHE A 360 9.44 48.42 23.95
C PHE A 360 8.69 48.82 22.71
N VAL A 361 7.47 48.30 22.56
CA VAL A 361 6.55 48.78 21.52
C VAL A 361 5.42 49.60 22.10
N ASP A 362 5.34 50.84 21.63
CA ASP A 362 4.40 51.82 22.12
C ASP A 362 2.97 51.48 21.74
N PRO A 363 2.04 51.59 22.71
CA PRO A 363 0.58 51.43 22.48
C PRO A 363 -0.06 52.23 21.31
N CYS A 364 0.55 53.36 20.92
CA CYS A 364 0.08 54.16 19.80
C CYS A 364 0.27 53.47 18.47
N LEU A 365 1.29 52.61 18.39
CA LEU A 365 1.60 51.87 17.17
C LEU A 365 0.57 50.80 16.78
N GLY A 366 -0.26 50.37 17.75
CA GLY A 366 -1.29 49.36 17.54
C GLY A 366 -0.69 47.97 17.46
N ASP A 367 -1.12 47.19 16.47
CA ASP A 367 -0.66 45.80 16.35
C ASP A 367 0.29 45.58 15.19
N LEU A 368 0.74 46.69 14.59
CA LEU A 368 1.52 46.67 13.34
C LEU A 368 2.84 45.90 13.48
N ILE A 369 3.45 45.99 14.65
CA ILE A 369 4.69 45.30 14.94
C ILE A 369 4.45 43.79 15.11
N LEU A 370 3.35 43.44 15.79
CA LEU A 370 2.94 42.04 15.98
C LEU A 370 2.65 41.36 14.62
N ILE A 371 1.95 42.07 13.74
CA ILE A 371 1.57 41.58 12.41
C ILE A 371 2.76 41.46 11.43
N LEU A 372 3.65 42.46 11.40
CA LEU A 372 4.92 42.38 10.61
C LEU A 372 5.90 41.24 11.02
N ARG A 373 5.82 40.80 12.27
CA ARG A 373 6.67 39.72 12.80
C ARG A 373 6.14 38.30 12.44
N LEU A 374 4.86 38.23 12.03
CA LEU A 374 4.19 36.96 11.69
C LEU A 374 4.82 36.37 10.47
N PRO A 375 5.03 35.03 10.47
CA PRO A 375 5.64 34.32 9.31
C PRO A 375 4.91 34.58 7.98
N SER A 376 5.69 34.59 6.92
CA SER A 376 5.18 34.94 5.60
C SER A 376 4.09 34.02 5.06
N TRP A 377 4.21 32.70 5.34
CA TRP A 377 3.13 31.71 5.06
C TRP A 377 1.80 32.06 5.79
N PHE A 378 1.93 32.59 7.02
CA PHE A 378 0.78 32.94 7.83
C PHE A 378 0.15 34.28 7.43
N LYS A 379 1.00 35.19 6.96
CA LYS A 379 0.53 36.41 6.34
C LYS A 379 -0.36 36.11 5.14
N ARG A 380 0.13 35.23 4.23
CA ARG A 380 -0.59 34.80 3.00
C ARG A 380 -1.85 33.97 3.26
N LEU A 381 -1.82 33.14 4.31
CA LEU A 381 -3.00 32.36 4.74
C LEU A 381 -4.14 33.23 5.25
N LEU A 382 -3.80 34.13 6.22
CA LEU A 382 -4.70 35.17 6.72
C LEU A 382 -5.27 36.03 5.59
N SER A 383 -4.38 36.46 4.69
CA SER A 383 -4.73 37.24 3.51
C SER A 383 -5.87 36.65 2.71
N LEU A 384 -5.76 35.39 2.24
CA LEU A 384 -6.85 34.76 1.44
C LEU A 384 -8.07 34.21 2.24
N LEU A 385 -7.92 34.13 3.57
CA LEU A 385 -9.04 33.78 4.48
C LEU A 385 -9.92 34.99 4.75
N LEU A 386 -9.31 36.18 4.70
CA LEU A 386 -10.01 37.44 4.87
C LEU A 386 -10.66 37.97 3.54
N LYS A 387 -10.07 37.60 2.39
CA LYS A 387 -10.53 38.07 1.04
C LYS A 387 -12.01 37.88 0.65
N PRO A 388 -12.69 36.76 1.02
CA PRO A 388 -14.16 36.72 0.92
C PRO A 388 -14.92 37.65 1.88
N LEU A 389 -14.30 38.19 2.94
CA LEU A 389 -15.04 38.99 3.97
C LEU A 389 -14.64 40.47 4.11
N PHE A 390 -13.35 40.73 4.34
CA PHE A 390 -12.83 42.10 4.54
C PHE A 390 -11.62 42.38 3.62
N PRO A 391 -11.88 42.73 2.34
CA PRO A 391 -10.82 42.74 1.29
C PRO A 391 -9.71 43.79 1.45
N ARG A 392 -10.03 44.91 2.12
CA ARG A 392 -9.06 45.95 2.52
C ARG A 392 -7.96 45.41 3.41
N LEU A 393 -8.41 44.63 4.41
CA LEU A 393 -7.56 43.99 5.36
C LEU A 393 -6.76 42.92 4.67
N ALA A 394 -7.40 42.20 3.73
CA ALA A 394 -6.75 41.12 2.94
C ALA A 394 -5.59 41.63 2.14
N ALA A 395 -5.82 42.77 1.48
CA ALA A 395 -4.81 43.44 0.72
C ALA A 395 -3.68 44.01 1.58
N PHE A 396 -4.03 44.54 2.78
CA PHE A 396 -3.05 45.01 3.78
C PHE A 396 -2.00 43.96 4.12
N LEU A 397 -2.47 42.74 4.40
CA LEU A 397 -1.63 41.59 4.73
C LEU A 397 -0.85 41.06 3.54
N ASN A 398 -1.40 41.24 2.36
CA ASN A 398 -0.78 40.82 1.16
C ASN A 398 0.39 41.75 0.74
N SER A 399 0.26 43.03 1.09
CA SER A 399 1.31 44.05 0.87
C SER A 399 2.56 43.80 1.73
N MET A 400 2.34 43.18 2.89
CA MET A 400 3.39 42.83 3.86
C MET A 400 4.17 41.56 3.53
N ARG A 401 3.82 40.88 2.44
CA ARG A 401 4.60 39.75 1.95
C ARG A 401 5.96 40.25 1.38
N PRO A 402 7.07 39.60 1.76
CA PRO A 402 8.40 40.03 1.29
C PRO A 402 8.59 39.67 -0.17
N ARG A 403 9.05 40.64 -0.95
CA ARG A 403 9.16 40.49 -2.42
C ARG A 403 10.58 40.25 -2.81
N SER A 404 10.78 39.89 -4.07
CA SER A 404 12.09 39.85 -4.69
C SER A 404 12.46 41.21 -5.35
N ALA A 405 13.73 41.33 -5.78
CA ALA A 405 14.20 42.47 -6.59
C ALA A 405 13.57 42.54 -7.98
N GLU A 406 13.26 41.39 -8.55
CA GLU A 406 12.45 41.29 -9.73
C GLU A 406 11.04 41.89 -9.53
N LYS A 407 10.42 41.56 -8.40
CA LYS A 407 9.05 42.00 -8.10
C LYS A 407 8.96 43.49 -7.62
N LEU A 408 10.06 44.02 -7.06
CA LEU A 408 10.19 45.44 -6.82
C LEU A 408 10.31 46.21 -8.11
N TRP A 409 11.14 45.71 -9.06
CA TRP A 409 11.28 46.32 -10.40
C TRP A 409 9.95 46.46 -11.10
N LYS A 410 9.16 45.39 -11.14
CA LYS A 410 7.76 45.46 -11.64
C LYS A 410 6.88 46.51 -10.87
N LEU A 411 7.05 46.62 -9.56
CA LEU A 411 6.31 47.61 -8.78
C LEU A 411 6.72 49.07 -9.05
N GLN A 412 8.03 49.31 -9.18
CA GLN A 412 8.60 50.62 -9.55
C GLN A 412 8.24 51.06 -10.96
N HIS A 413 7.98 50.12 -11.85
CA HIS A 413 7.46 50.46 -13.16
C HIS A 413 5.95 50.75 -13.15
N GLU A 414 5.20 49.96 -12.38
CA GLU A 414 3.77 50.15 -12.23
C GLU A 414 3.47 51.53 -11.65
N ILE A 415 4.37 52.02 -10.76
CA ILE A 415 4.25 53.33 -10.11
C ILE A 415 4.53 54.51 -11.05
N GLU A 416 5.64 54.47 -11.79
CA GLU A 416 5.89 55.50 -12.83
C GLU A 416 4.81 55.61 -13.94
N MET A 417 4.23 54.44 -14.33
CA MET A 417 3.13 54.34 -15.28
C MET A 417 1.84 54.89 -14.75
N TYR A 418 1.62 54.72 -13.45
CA TYR A 418 0.40 55.20 -12.82
C TYR A 418 0.42 56.72 -12.69
N ARG A 419 1.58 57.25 -12.31
CA ARG A 419 1.86 58.67 -12.27
C ARG A 419 1.63 59.34 -13.66
N GLN A 420 2.07 58.65 -14.73
CA GLN A 420 1.81 59.06 -16.11
C GLN A 420 0.32 59.07 -16.49
N SER A 421 -0.44 58.13 -15.93
CA SER A 421 -1.85 57.99 -16.26
C SER A 421 -2.73 59.00 -15.54
N VAL A 422 -2.32 59.41 -14.33
CA VAL A 422 -3.02 60.50 -13.64
C VAL A 422 -2.63 61.86 -14.29
N ILE A 423 -1.38 61.99 -14.74
CA ILE A 423 -0.93 63.13 -15.55
C ILE A 423 -1.72 63.31 -16.89
N ALA A 424 -1.99 62.21 -17.60
CA ALA A 424 -2.89 62.23 -18.80
C ALA A 424 -4.37 62.56 -18.49
N GLN A 425 -4.84 62.18 -17.30
CA GLN A 425 -6.22 62.40 -16.85
C GLN A 425 -6.41 63.87 -16.43
N TRP A 426 -5.40 64.39 -15.72
CA TRP A 426 -5.27 65.77 -15.33
C TRP A 426 -5.23 66.72 -16.55
N LYS A 427 -4.46 66.35 -17.58
CA LYS A 427 -4.27 67.22 -18.75
C LYS A 427 -5.46 67.19 -19.67
N ALA A 428 -6.17 66.04 -19.68
CA ALA A 428 -7.43 65.87 -20.43
C ALA A 428 -8.53 66.84 -19.98
N MET A 429 -8.60 67.11 -18.68
CA MET A 429 -9.56 68.06 -18.13
C MET A 429 -9.04 69.48 -18.01
N ASN A 430 -7.76 69.67 -18.42
CA ASN A 430 -7.03 70.96 -18.39
C ASN A 430 -7.02 71.64 -17.03
N LEU A 431 -6.61 70.92 -16.00
CA LEU A 431 -6.51 71.45 -14.66
C LEU A 431 -5.17 72.14 -14.44
N ASP A 432 -5.11 72.97 -13.39
CA ASP A 432 -3.88 73.62 -12.94
C ASP A 432 -3.55 73.11 -11.55
N VAL A 433 -4.55 72.57 -10.89
CA VAL A 433 -4.60 72.44 -9.46
C VAL A 433 -5.86 71.57 -9.10
N LEU A 434 -5.80 70.80 -8.00
CA LEU A 434 -6.93 69.92 -7.59
C LEU A 434 -7.26 69.98 -6.10
N LEU A 435 -8.55 70.05 -5.78
CA LEU A 435 -9.06 70.11 -4.40
C LEU A 435 -9.51 68.74 -3.86
N THR A 436 -9.15 68.45 -2.60
CA THR A 436 -9.32 67.15 -1.96
C THR A 436 -9.80 67.41 -0.50
N PRO A 437 -10.69 66.55 0.05
CA PRO A 437 -10.93 66.55 1.49
C PRO A 437 -9.72 65.99 2.19
N MET A 438 -9.32 66.66 3.26
CA MET A 438 -8.23 66.22 4.09
C MET A 438 -8.85 65.53 5.33
N LEU A 439 -8.20 64.49 5.87
CA LEU A 439 -8.76 63.59 6.92
C LEU A 439 -9.13 64.38 8.14
N GLY A 440 -10.38 64.17 8.60
CA GLY A 440 -11.19 65.16 9.30
C GLY A 440 -10.76 65.57 10.67
N PRO A 441 -11.70 65.69 11.61
CA PRO A 441 -11.33 66.13 12.97
C PRO A 441 -10.35 65.15 13.61
N ALA A 442 -9.38 65.69 14.37
CA ALA A 442 -8.37 64.88 15.04
C ALA A 442 -8.99 63.66 15.71
N LEU A 443 -8.50 62.47 15.30
CA LEU A 443 -8.86 61.18 15.89
C LEU A 443 -8.40 61.16 17.34
N ASP A 444 -9.06 60.34 18.19
CA ASP A 444 -8.83 60.29 19.69
C ASP A 444 -7.33 60.14 20.17
N LEU A 445 -7.01 59.23 21.08
CA LEU A 445 -5.60 59.11 21.40
C LEU A 445 -4.90 58.01 20.66
N ASN A 446 -4.78 56.81 21.24
CA ASN A 446 -4.07 55.70 20.56
C ASN A 446 -4.90 55.00 19.43
N THR A 447 -5.54 55.81 18.59
CA THR A 447 -6.49 55.36 17.58
C THR A 447 -6.04 55.51 16.08
N PRO A 448 -5.17 56.49 15.72
CA PRO A 448 -4.42 56.39 14.46
C PRO A 448 -3.72 55.08 14.16
N GLY A 449 -3.20 54.41 15.17
CA GLY A 449 -2.69 53.06 15.03
C GLY A 449 -3.68 52.01 14.56
N ARG A 450 -4.97 52.20 14.87
CA ARG A 450 -6.00 51.21 14.53
C ARG A 450 -6.91 51.63 13.37
N ALA A 451 -6.50 52.67 12.65
CA ALA A 451 -7.27 53.18 11.53
C ALA A 451 -6.32 53.52 10.40
N THR A 452 -5.59 52.49 9.95
CA THR A 452 -4.58 52.61 8.88
C THR A 452 -5.19 53.03 7.54
N GLY A 453 -6.44 52.63 7.29
CA GLY A 453 -7.15 52.92 6.06
C GLY A 453 -7.50 54.40 5.83
N ALA A 454 -7.49 55.18 6.92
CA ALA A 454 -7.75 56.61 6.88
C ALA A 454 -6.60 57.48 6.32
N ILE A 455 -5.37 56.92 6.17
CA ILE A 455 -4.28 57.62 5.41
C ILE A 455 -4.45 57.65 3.87
N SER A 456 -5.52 56.99 3.38
CA SER A 456 -5.89 56.91 1.96
C SER A 456 -5.79 58.23 1.18
N TYR A 457 -6.35 59.30 1.77
CA TYR A 457 -6.40 60.61 1.15
C TYR A 457 -5.05 61.28 0.88
N THR A 458 -4.10 61.04 1.78
CA THR A 458 -2.82 61.70 1.70
C THR A 458 -1.81 60.84 0.98
N VAL A 459 -1.79 59.54 1.32
CA VAL A 459 -0.74 58.59 0.83
C VAL A 459 -0.69 58.45 -0.70
N LEU A 460 -1.83 58.80 -1.34
CA LEU A 460 -1.99 58.91 -2.77
C LEU A 460 -0.97 59.85 -3.46
N TYR A 461 -0.75 61.04 -2.88
CA TYR A 461 0.12 62.08 -3.48
C TYR A 461 1.60 61.97 -3.12
N ASN A 462 1.93 61.09 -2.16
CA ASN A 462 3.29 60.55 -1.97
C ASN A 462 3.62 59.51 -3.02
N CYS A 463 2.68 58.60 -3.24
CA CYS A 463 2.80 57.58 -4.30
C CYS A 463 2.98 58.25 -5.70
N LEU A 464 2.15 59.26 -5.98
CA LEU A 464 2.24 60.06 -7.20
C LEU A 464 3.44 61.03 -7.27
N ASP A 465 4.05 61.33 -6.10
CA ASP A 465 5.00 62.45 -5.90
C ASP A 465 4.46 63.78 -6.52
N PHE A 466 3.26 64.16 -6.09
CA PHE A 466 2.69 65.48 -6.39
C PHE A 466 2.90 66.36 -5.11
N PRO A 467 3.09 67.68 -5.28
CA PRO A 467 3.03 68.62 -4.15
C PRO A 467 1.64 68.71 -3.57
N ALA A 468 1.52 68.52 -2.28
CA ALA A 468 0.25 68.61 -1.60
C ALA A 468 0.35 69.53 -0.40
N GLY A 469 -0.72 70.27 -0.15
CA GLY A 469 -0.76 71.24 0.90
C GLY A 469 -2.01 71.14 1.70
N VAL A 470 -1.93 71.52 2.95
CA VAL A 470 -3.09 71.58 3.81
C VAL A 470 -3.31 73.04 4.26
N VAL A 471 -4.57 73.48 4.17
CA VAL A 471 -4.98 74.76 4.74
C VAL A 471 -6.31 74.58 5.46
N PRO A 472 -6.34 74.99 6.76
CA PRO A 472 -7.58 74.89 7.56
C PRO A 472 -8.64 75.95 7.16
N VAL A 473 -9.88 75.50 7.10
CA VAL A 473 -10.95 76.25 6.45
C VAL A 473 -12.17 76.43 7.35
N THR A 474 -12.41 75.48 8.27
CA THR A 474 -13.58 75.51 9.14
C THR A 474 -13.29 74.88 10.49
N THR A 475 -14.32 74.79 11.32
CA THR A 475 -14.25 74.03 12.57
C THR A 475 -15.57 73.29 12.82
N VAL A 476 -15.48 72.18 13.56
CA VAL A 476 -16.61 71.26 13.78
C VAL A 476 -17.74 71.91 14.65
N THR A 477 -18.91 72.06 14.03
CA THR A 477 -20.12 72.51 14.73
C THR A 477 -20.90 71.31 15.29
N ALA A 478 -21.83 71.58 16.22
CA ALA A 478 -22.51 70.53 17.03
C ALA A 478 -23.49 69.58 16.27
N GLU A 479 -23.65 69.81 14.95
CA GLU A 479 -24.36 68.89 14.04
C GLU A 479 -23.42 68.00 13.16
N ASP A 480 -22.16 68.45 13.00
CA ASP A 480 -21.08 67.66 12.37
C ASP A 480 -20.58 66.58 13.30
N ASP A 481 -20.70 66.85 14.60
CA ASP A 481 -20.38 65.88 15.62
C ASP A 481 -21.58 65.01 15.98
N ALA A 482 -22.77 65.41 15.52
CA ALA A 482 -24.02 64.62 15.70
C ALA A 482 -24.22 63.55 14.61
N GLN A 483 -23.81 63.86 13.38
CA GLN A 483 -23.99 62.98 12.21
C GLN A 483 -23.00 61.79 12.17
N MET A 484 -21.93 61.90 12.99
CA MET A 484 -20.97 60.80 13.31
C MET A 484 -21.59 59.52 13.92
N GLU A 485 -22.75 59.67 14.58
CA GLU A 485 -23.57 58.52 15.01
C GLU A 485 -24.25 57.77 13.83
N LEU A 486 -24.47 58.47 12.71
CA LEU A 486 -25.05 57.89 11.47
C LEU A 486 -23.98 57.54 10.41
N TYR A 487 -22.70 57.60 10.83
CA TYR A 487 -21.55 57.09 10.05
C TYR A 487 -21.62 55.57 9.92
N LYS A 488 -21.31 55.09 8.72
CA LYS A 488 -20.74 53.74 8.51
C LYS A 488 -20.03 53.84 7.20
N GLY A 489 -18.75 53.52 7.18
CA GLY A 489 -17.91 53.68 6.00
C GLY A 489 -18.28 52.75 4.87
N TYR A 490 -17.48 52.83 3.81
CA TYR A 490 -17.73 52.05 2.61
C TYR A 490 -17.60 50.55 2.80
N PHE A 491 -16.83 50.14 3.80
CA PHE A 491 -16.40 48.74 3.94
C PHE A 491 -16.97 48.00 5.15
N GLY A 492 -17.37 48.77 6.17
CA GLY A 492 -17.98 48.22 7.39
C GLY A 492 -17.08 47.25 8.13
N ASP A 493 -15.76 47.35 7.86
CA ASP A 493 -14.76 46.51 8.48
C ASP A 493 -14.28 47.17 9.73
N ILE A 494 -13.27 46.58 10.36
CA ILE A 494 -12.75 47.03 11.66
C ILE A 494 -12.18 48.49 11.69
N TRP A 495 -11.58 48.92 10.55
CA TRP A 495 -10.98 50.26 10.40
C TRP A 495 -12.01 51.39 10.43
N ASP A 496 -13.21 51.12 9.94
CA ASP A 496 -14.30 52.08 9.97
C ASP A 496 -14.93 52.22 11.33
N ILE A 497 -14.97 51.12 12.12
CA ILE A 497 -15.54 51.17 13.48
C ILE A 497 -14.68 52.01 14.40
N ILE A 498 -13.35 51.81 14.31
CA ILE A 498 -12.39 52.57 15.11
C ILE A 498 -12.46 54.03 14.74
N LEU A 499 -12.53 54.31 13.44
CA LEU A 499 -12.70 55.67 12.89
C LEU A 499 -13.97 56.38 13.33
N LYS A 500 -15.09 55.64 13.39
CA LYS A 500 -16.38 56.15 13.92
C LYS A 500 -16.31 56.67 15.39
N LYS A 501 -15.69 55.86 16.27
CA LYS A 501 -15.53 56.19 17.68
C LYS A 501 -14.36 57.16 17.96
N ALA A 502 -13.42 57.25 17.01
CA ALA A 502 -12.24 58.12 17.16
C ALA A 502 -12.52 59.57 16.79
N MET A 503 -13.46 59.77 15.89
CA MET A 503 -13.72 61.06 15.31
C MET A 503 -14.82 61.80 16.05
N LYS A 504 -15.59 61.08 16.87
CA LYS A 504 -16.63 61.68 17.71
C LYS A 504 -16.03 62.55 18.86
N ASN A 505 -16.89 63.40 19.47
CA ASN A 505 -16.55 64.25 20.63
C ASN A 505 -15.44 65.24 20.31
N SER A 506 -15.70 66.09 19.32
CA SER A 506 -14.69 67.02 18.77
C SER A 506 -15.29 68.35 18.25
N VAL A 507 -16.24 68.91 19.00
CA VAL A 507 -16.84 70.23 18.68
C VAL A 507 -15.80 71.38 18.88
N GLY A 508 -15.76 72.31 17.93
CA GLY A 508 -14.80 73.41 17.95
C GLY A 508 -13.39 73.04 17.48
N LEU A 509 -13.24 71.84 16.89
CA LEU A 509 -11.95 71.32 16.44
C LEU A 509 -11.77 71.59 14.96
N PRO A 510 -10.56 72.01 14.56
CA PRO A 510 -10.32 72.44 13.18
C PRO A 510 -10.37 71.30 12.15
N VAL A 511 -10.92 71.61 10.98
CA VAL A 511 -10.98 70.72 9.83
C VAL A 511 -10.23 71.41 8.73
N ALA A 512 -9.58 70.62 7.89
CA ALA A 512 -8.90 71.16 6.75
C ALA A 512 -9.32 70.56 5.42
N VAL A 513 -8.56 70.92 4.41
CA VAL A 513 -8.87 70.73 3.03
C VAL A 513 -7.49 70.63 2.35
N GLN A 514 -7.36 69.72 1.39
CA GLN A 514 -6.06 69.46 0.74
C GLN A 514 -6.00 70.11 -0.62
N CYS A 515 -4.87 70.75 -0.91
CA CYS A 515 -4.66 71.43 -2.17
C CYS A 515 -3.48 70.81 -2.84
N VAL A 516 -3.70 70.27 -4.04
CA VAL A 516 -2.65 69.56 -4.79
C VAL A 516 -2.33 70.28 -6.14
N ALA A 517 -1.05 70.44 -6.49
CA ALA A 517 -0.65 70.65 -7.90
C ALA A 517 0.21 69.48 -8.51
N LEU A 518 0.68 69.66 -9.74
CA LEU A 518 1.46 68.72 -10.50
C LEU A 518 2.93 68.76 -10.00
N PRO A 519 3.80 67.72 -10.30
CA PRO A 519 5.19 67.73 -9.83
C PRO A 519 5.98 68.97 -10.25
N TRP A 520 6.79 69.50 -9.32
CA TRP A 520 7.55 70.76 -9.46
C TRP A 520 6.74 72.08 -9.59
N GLN A 521 5.42 71.98 -9.42
CA GLN A 521 4.55 73.14 -9.40
C GLN A 521 4.12 73.49 -7.98
N GLU A 522 5.05 73.45 -7.02
CA GLU A 522 4.66 73.75 -5.61
C GLU A 522 4.34 75.21 -5.30
N GLU A 523 4.81 76.15 -6.14
CA GLU A 523 4.42 77.57 -6.04
C GLU A 523 3.04 77.89 -6.63
N LEU A 524 2.66 77.15 -7.69
CA LEU A 524 1.25 77.04 -8.14
C LEU A 524 0.36 76.45 -7.06
N CYS A 525 0.89 75.46 -6.35
CA CYS A 525 0.18 74.82 -5.23
C CYS A 525 -0.03 75.83 -4.06
N LEU A 526 1.05 76.50 -3.64
CA LEU A 526 0.98 77.59 -2.64
C LEU A 526 0.02 78.77 -3.03
N ARG A 527 0.03 79.15 -4.33
CA ARG A 527 -0.92 80.11 -4.93
C ARG A 527 -2.35 79.70 -4.74
N PHE A 528 -2.65 78.42 -4.94
CA PHE A 528 -4.02 77.92 -4.74
C PHE A 528 -4.43 77.92 -3.28
N MET A 529 -3.46 77.66 -2.39
CA MET A 529 -3.66 77.65 -0.95
C MET A 529 -3.96 79.04 -0.43
N ARG A 530 -3.24 80.03 -0.98
CA ARG A 530 -3.38 81.45 -0.62
C ARG A 530 -4.78 81.93 -0.97
N GLU A 531 -5.29 81.44 -2.09
CA GLU A 531 -6.64 81.66 -2.51
C GLU A 531 -7.65 80.99 -1.57
N VAL A 532 -7.35 79.77 -1.12
CA VAL A 532 -8.29 79.00 -0.30
C VAL A 532 -8.35 79.57 1.11
N GLU A 533 -7.19 79.92 1.66
CA GLU A 533 -7.06 80.66 2.94
C GLU A 533 -7.79 82.00 2.94
N GLN A 534 -7.60 82.80 1.88
CA GLN A 534 -8.17 84.15 1.79
C GLN A 534 -9.68 84.15 1.72
N LEU A 535 -10.24 83.17 1.02
CA LEU A 535 -11.67 83.04 0.84
C LEU A 535 -12.40 82.51 2.08
N MET A 536 -11.73 81.65 2.86
CA MET A 536 -12.34 81.00 4.03
C MET A 536 -12.01 81.71 5.37
N THR A 537 -10.87 82.42 5.40
CA THR A 537 -10.38 83.15 6.61
C THR A 537 -10.05 84.63 6.26
N ALA B 1 9.65 30.76 -35.70
CA ALA B 1 8.80 31.74 -34.92
C ALA B 1 9.52 33.07 -34.82
N ARG B 2 10.78 33.00 -34.39
CA ARG B 2 11.78 34.05 -34.54
C ARG B 2 12.33 34.11 -35.95
N GLY B 3 12.10 33.02 -36.73
CA GLY B 3 12.34 32.95 -38.18
C GLY B 3 11.77 34.10 -39.00
N ALA B 4 10.70 34.74 -38.50
CA ALA B 4 10.28 36.12 -38.91
C ALA B 4 11.17 37.31 -38.32
N ALA B 5 12.48 37.09 -38.34
CA ALA B 5 13.48 38.11 -38.64
C ALA B 5 13.38 38.54 -40.11
N THR B 6 13.04 37.57 -40.98
CA THR B 6 12.86 37.81 -42.42
C THR B 6 11.65 38.69 -42.77
N ARG B 7 10.74 38.89 -41.81
CA ARG B 7 9.69 39.92 -41.88
C ARG B 7 10.23 41.34 -41.73
N ALA B 8 11.34 41.48 -41.00
CA ALA B 8 12.01 42.78 -40.78
C ALA B 8 13.07 43.08 -41.83
N ARG B 9 13.67 42.01 -42.38
CA ARG B 9 14.68 42.10 -43.45
C ARG B 9 14.11 42.65 -44.75
N GLN B 10 12.86 42.26 -45.06
CA GLN B 10 12.12 42.86 -46.18
C GLN B 10 11.62 44.28 -45.88
N LYS B 11 11.29 44.56 -44.60
CA LYS B 11 10.86 45.91 -44.15
C LYS B 11 12.00 46.91 -44.23
N GLN B 12 13.21 46.44 -43.89
CA GLN B 12 14.46 47.20 -44.07
C GLN B 12 14.81 47.43 -45.55
N ARG B 13 14.68 46.38 -46.40
CA ARG B 13 14.90 46.48 -47.87
C ARG B 13 13.87 47.34 -48.61
N ALA B 14 12.64 47.42 -48.05
CA ALA B 14 11.58 48.28 -48.59
C ALA B 14 11.84 49.78 -48.31
N SER B 15 12.18 50.08 -47.05
CA SER B 15 12.51 51.44 -46.61
C SER B 15 13.79 52.02 -47.26
N LEU B 16 14.75 51.13 -47.55
CA LEU B 16 15.97 51.45 -48.30
C LEU B 16 15.79 51.66 -49.84
N GLU B 17 14.63 51.27 -50.37
CA GLU B 17 14.29 51.49 -51.79
C GLU B 17 13.38 52.71 -51.96
N THR B 18 12.65 53.06 -50.90
CA THR B 18 11.84 54.29 -50.83
C THR B 18 12.73 55.54 -50.69
N MET B 19 13.84 55.40 -49.95
CA MET B 19 14.83 56.49 -49.83
C MET B 19 15.51 56.76 -51.15
N ASP B 20 15.85 55.69 -51.86
CA ASP B 20 16.57 55.75 -53.14
C ASP B 20 15.76 56.40 -54.27
N LYS B 21 14.48 56.02 -54.38
CA LYS B 21 13.57 56.59 -55.38
C LYS B 21 13.24 58.07 -55.11
N ALA B 22 13.12 58.43 -53.83
CA ALA B 22 12.85 59.82 -53.43
C ALA B 22 14.05 60.77 -53.60
N VAL B 23 15.27 60.27 -53.34
CA VAL B 23 16.49 61.09 -53.57
C VAL B 23 16.82 61.25 -55.06
N GLN B 24 16.45 60.27 -55.86
CA GLN B 24 16.54 60.39 -57.31
C GLN B 24 15.52 61.37 -57.91
N ARG B 25 14.22 61.20 -57.54
CA ARG B 25 13.13 62.10 -58.00
C ARG B 25 13.27 63.57 -57.56
N PHE B 26 14.02 63.81 -56.46
CA PHE B 26 14.51 65.15 -56.10
C PHE B 26 15.73 65.59 -56.94
N ARG B 27 16.78 64.75 -57.03
CA ARG B 27 18.05 65.14 -57.70
C ARG B 27 17.91 65.33 -59.23
N LEU B 28 16.95 64.63 -59.84
CA LEU B 28 16.55 64.86 -61.25
C LEU B 28 15.76 66.17 -61.42
N GLN B 29 14.91 66.48 -60.44
CA GLN B 29 14.18 67.76 -60.38
C GLN B 29 15.02 68.95 -59.84
N ASN B 30 16.26 68.67 -59.38
CA ASN B 30 17.18 69.71 -58.84
C ASN B 30 18.68 69.44 -59.15
N PRO B 31 19.10 69.45 -60.45
CA PRO B 31 20.43 68.92 -60.82
C PRO B 31 21.62 69.88 -60.52
N ASP B 32 21.38 71.20 -60.50
CA ASP B 32 22.45 72.22 -60.40
C ASP B 32 23.02 72.43 -58.97
N LEU B 33 22.32 71.90 -57.95
CA LEU B 33 22.63 72.16 -56.53
C LEU B 33 23.87 71.41 -56.02
N ASP B 34 24.57 72.03 -55.04
CA ASP B 34 25.80 71.52 -54.42
C ASP B 34 25.49 70.63 -53.18
N SER B 35 25.91 69.36 -53.25
CA SER B 35 25.82 68.42 -52.13
C SER B 35 26.95 68.61 -51.13
N GLU B 36 28.20 68.52 -51.62
CA GLU B 36 29.42 68.46 -50.79
C GLU B 36 29.73 69.72 -49.90
N ALA B 37 28.99 70.80 -50.14
CA ALA B 37 29.11 72.02 -49.36
C ALA B 37 27.85 72.27 -48.53
N LEU B 38 26.76 71.58 -48.88
CA LEU B 38 25.56 71.50 -48.02
C LEU B 38 25.88 70.67 -46.81
N LEU B 39 26.47 69.48 -47.08
CA LEU B 39 26.68 68.45 -46.08
C LEU B 39 27.74 68.85 -45.08
N THR B 40 28.89 69.34 -45.59
CA THR B 40 30.03 69.74 -44.70
C THR B 40 29.85 71.10 -43.97
N LEU B 41 28.68 71.73 -44.10
CA LEU B 41 28.30 72.86 -43.27
C LEU B 41 28.06 72.39 -41.82
N PRO B 42 28.79 73.00 -40.84
CA PRO B 42 28.56 72.75 -39.40
C PRO B 42 27.16 73.18 -39.02
N LEU B 43 26.56 72.53 -38.00
CA LEU B 43 25.11 72.65 -37.72
C LEU B 43 24.62 74.09 -37.56
N LEU B 44 25.38 74.87 -36.78
CA LEU B 44 25.10 76.29 -36.48
C LEU B 44 24.88 77.15 -37.73
N GLN B 45 25.76 76.96 -38.73
CA GLN B 45 25.61 77.61 -40.01
C GLN B 45 24.47 77.02 -40.80
N LEU B 46 24.32 75.69 -40.77
CA LEU B 46 23.21 75.00 -41.46
C LEU B 46 21.80 75.48 -40.98
N VAL B 47 21.56 75.56 -39.66
CA VAL B 47 20.26 76.13 -39.16
C VAL B 47 20.08 77.62 -39.44
N GLN B 48 21.17 78.39 -39.38
CA GLN B 48 21.13 79.84 -39.68
C GLN B 48 20.97 80.16 -41.17
N LYS B 49 21.38 79.24 -42.03
CA LYS B 49 21.13 79.33 -43.48
C LYS B 49 19.76 78.76 -43.86
N LEU B 50 19.20 77.91 -42.98
CA LEU B 50 17.81 77.47 -43.08
C LEU B 50 16.82 78.50 -42.55
N GLN B 51 17.22 79.22 -41.49
CA GLN B 51 16.41 80.28 -40.87
C GLN B 51 16.30 81.53 -41.75
N SER B 52 17.41 81.94 -42.37
CA SER B 52 17.46 83.11 -43.28
C SER B 52 16.73 82.86 -44.61
N GLY B 53 16.74 81.61 -45.06
CA GLY B 53 16.05 81.22 -46.28
C GLY B 53 16.96 81.19 -47.50
N GLU B 54 18.26 81.16 -47.24
CA GLU B 54 19.27 80.85 -48.26
C GLU B 54 19.10 79.40 -48.79
N LEU B 55 18.81 78.46 -47.88
CA LEU B 55 18.54 77.05 -48.22
C LEU B 55 17.09 76.64 -47.93
N SER B 56 16.57 75.73 -48.75
CA SER B 56 15.25 75.16 -48.57
C SER B 56 15.29 73.99 -47.58
N PRO B 57 14.20 73.77 -46.83
CA PRO B 57 13.97 72.50 -46.11
C PRO B 57 14.22 71.24 -46.98
N GLU B 58 13.69 71.24 -48.20
CA GLU B 58 13.77 70.10 -49.12
C GLU B 58 15.18 69.90 -49.67
N ALA B 59 15.96 70.97 -49.72
CA ALA B 59 17.35 70.89 -50.18
C ALA B 59 18.26 70.32 -49.11
N VAL B 60 17.85 70.37 -47.85
CA VAL B 60 18.65 69.75 -46.78
C VAL B 60 18.17 68.38 -46.35
N PHE B 61 16.88 68.11 -46.49
CA PHE B 61 16.33 66.79 -46.20
C PHE B 61 16.80 65.75 -47.21
N PHE B 62 16.59 66.03 -48.49
CA PHE B 62 16.85 65.06 -49.54
C PHE B 62 18.35 64.96 -49.94
N THR B 63 19.18 65.93 -49.51
CA THR B 63 20.65 65.78 -49.59
C THR B 63 21.13 64.84 -48.52
N TYR B 64 20.65 65.07 -47.27
CA TYR B 64 21.05 64.28 -46.11
C TYR B 64 20.48 62.88 -46.13
N LEU B 65 19.28 62.72 -46.72
CA LEU B 65 18.69 61.41 -46.97
C LEU B 65 19.52 60.64 -47.98
N GLY B 66 20.08 61.40 -48.95
CA GLY B 66 21.02 60.90 -49.95
C GLY B 66 22.29 60.35 -49.35
N LYS B 67 22.95 61.14 -48.49
CA LYS B 67 24.20 60.71 -47.86
C LYS B 67 24.02 59.48 -46.98
N ALA B 68 22.89 59.47 -46.25
CA ALA B 68 22.48 58.36 -45.38
C ALA B 68 22.19 57.07 -46.13
N TRP B 69 21.71 57.19 -47.37
CA TRP B 69 21.56 56.02 -48.26
C TRP B 69 22.91 55.47 -48.72
N GLU B 70 23.87 56.38 -49.00
CA GLU B 70 25.20 56.02 -49.53
C GLU B 70 26.06 55.36 -48.47
N VAL B 71 26.18 56.00 -47.30
CA VAL B 71 27.02 55.50 -46.18
C VAL B 71 26.53 54.17 -45.59
N ASN B 72 25.21 53.94 -45.68
CA ASN B 72 24.55 52.73 -45.19
C ASN B 72 24.94 51.47 -45.95
N LYS B 73 25.25 51.64 -47.24
CA LYS B 73 25.82 50.57 -48.08
C LYS B 73 27.23 50.11 -47.63
N GLY B 74 27.91 50.94 -46.83
CA GLY B 74 29.17 50.59 -46.19
C GLY B 74 29.14 50.42 -44.67
N THR B 75 27.99 50.66 -44.00
CA THR B 75 27.90 50.54 -42.51
C THR B 75 26.71 49.72 -41.95
N ASN B 76 25.64 49.58 -42.73
CA ASN B 76 24.31 49.04 -42.27
C ASN B 76 23.76 49.69 -40.97
N CYS B 77 23.77 51.02 -40.95
CA CYS B 77 23.40 51.78 -39.76
C CYS B 77 21.91 52.02 -39.68
N VAL B 78 21.27 52.09 -40.85
CA VAL B 78 19.85 52.40 -40.96
C VAL B 78 18.97 51.11 -40.93
N THR B 79 17.85 51.19 -40.23
CA THR B 79 16.94 50.08 -39.96
C THR B 79 15.57 50.35 -40.64
N SER B 80 15.11 51.61 -40.58
CA SER B 80 13.85 52.00 -41.17
C SER B 80 13.88 53.46 -41.57
N TYR B 81 13.12 53.80 -42.60
CA TYR B 81 12.92 55.15 -43.04
C TYR B 81 11.58 55.61 -42.52
N LEU B 82 11.60 56.77 -41.87
CA LEU B 82 10.52 57.23 -41.02
C LEU B 82 9.42 57.94 -41.82
N THR B 83 8.67 57.16 -42.63
CA THR B 83 7.95 57.60 -43.86
C THR B 83 7.16 58.91 -43.78
N ASP B 84 6.45 59.11 -42.65
CA ASP B 84 5.58 60.30 -42.46
C ASP B 84 6.34 61.61 -42.06
N CYS B 85 7.60 61.69 -42.48
CA CYS B 85 8.23 62.96 -42.88
C CYS B 85 7.71 63.45 -44.26
N GLU B 86 8.33 64.51 -44.80
CA GLU B 86 7.82 65.31 -45.97
C GLU B 86 6.52 66.11 -45.71
N THR B 87 5.54 65.47 -45.06
CA THR B 87 4.49 66.15 -44.28
C THR B 87 5.06 66.83 -43.02
N GLN B 88 6.14 66.27 -42.48
CA GLN B 88 6.96 66.90 -41.43
C GLN B 88 7.90 68.00 -42.02
N LEU B 89 8.14 67.96 -43.34
CA LEU B 89 8.81 69.07 -44.05
C LEU B 89 7.85 70.21 -44.41
N SER B 90 6.64 69.86 -44.83
CA SER B 90 5.60 70.82 -45.27
C SER B 90 4.99 71.62 -44.10
N GLN B 91 4.84 70.95 -42.94
CA GLN B 91 4.27 71.56 -41.72
C GLN B 91 5.23 71.54 -40.50
N ALA B 92 6.48 71.96 -40.74
CA ALA B 92 7.43 72.28 -39.67
C ALA B 92 7.22 73.75 -39.20
N PRO B 93 7.10 73.96 -37.87
CA PRO B 93 7.00 75.32 -37.30
C PRO B 93 8.21 76.21 -37.62
N ARG B 94 7.92 77.39 -38.18
CA ARG B 94 8.90 78.21 -38.93
C ARG B 94 9.96 78.87 -38.05
N GLN B 95 9.63 79.11 -36.78
CA GLN B 95 10.57 79.71 -35.84
C GLN B 95 11.10 78.69 -34.82
N GLY B 96 10.98 77.39 -35.15
CA GLY B 96 11.52 76.30 -34.34
C GLY B 96 13.04 76.30 -34.36
N LEU B 97 13.66 76.11 -33.18
CA LEU B 97 15.12 76.28 -32.97
C LEU B 97 16.03 75.32 -33.76
N LEU B 98 15.41 74.31 -34.39
CA LEU B 98 16.07 73.43 -35.37
C LEU B 98 15.21 73.24 -36.67
N TYR B 99 14.68 74.36 -37.20
CA TYR B 99 13.58 74.36 -38.24
C TYR B 99 13.87 73.54 -39.53
N GLY B 100 15.12 73.51 -39.94
CA GLY B 100 15.45 72.75 -41.10
C GLY B 100 15.92 71.38 -40.80
N VAL B 101 16.42 71.19 -39.58
CA VAL B 101 17.40 70.15 -39.25
C VAL B 101 16.79 68.74 -39.25
N PRO B 102 17.29 67.85 -40.14
CA PRO B 102 16.97 66.42 -40.07
C PRO B 102 17.73 65.69 -38.95
N VAL B 103 17.02 64.85 -38.18
CA VAL B 103 17.58 64.17 -36.99
C VAL B 103 17.43 62.65 -37.06
N SER B 104 18.41 61.93 -36.57
CA SER B 104 18.40 60.48 -36.61
C SER B 104 18.13 59.87 -35.23
N LEU B 105 17.12 59.02 -35.13
CA LEU B 105 16.80 58.39 -33.87
C LEU B 105 17.39 57.00 -33.74
N LYS B 106 18.05 56.73 -32.59
CA LYS B 106 18.21 55.39 -32.06
C LYS B 106 16.88 54.64 -32.05
N GLU B 107 16.91 53.40 -32.56
CA GLU B 107 15.78 52.45 -32.61
C GLU B 107 14.70 52.56 -31.50
N CYS B 108 15.16 52.75 -30.25
CA CYS B 108 14.32 52.66 -29.07
C CYS B 108 13.38 53.87 -28.85
N PHE B 109 13.70 55.00 -29.49
CA PHE B 109 12.86 56.19 -29.48
C PHE B 109 11.65 55.94 -30.36
N SER B 110 10.52 55.66 -29.72
CA SER B 110 9.37 55.09 -30.39
C SER B 110 8.59 56.11 -31.25
N TYR B 111 8.17 55.65 -32.44
CA TYR B 111 7.68 56.50 -33.53
C TYR B 111 6.41 55.85 -34.18
N LYS B 112 5.35 56.67 -34.37
CA LYS B 112 3.98 56.19 -34.65
C LYS B 112 3.82 55.37 -35.94
N GLY B 113 3.32 54.14 -35.78
CA GLY B 113 3.19 53.21 -36.89
C GLY B 113 4.48 52.54 -37.34
N HIS B 114 5.55 52.71 -36.56
CA HIS B 114 6.80 51.99 -36.75
C HIS B 114 7.14 51.23 -35.47
N ASP B 115 8.05 50.26 -35.59
CA ASP B 115 8.44 49.39 -34.48
C ASP B 115 9.64 49.92 -33.72
N SER B 116 9.69 49.63 -32.41
CA SER B 116 10.95 49.62 -31.69
C SER B 116 11.23 48.19 -31.23
N THR B 117 11.62 47.35 -32.17
CA THR B 117 12.21 46.04 -31.87
C THR B 117 13.53 46.40 -31.37
N LEU B 118 13.97 45.85 -30.26
CA LEU B 118 15.29 46.23 -29.83
C LEU B 118 16.27 45.24 -30.32
N GLY B 119 16.14 44.82 -31.58
CA GLY B 119 16.77 43.60 -32.05
C GLY B 119 16.22 42.29 -31.49
N LEU B 120 14.99 42.33 -30.93
CA LEU B 120 14.31 41.18 -30.31
C LEU B 120 13.14 40.71 -31.16
N SER B 121 12.93 39.39 -31.20
CA SER B 121 11.80 38.77 -31.89
C SER B 121 10.46 39.08 -31.25
N LEU B 122 10.43 39.07 -29.92
CA LEU B 122 9.29 39.52 -29.09
C LEU B 122 8.58 40.85 -29.50
N ASN B 123 9.36 41.84 -29.97
CA ASN B 123 8.82 43.18 -30.24
C ASN B 123 8.44 43.47 -31.72
N GLU B 124 8.57 42.44 -32.56
CA GLU B 124 8.49 42.57 -34.01
C GLU B 124 7.04 42.72 -34.54
N GLY B 125 6.08 42.14 -33.83
CA GLY B 125 4.65 42.28 -34.19
C GLY B 125 4.17 43.73 -34.28
N MET B 126 4.20 44.42 -33.13
CA MET B 126 3.40 45.64 -32.89
C MET B 126 4.17 46.98 -33.04
N PRO B 127 3.72 47.82 -34.00
CA PRO B 127 4.15 49.23 -34.10
C PRO B 127 3.67 50.11 -32.94
N SER B 128 4.44 51.15 -32.62
CA SER B 128 4.13 52.03 -31.50
C SER B 128 2.95 52.96 -31.80
N GLU B 129 2.11 53.17 -30.77
CA GLU B 129 0.86 53.91 -30.88
C GLU B 129 1.09 55.43 -31.00
N SER B 130 2.23 55.90 -30.49
CA SER B 130 2.53 57.32 -30.40
C SER B 130 4.02 57.65 -30.48
N ASP B 131 4.31 58.86 -30.98
CA ASP B 131 5.62 59.49 -30.92
C ASP B 131 5.99 59.75 -29.47
N CYS B 132 7.19 59.34 -29.08
CA CYS B 132 7.69 59.59 -27.70
C CYS B 132 7.98 61.07 -27.47
N VAL B 133 8.12 61.45 -26.19
CA VAL B 133 8.02 62.85 -25.78
C VAL B 133 9.11 63.76 -26.36
N VAL B 134 10.30 63.22 -26.49
CA VAL B 134 11.42 63.98 -27.03
C VAL B 134 11.33 64.08 -28.53
N VAL B 135 10.78 63.04 -29.18
CA VAL B 135 10.46 63.08 -30.64
C VAL B 135 9.40 64.13 -30.94
N GLN B 136 8.32 64.12 -30.14
CA GLN B 136 7.33 65.18 -30.10
C GLN B 136 7.93 66.58 -30.05
N VAL B 137 8.78 66.87 -29.03
CA VAL B 137 9.35 68.25 -28.90
C VAL B 137 10.40 68.63 -29.95
N LEU B 138 11.04 67.62 -30.55
CA LEU B 138 11.85 67.82 -31.74
C LEU B 138 10.99 68.31 -32.90
N LYS B 139 9.84 67.67 -33.09
CA LYS B 139 8.87 68.02 -34.14
C LYS B 139 8.16 69.35 -33.86
N LEU B 140 8.01 69.69 -32.58
CA LEU B 140 7.54 71.01 -32.17
C LEU B 140 8.60 72.13 -32.30
N GLN B 141 9.87 71.73 -32.46
CA GLN B 141 10.97 72.69 -32.68
C GLN B 141 11.53 72.65 -34.12
N GLY B 142 10.70 72.16 -35.05
CA GLY B 142 11.06 72.12 -36.46
C GLY B 142 12.05 71.05 -36.91
N ALA B 143 12.37 70.08 -36.08
CA ALA B 143 13.29 69.03 -36.53
C ALA B 143 12.58 67.96 -37.35
N VAL B 144 13.32 67.34 -38.27
CA VAL B 144 12.72 66.29 -39.12
C VAL B 144 13.38 64.96 -38.81
N PRO B 145 12.77 64.14 -37.92
CA PRO B 145 13.26 62.77 -37.69
C PRO B 145 13.03 61.92 -38.92
N PHE B 146 14.12 61.35 -39.43
CA PHE B 146 14.10 60.76 -40.77
C PHE B 146 14.48 59.30 -40.83
N VAL B 147 15.35 58.87 -39.90
CA VAL B 147 15.78 57.43 -39.81
C VAL B 147 15.75 56.86 -38.38
N HIS B 148 15.30 55.61 -38.25
CA HIS B 148 15.64 54.76 -37.07
C HIS B 148 16.96 54.06 -37.31
N THR B 149 17.80 54.01 -36.28
CA THR B 149 19.12 53.44 -36.44
C THR B 149 19.35 52.21 -35.61
N ASN B 150 20.26 51.36 -36.09
CA ASN B 150 20.49 50.00 -35.59
C ASN B 150 21.06 49.99 -34.18
N VAL B 151 20.69 48.96 -33.43
CA VAL B 151 21.18 48.68 -32.07
C VAL B 151 21.76 47.22 -32.00
N PRO B 152 22.69 46.94 -31.06
CA PRO B 152 22.97 45.55 -30.66
C PRO B 152 21.77 44.87 -30.06
N GLN B 153 21.79 43.54 -29.86
CA GLN B 153 20.56 42.80 -29.51
C GLN B 153 19.72 43.31 -28.34
N SER B 154 20.03 43.05 -27.09
CA SER B 154 19.07 43.56 -26.09
C SER B 154 19.38 44.95 -25.57
N MET B 155 20.22 45.66 -26.35
CA MET B 155 20.96 46.87 -25.99
C MET B 155 22.05 46.76 -24.94
N LEU B 156 22.18 45.60 -24.26
CA LEU B 156 23.24 45.44 -23.24
C LEU B 156 24.61 45.05 -23.78
N SER B 157 25.15 45.92 -24.64
CA SER B 157 26.32 45.64 -25.43
C SER B 157 26.94 46.93 -25.95
N PHE B 158 28.25 46.92 -26.12
CA PHE B 158 28.87 48.03 -26.77
C PHE B 158 29.45 47.73 -28.13
N ASP B 159 29.09 46.55 -28.66
CA ASP B 159 29.09 46.28 -30.13
C ASP B 159 27.73 46.68 -30.71
N CYS B 160 27.56 46.57 -32.03
CA CYS B 160 26.27 46.79 -32.64
C CYS B 160 25.99 45.79 -33.74
N SER B 161 25.00 44.93 -33.51
CA SER B 161 24.60 43.80 -34.38
C SER B 161 23.41 43.18 -33.72
N ASN B 162 22.56 42.50 -34.47
CA ASN B 162 21.43 41.71 -33.90
C ASN B 162 20.86 40.73 -34.96
N PRO B 163 20.09 39.67 -34.55
CA PRO B 163 19.57 38.69 -35.52
C PRO B 163 18.36 39.16 -36.35
N LEU B 164 17.94 40.43 -36.23
CA LEU B 164 16.90 41.01 -37.08
C LEU B 164 17.42 41.86 -38.27
N PHE B 165 18.44 42.68 -38.01
CA PHE B 165 18.98 43.61 -39.02
C PHE B 165 20.47 43.37 -39.35
N GLY B 166 21.11 42.45 -38.65
CA GLY B 166 22.50 42.11 -38.92
C GLY B 166 23.49 43.10 -38.35
N GLN B 167 24.72 43.02 -38.82
CA GLN B 167 25.86 43.67 -38.18
C GLN B 167 26.06 45.07 -38.71
N THR B 168 26.34 46.00 -37.79
CA THR B 168 26.68 47.38 -38.13
C THR B 168 28.19 47.64 -37.94
N MET B 169 28.80 48.28 -38.94
CA MET B 169 30.25 48.49 -39.01
C MET B 169 30.68 49.91 -38.67
N ASN B 170 31.95 50.06 -38.25
CA ASN B 170 32.61 51.37 -38.18
C ASN B 170 32.95 51.88 -39.58
N PRO B 171 32.61 53.16 -39.87
CA PRO B 171 32.98 53.80 -41.16
C PRO B 171 34.48 53.97 -41.39
N TRP B 172 35.27 54.13 -40.33
CA TRP B 172 36.71 54.31 -40.45
C TRP B 172 37.43 53.02 -40.90
N LYS B 173 37.12 51.89 -40.23
CA LYS B 173 37.70 50.58 -40.56
C LYS B 173 36.67 49.45 -40.40
N SER B 174 36.47 48.67 -41.47
CA SER B 174 35.33 47.74 -41.60
C SER B 174 35.43 46.52 -40.69
N SER B 175 36.64 46.24 -40.21
CA SER B 175 36.89 45.20 -39.21
C SER B 175 36.59 45.61 -37.72
N LYS B 176 36.16 46.88 -37.51
CA LYS B 176 35.96 47.48 -36.15
C LYS B 176 34.48 47.75 -35.78
N SER B 177 34.18 47.73 -34.47
CA SER B 177 32.85 48.14 -33.94
C SER B 177 32.64 49.65 -34.09
N PRO B 178 31.39 50.07 -34.37
CA PRO B 178 31.02 51.47 -34.26
C PRO B 178 30.85 51.91 -32.84
N GLY B 179 30.89 50.98 -31.90
CA GLY B 179 30.47 51.28 -30.56
C GLY B 179 29.03 50.93 -30.47
N GLY B 180 28.42 51.36 -29.39
CA GLY B 180 27.10 50.92 -29.05
C GLY B 180 26.81 51.23 -27.62
N SER B 181 25.55 51.20 -27.23
CA SER B 181 24.46 50.60 -27.97
C SER B 181 23.74 51.53 -28.96
N SER B 182 24.14 52.81 -28.99
CA SER B 182 23.77 53.69 -30.12
C SER B 182 24.80 53.62 -31.27
N GLY B 183 25.14 52.39 -31.68
CA GLY B 183 26.16 52.13 -32.69
C GLY B 183 25.75 52.54 -34.09
N GLY B 184 24.46 52.42 -34.37
CA GLY B 184 23.86 52.90 -35.59
C GLY B 184 23.85 54.39 -35.71
N GLU B 185 23.83 55.08 -34.57
CA GLU B 185 23.88 56.54 -34.49
C GLU B 185 25.29 57.11 -34.69
N GLY B 186 26.29 56.47 -34.08
CA GLY B 186 27.68 56.85 -34.26
C GLY B 186 28.20 56.62 -35.68
N ALA B 187 27.81 55.48 -36.28
CA ALA B 187 28.21 55.13 -37.65
C ALA B 187 27.56 56.04 -38.69
N LEU B 188 26.34 56.50 -38.41
CA LEU B 188 25.66 57.47 -39.26
C LEU B 188 26.22 58.90 -39.13
N ILE B 189 26.50 59.37 -37.90
CA ILE B 189 26.94 60.77 -37.68
C ILE B 189 28.42 60.99 -38.07
N GLY B 190 29.28 60.04 -37.71
CA GLY B 190 30.56 59.85 -38.43
C GLY B 190 30.28 59.51 -39.89
N SER B 191 31.18 59.90 -40.78
CA SER B 191 30.97 59.75 -42.26
C SER B 191 29.82 60.60 -42.89
N GLY B 192 29.23 61.54 -42.12
CA GLY B 192 28.41 62.63 -42.68
C GLY B 192 26.94 62.36 -43.09
N GLY B 193 26.38 61.23 -42.64
CA GLY B 193 24.99 60.86 -42.95
C GLY B 193 23.87 61.57 -42.13
N SER B 194 24.29 62.38 -41.15
CA SER B 194 23.38 63.05 -40.20
C SER B 194 24.08 64.22 -39.50
N PRO B 195 23.39 65.36 -39.37
CA PRO B 195 23.91 66.44 -38.55
C PRO B 195 23.76 66.17 -37.06
N LEU B 196 22.77 65.36 -36.68
CA LEU B 196 22.33 65.22 -35.28
C LEU B 196 21.58 63.90 -35.03
N GLY B 197 21.80 63.30 -33.85
CA GLY B 197 20.92 62.27 -33.36
C GLY B 197 20.84 62.05 -31.86
N LEU B 198 19.76 61.41 -31.42
CA LEU B 198 19.65 61.02 -30.00
C LEU B 198 20.01 59.56 -29.77
N GLY B 199 20.70 59.30 -28.65
CA GLY B 199 21.00 57.95 -28.18
C GLY B 199 20.56 57.77 -26.73
N THR B 200 20.88 56.60 -26.14
CA THR B 200 20.67 56.36 -24.69
C THR B 200 21.94 55.80 -24.11
N ASP B 201 22.07 55.83 -22.79
CA ASP B 201 23.32 55.52 -22.11
C ASP B 201 22.93 55.09 -20.69
N ILE B 202 23.15 53.81 -20.38
CA ILE B 202 23.06 53.29 -18.98
C ILE B 202 24.43 52.75 -18.51
N GLY B 203 25.41 52.76 -19.41
CA GLY B 203 26.72 52.19 -19.16
C GLY B 203 27.79 52.64 -20.16
N GLY B 204 27.47 53.63 -21.00
CA GLY B 204 28.44 54.15 -21.93
C GLY B 204 27.96 54.21 -23.35
N SER B 205 26.68 53.90 -23.53
CA SER B 205 26.08 53.70 -24.85
C SER B 205 25.84 54.97 -25.70
N ILE B 206 26.04 56.17 -25.11
CA ILE B 206 26.18 57.42 -25.93
C ILE B 206 27.65 57.68 -26.19
N ARG B 207 28.48 57.26 -25.26
CA ARG B 207 29.87 57.64 -25.26
C ARG B 207 30.77 56.70 -26.09
N PHE B 208 30.64 55.37 -25.89
CA PHE B 208 31.24 54.39 -26.83
C PHE B 208 31.06 54.72 -28.31
N PRO B 209 29.81 54.90 -28.83
CA PRO B 209 29.66 55.23 -30.25
C PRO B 209 30.17 56.61 -30.62
N SER B 210 30.21 57.53 -29.64
CA SER B 210 30.85 58.80 -29.83
C SER B 210 32.36 58.67 -30.02
N ALA B 211 33.00 57.93 -29.13
CA ALA B 211 34.45 57.85 -29.09
C ALA B 211 35.07 56.97 -30.19
N PHE B 212 34.28 56.01 -30.71
CA PHE B 212 34.80 54.97 -31.59
C PHE B 212 34.75 55.48 -33.01
N CYS B 213 33.63 56.14 -33.33
CA CYS B 213 33.36 56.72 -34.64
C CYS B 213 33.87 58.13 -34.81
N GLY B 214 34.38 58.73 -33.72
CA GLY B 214 35.01 60.04 -33.77
C GLY B 214 34.02 61.15 -33.96
N ILE B 215 33.02 61.18 -33.09
CA ILE B 215 32.07 62.26 -33.00
C ILE B 215 31.96 62.74 -31.54
N CYS B 216 31.07 63.71 -31.31
CA CYS B 216 30.78 64.21 -29.98
C CYS B 216 29.46 63.65 -29.42
N GLY B 217 29.28 63.75 -28.09
CA GLY B 217 28.14 63.16 -27.42
C GLY B 217 28.14 63.34 -25.93
N LEU B 218 26.94 63.56 -25.39
CA LEU B 218 26.78 63.87 -23.95
C LEU B 218 25.68 63.01 -23.29
N LYS B 219 26.04 62.44 -22.15
CA LYS B 219 25.07 61.83 -21.26
C LYS B 219 24.72 62.83 -20.15
N PRO B 220 23.53 63.47 -20.25
CA PRO B 220 23.04 64.34 -19.19
C PRO B 220 22.65 63.54 -17.96
N THR B 221 22.39 64.24 -16.87
CA THR B 221 21.82 63.66 -15.66
C THR B 221 20.50 62.96 -16.01
N GLY B 222 20.26 61.81 -15.38
CA GLY B 222 19.18 60.90 -15.71
C GLY B 222 17.81 61.50 -15.89
N ASN B 223 17.45 62.48 -15.03
CA ASN B 223 16.14 63.13 -15.09
C ASN B 223 16.15 64.60 -15.66
N ARG B 224 17.16 64.91 -16.49
CA ARG B 224 17.18 66.21 -17.20
C ARG B 224 16.23 66.20 -18.38
N LEU B 225 16.13 65.04 -19.03
CA LEU B 225 15.30 64.85 -20.22
C LEU B 225 14.39 63.68 -20.00
N SER B 226 13.19 63.77 -20.58
CA SER B 226 12.13 62.81 -20.34
C SER B 226 12.32 61.48 -21.06
N LYS B 227 11.87 60.42 -20.41
CA LYS B 227 12.04 59.07 -20.92
C LYS B 227 10.70 58.50 -21.34
N SER B 228 9.67 59.37 -21.46
CA SER B 228 8.25 58.98 -21.34
C SER B 228 7.76 57.81 -22.25
N GLY B 229 8.27 57.75 -23.48
CA GLY B 229 7.98 56.62 -24.36
C GLY B 229 9.22 55.95 -24.92
N LEU B 230 10.26 55.80 -24.10
CA LEU B 230 11.46 55.08 -24.50
C LEU B 230 11.24 53.61 -24.30
N LYS B 231 11.66 52.81 -25.27
CA LYS B 231 11.52 51.35 -25.21
C LYS B 231 12.77 50.69 -24.63
N GLY B 232 12.55 49.96 -23.54
CA GLY B 232 13.59 49.15 -22.94
C GLY B 232 13.20 47.70 -22.91
N CYS B 233 14.10 46.86 -22.41
CA CYS B 233 13.78 45.45 -22.23
C CYS B 233 13.58 45.06 -20.75
N VAL B 234 14.28 45.76 -19.86
CA VAL B 234 13.92 45.76 -18.42
C VAL B 234 13.36 47.12 -17.97
N TYR B 235 12.16 47.10 -17.39
CA TYR B 235 11.58 48.30 -16.77
C TYR B 235 11.61 48.20 -15.27
N GLY B 236 11.86 49.33 -14.60
CA GLY B 236 11.74 49.43 -13.15
C GLY B 236 13.08 49.46 -12.46
N GLN B 237 14.12 49.68 -13.24
CA GLN B 237 15.47 49.71 -12.75
C GLN B 237 15.86 51.14 -12.43
N THR B 238 16.19 51.43 -11.14
CA THR B 238 16.49 52.82 -10.69
C THR B 238 17.80 53.07 -9.98
N ALA B 239 18.49 52.03 -9.58
CA ALA B 239 19.87 52.17 -9.15
C ALA B 239 20.72 52.02 -10.41
N VAL B 240 21.58 53.00 -10.69
CA VAL B 240 22.22 53.18 -12.04
C VAL B 240 21.22 53.67 -13.06
N GLN B 241 21.47 54.91 -13.53
CA GLN B 241 20.49 55.73 -14.20
C GLN B 241 20.67 55.72 -15.71
N LEU B 242 19.58 55.44 -16.41
CA LEU B 242 19.49 55.64 -17.84
C LEU B 242 19.36 57.15 -18.17
N SER B 243 20.17 57.62 -19.12
CA SER B 243 19.90 58.90 -19.77
C SER B 243 19.97 58.84 -21.26
N LEU B 244 19.11 59.65 -21.88
CA LEU B 244 19.13 59.93 -23.28
C LEU B 244 19.84 61.23 -23.51
N GLY B 245 20.32 61.43 -24.74
CA GLY B 245 21.17 62.57 -25.03
C GLY B 245 21.62 62.71 -26.46
N PRO B 246 22.11 63.93 -26.81
CA PRO B 246 22.49 64.24 -28.20
C PRO B 246 23.79 63.57 -28.60
N MET B 247 23.86 63.24 -29.87
CA MET B 247 25.10 62.79 -30.50
C MET B 247 25.20 63.57 -31.79
N ALA B 248 26.39 64.12 -32.07
CA ALA B 248 26.64 65.04 -33.22
C ALA B 248 28.14 65.22 -33.56
N ARG B 249 28.45 66.06 -34.57
CA ARG B 249 29.84 66.26 -35.06
C ARG B 249 30.65 67.24 -34.25
N ASP B 250 29.97 68.21 -33.62
CA ASP B 250 30.61 69.20 -32.72
C ASP B 250 29.76 69.50 -31.48
N VAL B 251 30.42 69.94 -30.39
CA VAL B 251 29.77 70.17 -29.08
C VAL B 251 28.77 71.34 -29.06
N GLU B 252 28.90 72.22 -30.05
CA GLU B 252 27.93 73.28 -30.28
C GLU B 252 26.58 72.73 -30.76
N SER B 253 26.62 71.65 -31.56
CA SER B 253 25.39 70.95 -32.01
C SER B 253 24.68 70.19 -30.87
N LEU B 254 25.46 69.70 -29.92
CA LEU B 254 24.92 69.08 -28.74
C LEU B 254 24.17 70.11 -27.89
N ALA B 255 24.81 71.28 -27.70
CA ALA B 255 24.22 72.40 -26.93
C ALA B 255 23.03 73.04 -27.60
N LEU B 256 23.04 73.07 -28.94
CA LEU B 256 21.90 73.54 -29.72
C LEU B 256 20.69 72.65 -29.48
N CYS B 257 20.92 71.34 -29.58
CA CYS B 257 19.89 70.32 -29.39
C CYS B 257 19.36 70.30 -27.96
N LEU B 258 20.27 70.43 -26.99
CA LEU B 258 19.95 70.46 -25.54
C LEU B 258 19.10 71.65 -25.17
N LYS B 259 19.43 72.83 -25.71
CA LYS B 259 18.64 74.06 -25.54
C LYS B 259 17.29 74.00 -26.25
N ALA B 260 17.24 73.31 -27.41
CA ALA B 260 15.98 73.08 -28.10
C ALA B 260 15.08 72.10 -27.34
N LEU B 261 15.71 71.09 -26.72
CA LEU B 261 15.01 70.12 -25.86
C LEU B 261 14.45 70.75 -24.58
N LEU B 262 15.25 71.62 -23.95
CA LEU B 262 14.91 72.24 -22.66
C LEU B 262 13.97 73.44 -22.78
N CYS B 263 12.71 73.17 -23.11
CA CYS B 263 11.72 74.23 -23.38
C CYS B 263 10.44 73.93 -22.62
N GLU B 264 9.57 74.95 -22.49
CA GLU B 264 8.25 74.82 -21.84
C GLU B 264 7.28 73.72 -22.43
N HIS B 265 7.57 73.24 -23.65
CA HIS B 265 6.80 72.14 -24.25
C HIS B 265 7.18 70.79 -23.63
N LEU B 266 8.49 70.59 -23.39
CA LEU B 266 9.02 69.36 -22.79
C LEU B 266 8.59 69.22 -21.37
N PHE B 267 8.67 70.30 -20.59
CA PHE B 267 8.27 70.29 -19.18
C PHE B 267 6.72 70.18 -18.98
N THR B 268 5.98 70.16 -20.10
CA THR B 268 4.51 70.07 -20.13
C THR B 268 4.06 68.69 -20.61
N LEU B 269 4.59 68.24 -21.76
CA LEU B 269 4.55 66.82 -22.11
C LEU B 269 5.60 66.14 -21.24
N ASP B 270 5.18 65.59 -20.09
CA ASP B 270 6.08 65.13 -18.97
C ASP B 270 6.47 66.21 -17.86
N PRO B 271 5.57 66.42 -16.88
CA PRO B 271 5.87 67.21 -15.70
C PRO B 271 6.81 66.55 -14.70
N THR B 272 7.33 65.34 -14.95
CA THR B 272 8.26 64.69 -13.96
C THR B 272 9.68 65.19 -14.09
N VAL B 273 9.97 65.81 -15.22
CA VAL B 273 11.23 66.41 -15.46
C VAL B 273 11.21 67.82 -14.86
N PRO B 274 12.17 68.09 -13.94
CA PRO B 274 12.34 69.42 -13.36
C PRO B 274 12.51 70.47 -14.45
N PRO B 275 11.64 71.50 -14.45
CA PRO B 275 11.67 72.56 -15.48
C PRO B 275 12.93 73.45 -15.45
N LEU B 276 14.09 72.82 -15.71
CA LEU B 276 15.36 73.49 -15.66
C LEU B 276 15.76 73.97 -17.06
N PRO B 277 15.81 75.31 -17.25
CA PRO B 277 16.11 75.91 -18.55
C PRO B 277 17.58 75.74 -18.93
N PHE B 278 17.89 75.77 -20.24
CA PHE B 278 19.26 75.88 -20.68
C PHE B 278 19.81 77.27 -20.36
N ARG B 279 20.63 77.31 -19.31
CA ARG B 279 21.35 78.52 -18.92
C ARG B 279 22.50 78.82 -19.90
N GLU B 280 22.24 79.77 -20.81
CA GLU B 280 23.21 80.19 -21.82
C GLU B 280 24.46 80.80 -21.20
N GLU B 281 24.26 81.64 -20.20
CA GLU B 281 25.31 82.38 -19.53
C GLU B 281 26.35 81.52 -18.71
N VAL B 282 26.02 80.24 -18.47
CA VAL B 282 26.96 79.24 -17.88
C VAL B 282 27.74 78.51 -19.00
N TYR B 283 27.04 78.21 -20.10
CA TYR B 283 27.67 77.59 -21.28
C TYR B 283 28.63 78.53 -21.98
N ARG B 284 28.18 79.77 -22.20
CA ARG B 284 28.96 80.81 -22.89
C ARG B 284 30.18 81.29 -22.08
N SER B 285 30.20 81.00 -20.77
CA SER B 285 31.26 81.45 -19.84
C SER B 285 32.69 81.04 -20.27
N SER B 286 33.66 81.89 -19.93
CA SER B 286 35.04 81.70 -20.39
C SER B 286 36.06 81.88 -19.25
N ARG B 287 35.54 82.02 -18.02
CA ARG B 287 36.36 82.06 -16.80
C ARG B 287 37.10 80.73 -16.64
N PRO B 288 38.40 80.80 -16.31
CA PRO B 288 39.20 79.58 -16.01
C PRO B 288 38.56 78.61 -14.97
N LEU B 289 38.79 77.31 -15.18
CA LEU B 289 38.16 76.25 -14.39
C LEU B 289 39.21 75.45 -13.66
N ARG B 290 38.86 75.02 -12.46
CA ARG B 290 39.61 74.01 -11.73
C ARG B 290 39.16 72.63 -12.21
N VAL B 291 40.10 71.88 -12.78
CA VAL B 291 39.80 70.64 -13.51
C VAL B 291 40.49 69.46 -12.81
N GLY B 292 39.66 68.55 -12.27
CA GLY B 292 40.13 67.26 -11.80
C GLY B 292 40.57 66.40 -12.94
N TYR B 293 41.62 65.62 -12.72
CA TYR B 293 42.07 64.67 -13.73
C TYR B 293 42.60 63.39 -13.13
N TYR B 294 42.32 62.28 -13.81
CA TYR B 294 43.09 61.06 -13.61
C TYR B 294 43.51 60.42 -14.92
N GLU B 295 44.66 59.72 -14.90
CA GLU B 295 45.21 59.05 -16.10
C GLU B 295 44.72 57.62 -16.24
N THR B 296 44.47 56.99 -15.10
CA THR B 296 43.85 55.68 -15.02
C THR B 296 42.89 55.59 -13.83
N ASP B 297 41.96 54.63 -13.92
CA ASP B 297 41.05 54.31 -12.82
C ASP B 297 41.56 53.10 -12.03
N ASN B 298 42.76 52.64 -12.39
CA ASN B 298 43.42 51.41 -11.85
C ASN B 298 42.65 50.07 -12.02
N TYR B 299 41.73 50.06 -12.97
CA TYR B 299 40.84 48.94 -13.16
C TYR B 299 40.89 48.37 -14.59
N THR B 300 40.57 49.22 -15.58
CA THR B 300 40.91 48.98 -16.99
C THR B 300 42.16 49.77 -17.32
N MET B 301 43.20 49.07 -17.80
CA MET B 301 44.43 49.74 -18.28
C MET B 301 44.14 50.56 -19.55
N PRO B 302 44.63 51.82 -19.62
CA PRO B 302 44.63 52.59 -20.87
C PRO B 302 45.40 51.92 -21.98
N SER B 303 44.88 52.00 -23.19
CA SER B 303 45.70 51.86 -24.40
C SER B 303 46.73 53.02 -24.42
N PRO B 304 47.97 52.78 -24.92
CA PRO B 304 48.96 53.88 -25.05
C PRO B 304 48.42 55.10 -25.84
N ALA B 305 47.46 54.86 -26.74
CA ALA B 305 46.67 55.91 -27.39
C ALA B 305 45.84 56.76 -26.39
N MET B 306 45.22 56.09 -25.40
CA MET B 306 44.31 56.69 -24.40
C MET B 306 45.07 57.59 -23.47
N ARG B 307 46.15 57.03 -22.89
CA ARG B 307 47.08 57.71 -21.99
C ARG B 307 47.69 58.96 -22.62
N ARG B 308 48.12 58.83 -23.91
CA ARG B 308 48.65 59.95 -24.71
C ARG B 308 47.70 61.13 -24.78
N ALA B 309 46.45 60.84 -25.18
CA ALA B 309 45.39 61.84 -25.43
C ALA B 309 45.05 62.64 -24.18
N LEU B 310 44.94 61.93 -23.04
CA LEU B 310 44.64 62.51 -21.73
C LEU B 310 45.69 63.51 -21.29
N ILE B 311 46.96 63.05 -21.21
CA ILE B 311 48.12 63.90 -20.81
C ILE B 311 48.37 65.10 -21.78
N GLU B 312 48.10 64.88 -23.08
CA GLU B 312 48.18 65.94 -24.09
C GLU B 312 47.12 67.01 -23.85
N THR B 313 45.86 66.58 -23.66
CA THR B 313 44.78 67.53 -23.42
C THR B 313 44.79 68.15 -22.00
N LYS B 314 45.45 67.45 -21.05
CA LYS B 314 45.88 68.03 -19.76
C LYS B 314 46.81 69.27 -19.91
N GLN B 315 47.91 69.09 -20.65
CA GLN B 315 48.97 70.12 -20.88
C GLN B 315 48.46 71.41 -21.53
N ARG B 316 47.54 71.25 -22.49
CA ARG B 316 46.96 72.36 -23.24
C ARG B 316 46.07 73.23 -22.36
N LEU B 317 45.25 72.58 -21.53
CA LEU B 317 44.31 73.28 -20.64
C LEU B 317 45.08 74.05 -19.55
N GLU B 318 46.18 73.46 -19.08
CA GLU B 318 47.21 74.15 -18.29
C GLU B 318 47.85 75.39 -18.99
N ALA B 319 48.03 75.29 -20.32
CA ALA B 319 48.60 76.39 -21.15
C ALA B 319 47.56 77.46 -21.57
N ALA B 320 46.28 77.18 -21.32
CA ALA B 320 45.21 78.19 -21.48
C ALA B 320 44.87 78.90 -20.14
N GLY B 321 45.49 78.45 -19.06
CA GLY B 321 45.37 79.10 -17.75
C GLY B 321 44.52 78.35 -16.71
N HIS B 322 43.84 77.27 -17.15
CA HIS B 322 43.13 76.37 -16.24
C HIS B 322 44.12 75.62 -15.37
N THR B 323 43.68 75.29 -14.16
CA THR B 323 44.51 74.70 -13.14
C THR B 323 44.10 73.24 -12.95
N LEU B 324 45.06 72.35 -13.18
CA LEU B 324 44.78 70.92 -13.37
C LEU B 324 45.27 70.14 -12.16
N ILE B 325 44.32 69.52 -11.44
CA ILE B 325 44.56 68.91 -10.11
C ILE B 325 44.37 67.36 -10.16
N PRO B 326 45.36 66.60 -9.66
CA PRO B 326 45.19 65.15 -9.42
C PRO B 326 43.95 64.81 -8.54
N PHE B 327 43.08 63.96 -9.08
CA PHE B 327 41.78 63.64 -8.47
C PHE B 327 41.35 62.27 -8.96
N LEU B 328 41.08 61.38 -8.02
CA LEU B 328 40.48 60.10 -8.34
C LEU B 328 39.31 59.82 -7.38
N PRO B 329 38.12 59.53 -7.93
CA PRO B 329 37.00 58.95 -7.15
C PRO B 329 37.44 57.84 -6.21
N ASN B 330 37.06 57.97 -4.94
CA ASN B 330 37.31 56.96 -3.94
C ASN B 330 36.60 55.66 -4.28
N ASN B 331 37.23 54.53 -3.96
CA ASN B 331 36.60 53.19 -4.01
C ASN B 331 35.89 52.80 -5.33
N ILE B 332 36.52 53.13 -6.46
CA ILE B 332 36.09 52.66 -7.79
C ILE B 332 35.81 51.10 -7.95
N PRO B 333 36.70 50.17 -7.44
CA PRO B 333 36.40 48.72 -7.53
C PRO B 333 35.10 48.35 -6.84
N TYR B 334 34.72 49.12 -5.81
CA TYR B 334 33.49 48.92 -5.05
C TYR B 334 32.29 49.34 -5.85
N ALA B 335 32.42 50.43 -6.59
CA ALA B 335 31.31 50.99 -7.34
C ALA B 335 31.05 50.25 -8.65
N LEU B 336 32.06 49.56 -9.14
CA LEU B 336 31.90 48.83 -10.38
C LEU B 336 31.36 47.47 -10.09
N GLU B 337 31.94 46.81 -9.11
CA GLU B 337 31.66 45.42 -8.88
C GLU B 337 30.40 45.21 -8.15
N VAL B 338 30.18 46.00 -7.11
CA VAL B 338 29.03 45.77 -6.27
C VAL B 338 27.88 46.71 -6.55
N LEU B 339 28.17 47.96 -6.86
CA LEU B 339 27.11 48.98 -6.97
C LEU B 339 26.49 49.02 -8.34
N SER B 340 27.33 49.16 -9.38
CA SER B 340 26.85 49.16 -10.76
C SER B 340 26.43 47.78 -11.25
N ALA B 341 27.39 46.83 -11.30
CA ALA B 341 27.15 45.46 -11.78
C ALA B 341 26.04 44.76 -11.02
N GLY B 342 26.11 44.85 -9.67
CA GLY B 342 25.07 44.43 -8.78
C GLY B 342 23.75 45.11 -9.07
N GLY B 343 23.78 46.42 -9.33
CA GLY B 343 22.58 47.20 -9.56
C GLY B 343 21.87 46.85 -10.83
N LEU B 344 22.65 46.53 -11.86
CA LEU B 344 22.12 46.07 -13.16
C LEU B 344 21.54 44.66 -13.11
N PHE B 345 22.14 43.80 -12.29
CA PHE B 345 21.81 42.39 -12.29
C PHE B 345 21.18 41.85 -10.98
N SER B 346 20.48 42.75 -10.23
CA SER B 346 19.96 42.43 -8.88
C SER B 346 18.80 41.44 -8.86
N ASP B 347 18.19 41.21 -10.00
CA ASP B 347 17.20 40.14 -10.12
C ASP B 347 17.74 38.81 -10.68
N GLY B 348 19.05 38.78 -10.95
CA GLY B 348 19.73 37.57 -11.39
C GLY B 348 19.69 37.37 -12.90
N GLY B 349 19.09 38.33 -13.60
CA GLY B 349 18.92 38.27 -15.02
C GLY B 349 17.53 37.92 -15.50
N ARG B 350 16.58 37.67 -14.56
CA ARG B 350 15.29 37.03 -14.91
C ARG B 350 14.47 37.85 -15.85
N SER B 351 14.27 39.13 -15.51
CA SER B 351 13.57 40.10 -16.36
C SER B 351 14.22 40.29 -17.74
N PHE B 352 15.55 40.39 -17.74
CA PHE B 352 16.38 40.53 -18.95
C PHE B 352 16.37 39.28 -19.80
N LEU B 353 16.20 38.11 -19.17
CA LEU B 353 16.18 36.85 -19.92
C LEU B 353 14.88 36.54 -20.58
N GLN B 354 13.81 37.23 -20.17
CA GLN B 354 12.49 36.98 -20.76
C GLN B 354 12.33 37.46 -22.20
N ASN B 355 13.27 38.31 -22.64
CA ASN B 355 13.32 38.83 -24.02
C ASN B 355 14.05 37.94 -24.97
N PHE B 356 14.54 36.80 -24.49
CA PHE B 356 15.33 35.87 -25.30
C PHE B 356 14.67 34.51 -25.47
N LYS B 357 13.49 34.34 -24.84
CA LYS B 357 12.68 33.11 -24.89
C LYS B 357 12.26 32.79 -26.32
N GLY B 358 12.95 31.82 -26.92
CA GLY B 358 12.71 31.41 -28.31
C GLY B 358 13.50 32.21 -29.34
N ASP B 359 14.27 33.21 -28.87
CA ASP B 359 15.12 34.02 -29.72
C ASP B 359 16.46 33.38 -29.95
N PHE B 360 17.03 33.64 -31.12
CA PHE B 360 18.48 33.58 -31.30
C PHE B 360 19.13 34.64 -30.45
N VAL B 361 20.19 34.25 -29.74
CA VAL B 361 21.06 35.20 -29.10
C VAL B 361 22.25 35.46 -30.01
N ASP B 362 22.61 36.73 -30.15
CA ASP B 362 23.55 37.17 -31.15
C ASP B 362 24.96 36.93 -30.67
N PRO B 363 25.82 36.35 -31.55
CA PRO B 363 27.26 36.12 -31.27
C PRO B 363 28.10 37.31 -30.72
N CYS B 364 27.65 38.57 -30.93
CA CYS B 364 28.31 39.74 -30.34
C CYS B 364 28.02 39.93 -28.84
N LEU B 365 26.95 39.31 -28.34
CA LEU B 365 26.62 39.32 -26.91
C LEU B 365 27.42 38.31 -26.09
N GLY B 366 28.30 37.53 -26.76
CA GLY B 366 29.25 36.62 -26.15
C GLY B 366 28.51 35.56 -25.43
N ASP B 367 28.93 35.31 -24.20
CA ASP B 367 28.40 34.21 -23.41
C ASP B 367 27.48 34.70 -22.32
N LEU B 368 27.07 35.99 -22.40
CA LEU B 368 26.29 36.65 -21.34
C LEU B 368 25.01 35.92 -21.08
N ILE B 369 24.34 35.53 -22.16
CA ILE B 369 23.07 34.83 -22.08
C ILE B 369 23.24 33.38 -21.53
N LEU B 370 24.29 32.70 -22.01
CA LEU B 370 24.73 31.39 -21.50
C LEU B 370 25.11 31.37 -19.99
N ILE B 371 25.70 32.46 -19.49
CA ILE B 371 26.08 32.57 -18.06
C ILE B 371 24.90 32.97 -17.17
N LEU B 372 24.02 33.86 -17.65
CA LEU B 372 22.84 34.28 -16.85
C LEU B 372 21.81 33.17 -16.71
N ARG B 373 21.69 32.34 -17.75
CA ARG B 373 20.85 31.12 -17.74
C ARG B 373 21.30 30.01 -16.72
N LEU B 374 22.59 30.04 -16.31
CA LEU B 374 23.11 29.14 -15.27
C LEU B 374 22.39 29.34 -13.92
N PRO B 375 21.95 28.23 -13.29
CA PRO B 375 21.21 28.29 -12.02
C PRO B 375 22.05 28.84 -10.86
N SER B 376 21.37 29.29 -9.78
CA SER B 376 22.00 30.06 -8.66
C SER B 376 23.22 29.37 -8.03
N TRP B 377 23.07 28.07 -7.71
CA TRP B 377 24.09 27.27 -6.99
C TRP B 377 25.44 27.20 -7.70
N PHE B 378 25.40 27.05 -9.03
CA PHE B 378 26.59 26.91 -9.84
C PHE B 378 27.35 28.22 -9.95
N LYS B 379 26.58 29.32 -10.15
CA LYS B 379 27.08 30.71 -10.13
C LYS B 379 27.83 31.06 -8.83
N ARG B 380 27.28 30.63 -7.69
CA ARG B 380 27.86 30.87 -6.36
C ARG B 380 29.12 30.04 -6.17
N LEU B 381 29.06 28.78 -6.61
CA LEU B 381 30.21 27.85 -6.59
C LEU B 381 31.36 28.32 -7.46
N LEU B 382 31.05 28.76 -8.67
CA LEU B 382 32.05 29.23 -9.60
C LEU B 382 32.63 30.54 -9.16
N SER B 383 31.82 31.34 -8.46
CA SER B 383 32.28 32.59 -7.81
C SER B 383 33.37 32.39 -6.75
N LEU B 384 33.13 31.52 -5.75
CA LEU B 384 34.14 31.33 -4.69
C LEU B 384 35.37 30.47 -5.05
N LEU B 385 35.34 29.90 -6.24
CA LEU B 385 36.40 29.04 -6.76
C LEU B 385 37.39 29.80 -7.67
N LEU B 386 36.91 30.90 -8.25
CA LEU B 386 37.69 31.77 -9.15
C LEU B 386 38.33 32.96 -8.40
N LYS B 387 37.87 33.23 -7.16
CA LYS B 387 38.28 34.41 -6.37
C LYS B 387 39.77 34.54 -5.96
N PRO B 388 40.48 33.42 -5.60
CA PRO B 388 41.96 33.44 -5.60
C PRO B 388 42.64 33.68 -6.95
N LEU B 389 42.11 33.14 -8.03
CA LEU B 389 42.79 33.24 -9.31
C LEU B 389 42.44 34.54 -10.04
N PHE B 390 41.14 34.70 -10.30
CA PHE B 390 40.65 35.72 -11.20
C PHE B 390 39.55 36.55 -10.51
N PRO B 391 39.92 37.49 -9.59
CA PRO B 391 38.96 38.21 -8.72
C PRO B 391 37.80 38.94 -9.43
N ARG B 392 38.07 39.42 -10.65
CA ARG B 392 37.14 40.26 -11.41
C ARG B 392 35.98 39.45 -11.90
N LEU B 393 36.30 38.27 -12.41
CA LEU B 393 35.32 37.37 -13.01
C LEU B 393 34.45 36.75 -11.94
N ALA B 394 35.02 36.58 -10.75
CA ALA B 394 34.30 36.10 -9.59
C ALA B 394 33.29 37.12 -9.12
N ALA B 395 33.72 38.39 -8.98
CA ALA B 395 32.87 39.50 -8.56
C ALA B 395 31.73 39.73 -9.53
N PHE B 396 32.04 39.59 -10.83
CA PHE B 396 31.06 39.53 -11.95
C PHE B 396 29.96 38.46 -11.74
N LEU B 397 30.37 37.26 -11.33
CA LEU B 397 29.44 36.18 -11.03
C LEU B 397 28.75 36.37 -9.69
N ASN B 398 29.41 37.07 -8.79
CA ASN B 398 28.80 37.47 -7.53
C ASN B 398 27.72 38.57 -7.67
N SER B 399 27.75 39.32 -8.78
CA SER B 399 26.80 40.39 -9.02
C SER B 399 25.50 39.90 -9.66
N MET B 400 25.51 38.70 -10.25
CA MET B 400 24.33 38.12 -10.91
C MET B 400 23.54 37.21 -9.96
N ARG B 401 23.87 37.23 -8.68
CA ARG B 401 23.13 36.48 -7.70
C ARG B 401 21.86 37.28 -7.34
N PRO B 402 20.68 36.60 -7.33
CA PRO B 402 19.39 37.31 -7.26
C PRO B 402 19.09 37.81 -5.87
N ARG B 403 18.93 39.12 -5.72
CA ARG B 403 18.69 39.74 -4.41
C ARG B 403 17.22 39.79 -4.03
N SER B 404 16.98 39.92 -2.72
CA SER B 404 15.66 40.29 -2.16
C SER B 404 15.39 41.80 -2.27
N ALA B 405 14.18 42.22 -1.91
CA ALA B 405 13.83 43.64 -1.92
C ALA B 405 14.50 44.38 -0.76
N GLU B 406 14.75 43.64 0.34
CA GLU B 406 15.57 44.09 1.43
C GLU B 406 16.98 44.37 1.00
N LYS B 407 17.52 43.50 0.17
CA LYS B 407 18.90 43.61 -0.26
C LYS B 407 19.07 44.59 -1.45
N LEU B 408 17.94 45.01 -2.04
CA LEU B 408 17.93 46.06 -3.03
C LEU B 408 17.86 47.44 -2.43
N TRP B 409 17.13 47.59 -1.31
CA TRP B 409 17.06 48.88 -0.61
C TRP B 409 18.40 49.20 -0.04
N LYS B 410 19.07 48.20 0.57
CA LYS B 410 20.45 48.37 1.08
C LYS B 410 21.39 48.91 -0.03
N LEU B 411 21.36 48.25 -1.20
CA LEU B 411 22.13 48.65 -2.39
C LEU B 411 21.78 50.04 -2.94
N GLN B 412 20.50 50.42 -2.85
CA GLN B 412 20.06 51.73 -3.28
C GLN B 412 20.62 52.81 -2.36
N HIS B 413 20.56 52.56 -1.06
CA HIS B 413 21.16 53.43 -0.07
C HIS B 413 22.68 53.55 -0.21
N GLU B 414 23.38 52.42 -0.43
CA GLU B 414 24.84 52.42 -0.65
C GLU B 414 25.22 53.25 -1.87
N ILE B 415 24.40 53.12 -2.93
CA ILE B 415 24.48 53.98 -4.09
C ILE B 415 24.27 55.48 -3.79
N GLU B 416 23.19 55.82 -3.06
CA GLU B 416 22.90 57.24 -2.70
C GLU B 416 23.95 57.86 -1.74
N MET B 417 24.58 57.00 -0.94
CA MET B 417 25.69 57.38 -0.08
C MET B 417 27.00 57.54 -0.81
N TYR B 418 27.29 56.64 -1.77
CA TYR B 418 28.54 56.68 -2.57
C TYR B 418 28.66 57.97 -3.40
N ARG B 419 27.51 58.39 -3.94
CA ARG B 419 27.30 59.68 -4.57
C ARG B 419 27.73 60.84 -3.70
N GLN B 420 27.15 60.91 -2.51
CA GLN B 420 27.47 61.91 -1.49
C GLN B 420 28.97 62.03 -1.17
N SER B 421 29.67 60.88 -1.16
CA SER B 421 31.10 60.83 -0.83
C SER B 421 32.03 61.36 -1.97
N VAL B 422 31.67 61.06 -3.22
CA VAL B 422 32.39 61.59 -4.39
C VAL B 422 32.12 63.09 -4.56
N ILE B 423 30.91 63.53 -4.20
CA ILE B 423 30.55 64.95 -4.13
C ILE B 423 31.36 65.71 -3.10
N ALA B 424 31.47 65.13 -1.90
CA ALA B 424 32.29 65.72 -0.84
C ALA B 424 33.79 65.76 -1.21
N GLN B 425 34.26 64.72 -1.90
CA GLN B 425 35.62 64.62 -2.48
C GLN B 425 35.92 65.76 -3.47
N TRP B 426 34.91 66.12 -4.25
CA TRP B 426 34.96 67.09 -5.37
C TRP B 426 35.01 68.51 -4.82
N LYS B 427 34.31 68.72 -3.71
CA LYS B 427 34.11 70.06 -3.15
C LYS B 427 35.18 70.42 -2.14
N ALA B 428 35.92 69.41 -1.65
CA ALA B 428 37.07 69.64 -0.76
C ALA B 428 38.39 69.88 -1.54
N MET B 429 38.34 69.61 -2.85
CA MET B 429 39.40 69.98 -3.78
C MET B 429 38.92 71.16 -4.63
N ASN B 430 37.67 71.60 -4.37
CA ASN B 430 37.02 72.76 -5.01
C ASN B 430 37.01 72.74 -6.57
N LEU B 431 36.61 71.60 -7.14
CA LEU B 431 36.63 71.39 -8.60
C LEU B 431 35.42 72.03 -9.31
N ASP B 432 35.58 72.30 -10.60
CA ASP B 432 34.50 72.79 -11.45
C ASP B 432 33.96 71.65 -12.29
N VAL B 433 34.88 70.88 -12.87
CA VAL B 433 34.62 69.84 -13.89
C VAL B 433 35.72 68.74 -13.69
N LEU B 434 35.60 67.58 -14.39
CA LEU B 434 36.66 66.55 -14.40
C LEU B 434 37.02 65.92 -15.79
N LEU B 435 38.32 65.65 -15.96
CA LEU B 435 38.85 65.13 -17.18
C LEU B 435 39.29 63.70 -16.96
N THR B 436 38.88 62.84 -17.86
CA THR B 436 38.84 61.43 -17.62
C THR B 436 39.25 60.76 -18.95
N PRO B 437 40.02 59.64 -18.90
CA PRO B 437 40.26 58.83 -20.09
C PRO B 437 38.99 58.28 -20.69
N MET B 438 38.97 58.11 -21.98
CA MET B 438 37.86 57.44 -22.61
C MET B 438 38.33 56.23 -23.41
N LEU B 439 37.70 55.05 -23.13
CA LEU B 439 38.00 53.74 -23.76
C LEU B 439 38.45 53.79 -25.24
N GLY B 440 39.73 53.44 -25.44
CA GLY B 440 40.63 53.99 -26.46
C GLY B 440 40.25 53.94 -27.89
N PRO B 441 41.02 53.20 -28.74
CA PRO B 441 40.61 52.98 -30.14
C PRO B 441 39.47 52.00 -30.17
N ALA B 442 38.65 52.06 -31.23
CA ALA B 442 37.56 51.11 -31.45
C ALA B 442 38.04 49.68 -31.34
N LEU B 443 37.22 48.87 -30.66
CA LEU B 443 37.42 47.41 -30.59
C LEU B 443 36.97 46.80 -31.90
N ASP B 444 37.28 45.50 -32.09
CA ASP B 444 37.10 44.83 -33.38
C ASP B 444 35.59 44.51 -33.67
N LEU B 445 35.26 43.34 -34.20
CA LEU B 445 33.86 43.01 -34.34
C LEU B 445 33.34 42.33 -33.11
N ASN B 446 33.13 41.00 -33.15
CA ASN B 446 32.45 40.30 -32.04
C ASN B 446 33.31 40.15 -30.75
N THR B 447 33.65 41.32 -30.17
CA THR B 447 34.73 41.49 -29.16
C THR B 447 34.33 42.29 -27.87
N PRO B 448 33.56 43.42 -27.93
CA PRO B 448 32.88 43.96 -26.75
C PRO B 448 32.09 42.96 -25.88
N GLY B 449 31.59 41.89 -26.49
CA GLY B 449 30.98 40.79 -25.78
C GLY B 449 31.83 40.12 -24.75
N ARG B 450 33.13 39.96 -25.03
CA ARG B 450 34.08 39.43 -24.03
C ARG B 450 35.17 40.41 -23.49
N ALA B 451 34.82 41.71 -23.42
CA ALA B 451 35.62 42.72 -22.71
C ALA B 451 34.78 43.62 -21.79
N THR B 452 33.87 43.00 -21.03
CA THR B 452 32.96 43.66 -20.08
C THR B 452 33.65 44.61 -19.06
N GLY B 453 34.84 44.21 -18.57
CA GLY B 453 35.68 45.08 -17.75
C GLY B 453 35.92 46.50 -18.26
N ALA B 454 36.01 46.66 -19.61
CA ALA B 454 36.43 47.90 -20.28
C ALA B 454 35.36 49.05 -20.27
N ILE B 455 34.14 48.72 -19.83
CA ILE B 455 33.11 49.75 -19.52
C ILE B 455 33.29 50.53 -18.20
N SER B 456 34.35 50.21 -17.45
CA SER B 456 34.66 50.85 -16.15
C SER B 456 34.76 52.39 -16.18
N TYR B 457 35.36 52.93 -17.27
CA TYR B 457 35.57 54.38 -17.46
C TYR B 457 34.28 55.17 -17.58
N THR B 458 33.25 54.51 -18.14
CA THR B 458 31.97 55.15 -18.49
C THR B 458 30.86 54.88 -17.49
N VAL B 459 30.78 53.65 -16.99
CA VAL B 459 29.66 53.15 -16.17
C VAL B 459 29.67 53.75 -14.74
N LEU B 460 30.84 54.24 -14.31
CA LEU B 460 30.99 54.89 -13.00
C LEU B 460 30.13 56.15 -12.89
N TYR B 461 29.85 56.76 -14.03
CA TYR B 461 29.16 58.04 -14.08
C TYR B 461 27.66 57.87 -14.35
N ASN B 462 27.26 56.62 -14.58
CA ASN B 462 25.85 56.24 -14.55
C ASN B 462 25.50 55.88 -13.13
N CYS B 463 26.48 55.33 -12.43
CA CYS B 463 26.33 54.95 -11.05
C CYS B 463 26.20 56.21 -10.19
N LEU B 464 27.00 57.20 -10.52
CA LEU B 464 27.02 58.46 -9.83
C LEU B 464 25.95 59.44 -10.33
N ASP B 465 25.37 59.16 -11.51
CA ASP B 465 24.41 60.07 -12.21
C ASP B 465 24.96 61.52 -12.36
N PHE B 466 26.18 61.59 -12.87
CA PHE B 466 26.89 62.83 -13.14
C PHE B 466 26.88 62.95 -14.65
N PRO B 467 26.71 64.18 -15.18
CA PRO B 467 27.01 64.47 -16.61
C PRO B 467 28.30 63.90 -17.07
N ALA B 468 28.27 63.16 -18.16
CA ALA B 468 29.50 62.76 -18.83
C ALA B 468 29.49 63.13 -20.34
N GLY B 469 30.66 63.46 -20.88
CA GLY B 469 30.75 63.92 -22.25
C GLY B 469 31.98 63.51 -23.02
N VAL B 470 31.77 63.02 -24.24
CA VAL B 470 32.86 62.58 -25.10
C VAL B 470 33.18 63.60 -26.21
N VAL B 471 34.47 63.93 -26.34
CA VAL B 471 34.96 64.85 -27.36
C VAL B 471 36.32 64.35 -27.92
N PRO B 472 36.40 64.11 -29.27
CA PRO B 472 37.62 63.60 -29.92
C PRO B 472 38.76 64.61 -29.94
N VAL B 473 39.96 64.09 -29.69
CA VAL B 473 41.12 64.91 -29.34
C VAL B 473 42.37 64.57 -30.15
N THR B 474 42.38 63.37 -30.74
CA THR B 474 43.50 62.86 -31.54
C THR B 474 43.04 61.68 -32.38
N THR B 475 43.89 61.25 -33.32
CA THR B 475 43.80 59.88 -33.88
C THR B 475 45.09 59.08 -33.63
N VAL B 476 44.96 57.74 -33.69
CA VAL B 476 46.01 56.76 -33.30
C VAL B 476 47.21 56.82 -34.25
N THR B 477 48.36 57.20 -33.69
CA THR B 477 49.63 57.15 -34.43
C THR B 477 50.13 55.71 -34.51
N ALA B 478 50.99 55.43 -35.52
CA ALA B 478 51.65 54.13 -35.69
C ALA B 478 52.51 53.72 -34.47
N GLU B 479 52.95 54.72 -33.70
CA GLU B 479 53.59 54.54 -32.41
C GLU B 479 52.63 54.05 -31.29
N ASP B 480 51.35 54.45 -31.36
CA ASP B 480 50.34 54.02 -30.33
C ASP B 480 49.95 52.58 -30.49
N ASP B 481 49.92 52.11 -31.75
CA ASP B 481 49.69 50.71 -32.06
C ASP B 481 50.96 49.88 -31.87
N ALA B 482 52.12 50.55 -31.89
CA ALA B 482 53.41 49.91 -31.63
C ALA B 482 53.57 49.47 -30.17
N GLN B 483 53.29 50.39 -29.23
CA GLN B 483 53.37 50.13 -27.76
C GLN B 483 52.19 49.25 -27.23
N MET B 484 51.17 49.08 -28.10
CA MET B 484 50.02 48.17 -27.89
C MET B 484 50.38 46.65 -27.82
N GLU B 485 51.50 46.25 -28.43
CA GLU B 485 52.09 44.92 -28.18
C GLU B 485 52.68 44.77 -26.73
N LEU B 486 53.14 45.89 -26.15
CA LEU B 486 53.69 45.91 -24.78
C LEU B 486 52.61 45.99 -23.65
N TYR B 487 51.33 46.03 -24.06
CA TYR B 487 50.15 46.07 -23.15
C TYR B 487 50.04 44.74 -22.38
N LYS B 488 50.04 44.84 -21.05
CA LYS B 488 49.50 43.79 -20.19
C LYS B 488 48.53 44.48 -19.26
N GLY B 489 47.46 43.79 -18.87
CA GLY B 489 46.45 44.39 -18.01
C GLY B 489 46.89 44.53 -16.57
N TYR B 490 45.95 44.94 -15.71
CA TYR B 490 46.20 44.98 -14.26
C TYR B 490 45.86 43.65 -13.61
N PHE B 491 45.32 42.73 -14.40
CA PHE B 491 44.89 41.46 -13.89
C PHE B 491 45.47 40.33 -14.72
N GLY B 492 45.50 40.53 -16.04
CA GLY B 492 45.84 39.47 -16.97
C GLY B 492 44.78 38.37 -17.06
N ASP B 493 43.55 38.66 -16.61
CA ASP B 493 42.40 37.77 -16.81
C ASP B 493 41.96 37.76 -18.26
N ILE B 494 40.87 37.05 -18.57
CA ILE B 494 40.41 36.92 -19.96
C ILE B 494 39.90 38.23 -20.60
N TRP B 495 39.42 39.18 -19.75
CA TRP B 495 39.00 40.51 -20.23
C TRP B 495 40.14 41.37 -20.73
N ASP B 496 41.27 41.35 -20.01
CA ASP B 496 42.47 42.11 -20.41
C ASP B 496 43.13 41.49 -21.64
N ILE B 497 43.06 40.15 -21.72
CA ILE B 497 43.65 39.36 -22.81
C ILE B 497 42.95 39.64 -24.14
N ILE B 498 41.59 39.67 -24.10
CA ILE B 498 40.77 40.00 -25.29
C ILE B 498 40.99 41.46 -25.74
N LEU B 499 41.15 42.34 -24.73
CA LEU B 499 41.34 43.79 -24.93
C LEU B 499 42.61 44.16 -25.73
N LYS B 500 43.68 43.36 -25.58
CA LYS B 500 44.90 43.55 -26.39
C LYS B 500 44.66 43.25 -27.89
N LYS B 501 44.09 42.08 -28.18
CA LYS B 501 43.80 41.62 -29.54
C LYS B 501 42.75 42.49 -30.26
N ALA B 502 41.76 42.98 -29.50
CA ALA B 502 40.67 43.80 -30.06
C ALA B 502 41.05 45.25 -30.36
N MET B 503 42.07 45.77 -29.68
CA MET B 503 42.47 47.19 -29.82
C MET B 503 43.66 47.41 -30.78
N LYS B 504 44.36 46.32 -31.12
CA LYS B 504 45.40 46.28 -32.16
C LYS B 504 44.81 46.53 -33.54
N ASN B 505 45.71 46.81 -34.52
CA ASN B 505 45.35 47.06 -35.95
C ASN B 505 44.45 48.31 -36.17
N SER B 506 44.85 49.42 -35.56
CA SER B 506 43.94 50.56 -35.36
C SER B 506 44.53 51.93 -35.70
N VAL B 507 45.58 51.96 -36.53
CA VAL B 507 46.24 53.21 -36.96
C VAL B 507 45.28 54.05 -37.80
N GLY B 508 45.17 55.33 -37.44
CA GLY B 508 44.31 56.28 -38.16
C GLY B 508 42.92 56.46 -37.56
N LEU B 509 42.53 55.57 -36.65
CA LEU B 509 41.23 55.59 -36.00
C LEU B 509 41.22 56.63 -34.84
N PRO B 510 40.08 57.28 -34.57
CA PRO B 510 40.02 58.34 -33.56
C PRO B 510 40.12 57.84 -32.10
N VAL B 511 40.49 58.77 -31.22
CA VAL B 511 40.57 58.55 -29.78
C VAL B 511 40.01 59.81 -29.12
N ALA B 512 39.34 59.65 -27.97
CA ALA B 512 38.58 60.71 -27.34
C ALA B 512 38.91 60.84 -25.90
N VAL B 513 38.53 61.98 -25.33
CA VAL B 513 38.59 62.19 -23.89
C VAL B 513 37.15 62.23 -23.27
N GLN B 514 37.03 61.97 -21.95
CA GLN B 514 35.73 62.09 -21.22
C GLN B 514 35.67 63.29 -20.23
N CYS B 515 34.50 64.00 -20.20
CA CYS B 515 34.32 65.28 -19.45
C CYS B 515 33.13 65.25 -18.45
N VAL B 516 33.43 65.39 -17.17
CA VAL B 516 32.45 65.11 -16.11
C VAL B 516 32.16 66.38 -15.26
N ALA B 517 30.89 66.70 -15.02
CA ALA B 517 30.51 67.75 -14.05
C ALA B 517 29.63 67.15 -12.94
N LEU B 518 29.27 67.97 -11.93
CA LEU B 518 28.31 67.59 -10.85
C LEU B 518 26.91 67.37 -11.42
N PRO B 519 25.97 66.68 -10.69
CA PRO B 519 24.60 66.52 -11.18
C PRO B 519 23.90 67.87 -11.51
N TRP B 520 23.05 67.82 -12.55
CA TRP B 520 22.35 68.98 -13.14
C TRP B 520 23.21 70.06 -13.88
N GLN B 521 24.55 69.98 -13.79
CA GLN B 521 25.45 70.99 -14.39
C GLN B 521 25.85 70.62 -15.84
N GLU B 522 24.87 70.53 -16.73
CA GLU B 522 25.09 70.10 -18.12
C GLU B 522 25.82 71.15 -18.95
N GLU B 523 25.35 72.41 -18.87
CA GLU B 523 25.86 73.54 -19.68
C GLU B 523 27.32 73.83 -19.40
N LEU B 524 27.70 73.74 -18.11
CA LEU B 524 29.11 73.76 -17.66
C LEU B 524 29.95 72.58 -18.22
N CYS B 525 29.38 71.37 -18.19
CA CYS B 525 30.01 70.17 -18.82
C CYS B 525 30.30 70.46 -20.30
N LEU B 526 29.28 70.92 -21.02
CA LEU B 526 29.38 71.29 -22.43
C LEU B 526 30.36 72.47 -22.68
N ARG B 527 30.41 73.41 -21.70
CA ARG B 527 31.35 74.55 -21.71
C ARG B 527 32.79 74.04 -21.66
N PHE B 528 33.06 73.07 -20.78
CA PHE B 528 34.35 72.39 -20.72
C PHE B 528 34.64 71.53 -21.96
N MET B 529 33.58 70.95 -22.54
CA MET B 529 33.68 70.17 -23.77
C MET B 529 34.02 71.06 -24.98
N ARG B 530 33.51 72.30 -24.96
CA ARG B 530 33.77 73.33 -25.98
C ARG B 530 35.22 73.70 -26.02
N GLU B 531 35.80 73.92 -24.83
CA GLU B 531 37.19 74.30 -24.70
C GLU B 531 38.13 73.18 -25.13
N VAL B 532 37.86 71.95 -24.68
CA VAL B 532 38.69 70.77 -25.03
C VAL B 532 38.62 70.46 -26.56
N GLU B 533 37.44 70.67 -27.18
CA GLU B 533 37.34 70.77 -28.65
C GLU B 533 38.18 71.93 -29.24
N GLN B 534 38.04 73.12 -28.65
CA GLN B 534 38.62 74.38 -29.20
C GLN B 534 40.14 74.40 -29.14
N LEU B 535 40.70 73.76 -28.13
CA LEU B 535 42.14 73.60 -28.03
C LEU B 535 42.67 72.55 -29.01
N MET B 536 42.17 71.31 -28.89
CA MET B 536 42.77 70.15 -29.57
C MET B 536 42.46 70.08 -31.08
N THR B 537 41.28 70.54 -31.47
CA THR B 537 40.85 70.55 -32.87
C THR B 537 40.82 71.96 -33.42
N ALA C 1 41.56 48.39 4.98
CA ALA C 1 41.57 48.46 6.46
C ALA C 1 42.55 47.46 7.05
N ARG C 2 42.79 46.37 6.31
CA ARG C 2 43.86 45.40 6.61
C ARG C 2 45.28 45.88 6.23
N GLY C 3 45.35 46.97 5.44
CA GLY C 3 46.60 47.68 5.13
C GLY C 3 47.26 48.39 6.32
N ALA C 4 46.50 48.62 7.39
CA ALA C 4 47.05 48.79 8.77
C ALA C 4 47.38 47.42 9.51
N ALA C 5 48.17 46.62 8.80
CA ALA C 5 49.17 45.71 9.33
C ALA C 5 50.48 46.46 9.47
N THR C 6 50.58 47.63 8.80
CA THR C 6 51.73 48.53 8.95
C THR C 6 51.65 49.27 10.28
N ARG C 7 50.42 49.48 10.78
CA ARG C 7 50.15 49.90 12.18
C ARG C 7 50.67 48.91 13.24
N ALA C 8 50.65 47.61 12.90
CA ALA C 8 51.30 46.56 13.71
C ALA C 8 52.81 46.59 13.61
N ARG C 9 53.33 46.75 12.39
CA ARG C 9 54.77 46.71 12.10
C ARG C 9 55.60 47.84 12.74
N GLN C 10 55.09 49.08 12.70
CA GLN C 10 55.75 50.22 13.40
C GLN C 10 55.69 50.14 14.95
N LYS C 11 54.58 49.59 15.47
CA LYS C 11 54.39 49.32 16.91
C LYS C 11 55.36 48.25 17.44
N GLN C 12 55.58 47.20 16.62
CA GLN C 12 56.60 46.15 16.86
C GLN C 12 58.03 46.73 16.95
N ARG C 13 58.42 47.52 15.92
CA ARG C 13 59.74 48.17 15.85
C ARG C 13 59.99 49.20 16.98
N ALA C 14 58.93 49.90 17.40
CA ALA C 14 59.02 50.91 18.48
C ALA C 14 59.15 50.32 19.88
N SER C 15 58.65 49.09 20.05
CA SER C 15 58.88 48.33 21.28
C SER C 15 60.24 47.67 21.28
N LEU C 16 60.71 47.30 20.10
CA LEU C 16 62.10 46.90 19.89
C LEU C 16 63.12 48.03 20.14
N GLU C 17 62.74 49.27 19.82
CA GLU C 17 63.57 50.45 20.10
C GLU C 17 63.55 50.86 21.59
N THR C 18 62.38 50.70 22.24
CA THR C 18 62.24 50.82 23.71
C THR C 18 63.04 49.74 24.44
N MET C 19 63.09 48.54 23.86
CA MET C 19 63.96 47.45 24.34
C MET C 19 65.43 47.81 24.29
N ASP C 20 65.90 48.28 23.13
CA ASP C 20 67.33 48.49 22.86
C ASP C 20 67.97 49.63 23.66
N LYS C 21 67.23 50.74 23.81
CA LYS C 21 67.66 51.89 24.62
C LYS C 21 67.72 51.56 26.12
N ALA C 22 66.90 50.60 26.57
CA ALA C 22 66.87 50.17 27.97
C ALA C 22 68.04 49.22 28.35
N VAL C 23 68.42 48.32 27.44
CA VAL C 23 69.59 47.43 27.66
C VAL C 23 70.95 48.14 27.51
N GLN C 24 70.93 49.30 26.83
CA GLN C 24 72.12 50.12 26.61
C GLN C 24 72.31 51.22 27.67
N ARG C 25 71.19 51.64 28.31
CA ARG C 25 71.24 52.45 29.56
C ARG C 25 71.57 51.59 30.81
N PHE C 26 71.58 50.27 30.63
CA PHE C 26 72.02 49.31 31.64
C PHE C 26 73.47 48.84 31.41
N ARG C 27 73.82 48.49 30.16
CA ARG C 27 75.18 48.00 29.83
C ARG C 27 76.27 49.07 30.00
N LEU C 28 75.90 50.35 29.80
CA LEU C 28 76.78 51.51 30.12
C LEU C 28 77.00 51.69 31.63
N GLN C 29 75.94 51.47 32.43
CA GLN C 29 75.98 51.61 33.90
C GLN C 29 76.43 50.33 34.66
N ASN C 30 76.66 49.23 33.93
CA ASN C 30 77.07 47.94 34.54
C ASN C 30 77.96 47.04 33.61
N PRO C 31 79.23 47.42 33.37
CA PRO C 31 80.10 46.69 32.42
C PRO C 31 80.96 45.55 33.05
N ASP C 32 80.81 45.31 34.36
CA ASP C 32 81.57 44.27 35.07
C ASP C 32 80.88 42.89 35.01
N LEU C 33 79.55 42.89 34.78
CA LEU C 33 78.72 41.66 34.78
C LEU C 33 79.02 40.71 33.60
N ASP C 34 79.20 39.43 33.92
CA ASP C 34 79.32 38.36 32.91
C ASP C 34 77.93 37.89 32.42
N SER C 35 77.52 38.41 31.26
CA SER C 35 76.20 38.13 30.67
C SER C 35 76.04 36.67 30.27
N GLU C 36 77.12 36.10 29.74
CA GLU C 36 77.10 34.76 29.14
C GLU C 36 77.31 33.61 30.16
N ALA C 37 77.34 33.94 31.47
CA ALA C 37 77.23 32.95 32.55
C ALA C 37 75.92 33.15 33.32
N LEU C 38 75.33 34.34 33.16
CA LEU C 38 73.99 34.65 33.64
C LEU C 38 72.94 33.90 32.80
N LEU C 39 73.14 33.85 31.50
CA LEU C 39 72.17 33.24 30.61
C LEU C 39 72.33 31.72 30.54
N THR C 40 73.50 31.19 30.93
CA THR C 40 73.71 29.74 30.95
C THR C 40 73.41 29.09 32.30
N LEU C 41 73.05 29.93 33.27
CA LEU C 41 72.45 29.51 34.54
C LEU C 41 71.11 28.82 34.27
N PRO C 42 70.99 27.53 34.65
CA PRO C 42 69.69 26.83 34.59
C PRO C 42 68.72 27.43 35.59
N LEU C 43 67.43 27.45 35.27
CA LEU C 43 66.42 28.24 36.00
C LEU C 43 66.43 28.10 37.53
N LEU C 44 66.54 26.87 38.02
CA LEU C 44 66.60 26.57 39.48
C LEU C 44 67.73 27.31 40.21
N GLN C 45 68.90 27.36 39.58
CA GLN C 45 70.07 28.05 40.07
C GLN C 45 69.89 29.55 39.98
N LEU C 46 69.18 29.99 38.93
CA LEU C 46 68.84 31.39 38.78
C LEU C 46 67.88 31.86 39.88
N VAL C 47 66.78 31.13 40.13
CA VAL C 47 65.81 31.47 41.22
C VAL C 47 66.42 31.49 42.63
N GLN C 48 67.37 30.59 42.88
CA GLN C 48 67.94 30.44 44.18
C GLN C 48 69.03 31.51 44.48
N LYS C 49 69.77 31.93 43.43
CA LYS C 49 70.68 33.06 43.50
C LYS C 49 69.91 34.36 43.64
N LEU C 50 68.72 34.40 43.03
CA LEU C 50 67.80 35.51 43.18
C LEU C 50 67.19 35.62 44.59
N GLN C 51 66.78 34.47 45.16
CA GLN C 51 66.17 34.42 46.51
C GLN C 51 67.17 34.81 47.62
N SER C 52 68.44 34.43 47.44
CA SER C 52 69.50 34.67 48.44
C SER C 52 70.12 36.07 48.37
N GLY C 53 69.77 36.82 47.33
CA GLY C 53 70.33 38.15 47.10
C GLY C 53 71.73 38.11 46.53
N GLU C 54 72.07 37.00 45.87
CA GLU C 54 73.34 36.84 45.17
C GLU C 54 73.32 37.53 43.77
N LEU C 55 72.12 37.70 43.20
CA LEU C 55 71.89 38.52 42.01
C LEU C 55 70.73 39.48 42.27
N SER C 56 70.88 40.72 41.80
CA SER C 56 69.79 41.70 41.78
C SER C 56 68.78 41.36 40.64
N PRO C 57 67.47 41.68 40.81
CA PRO C 57 66.47 41.50 39.74
C PRO C 57 66.75 42.31 38.46
N GLU C 58 67.33 43.51 38.63
CA GLU C 58 67.70 44.39 37.52
C GLU C 58 68.86 43.86 36.69
N ALA C 59 69.75 43.11 37.33
CA ALA C 59 70.80 42.35 36.62
C ALA C 59 70.22 41.28 35.67
N VAL C 60 69.38 40.37 36.19
CA VAL C 60 68.91 39.18 35.41
C VAL C 60 67.92 39.51 34.30
N PHE C 61 67.13 40.58 34.50
CA PHE C 61 66.07 40.97 33.59
C PHE C 61 66.69 41.53 32.35
N PHE C 62 67.58 42.52 32.54
CA PHE C 62 68.15 43.29 31.45
C PHE C 62 69.19 42.51 30.67
N THR C 63 69.86 41.57 31.33
CA THR C 63 70.66 40.55 30.66
C THR C 63 69.84 39.63 29.75
N TYR C 64 68.63 39.25 30.20
CA TYR C 64 67.70 38.44 29.38
C TYR C 64 67.05 39.27 28.31
N LEU C 65 66.66 40.49 28.65
CA LEU C 65 66.14 41.50 27.72
C LEU C 65 67.12 41.85 26.62
N GLY C 66 68.42 41.89 26.99
CA GLY C 66 69.52 41.97 26.06
C GLY C 66 69.57 40.83 25.05
N LYS C 67 69.48 39.60 25.56
CA LYS C 67 69.58 38.39 24.73
C LYS C 67 68.37 38.20 23.83
N ALA C 68 67.17 38.52 24.36
CA ALA C 68 65.89 38.48 23.62
C ALA C 68 65.89 39.42 22.43
N TRP C 69 66.48 40.60 22.62
CA TRP C 69 66.70 41.57 21.55
C TRP C 69 67.62 41.03 20.46
N GLU C 70 68.69 40.33 20.86
CA GLU C 70 69.69 39.80 19.91
C GLU C 70 69.13 38.68 19.01
N VAL C 71 68.39 37.75 19.61
CA VAL C 71 67.90 36.57 18.88
C VAL C 71 66.61 36.83 18.09
N ASN C 72 65.95 37.96 18.37
CA ASN C 72 64.83 38.47 17.53
C ASN C 72 65.24 38.86 16.09
N LYS C 73 66.52 39.21 15.92
CA LYS C 73 67.07 39.58 14.63
C LYS C 73 67.10 38.43 13.63
N GLY C 74 67.30 37.21 14.13
CA GLY C 74 67.32 36.02 13.27
C GLY C 74 66.13 35.07 13.42
N THR C 75 65.10 35.48 14.19
CA THR C 75 63.88 34.67 14.40
C THR C 75 62.58 35.38 14.14
N ASN C 76 62.54 36.71 14.37
CA ASN C 76 61.29 37.50 14.40
C ASN C 76 60.21 36.88 15.32
N CYS C 77 60.59 36.69 16.58
CA CYS C 77 59.77 35.92 17.50
C CYS C 77 59.10 36.80 18.51
N VAL C 78 59.48 38.07 18.53
CA VAL C 78 59.01 39.00 19.53
C VAL C 78 57.99 39.97 18.90
N THR C 79 56.79 39.97 19.42
CA THR C 79 55.70 40.75 18.88
C THR C 79 55.67 42.14 19.49
N SER C 80 55.94 42.22 20.79
CA SER C 80 55.73 43.42 21.58
C SER C 80 56.49 43.29 22.88
N TYR C 81 56.88 44.44 23.45
CA TYR C 81 57.54 44.51 24.73
C TYR C 81 56.59 45.18 25.72
N LEU C 82 56.19 44.40 26.74
CA LEU C 82 55.08 44.77 27.64
C LEU C 82 55.50 45.83 28.65
N THR C 83 55.36 47.10 28.26
CA THR C 83 56.12 48.26 28.81
C THR C 83 56.11 48.41 30.33
N ASP C 84 54.97 48.09 30.95
CA ASP C 84 54.81 48.11 32.41
C ASP C 84 55.44 46.90 33.19
N CYS C 85 56.57 46.38 32.67
CA CYS C 85 57.66 45.92 33.53
C CYS C 85 58.55 47.11 33.99
N GLU C 86 59.68 46.79 34.66
CA GLU C 86 60.54 47.76 35.43
C GLU C 86 59.90 48.37 36.70
N THR C 87 58.60 48.71 36.60
CA THR C 87 57.69 48.86 37.76
C THR C 87 57.14 47.49 38.26
N GLN C 88 57.29 46.45 37.43
CA GLN C 88 57.11 45.06 37.85
C GLN C 88 58.42 44.48 38.46
N LEU C 89 59.53 45.18 38.22
CA LEU C 89 60.79 44.96 38.95
C LEU C 89 60.79 45.62 40.33
N SER C 90 60.12 46.79 40.43
CA SER C 90 59.88 47.50 41.71
C SER C 90 59.04 46.65 42.67
N GLN C 91 57.95 46.11 42.14
CA GLN C 91 56.84 45.62 42.93
C GLN C 91 56.67 44.09 42.90
N ALA C 92 57.78 43.37 42.61
CA ALA C 92 57.81 41.92 42.68
C ALA C 92 57.80 41.45 44.15
N PRO C 93 56.81 40.59 44.55
CA PRO C 93 56.80 39.96 45.88
C PRO C 93 58.01 39.05 46.15
N ARG C 94 58.64 39.26 47.30
CA ARG C 94 60.00 38.80 47.59
C ARG C 94 60.11 37.31 47.94
N GLN C 95 59.09 36.79 48.63
CA GLN C 95 59.01 35.38 49.01
C GLN C 95 58.34 34.49 47.93
N GLY C 96 58.00 35.09 46.78
CA GLY C 96 57.34 34.42 45.66
C GLY C 96 58.23 33.44 44.92
N LEU C 97 57.62 32.37 44.39
CA LEU C 97 58.35 31.17 43.95
C LEU C 97 59.18 31.34 42.68
N LEU C 98 58.82 32.36 41.89
CA LEU C 98 59.58 32.75 40.69
C LEU C 98 59.98 34.21 40.76
N TYR C 99 60.63 34.60 41.87
CA TYR C 99 60.84 36.01 42.24
C TYR C 99 61.60 36.85 41.21
N GLY C 100 62.69 36.35 40.68
CA GLY C 100 63.41 37.14 39.70
C GLY C 100 63.06 36.88 38.26
N VAL C 101 62.29 35.82 38.01
CA VAL C 101 62.22 35.13 36.70
C VAL C 101 61.47 35.96 35.62
N PRO C 102 62.20 36.38 34.56
CA PRO C 102 61.54 37.00 33.41
C PRO C 102 60.83 35.94 32.57
N VAL C 103 59.53 36.09 32.37
CA VAL C 103 58.78 35.10 31.56
C VAL C 103 58.25 35.66 30.23
N SER C 104 58.29 34.84 29.19
CA SER C 104 57.74 35.20 27.90
C SER C 104 56.33 34.65 27.76
N LEU C 105 55.45 35.44 27.16
CA LEU C 105 54.08 35.00 26.93
C LEU C 105 53.85 34.84 25.46
N LYS C 106 53.18 33.76 25.07
CA LYS C 106 52.54 33.67 23.75
C LYS C 106 51.42 34.71 23.68
N GLU C 107 51.27 35.38 22.53
CA GLU C 107 50.56 36.65 22.47
C GLU C 107 49.04 36.61 22.82
N CYS C 108 48.43 35.42 22.70
CA CYS C 108 47.04 35.16 23.15
C CYS C 108 46.77 35.23 24.71
N PHE C 109 47.80 35.39 25.51
CA PHE C 109 47.65 35.71 26.92
C PHE C 109 47.51 37.20 27.08
N SER C 110 46.30 37.63 27.46
CA SER C 110 45.96 39.05 27.46
C SER C 110 46.63 39.82 28.59
N TYR C 111 47.36 40.86 28.19
CA TYR C 111 48.11 41.73 29.07
C TYR C 111 47.47 43.12 28.96
N LYS C 112 47.21 43.76 30.13
CA LYS C 112 46.60 45.12 30.20
C LYS C 112 47.36 46.15 29.38
N GLY C 113 46.62 47.01 28.69
CA GLY C 113 47.18 47.96 27.75
C GLY C 113 47.53 47.43 26.37
N HIS C 114 47.69 46.11 26.21
CA HIS C 114 48.26 45.53 24.98
C HIS C 114 47.28 44.75 24.13
N ASP C 115 47.54 44.78 22.84
CA ASP C 115 46.74 44.09 21.84
C ASP C 115 46.96 42.59 21.83
N SER C 116 45.86 41.85 21.91
CA SER C 116 45.88 40.40 21.74
C SER C 116 45.28 39.96 20.36
N THR C 117 45.81 40.54 19.28
CA THR C 117 45.56 40.11 17.89
C THR C 117 46.11 38.71 17.76
N LEU C 118 45.47 37.85 16.98
CA LEU C 118 46.04 36.51 16.83
C LEU C 118 46.78 36.38 15.54
N GLY C 119 47.24 37.52 15.00
CA GLY C 119 47.59 37.63 13.59
C GLY C 119 46.46 38.17 12.71
N LEU C 120 45.31 38.41 13.35
CA LEU C 120 44.07 38.74 12.69
C LEU C 120 43.84 40.21 12.84
N SER C 121 43.74 40.93 11.70
CA SER C 121 43.58 42.41 11.68
C SER C 121 42.36 42.94 12.46
N LEU C 122 41.31 42.11 12.52
CA LEU C 122 40.07 42.34 13.27
C LEU C 122 40.27 42.78 14.74
N ASN C 123 41.27 42.18 15.42
CA ASN C 123 41.64 42.59 16.77
C ASN C 123 42.87 43.50 16.95
N GLU C 124 43.40 44.07 15.84
CA GLU C 124 44.39 45.18 15.92
C GLU C 124 43.79 46.47 16.53
N GLY C 125 42.51 46.69 16.26
CA GLY C 125 41.70 47.72 16.93
C GLY C 125 42.03 47.97 18.40
N MET C 126 41.93 46.93 19.25
CA MET C 126 41.69 47.15 20.70
C MET C 126 42.65 46.47 21.71
N PRO C 127 43.16 47.28 22.65
CA PRO C 127 43.88 46.76 23.84
C PRO C 127 42.96 45.99 24.79
N SER C 128 43.51 45.01 25.53
CA SER C 128 42.76 44.26 26.54
C SER C 128 42.72 45.02 27.85
N GLU C 129 41.52 45.00 28.48
CA GLU C 129 41.21 45.87 29.61
C GLU C 129 41.92 45.42 30.89
N SER C 130 42.23 44.13 30.97
CA SER C 130 42.89 43.55 32.14
C SER C 130 43.88 42.46 31.76
N ASP C 131 44.97 42.37 32.54
CA ASP C 131 45.83 41.16 32.64
C ASP C 131 45.00 39.89 32.87
N CYS C 132 45.32 38.84 32.14
CA CYS C 132 44.67 37.53 32.26
C CYS C 132 45.06 36.79 33.55
N VAL C 133 44.18 35.87 34.00
CA VAL C 133 44.30 35.20 35.32
C VAL C 133 45.64 34.43 35.60
N VAL C 134 46.11 33.61 34.65
CA VAL C 134 47.47 33.00 34.74
C VAL C 134 48.65 34.00 34.69
N VAL C 135 48.46 35.14 34.03
CA VAL C 135 49.43 36.27 34.08
C VAL C 135 49.43 36.91 35.48
N GLN C 136 48.22 37.06 36.06
CA GLN C 136 48.02 37.62 37.42
C GLN C 136 48.75 36.83 38.50
N VAL C 137 48.65 35.49 38.45
CA VAL C 137 49.36 34.65 39.42
C VAL C 137 50.88 34.54 39.23
N LEU C 138 51.37 34.61 37.98
CA LEU C 138 52.82 34.79 37.70
C LEU C 138 53.42 36.03 38.40
N LYS C 139 52.73 37.17 38.29
CA LYS C 139 53.13 38.44 38.93
C LYS C 139 53.11 38.34 40.45
N LEU C 140 52.03 37.75 41.00
CA LEU C 140 51.89 37.55 42.45
C LEU C 140 52.91 36.56 43.03
N GLN C 141 53.43 35.69 42.15
CA GLN C 141 54.53 34.79 42.46
C GLN C 141 55.91 35.31 42.02
N GLY C 142 56.01 36.60 41.77
CA GLY C 142 57.29 37.25 41.57
C GLY C 142 57.74 37.45 40.12
N ALA C 143 57.14 36.73 39.17
CA ALA C 143 57.59 36.74 37.78
C ALA C 143 57.35 38.08 37.09
N VAL C 144 58.23 38.38 36.15
CA VAL C 144 58.17 39.58 35.36
C VAL C 144 57.89 39.14 33.92
N PRO C 145 56.61 39.20 33.47
CA PRO C 145 56.29 39.05 32.04
C PRO C 145 56.80 40.23 31.21
N PHE C 146 57.51 39.96 30.12
CA PHE C 146 58.28 41.02 29.41
C PHE C 146 58.07 41.15 27.89
N VAL C 147 57.80 40.03 27.23
CA VAL C 147 57.49 40.03 25.81
C VAL C 147 56.25 39.20 25.47
N HIS C 148 55.46 39.69 24.51
CA HIS C 148 54.54 38.85 23.77
C HIS C 148 55.26 38.17 22.60
N THR C 149 54.98 36.89 22.38
CA THR C 149 55.60 36.19 21.26
C THR C 149 54.64 35.79 20.17
N ASN C 150 55.17 35.80 18.95
CA ASN C 150 54.44 35.57 17.71
C ASN C 150 53.70 34.21 17.56
N VAL C 151 52.49 34.30 17.01
CA VAL C 151 51.67 33.15 16.65
C VAL C 151 51.54 33.13 15.11
N PRO C 152 51.07 32.02 14.50
CA PRO C 152 50.49 32.05 13.14
C PRO C 152 49.06 32.65 13.05
N GLN C 153 48.59 32.97 11.83
CA GLN C 153 47.48 33.91 11.63
C GLN C 153 46.21 33.68 12.44
N SER C 154 45.72 32.46 12.51
CA SER C 154 44.58 32.25 13.38
C SER C 154 44.81 31.43 14.60
N MET C 155 46.10 31.12 14.84
CA MET C 155 46.54 30.04 15.75
C MET C 155 46.12 28.59 15.36
N LEU C 156 45.30 28.40 14.32
CA LEU C 156 44.95 27.04 13.87
C LEU C 156 45.97 26.48 12.84
N SER C 157 47.23 26.39 13.28
CA SER C 157 48.39 26.14 12.43
C SER C 157 49.57 25.73 13.33
N PHE C 158 50.36 24.75 12.89
CA PHE C 158 51.62 24.44 13.56
C PHE C 158 52.88 24.94 12.88
N ASP C 159 52.69 25.90 11.96
CA ASP C 159 53.73 26.87 11.52
C ASP C 159 53.59 28.15 12.37
N CYS C 160 54.32 29.21 11.99
CA CYS C 160 54.29 30.48 12.70
C CYS C 160 54.58 31.63 11.79
N SER C 161 53.53 32.31 11.34
CA SER C 161 53.60 33.50 10.44
C SER C 161 52.25 34.16 10.33
N ASN C 162 52.24 35.49 10.29
CA ASN C 162 51.00 36.25 10.08
C ASN C 162 51.19 37.55 9.27
N PRO C 163 50.09 38.08 8.66
CA PRO C 163 50.12 39.37 7.96
C PRO C 163 50.59 40.55 8.77
N LEU C 164 50.17 40.64 10.02
CA LEU C 164 50.46 41.80 10.89
C LEU C 164 51.95 41.94 11.26
N PHE C 165 52.64 40.80 11.49
CA PHE C 165 53.99 40.79 12.14
C PHE C 165 55.10 40.07 11.35
N GLY C 166 54.71 39.10 10.52
CA GLY C 166 55.67 38.38 9.69
C GLY C 166 55.98 36.97 10.17
N GLN C 167 56.97 36.36 9.54
CA GLN C 167 57.29 34.95 9.72
C GLN C 167 58.28 34.77 10.83
N THR C 168 57.99 33.80 11.70
CA THR C 168 58.90 33.39 12.75
C THR C 168 59.76 32.24 12.23
N MET C 169 61.03 32.21 12.60
CA MET C 169 61.95 31.21 12.11
C MET C 169 62.65 30.45 13.20
N ASN C 170 62.99 29.19 12.89
CA ASN C 170 63.88 28.37 13.69
C ASN C 170 65.24 29.05 13.94
N PRO C 171 65.69 29.05 15.20
CA PRO C 171 67.02 29.57 15.53
C PRO C 171 68.17 28.61 15.15
N TRP C 172 67.87 27.36 14.77
CA TRP C 172 68.89 26.33 14.44
C TRP C 172 69.21 26.28 12.92
N LYS C 173 68.20 26.57 12.10
CA LYS C 173 68.27 26.56 10.63
C LYS C 173 67.18 27.48 10.10
N SER C 174 67.61 28.57 9.47
CA SER C 174 66.72 29.71 9.14
C SER C 174 65.69 29.45 8.02
N SER C 175 65.80 28.30 7.34
CA SER C 175 64.81 27.80 6.37
C SER C 175 63.74 26.88 7.00
N LYS C 176 63.84 26.65 8.30
CA LYS C 176 62.88 25.79 9.00
C LYS C 176 61.79 26.57 9.75
N SER C 177 60.67 25.90 9.99
CA SER C 177 59.64 26.39 10.89
C SER C 177 60.10 26.16 12.32
N PRO C 178 59.83 27.12 13.22
CA PRO C 178 60.09 26.92 14.65
C PRO C 178 58.93 26.19 15.38
N GLY C 179 57.97 25.66 14.64
CA GLY C 179 56.78 25.14 15.23
C GLY C 179 55.73 26.16 15.39
N GLY C 180 54.69 25.78 16.08
CA GLY C 180 53.49 26.56 16.19
C GLY C 180 52.47 25.77 16.95
N SER C 181 51.40 26.41 17.41
CA SER C 181 51.16 27.84 17.31
C SER C 181 51.82 28.72 18.38
N SER C 182 52.58 28.09 19.30
CA SER C 182 53.43 28.87 20.22
C SER C 182 54.86 28.90 19.69
N GLY C 183 55.02 29.13 18.39
CA GLY C 183 56.30 29.05 17.72
C GLY C 183 57.28 30.12 18.16
N GLY C 184 56.77 31.36 18.28
CA GLY C 184 57.46 32.45 18.94
C GLY C 184 58.02 32.11 20.31
N GLU C 185 57.23 31.40 21.14
CA GLU C 185 57.69 30.86 22.43
C GLU C 185 58.90 29.90 22.34
N GLY C 186 58.83 28.96 21.38
CA GLY C 186 59.90 28.00 21.16
C GLY C 186 61.15 28.61 20.55
N ALA C 187 60.97 29.58 19.65
CA ALA C 187 62.09 30.29 19.03
C ALA C 187 62.90 31.16 20.03
N LEU C 188 62.21 31.79 20.99
CA LEU C 188 62.84 32.64 21.99
C LEU C 188 63.56 31.85 23.08
N ILE C 189 62.93 30.76 23.59
CA ILE C 189 63.46 29.98 24.73
C ILE C 189 64.70 29.16 24.36
N GLY C 190 64.59 28.30 23.33
CA GLY C 190 65.75 27.85 22.55
C GLY C 190 66.50 29.06 21.99
N SER C 191 67.82 28.96 21.94
CA SER C 191 68.72 30.14 21.79
C SER C 191 68.72 31.16 22.98
N GLY C 192 68.04 30.83 24.09
CA GLY C 192 68.35 31.41 25.40
C GLY C 192 67.90 32.83 25.71
N GLY C 193 66.87 33.31 25.02
CA GLY C 193 66.32 34.66 25.24
C GLY C 193 65.27 34.78 26.37
N SER C 194 64.90 33.62 26.96
CA SER C 194 63.92 33.53 28.04
C SER C 194 64.09 32.18 28.75
N PRO C 195 64.05 32.17 30.11
CA PRO C 195 64.18 30.93 30.89
C PRO C 195 62.87 30.12 31.02
N LEU C 196 61.74 30.74 30.73
CA LEU C 196 60.41 30.18 30.97
C LEU C 196 59.42 30.90 30.11
N GLY C 197 58.52 30.14 29.53
CA GLY C 197 57.40 30.71 28.83
C GLY C 197 56.14 29.93 28.93
N LEU C 198 55.04 30.56 28.51
CA LEU C 198 53.70 30.02 28.68
C LEU C 198 53.07 29.93 27.34
N GLY C 199 52.55 28.77 26.98
CA GLY C 199 51.84 28.57 25.72
C GLY C 199 50.47 27.94 25.88
N THR C 200 49.85 27.59 24.75
CA THR C 200 48.50 26.97 24.69
C THR C 200 48.53 25.91 23.67
N ASP C 201 47.69 24.89 23.83
CA ASP C 201 47.74 23.65 23.01
C ASP C 201 46.30 23.10 22.91
N ILE C 202 45.74 23.15 21.70
CA ILE C 202 44.49 22.39 21.36
C ILE C 202 44.75 21.22 20.36
N GLY C 203 46.00 21.10 19.88
CA GLY C 203 46.34 20.20 18.79
C GLY C 203 47.82 19.88 18.69
N GLY C 204 48.58 20.47 19.60
CA GLY C 204 50.02 20.23 19.65
C GLY C 204 50.82 21.48 19.87
N SER C 205 50.14 22.60 20.05
CA SER C 205 50.72 23.94 19.87
C SER C 205 51.80 24.34 20.87
N ILE C 206 51.86 23.64 22.02
CA ILE C 206 52.95 23.75 23.00
C ILE C 206 54.08 22.78 22.61
N ARG C 207 53.67 21.61 22.10
CA ARG C 207 54.52 20.42 21.93
C ARG C 207 55.32 20.41 20.63
N PHE C 208 54.76 20.98 19.54
CA PHE C 208 55.55 21.30 18.29
C PHE C 208 56.76 22.24 18.45
N PRO C 209 56.60 23.47 19.03
CA PRO C 209 57.73 24.40 19.17
C PRO C 209 58.77 23.94 20.15
N SER C 210 58.34 23.16 21.14
CA SER C 210 59.25 22.45 21.99
C SER C 210 60.10 21.44 21.20
N ALA C 211 59.45 20.57 20.44
CA ALA C 211 60.13 19.57 19.61
C ALA C 211 61.04 20.15 18.50
N PHE C 212 60.60 21.25 17.88
CA PHE C 212 61.25 21.78 16.67
C PHE C 212 62.43 22.67 17.05
N CYS C 213 62.36 23.28 18.23
CA CYS C 213 63.43 24.14 18.71
C CYS C 213 64.23 23.51 19.83
N GLY C 214 63.86 22.29 20.19
CA GLY C 214 64.64 21.46 21.08
C GLY C 214 64.60 21.92 22.49
N ILE C 215 63.43 22.41 22.91
CA ILE C 215 63.15 22.68 24.31
C ILE C 215 62.08 21.73 24.90
N CYS C 216 61.81 21.88 26.21
CA CYS C 216 60.74 21.14 26.90
C CYS C 216 59.39 21.89 26.94
N GLY C 217 58.30 21.13 26.97
CA GLY C 217 56.97 21.65 27.23
C GLY C 217 56.03 20.63 27.83
N LEU C 218 55.18 21.08 28.74
CA LEU C 218 54.04 20.28 29.24
C LEU C 218 52.67 20.89 28.81
N LYS C 219 51.83 20.07 28.17
CA LYS C 219 50.39 20.34 28.08
C LYS C 219 49.66 19.57 29.20
N PRO C 220 49.23 20.27 30.24
CA PRO C 220 48.40 19.69 31.29
C PRO C 220 46.99 19.23 30.80
N THR C 221 46.21 18.62 31.73
CA THR C 221 44.76 18.47 31.60
C THR C 221 44.14 19.83 31.36
N GLY C 222 43.14 19.86 30.46
CA GLY C 222 42.34 21.03 30.13
C GLY C 222 42.10 22.01 31.28
N ASN C 223 41.40 21.55 32.31
CA ASN C 223 40.98 22.41 33.40
C ASN C 223 41.97 22.48 34.61
N ARG C 224 43.22 22.02 34.42
CA ARG C 224 44.24 22.04 35.50
C ARG C 224 44.76 23.45 35.78
N LEU C 225 44.68 24.30 34.78
CA LEU C 225 45.02 25.70 34.92
C LEU C 225 43.91 26.58 34.33
N SER C 226 43.92 27.87 34.65
CA SER C 226 42.85 28.80 34.22
C SER C 226 43.01 29.36 32.81
N LYS C 227 41.88 29.43 32.11
CA LYS C 227 41.82 29.94 30.77
C LYS C 227 41.08 31.28 30.70
N SER C 228 41.05 32.03 31.82
CA SER C 228 40.04 33.09 32.03
C SER C 228 40.17 34.28 31.05
N GLY C 229 41.36 34.86 30.95
CA GLY C 229 41.58 35.96 30.02
C GLY C 229 42.33 35.57 28.76
N LEU C 230 42.03 34.41 28.23
CA LEU C 230 42.74 33.87 27.08
C LEU C 230 42.00 34.18 25.84
N LYS C 231 42.65 34.94 24.95
CA LYS C 231 42.10 35.27 23.65
C LYS C 231 42.20 34.06 22.73
N GLY C 232 41.06 33.64 22.18
CA GLY C 232 41.02 32.70 21.07
C GLY C 232 40.09 33.22 20.01
N CYS C 233 40.21 32.75 18.78
CA CYS C 233 39.40 33.33 17.76
C CYS C 233 37.98 32.70 17.60
N VAL C 234 37.84 31.45 18.01
CA VAL C 234 36.51 30.82 18.22
C VAL C 234 36.33 30.23 19.66
N TYR C 235 35.19 30.56 20.27
CA TYR C 235 34.90 30.20 21.67
C TYR C 235 33.72 29.24 21.79
N GLY C 236 33.72 28.46 22.87
CA GLY C 236 32.56 27.65 23.21
C GLY C 236 32.55 26.24 22.67
N GLN C 237 33.46 25.93 21.75
CA GLN C 237 33.69 24.55 21.37
C GLN C 237 34.36 23.82 22.53
N THR C 238 33.65 22.79 23.03
CA THR C 238 34.00 22.14 24.30
C THR C 238 34.50 20.71 24.17
N ALA C 239 34.26 20.06 23.04
CA ALA C 239 34.86 18.74 22.76
C ALA C 239 36.16 19.00 22.05
N VAL C 240 37.22 18.28 22.41
CA VAL C 240 38.65 18.68 22.13
C VAL C 240 39.05 19.92 22.91
N GLN C 241 39.98 19.72 23.83
CA GLN C 241 40.14 20.60 24.97
C GLN C 241 41.37 21.41 24.82
N LEU C 242 41.18 22.72 24.86
CA LEU C 242 42.28 23.65 25.02
C LEU C 242 42.93 23.46 26.40
N SER C 243 44.25 23.46 26.43
CA SER C 243 45.00 23.60 27.66
C SER C 243 46.15 24.57 27.47
N LEU C 244 46.64 25.08 28.56
CA LEU C 244 47.79 25.93 28.56
C LEU C 244 48.80 25.37 29.55
N GLY C 245 50.09 25.66 29.31
CA GLY C 245 51.14 25.12 30.14
C GLY C 245 52.54 25.64 29.84
N PRO C 246 53.54 25.17 30.63
CA PRO C 246 54.86 25.79 30.66
C PRO C 246 55.74 25.39 29.47
N MET C 247 56.71 26.23 29.14
CA MET C 247 57.74 25.92 28.15
C MET C 247 59.11 26.38 28.65
N ALA C 248 60.13 25.50 28.58
CA ALA C 248 61.47 25.77 29.16
C ALA C 248 62.62 24.95 28.57
N ARG C 249 63.85 25.21 29.04
CA ARG C 249 65.07 24.46 28.62
C ARG C 249 65.38 23.22 29.44
N ASP C 250 64.69 23.07 30.57
CA ASP C 250 64.73 21.81 31.35
C ASP C 250 63.35 21.47 31.91
N VAL C 251 63.09 20.19 32.19
CA VAL C 251 61.78 19.76 32.76
C VAL C 251 61.49 20.24 34.22
N GLU C 252 62.56 20.58 34.94
CA GLU C 252 62.52 21.07 36.31
C GLU C 252 61.93 22.47 36.45
N SER C 253 61.99 23.26 35.36
CA SER C 253 61.39 24.59 35.29
C SER C 253 59.93 24.52 35.04
N LEU C 254 59.50 23.45 34.40
CA LEU C 254 58.12 23.21 34.11
C LEU C 254 57.42 22.81 35.37
N ALA C 255 58.10 22.00 36.18
CA ALA C 255 57.63 21.66 37.50
C ALA C 255 57.61 22.91 38.43
N LEU C 256 58.65 23.75 38.33
CA LEU C 256 58.71 25.02 39.05
C LEU C 256 57.57 25.96 38.64
N CYS C 257 57.25 25.98 37.34
CA CYS C 257 56.15 26.79 36.85
C CYS C 257 54.82 26.31 37.32
N LEU C 258 54.63 24.99 37.29
CA LEU C 258 53.39 24.38 37.69
C LEU C 258 53.11 24.60 39.16
N LYS C 259 54.14 24.41 39.99
CA LYS C 259 54.07 24.54 41.45
C LYS C 259 53.80 25.98 41.88
N ALA C 260 54.40 26.92 41.16
CA ALA C 260 54.15 28.34 41.33
C ALA C 260 52.74 28.73 40.96
N LEU C 261 52.23 28.17 39.87
CA LEU C 261 50.92 28.49 39.37
C LEU C 261 49.80 27.85 40.17
N LEU C 262 50.08 26.70 40.78
CA LEU C 262 49.05 25.91 41.48
C LEU C 262 48.98 26.21 42.99
N CYS C 263 48.72 27.47 43.28
CA CYS C 263 48.74 27.98 44.65
C CYS C 263 47.35 28.53 44.92
N GLU C 264 47.10 28.96 46.15
CA GLU C 264 45.78 29.49 46.57
C GLU C 264 45.34 30.78 45.83
N HIS C 265 46.33 31.56 45.32
CA HIS C 265 46.11 32.69 44.37
C HIS C 265 45.33 32.32 43.12
N LEU C 266 45.73 31.24 42.45
CA LEU C 266 45.01 30.75 41.27
C LEU C 266 43.60 30.30 41.63
N PHE C 267 43.48 29.49 42.67
CA PHE C 267 42.22 28.86 43.05
C PHE C 267 41.14 29.82 43.55
N THR C 268 41.58 31.04 43.96
CA THR C 268 40.70 32.15 44.39
C THR C 268 40.19 33.04 43.24
N LEU C 269 41.10 33.56 42.38
CA LEU C 269 40.70 34.13 41.07
C LEU C 269 40.57 33.04 40.00
N ASP C 270 39.32 32.61 39.73
CA ASP C 270 38.93 31.30 39.06
C ASP C 270 38.61 30.09 39.96
N PRO C 271 37.51 30.15 40.75
CA PRO C 271 36.99 28.94 41.40
C PRO C 271 36.42 27.84 40.47
N THR C 272 36.53 27.98 39.13
CA THR C 272 36.18 26.89 38.21
C THR C 272 37.28 25.83 38.01
N VAL C 273 38.54 26.23 38.19
CA VAL C 273 39.66 25.29 38.13
C VAL C 273 39.67 24.57 39.46
N PRO C 274 39.70 23.23 39.45
CA PRO C 274 39.67 22.47 40.71
C PRO C 274 40.95 22.68 41.58
N PRO C 275 40.79 22.99 42.89
CA PRO C 275 41.93 23.43 43.70
C PRO C 275 42.87 22.29 44.13
N LEU C 276 43.51 21.67 43.13
CA LEU C 276 44.58 20.67 43.32
C LEU C 276 45.99 21.32 43.28
N PRO C 277 46.70 21.32 44.42
CA PRO C 277 48.07 21.83 44.45
C PRO C 277 49.09 20.79 43.92
N PHE C 278 50.31 21.22 43.64
CA PHE C 278 51.32 20.40 42.99
C PHE C 278 51.92 19.39 43.96
N ARG C 279 51.79 18.11 43.66
CA ARG C 279 52.16 17.06 44.61
C ARG C 279 53.62 16.68 44.46
N GLU C 280 54.45 17.18 45.38
CA GLU C 280 55.92 17.04 45.36
C GLU C 280 56.41 15.59 45.46
N GLU C 281 55.73 14.82 46.32
CA GLU C 281 56.00 13.41 46.58
C GLU C 281 55.93 12.52 45.32
N VAL C 282 55.01 12.87 44.42
CA VAL C 282 54.76 12.12 43.21
C VAL C 282 55.82 12.49 42.17
N TYR C 283 56.10 13.78 42.04
CA TYR C 283 57.14 14.28 41.14
C TYR C 283 58.60 13.84 41.52
N ARG C 284 58.91 13.79 42.83
CA ARG C 284 60.28 13.42 43.29
C ARG C 284 60.49 11.90 43.43
N SER C 285 59.40 11.13 43.27
CA SER C 285 59.40 9.66 43.39
C SER C 285 60.33 8.97 42.40
N SER C 286 61.05 7.98 42.90
CA SER C 286 62.01 7.22 42.10
C SER C 286 61.69 5.72 42.08
N ARG C 287 60.50 5.36 42.59
CA ARG C 287 59.93 4.03 42.44
C ARG C 287 59.71 3.76 40.94
N PRO C 288 60.10 2.55 40.46
CA PRO C 288 60.13 2.30 39.00
C PRO C 288 58.71 2.22 38.37
N LEU C 289 58.64 2.57 37.09
CA LEU C 289 57.39 2.75 36.37
C LEU C 289 57.11 1.57 35.46
N ARG C 290 55.83 1.37 35.17
CA ARG C 290 55.41 0.61 34.01
C ARG C 290 55.15 1.63 32.91
N VAL C 291 55.94 1.53 31.85
CA VAL C 291 55.95 2.53 30.78
C VAL C 291 55.41 1.89 29.49
N GLY C 292 54.23 2.35 29.05
CA GLY C 292 53.71 1.94 27.76
C GLY C 292 54.44 2.62 26.62
N TYR C 293 54.52 1.97 25.47
CA TYR C 293 55.18 2.55 24.28
C TYR C 293 54.58 2.04 22.95
N TYR C 294 54.73 2.84 21.90
CA TYR C 294 54.59 2.36 20.53
C TYR C 294 55.57 3.07 19.65
N GLU C 295 55.96 2.44 18.54
CA GLU C 295 56.89 3.07 17.56
C GLU C 295 56.21 3.94 16.50
N THR C 296 54.90 3.77 16.34
CA THR C 296 54.09 4.51 15.36
C THR C 296 52.62 4.49 15.73
N ASP C 297 51.87 5.50 15.28
CA ASP C 297 50.39 5.51 15.44
C ASP C 297 49.61 4.85 14.28
N ASN C 298 50.36 4.36 13.27
CA ASN C 298 49.84 3.78 12.01
C ASN C 298 49.04 4.74 11.15
N TYR C 299 49.29 6.03 11.34
CA TYR C 299 48.59 7.06 10.64
C TYR C 299 49.59 8.00 9.96
N THR C 300 50.33 8.77 10.77
CA THR C 300 51.50 9.51 10.29
C THR C 300 52.65 8.59 10.43
N MET C 301 53.34 8.37 9.31
CA MET C 301 54.58 7.62 9.31
C MET C 301 55.69 8.43 10.04
N PRO C 302 56.34 7.80 11.04
CA PRO C 302 57.49 8.41 11.69
C PRO C 302 58.69 8.57 10.77
N SER C 303 59.45 9.66 10.93
CA SER C 303 60.78 9.78 10.32
C SER C 303 61.76 8.70 10.89
N PRO C 304 62.81 8.32 10.11
CA PRO C 304 64.00 7.64 10.66
C PRO C 304 64.54 8.29 11.96
N ALA C 305 64.67 9.64 11.97
CA ALA C 305 64.96 10.44 13.18
C ALA C 305 64.05 10.13 14.40
N MET C 306 62.74 10.24 14.20
CA MET C 306 61.69 9.88 15.19
C MET C 306 61.82 8.51 15.80
N ARG C 307 61.94 7.50 14.92
CA ARG C 307 61.96 6.07 15.28
C ARG C 307 63.14 5.75 16.16
N ARG C 308 64.31 6.29 15.79
CA ARG C 308 65.59 6.06 16.48
C ARG C 308 65.57 6.71 17.85
N ALA C 309 64.98 7.92 17.92
CA ALA C 309 64.70 8.58 19.19
C ALA C 309 63.77 7.76 20.08
N LEU C 310 62.69 7.21 19.53
CA LEU C 310 61.71 6.47 20.35
C LEU C 310 62.29 5.19 20.91
N ILE C 311 63.16 4.55 20.14
CA ILE C 311 63.69 3.23 20.44
C ILE C 311 64.92 3.31 21.37
N GLU C 312 65.66 4.42 21.30
CA GLU C 312 66.86 4.58 22.10
C GLU C 312 66.54 4.92 23.52
N THR C 313 65.52 5.78 23.75
CA THR C 313 65.04 6.06 25.11
C THR C 313 64.30 4.90 25.74
N LYS C 314 63.68 4.06 24.90
CA LYS C 314 63.05 2.80 25.33
C LYS C 314 64.08 1.85 25.95
N GLN C 315 65.25 1.78 25.30
CA GLN C 315 66.38 0.93 25.71
C GLN C 315 67.02 1.37 27.04
N ARG C 316 67.13 2.69 27.23
CA ARG C 316 67.75 3.28 28.41
C ARG C 316 66.83 3.23 29.61
N LEU C 317 65.51 3.34 29.35
CA LEU C 317 64.49 3.17 30.39
C LEU C 317 64.45 1.73 30.92
N GLU C 318 64.70 0.76 30.02
CA GLU C 318 64.85 -0.66 30.39
C GLU C 318 66.06 -0.91 31.27
N ALA C 319 67.19 -0.33 30.86
CA ALA C 319 68.47 -0.44 31.57
C ALA C 319 68.49 0.26 32.95
N ALA C 320 67.66 1.31 33.09
CA ALA C 320 67.44 2.00 34.38
C ALA C 320 66.43 1.27 35.32
N GLY C 321 65.78 0.24 34.79
CA GLY C 321 65.00 -0.69 35.59
C GLY C 321 63.49 -0.67 35.35
N HIS C 322 63.04 0.18 34.42
CA HIS C 322 61.61 0.28 34.09
C HIS C 322 61.16 -0.79 33.13
N THR C 323 59.87 -1.09 33.16
CA THR C 323 59.33 -2.17 32.34
C THR C 323 58.47 -1.63 31.20
N LEU C 324 58.85 -1.98 29.97
CA LEU C 324 58.41 -1.27 28.78
C LEU C 324 57.47 -2.15 27.99
N ILE C 325 56.22 -1.70 27.86
CA ILE C 325 55.11 -2.55 27.43
C ILE C 325 54.52 -2.02 26.12
N PRO C 326 54.45 -2.88 25.09
CA PRO C 326 53.77 -2.51 23.84
C PRO C 326 52.29 -2.23 24.09
N PHE C 327 51.89 -1.00 23.76
CA PHE C 327 50.55 -0.48 24.02
C PHE C 327 50.23 0.48 22.94
N LEU C 328 48.97 0.41 22.48
CA LEU C 328 48.44 1.37 21.51
C LEU C 328 47.00 1.69 21.85
N PRO C 329 46.66 2.99 21.95
CA PRO C 329 45.24 3.40 22.05
C PRO C 329 44.39 2.90 20.83
N ASN C 330 43.32 2.11 21.13
CA ASN C 330 42.36 1.59 20.12
C ASN C 330 41.75 2.69 19.26
N ASN C 331 41.32 2.33 18.06
CA ASN C 331 40.56 3.20 17.16
C ASN C 331 41.12 4.62 16.87
N ILE C 332 42.46 4.76 16.89
CA ILE C 332 43.13 6.01 16.51
C ILE C 332 42.51 6.75 15.29
N PRO C 333 42.37 6.11 14.05
CA PRO C 333 41.85 6.85 12.88
C PRO C 333 40.41 7.36 13.06
N TYR C 334 39.60 6.66 13.89
CA TYR C 334 38.26 7.12 14.28
C TYR C 334 38.32 8.33 15.19
N ALA C 335 39.22 8.30 16.17
CA ALA C 335 39.41 9.42 17.09
C ALA C 335 39.96 10.67 16.37
N LEU C 336 40.86 10.46 15.42
CA LEU C 336 41.38 11.56 14.61
C LEU C 336 40.36 12.14 13.66
N GLU C 337 39.78 11.27 12.82
CA GLU C 337 39.00 11.74 11.67
C GLU C 337 37.61 12.14 12.02
N VAL C 338 36.93 11.34 12.83
CA VAL C 338 35.58 11.70 13.23
C VAL C 338 35.49 12.46 14.56
N LEU C 339 36.25 12.04 15.58
CA LEU C 339 36.20 12.73 16.87
C LEU C 339 37.00 14.05 16.95
N SER C 340 38.29 14.03 16.58
CA SER C 340 39.15 15.25 16.65
C SER C 340 38.80 16.28 15.57
N ALA C 341 38.87 15.85 14.30
CA ALA C 341 38.57 16.71 13.16
C ALA C 341 37.13 17.18 13.17
N GLY C 342 36.23 16.31 13.63
CA GLY C 342 34.82 16.65 13.76
C GLY C 342 34.50 17.65 14.85
N GLY C 343 35.06 17.45 16.05
CA GLY C 343 34.87 18.35 17.17
C GLY C 343 35.38 19.75 16.96
N LEU C 344 36.51 19.87 16.27
CA LEU C 344 37.11 21.15 15.88
C LEU C 344 36.31 21.91 14.80
N PHE C 345 35.53 21.16 14.00
CA PHE C 345 34.81 21.68 12.82
C PHE C 345 33.30 21.31 12.77
N SER C 346 32.65 21.19 13.95
CA SER C 346 31.22 20.82 14.05
C SER C 346 30.24 21.71 13.26
N ASP C 347 30.61 22.98 13.10
CA ASP C 347 29.72 24.03 12.59
C ASP C 347 30.01 24.38 11.14
N GLY C 348 31.02 23.71 10.56
CA GLY C 348 31.38 23.89 9.16
C GLY C 348 32.57 24.78 8.98
N GLY C 349 32.95 25.40 10.08
CA GLY C 349 34.04 26.32 10.10
C GLY C 349 33.58 27.74 10.07
N ARG C 350 32.27 27.98 10.24
CA ARG C 350 31.66 29.31 10.04
C ARG C 350 32.21 30.31 11.01
N SER C 351 32.09 29.99 12.31
CA SER C 351 32.67 30.76 13.43
C SER C 351 34.14 31.15 13.24
N PHE C 352 34.93 30.22 12.72
CA PHE C 352 36.35 30.42 12.46
C PHE C 352 36.51 31.45 11.33
N LEU C 353 35.71 31.27 10.29
CA LEU C 353 35.84 32.00 9.03
C LEU C 353 35.38 33.45 9.15
N GLN C 354 34.56 33.73 10.17
CA GLN C 354 34.18 35.09 10.56
C GLN C 354 35.35 35.99 10.87
N ASN C 355 36.41 35.44 11.45
CA ASN C 355 37.67 36.16 11.71
C ASN C 355 38.43 36.65 10.48
N PHE C 356 38.06 36.13 9.31
CA PHE C 356 38.84 36.33 8.07
C PHE C 356 38.18 37.27 7.05
N LYS C 357 37.00 37.79 7.43
CA LYS C 357 36.29 38.84 6.67
C LYS C 357 37.18 40.06 6.49
N GLY C 358 37.44 40.41 5.23
CA GLY C 358 38.27 41.54 4.87
C GLY C 358 39.77 41.45 5.17
N ASP C 359 40.24 40.30 5.67
CA ASP C 359 41.67 40.08 5.93
C ASP C 359 42.34 39.24 4.84
N PHE C 360 43.65 39.47 4.68
CA PHE C 360 44.57 38.56 3.97
C PHE C 360 44.57 37.20 4.62
N VAL C 361 44.73 36.16 3.81
CA VAL C 361 45.21 34.86 4.31
C VAL C 361 46.71 34.69 4.12
N ASP C 362 47.36 34.24 5.18
CA ASP C 362 48.76 34.01 5.18
C ASP C 362 49.03 32.71 4.47
N PRO C 363 50.05 32.72 3.57
CA PRO C 363 50.57 31.51 2.89
C PRO C 363 50.74 30.25 3.78
N CYS C 364 51.12 30.43 5.05
CA CYS C 364 51.33 29.34 5.98
C CYS C 364 50.03 28.62 6.43
N LEU C 365 48.89 29.28 6.22
CA LEU C 365 47.59 28.67 6.50
C LEU C 365 47.10 27.73 5.40
N GLY C 366 47.79 27.77 4.23
CA GLY C 366 47.58 26.83 3.15
C GLY C 366 46.25 27.09 2.49
N ASP C 367 45.62 26.00 2.04
CA ASP C 367 44.35 26.10 1.35
C ASP C 367 43.13 25.97 2.24
N LEU C 368 43.36 25.92 3.57
CA LEU C 368 42.33 25.63 4.59
C LEU C 368 41.12 26.55 4.54
N ILE C 369 41.39 27.86 4.42
CA ILE C 369 40.36 28.91 4.31
C ILE C 369 39.53 28.77 3.03
N LEU C 370 40.21 28.51 1.90
CA LEU C 370 39.54 28.20 0.60
C LEU C 370 38.59 26.99 0.72
N ILE C 371 39.07 25.93 1.37
CA ILE C 371 38.34 24.68 1.50
C ILE C 371 37.10 24.78 2.46
N LEU C 372 37.26 25.48 3.59
CA LEU C 372 36.14 25.76 4.54
C LEU C 372 35.01 26.62 3.93
N ARG C 373 35.39 27.52 3.03
CA ARG C 373 34.46 28.42 2.33
C ARG C 373 33.60 27.74 1.25
N LEU C 374 34.00 26.53 0.83
CA LEU C 374 33.26 25.74 -0.18
C LEU C 374 31.85 25.37 0.33
N PRO C 375 30.83 25.34 -0.56
CA PRO C 375 29.48 25.02 -0.14
C PRO C 375 29.34 23.58 0.32
N SER C 376 28.33 23.32 1.13
CA SER C 376 28.26 22.10 1.91
C SER C 376 28.03 20.88 1.04
N TRP C 377 27.21 21.06 -0.01
CA TRP C 377 26.98 20.03 -1.02
C TRP C 377 28.29 19.60 -1.76
N PHE C 378 29.17 20.58 -1.99
CA PHE C 378 30.42 20.38 -2.74
C PHE C 378 31.47 19.73 -1.88
N LYS C 379 31.37 19.97 -0.57
CA LYS C 379 32.26 19.33 0.39
C LYS C 379 31.99 17.84 0.44
N ARG C 380 30.69 17.47 0.57
CA ARG C 380 30.22 16.05 0.53
C ARG C 380 30.49 15.35 -0.82
N LEU C 381 30.42 16.12 -1.92
CA LEU C 381 30.72 15.59 -3.25
C LEU C 381 32.16 15.17 -3.40
N LEU C 382 33.10 16.09 -3.10
CA LEU C 382 34.54 15.81 -3.18
C LEU C 382 34.90 14.67 -2.25
N SER C 383 34.27 14.67 -1.07
CA SER C 383 34.40 13.60 -0.08
C SER C 383 34.04 12.25 -0.67
N LEU C 384 32.83 12.12 -1.22
CA LEU C 384 32.42 10.82 -1.75
C LEU C 384 33.06 10.43 -3.12
N LEU C 385 33.64 11.42 -3.81
CA LEU C 385 34.49 11.20 -4.98
C LEU C 385 35.93 10.80 -4.66
N LEU C 386 36.35 11.00 -3.41
CA LEU C 386 37.75 10.74 -2.97
C LEU C 386 37.93 9.45 -2.15
N LYS C 387 36.86 8.98 -1.47
CA LYS C 387 36.92 7.80 -0.57
C LYS C 387 37.59 6.48 -1.07
N PRO C 388 37.43 6.06 -2.35
CA PRO C 388 38.23 4.93 -2.87
C PRO C 388 39.75 5.22 -3.04
N LEU C 389 40.10 6.40 -3.54
CA LEU C 389 41.48 6.73 -3.87
C LEU C 389 42.25 7.19 -2.64
N PHE C 390 41.70 8.19 -1.95
CA PHE C 390 42.41 9.00 -0.98
C PHE C 390 41.58 9.17 0.32
N PRO C 391 41.40 8.11 1.11
CA PRO C 391 40.35 8.08 2.16
C PRO C 391 40.54 9.09 3.34
N ARG C 392 41.78 9.53 3.55
CA ARG C 392 42.18 10.46 4.60
C ARG C 392 41.60 11.84 4.36
N LEU C 393 41.88 12.37 3.16
CA LEU C 393 41.41 13.67 2.72
C LEU C 393 39.90 13.69 2.52
N ALA C 394 39.35 12.51 2.21
CA ALA C 394 37.92 12.28 2.12
C ALA C 394 37.27 12.51 3.47
N ALA C 395 37.88 11.92 4.50
CA ALA C 395 37.47 12.09 5.92
C ALA C 395 37.69 13.50 6.46
N PHE C 396 38.72 14.19 5.93
CA PHE C 396 39.03 15.59 6.24
C PHE C 396 37.88 16.49 5.82
N LEU C 397 37.42 16.31 4.58
CA LEU C 397 36.30 17.06 4.06
C LEU C 397 34.96 16.64 4.66
N ASN C 398 34.86 15.37 5.05
CA ASN C 398 33.64 14.88 5.70
C ASN C 398 33.38 15.45 7.12
N SER C 399 34.44 15.93 7.79
CA SER C 399 34.35 16.48 9.14
C SER C 399 34.12 18.00 9.15
N MET C 400 34.37 18.63 8.00
CA MET C 400 34.07 20.05 7.75
C MET C 400 32.62 20.31 7.41
N ARG C 401 31.83 19.24 7.35
CA ARG C 401 30.41 19.33 7.13
C ARG C 401 29.73 19.92 8.42
N PRO C 402 28.77 20.86 8.24
CA PRO C 402 28.07 21.48 9.38
C PRO C 402 27.04 20.54 10.00
N ARG C 403 26.98 20.51 11.34
CA ARG C 403 26.09 19.60 12.10
C ARG C 403 25.02 20.37 12.86
N SER C 404 23.89 19.70 13.10
CA SER C 404 22.89 20.08 14.13
C SER C 404 23.40 19.90 15.58
N ALA C 405 22.78 20.59 16.54
CA ALA C 405 23.04 20.37 17.99
C ALA C 405 22.82 18.93 18.46
N GLU C 406 21.81 18.26 17.88
CA GLU C 406 21.61 16.78 18.01
C GLU C 406 22.88 15.98 17.72
N LYS C 407 23.56 16.39 16.65
CA LYS C 407 24.74 15.72 16.17
C LYS C 407 26.02 16.06 16.97
N LEU C 408 26.11 17.28 17.52
CA LEU C 408 27.23 17.66 18.42
C LEU C 408 27.17 16.86 19.69
N TRP C 409 25.95 16.71 20.24
CA TRP C 409 25.69 15.94 21.46
C TRP C 409 26.12 14.51 21.33
N LYS C 410 25.68 13.85 20.24
CA LYS C 410 26.15 12.51 19.85
C LYS C 410 27.69 12.39 19.73
N LEU C 411 28.35 13.41 19.18
CA LEU C 411 29.83 13.45 19.16
C LEU C 411 30.51 13.72 20.52
N GLN C 412 29.87 14.52 21.39
CA GLN C 412 30.38 14.79 22.75
C GLN C 412 30.30 13.53 23.66
N HIS C 413 29.27 12.73 23.43
CA HIS C 413 29.13 11.44 24.08
C HIS C 413 30.10 10.38 23.52
N GLU C 414 30.35 10.44 22.24
CA GLU C 414 31.34 9.59 21.61
C GLU C 414 32.77 9.89 22.14
N ILE C 415 33.08 11.19 22.29
CA ILE C 415 34.34 11.66 22.88
C ILE C 415 34.55 11.25 24.36
N GLU C 416 33.50 11.33 25.19
CA GLU C 416 33.59 10.77 26.55
C GLU C 416 33.74 9.22 26.62
N MET C 417 33.12 8.51 25.66
CA MET C 417 33.16 7.04 25.62
C MET C 417 34.47 6.49 25.14
N TYR C 418 35.09 7.21 24.20
CA TYR C 418 36.41 6.88 23.71
C TYR C 418 37.46 7.12 24.78
N ARG C 419 37.33 8.25 25.51
CA ARG C 419 38.17 8.58 26.66
C ARG C 419 38.13 7.54 27.74
N GLN C 420 36.91 7.08 28.08
CA GLN C 420 36.68 6.01 29.02
C GLN C 420 37.31 4.68 28.55
N SER C 421 37.21 4.40 27.26
CA SER C 421 37.71 3.13 26.69
C SER C 421 39.25 3.02 26.58
N VAL C 422 39.94 4.16 26.35
CA VAL C 422 41.42 4.18 26.39
C VAL C 422 41.91 4.03 27.83
N ILE C 423 41.27 4.74 28.77
CA ILE C 423 41.47 4.50 30.23
C ILE C 423 41.33 3.00 30.67
N ALA C 424 40.35 2.29 30.15
CA ALA C 424 40.15 0.84 30.46
C ALA C 424 41.27 -0.04 29.89
N GLN C 425 41.76 0.31 28.71
CA GLN C 425 42.93 -0.35 28.06
C GLN C 425 44.20 -0.15 28.87
N TRP C 426 44.37 1.07 29.37
CA TRP C 426 45.52 1.53 30.12
C TRP C 426 45.65 0.77 31.42
N LYS C 427 44.51 0.56 32.11
CA LYS C 427 44.47 -0.17 33.39
C LYS C 427 44.53 -1.68 33.20
N ALA C 428 44.20 -2.15 31.99
CA ALA C 428 44.34 -3.56 31.63
C ALA C 428 45.80 -3.95 31.45
N MET C 429 46.62 -2.98 31.08
CA MET C 429 48.05 -3.18 30.92
C MET C 429 48.80 -2.62 32.09
N ASN C 430 48.03 -2.06 33.03
CA ASN C 430 48.53 -1.43 34.27
C ASN C 430 49.66 -0.40 34.14
N LEU C 431 49.54 0.46 33.12
CA LEU C 431 50.51 1.51 32.85
C LEU C 431 50.47 2.57 33.91
N ASP C 432 51.61 3.18 34.15
CA ASP C 432 51.65 4.39 34.94
C ASP C 432 51.72 5.59 34.02
N VAL C 433 52.28 5.37 32.84
CA VAL C 433 52.79 6.43 31.99
C VAL C 433 52.94 5.91 30.54
N LEU C 434 53.03 6.84 29.57
CA LEU C 434 53.09 6.47 28.15
C LEU C 434 54.20 7.18 27.35
N LEU C 435 54.89 6.39 26.51
CA LEU C 435 55.97 6.90 25.64
C LEU C 435 55.60 6.85 24.15
N THR C 436 55.82 7.95 23.44
CA THR C 436 55.18 8.23 22.16
C THR C 436 56.19 8.98 21.27
N PRO C 437 56.27 8.60 19.98
CA PRO C 437 57.02 9.41 19.00
C PRO C 437 56.44 10.81 18.90
N MET C 438 57.31 11.78 18.69
CA MET C 438 56.89 13.13 18.55
C MET C 438 57.34 13.61 17.18
N LEU C 439 56.40 14.18 16.43
CA LEU C 439 56.63 14.72 15.09
C LEU C 439 58.02 15.33 14.94
N GLY C 440 58.80 14.72 14.03
CA GLY C 440 60.27 14.69 14.04
C GLY C 440 61.01 15.98 13.84
N PRO C 441 61.94 16.02 12.87
CA PRO C 441 62.71 17.25 12.62
C PRO C 441 61.78 18.32 12.12
N ALA C 442 62.10 19.57 12.45
CA ALA C 442 61.31 20.73 12.02
C ALA C 442 61.05 20.69 10.54
N LEU C 443 59.80 20.93 10.18
CA LEU C 443 59.37 20.95 8.78
C LEU C 443 59.94 22.24 8.09
N ASP C 444 59.98 22.22 6.75
CA ASP C 444 60.42 23.38 5.94
C ASP C 444 59.46 24.53 6.14
N LEU C 445 59.80 25.72 5.64
CA LEU C 445 59.09 26.93 6.05
C LEU C 445 57.56 26.96 5.83
N ASN C 446 57.07 27.00 4.59
CA ASN C 446 55.60 27.09 4.40
C ASN C 446 54.85 25.76 4.19
N THR C 447 55.14 24.78 5.06
CA THR C 447 54.75 23.35 4.87
C THR C 447 53.75 22.65 5.87
N PRO C 448 53.65 23.07 7.16
CA PRO C 448 52.62 22.52 8.05
C PRO C 448 51.19 22.70 7.58
N GLY C 449 50.91 23.78 6.83
CA GLY C 449 49.63 23.96 6.16
C GLY C 449 49.26 22.89 5.13
N ARG C 450 50.27 22.35 4.46
CA ARG C 450 50.06 21.31 3.49
C ARG C 450 50.30 19.92 4.06
N ALA C 451 50.41 19.80 5.39
CA ALA C 451 50.61 18.47 6.02
C ALA C 451 49.77 18.23 7.29
N THR C 452 48.44 18.39 7.18
CA THR C 452 47.48 18.28 8.33
C THR C 452 47.39 16.88 9.00
N GLY C 453 47.80 15.83 8.29
CA GLY C 453 47.87 14.47 8.85
C GLY C 453 48.92 14.27 9.91
N ALA C 454 49.96 15.12 9.87
CA ALA C 454 51.09 15.07 10.81
C ALA C 454 50.77 15.39 12.33
N ILE C 455 49.66 16.08 12.60
CA ILE C 455 49.25 16.39 13.98
C ILE C 455 48.59 15.26 14.74
N SER C 456 48.49 14.10 14.11
CA SER C 456 47.87 12.89 14.67
C SER C 456 48.54 12.38 15.95
N TYR C 457 49.85 12.55 16.02
CA TYR C 457 50.62 12.19 17.20
C TYR C 457 50.29 13.01 18.47
N THR C 458 49.97 14.29 18.28
CA THR C 458 49.67 15.19 19.39
C THR C 458 48.18 15.40 19.67
N VAL C 459 47.36 15.51 18.60
CA VAL C 459 45.92 15.84 18.73
C VAL C 459 45.09 14.77 19.41
N LEU C 460 45.61 13.52 19.39
CA LEU C 460 44.99 12.38 20.06
C LEU C 460 44.79 12.62 21.55
N TYR C 461 45.69 13.40 22.14
CA TYR C 461 45.74 13.61 23.57
C TYR C 461 45.13 14.93 24.01
N ASN C 462 44.87 15.81 23.03
CA ASN C 462 43.85 16.84 23.19
C ASN C 462 42.45 16.30 23.16
N CYS C 463 42.24 15.26 22.31
CA CYS C 463 40.96 14.55 22.18
C CYS C 463 40.66 13.78 23.46
N LEU C 464 41.68 13.16 24.01
CA LEU C 464 41.57 12.30 25.15
C LEU C 464 41.69 13.13 26.42
N ASP C 465 42.23 14.35 26.27
CA ASP C 465 42.46 15.28 27.38
C ASP C 465 43.31 14.61 28.44
N PHE C 466 44.51 14.25 28.01
CA PHE C 466 45.50 13.57 28.83
C PHE C 466 46.64 14.56 28.92
N PRO C 467 47.34 14.63 30.07
CA PRO C 467 48.59 15.37 30.16
C PRO C 467 49.61 14.78 29.22
N ALA C 468 50.22 15.64 28.43
CA ALA C 468 51.22 15.23 27.50
C ALA C 468 52.37 16.22 27.47
N GLY C 469 53.59 15.69 27.66
CA GLY C 469 54.80 16.47 27.62
C GLY C 469 55.75 16.17 26.46
N VAL C 470 56.74 17.02 26.27
CA VAL C 470 57.78 16.83 25.27
C VAL C 470 59.18 17.09 25.87
N VAL C 471 60.09 16.14 25.65
CA VAL C 471 61.47 16.33 26.04
C VAL C 471 62.42 15.96 24.89
N PRO C 472 63.32 16.89 24.51
CA PRO C 472 64.33 16.64 23.46
C PRO C 472 65.40 15.66 23.92
N VAL C 473 65.75 14.70 23.05
CA VAL C 473 66.52 13.50 23.44
C VAL C 473 67.75 13.26 22.57
N THR C 474 67.76 13.85 21.36
CA THR C 474 68.79 13.56 20.31
C THR C 474 68.73 14.59 19.16
N THR C 475 69.82 14.67 18.39
CA THR C 475 69.82 15.41 17.10
C THR C 475 69.81 14.45 15.90
N VAL C 476 69.38 14.97 14.74
CA VAL C 476 69.40 14.25 13.43
C VAL C 476 70.87 14.06 12.98
N THR C 477 71.26 12.80 12.81
CA THR C 477 72.55 12.46 12.19
C THR C 477 72.46 12.52 10.65
N ALA C 478 73.61 12.49 9.96
CA ALA C 478 73.67 12.47 8.47
C ALA C 478 73.02 11.23 7.81
N GLU C 479 72.99 10.09 8.54
CA GLU C 479 72.27 8.87 8.14
C GLU C 479 70.72 8.93 8.30
N ASP C 480 70.24 9.63 9.35
CA ASP C 480 68.78 9.89 9.57
C ASP C 480 68.20 10.68 8.39
N ASP C 481 68.95 11.70 7.96
CA ASP C 481 68.61 12.51 6.81
C ASP C 481 68.82 11.79 5.50
N ALA C 482 69.70 10.79 5.49
CA ALA C 482 69.89 9.91 4.32
C ALA C 482 68.72 8.96 4.13
N GLN C 483 68.31 8.30 5.23
CA GLN C 483 67.18 7.33 5.27
C GLN C 483 65.79 8.01 5.07
N MET C 484 65.81 9.33 4.93
CA MET C 484 64.63 10.18 4.76
C MET C 484 64.12 10.21 3.32
N GLU C 485 65.04 10.08 2.36
CA GLU C 485 64.69 9.99 0.93
C GLU C 485 63.97 8.66 0.56
N LEU C 486 64.12 7.66 1.42
CA LEU C 486 63.48 6.35 1.28
C LEU C 486 62.18 6.22 2.13
N TYR C 487 61.58 7.38 2.48
CA TYR C 487 60.34 7.45 3.27
C TYR C 487 59.11 7.42 2.33
N LYS C 488 58.27 6.40 2.52
CA LYS C 488 56.91 6.44 1.98
C LYS C 488 55.95 6.25 3.13
N GLY C 489 54.94 7.15 3.17
CA GLY C 489 53.94 7.15 4.22
C GLY C 489 52.95 6.03 4.10
N TYR C 490 52.04 5.95 5.06
CA TYR C 490 51.06 4.87 5.12
C TYR C 490 49.91 4.99 4.09
N PHE C 491 49.88 6.11 3.36
CA PHE C 491 48.69 6.55 2.66
C PHE C 491 48.98 7.00 1.26
N GLY C 492 50.23 7.46 1.03
CA GLY C 492 50.69 7.95 -0.27
C GLY C 492 50.03 9.22 -0.81
N ASP C 493 49.04 9.78 -0.07
CA ASP C 493 48.39 11.02 -0.48
C ASP C 493 49.26 12.25 -0.24
N ILE C 494 48.75 13.43 -0.63
CA ILE C 494 49.57 14.65 -0.74
C ILE C 494 50.18 15.13 0.58
N TRP C 495 49.56 14.73 1.70
CA TRP C 495 50.11 14.95 3.02
C TRP C 495 51.39 14.21 3.29
N ASP C 496 51.47 12.96 2.82
CA ASP C 496 52.71 12.17 2.89
C ASP C 496 53.85 12.79 2.07
N ILE C 497 53.55 13.24 0.83
CA ILE C 497 54.58 13.72 -0.12
C ILE C 497 55.21 15.05 0.33
N ILE C 498 54.36 16.01 0.74
CA ILE C 498 54.83 17.30 1.31
C ILE C 498 55.68 17.09 2.57
N LEU C 499 55.20 16.22 3.48
CA LEU C 499 55.96 15.82 4.69
C LEU C 499 57.33 15.16 4.40
N LYS C 500 57.37 14.25 3.40
CA LYS C 500 58.61 13.57 2.92
C LYS C 500 59.72 14.56 2.53
N LYS C 501 59.33 15.65 1.87
CA LYS C 501 60.25 16.69 1.38
C LYS C 501 60.58 17.75 2.43
N ALA C 502 59.58 18.15 3.22
CA ALA C 502 59.75 19.15 4.29
C ALA C 502 60.71 18.70 5.40
N MET C 503 60.56 17.45 5.84
CA MET C 503 61.43 16.82 6.88
C MET C 503 62.87 16.54 6.43
N LYS C 504 63.14 16.65 5.12
CA LYS C 504 64.50 16.54 4.57
C LYS C 504 65.33 17.79 4.88
N ASN C 505 66.66 17.64 4.77
CA ASN C 505 67.66 18.70 5.00
C ASN C 505 67.83 19.22 6.46
N SER C 506 68.07 18.29 7.38
CA SER C 506 67.88 18.55 8.83
C SER C 506 69.08 18.19 9.73
N VAL C 507 70.29 18.08 9.15
CA VAL C 507 71.45 17.51 9.86
C VAL C 507 71.89 18.32 11.09
N GLY C 508 71.67 17.72 12.27
CA GLY C 508 71.91 18.38 13.55
C GLY C 508 70.70 19.10 14.17
N LEU C 509 69.48 18.79 13.68
CA LEU C 509 68.24 19.34 14.25
C LEU C 509 67.68 18.47 15.35
N PRO C 510 67.18 19.09 16.44
CA PRO C 510 66.61 18.35 17.59
C PRO C 510 65.40 17.50 17.24
N VAL C 511 65.35 16.32 17.84
CA VAL C 511 64.24 15.41 17.72
C VAL C 511 63.75 15.16 19.10
N ALA C 512 62.43 15.11 19.29
CA ALA C 512 61.88 14.89 20.61
C ALA C 512 61.24 13.50 20.79
N VAL C 513 60.93 13.19 22.05
CA VAL C 513 60.07 12.10 22.45
C VAL C 513 58.92 12.68 23.31
N GLN C 514 57.73 12.06 23.22
CA GLN C 514 56.51 12.57 23.90
C GLN C 514 56.16 11.70 25.07
N CYS C 515 55.98 12.33 26.23
CA CYS C 515 55.59 11.66 27.46
C CYS C 515 54.14 12.00 27.83
N VAL C 516 53.38 10.99 28.27
CA VAL C 516 51.92 11.13 28.48
C VAL C 516 51.55 10.43 29.77
N ALA C 517 50.58 10.97 30.50
CA ALA C 517 49.98 10.28 31.66
C ALA C 517 48.44 10.42 31.68
N LEU C 518 47.81 9.81 32.69
CA LEU C 518 46.33 9.81 32.86
C LEU C 518 45.86 11.19 33.27
N PRO C 519 44.55 11.53 33.08
CA PRO C 519 44.07 12.84 33.52
C PRO C 519 44.41 13.16 34.96
N TRP C 520 44.81 14.41 35.17
CA TRP C 520 45.13 14.99 36.46
C TRP C 520 46.47 14.57 37.06
N GLN C 521 47.21 13.76 36.31
CA GLN C 521 48.51 13.25 36.72
C GLN C 521 49.60 14.02 36.01
N GLU C 522 49.56 15.35 36.14
CA GLU C 522 50.61 16.26 35.63
C GLU C 522 52.00 15.98 36.17
N GLU C 523 52.08 15.63 37.44
CA GLU C 523 53.35 15.53 38.13
C GLU C 523 53.99 14.12 38.07
N LEU C 524 53.18 13.07 37.90
CA LEU C 524 53.69 11.78 37.41
C LEU C 524 54.23 11.88 35.95
N CYS C 525 53.53 12.68 35.13
CA CYS C 525 54.00 13.02 33.77
C CYS C 525 55.35 13.76 33.81
N LEU C 526 55.49 14.69 34.75
CA LEU C 526 56.71 15.45 34.91
C LEU C 526 57.87 14.61 35.46
N ARG C 527 57.53 13.70 36.38
CA ARG C 527 58.47 12.68 36.95
C ARG C 527 59.07 11.82 35.86
N PHE C 528 58.22 11.42 34.89
CA PHE C 528 58.63 10.62 33.76
C PHE C 528 59.51 11.41 32.83
N MET C 529 59.18 12.70 32.65
CA MET C 529 59.98 13.64 31.85
C MET C 529 61.38 13.90 32.47
N ARG C 530 61.45 13.87 33.80
CA ARG C 530 62.72 14.03 34.53
C ARG C 530 63.66 12.85 34.30
N GLU C 531 63.11 11.64 34.29
CA GLU C 531 63.87 10.42 34.01
C GLU C 531 64.37 10.38 32.59
N VAL C 532 63.48 10.73 31.65
CA VAL C 532 63.78 10.62 30.20
C VAL C 532 64.89 11.59 29.82
N GLU C 533 64.78 12.85 30.27
CA GLU C 533 65.86 13.84 30.21
C GLU C 533 67.14 13.27 30.80
N GLN C 534 67.08 12.79 32.06
CA GLN C 534 68.28 12.33 32.82
C GLN C 534 69.06 11.19 32.16
N LEU C 535 68.33 10.30 31.49
CA LEU C 535 68.92 9.19 30.78
C LEU C 535 69.53 9.58 29.41
N MET C 536 68.95 10.60 28.76
CA MET C 536 69.36 10.99 27.40
C MET C 536 70.25 12.23 27.39
N THR C 537 69.98 13.16 28.30
CA THR C 537 70.75 14.40 28.48
C THR C 537 71.75 14.18 29.62
N ALA D 1 3.41 -3.30 22.64
CA ALA D 1 4.74 -3.75 23.18
C ALA D 1 4.90 -3.33 24.62
N ARG D 2 4.40 -2.14 24.95
CA ARG D 2 4.50 -1.53 26.27
C ARG D 2 3.33 -1.92 27.20
N GLY D 3 2.66 -3.01 26.85
CA GLY D 3 1.83 -3.77 27.79
C GLY D 3 2.69 -4.60 28.72
N ALA D 4 3.96 -4.83 28.33
CA ALA D 4 5.04 -5.29 29.23
C ALA D 4 5.60 -4.18 30.21
N ALA D 5 4.68 -3.32 30.69
CA ALA D 5 4.76 -2.68 32.00
C ALA D 5 4.17 -3.62 33.09
N THR D 6 3.48 -4.68 32.67
CA THR D 6 3.04 -5.75 33.56
C THR D 6 4.17 -6.71 33.88
N ARG D 7 5.16 -6.76 32.99
CA ARG D 7 6.42 -7.50 33.21
C ARG D 7 7.28 -6.86 34.33
N ALA D 8 7.20 -5.55 34.47
CA ALA D 8 7.88 -4.82 35.54
C ALA D 8 7.08 -4.86 36.81
N ARG D 9 5.75 -4.87 36.67
CA ARG D 9 4.82 -4.91 37.81
C ARG D 9 4.81 -6.24 38.54
N GLN D 10 5.07 -7.33 37.80
CA GLN D 10 5.29 -8.64 38.42
C GLN D 10 6.67 -8.77 39.09
N LYS D 11 7.67 -8.04 38.55
CA LYS D 11 9.02 -7.94 39.12
C LYS D 11 9.07 -7.12 40.40
N GLN D 12 8.14 -6.16 40.52
CA GLN D 12 7.99 -5.34 41.73
C GLN D 12 7.33 -6.12 42.87
N ARG D 13 6.32 -6.94 42.54
CA ARG D 13 5.65 -7.82 43.53
C ARG D 13 6.56 -8.97 44.01
N ALA D 14 7.39 -9.49 43.09
CA ALA D 14 8.32 -10.59 43.40
C ALA D 14 9.48 -10.14 44.27
N SER D 15 10.04 -8.96 43.95
CA SER D 15 11.11 -8.33 44.76
C SER D 15 10.63 -7.82 46.10
N LEU D 16 9.35 -7.51 46.22
CA LEU D 16 8.74 -7.11 47.50
C LEU D 16 8.36 -8.29 48.39
N GLU D 17 7.99 -9.42 47.77
CA GLU D 17 7.76 -10.69 48.48
C GLU D 17 9.04 -11.24 49.08
N THR D 18 10.17 -11.10 48.34
CA THR D 18 11.49 -11.64 48.73
C THR D 18 12.05 -11.01 50.00
N MET D 19 12.05 -9.67 50.06
CA MET D 19 12.50 -8.96 51.26
C MET D 19 11.58 -9.13 52.47
N ASP D 20 10.26 -9.22 52.23
CA ASP D 20 9.24 -9.52 53.28
C ASP D 20 9.44 -10.90 53.97
N LYS D 21 9.72 -11.93 53.15
CA LYS D 21 10.12 -13.26 53.65
C LYS D 21 11.46 -13.21 54.39
N ALA D 22 12.40 -12.42 53.85
CA ALA D 22 13.74 -12.26 54.44
C ALA D 22 13.79 -11.43 55.72
N VAL D 23 12.74 -10.63 55.99
CA VAL D 23 12.62 -9.97 57.31
C VAL D 23 11.95 -10.83 58.39
N GLN D 24 11.12 -11.78 57.94
CA GLN D 24 10.39 -12.67 58.83
C GLN D 24 11.12 -14.00 59.10
N ARG D 25 12.04 -14.36 58.20
CA ARG D 25 13.10 -15.34 58.51
C ARG D 25 14.29 -14.71 59.31
N PHE D 26 14.15 -13.43 59.72
CA PHE D 26 15.09 -12.78 60.62
C PHE D 26 14.46 -12.49 61.96
N ARG D 27 13.20 -12.00 61.93
CA ARG D 27 12.50 -11.57 63.14
C ARG D 27 12.12 -12.74 64.07
N LEU D 28 11.82 -13.90 63.45
CA LEU D 28 11.64 -15.16 64.19
C LEU D 28 12.95 -15.62 64.88
N GLN D 29 14.07 -15.57 64.14
CA GLN D 29 15.41 -15.93 64.67
C GLN D 29 15.97 -14.92 65.70
N ASN D 30 15.48 -13.68 65.67
CA ASN D 30 15.96 -12.58 66.54
C ASN D 30 14.82 -11.72 67.16
N PRO D 31 14.03 -12.28 68.10
CA PRO D 31 12.78 -11.61 68.56
C PRO D 31 13.00 -10.46 69.60
N ASP D 32 14.09 -10.53 70.37
CA ASP D 32 14.31 -9.64 71.52
C ASP D 32 14.85 -8.22 71.16
N LEU D 33 15.22 -8.05 69.87
CA LEU D 33 15.87 -6.81 69.38
C LEU D 33 14.88 -5.65 69.17
N ASP D 34 15.21 -4.50 69.77
CA ASP D 34 14.42 -3.27 69.65
C ASP D 34 14.60 -2.65 68.25
N SER D 35 13.59 -2.81 67.41
CA SER D 35 13.62 -2.33 66.03
C SER D 35 13.52 -0.82 65.96
N GLU D 36 12.49 -0.24 66.60
CA GLU D 36 12.22 1.21 66.52
C GLU D 36 13.11 2.09 67.45
N ALA D 37 14.34 1.64 67.68
CA ALA D 37 15.38 2.38 68.39
C ALA D 37 16.76 2.13 67.73
N LEU D 38 16.85 1.03 66.97
CA LEU D 38 17.88 0.88 65.93
C LEU D 38 17.72 2.01 64.88
N LEU D 39 16.54 2.06 64.23
CA LEU D 39 16.24 3.00 63.12
C LEU D 39 16.25 4.50 63.46
N THR D 40 16.12 4.85 64.75
CA THR D 40 16.13 6.28 65.17
C THR D 40 17.49 6.79 65.62
N LEU D 41 18.52 5.95 65.49
CA LEU D 41 19.90 6.40 65.56
C LEU D 41 20.24 7.25 64.34
N PRO D 42 20.82 8.46 64.53
CA PRO D 42 21.59 9.13 63.48
C PRO D 42 22.70 8.26 62.91
N LEU D 43 23.09 8.52 61.65
CA LEU D 43 24.04 7.68 60.89
C LEU D 43 25.42 7.48 61.54
N LEU D 44 25.87 8.48 62.27
CA LEU D 44 27.22 8.53 62.85
C LEU D 44 27.31 7.62 64.07
N GLN D 45 26.36 7.84 64.99
CA GLN D 45 26.05 6.96 66.11
C GLN D 45 25.78 5.52 65.68
N LEU D 46 24.99 5.34 64.61
CA LEU D 46 24.76 4.02 64.01
C LEU D 46 26.04 3.37 63.49
N VAL D 47 26.82 4.09 62.66
CA VAL D 47 28.09 3.58 62.10
C VAL D 47 29.19 3.31 63.15
N GLN D 48 29.17 4.05 64.26
CA GLN D 48 30.12 3.82 65.33
C GLN D 48 29.67 2.69 66.34
N LYS D 49 28.36 2.42 66.37
CA LYS D 49 27.79 1.20 66.97
C LYS D 49 28.08 -0.04 66.16
N LEU D 50 28.19 0.13 64.85
CA LEU D 50 28.66 -0.93 63.96
C LEU D 50 30.15 -1.18 64.18
N GLN D 51 30.91 -0.09 64.31
CA GLN D 51 32.36 -0.15 64.45
C GLN D 51 32.78 -0.78 65.78
N SER D 52 31.98 -0.54 66.84
CA SER D 52 32.20 -1.16 68.15
C SER D 52 31.65 -2.63 68.27
N GLY D 53 31.03 -3.15 67.20
CA GLY D 53 30.50 -4.51 67.16
C GLY D 53 29.28 -4.75 68.05
N GLU D 54 28.62 -3.65 68.46
CA GLU D 54 27.40 -3.65 69.28
C GLU D 54 26.23 -4.15 68.47
N LEU D 55 26.25 -3.81 67.19
CA LEU D 55 25.28 -4.29 66.24
C LEU D 55 26.00 -5.04 65.14
N SER D 56 25.47 -6.22 64.81
CA SER D 56 25.88 -6.97 63.62
C SER D 56 25.37 -6.23 62.37
N PRO D 57 26.12 -6.32 61.24
CA PRO D 57 25.60 -5.92 59.91
C PRO D 57 24.20 -6.48 59.61
N GLU D 58 23.98 -7.75 59.96
CA GLU D 58 22.69 -8.46 59.82
C GLU D 58 21.55 -7.77 60.54
N ALA D 59 21.82 -7.25 61.74
CA ALA D 59 20.83 -6.51 62.52
C ALA D 59 20.43 -5.20 61.85
N VAL D 60 21.42 -4.42 61.42
CA VAL D 60 21.17 -3.10 60.85
C VAL D 60 20.60 -3.12 59.42
N PHE D 61 20.94 -4.17 58.66
CA PHE D 61 20.41 -4.40 57.33
C PHE D 61 18.91 -4.78 57.39
N PHE D 62 18.59 -5.81 58.19
CA PHE D 62 17.26 -6.39 58.17
C PHE D 62 16.20 -5.58 58.93
N THR D 63 16.64 -4.77 59.89
CA THR D 63 15.77 -3.79 60.55
C THR D 63 15.33 -2.72 59.58
N TYR D 64 16.29 -2.25 58.76
CA TYR D 64 16.02 -1.26 57.70
C TYR D 64 15.20 -1.81 56.55
N LEU D 65 15.56 -3.02 56.10
CA LEU D 65 14.77 -3.80 55.15
C LEU D 65 13.33 -4.05 55.63
N GLY D 66 13.17 -4.21 56.96
CA GLY D 66 11.88 -4.15 57.62
C GLY D 66 11.12 -2.86 57.36
N LYS D 67 11.69 -1.74 57.84
CA LYS D 67 11.04 -0.41 57.79
C LYS D 67 10.72 0.09 56.38
N ALA D 68 11.64 -0.16 55.43
CA ALA D 68 11.45 0.15 54.01
C ALA D 68 10.25 -0.56 53.40
N TRP D 69 10.09 -1.86 53.73
CA TRP D 69 8.92 -2.66 53.32
C TRP D 69 7.60 -2.17 53.91
N GLU D 70 7.65 -1.67 55.15
CA GLU D 70 6.47 -1.11 55.81
C GLU D 70 6.04 0.22 55.22
N VAL D 71 7.02 1.11 54.95
CA VAL D 71 6.72 2.47 54.40
C VAL D 71 6.44 2.48 52.91
N ASN D 72 6.89 1.44 52.21
CA ASN D 72 6.55 1.19 50.80
C ASN D 72 5.06 1.00 50.52
N LYS D 73 4.33 0.44 51.50
CA LYS D 73 2.87 0.29 51.41
C LYS D 73 2.14 1.65 51.27
N GLY D 74 2.57 2.63 52.05
CA GLY D 74 1.90 3.92 52.11
C GLY D 74 2.50 4.99 51.23
N THR D 75 3.55 4.65 50.46
CA THR D 75 4.25 5.64 49.58
C THR D 75 4.51 5.16 48.16
N ASN D 76 4.78 3.85 48.00
CA ASN D 76 5.28 3.22 46.73
C ASN D 76 6.57 3.83 46.15
N CYS D 77 7.69 3.53 46.79
CA CYS D 77 8.95 4.22 46.51
C CYS D 77 10.04 3.26 46.10
N VAL D 78 9.79 1.97 46.30
CA VAL D 78 10.79 0.93 46.10
C VAL D 78 10.43 0.14 44.84
N THR D 79 11.39 0.07 43.92
CA THR D 79 11.18 -0.43 42.57
C THR D 79 11.58 -1.89 42.49
N SER D 80 12.62 -2.24 43.24
CA SER D 80 13.38 -3.45 43.08
C SER D 80 14.23 -3.65 44.34
N TYR D 81 14.28 -4.89 44.84
CA TYR D 81 15.20 -5.29 45.92
C TYR D 81 16.45 -5.89 45.30
N LEU D 82 17.61 -5.38 45.70
CA LEU D 82 18.85 -5.61 44.94
C LEU D 82 19.57 -6.93 45.31
N THR D 83 18.97 -8.03 44.83
CA THR D 83 19.08 -9.43 45.37
C THR D 83 20.37 -9.86 46.07
N ASP D 84 21.52 -9.60 45.43
CA ASP D 84 22.84 -10.04 45.93
C ASP D 84 23.47 -9.11 47.00
N CYS D 85 22.63 -8.67 47.94
CA CYS D 85 23.03 -8.50 49.36
C CYS D 85 23.05 -9.87 50.09
N GLU D 86 23.34 -9.85 51.42
CA GLU D 86 23.71 -11.05 52.27
C GLU D 86 25.06 -11.73 51.94
N THR D 87 25.39 -11.80 50.64
CA THR D 87 26.77 -11.97 50.16
C THR D 87 27.55 -10.62 50.06
N GLN D 88 26.80 -9.51 50.04
CA GLN D 88 27.36 -8.16 50.23
C GLN D 88 27.55 -7.83 51.73
N LEU D 89 26.75 -8.47 52.59
CA LEU D 89 27.01 -8.51 54.03
C LEU D 89 28.26 -9.35 54.34
N SER D 90 28.37 -10.52 53.68
CA SER D 90 29.51 -11.47 53.82
C SER D 90 30.86 -10.83 53.50
N GLN D 91 30.88 -10.10 52.37
CA GLN D 91 32.12 -9.53 51.80
C GLN D 91 32.18 -8.00 51.97
N ALA D 92 31.70 -7.51 53.14
CA ALA D 92 31.82 -6.11 53.51
C ALA D 92 33.16 -5.85 54.27
N PRO D 93 34.05 -5.00 53.69
CA PRO D 93 35.36 -4.69 54.29
C PRO D 93 35.27 -3.89 55.59
N ARG D 94 36.00 -4.34 56.61
CA ARG D 94 35.66 -4.07 58.03
C ARG D 94 36.07 -2.68 58.53
N GLN D 95 37.15 -2.13 57.97
CA GLN D 95 37.57 -0.76 58.31
C GLN D 95 37.17 0.27 57.20
N GLY D 96 36.09 -0.03 56.46
CA GLY D 96 35.46 0.93 55.56
C GLY D 96 34.63 1.97 56.29
N LEU D 97 34.62 3.20 55.76
CA LEU D 97 33.99 4.35 56.46
C LEU D 97 32.46 4.29 56.53
N LEU D 98 31.86 3.38 55.75
CA LEU D 98 30.43 3.14 55.77
C LEU D 98 30.12 1.64 55.91
N TYR D 99 30.87 0.94 56.78
CA TYR D 99 30.88 -0.55 56.86
C TYR D 99 29.51 -1.25 57.15
N GLY D 100 28.73 -0.70 58.04
CA GLY D 100 27.45 -1.32 58.29
C GLY D 100 26.31 -0.96 57.38
N VAL D 101 26.45 0.14 56.66
CA VAL D 101 25.33 1.01 56.33
C VAL D 101 24.61 0.52 55.07
N PRO D 102 23.30 0.23 55.20
CA PRO D 102 22.45 0.03 54.02
C PRO D 102 22.16 1.36 53.26
N VAL D 103 22.33 1.35 51.92
CA VAL D 103 22.11 2.56 51.07
C VAL D 103 21.09 2.35 49.92
N SER D 104 20.21 3.34 49.71
CA SER D 104 19.16 3.26 48.68
C SER D 104 19.58 4.00 47.43
N LEU D 105 19.53 3.36 46.29
CA LEU D 105 19.97 3.99 45.05
C LEU D 105 18.80 4.36 44.17
N LYS D 106 18.85 5.57 43.62
CA LYS D 106 17.90 6.04 42.59
C LYS D 106 18.04 5.14 41.37
N GLU D 107 16.92 4.89 40.68
CA GLU D 107 16.84 3.81 39.68
C GLU D 107 17.90 3.88 38.55
N CYS D 108 18.23 5.11 38.13
CA CYS D 108 19.28 5.44 37.16
C CYS D 108 20.73 5.05 37.54
N PHE D 109 20.98 4.79 38.82
CA PHE D 109 22.27 4.22 39.24
C PHE D 109 22.28 2.75 38.90
N SER D 110 23.16 2.36 37.97
CA SER D 110 23.14 0.99 37.47
C SER D 110 23.80 -0.02 38.42
N TYR D 111 22.97 -1.00 38.80
CA TYR D 111 23.37 -2.21 39.54
C TYR D 111 23.43 -3.42 38.61
N LYS D 112 24.42 -4.29 38.83
CA LYS D 112 24.57 -5.57 38.08
C LYS D 112 23.36 -6.49 38.22
N GLY D 113 22.92 -7.04 37.09
CA GLY D 113 21.75 -7.92 37.01
C GLY D 113 20.41 -7.20 37.04
N HIS D 114 20.45 -5.88 36.92
CA HIS D 114 19.28 -5.05 37.22
C HIS D 114 18.95 -4.02 36.17
N ASP D 115 17.64 -3.79 36.05
CA ASP D 115 17.04 -2.85 35.15
C ASP D 115 17.28 -1.40 35.58
N SER D 116 17.70 -0.56 34.64
CA SER D 116 17.67 0.88 34.84
C SER D 116 16.65 1.50 33.90
N THR D 117 15.39 1.10 34.08
CA THR D 117 14.23 1.70 33.37
C THR D 117 14.05 3.10 33.92
N LEU D 118 14.12 4.12 33.10
CA LEU D 118 13.93 5.43 33.67
C LEU D 118 12.48 5.77 33.79
N GLY D 119 11.63 4.74 33.79
CA GLY D 119 10.20 4.84 33.55
C GLY D 119 9.82 4.45 32.13
N LEU D 120 10.83 4.35 31.24
CA LEU D 120 10.64 4.18 29.81
C LEU D 120 10.65 2.71 29.40
N SER D 121 9.51 2.24 28.86
CA SER D 121 9.32 0.85 28.34
C SER D 121 10.43 0.33 27.41
N LEU D 122 10.98 1.24 26.59
CA LEU D 122 12.24 1.05 25.85
C LEU D 122 13.40 0.28 26.57
N ASN D 123 13.73 0.66 27.81
CA ASN D 123 14.81 -0.05 28.55
C ASN D 123 14.32 -0.97 29.68
N GLU D 124 13.05 -1.38 29.59
CA GLU D 124 12.50 -2.41 30.47
C GLU D 124 13.07 -3.82 30.17
N GLY D 125 13.50 -4.03 28.93
CA GLY D 125 14.19 -5.25 28.54
C GLY D 125 15.44 -5.56 29.35
N MET D 126 16.50 -4.78 29.11
CA MET D 126 17.85 -5.23 29.46
C MET D 126 18.37 -4.80 30.83
N PRO D 127 18.86 -5.76 31.60
CA PRO D 127 19.64 -5.46 32.81
C PRO D 127 21.05 -5.03 32.47
N SER D 128 21.70 -4.30 33.37
CA SER D 128 23.05 -3.79 33.11
C SER D 128 24.13 -4.87 33.28
N GLU D 129 25.26 -4.67 32.60
CA GLU D 129 26.39 -5.58 32.64
C GLU D 129 27.21 -5.44 33.96
N SER D 130 27.60 -4.19 34.29
CA SER D 130 28.45 -3.92 35.44
C SER D 130 27.81 -2.87 36.38
N ASP D 131 28.31 -2.83 37.63
CA ASP D 131 27.96 -1.79 38.60
C ASP D 131 28.58 -0.46 38.20
N CYS D 132 27.80 0.62 38.35
CA CYS D 132 28.30 1.98 38.16
C CYS D 132 29.37 2.35 39.20
N VAL D 133 30.17 3.37 38.90
CA VAL D 133 31.39 3.63 39.66
C VAL D 133 31.14 4.11 41.13
N VAL D 134 30.06 4.83 41.39
CA VAL D 134 29.76 5.25 42.78
C VAL D 134 29.16 4.14 43.67
N VAL D 135 28.39 3.25 43.06
CA VAL D 135 28.07 1.93 43.63
C VAL D 135 29.34 1.10 43.96
N GLN D 136 30.27 1.00 43.00
CA GLN D 136 31.56 0.31 43.21
C GLN D 136 32.35 0.82 44.41
N VAL D 137 32.46 2.14 44.58
CA VAL D 137 33.14 2.65 45.77
C VAL D 137 32.35 2.55 47.06
N LEU D 138 31.01 2.59 46.98
CA LEU D 138 30.13 2.30 48.15
C LEU D 138 30.39 0.87 48.70
N LYS D 139 30.39 -0.13 47.80
CA LYS D 139 30.71 -1.54 48.13
C LYS D 139 32.12 -1.75 48.68
N LEU D 140 33.10 -1.04 48.12
CA LEU D 140 34.46 -1.01 48.68
C LEU D 140 34.61 -0.26 50.01
N GLN D 141 33.66 0.64 50.29
CA GLN D 141 33.66 1.39 51.56
C GLN D 141 32.75 0.71 52.59
N GLY D 142 32.19 -0.44 52.22
CA GLY D 142 31.51 -1.32 53.15
C GLY D 142 30.01 -1.17 53.16
N ALA D 143 29.48 -0.18 52.41
CA ALA D 143 28.04 0.03 52.26
C ALA D 143 27.32 -1.14 51.57
N VAL D 144 26.04 -1.35 51.97
CA VAL D 144 25.19 -2.39 51.37
C VAL D 144 24.00 -1.73 50.57
N PRO D 145 24.17 -1.59 49.24
CA PRO D 145 23.08 -1.16 48.38
C PRO D 145 21.93 -2.17 48.30
N PHE D 146 20.75 -1.76 48.79
CA PHE D 146 19.65 -2.69 49.08
C PHE D 146 18.33 -2.53 48.26
N VAL D 147 17.97 -1.28 47.92
CA VAL D 147 16.81 -1.02 47.01
C VAL D 147 17.12 -0.08 45.81
N HIS D 148 16.41 -0.29 44.70
CA HIS D 148 16.22 0.72 43.67
C HIS D 148 14.97 1.57 43.98
N THR D 149 15.09 2.89 43.90
CA THR D 149 13.97 3.80 44.24
C THR D 149 13.30 4.47 43.03
N ASN D 150 11.98 4.74 43.17
CA ASN D 150 11.11 5.18 42.03
C ASN D 150 11.40 6.58 41.40
N VAL D 151 11.31 6.64 40.07
CA VAL D 151 11.52 7.87 39.31
C VAL D 151 10.22 8.29 38.53
N PRO D 152 10.05 9.60 38.23
CA PRO D 152 9.10 10.02 37.18
C PRO D 152 9.56 9.61 35.79
N GLN D 153 8.61 9.57 34.83
CA GLN D 153 8.80 8.83 33.57
C GLN D 153 10.09 9.01 32.74
N SER D 154 10.56 10.21 32.50
CA SER D 154 11.85 10.29 31.83
C SER D 154 12.97 10.88 32.63
N MET D 155 12.75 10.93 33.94
CA MET D 155 13.45 11.78 34.90
C MET D 155 13.35 13.30 34.66
N LEU D 156 12.66 13.75 33.61
CA LEU D 156 12.50 15.19 33.35
C LEU D 156 11.17 15.75 33.94
N SER D 157 11.04 15.60 35.26
CA SER D 157 9.89 16.03 36.03
C SER D 157 10.30 16.15 37.49
N PHE D 158 9.68 17.06 38.20
CA PHE D 158 9.77 17.06 39.66
C PHE D 158 8.49 16.57 40.40
N ASP D 159 7.64 15.83 39.65
CA ASP D 159 6.72 14.83 40.21
C ASP D 159 7.45 13.48 40.36
N CYS D 160 6.72 12.43 40.75
CA CYS D 160 7.27 11.06 40.76
C CYS D 160 6.22 10.01 40.41
N SER D 161 6.23 9.58 39.13
CA SER D 161 5.27 8.61 38.53
C SER D 161 5.69 8.17 37.13
N ASN D 162 5.44 6.91 36.81
CA ASN D 162 5.58 6.39 35.44
C ASN D 162 4.51 5.31 35.12
N PRO D 163 4.29 4.95 33.82
CA PRO D 163 3.48 3.78 33.46
C PRO D 163 3.90 2.48 34.09
N LEU D 164 5.20 2.20 34.16
CA LEU D 164 5.72 0.88 34.63
C LEU D 164 5.43 0.62 36.12
N PHE D 165 5.90 1.51 37.01
CA PHE D 165 5.85 1.28 38.48
C PHE D 165 4.76 2.03 39.23
N GLY D 166 4.16 3.02 38.58
CA GLY D 166 3.06 3.76 39.16
C GLY D 166 3.53 4.98 39.91
N GLN D 167 2.65 5.50 40.77
CA GLN D 167 2.82 6.80 41.41
C GLN D 167 3.41 6.68 42.80
N THR D 168 4.40 7.53 43.09
CA THR D 168 4.94 7.72 44.45
C THR D 168 4.21 8.84 45.17
N MET D 169 3.83 8.59 46.45
CA MET D 169 3.25 9.61 47.34
C MET D 169 4.26 10.12 48.38
N ASN D 170 4.07 11.38 48.80
CA ASN D 170 4.72 11.94 49.99
C ASN D 170 4.26 11.19 51.26
N PRO D 171 5.22 10.85 52.15
CA PRO D 171 4.91 10.27 53.46
C PRO D 171 4.00 11.14 54.33
N TRP D 172 4.18 12.46 54.29
CA TRP D 172 3.48 13.37 55.17
C TRP D 172 2.00 13.55 54.80
N LYS D 173 1.68 13.42 53.51
CA LYS D 173 0.32 13.66 52.98
C LYS D 173 0.14 12.96 51.66
N SER D 174 -0.92 12.14 51.57
CA SER D 174 -1.14 11.21 50.45
C SER D 174 -1.58 11.91 49.15
N SER D 175 -1.92 13.19 49.28
CA SER D 175 -2.33 14.03 48.15
C SER D 175 -1.17 14.89 47.61
N LYS D 176 0.04 14.71 48.17
CA LYS D 176 1.21 15.52 47.80
C LYS D 176 2.29 14.76 47.05
N SER D 177 3.00 15.48 46.19
CA SER D 177 4.18 15.00 45.54
C SER D 177 5.30 14.88 46.56
N PRO D 178 6.06 13.78 46.48
CA PRO D 178 7.29 13.65 47.26
C PRO D 178 8.41 14.53 46.69
N GLY D 179 8.21 15.10 45.51
CA GLY D 179 9.27 15.68 44.74
C GLY D 179 9.79 14.71 43.71
N GLY D 180 10.83 15.11 43.05
CA GLY D 180 11.43 14.32 42.03
C GLY D 180 12.55 15.14 41.42
N SER D 181 13.42 14.50 40.66
CA SER D 181 13.21 13.18 40.11
C SER D 181 13.77 12.05 40.98
N SER D 182 14.40 12.39 42.10
CA SER D 182 14.76 11.39 43.13
C SER D 182 13.66 11.23 44.22
N GLY D 183 12.41 11.05 43.78
CA GLY D 183 11.24 11.08 44.65
C GLY D 183 11.13 9.85 45.52
N GLY D 184 11.48 8.70 44.92
CA GLY D 184 11.64 7.44 45.62
C GLY D 184 12.62 7.51 46.77
N GLU D 185 13.79 8.13 46.55
CA GLU D 185 14.71 8.50 47.64
C GLU D 185 14.01 9.28 48.72
N GLY D 186 13.38 10.40 48.35
CA GLY D 186 12.76 11.32 49.30
C GLY D 186 11.69 10.69 50.15
N ALA D 187 10.78 9.96 49.51
CA ALA D 187 9.75 9.16 50.20
C ALA D 187 10.30 8.02 51.13
N LEU D 188 11.49 7.49 50.82
CA LEU D 188 12.16 6.51 51.68
C LEU D 188 12.90 7.08 52.90
N ILE D 189 13.68 8.15 52.71
CA ILE D 189 14.59 8.68 53.75
C ILE D 189 13.84 9.37 54.89
N GLY D 190 12.92 10.27 54.56
CA GLY D 190 11.85 10.68 55.47
C GLY D 190 10.86 9.55 55.51
N SER D 191 10.19 9.37 56.66
CA SER D 191 9.57 8.07 57.08
C SER D 191 10.60 6.92 57.43
N GLY D 192 11.91 7.22 57.34
CA GLY D 192 12.98 6.48 58.00
C GLY D 192 13.27 5.04 57.54
N GLY D 193 13.19 4.81 56.23
CA GLY D 193 13.40 3.49 55.64
C GLY D 193 14.77 3.24 55.00
N SER D 194 15.54 4.31 54.81
CA SER D 194 16.95 4.20 54.52
C SER D 194 17.65 5.39 55.19
N PRO D 195 18.82 5.15 55.82
CA PRO D 195 19.52 6.21 56.56
C PRO D 195 20.34 7.16 55.64
N LEU D 196 20.39 6.84 54.33
CA LEU D 196 21.31 7.42 53.35
C LEU D 196 20.96 6.92 51.95
N GLY D 197 20.94 7.85 51.00
CA GLY D 197 20.70 7.54 49.59
C GLY D 197 21.46 8.42 48.61
N LEU D 198 21.44 8.01 47.34
CA LEU D 198 22.09 8.78 46.24
C LEU D 198 21.07 9.14 45.17
N GLY D 199 20.98 10.43 44.87
CA GLY D 199 20.16 10.92 43.78
C GLY D 199 21.02 11.61 42.73
N THR D 200 20.37 12.14 41.67
CA THR D 200 21.05 12.96 40.64
C THR D 200 20.29 14.27 40.43
N ASP D 201 20.93 15.24 39.78
CA ASP D 201 20.46 16.63 39.77
C ASP D 201 20.96 17.41 38.54
N ILE D 202 20.05 17.71 37.62
CA ILE D 202 20.30 18.64 36.50
C ILE D 202 19.35 19.90 36.54
N GLY D 203 18.32 19.83 37.36
CA GLY D 203 17.36 20.93 37.48
C GLY D 203 16.81 21.08 38.86
N GLY D 204 17.22 20.19 39.79
CA GLY D 204 16.81 20.28 41.18
C GLY D 204 16.39 18.98 41.79
N SER D 205 16.74 17.89 41.16
CA SER D 205 16.16 16.61 41.47
C SER D 205 16.67 15.92 42.78
N ILE D 206 17.85 16.32 43.27
CA ILE D 206 18.23 15.99 44.67
C ILE D 206 17.46 16.86 45.67
N ARG D 207 17.20 18.11 45.27
CA ARG D 207 16.81 19.18 46.18
C ARG D 207 15.32 19.31 46.41
N PHE D 208 14.53 19.22 45.34
CA PHE D 208 13.04 19.04 45.44
C PHE D 208 12.56 17.98 46.44
N PRO D 209 12.95 16.66 46.28
CA PRO D 209 12.44 15.60 47.16
C PRO D 209 12.89 15.76 48.56
N SER D 210 14.08 16.33 48.72
CA SER D 210 14.61 16.64 50.01
C SER D 210 13.85 17.77 50.71
N ALA D 211 13.52 18.83 49.97
CA ALA D 211 12.65 19.90 50.49
C ALA D 211 11.24 19.39 50.87
N PHE D 212 10.69 18.52 50.03
CA PHE D 212 9.27 18.23 50.04
C PHE D 212 8.97 17.25 51.15
N CYS D 213 9.84 16.23 51.26
CA CYS D 213 9.75 15.23 52.32
C CYS D 213 10.39 15.64 53.65
N GLY D 214 11.33 16.58 53.60
CA GLY D 214 11.86 17.22 54.80
C GLY D 214 13.15 16.66 55.27
N ILE D 215 13.99 16.34 54.31
CA ILE D 215 15.27 15.74 54.58
C ILE D 215 16.35 16.62 54.01
N CYS D 216 17.57 16.12 54.03
CA CYS D 216 18.73 16.88 53.69
C CYS D 216 19.33 16.35 52.42
N GLY D 217 19.75 17.26 51.55
CA GLY D 217 20.34 16.86 50.29
C GLY D 217 21.37 17.81 49.81
N LEU D 218 22.38 17.30 49.14
CA LEU D 218 23.39 18.11 48.49
C LEU D 218 23.61 17.71 47.00
N LYS D 219 23.56 18.72 46.15
CA LYS D 219 24.07 18.64 44.78
C LYS D 219 25.51 19.21 44.70
N PRO D 220 26.53 18.35 44.59
CA PRO D 220 27.91 18.79 44.32
C PRO D 220 28.13 19.48 42.95
N THR D 221 29.34 20.03 42.75
CA THR D 221 29.84 20.39 41.41
C THR D 221 29.87 19.15 40.49
N GLY D 222 29.42 19.30 39.27
CA GLY D 222 29.26 18.18 38.32
C GLY D 222 30.39 17.17 38.29
N ASN D 223 31.62 17.65 38.24
CA ASN D 223 32.76 16.77 38.18
C ASN D 223 33.42 16.40 39.55
N ARG D 224 32.68 16.62 40.64
CA ARG D 224 33.13 16.16 41.96
C ARG D 224 33.00 14.68 42.13
N LEU D 225 31.91 14.14 41.65
CA LEU D 225 31.72 12.72 41.65
C LEU D 225 31.70 12.13 40.22
N SER D 226 31.87 10.82 40.14
CA SER D 226 31.90 10.12 38.86
C SER D 226 30.53 9.92 38.31
N LYS D 227 30.43 10.00 37.00
CA LYS D 227 29.18 9.86 36.31
C LYS D 227 29.14 8.57 35.52
N SER D 228 30.09 7.66 35.81
CA SER D 228 30.57 6.72 34.79
C SER D 228 29.54 5.73 34.28
N GLY D 229 28.87 5.04 35.20
CA GLY D 229 27.91 4.03 34.78
C GLY D 229 26.47 4.46 34.87
N LEU D 230 26.24 5.76 34.73
CA LEU D 230 24.97 6.36 35.10
C LEU D 230 24.03 6.41 33.96
N LYS D 231 22.82 5.94 34.21
CA LYS D 231 21.80 5.89 33.18
C LYS D 231 21.14 7.26 33.03
N GLY D 232 21.11 7.72 31.79
CA GLY D 232 20.25 8.82 31.37
C GLY D 232 19.54 8.44 30.09
N CYS D 233 18.70 9.34 29.60
CA CYS D 233 18.01 9.12 28.33
C CYS D 233 18.45 10.07 27.23
N VAL D 234 19.31 11.03 27.58
CA VAL D 234 20.04 11.86 26.61
C VAL D 234 21.48 12.08 27.10
N TYR D 235 22.45 11.83 26.23
CA TYR D 235 23.84 11.93 26.57
C TYR D 235 24.51 12.95 25.67
N GLY D 236 25.56 13.58 26.20
CA GLY D 236 26.39 14.49 25.43
C GLY D 236 26.01 15.93 25.62
N GLN D 237 25.08 16.14 26.53
CA GLN D 237 24.59 17.45 26.89
C GLN D 237 25.52 18.02 27.98
N THR D 238 26.11 19.18 27.71
CA THR D 238 27.29 19.64 28.49
C THR D 238 27.15 21.04 29.05
N ALA D 239 26.08 21.71 28.65
CA ALA D 239 25.77 23.04 29.12
C ALA D 239 24.59 22.88 30.04
N VAL D 240 24.65 23.41 31.24
CA VAL D 240 23.82 22.88 32.37
C VAL D 240 24.26 21.48 32.80
N GLN D 241 24.71 21.42 34.04
CA GLN D 241 25.45 20.31 34.53
C GLN D 241 24.61 19.36 35.35
N LEU D 242 24.81 18.06 35.07
CA LEU D 242 24.25 16.96 35.87
C LEU D 242 25.20 16.62 37.07
N SER D 243 24.63 16.41 38.25
CA SER D 243 25.42 16.00 39.39
C SER D 243 24.70 14.99 40.17
N LEU D 244 25.44 14.02 40.65
CA LEU D 244 24.96 13.15 41.69
C LEU D 244 25.50 13.55 43.05
N GLY D 245 24.79 13.11 44.11
CA GLY D 245 25.25 13.31 45.48
C GLY D 245 24.37 12.71 46.55
N PRO D 246 24.72 12.93 47.81
CA PRO D 246 24.00 12.30 48.91
C PRO D 246 22.64 12.92 49.22
N MET D 247 21.72 12.08 49.66
CA MET D 247 20.50 12.48 50.35
C MET D 247 20.41 11.70 51.63
N ALA D 248 20.10 12.39 52.73
CA ALA D 248 20.04 11.79 54.04
C ALA D 248 19.18 12.59 55.03
N ARG D 249 19.08 12.11 56.27
CA ARG D 249 18.25 12.69 57.35
C ARG D 249 18.90 13.88 58.14
N ASP D 250 20.23 14.04 58.01
CA ASP D 250 21.01 15.13 58.63
C ASP D 250 22.27 15.43 57.80
N VAL D 251 22.93 16.57 58.04
CA VAL D 251 24.05 16.99 57.15
C VAL D 251 25.40 16.31 57.46
N GLU D 252 25.51 15.74 58.66
CA GLU D 252 26.69 14.97 59.05
C GLU D 252 26.76 13.63 58.32
N SER D 253 25.58 13.08 58.01
CA SER D 253 25.41 11.92 57.14
C SER D 253 25.85 12.23 55.74
N LEU D 254 25.59 13.47 55.29
CA LEU D 254 25.92 13.89 53.93
C LEU D 254 27.37 14.08 53.83
N ALA D 255 27.96 14.59 54.91
CA ALA D 255 29.38 14.75 55.03
C ALA D 255 30.10 13.42 55.19
N LEU D 256 29.41 12.42 55.75
CA LEU D 256 29.97 11.07 55.83
C LEU D 256 30.21 10.49 54.46
N CYS D 257 29.16 10.52 53.65
CA CYS D 257 29.11 9.79 52.42
C CYS D 257 29.93 10.50 51.33
N LEU D 258 30.00 11.83 51.43
CA LEU D 258 30.89 12.62 50.59
C LEU D 258 32.37 12.32 50.87
N LYS D 259 32.73 12.25 52.16
CA LYS D 259 34.07 11.77 52.59
C LYS D 259 34.36 10.29 52.15
N ALA D 260 33.32 9.43 52.24
CA ALA D 260 33.40 8.00 51.90
C ALA D 260 33.60 7.74 50.41
N LEU D 261 33.04 8.62 49.59
CA LEU D 261 33.22 8.52 48.13
C LEU D 261 34.45 9.24 47.63
N LEU D 262 34.85 10.34 48.28
CA LEU D 262 36.04 11.11 47.86
C LEU D 262 37.38 10.49 48.33
N CYS D 263 37.75 9.38 47.70
CA CYS D 263 38.84 8.51 48.17
C CYS D 263 39.51 7.86 46.98
N GLU D 264 40.67 7.21 47.22
CA GLU D 264 41.55 6.69 46.15
C GLU D 264 40.91 5.61 45.24
N HIS D 265 39.92 4.87 45.78
CA HIS D 265 39.08 3.94 45.01
C HIS D 265 38.28 4.64 43.93
N LEU D 266 37.74 5.81 44.25
CA LEU D 266 37.07 6.64 43.25
C LEU D 266 38.07 7.29 42.30
N PHE D 267 39.24 7.64 42.78
CA PHE D 267 40.17 8.37 41.93
C PHE D 267 41.00 7.45 40.99
N THR D 268 40.80 6.13 41.16
CA THR D 268 41.44 5.09 40.36
C THR D 268 40.49 4.43 39.30
N LEU D 269 39.29 3.96 39.71
CA LEU D 269 38.22 3.67 38.72
C LEU D 269 37.52 4.97 38.47
N ASP D 270 37.64 5.50 37.24
CA ASP D 270 37.35 6.94 36.87
C ASP D 270 38.42 8.07 37.21
N PRO D 271 39.57 8.09 36.50
CA PRO D 271 40.49 9.20 36.54
C PRO D 271 40.05 10.43 35.77
N THR D 272 38.82 10.50 35.25
CA THR D 272 38.31 11.79 34.72
C THR D 272 37.93 12.80 35.82
N VAL D 273 37.55 12.30 36.99
CA VAL D 273 37.27 13.12 38.17
C VAL D 273 38.62 13.66 38.70
N PRO D 274 38.68 14.97 39.02
CA PRO D 274 39.84 15.53 39.71
C PRO D 274 39.96 15.01 41.13
N PRO D 275 41.14 14.50 41.51
CA PRO D 275 41.32 13.78 42.78
C PRO D 275 41.45 14.72 43.98
N LEU D 276 40.40 15.50 44.21
CA LEU D 276 40.29 16.37 45.35
C LEU D 276 39.70 15.59 46.46
N PRO D 277 40.46 15.39 47.53
CA PRO D 277 39.95 14.71 48.74
C PRO D 277 38.96 15.58 49.51
N PHE D 278 38.10 14.98 50.32
CA PHE D 278 37.35 15.71 51.34
C PHE D 278 38.31 16.40 52.27
N ARG D 279 38.09 17.68 52.45
CA ARG D 279 38.93 18.50 53.31
C ARG D 279 38.19 18.73 54.64
N GLU D 280 38.62 17.98 55.66
CA GLU D 280 37.90 17.87 56.95
C GLU D 280 37.89 19.20 57.74
N GLU D 281 39.02 19.91 57.69
CA GLU D 281 39.24 21.15 58.42
C GLU D 281 38.37 22.34 57.94
N VAL D 282 37.89 22.25 56.69
CA VAL D 282 37.01 23.24 56.08
C VAL D 282 35.57 22.95 56.49
N TYR D 283 35.24 21.67 56.55
CA TYR D 283 33.94 21.22 57.03
C TYR D 283 33.74 21.49 58.53
N ARG D 284 34.82 21.41 59.31
CA ARG D 284 34.78 21.49 60.78
C ARG D 284 34.99 22.89 61.34
N SER D 285 35.26 23.84 60.43
CA SER D 285 35.56 25.23 60.75
C SER D 285 34.40 25.93 61.43
N SER D 286 34.70 26.67 62.49
CA SER D 286 33.69 27.46 63.20
C SER D 286 33.83 28.98 62.93
N ARG D 287 34.56 29.32 61.87
CA ARG D 287 34.80 30.71 61.48
C ARG D 287 33.49 31.40 61.03
N PRO D 288 33.18 32.57 61.64
CA PRO D 288 32.10 33.46 61.15
C PRO D 288 32.10 33.72 59.62
N LEU D 289 30.95 33.44 59.00
CA LEU D 289 30.82 33.45 57.56
C LEU D 289 30.21 34.79 57.12
N ARG D 290 30.63 35.24 55.93
CA ARG D 290 29.91 36.28 55.20
C ARG D 290 28.86 35.62 54.30
N VAL D 291 27.60 35.80 54.65
CA VAL D 291 26.50 35.07 54.01
C VAL D 291 25.67 35.99 53.11
N GLY D 292 25.71 35.71 51.80
CA GLY D 292 24.78 36.29 50.84
C GLY D 292 23.36 35.79 51.06
N TYR D 293 22.39 36.67 50.88
CA TYR D 293 20.98 36.31 50.97
C TYR D 293 20.11 37.04 49.93
N TYR D 294 19.10 36.33 49.39
CA TYR D 294 17.95 36.95 48.75
C TYR D 294 16.65 36.32 49.15
N GLU D 295 15.56 37.11 49.14
CA GLU D 295 14.23 36.65 49.62
C GLU D 295 13.40 36.11 48.48
N THR D 296 13.65 36.63 47.27
CA THR D 296 12.98 36.18 46.04
C THR D 296 13.96 36.26 44.84
N ASP D 297 13.69 35.50 43.78
CA ASP D 297 14.46 35.61 42.57
C ASP D 297 13.81 36.49 41.48
N ASN D 298 12.66 37.12 41.85
CA ASN D 298 11.78 37.94 40.97
C ASN D 298 11.12 37.18 39.80
N TYR D 299 11.12 35.86 39.87
CA TYR D 299 10.63 35.04 38.78
C TYR D 299 9.51 34.14 39.29
N THR D 300 9.83 33.26 40.21
CA THR D 300 8.82 32.57 40.97
C THR D 300 8.71 33.23 42.32
N MET D 301 7.48 33.57 42.69
CA MET D 301 7.18 34.12 43.99
C MET D 301 7.31 33.07 45.05
N PRO D 302 7.91 33.44 46.19
CA PRO D 302 7.86 32.58 47.36
C PRO D 302 6.44 32.43 47.87
N SER D 303 6.12 31.24 48.37
CA SER D 303 5.00 31.09 49.31
C SER D 303 5.26 31.92 50.61
N PRO D 304 4.19 32.31 51.31
CA PRO D 304 4.29 32.69 52.73
C PRO D 304 5.23 31.78 53.55
N ALA D 305 5.07 30.45 53.46
CA ALA D 305 5.96 29.46 54.09
C ALA D 305 7.43 29.54 53.62
N MET D 306 7.65 29.78 52.32
CA MET D 306 9.00 29.94 51.75
C MET D 306 9.74 31.16 52.31
N ARG D 307 9.02 32.29 52.33
CA ARG D 307 9.55 33.59 52.68
C ARG D 307 9.90 33.65 54.16
N ARG D 308 9.01 33.09 54.99
CA ARG D 308 9.15 33.06 56.43
C ARG D 308 10.36 32.23 56.80
N ALA D 309 10.50 31.06 56.17
CA ALA D 309 11.63 30.16 56.32
C ALA D 309 12.93 30.84 56.08
N LEU D 310 13.02 31.63 54.99
CA LEU D 310 14.22 32.38 54.62
C LEU D 310 14.63 33.47 55.64
N ILE D 311 13.74 34.42 55.93
CA ILE D 311 14.00 35.55 56.91
C ILE D 311 14.35 35.03 58.30
N GLU D 312 13.64 33.97 58.73
CA GLU D 312 13.96 33.25 59.96
C GLU D 312 15.35 32.63 60.04
N THR D 313 15.86 32.06 58.95
CA THR D 313 17.27 31.60 59.01
C THR D 313 18.31 32.68 58.78
N LYS D 314 17.90 33.79 58.16
CA LYS D 314 18.73 35.00 58.05
C LYS D 314 18.99 35.60 59.44
N GLN D 315 17.92 35.69 60.23
CA GLN D 315 17.93 36.33 61.56
C GLN D 315 18.72 35.54 62.60
N ARG D 316 18.49 34.21 62.62
CA ARG D 316 19.20 33.28 63.51
C ARG D 316 20.68 33.17 63.21
N LEU D 317 21.06 33.34 61.93
CA LEU D 317 22.46 33.38 61.53
C LEU D 317 23.16 34.68 61.97
N GLU D 318 22.43 35.79 61.97
CA GLU D 318 22.93 37.06 62.50
C GLU D 318 23.13 37.01 64.01
N ALA D 319 22.19 36.34 64.70
CA ALA D 319 22.24 36.16 66.16
C ALA D 319 23.43 35.29 66.63
N ALA D 320 23.82 34.34 65.78
CA ALA D 320 25.06 33.57 65.99
C ALA D 320 26.34 34.25 65.44
N GLY D 321 26.20 35.48 64.91
CA GLY D 321 27.33 36.40 64.72
C GLY D 321 27.95 36.41 63.34
N HIS D 322 27.32 35.68 62.41
CA HIS D 322 27.62 35.79 61.00
C HIS D 322 27.00 37.09 60.47
N THR D 323 27.61 37.65 59.43
CA THR D 323 27.09 38.86 58.79
C THR D 323 26.31 38.56 57.46
N LEU D 324 25.23 39.30 57.25
CA LEU D 324 24.27 38.97 56.19
C LEU D 324 24.14 40.08 55.16
N ILE D 325 24.39 39.73 53.90
CA ILE D 325 24.52 40.73 52.82
C ILE D 325 23.45 40.47 51.73
N PRO D 326 22.64 41.50 51.40
CA PRO D 326 21.73 41.42 50.23
C PRO D 326 22.50 41.21 48.92
N PHE D 327 22.14 40.13 48.20
CA PHE D 327 22.88 39.65 47.03
C PHE D 327 21.93 38.93 46.10
N LEU D 328 21.87 39.36 44.87
CA LEU D 328 21.15 38.64 43.86
C LEU D 328 22.04 38.44 42.64
N PRO D 329 22.15 37.17 42.16
CA PRO D 329 22.71 36.88 40.85
C PRO D 329 22.08 37.75 39.71
N ASN D 330 22.97 38.44 38.96
CA ASN D 330 22.57 39.28 37.85
C ASN D 330 21.91 38.47 36.76
N ASN D 331 20.90 39.06 36.14
CA ASN D 331 20.32 38.58 34.87
C ASN D 331 19.73 37.18 34.92
N ILE D 332 19.11 36.84 36.06
CA ILE D 332 18.34 35.60 36.26
C ILE D 332 17.36 35.21 35.10
N PRO D 333 16.47 36.12 34.59
CA PRO D 333 15.56 35.73 33.49
C PRO D 333 16.28 35.27 32.21
N TYR D 334 17.44 35.86 31.91
CA TYR D 334 18.32 35.44 30.81
C TYR D 334 18.90 34.08 31.07
N ALA D 335 19.39 33.88 32.28
CA ALA D 335 19.97 32.61 32.71
C ALA D 335 19.01 31.42 32.67
N LEU D 336 17.74 31.66 32.95
CA LEU D 336 16.74 30.62 32.89
C LEU D 336 16.17 30.41 31.51
N GLU D 337 15.71 31.52 30.87
CA GLU D 337 14.94 31.41 29.62
C GLU D 337 15.78 31.14 28.41
N VAL D 338 16.98 31.71 28.35
CA VAL D 338 17.87 31.45 27.23
C VAL D 338 18.97 30.40 27.47
N LEU D 339 19.59 30.40 28.65
CA LEU D 339 20.73 29.50 28.92
C LEU D 339 20.34 28.19 29.53
N SER D 340 19.47 28.20 30.54
CA SER D 340 19.01 26.96 31.18
C SER D 340 18.13 26.14 30.24
N ALA D 341 16.94 26.67 29.97
CA ALA D 341 15.99 26.08 29.06
C ALA D 341 16.59 25.75 27.71
N GLY D 342 17.39 26.71 27.17
CA GLY D 342 17.98 26.59 25.84
C GLY D 342 18.99 25.50 25.78
N GLY D 343 19.86 25.44 26.78
CA GLY D 343 20.85 24.38 26.92
C GLY D 343 20.30 22.99 27.17
N LEU D 344 19.14 22.92 27.85
CA LEU D 344 18.40 21.68 28.04
C LEU D 344 17.69 21.17 26.75
N PHE D 345 17.10 22.08 25.96
CA PHE D 345 16.41 21.70 24.72
C PHE D 345 17.07 22.20 23.43
N SER D 346 18.40 22.17 23.37
CA SER D 346 19.15 22.66 22.21
C SER D 346 18.94 21.88 20.92
N ASP D 347 18.64 20.59 21.05
CA ASP D 347 18.33 19.78 19.89
C ASP D 347 16.83 19.79 19.53
N GLY D 348 16.04 20.58 20.26
CA GLY D 348 14.63 20.77 19.95
C GLY D 348 13.70 19.81 20.67
N GLY D 349 14.29 18.85 21.39
CA GLY D 349 13.56 17.75 21.96
C GLY D 349 13.81 16.41 21.32
N ARG D 350 14.51 16.37 20.16
CA ARG D 350 14.57 15.15 19.26
C ARG D 350 15.18 13.87 19.89
N SER D 351 16.34 13.99 20.55
CA SER D 351 16.93 12.91 21.33
C SER D 351 16.00 12.48 22.45
N PHE D 352 15.43 13.45 23.15
CA PHE D 352 14.55 13.20 24.28
C PHE D 352 13.23 12.54 23.86
N LEU D 353 12.72 12.92 22.71
CA LEU D 353 11.49 12.34 22.21
C LEU D 353 11.63 10.91 21.64
N GLN D 354 12.88 10.52 21.32
CA GLN D 354 13.22 9.17 20.87
C GLN D 354 13.01 8.04 21.92
N ASN D 355 12.95 8.41 23.21
CA ASN D 355 12.66 7.46 24.28
C ASN D 355 11.17 7.15 24.45
N PHE D 356 10.31 7.96 23.83
CA PHE D 356 8.86 7.90 24.01
C PHE D 356 8.08 7.17 22.88
N LYS D 357 8.80 6.78 21.81
CA LYS D 357 8.26 6.06 20.64
C LYS D 357 7.60 4.73 21.05
N GLY D 358 6.28 4.69 20.87
CA GLY D 358 5.46 3.56 21.29
C GLY D 358 5.15 3.49 22.78
N ASP D 359 5.41 4.58 23.52
CA ASP D 359 5.11 4.63 24.96
C ASP D 359 3.87 5.46 25.33
N PHE D 360 3.33 5.20 26.52
CA PHE D 360 2.35 6.06 27.15
C PHE D 360 3.06 7.26 27.73
N VAL D 361 2.44 8.42 27.67
CA VAL D 361 2.93 9.54 28.46
C VAL D 361 2.17 9.58 29.76
N ASP D 362 2.93 9.45 30.84
CA ASP D 362 2.38 9.55 32.17
C ASP D 362 1.83 10.94 32.39
N PRO D 363 0.58 11.04 32.89
CA PRO D 363 -0.10 12.34 33.09
C PRO D 363 0.61 13.34 34.05
N CYS D 364 1.63 12.88 34.78
CA CYS D 364 2.44 13.74 35.64
C CYS D 364 3.41 14.62 34.86
N LEU D 365 3.67 14.24 33.61
CA LEU D 365 4.49 15.02 32.67
C LEU D 365 3.69 16.13 31.94
N GLY D 366 2.35 16.09 32.11
CA GLY D 366 1.44 17.14 31.67
C GLY D 366 1.34 17.22 30.18
N ASP D 367 1.86 18.33 29.64
CA ASP D 367 1.79 18.58 28.21
C ASP D 367 3.14 18.71 27.53
N LEU D 368 4.22 18.42 28.29
CA LEU D 368 5.60 18.51 27.75
C LEU D 368 5.86 17.70 26.50
N ILE D 369 5.30 16.50 26.42
CA ILE D 369 5.52 15.63 25.28
C ILE D 369 4.74 16.06 24.05
N LEU D 370 3.45 16.39 24.21
CA LEU D 370 2.64 17.07 23.16
C LEU D 370 3.36 18.27 22.51
N ILE D 371 3.84 19.18 23.38
CA ILE D 371 4.40 20.47 22.98
C ILE D 371 5.78 20.33 22.30
N LEU D 372 6.60 19.41 22.82
CA LEU D 372 7.88 19.08 22.15
C LEU D 372 7.68 18.42 20.76
N ARG D 373 6.58 17.66 20.61
CA ARG D 373 6.25 16.93 19.36
C ARG D 373 5.69 17.82 18.26
N LEU D 374 5.22 19.00 18.64
CA LEU D 374 4.77 20.02 17.69
C LEU D 374 5.88 20.41 16.68
N PRO D 375 5.52 20.60 15.39
CA PRO D 375 6.49 21.03 14.38
C PRO D 375 7.08 22.41 14.64
N SER D 376 8.33 22.60 14.22
CA SER D 376 9.14 23.82 14.42
C SER D 376 8.42 25.14 14.14
N TRP D 377 7.82 25.25 12.94
CA TRP D 377 7.12 26.47 12.47
C TRP D 377 5.95 26.87 13.38
N PHE D 378 5.28 25.88 13.97
CA PHE D 378 4.12 26.09 14.81
C PHE D 378 4.51 26.58 16.17
N LYS D 379 5.66 26.07 16.65
CA LYS D 379 6.25 26.51 17.92
C LYS D 379 6.78 27.90 17.79
N ARG D 380 7.32 28.21 16.59
CA ARG D 380 7.81 29.53 16.22
C ARG D 380 6.70 30.57 16.16
N LEU D 381 5.58 30.24 15.48
CA LEU D 381 4.38 31.09 15.42
C LEU D 381 3.75 31.34 16.79
N LEU D 382 3.55 30.26 17.55
CA LEU D 382 2.94 30.34 18.87
C LEU D 382 3.73 31.19 19.82
N SER D 383 5.07 31.04 19.77
CA SER D 383 6.04 31.94 20.41
C SER D 383 5.73 33.42 20.21
N LEU D 384 5.96 33.95 18.99
CA LEU D 384 5.78 35.39 18.77
C LEU D 384 4.31 35.93 18.80
N LEU D 385 3.34 35.00 18.80
CA LEU D 385 1.93 35.29 19.11
C LEU D 385 1.65 35.40 20.60
N LEU D 386 2.38 34.61 21.41
CA LEU D 386 2.21 34.64 22.88
C LEU D 386 3.04 35.71 23.58
N LYS D 387 4.11 36.19 22.92
CA LYS D 387 5.04 37.19 23.52
C LYS D 387 4.46 38.51 24.09
N PRO D 388 3.51 39.20 23.38
CA PRO D 388 2.75 40.30 23.98
C PRO D 388 2.05 39.98 25.31
N LEU D 389 1.29 38.89 25.38
CA LEU D 389 0.48 38.61 26.58
C LEU D 389 1.19 37.73 27.65
N PHE D 390 1.83 36.64 27.21
CA PHE D 390 2.37 35.60 28.10
C PHE D 390 3.87 35.31 27.84
N PRO D 391 4.75 36.24 28.26
CA PRO D 391 6.13 36.29 27.78
C PRO D 391 7.05 35.16 28.27
N ARG D 392 6.70 34.53 29.41
CA ARG D 392 7.44 33.36 29.96
C ARG D 392 7.27 32.14 29.09
N LEU D 393 6.07 31.96 28.55
CA LEU D 393 5.72 30.75 27.83
C LEU D 393 6.20 30.88 26.45
N ALA D 394 6.22 32.12 25.96
CA ALA D 394 6.83 32.46 24.67
C ALA D 394 8.29 32.15 24.70
N ALA D 395 8.93 32.46 25.84
CA ALA D 395 10.32 32.14 26.05
C ALA D 395 10.49 30.65 26.17
N PHE D 396 9.49 29.97 26.74
CA PHE D 396 9.55 28.53 26.91
C PHE D 396 9.53 27.81 25.61
N LEU D 397 8.67 28.27 24.70
CA LEU D 397 8.50 27.62 23.41
C LEU D 397 9.66 27.94 22.50
N ASN D 398 10.21 29.15 22.64
CA ASN D 398 11.36 29.61 21.85
C ASN D 398 12.64 28.89 22.23
N SER D 399 12.75 28.46 23.48
CA SER D 399 13.85 27.63 23.94
C SER D 399 13.88 26.25 23.28
N MET D 400 12.71 25.67 23.00
CA MET D 400 12.59 24.36 22.30
C MET D 400 12.88 24.39 20.81
N ARG D 401 13.26 25.55 20.28
CA ARG D 401 13.69 25.66 18.88
C ARG D 401 15.04 24.94 18.70
N PRO D 402 15.13 24.06 17.70
CA PRO D 402 16.35 23.30 17.41
C PRO D 402 17.46 24.12 16.80
N ARG D 403 18.63 24.01 17.38
CA ARG D 403 19.78 24.80 17.01
C ARG D 403 20.77 23.98 16.23
N SER D 404 21.66 24.66 15.55
CA SER D 404 22.85 24.08 14.96
C SER D 404 24.04 24.09 15.94
N ALA D 405 25.11 23.39 15.57
CA ALA D 405 26.35 23.33 16.36
C ALA D 405 27.03 24.69 16.60
N GLU D 406 26.95 25.57 15.60
CA GLU D 406 27.36 26.98 15.74
C GLU D 406 26.63 27.70 16.87
N LYS D 407 25.32 27.52 16.91
CA LYS D 407 24.47 28.19 17.91
C LYS D 407 24.49 27.49 19.29
N LEU D 408 24.93 26.23 19.35
CA LEU D 408 25.25 25.58 20.63
C LEU D 408 26.62 26.00 21.21
N TRP D 409 27.63 26.14 20.33
CA TRP D 409 28.93 26.80 20.66
C TRP D 409 28.78 28.20 21.29
N LYS D 410 27.95 29.06 20.68
CA LYS D 410 27.71 30.43 21.20
C LYS D 410 27.01 30.42 22.56
N LEU D 411 26.08 29.50 22.77
CA LEU D 411 25.36 29.35 24.04
C LEU D 411 26.26 28.82 25.14
N GLN D 412 27.09 27.83 24.79
CA GLN D 412 28.15 27.29 25.64
C GLN D 412 29.08 28.37 26.15
N HIS D 413 29.48 29.28 25.25
CA HIS D 413 30.31 30.42 25.61
C HIS D 413 29.57 31.46 26.45
N GLU D 414 28.28 31.65 26.17
CA GLU D 414 27.42 32.52 27.00
C GLU D 414 27.25 31.99 28.46
N ILE D 415 27.28 30.66 28.61
CA ILE D 415 27.18 30.02 29.90
C ILE D 415 28.44 30.15 30.73
N GLU D 416 29.62 30.00 30.11
CA GLU D 416 30.89 30.15 30.83
C GLU D 416 31.19 31.61 31.21
N MET D 417 30.64 32.52 30.42
CA MET D 417 30.71 33.91 30.70
C MET D 417 29.78 34.32 31.80
N TYR D 418 28.57 33.74 31.78
CA TYR D 418 27.57 33.96 32.84
C TYR D 418 28.08 33.53 34.17
N ARG D 419 28.66 32.31 34.21
CA ARG D 419 29.34 31.73 35.36
C ARG D 419 30.47 32.63 35.93
N GLN D 420 31.29 33.20 35.01
CA GLN D 420 32.35 34.14 35.31
C GLN D 420 31.87 35.47 35.93
N SER D 421 30.72 35.97 35.43
CA SER D 421 30.17 37.24 35.89
C SER D 421 29.49 37.13 37.28
N VAL D 422 28.86 35.97 37.54
CA VAL D 422 28.31 35.68 38.86
C VAL D 422 29.43 35.54 39.90
N ILE D 423 30.57 34.93 39.49
CA ILE D 423 31.77 34.83 40.34
C ILE D 423 32.37 36.21 40.69
N ALA D 424 32.35 37.12 39.71
CA ALA D 424 32.81 38.49 39.88
C ALA D 424 31.97 39.29 40.91
N GLN D 425 30.64 39.16 40.81
CA GLN D 425 29.67 39.70 41.79
C GLN D 425 29.89 39.21 43.22
N TRP D 426 30.16 37.91 43.35
CA TRP D 426 30.40 37.21 44.63
C TRP D 426 31.68 37.70 45.29
N LYS D 427 32.74 37.87 44.50
CA LYS D 427 34.06 38.22 45.01
C LYS D 427 34.17 39.71 45.34
N ALA D 428 33.42 40.55 44.62
CA ALA D 428 33.26 41.96 44.96
C ALA D 428 32.50 42.17 46.29
N MET D 429 31.61 41.23 46.62
CA MET D 429 30.88 41.28 47.86
C MET D 429 31.45 40.40 48.93
N ASN D 430 32.64 39.83 48.65
CA ASN D 430 33.39 38.88 49.51
C ASN D 430 32.53 37.92 50.33
N LEU D 431 31.65 37.21 49.62
CA LEU D 431 30.85 36.16 50.23
C LEU D 431 31.69 34.90 50.44
N ASP D 432 31.23 34.05 51.34
CA ASP D 432 31.75 32.73 51.52
C ASP D 432 30.79 31.76 50.93
N VAL D 433 29.53 32.14 50.98
CA VAL D 433 28.44 31.20 50.95
C VAL D 433 27.12 31.99 50.69
N LEU D 434 26.15 31.35 50.03
CA LEU D 434 24.89 32.01 49.61
C LEU D 434 23.63 31.37 50.21
N LEU D 435 22.69 32.21 50.65
CA LEU D 435 21.44 31.73 51.26
C LEU D 435 20.23 32.12 50.43
N THR D 436 19.38 31.12 50.17
CA THR D 436 18.44 31.16 49.05
C THR D 436 17.16 30.44 49.52
N PRO D 437 15.96 30.92 49.10
CA PRO D 437 14.73 30.16 49.33
C PRO D 437 14.77 28.85 48.55
N MET D 438 14.10 27.86 49.07
CA MET D 438 13.88 26.67 48.32
C MET D 438 12.41 26.53 48.04
N LEU D 439 12.07 26.21 46.77
CA LEU D 439 10.67 25.89 46.34
C LEU D 439 9.85 25.04 47.36
N GLY D 440 8.67 25.55 47.72
CA GLY D 440 8.18 25.56 49.09
C GLY D 440 7.55 24.33 49.63
N PRO D 441 6.33 24.46 50.21
CA PRO D 441 5.58 23.30 50.65
C PRO D 441 5.18 22.49 49.45
N ALA D 442 5.31 21.15 49.57
CA ALA D 442 5.12 20.20 48.51
C ALA D 442 3.88 20.47 47.69
N LEU D 443 4.01 20.32 46.38
CA LEU D 443 2.92 20.57 45.46
C LEU D 443 1.95 19.36 45.56
N ASP D 444 0.70 19.55 45.09
CA ASP D 444 -0.30 18.47 44.93
C ASP D 444 0.22 17.38 44.00
N LEU D 445 -0.59 16.38 43.67
CA LEU D 445 -0.07 15.26 42.90
C LEU D 445 0.32 15.61 41.46
N ASN D 446 -0.62 15.63 40.50
CA ASN D 446 -0.20 15.86 39.09
C ASN D 446 0.00 17.35 38.70
N THR D 447 0.80 18.07 39.51
CA THR D 447 0.96 19.54 39.40
C THR D 447 2.35 20.10 39.01
N PRO D 448 3.49 19.49 39.41
CA PRO D 448 4.81 19.94 38.92
C PRO D 448 5.00 20.09 37.40
N GLY D 449 4.33 19.24 36.63
CA GLY D 449 4.42 19.28 35.18
C GLY D 449 3.64 20.41 34.55
N ARG D 450 2.82 21.10 35.37
CA ARG D 450 2.01 22.26 34.97
C ARG D 450 2.51 23.55 35.61
N ALA D 451 3.62 23.44 36.35
CA ALA D 451 4.25 24.59 37.00
C ALA D 451 5.76 24.60 36.78
N THR D 452 6.14 24.57 35.51
CA THR D 452 7.53 24.43 35.06
C THR D 452 8.47 25.54 35.53
N GLY D 453 7.97 26.77 35.59
CA GLY D 453 8.72 27.94 36.08
C GLY D 453 9.27 27.89 37.47
N ALA D 454 8.56 27.24 38.39
CA ALA D 454 9.02 27.00 39.79
C ALA D 454 10.37 26.22 40.00
N ILE D 455 10.98 25.72 38.92
CA ILE D 455 12.36 25.24 38.99
C ILE D 455 13.43 26.36 38.89
N SER D 456 12.98 27.59 38.70
CA SER D 456 13.82 28.82 38.76
C SER D 456 14.78 28.91 39.94
N TYR D 457 14.31 28.53 41.12
CA TYR D 457 15.15 28.52 42.33
C TYR D 457 16.33 27.53 42.31
N THR D 458 16.15 26.37 41.67
CA THR D 458 17.14 25.29 41.71
C THR D 458 18.00 25.21 40.45
N VAL D 459 17.38 25.37 39.28
CA VAL D 459 18.08 25.12 38.00
C VAL D 459 19.21 26.09 37.76
N LEU D 460 19.05 27.32 38.27
CA LEU D 460 20.06 28.38 38.19
C LEU D 460 21.48 27.95 38.65
N TYR D 461 21.59 27.02 39.61
CA TYR D 461 22.88 26.52 40.10
C TYR D 461 23.40 25.23 39.42
N ASN D 462 22.52 24.50 38.72
CA ASN D 462 22.97 23.56 37.69
C ASN D 462 23.53 24.25 36.48
N CYS D 463 22.95 25.41 36.14
CA CYS D 463 23.44 26.27 35.09
C CYS D 463 24.79 26.85 35.48
N LEU D 464 24.92 27.24 36.75
CA LEU D 464 26.14 27.84 37.25
C LEU D 464 27.25 26.84 37.59
N ASP D 465 26.85 25.57 37.82
CA ASP D 465 27.68 24.52 38.44
C ASP D 465 28.30 24.90 39.77
N PHE D 466 27.46 25.41 40.65
CA PHE D 466 27.83 25.75 42.04
C PHE D 466 27.24 24.64 42.91
N PRO D 467 27.94 24.21 43.97
CA PRO D 467 27.36 23.28 44.95
C PRO D 467 26.17 23.89 45.66
N ALA D 468 25.06 23.19 45.59
CA ALA D 468 23.84 23.62 46.26
C ALA D 468 23.32 22.54 47.18
N GLY D 469 22.88 22.92 48.35
CA GLY D 469 22.39 21.97 49.33
C GLY D 469 21.14 22.42 50.03
N VAL D 470 20.30 21.46 50.42
CA VAL D 470 19.00 21.78 50.96
C VAL D 470 18.84 21.29 52.40
N VAL D 471 18.27 22.13 53.25
CA VAL D 471 18.14 21.79 54.66
C VAL D 471 16.81 22.28 55.20
N PRO D 472 16.04 21.37 55.86
CA PRO D 472 14.72 21.70 56.40
C PRO D 472 14.84 22.55 57.64
N VAL D 473 14.09 23.66 57.67
CA VAL D 473 14.27 24.68 58.69
C VAL D 473 13.00 24.96 59.54
N THR D 474 11.83 24.61 59.00
CA THR D 474 10.55 24.87 59.63
C THR D 474 9.44 24.04 58.97
N THR D 475 8.22 24.16 59.49
CA THR D 475 7.05 23.52 58.88
C THR D 475 5.93 24.55 58.65
N VAL D 476 5.00 24.25 57.71
CA VAL D 476 3.85 25.15 57.38
C VAL D 476 2.87 25.33 58.57
N THR D 477 2.71 26.58 59.00
CA THR D 477 1.72 26.96 60.01
C THR D 477 0.36 27.35 59.34
N ALA D 478 -0.67 27.54 60.19
CA ALA D 478 -2.03 27.95 59.75
C ALA D 478 -2.03 29.29 59.01
N GLU D 479 -1.20 30.23 59.48
CA GLU D 479 -1.05 31.55 58.83
C GLU D 479 -0.22 31.52 57.52
N ASP D 480 0.65 30.50 57.37
CA ASP D 480 1.38 30.28 56.10
C ASP D 480 0.48 29.72 54.99
N ASP D 481 -0.51 28.91 55.36
CA ASP D 481 -1.48 28.37 54.40
C ASP D 481 -2.70 29.27 54.19
N ALA D 482 -2.94 30.21 55.12
CA ALA D 482 -4.00 31.22 54.96
C ALA D 482 -3.59 32.28 53.92
N GLN D 483 -2.37 32.84 54.08
CA GLN D 483 -1.84 33.94 53.25
C GLN D 483 -1.52 33.48 51.82
N MET D 484 -1.54 32.16 51.63
CA MET D 484 -1.60 31.50 50.32
C MET D 484 -2.81 31.90 49.42
N GLU D 485 -3.90 32.40 50.04
CA GLU D 485 -5.04 32.98 49.31
C GLU D 485 -4.72 34.34 48.69
N LEU D 486 -3.88 35.13 49.38
CA LEU D 486 -3.36 36.41 48.86
C LEU D 486 -2.05 36.26 47.99
N TYR D 487 -1.69 35.02 47.64
CA TYR D 487 -0.63 34.75 46.67
C TYR D 487 -1.07 35.16 45.28
N LYS D 488 -0.22 35.92 44.61
CA LYS D 488 -0.34 36.18 43.20
C LYS D 488 1.05 36.40 42.68
N GLY D 489 1.43 35.63 41.65
CA GLY D 489 2.77 35.65 41.10
C GLY D 489 3.15 36.95 40.40
N TYR D 490 4.42 37.04 40.01
CA TYR D 490 4.95 38.19 39.31
C TYR D 490 4.41 38.36 37.89
N PHE D 491 3.88 37.26 37.32
CA PHE D 491 3.57 37.18 35.89
C PHE D 491 2.07 36.94 35.64
N GLY D 492 1.40 36.34 36.63
CA GLY D 492 -0.04 36.10 36.58
C GLY D 492 -0.46 35.08 35.55
N ASP D 493 0.52 34.53 34.82
CA ASP D 493 0.29 33.49 33.83
C ASP D 493 -0.09 32.13 34.48
N ILE D 494 -0.28 31.13 33.62
CA ILE D 494 -0.81 29.81 34.00
C ILE D 494 0.03 29.03 35.04
N TRP D 495 1.37 29.19 34.97
CA TRP D 495 2.29 28.65 35.98
C TRP D 495 2.07 29.23 37.36
N ASP D 496 1.78 30.53 37.42
CA ASP D 496 1.42 31.19 38.69
C ASP D 496 0.08 30.73 39.26
N ILE D 497 -0.88 30.44 38.35
CA ILE D 497 -2.24 30.00 38.70
C ILE D 497 -2.23 28.59 39.31
N ILE D 498 -1.51 27.65 38.68
CA ILE D 498 -1.41 26.25 39.15
C ILE D 498 -0.69 26.18 40.47
N LEU D 499 0.34 27.03 40.65
CA LEU D 499 1.13 27.15 41.90
C LEU D 499 0.34 27.60 43.14
N LYS D 500 -0.72 28.36 42.93
CA LYS D 500 -1.63 28.81 44.00
C LYS D 500 -2.52 27.65 44.51
N LYS D 501 -3.18 26.95 43.57
CA LYS D 501 -3.86 25.67 43.83
C LYS D 501 -2.94 24.60 44.50
N ALA D 502 -1.72 24.44 43.94
CA ALA D 502 -0.82 23.34 44.31
C ALA D 502 -0.15 23.46 45.66
N MET D 503 0.08 24.68 46.14
CA MET D 503 0.76 24.90 47.43
C MET D 503 -0.22 25.08 48.64
N LYS D 504 -1.51 25.15 48.36
CA LYS D 504 -2.53 25.12 49.42
C LYS D 504 -2.70 23.68 49.93
N ASN D 505 -3.42 23.51 51.05
CA ASN D 505 -3.53 22.23 51.81
C ASN D 505 -2.19 21.65 52.32
N SER D 506 -1.40 22.49 52.98
CA SER D 506 -0.01 22.15 53.35
C SER D 506 0.30 22.16 54.86
N VAL D 507 -0.71 22.43 55.69
CA VAL D 507 -0.54 22.65 57.13
C VAL D 507 0.13 21.46 57.81
N GLY D 508 1.37 21.70 58.25
CA GLY D 508 2.18 20.69 58.90
C GLY D 508 3.42 20.25 58.13
N LEU D 509 3.39 20.43 56.80
CA LEU D 509 4.41 19.87 55.88
C LEU D 509 5.72 20.69 55.94
N PRO D 510 6.90 20.04 55.76
CA PRO D 510 8.20 20.73 55.88
C PRO D 510 8.56 21.73 54.78
N VAL D 511 9.15 22.84 55.23
CA VAL D 511 9.67 23.90 54.36
C VAL D 511 11.18 24.01 54.58
N ALA D 512 11.90 24.28 53.49
CA ALA D 512 13.34 24.19 53.46
C ALA D 512 14.02 25.51 53.03
N VAL D 513 15.33 25.55 53.25
CA VAL D 513 16.19 26.61 52.78
C VAL D 513 17.26 25.98 51.84
N GLN D 514 17.79 26.76 50.88
CA GLN D 514 18.92 26.33 50.04
C GLN D 514 20.21 27.06 50.43
N CYS D 515 21.31 26.32 50.48
CA CYS D 515 22.63 26.87 50.74
C CYS D 515 23.58 26.61 49.57
N VAL D 516 24.18 27.67 49.05
CA VAL D 516 25.07 27.59 47.89
C VAL D 516 26.51 28.02 48.28
N ALA D 517 27.54 27.37 47.72
CA ALA D 517 28.89 27.92 47.73
C ALA D 517 29.48 27.95 46.34
N LEU D 518 30.72 28.46 46.24
CA LEU D 518 31.48 28.52 44.99
C LEU D 518 31.86 27.10 44.47
N PRO D 519 32.25 26.94 43.16
CA PRO D 519 32.57 25.60 42.65
C PRO D 519 33.77 24.98 43.34
N TRP D 520 33.69 23.64 43.51
CA TRP D 520 34.63 22.83 44.26
C TRP D 520 34.74 23.14 45.73
N GLN D 521 33.70 23.76 46.29
CA GLN D 521 33.67 24.10 47.73
C GLN D 521 32.48 23.43 48.44
N GLU D 522 32.46 22.09 48.40
CA GLU D 522 31.32 21.29 48.85
C GLU D 522 31.33 21.25 50.31
N GLU D 523 32.53 21.17 50.85
CA GLU D 523 32.76 20.98 52.26
C GLU D 523 32.53 22.28 53.01
N LEU D 524 32.80 23.42 52.34
CA LEU D 524 32.39 24.75 52.80
C LEU D 524 30.90 24.93 52.72
N CYS D 525 30.29 24.38 51.69
CA CYS D 525 28.82 24.38 51.54
C CYS D 525 28.15 23.55 52.66
N LEU D 526 28.76 22.40 52.98
CA LEU D 526 28.30 21.51 54.01
C LEU D 526 28.46 22.12 55.42
N ARG D 527 29.62 22.75 55.66
CA ARG D 527 29.91 23.50 56.90
C ARG D 527 28.77 24.45 57.22
N PHE D 528 28.38 25.26 56.24
CA PHE D 528 27.27 26.18 56.37
C PHE D 528 25.91 25.50 56.60
N MET D 529 25.71 24.34 55.98
CA MET D 529 24.48 23.54 56.14
C MET D 529 24.34 23.06 57.59
N ARG D 530 25.47 22.60 58.17
CA ARG D 530 25.60 22.21 59.59
C ARG D 530 25.18 23.32 60.55
N GLU D 531 25.66 24.54 60.26
CA GLU D 531 25.32 25.75 60.99
C GLU D 531 23.83 26.08 60.96
N VAL D 532 23.21 25.91 59.79
CA VAL D 532 21.81 26.28 59.55
C VAL D 532 20.91 25.25 60.23
N GLU D 533 21.32 23.97 60.12
CA GLU D 533 20.69 22.83 60.83
C GLU D 533 20.77 22.99 62.34
N GLN D 534 21.94 23.41 62.84
CA GLN D 534 22.18 23.59 64.29
C GLN D 534 21.42 24.76 64.89
N LEU D 535 21.17 25.79 64.08
CA LEU D 535 20.44 26.96 64.52
C LEU D 535 18.93 26.79 64.45
N MET D 536 18.44 26.13 63.41
CA MET D 536 17.01 26.02 63.21
C MET D 536 16.42 24.76 63.82
N THR D 537 17.21 23.69 63.91
CA THR D 537 16.71 22.39 64.43
C THR D 537 17.35 21.99 65.79
N ALA E 1 -41.60 38.89 11.16
CA ALA E 1 -42.46 38.04 12.05
C ALA E 1 -42.28 38.38 13.55
N ARG E 2 -41.05 38.75 13.92
CA ARG E 2 -40.73 39.39 15.19
C ARG E 2 -40.90 40.91 15.13
N GLY E 3 -41.15 41.44 13.92
CA GLY E 3 -41.44 42.85 13.70
C GLY E 3 -42.66 43.38 14.44
N ALA E 4 -43.54 42.48 14.89
CA ALA E 4 -44.59 42.76 15.89
C ALA E 4 -44.07 42.71 17.40
N ALA E 5 -42.86 43.24 17.60
CA ALA E 5 -42.45 43.93 18.83
C ALA E 5 -43.01 45.37 18.89
N THR E 6 -43.42 45.88 17.73
CA THR E 6 -44.20 47.13 17.67
C THR E 6 -45.65 46.91 18.11
N ARG E 7 -46.12 45.65 18.08
CA ARG E 7 -47.36 45.24 18.75
C ARG E 7 -47.29 45.33 20.28
N ALA E 8 -46.11 45.05 20.84
CA ALA E 8 -45.89 45.13 22.29
C ALA E 8 -45.64 46.54 22.75
N ARG E 9 -44.97 47.33 21.90
CA ARG E 9 -44.59 48.70 22.21
C ARG E 9 -45.79 49.63 22.32
N GLN E 10 -46.79 49.42 21.46
CA GLN E 10 -48.08 50.14 21.57
C GLN E 10 -48.88 49.75 22.81
N LYS E 11 -48.83 48.46 23.19
CA LYS E 11 -49.47 47.96 24.43
C LYS E 11 -48.88 48.63 25.65
N GLN E 12 -47.55 48.84 25.62
CA GLN E 12 -46.81 49.60 26.65
C GLN E 12 -47.26 51.06 26.71
N ARG E 13 -47.21 51.76 25.56
CA ARG E 13 -47.56 53.19 25.45
C ARG E 13 -49.01 53.49 25.83
N ALA E 14 -49.94 52.67 25.31
CA ALA E 14 -51.39 52.82 25.55
C ALA E 14 -51.82 52.53 27.00
N SER E 15 -51.09 51.63 27.67
CA SER E 15 -51.30 51.40 29.11
C SER E 15 -50.56 52.41 29.99
N LEU E 16 -49.48 53.01 29.46
CA LEU E 16 -48.77 54.12 30.14
C LEU E 16 -49.59 55.42 30.15
N GLU E 17 -50.36 55.65 29.09
CA GLU E 17 -51.28 56.79 28.98
C GLU E 17 -52.56 56.60 29.83
N THR E 18 -52.90 55.33 30.13
CA THR E 18 -53.97 54.95 31.08
C THR E 18 -53.59 55.21 32.55
N MET E 19 -52.33 54.91 32.91
CA MET E 19 -51.77 55.32 34.23
C MET E 19 -51.85 56.82 34.43
N ASP E 20 -51.50 57.59 33.37
CA ASP E 20 -51.48 59.05 33.39
C ASP E 20 -52.88 59.68 33.53
N LYS E 21 -53.83 59.22 32.70
CA LYS E 21 -55.21 59.75 32.70
C LYS E 21 -56.13 59.16 33.81
N ALA E 22 -55.54 58.37 34.72
CA ALA E 22 -56.19 57.99 35.98
C ALA E 22 -55.56 58.68 37.19
N VAL E 23 -54.29 59.03 37.08
CA VAL E 23 -53.64 59.86 38.12
C VAL E 23 -53.94 61.35 37.95
N GLN E 24 -54.16 61.80 36.71
CA GLN E 24 -54.62 63.16 36.44
C GLN E 24 -56.15 63.29 36.60
N ARG E 25 -56.85 62.15 36.53
CA ARG E 25 -58.22 62.04 37.04
C ARG E 25 -58.29 62.26 38.56
N PHE E 26 -57.37 61.62 39.28
CA PHE E 26 -57.38 61.62 40.75
C PHE E 26 -56.87 62.94 41.35
N ARG E 27 -55.74 63.45 40.84
CA ARG E 27 -55.06 64.61 41.46
C ARG E 27 -55.73 65.97 41.17
N LEU E 28 -56.49 66.04 40.05
CA LEU E 28 -57.51 67.08 39.86
C LEU E 28 -58.66 67.00 40.91
N GLN E 29 -59.06 65.75 41.27
CA GLN E 29 -60.18 65.49 42.19
C GLN E 29 -59.77 65.39 43.70
N ASN E 30 -58.46 65.52 44.00
CA ASN E 30 -57.95 65.40 45.38
C ASN E 30 -56.77 66.36 45.76
N PRO E 31 -56.91 67.68 45.49
CA PRO E 31 -55.73 68.57 45.38
C PRO E 31 -55.24 69.18 46.75
N ASP E 32 -55.31 68.38 47.83
CA ASP E 32 -54.77 68.75 49.16
C ASP E 32 -54.22 67.53 49.95
N LEU E 33 -54.00 66.41 49.25
CA LEU E 33 -53.32 65.24 49.82
C LEU E 33 -51.82 65.35 49.58
N ASP E 34 -51.04 65.15 50.65
CA ASP E 34 -49.58 65.29 50.58
C ASP E 34 -48.92 64.07 49.93
N SER E 35 -48.37 64.30 48.72
CA SER E 35 -47.73 63.23 47.94
C SER E 35 -46.42 62.81 48.56
N GLU E 36 -45.43 63.74 48.60
CA GLU E 36 -44.03 63.44 48.96
C GLU E 36 -43.82 62.90 50.41
N ALA E 37 -44.79 63.21 51.31
CA ALA E 37 -44.76 62.76 52.69
C ALA E 37 -45.38 61.36 52.91
N LEU E 38 -46.25 60.93 52.00
CA LEU E 38 -46.72 59.51 51.99
C LEU E 38 -45.73 58.54 51.32
N LEU E 39 -44.98 59.02 50.32
CA LEU E 39 -43.95 58.23 49.63
C LEU E 39 -42.72 57.93 50.52
N THR E 40 -42.34 58.91 51.36
CA THR E 40 -41.26 58.75 52.36
C THR E 40 -41.61 57.82 53.55
N LEU E 41 -42.92 57.61 53.79
CA LEU E 41 -43.43 56.69 54.83
C LEU E 41 -43.04 55.27 54.48
N PRO E 42 -42.18 54.62 55.32
CA PRO E 42 -41.76 53.23 55.11
C PRO E 42 -42.95 52.26 55.22
N LEU E 43 -42.77 51.00 54.79
CA LEU E 43 -43.91 50.11 54.57
C LEU E 43 -44.73 49.81 55.83
N LEU E 44 -44.07 49.64 56.98
CA LEU E 44 -44.74 49.34 58.29
C LEU E 44 -45.69 50.48 58.75
N GLN E 45 -45.23 51.74 58.58
CA GLN E 45 -46.06 52.94 58.83
C GLN E 45 -46.98 53.30 57.66
N LEU E 46 -46.70 52.75 56.48
CA LEU E 46 -47.66 52.76 55.38
C LEU E 46 -48.85 51.84 55.71
N VAL E 47 -48.52 50.58 56.07
CA VAL E 47 -49.51 49.51 56.40
C VAL E 47 -50.39 49.84 57.61
N GLN E 48 -49.77 50.37 58.68
CA GLN E 48 -50.48 50.73 59.91
C GLN E 48 -51.35 52.02 59.82
N LYS E 49 -51.11 52.84 58.80
CA LYS E 49 -51.97 53.99 58.48
C LYS E 49 -53.13 53.59 57.58
N LEU E 50 -52.99 52.41 56.96
CA LEU E 50 -54.02 51.83 56.09
C LEU E 50 -54.99 50.93 56.88
N GLN E 51 -54.45 50.29 57.91
CA GLN E 51 -55.20 49.37 58.74
C GLN E 51 -56.13 50.13 59.68
N SER E 52 -55.67 51.29 60.16
CA SER E 52 -56.46 52.21 61.01
C SER E 52 -57.41 53.14 60.20
N GLY E 53 -57.16 53.23 58.88
CA GLY E 53 -57.99 54.02 57.97
C GLY E 53 -57.65 55.50 57.97
N GLU E 54 -56.42 55.83 58.40
CA GLU E 54 -55.90 57.21 58.40
C GLU E 54 -55.57 57.72 57.00
N LEU E 55 -54.91 56.86 56.20
CA LEU E 55 -54.90 57.00 54.74
C LEU E 55 -55.93 56.04 54.14
N SER E 56 -56.63 56.52 53.11
CA SER E 56 -57.53 55.69 52.31
C SER E 56 -56.71 54.77 51.36
N PRO E 57 -57.25 53.59 50.93
CA PRO E 57 -56.57 52.73 49.94
C PRO E 57 -56.35 53.41 48.58
N GLU E 58 -57.26 54.33 48.21
CA GLU E 58 -57.23 55.05 46.94
C GLU E 58 -56.07 56.07 46.91
N ALA E 59 -55.78 56.68 48.07
CA ALA E 59 -54.72 57.68 48.21
C ALA E 59 -53.34 57.09 48.00
N VAL E 60 -53.09 55.94 48.60
CA VAL E 60 -51.79 55.26 48.50
C VAL E 60 -51.55 54.59 47.14
N PHE E 61 -52.64 54.16 46.48
CA PHE E 61 -52.56 53.56 45.15
C PHE E 61 -52.21 54.61 44.08
N PHE E 62 -53.10 55.59 43.91
CA PHE E 62 -52.98 56.62 42.86
C PHE E 62 -51.79 57.61 43.02
N THR E 63 -51.21 57.69 44.24
CA THR E 63 -49.91 58.36 44.41
C THR E 63 -48.73 57.48 43.94
N TYR E 64 -48.73 56.21 44.34
CA TYR E 64 -47.71 55.26 43.89
C TYR E 64 -47.85 54.86 42.39
N LEU E 65 -49.07 54.98 41.84
CA LEU E 65 -49.31 54.84 40.41
C LEU E 65 -48.71 56.02 39.66
N GLY E 66 -48.84 57.21 40.24
CA GLY E 66 -48.32 58.44 39.68
C GLY E 66 -46.81 58.51 39.77
N LYS E 67 -46.28 58.04 40.91
CA LYS E 67 -44.85 58.03 41.12
C LYS E 67 -44.15 56.98 40.24
N ALA E 68 -44.85 55.83 40.01
CA ALA E 68 -44.43 54.83 38.99
C ALA E 68 -44.31 55.42 37.61
N TRP E 69 -45.32 56.18 37.19
CA TRP E 69 -45.38 56.82 35.88
C TRP E 69 -44.22 57.81 35.67
N GLU E 70 -43.93 58.61 36.71
CA GLU E 70 -42.90 59.64 36.67
C GLU E 70 -41.49 59.05 36.45
N VAL E 71 -41.12 58.08 37.30
CA VAL E 71 -39.78 57.47 37.26
C VAL E 71 -39.49 56.60 36.00
N ASN E 72 -40.55 56.03 35.40
CA ASN E 72 -40.50 55.21 34.16
C ASN E 72 -40.09 56.01 32.87
N LYS E 73 -40.27 57.32 32.93
CA LYS E 73 -39.72 58.21 31.92
C LYS E 73 -38.19 58.20 31.93
N GLY E 74 -37.61 58.27 33.14
CA GLY E 74 -36.18 58.17 33.33
C GLY E 74 -35.65 56.77 33.06
N THR E 75 -36.42 55.76 33.47
CA THR E 75 -35.86 54.42 33.66
C THR E 75 -36.32 53.35 32.68
N ASN E 76 -37.49 53.55 32.02
CA ASN E 76 -38.17 52.52 31.16
C ASN E 76 -38.31 51.15 31.88
N CYS E 77 -38.91 51.21 33.07
CA CYS E 77 -38.98 50.07 33.99
C CYS E 77 -40.37 49.43 34.04
N VAL E 78 -41.31 49.94 33.23
CA VAL E 78 -42.70 49.51 33.28
C VAL E 78 -43.19 48.97 31.90
N THR E 79 -43.49 47.66 31.90
CA THR E 79 -43.91 46.89 30.73
C THR E 79 -45.41 47.08 30.46
N SER E 80 -46.22 46.95 31.50
CA SER E 80 -47.66 47.02 31.41
C SER E 80 -48.25 47.39 32.77
N TYR E 81 -49.43 48.00 32.73
CA TYR E 81 -50.23 48.32 33.91
C TYR E 81 -51.38 47.33 34.01
N LEU E 82 -51.49 46.68 35.15
CA LEU E 82 -52.34 45.50 35.27
C LEU E 82 -53.79 45.90 35.57
N THR E 83 -54.51 46.26 34.48
CA THR E 83 -55.68 47.18 34.47
C THR E 83 -56.81 46.92 35.47
N ASP E 84 -57.04 45.65 35.83
CA ASP E 84 -58.14 45.24 36.76
C ASP E 84 -57.82 45.39 38.29
N CYS E 85 -56.94 46.35 38.62
CA CYS E 85 -57.03 47.11 39.88
C CYS E 85 -58.07 48.23 39.74
N GLU E 86 -58.34 48.95 40.85
CA GLU E 86 -59.61 49.71 41.11
C GLU E 86 -60.88 48.82 41.30
N THR E 87 -60.88 47.64 40.65
CA THR E 87 -61.71 46.48 41.07
C THR E 87 -61.00 45.61 42.13
N GLN E 88 -59.67 45.80 42.26
CA GLN E 88 -58.87 45.18 43.33
C GLN E 88 -58.65 46.14 44.53
N LEU E 89 -58.78 47.45 44.28
CA LEU E 89 -58.99 48.45 45.34
C LEU E 89 -60.35 48.24 46.02
N SER E 90 -61.38 47.95 45.21
CA SER E 90 -62.75 47.64 45.66
C SER E 90 -62.77 46.38 46.56
N GLN E 91 -62.49 45.22 45.95
CA GLN E 91 -62.46 43.94 46.65
C GLN E 91 -61.07 43.68 47.26
N ALA E 92 -60.75 44.43 48.30
CA ALA E 92 -59.56 44.18 49.11
C ALA E 92 -59.97 43.76 50.54
N PRO E 93 -59.73 42.48 50.92
CA PRO E 93 -59.98 41.97 52.28
C PRO E 93 -59.21 42.72 53.38
N ARG E 94 -59.96 43.41 54.24
CA ARG E 94 -59.45 44.50 55.11
C ARG E 94 -58.54 44.03 56.25
N GLN E 95 -58.72 42.78 56.68
CA GLN E 95 -57.86 42.14 57.69
C GLN E 95 -56.61 41.42 57.08
N GLY E 96 -56.36 41.64 55.78
CA GLY E 96 -55.15 41.17 55.11
C GLY E 96 -53.90 41.92 55.55
N LEU E 97 -52.84 41.15 55.82
CA LEU E 97 -51.54 41.66 56.33
C LEU E 97 -50.81 42.70 55.44
N LEU E 98 -51.14 42.73 54.15
CA LEU E 98 -50.67 43.80 53.26
C LEU E 98 -51.83 44.53 52.63
N TYR E 99 -52.78 44.98 53.46
CA TYR E 99 -54.08 45.51 53.00
C TYR E 99 -53.99 46.58 51.90
N GLY E 100 -53.31 47.68 52.18
CA GLY E 100 -53.39 48.82 51.28
C GLY E 100 -52.46 48.78 50.10
N VAL E 101 -51.46 47.88 50.20
CA VAL E 101 -50.20 48.03 49.51
C VAL E 101 -50.36 47.69 48.03
N PRO E 102 -49.99 48.63 47.15
CA PRO E 102 -49.74 48.31 45.78
C PRO E 102 -48.37 47.64 45.63
N VAL E 103 -48.34 46.47 44.98
CA VAL E 103 -47.08 45.72 44.79
C VAL E 103 -46.67 45.58 43.32
N SER E 104 -45.38 45.69 43.07
CA SER E 104 -44.86 45.56 41.71
C SER E 104 -44.46 44.12 41.41
N LEU E 105 -44.66 43.71 40.16
CA LEU E 105 -44.34 42.33 39.74
C LEU E 105 -43.38 42.30 38.57
N LYS E 106 -42.37 41.43 38.65
CA LYS E 106 -41.60 40.97 37.47
C LYS E 106 -42.55 40.37 36.52
N GLU E 107 -42.43 40.80 35.27
CA GLU E 107 -43.17 40.29 34.07
C GLU E 107 -43.48 38.73 34.03
N CYS E 108 -42.52 37.92 34.47
CA CYS E 108 -42.67 36.47 34.58
C CYS E 108 -43.77 35.96 35.58
N PHE E 109 -44.19 36.82 36.55
CA PHE E 109 -45.35 36.53 37.42
C PHE E 109 -46.68 36.67 36.66
N SER E 110 -47.30 35.53 36.35
CA SER E 110 -48.43 35.46 35.44
C SER E 110 -49.69 36.08 36.05
N TYR E 111 -50.34 36.94 35.27
CA TYR E 111 -51.51 37.70 35.67
C TYR E 111 -52.60 37.47 34.62
N LYS E 112 -53.85 37.19 35.07
CA LYS E 112 -55.00 36.92 34.16
C LYS E 112 -55.22 38.08 33.18
N GLY E 113 -55.38 37.74 31.92
CA GLY E 113 -55.54 38.74 30.86
C GLY E 113 -54.26 39.31 30.27
N HIS E 114 -53.12 39.12 30.96
CA HIS E 114 -51.86 39.77 30.55
C HIS E 114 -50.75 38.81 30.05
N ASP E 115 -49.85 39.35 29.24
CA ASP E 115 -48.72 38.63 28.65
C ASP E 115 -47.54 38.51 29.60
N SER E 116 -46.94 37.32 29.60
CA SER E 116 -45.68 37.06 30.30
C SER E 116 -44.55 36.86 29.29
N THR E 117 -44.35 37.87 28.42
CA THR E 117 -43.30 37.86 27.38
C THR E 117 -41.95 38.00 28.03
N LEU E 118 -41.13 36.97 28.01
CA LEU E 118 -39.82 37.08 28.66
C LEU E 118 -38.87 37.72 27.69
N GLY E 119 -39.13 38.95 27.31
CA GLY E 119 -38.44 39.57 26.17
C GLY E 119 -38.62 38.99 24.78
N LEU E 120 -39.60 38.11 24.61
CA LEU E 120 -39.54 37.05 23.62
C LEU E 120 -40.76 37.03 22.70
N SER E 121 -40.50 37.15 21.41
CA SER E 121 -41.54 37.14 20.34
C SER E 121 -42.47 35.92 20.35
N LEU E 122 -41.90 34.76 20.66
CA LEU E 122 -42.63 33.54 21.00
C LEU E 122 -43.86 33.72 21.94
N ASN E 123 -43.68 34.54 22.99
CA ASN E 123 -44.71 34.72 24.02
C ASN E 123 -45.62 36.00 23.82
N GLU E 124 -45.43 36.69 22.68
CA GLU E 124 -46.18 37.94 22.34
C GLU E 124 -47.69 37.78 22.01
N GLY E 125 -48.07 36.59 21.56
CA GLY E 125 -49.48 36.24 21.40
C GLY E 125 -50.25 36.27 22.71
N MET E 126 -49.83 35.42 23.65
CA MET E 126 -50.73 34.83 24.68
C MET E 126 -50.76 35.53 26.04
N PRO E 127 -51.97 36.03 26.42
CA PRO E 127 -52.33 36.20 27.82
C PRO E 127 -52.31 34.89 28.60
N SER E 128 -52.07 34.98 29.90
CA SER E 128 -52.27 33.86 30.83
C SER E 128 -53.73 33.75 31.24
N GLU E 129 -54.18 32.49 31.40
CA GLU E 129 -55.56 32.18 31.76
C GLU E 129 -55.88 32.50 33.24
N SER E 130 -54.83 32.65 34.06
CA SER E 130 -54.92 32.64 35.50
C SER E 130 -53.82 33.48 36.15
N ASP E 131 -54.15 34.06 37.31
CA ASP E 131 -53.18 34.67 38.22
C ASP E 131 -52.29 33.60 38.77
N CYS E 132 -50.99 33.88 38.79
CA CYS E 132 -49.98 33.00 39.40
C CYS E 132 -50.24 32.81 40.86
N VAL E 133 -49.80 31.69 41.41
CA VAL E 133 -50.18 31.26 42.78
C VAL E 133 -49.86 32.30 43.89
N VAL E 134 -48.65 32.88 43.86
CA VAL E 134 -48.29 33.93 44.85
C VAL E 134 -48.99 35.27 44.61
N VAL E 135 -49.48 35.50 43.38
CA VAL E 135 -50.31 36.69 43.08
C VAL E 135 -51.71 36.56 43.67
N GLN E 136 -52.25 35.34 43.69
CA GLN E 136 -53.52 35.05 44.37
C GLN E 136 -53.44 35.39 45.86
N VAL E 137 -52.38 34.91 46.52
CA VAL E 137 -52.23 35.05 47.97
C VAL E 137 -51.80 36.46 48.42
N LEU E 138 -51.34 37.28 47.48
CA LEU E 138 -51.17 38.72 47.71
C LEU E 138 -52.53 39.42 47.71
N LYS E 139 -53.39 39.04 46.74
CA LYS E 139 -54.73 39.63 46.60
C LYS E 139 -55.67 39.27 47.77
N LEU E 140 -55.73 37.98 48.12
CA LEU E 140 -56.46 37.51 49.32
C LEU E 140 -55.90 38.07 50.67
N GLN E 141 -54.66 38.58 50.62
CA GLN E 141 -54.07 39.41 51.67
C GLN E 141 -54.22 40.93 51.43
N GLY E 142 -55.20 41.32 50.63
CA GLY E 142 -55.53 42.75 50.48
C GLY E 142 -54.76 43.53 49.41
N ALA E 143 -53.51 43.12 49.14
CA ALA E 143 -52.59 43.83 48.23
C ALA E 143 -53.06 44.01 46.78
N VAL E 144 -52.44 44.97 46.10
CA VAL E 144 -52.92 45.46 44.83
C VAL E 144 -51.77 45.45 43.80
N PRO E 145 -51.52 44.27 43.17
CA PRO E 145 -50.52 44.19 42.11
C PRO E 145 -50.86 45.15 40.98
N PHE E 146 -49.94 46.06 40.65
CA PHE E 146 -50.29 47.16 39.74
C PHE E 146 -49.49 47.27 38.43
N VAL E 147 -48.23 46.81 38.45
CA VAL E 147 -47.36 46.85 37.24
C VAL E 147 -46.60 45.56 36.99
N HIS E 148 -46.50 45.20 35.70
CA HIS E 148 -45.46 44.28 35.20
C HIS E 148 -44.22 45.07 34.83
N THR E 149 -43.08 44.63 35.33
CA THR E 149 -41.83 45.35 35.10
C THR E 149 -40.88 44.57 34.24
N ASN E 150 -40.18 45.31 33.37
CA ASN E 150 -39.33 44.76 32.32
C ASN E 150 -38.16 43.81 32.80
N VAL E 151 -37.90 42.76 32.01
CA VAL E 151 -36.76 41.82 32.18
C VAL E 151 -35.65 42.06 31.08
N PRO E 152 -34.42 41.53 31.24
CA PRO E 152 -33.56 41.25 30.09
C PRO E 152 -34.08 40.06 29.33
N GLN E 153 -33.70 39.92 28.05
CA GLN E 153 -34.37 39.02 27.09
C GLN E 153 -34.79 37.64 27.63
N SER E 154 -33.96 36.61 27.57
CA SER E 154 -34.43 35.29 28.05
C SER E 154 -34.62 35.13 29.59
N MET E 155 -34.39 36.24 30.33
CA MET E 155 -33.99 36.30 31.75
C MET E 155 -32.55 35.96 32.09
N LEU E 156 -31.93 35.05 31.35
CA LEU E 156 -30.56 34.57 31.67
C LEU E 156 -29.46 35.66 31.39
N SER E 157 -29.47 36.69 32.24
CA SER E 157 -28.71 37.93 32.10
C SER E 157 -28.92 38.82 33.33
N PHE E 158 -27.86 39.55 33.72
CA PHE E 158 -27.96 40.56 34.78
C PHE E 158 -27.83 42.04 34.35
N ASP E 159 -28.01 42.27 33.06
CA ASP E 159 -28.44 43.55 32.54
C ASP E 159 -29.97 43.56 32.62
N CYS E 160 -30.60 44.60 32.06
CA CYS E 160 -32.03 44.58 31.82
C CYS E 160 -32.42 45.29 30.54
N SER E 161 -32.39 44.53 29.44
CA SER E 161 -32.79 45.01 28.13
C SER E 161 -33.33 43.86 27.28
N ASN E 162 -34.29 44.17 26.41
CA ASN E 162 -34.96 43.18 25.56
C ASN E 162 -35.50 43.85 24.26
N PRO E 163 -35.62 43.08 23.13
CA PRO E 163 -36.02 43.67 21.83
C PRO E 163 -37.50 44.04 21.77
N LEU E 164 -38.34 43.43 22.60
CA LEU E 164 -39.74 43.82 22.71
C LEU E 164 -39.98 45.17 23.41
N PHE E 165 -39.25 45.42 24.51
CA PHE E 165 -39.57 46.58 25.38
C PHE E 165 -38.49 47.66 25.57
N GLY E 166 -37.29 47.41 25.04
CA GLY E 166 -36.20 48.38 25.12
C GLY E 166 -35.33 48.16 26.35
N GLN E 167 -34.62 49.22 26.76
CA GLN E 167 -33.66 49.15 27.89
C GLN E 167 -34.21 49.77 29.17
N THR E 168 -34.03 49.07 30.28
CA THR E 168 -34.22 49.64 31.60
C THR E 168 -32.92 50.31 32.09
N MET E 169 -33.03 51.57 32.50
CA MET E 169 -31.91 52.35 33.06
C MET E 169 -31.84 52.34 34.59
N ASN E 170 -30.63 52.51 35.12
CA ASN E 170 -30.37 52.76 36.53
C ASN E 170 -30.77 54.19 36.89
N PRO E 171 -31.67 54.36 37.88
CA PRO E 171 -32.13 55.70 38.32
C PRO E 171 -31.07 56.55 39.02
N TRP E 172 -30.04 55.89 39.59
CA TRP E 172 -28.88 56.56 40.17
C TRP E 172 -27.96 57.18 39.07
N LYS E 173 -27.65 56.40 38.00
CA LYS E 173 -26.86 56.91 36.84
C LYS E 173 -27.31 56.32 35.48
N SER E 174 -27.50 57.21 34.50
CA SER E 174 -28.13 56.89 33.18
C SER E 174 -27.34 55.95 32.25
N SER E 175 -26.04 55.88 32.45
CA SER E 175 -25.15 54.97 31.69
C SER E 175 -25.01 53.59 32.35
N LYS E 176 -25.59 53.44 33.55
CA LYS E 176 -25.40 52.23 34.38
C LYS E 176 -26.55 51.23 34.26
N SER E 177 -26.28 49.98 34.62
CA SER E 177 -27.27 48.92 34.57
C SER E 177 -28.03 48.78 35.90
N PRO E 178 -29.36 48.61 35.84
CA PRO E 178 -30.18 48.36 37.04
C PRO E 178 -30.04 47.00 37.67
N GLY E 179 -29.10 46.20 37.20
CA GLY E 179 -29.09 44.81 37.56
C GLY E 179 -30.16 44.05 36.80
N GLY E 180 -30.41 42.84 37.23
CA GLY E 180 -31.15 41.91 36.45
C GLY E 180 -30.97 40.52 36.96
N SER E 181 -31.91 39.61 36.68
CA SER E 181 -33.03 39.83 35.77
C SER E 181 -34.25 40.58 36.32
N SER E 182 -34.26 40.90 37.62
CA SER E 182 -35.35 41.69 38.19
C SER E 182 -35.05 43.18 38.07
N GLY E 183 -34.67 43.61 36.87
CA GLY E 183 -34.03 44.90 36.66
C GLY E 183 -34.98 46.05 36.84
N GLY E 184 -36.10 45.98 36.11
CA GLY E 184 -37.21 46.94 36.19
C GLY E 184 -37.78 47.06 37.59
N GLU E 185 -37.83 45.94 38.31
CA GLU E 185 -38.10 45.90 39.74
C GLU E 185 -37.17 46.78 40.58
N GLY E 186 -35.86 46.63 40.42
CA GLY E 186 -34.87 47.40 41.16
C GLY E 186 -34.97 48.90 40.82
N ALA E 187 -35.02 49.20 39.53
CA ALA E 187 -35.16 50.55 39.01
C ALA E 187 -36.41 51.29 39.47
N LEU E 188 -37.50 50.56 39.72
CA LEU E 188 -38.74 51.15 40.23
C LEU E 188 -38.75 51.28 41.76
N ILE E 189 -38.13 50.30 42.45
CA ILE E 189 -38.09 50.29 43.93
C ILE E 189 -37.18 51.40 44.54
N GLY E 190 -35.89 51.42 44.16
CA GLY E 190 -35.08 52.64 44.20
C GLY E 190 -35.69 53.68 43.25
N SER E 191 -35.55 54.98 43.57
CA SER E 191 -36.39 56.09 43.00
C SER E 191 -37.92 56.07 43.33
N GLY E 192 -38.37 55.02 44.02
CA GLY E 192 -39.51 55.09 44.93
C GLY E 192 -40.90 55.07 44.32
N GLY E 193 -41.05 54.45 43.14
CA GLY E 193 -42.36 54.22 42.51
C GLY E 193 -43.14 53.01 43.05
N SER E 194 -42.49 52.25 43.94
CA SER E 194 -43.04 51.02 44.50
C SER E 194 -42.41 50.75 45.88
N PRO E 195 -43.24 50.40 46.89
CA PRO E 195 -42.73 49.94 48.20
C PRO E 195 -42.14 48.50 48.15
N LEU E 196 -42.78 47.63 47.37
CA LEU E 196 -42.62 46.20 47.46
C LEU E 196 -42.72 45.58 46.10
N GLY E 197 -41.83 44.63 45.86
CA GLY E 197 -41.86 43.87 44.64
C GLY E 197 -41.46 42.44 44.81
N LEU E 198 -41.88 41.61 43.85
CA LEU E 198 -41.41 40.24 43.76
C LEU E 198 -40.51 40.00 42.53
N GLY E 199 -39.55 39.11 42.70
CA GLY E 199 -38.50 38.84 41.74
C GLY E 199 -38.20 37.37 41.76
N THR E 200 -37.40 36.90 40.79
CA THR E 200 -36.92 35.49 40.79
C THR E 200 -35.42 35.49 40.83
N ASP E 201 -34.84 34.35 41.17
CA ASP E 201 -33.40 34.23 41.33
C ASP E 201 -32.99 32.76 41.06
N ILE E 202 -32.32 32.53 39.94
CA ILE E 202 -31.64 31.26 39.71
C ILE E 202 -30.11 31.40 39.73
N GLY E 203 -29.66 32.67 39.65
CA GLY E 203 -28.26 32.97 39.54
C GLY E 203 -27.81 34.21 40.26
N GLY E 204 -28.76 34.95 40.83
CA GLY E 204 -28.46 36.22 41.47
C GLY E 204 -29.41 37.31 41.13
N SER E 205 -30.50 36.93 40.49
CA SER E 205 -31.40 37.87 39.83
C SER E 205 -32.33 38.72 40.76
N ILE E 206 -32.44 38.37 42.07
CA ILE E 206 -33.00 39.29 43.08
C ILE E 206 -31.87 40.20 43.66
N ARG E 207 -30.69 39.63 43.79
CA ARG E 207 -29.56 40.25 44.51
C ARG E 207 -28.75 41.23 43.68
N PHE E 208 -28.56 40.95 42.39
CA PHE E 208 -28.08 41.98 41.44
C PHE E 208 -28.89 43.29 41.47
N PRO E 209 -30.22 43.28 41.19
CA PRO E 209 -31.02 44.51 41.12
C PRO E 209 -31.21 45.23 42.42
N SER E 210 -31.18 44.47 43.52
CA SER E 210 -31.06 45.02 44.85
C SER E 210 -29.76 45.80 44.99
N ALA E 211 -28.63 45.10 44.81
CA ALA E 211 -27.30 45.69 45.01
C ALA E 211 -26.96 46.85 44.11
N PHE E 212 -27.49 46.86 42.90
CA PHE E 212 -27.10 47.85 41.92
C PHE E 212 -27.86 49.15 42.22
N CYS E 213 -29.17 49.03 42.52
CA CYS E 213 -30.02 50.17 42.78
C CYS E 213 -30.12 50.53 44.27
N GLY E 214 -29.32 49.82 45.10
CA GLY E 214 -29.18 50.10 46.53
C GLY E 214 -30.43 49.92 47.38
N ILE E 215 -31.16 48.82 47.13
CA ILE E 215 -32.32 48.45 47.94
C ILE E 215 -32.11 47.10 48.56
N CYS E 216 -33.11 46.63 49.31
CA CYS E 216 -33.06 45.33 49.99
C CYS E 216 -33.82 44.27 49.27
N GLY E 217 -33.27 43.05 49.29
CA GLY E 217 -33.86 41.91 48.61
C GLY E 217 -33.45 40.62 49.27
N LEU E 218 -34.32 39.62 49.18
CA LEU E 218 -34.01 38.29 49.73
C LEU E 218 -34.45 37.19 48.76
N LYS E 219 -33.53 36.27 48.51
CA LYS E 219 -33.79 35.05 47.82
C LYS E 219 -33.82 33.98 48.85
N PRO E 220 -35.01 33.44 49.14
CA PRO E 220 -35.15 32.38 50.17
C PRO E 220 -34.60 31.01 49.69
N THR E 221 -34.78 29.96 50.51
CA THR E 221 -34.74 28.56 50.04
C THR E 221 -35.75 28.34 48.88
N GLY E 222 -35.33 27.52 47.91
CA GLY E 222 -36.01 27.39 46.62
C GLY E 222 -37.45 26.95 46.73
N ASN E 223 -37.72 26.01 47.63
CA ASN E 223 -39.04 25.49 47.87
C ASN E 223 -39.77 26.15 49.04
N ARG E 224 -39.31 27.34 49.48
CA ARG E 224 -39.99 28.09 50.57
C ARG E 224 -41.31 28.63 50.11
N LEU E 225 -41.33 29.26 48.94
CA LEU E 225 -42.61 29.68 48.33
C LEU E 225 -42.86 28.95 47.00
N SER E 226 -44.08 29.10 46.50
CA SER E 226 -44.56 28.38 45.35
C SER E 226 -44.01 28.97 44.03
N LYS E 227 -43.86 28.11 43.03
CA LYS E 227 -43.40 28.54 41.72
C LYS E 227 -44.46 28.29 40.68
N SER E 228 -45.69 28.00 41.13
CA SER E 228 -46.69 27.28 40.34
C SER E 228 -47.21 28.05 39.13
N GLY E 229 -47.25 29.38 39.24
CA GLY E 229 -47.68 30.20 38.14
C GLY E 229 -46.55 30.83 37.33
N LEU E 230 -45.30 30.49 37.66
CA LEU E 230 -44.16 31.19 37.07
C LEU E 230 -43.87 30.79 35.66
N LYS E 231 -43.83 31.79 34.79
CA LYS E 231 -43.22 31.67 33.49
C LYS E 231 -41.69 31.68 33.61
N GLY E 232 -41.07 30.64 33.05
CA GLY E 232 -39.66 30.65 32.70
C GLY E 232 -39.52 30.20 31.26
N CYS E 233 -38.32 30.31 30.71
CA CYS E 233 -38.12 29.85 29.35
C CYS E 233 -37.59 28.42 29.21
N VAL E 234 -36.82 27.94 30.18
CA VAL E 234 -36.64 26.50 30.35
C VAL E 234 -37.42 25.98 31.57
N TYR E 235 -37.90 24.74 31.49
CA TYR E 235 -38.59 24.08 32.58
C TYR E 235 -37.93 22.73 32.89
N GLY E 236 -38.07 22.28 34.15
CA GLY E 236 -37.67 20.94 34.55
C GLY E 236 -36.23 20.77 35.02
N GLN E 237 -35.53 21.88 35.15
CA GLN E 237 -34.15 21.83 35.60
C GLN E 237 -34.11 22.02 37.13
N THR E 238 -33.57 21.00 37.84
CA THR E 238 -33.64 20.95 39.31
C THR E 238 -32.28 21.03 40.01
N ALA E 239 -31.22 20.61 39.32
CA ALA E 239 -29.85 20.87 39.76
C ALA E 239 -29.60 22.35 39.58
N VAL E 240 -29.53 23.10 40.71
CA VAL E 240 -29.31 24.60 40.77
C VAL E 240 -30.60 25.44 40.76
N GLN E 241 -30.93 25.96 41.93
CA GLN E 241 -32.30 26.12 42.35
C GLN E 241 -32.83 27.49 42.12
N LEU E 242 -34.04 27.55 41.59
CA LEU E 242 -34.78 28.79 41.41
C LEU E 242 -35.59 29.13 42.67
N SER E 243 -35.66 30.45 43.01
CA SER E 243 -36.55 30.96 44.08
C SER E 243 -37.10 32.39 43.83
N LEU E 244 -38.34 32.61 44.26
CA LEU E 244 -38.95 33.95 44.28
C LEU E 244 -38.92 34.54 45.66
N GLY E 245 -38.80 35.86 45.71
CA GLY E 245 -38.56 36.57 46.94
C GLY E 245 -38.84 38.07 46.85
N PRO E 246 -38.90 38.73 48.02
CA PRO E 246 -39.32 40.14 48.06
C PRO E 246 -38.16 41.08 47.77
N MET E 247 -38.51 42.22 47.21
CA MET E 247 -37.61 43.34 47.09
C MET E 247 -38.30 44.61 47.58
N ALA E 248 -37.54 45.45 48.30
CA ALA E 248 -38.06 46.62 49.05
C ALA E 248 -36.97 47.56 49.49
N ARG E 249 -37.35 48.72 50.01
CA ARG E 249 -36.40 49.68 50.58
C ARG E 249 -35.73 49.24 51.91
N ASP E 250 -36.53 48.65 52.82
CA ASP E 250 -36.03 48.23 54.16
C ASP E 250 -36.35 46.75 54.45
N VAL E 251 -35.48 46.07 55.21
CA VAL E 251 -35.62 44.60 55.48
C VAL E 251 -36.86 44.18 56.30
N GLU E 252 -37.53 45.17 56.89
CA GLU E 252 -38.77 44.93 57.64
C GLU E 252 -39.98 44.68 56.72
N SER E 253 -39.92 45.22 55.49
CA SER E 253 -40.89 44.89 54.43
C SER E 253 -40.69 43.49 53.84
N LEU E 254 -39.44 43.04 53.78
CA LEU E 254 -39.09 41.69 53.35
C LEU E 254 -39.60 40.68 54.35
N ALA E 255 -39.54 41.07 55.64
CA ALA E 255 -40.10 40.31 56.74
C ALA E 255 -41.58 40.28 56.72
N LEU E 256 -42.19 41.42 56.34
CA LEU E 256 -43.63 41.56 56.22
C LEU E 256 -44.20 40.77 55.06
N CYS E 257 -43.56 40.86 53.89
CA CYS E 257 -44.02 40.16 52.69
C CYS E 257 -43.90 38.66 52.84
N LEU E 258 -42.77 38.20 53.40
CA LEU E 258 -42.58 36.79 53.72
C LEU E 258 -43.49 36.27 54.86
N LYS E 259 -44.14 37.20 55.58
CA LYS E 259 -45.02 36.85 56.69
C LYS E 259 -46.43 36.77 56.19
N ALA E 260 -46.77 37.69 55.26
CA ALA E 260 -48.06 37.69 54.60
C ALA E 260 -48.19 36.50 53.66
N LEU E 261 -47.08 36.11 53.04
CA LEU E 261 -47.08 35.04 52.05
C LEU E 261 -47.21 33.67 52.70
N LEU E 262 -46.53 33.48 53.83
CA LEU E 262 -46.44 32.19 54.46
C LEU E 262 -47.66 31.92 55.40
N CYS E 263 -48.83 31.79 54.77
CA CYS E 263 -50.11 31.59 55.45
C CYS E 263 -50.86 30.40 54.79
N GLU E 264 -51.85 29.87 55.50
CA GLU E 264 -52.66 28.72 55.06
C GLU E 264 -53.41 28.87 53.69
N HIS E 265 -53.54 30.12 53.19
CA HIS E 265 -53.96 30.39 51.78
C HIS E 265 -52.97 29.75 50.79
N LEU E 266 -51.67 30.06 50.98
CA LEU E 266 -50.60 29.60 50.10
C LEU E 266 -50.35 28.13 50.24
N PHE E 267 -50.36 27.62 51.48
CA PHE E 267 -50.13 26.18 51.72
C PHE E 267 -51.25 25.20 51.22
N THR E 268 -52.32 25.77 50.64
CA THR E 268 -53.50 25.03 50.15
C THR E 268 -53.65 25.15 48.63
N LEU E 269 -53.58 26.38 48.11
CA LEU E 269 -53.23 26.58 46.71
C LEU E 269 -51.74 26.35 46.57
N ASP E 270 -51.36 25.10 46.29
CA ASP E 270 -49.96 24.54 46.26
C ASP E 270 -49.48 23.83 47.53
N PRO E 271 -49.96 22.60 47.78
CA PRO E 271 -49.45 21.74 48.87
C PRO E 271 -48.02 21.21 48.72
N THR E 272 -47.29 21.63 47.69
CA THR E 272 -45.90 21.13 47.49
C THR E 272 -44.93 21.96 48.31
N VAL E 273 -45.36 23.15 48.66
CA VAL E 273 -44.68 23.97 49.62
C VAL E 273 -44.89 23.37 51.00
N PRO E 274 -43.79 23.08 51.70
CA PRO E 274 -43.87 22.64 53.10
C PRO E 274 -44.43 23.76 53.97
N PRO E 275 -45.54 23.49 54.69
CA PRO E 275 -46.30 24.55 55.35
C PRO E 275 -45.55 25.04 56.56
N LEU E 276 -44.52 25.83 56.27
CA LEU E 276 -43.60 26.35 57.25
C LEU E 276 -43.99 27.78 57.50
N PRO E 277 -44.56 28.03 58.70
CA PRO E 277 -45.01 29.39 59.06
C PRO E 277 -43.82 30.30 59.33
N PHE E 278 -44.01 31.61 59.18
CA PHE E 278 -42.99 32.58 59.53
C PHE E 278 -42.83 32.71 61.04
N ARG E 279 -41.65 32.32 61.53
CA ARG E 279 -41.34 32.32 62.94
C ARG E 279 -40.82 33.69 63.39
N GLU E 280 -41.74 34.52 63.94
CA GLU E 280 -41.44 35.87 64.51
C GLU E 280 -40.30 35.89 65.52
N GLU E 281 -40.30 34.89 66.42
CA GLU E 281 -39.32 34.78 67.51
C GLU E 281 -37.85 34.67 67.07
N VAL E 282 -37.64 34.04 65.90
CA VAL E 282 -36.28 33.81 65.33
C VAL E 282 -35.82 35.10 64.63
N TYR E 283 -36.76 35.76 63.94
CA TYR E 283 -36.56 37.08 63.34
C TYR E 283 -36.28 38.19 64.39
N ARG E 284 -37.01 38.18 65.50
CA ARG E 284 -36.99 39.30 66.45
C ARG E 284 -35.88 39.13 67.49
N SER E 285 -35.28 37.93 67.53
CA SER E 285 -34.19 37.59 68.47
C SER E 285 -32.96 38.46 68.28
N SER E 286 -32.38 38.86 69.40
CA SER E 286 -31.16 39.62 69.42
C SER E 286 -30.08 38.93 70.28
N ARG E 287 -30.18 37.60 70.36
CA ARG E 287 -29.10 36.73 70.84
C ARG E 287 -27.86 36.88 69.92
N PRO E 288 -26.65 37.03 70.51
CA PRO E 288 -25.46 37.40 69.73
C PRO E 288 -24.97 36.24 68.83
N LEU E 289 -24.51 36.59 67.64
CA LEU E 289 -24.42 35.64 66.54
C LEU E 289 -22.99 35.25 66.26
N ARG E 290 -22.80 33.97 65.94
CA ARG E 290 -21.55 33.49 65.34
C ARG E 290 -21.62 33.62 63.79
N VAL E 291 -20.77 34.51 63.26
CA VAL E 291 -20.90 35.04 61.90
C VAL E 291 -19.62 34.72 61.16
N GLY E 292 -19.72 33.83 60.17
CA GLY E 292 -18.64 33.62 59.22
C GLY E 292 -18.41 34.84 58.34
N TYR E 293 -17.18 35.01 57.89
CA TYR E 293 -16.89 36.03 56.87
C TYR E 293 -15.82 35.58 55.91
N TYR E 294 -15.85 36.15 54.71
CA TYR E 294 -14.68 36.25 53.82
C TYR E 294 -14.64 37.60 53.06
N GLU E 295 -13.42 38.02 52.71
CA GLU E 295 -13.19 39.15 51.80
C GLU E 295 -13.36 38.80 50.31
N THR E 296 -13.06 37.54 49.94
CA THR E 296 -13.12 37.08 48.52
C THR E 296 -13.51 35.61 48.37
N ASP E 297 -14.06 35.25 47.21
CA ASP E 297 -14.26 33.83 46.84
C ASP E 297 -13.03 33.15 46.24
N ASN E 298 -11.97 33.97 46.01
CA ASN E 298 -10.76 33.65 45.19
C ASN E 298 -10.96 33.55 43.68
N TYR E 299 -12.12 34.03 43.22
CA TYR E 299 -12.58 33.83 41.85
C TYR E 299 -12.78 35.15 41.14
N THR E 300 -13.78 35.91 41.55
CA THR E 300 -13.86 37.30 41.18
C THR E 300 -13.06 38.10 42.21
N MET E 301 -12.11 38.89 41.75
CA MET E 301 -11.53 39.95 42.58
C MET E 301 -12.63 40.95 42.92
N PRO E 302 -12.75 41.33 44.23
CA PRO E 302 -13.69 42.37 44.62
C PRO E 302 -13.26 43.73 44.07
N SER E 303 -14.22 44.62 43.78
CA SER E 303 -13.94 46.06 43.64
C SER E 303 -13.41 46.60 44.98
N PRO E 304 -12.54 47.63 44.98
CA PRO E 304 -12.19 48.37 46.21
C PRO E 304 -13.38 48.69 47.14
N ALA E 305 -14.50 49.17 46.58
CA ALA E 305 -15.72 49.46 47.35
C ALA E 305 -16.42 48.21 48.00
N MET E 306 -16.40 47.06 47.30
CA MET E 306 -16.78 45.72 47.86
C MET E 306 -15.98 45.30 49.08
N ARG E 307 -14.69 45.62 49.04
CA ARG E 307 -13.73 45.22 50.05
C ARG E 307 -13.89 46.09 51.28
N ARG E 308 -14.04 47.42 51.04
CA ARG E 308 -14.29 48.40 52.09
C ARG E 308 -15.64 48.15 52.78
N ALA E 309 -16.71 47.97 51.97
CA ALA E 309 -18.06 47.52 52.45
C ALA E 309 -17.95 46.40 53.46
N LEU E 310 -17.51 45.24 52.97
CA LEU E 310 -17.35 44.01 53.75
C LEU E 310 -16.55 44.20 55.05
N ILE E 311 -15.38 44.86 54.99
CA ILE E 311 -14.53 45.11 56.18
C ILE E 311 -15.19 46.06 57.25
N GLU E 312 -15.86 47.13 56.79
CA GLU E 312 -16.64 48.01 57.67
C GLU E 312 -17.81 47.33 58.42
N THR E 313 -18.67 46.59 57.70
CA THR E 313 -19.74 45.78 58.37
C THR E 313 -19.24 44.54 59.13
N LYS E 314 -18.02 44.10 58.85
CA LYS E 314 -17.32 43.12 59.69
C LYS E 314 -17.01 43.74 61.05
N GLN E 315 -16.57 45.00 61.03
CA GLN E 315 -16.09 45.72 62.22
C GLN E 315 -17.21 46.14 63.15
N ARG E 316 -18.32 46.62 62.56
CA ARG E 316 -19.46 47.14 63.35
C ARG E 316 -20.27 46.04 64.05
N LEU E 317 -20.27 44.85 63.43
CA LEU E 317 -20.78 43.64 64.06
C LEU E 317 -19.89 43.20 65.26
N GLU E 318 -18.56 43.36 65.11
CA GLU E 318 -17.59 43.00 66.15
C GLU E 318 -17.59 43.97 67.34
N ALA E 319 -18.00 45.22 67.07
CA ALA E 319 -18.22 46.24 68.09
C ALA E 319 -19.46 45.93 68.88
N ALA E 320 -20.57 45.63 68.18
CA ALA E 320 -21.87 45.36 68.84
C ALA E 320 -22.01 43.92 69.45
N GLY E 321 -20.89 43.19 69.53
CA GLY E 321 -20.80 41.98 70.35
C GLY E 321 -20.57 40.69 69.57
N HIS E 322 -20.89 40.68 68.26
CA HIS E 322 -20.80 39.46 67.42
C HIS E 322 -19.35 39.06 67.16
N THR E 323 -19.15 37.79 66.86
CA THR E 323 -17.83 37.16 66.93
C THR E 323 -17.48 36.47 65.60
N LEU E 324 -16.51 37.06 64.89
CA LEU E 324 -16.46 37.00 63.42
C LEU E 324 -15.37 36.08 62.93
N ILE E 325 -15.76 35.01 62.22
CA ILE E 325 -14.87 33.84 61.95
C ILE E 325 -14.48 33.71 60.44
N PRO E 326 -13.16 33.62 60.11
CA PRO E 326 -12.74 33.37 58.72
C PRO E 326 -13.28 32.03 58.18
N PHE E 327 -14.43 32.14 57.49
CA PHE E 327 -15.13 31.03 56.82
C PHE E 327 -15.15 31.25 55.33
N LEU E 328 -14.82 30.20 54.60
CA LEU E 328 -15.05 30.11 53.16
C LEU E 328 -15.53 28.69 52.84
N PRO E 329 -16.57 28.57 51.99
CA PRO E 329 -16.96 27.25 51.43
C PRO E 329 -15.80 26.57 50.68
N ASN E 330 -15.58 25.28 50.97
CA ASN E 330 -14.56 24.46 50.29
C ASN E 330 -14.86 24.31 48.81
N ASN E 331 -13.79 24.21 47.99
CA ASN E 331 -13.91 23.90 46.54
C ASN E 331 -14.94 24.76 45.79
N ILE E 332 -14.89 26.08 46.02
CA ILE E 332 -15.58 27.05 45.16
C ILE E 332 -15.37 26.79 43.63
N PRO E 333 -14.10 26.72 43.10
CA PRO E 333 -13.93 26.60 41.62
C PRO E 333 -14.53 25.31 41.03
N TYR E 334 -14.61 24.25 41.84
CA TYR E 334 -15.42 23.06 41.50
C TYR E 334 -16.91 23.40 41.38
N ALA E 335 -17.46 24.10 42.39
CA ALA E 335 -18.90 24.39 42.51
C ALA E 335 -19.40 25.29 41.41
N LEU E 336 -18.61 26.30 41.06
CA LEU E 336 -19.01 27.28 40.05
C LEU E 336 -18.94 26.67 38.66
N GLU E 337 -17.81 26.06 38.35
CA GLU E 337 -17.50 25.70 36.97
C GLU E 337 -18.09 24.37 36.62
N VAL E 338 -17.89 23.36 37.46
CA VAL E 338 -18.53 22.11 37.18
C VAL E 338 -20.03 22.05 37.61
N LEU E 339 -20.33 22.48 38.83
CA LEU E 339 -21.65 22.19 39.40
C LEU E 339 -22.73 23.20 38.99
N SER E 340 -22.42 24.51 39.10
CA SER E 340 -23.38 25.61 38.83
C SER E 340 -23.60 25.84 37.34
N ALA E 341 -22.49 26.06 36.62
CA ALA E 341 -22.50 26.31 35.18
C ALA E 341 -22.92 25.08 34.38
N GLY E 342 -22.41 23.93 34.82
CA GLY E 342 -22.82 22.65 34.31
C GLY E 342 -24.29 22.38 34.53
N GLY E 343 -24.80 22.80 35.70
CA GLY E 343 -26.18 22.59 36.12
C GLY E 343 -27.19 23.28 35.27
N LEU E 344 -26.91 24.54 34.93
CA LEU E 344 -27.78 25.34 34.07
C LEU E 344 -27.70 24.97 32.55
N PHE E 345 -26.58 24.36 32.14
CA PHE E 345 -26.33 24.08 30.71
C PHE E 345 -26.12 22.61 30.44
N SER E 346 -26.85 21.79 31.19
CA SER E 346 -26.73 20.33 31.13
C SER E 346 -27.03 19.74 29.73
N ASP E 347 -27.85 20.47 28.98
CA ASP E 347 -28.33 20.00 27.73
C ASP E 347 -27.59 20.65 26.57
N GLY E 348 -26.50 21.35 26.88
CA GLY E 348 -25.78 22.12 25.89
C GLY E 348 -26.41 23.45 25.51
N GLY E 349 -27.68 23.66 25.89
CA GLY E 349 -28.39 24.91 25.69
C GLY E 349 -29.61 24.84 24.78
N ARG E 350 -30.02 23.61 24.38
CA ARG E 350 -31.03 23.39 23.32
C ARG E 350 -32.45 23.88 23.68
N SER E 351 -32.97 23.44 24.86
CA SER E 351 -34.27 23.94 25.43
C SER E 351 -34.33 25.47 25.48
N PHE E 352 -33.24 26.06 25.98
CA PHE E 352 -33.02 27.49 26.07
C PHE E 352 -33.10 28.17 24.71
N LEU E 353 -32.40 27.58 23.71
CA LEU E 353 -32.22 28.21 22.36
C LEU E 353 -33.45 28.14 21.45
N GLN E 354 -34.47 27.37 21.87
CA GLN E 354 -35.76 27.26 21.16
C GLN E 354 -36.59 28.53 21.23
N ASN E 355 -36.37 29.32 22.26
CA ASN E 355 -37.08 30.59 22.47
C ASN E 355 -36.58 31.73 21.58
N PHE E 356 -35.46 31.48 20.89
CA PHE E 356 -34.77 32.48 20.06
C PHE E 356 -34.92 32.29 18.53
N LYS E 357 -35.71 31.27 18.14
CA LYS E 357 -36.02 30.97 16.76
C LYS E 357 -36.81 32.11 16.14
N GLY E 358 -36.22 32.72 15.11
CA GLY E 358 -36.83 33.82 14.36
C GLY E 358 -36.89 35.13 15.13
N ASP E 359 -36.08 35.22 16.18
CA ASP E 359 -36.04 36.36 17.07
C ASP E 359 -34.72 37.10 16.96
N PHE E 360 -34.78 38.42 17.20
CA PHE E 360 -33.60 39.24 17.48
C PHE E 360 -33.01 38.80 18.77
N VAL E 361 -31.69 38.72 18.81
CA VAL E 361 -30.95 38.59 20.07
C VAL E 361 -30.41 39.96 20.46
N ASP E 362 -30.84 40.43 21.64
CA ASP E 362 -30.56 41.77 22.18
C ASP E 362 -29.08 41.88 22.52
N PRO E 363 -28.43 43.02 22.13
CA PRO E 363 -26.97 43.22 22.33
C PRO E 363 -26.45 43.08 23.78
N CYS E 364 -27.35 43.29 24.75
CA CYS E 364 -27.07 43.04 26.17
C CYS E 364 -26.76 41.59 26.53
N LEU E 365 -27.18 40.66 25.68
CA LEU E 365 -26.89 39.26 25.89
C LEU E 365 -25.45 38.86 25.50
N GLY E 366 -24.80 39.70 24.65
CA GLY E 366 -23.42 39.49 24.19
C GLY E 366 -23.35 38.34 23.20
N ASP E 367 -22.36 37.46 23.39
CA ASP E 367 -22.16 36.34 22.45
C ASP E 367 -22.60 35.01 23.00
N LEU E 368 -23.34 35.05 24.13
CA LEU E 368 -23.89 33.85 24.81
C LEU E 368 -24.76 32.97 23.88
N ILE E 369 -25.58 33.63 23.06
CA ILE E 369 -26.41 32.95 22.09
C ILE E 369 -25.55 32.36 20.99
N LEU E 370 -24.56 33.16 20.50
CA LEU E 370 -23.59 32.69 19.47
C LEU E 370 -22.79 31.47 19.93
N ILE E 371 -22.26 31.52 21.16
CA ILE E 371 -21.42 30.44 21.72
C ILE E 371 -22.21 29.12 21.97
N LEU E 372 -23.40 29.22 22.58
CA LEU E 372 -24.32 28.07 22.81
C LEU E 372 -24.83 27.35 21.54
N ARG E 373 -24.82 28.09 20.43
CA ARG E 373 -25.30 27.63 19.15
C ARG E 373 -24.19 27.02 18.27
N LEU E 374 -22.92 27.23 18.64
CA LEU E 374 -21.80 26.49 18.04
C LEU E 374 -21.95 25.03 18.42
N PRO E 375 -21.75 24.11 17.44
CA PRO E 375 -21.91 22.64 17.69
C PRO E 375 -20.91 22.09 18.70
N SER E 376 -21.15 20.88 19.17
CA SER E 376 -20.44 20.32 20.33
C SER E 376 -18.95 20.16 20.12
N TRP E 377 -18.56 19.73 18.91
CA TRP E 377 -17.14 19.45 18.58
C TRP E 377 -16.29 20.73 18.68
N PHE E 378 -16.89 21.88 18.32
CA PHE E 378 -16.22 23.16 18.37
C PHE E 378 -16.07 23.68 19.79
N LYS E 379 -17.15 23.53 20.56
CA LYS E 379 -17.18 23.84 21.97
C LYS E 379 -16.10 23.06 22.72
N ARG E 380 -16.10 21.71 22.57
CA ARG E 380 -15.01 20.82 23.01
C ARG E 380 -13.58 21.13 22.43
N LEU E 381 -13.47 21.53 21.15
CA LEU E 381 -12.16 21.91 20.56
C LEU E 381 -11.59 23.22 21.09
N LEU E 382 -12.45 24.25 21.20
CA LEU E 382 -12.09 25.52 21.83
C LEU E 382 -11.66 25.34 23.28
N SER E 383 -12.39 24.48 24.00
CA SER E 383 -12.24 24.30 25.44
C SER E 383 -10.84 23.81 25.81
N LEU E 384 -10.42 22.65 25.25
CA LEU E 384 -9.10 22.12 25.56
C LEU E 384 -7.92 22.88 24.87
N LEU E 385 -8.26 23.84 23.99
CA LEU E 385 -7.31 24.80 23.42
C LEU E 385 -7.14 26.12 24.22
N LEU E 386 -8.17 26.47 24.99
CA LEU E 386 -8.09 27.62 25.87
C LEU E 386 -7.60 27.25 27.26
N LYS E 387 -7.71 25.95 27.64
CA LYS E 387 -7.10 25.39 28.89
C LYS E 387 -5.63 25.79 29.24
N PRO E 388 -4.65 25.68 28.30
CA PRO E 388 -3.28 26.10 28.62
C PRO E 388 -3.08 27.62 28.76
N LEU E 389 -4.12 28.43 28.56
CA LEU E 389 -3.98 29.89 28.63
C LEU E 389 -5.02 30.57 29.53
N PHE E 390 -6.30 30.35 29.23
CA PHE E 390 -7.42 31.01 29.93
C PHE E 390 -8.39 29.96 30.57
N PRO E 391 -7.99 29.31 31.67
CA PRO E 391 -8.71 28.10 32.18
C PRO E 391 -10.15 28.32 32.71
N ARG E 392 -10.55 29.58 32.94
CA ARG E 392 -11.94 29.96 33.28
C ARG E 392 -12.88 29.77 32.10
N LEU E 393 -12.49 30.35 30.96
CA LEU E 393 -13.27 30.34 29.73
C LEU E 393 -13.35 28.90 29.15
N ALA E 394 -12.27 28.14 29.38
CA ALA E 394 -12.19 26.71 29.05
C ALA E 394 -13.18 25.91 29.86
N ALA E 395 -13.41 26.31 31.11
CA ALA E 395 -14.37 25.67 31.97
C ALA E 395 -15.77 26.04 31.60
N PHE E 396 -16.01 27.32 31.30
CA PHE E 396 -17.27 27.83 30.70
C PHE E 396 -17.75 27.03 29.50
N LEU E 397 -16.83 26.73 28.60
CA LEU E 397 -17.13 26.03 27.35
C LEU E 397 -17.34 24.55 27.60
N ASN E 398 -16.61 24.01 28.53
CA ASN E 398 -16.77 22.66 28.88
C ASN E 398 -18.11 22.37 29.62
N SER E 399 -18.65 23.40 30.27
CA SER E 399 -19.88 23.32 31.05
C SER E 399 -21.13 23.24 30.17
N MET E 400 -21.03 23.87 28.99
CA MET E 400 -22.11 23.90 28.01
C MET E 400 -22.01 22.81 26.92
N ARG E 401 -21.20 21.80 27.15
CA ARG E 401 -21.28 20.56 26.39
C ARG E 401 -22.64 19.85 26.72
N PRO E 402 -23.27 19.21 25.74
CA PRO E 402 -24.51 18.47 26.02
C PRO E 402 -24.23 17.15 26.77
N ARG E 403 -24.86 17.00 27.95
CA ARG E 403 -24.70 15.81 28.80
C ARG E 403 -25.81 14.85 28.54
N SER E 404 -25.55 13.59 28.84
CA SER E 404 -26.58 12.56 28.92
C SER E 404 -27.27 12.58 30.29
N ALA E 405 -28.44 11.90 30.41
CA ALA E 405 -29.15 11.72 31.69
C ALA E 405 -28.36 10.93 32.75
N GLU E 406 -27.53 9.98 32.30
CA GLU E 406 -26.53 9.35 33.15
C GLU E 406 -25.58 10.36 33.79
N LYS E 407 -25.13 11.31 32.99
CA LYS E 407 -24.25 12.34 33.45
C LYS E 407 -24.96 13.43 34.27
N LEU E 408 -26.30 13.53 34.14
CA LEU E 408 -27.09 14.44 35.00
C LEU E 408 -27.21 13.95 36.39
N TRP E 409 -27.66 12.73 36.58
CA TRP E 409 -27.71 12.16 37.93
C TRP E 409 -26.40 12.30 38.67
N LYS E 410 -25.26 12.07 37.98
CA LYS E 410 -23.91 12.21 38.59
C LYS E 410 -23.63 13.63 39.01
N LEU E 411 -24.13 14.60 38.23
CA LEU E 411 -24.10 16.00 38.65
C LEU E 411 -24.95 16.18 39.83
N GLN E 412 -26.22 15.73 39.75
CA GLN E 412 -27.22 15.95 40.81
C GLN E 412 -26.82 15.38 42.17
N HIS E 413 -26.18 14.21 42.15
CA HIS E 413 -25.55 13.60 43.32
C HIS E 413 -24.25 14.26 43.81
N GLU E 414 -23.41 14.77 42.90
CA GLU E 414 -22.28 15.63 43.31
C GLU E 414 -22.79 16.91 43.97
N ILE E 415 -23.93 17.44 43.49
CA ILE E 415 -24.54 18.69 44.00
C ILE E 415 -25.08 18.49 45.41
N GLU E 416 -25.69 17.31 45.65
CA GLU E 416 -26.22 16.98 46.98
C GLU E 416 -25.11 16.66 47.99
N MET E 417 -23.95 16.21 47.48
CA MET E 417 -22.75 15.99 48.31
C MET E 417 -22.05 17.28 48.65
N TYR E 418 -22.29 18.31 47.87
CA TYR E 418 -21.54 19.55 48.04
C TYR E 418 -22.13 20.41 49.16
N ARG E 419 -23.43 20.72 48.99
CA ARG E 419 -24.37 20.98 50.09
C ARG E 419 -24.05 20.37 51.48
N GLN E 420 -23.90 19.04 51.52
CA GLN E 420 -23.66 18.31 52.76
C GLN E 420 -22.29 18.63 53.35
N SER E 421 -21.28 18.76 52.46
CA SER E 421 -19.89 19.09 52.83
C SER E 421 -19.73 20.53 53.34
N VAL E 422 -20.40 21.48 52.66
CA VAL E 422 -20.41 22.85 53.10
C VAL E 422 -21.14 23.01 54.45
N ILE E 423 -22.17 22.16 54.68
CA ILE E 423 -22.90 22.09 55.96
C ILE E 423 -22.03 21.63 57.12
N ALA E 424 -21.23 20.57 56.90
CA ALA E 424 -20.30 20.00 57.90
C ALA E 424 -19.09 20.94 58.19
N GLN E 425 -18.81 21.88 57.27
CA GLN E 425 -17.91 23.03 57.52
C GLN E 425 -18.60 24.08 58.43
N TRP E 426 -19.89 24.30 58.21
CA TRP E 426 -20.68 25.31 58.93
C TRP E 426 -20.98 24.87 60.37
N LYS E 427 -21.13 23.56 60.58
CA LYS E 427 -21.48 23.01 61.90
C LYS E 427 -20.26 22.78 62.76
N ALA E 428 -19.10 22.51 62.10
CA ALA E 428 -17.81 22.33 62.82
C ALA E 428 -17.12 23.66 63.15
N MET E 429 -17.58 24.75 62.54
CA MET E 429 -17.21 26.09 62.98
C MET E 429 -18.31 26.74 63.80
N ASN E 430 -19.47 26.05 63.85
CA ASN E 430 -20.64 26.43 64.65
C ASN E 430 -21.12 27.89 64.43
N LEU E 431 -21.27 28.27 63.15
CA LEU E 431 -21.86 29.55 62.81
C LEU E 431 -23.38 29.44 62.85
N ASP E 432 -24.03 30.60 62.88
CA ASP E 432 -25.48 30.71 62.79
C ASP E 432 -25.83 31.40 61.49
N VAL E 433 -24.83 32.04 60.88
CA VAL E 433 -25.01 33.04 59.82
C VAL E 433 -23.68 33.31 59.07
N LEU E 434 -23.75 33.73 57.79
CA LEU E 434 -22.55 33.98 56.93
C LEU E 434 -22.57 35.37 56.32
N LEU E 435 -21.37 35.95 56.16
CA LEU E 435 -21.23 37.29 55.61
C LEU E 435 -20.27 37.27 54.42
N THR E 436 -20.68 37.93 53.34
CA THR E 436 -20.13 37.74 51.98
C THR E 436 -20.17 39.14 51.32
N PRO E 437 -19.14 39.50 50.49
CA PRO E 437 -19.22 40.67 49.61
C PRO E 437 -20.29 40.49 48.56
N MET E 438 -20.82 41.58 48.08
CA MET E 438 -21.79 41.50 47.04
C MET E 438 -21.30 42.34 45.86
N LEU E 439 -21.36 41.76 44.66
CA LEU E 439 -20.77 42.34 43.44
C LEU E 439 -20.95 43.82 43.35
N GLY E 440 -19.80 44.56 43.21
CA GLY E 440 -19.65 45.98 43.60
C GLY E 440 -20.44 46.95 42.80
N PRO E 441 -19.92 48.17 42.56
CA PRO E 441 -20.78 49.26 42.05
C PRO E 441 -21.31 48.91 40.65
N ALA E 442 -22.49 49.46 40.29
CA ALA E 442 -23.20 49.03 39.10
C ALA E 442 -22.28 48.99 37.88
N LEU E 443 -22.34 47.86 37.16
CA LEU E 443 -21.64 47.68 35.89
C LEU E 443 -22.26 48.62 34.84
N ASP E 444 -21.55 48.84 33.71
CA ASP E 444 -21.95 49.82 32.67
C ASP E 444 -23.33 49.52 31.96
N LEU E 445 -23.37 49.19 30.69
CA LEU E 445 -24.70 49.10 30.05
C LEU E 445 -24.99 47.93 29.13
N ASN E 446 -23.94 47.41 28.49
CA ASN E 446 -24.03 46.15 27.75
C ASN E 446 -22.82 45.30 28.12
N THR E 447 -22.45 45.41 29.41
CA THR E 447 -21.23 44.82 29.98
C THR E 447 -21.42 43.58 30.91
N PRO E 448 -22.58 43.45 31.67
CA PRO E 448 -22.94 42.18 32.32
C PRO E 448 -22.91 40.94 31.46
N GLY E 449 -23.40 41.04 30.22
CA GLY E 449 -23.19 40.01 29.19
C GLY E 449 -21.72 39.64 28.88
N ARG E 450 -20.80 40.58 29.06
CA ARG E 450 -19.38 40.35 28.80
C ARG E 450 -18.52 40.17 30.06
N ALA E 451 -19.16 39.70 31.14
CA ALA E 451 -18.50 39.49 32.44
C ALA E 451 -19.15 38.39 33.33
N THR E 452 -19.75 37.36 32.71
CA THR E 452 -20.22 36.05 33.32
C THR E 452 -19.57 35.53 34.64
N GLY E 453 -18.27 35.78 34.82
CA GLY E 453 -17.54 35.33 35.99
C GLY E 453 -17.77 36.17 37.23
N ALA E 454 -18.43 37.33 37.04
CA ALA E 454 -18.86 38.21 38.14
C ALA E 454 -20.16 37.75 38.83
N ILE E 455 -20.81 36.68 38.33
CA ILE E 455 -21.90 36.02 39.10
C ILE E 455 -21.42 34.95 40.10
N SER E 456 -20.08 34.81 40.20
CA SER E 456 -19.40 33.93 41.17
C SER E 456 -19.99 34.03 42.62
N TYR E 457 -20.20 35.28 43.09
CA TYR E 457 -20.66 35.57 44.44
C TYR E 457 -22.10 35.12 44.76
N THR E 458 -23.06 35.51 43.92
CA THR E 458 -24.46 35.14 44.12
C THR E 458 -24.80 33.66 43.82
N VAL E 459 -24.38 33.16 42.63
CA VAL E 459 -24.77 31.82 42.11
C VAL E 459 -24.40 30.64 43.02
N LEU E 460 -23.31 30.82 43.81
CA LEU E 460 -22.81 29.83 44.76
C LEU E 460 -23.86 29.45 45.79
N TYR E 461 -24.79 30.37 46.03
CA TYR E 461 -25.82 30.16 47.01
C TYR E 461 -27.15 29.67 46.43
N ASN E 462 -27.27 29.70 45.10
CA ASN E 462 -28.30 28.92 44.40
C ASN E 462 -27.91 27.50 44.26
N CYS E 463 -26.61 27.26 44.03
CA CYS E 463 -26.07 25.89 43.87
C CYS E 463 -26.26 25.09 45.18
N LEU E 464 -26.04 25.79 46.30
CA LEU E 464 -26.21 25.26 47.66
C LEU E 464 -27.69 25.27 48.14
N ASP E 465 -28.53 26.08 47.49
CA ASP E 465 -29.92 26.38 47.90
C ASP E 465 -30.05 26.92 49.37
N PHE E 466 -29.19 27.89 49.71
CA PHE E 466 -29.22 28.57 51.03
C PHE E 466 -29.94 29.91 50.85
N PRO E 467 -30.64 30.39 51.90
CA PRO E 467 -31.10 31.79 51.94
C PRO E 467 -29.95 32.70 51.75
N ALA E 468 -30.13 33.63 50.85
CA ALA E 468 -29.19 34.73 50.71
C ALA E 468 -29.94 36.02 50.51
N GLY E 469 -29.44 37.07 51.18
CA GLY E 469 -30.15 38.34 51.23
C GLY E 469 -29.23 39.49 51.01
N VAL E 470 -29.77 40.60 50.52
CA VAL E 470 -28.93 41.73 50.19
C VAL E 470 -29.42 43.02 50.84
N VAL E 471 -28.48 43.72 51.47
CA VAL E 471 -28.74 44.94 52.25
C VAL E 471 -27.57 45.96 52.00
N PRO E 472 -27.92 47.20 51.58
CA PRO E 472 -26.92 48.18 51.07
C PRO E 472 -26.25 49.04 52.16
N VAL E 473 -24.93 48.85 52.29
CA VAL E 473 -24.21 49.25 53.49
C VAL E 473 -23.42 50.55 53.35
N THR E 474 -23.16 50.98 52.10
CA THR E 474 -22.25 52.12 51.80
C THR E 474 -22.45 52.70 50.39
N THR E 475 -21.86 53.88 50.13
CA THR E 475 -21.70 54.40 48.76
C THR E 475 -20.23 54.55 48.33
N VAL E 476 -19.99 54.60 47.02
CA VAL E 476 -18.62 54.66 46.44
C VAL E 476 -18.04 56.06 46.61
N THR E 477 -16.94 56.11 47.34
CA THR E 477 -16.21 57.36 47.56
C THR E 477 -15.29 57.56 46.37
N ALA E 478 -14.79 58.80 46.18
CA ALA E 478 -13.74 59.09 45.18
C ALA E 478 -12.50 58.13 45.20
N GLU E 479 -12.06 57.75 46.42
CA GLU E 479 -10.87 56.88 46.63
C GLU E 479 -11.03 55.37 46.21
N ASP E 480 -12.29 54.87 46.22
CA ASP E 480 -12.62 53.51 45.69
C ASP E 480 -12.75 53.51 44.16
N ASP E 481 -12.90 54.71 43.60
CA ASP E 481 -13.03 54.91 42.15
C ASP E 481 -11.66 55.23 41.51
N ALA E 482 -10.74 55.76 42.31
CA ALA E 482 -9.34 55.96 41.87
C ALA E 482 -8.56 54.63 41.93
N GLN E 483 -8.70 53.90 43.06
CA GLN E 483 -8.11 52.56 43.22
C GLN E 483 -8.83 51.47 42.37
N MET E 484 -9.80 51.91 41.54
CA MET E 484 -10.43 51.11 40.49
C MET E 484 -9.58 50.93 39.23
N GLU E 485 -8.77 51.96 38.90
CA GLU E 485 -7.72 51.85 37.86
C GLU E 485 -6.61 50.84 38.25
N LEU E 486 -6.40 50.69 39.56
CA LEU E 486 -5.42 49.74 40.12
C LEU E 486 -5.90 48.25 40.15
N TYR E 487 -7.13 48.00 39.68
CA TYR E 487 -7.71 46.64 39.55
C TYR E 487 -6.92 45.80 38.52
N LYS E 488 -6.53 44.59 38.94
CA LYS E 488 -6.20 43.51 38.03
C LYS E 488 -6.65 42.22 38.67
N GLY E 489 -7.50 41.45 37.96
CA GLY E 489 -8.20 40.31 38.52
C GLY E 489 -7.29 39.15 38.88
N TYR E 490 -7.86 38.08 39.40
CA TYR E 490 -7.08 36.88 39.71
C TYR E 490 -6.70 36.05 38.47
N PHE E 491 -7.21 36.45 37.29
CA PHE E 491 -7.01 35.68 36.07
C PHE E 491 -6.44 36.46 34.89
N GLY E 492 -6.69 37.78 34.88
CA GLY E 492 -6.31 38.66 33.77
C GLY E 492 -7.02 38.43 32.44
N ASP E 493 -7.95 37.45 32.40
CA ASP E 493 -8.71 37.13 31.20
C ASP E 493 -9.80 38.17 30.91
N ILE E 494 -10.61 37.92 29.88
CA ILE E 494 -11.45 38.97 29.25
C ILE E 494 -12.54 39.52 30.18
N TRP E 495 -13.04 38.66 31.07
CA TRP E 495 -14.02 39.00 32.09
C TRP E 495 -13.46 40.04 33.10
N ASP E 496 -12.23 39.81 33.57
CA ASP E 496 -11.52 40.75 34.43
C ASP E 496 -11.18 42.07 33.73
N ILE E 497 -10.93 42.02 32.42
CA ILE E 497 -10.70 43.23 31.60
C ILE E 497 -11.97 44.10 31.53
N ILE E 498 -13.11 43.47 31.22
CA ILE E 498 -14.41 44.19 31.08
C ILE E 498 -14.92 44.70 32.45
N LEU E 499 -14.62 43.95 33.52
CA LEU E 499 -14.93 44.35 34.90
C LEU E 499 -14.25 45.64 35.34
N LYS E 500 -13.01 45.84 34.87
CA LYS E 500 -12.22 47.06 35.13
C LYS E 500 -12.82 48.32 34.48
N LYS E 501 -13.33 48.17 33.27
CA LYS E 501 -13.88 49.30 32.51
C LYS E 501 -15.30 49.58 32.92
N ALA E 502 -16.02 48.53 33.35
CA ALA E 502 -17.47 48.61 33.62
C ALA E 502 -17.77 49.25 34.95
N MET E 503 -16.96 48.91 35.96
CA MET E 503 -17.17 49.37 37.35
C MET E 503 -16.59 50.75 37.60
N LYS E 504 -15.73 51.22 36.68
CA LYS E 504 -15.17 52.58 36.70
C LYS E 504 -16.25 53.65 36.43
N ASN E 505 -16.03 54.85 36.99
CA ASN E 505 -17.00 56.00 36.96
C ASN E 505 -18.39 55.71 37.62
N SER E 506 -18.37 55.50 38.94
CA SER E 506 -19.63 55.28 39.71
C SER E 506 -19.56 55.86 41.11
N VAL E 507 -19.15 57.13 41.21
CA VAL E 507 -19.02 57.82 42.49
C VAL E 507 -20.40 58.26 42.98
N GLY E 508 -20.70 57.93 44.25
CA GLY E 508 -22.03 58.12 44.81
C GLY E 508 -22.98 56.92 44.67
N LEU E 509 -22.56 55.89 43.93
CA LEU E 509 -23.40 54.73 43.61
C LEU E 509 -23.33 53.68 44.72
N PRO E 510 -24.48 53.05 45.07
CA PRO E 510 -24.55 52.26 46.32
C PRO E 510 -23.93 50.86 46.20
N VAL E 511 -23.13 50.49 47.20
CA VAL E 511 -22.63 49.12 47.36
C VAL E 511 -23.44 48.42 48.45
N ALA E 512 -23.29 47.11 48.54
CA ALA E 512 -24.03 46.28 49.45
C ALA E 512 -23.11 45.23 49.94
N VAL E 513 -23.61 44.49 50.93
CA VAL E 513 -23.00 43.28 51.46
C VAL E 513 -24.06 42.15 51.30
N GLN E 514 -23.64 40.89 51.44
CA GLN E 514 -24.52 39.72 51.29
C GLN E 514 -24.59 38.93 52.61
N CYS E 515 -25.80 38.44 52.94
CA CYS E 515 -26.06 37.66 54.17
C CYS E 515 -26.62 36.27 53.83
N VAL E 516 -26.04 35.22 54.41
CA VAL E 516 -26.46 33.82 54.17
C VAL E 516 -26.86 33.09 55.52
N ALA E 517 -27.97 32.35 55.50
CA ALA E 517 -28.21 31.33 56.51
C ALA E 517 -28.27 29.90 55.91
N LEU E 518 -28.47 28.91 56.78
CA LEU E 518 -28.70 27.51 56.40
C LEU E 518 -30.02 27.35 55.62
N PRO E 519 -30.23 26.21 54.89
CA PRO E 519 -31.52 25.96 54.26
C PRO E 519 -32.64 26.06 55.29
N TRP E 520 -33.71 26.78 54.89
CA TRP E 520 -34.93 26.95 55.68
C TRP E 520 -34.84 27.91 56.88
N GLN E 521 -33.72 28.62 57.00
CA GLN E 521 -33.53 29.55 58.11
C GLN E 521 -33.66 31.01 57.64
N GLU E 522 -34.66 31.29 56.78
CA GLU E 522 -34.80 32.63 56.14
C GLU E 522 -35.04 33.75 57.12
N GLU E 523 -35.90 33.50 58.10
CA GLU E 523 -36.09 34.40 59.23
C GLU E 523 -34.76 34.81 59.95
N LEU E 524 -33.93 33.82 60.30
CA LEU E 524 -32.58 34.06 60.91
C LEU E 524 -31.65 34.84 59.98
N CYS E 525 -31.75 34.55 58.68
CA CYS E 525 -31.09 35.35 57.66
C CYS E 525 -31.62 36.78 57.78
N LEU E 526 -32.94 36.95 57.69
CA LEU E 526 -33.61 38.26 57.68
C LEU E 526 -33.36 39.10 58.95
N ARG E 527 -33.17 38.37 60.07
CA ARG E 527 -32.76 38.90 61.38
C ARG E 527 -31.36 39.53 61.31
N PHE E 528 -30.41 38.77 60.74
CA PHE E 528 -29.03 39.23 60.57
C PHE E 528 -28.93 40.41 59.60
N MET E 529 -29.80 40.40 58.59
CA MET E 529 -30.01 41.53 57.71
C MET E 529 -30.54 42.77 58.45
N ARG E 530 -31.39 42.55 59.48
CA ARG E 530 -31.96 43.66 60.29
C ARG E 530 -30.87 44.35 61.10
N GLU E 531 -30.00 43.55 61.71
CA GLU E 531 -28.83 44.05 62.38
C GLU E 531 -27.93 44.82 61.43
N VAL E 532 -27.48 44.19 60.33
CA VAL E 532 -26.57 44.84 59.35
C VAL E 532 -27.10 46.21 58.86
N GLU E 533 -28.40 46.26 58.52
CA GLU E 533 -29.10 47.51 58.20
C GLU E 533 -29.03 48.55 59.31
N GLN E 534 -29.25 48.09 60.55
CA GLN E 534 -29.38 48.99 61.72
C GLN E 534 -28.02 49.59 62.12
N LEU E 535 -26.97 48.77 62.05
CA LEU E 535 -25.60 49.19 62.29
C LEU E 535 -25.07 50.17 61.23
N MET E 536 -25.27 49.83 59.94
CA MET E 536 -24.64 50.58 58.84
C MET E 536 -25.40 51.85 58.41
N THR E 537 -26.69 51.90 58.76
CA THR E 537 -27.54 53.06 58.45
C THR E 537 -28.30 53.51 59.67
N ALA F 1 -13.79 -13.58 43.55
CA ALA F 1 -13.98 -12.11 43.73
C ALA F 1 -15.36 -11.78 44.32
N ARG F 2 -16.40 -12.48 43.84
CA ARG F 2 -17.76 -12.44 44.43
C ARG F 2 -18.09 -13.76 45.14
N GLY F 3 -17.18 -14.74 45.00
CA GLY F 3 -17.11 -15.91 45.87
C GLY F 3 -16.88 -15.56 47.34
N ALA F 4 -16.30 -14.38 47.61
CA ALA F 4 -16.41 -13.70 48.91
C ALA F 4 -17.78 -12.98 49.11
N ALA F 5 -18.85 -13.75 48.89
CA ALA F 5 -20.11 -13.69 49.62
C ALA F 5 -20.04 -14.67 50.81
N THR F 6 -19.12 -15.62 50.74
CA THR F 6 -18.81 -16.49 51.87
C THR F 6 -17.98 -15.76 52.94
N ARG F 7 -17.38 -14.64 52.56
CA ARG F 7 -16.83 -13.66 53.54
C ARG F 7 -17.94 -12.90 54.30
N ALA F 8 -19.13 -12.79 53.68
CA ALA F 8 -20.32 -12.23 54.33
C ALA F 8 -21.10 -13.27 55.14
N ARG F 9 -21.12 -14.51 54.66
CA ARG F 9 -21.85 -15.61 55.31
C ARG F 9 -21.28 -15.97 56.69
N GLN F 10 -19.95 -15.94 56.81
CA GLN F 10 -19.28 -16.15 58.10
C GLN F 10 -19.42 -14.97 59.07
N LYS F 11 -19.58 -13.75 58.51
CA LYS F 11 -19.92 -12.56 59.32
C LYS F 11 -21.35 -12.63 59.87
N GLN F 12 -22.27 -13.18 59.06
CA GLN F 12 -23.64 -13.49 59.45
C GLN F 12 -23.71 -14.59 60.56
N ARG F 13 -22.85 -15.62 60.44
CA ARG F 13 -22.76 -16.72 61.43
C ARG F 13 -21.91 -16.35 62.68
N ALA F 14 -21.19 -15.22 62.61
CA ALA F 14 -20.53 -14.60 63.80
C ALA F 14 -21.40 -13.55 64.47
N SER F 15 -22.49 -13.15 63.80
CA SER F 15 -23.46 -12.24 64.39
C SER F 15 -24.65 -12.98 65.05
N LEU F 16 -24.94 -14.17 64.56
CA LEU F 16 -26.03 -14.98 65.04
C LEU F 16 -25.60 -15.91 66.18
N GLU F 17 -24.27 -16.01 66.38
CA GLU F 17 -23.66 -16.75 67.50
C GLU F 17 -23.29 -15.82 68.67
N THR F 18 -23.11 -14.52 68.39
CA THR F 18 -22.97 -13.48 69.44
C THR F 18 -24.32 -13.24 70.09
N MET F 19 -25.38 -13.25 69.26
CA MET F 19 -26.76 -13.09 69.71
C MET F 19 -27.19 -14.17 70.69
N ASP F 20 -26.84 -15.43 70.38
CA ASP F 20 -27.29 -16.63 71.13
C ASP F 20 -26.70 -16.69 72.55
N LYS F 21 -25.37 -16.53 72.66
CA LYS F 21 -24.66 -16.52 73.94
C LYS F 21 -24.62 -15.11 74.62
N ALA F 22 -25.58 -14.26 74.27
CA ALA F 22 -25.87 -13.04 75.02
C ALA F 22 -27.27 -13.08 75.60
N VAL F 23 -28.17 -13.75 74.90
CA VAL F 23 -29.55 -13.93 75.39
C VAL F 23 -29.65 -15.09 76.39
N GLN F 24 -28.68 -16.01 76.34
CA GLN F 24 -28.59 -17.14 77.27
C GLN F 24 -27.83 -16.78 78.56
N ARG F 25 -26.81 -15.91 78.43
CA ARG F 25 -26.09 -15.32 79.60
C ARG F 25 -26.86 -14.13 80.23
N PHE F 26 -28.17 -14.08 79.93
CA PHE F 26 -29.14 -13.24 80.58
C PHE F 26 -30.24 -14.13 81.09
N ARG F 27 -30.63 -15.15 80.29
CA ARG F 27 -31.66 -16.14 80.67
C ARG F 27 -31.26 -17.05 81.83
N LEU F 28 -29.95 -17.28 81.97
CA LEU F 28 -29.40 -17.82 83.21
C LEU F 28 -29.60 -16.83 84.39
N GLN F 29 -29.15 -15.58 84.22
CA GLN F 29 -29.09 -14.59 85.33
C GLN F 29 -30.47 -14.02 85.74
N ASN F 30 -31.41 -13.97 84.78
CA ASN F 30 -32.81 -13.57 85.03
C ASN F 30 -33.83 -14.60 84.46
N PRO F 31 -34.03 -15.75 85.15
CA PRO F 31 -34.85 -16.84 84.59
C PRO F 31 -36.38 -16.70 84.85
N ASP F 32 -36.78 -15.75 85.71
CA ASP F 32 -38.18 -15.62 86.19
C ASP F 32 -38.90 -14.32 85.72
N LEU F 33 -38.46 -13.77 84.57
CA LEU F 33 -39.23 -12.78 83.80
C LEU F 33 -40.15 -13.47 82.80
N ASP F 34 -41.33 -12.90 82.58
CA ASP F 34 -42.31 -13.44 81.61
C ASP F 34 -42.07 -12.89 80.20
N SER F 35 -41.43 -13.73 79.34
CA SER F 35 -41.12 -13.38 77.93
C SER F 35 -42.38 -13.12 77.13
N GLU F 36 -43.33 -14.08 77.18
CA GLU F 36 -44.48 -14.09 76.27
C GLU F 36 -45.48 -12.93 76.46
N ALA F 37 -45.52 -12.36 77.67
CA ALA F 37 -46.29 -11.13 77.92
C ALA F 37 -45.44 -9.84 77.97
N LEU F 38 -44.12 -9.97 77.85
CA LEU F 38 -43.26 -8.81 77.51
C LEU F 38 -43.45 -8.36 76.04
N LEU F 39 -43.28 -9.32 75.12
CA LEU F 39 -43.32 -9.07 73.66
C LEU F 39 -44.69 -8.57 73.16
N THR F 40 -45.77 -9.12 73.76
CA THR F 40 -47.15 -8.90 73.26
C THR F 40 -47.84 -7.62 73.77
N LEU F 41 -47.16 -6.89 74.65
CA LEU F 41 -47.43 -5.47 74.88
C LEU F 41 -47.32 -4.73 73.55
N PRO F 42 -48.35 -3.95 73.18
CA PRO F 42 -48.19 -2.88 72.17
C PRO F 42 -47.11 -1.86 72.57
N LEU F 43 -46.63 -1.04 71.61
CA LEU F 43 -45.45 -0.19 71.81
C LEU F 43 -45.59 0.93 72.85
N LEU F 44 -46.69 1.69 72.78
CA LEU F 44 -47.06 2.74 73.79
C LEU F 44 -46.91 2.26 75.23
N GLN F 45 -47.47 1.08 75.50
CA GLN F 45 -47.48 0.47 76.81
C GLN F 45 -46.09 -0.01 77.21
N LEU F 46 -45.31 -0.48 76.21
CA LEU F 46 -43.90 -0.81 76.42
C LEU F 46 -43.03 0.40 76.79
N VAL F 47 -43.20 1.54 76.10
CA VAL F 47 -42.40 2.78 76.39
C VAL F 47 -42.80 3.45 77.73
N GLN F 48 -44.12 3.45 78.03
CA GLN F 48 -44.62 3.94 79.35
C GLN F 48 -44.21 3.06 80.56
N LYS F 49 -44.09 1.74 80.33
CA LYS F 49 -43.54 0.83 81.32
C LYS F 49 -42.00 0.75 81.29
N LEU F 50 -41.39 1.54 80.41
CA LEU F 50 -39.95 1.78 80.41
C LEU F 50 -39.59 3.14 81.00
N GLN F 51 -40.44 4.15 80.76
CA GLN F 51 -40.29 5.51 81.27
C GLN F 51 -40.49 5.57 82.79
N SER F 52 -41.49 4.82 83.28
CA SER F 52 -41.77 4.69 84.73
C SER F 52 -40.76 3.79 85.46
N GLY F 53 -40.08 2.92 84.71
CA GLY F 53 -39.08 2.01 85.25
C GLY F 53 -39.68 0.75 85.84
N GLU F 54 -40.94 0.45 85.45
CA GLU F 54 -41.60 -0.82 85.77
C GLU F 54 -40.89 -2.03 85.13
N LEU F 55 -40.37 -1.82 83.90
CA LEU F 55 -39.41 -2.73 83.28
C LEU F 55 -38.05 -2.06 83.14
N SER F 56 -37.01 -2.87 83.16
CA SER F 56 -35.64 -2.40 82.96
C SER F 56 -35.30 -2.35 81.44
N PRO F 57 -34.37 -1.45 81.03
CA PRO F 57 -33.87 -1.45 79.63
C PRO F 57 -33.17 -2.76 79.23
N GLU F 58 -32.53 -3.42 80.19
CA GLU F 58 -31.83 -4.69 80.00
C GLU F 58 -32.81 -5.85 79.88
N ALA F 59 -33.97 -5.71 80.54
CA ALA F 59 -35.05 -6.71 80.48
C ALA F 59 -35.72 -6.75 79.12
N VAL F 60 -35.97 -5.58 78.55
CA VAL F 60 -36.71 -5.48 77.30
C VAL F 60 -35.84 -5.76 76.08
N PHE F 61 -34.59 -5.29 76.10
CA PHE F 61 -33.65 -5.48 75.00
C PHE F 61 -33.34 -6.96 74.81
N PHE F 62 -33.00 -7.64 75.89
CA PHE F 62 -32.56 -9.03 75.82
C PHE F 62 -33.71 -10.05 75.65
N THR F 63 -34.94 -9.64 75.99
CA THR F 63 -36.14 -10.42 75.64
C THR F 63 -36.41 -10.39 74.14
N TYR F 64 -36.41 -9.18 73.55
CA TYR F 64 -36.60 -8.99 72.11
C TYR F 64 -35.48 -9.61 71.26
N LEU F 65 -34.23 -9.38 71.67
CA LEU F 65 -33.03 -9.99 71.05
C LEU F 65 -33.06 -11.53 70.98
N GLY F 66 -33.69 -12.15 72.00
CA GLY F 66 -34.00 -13.58 71.99
C GLY F 66 -35.04 -13.94 70.96
N LYS F 67 -36.12 -13.14 70.91
CA LYS F 67 -37.23 -13.39 69.98
C LYS F 67 -36.80 -13.23 68.53
N ALA F 68 -36.02 -12.17 68.28
CA ALA F 68 -35.28 -11.93 67.02
C ALA F 68 -34.50 -13.14 66.51
N TRP F 69 -33.71 -13.76 67.40
CA TRP F 69 -32.99 -15.02 67.11
C TRP F 69 -33.93 -16.20 66.77
N GLU F 70 -35.06 -16.29 67.47
CA GLU F 70 -35.98 -17.44 67.37
C GLU F 70 -36.75 -17.51 66.04
N VAL F 71 -37.24 -16.35 65.60
CA VAL F 71 -37.99 -16.21 64.34
C VAL F 71 -37.09 -16.31 63.09
N ASN F 72 -35.81 -15.98 63.26
CA ASN F 72 -34.81 -15.94 62.18
C ASN F 72 -34.37 -17.34 61.69
N LYS F 73 -34.66 -18.37 62.47
CA LYS F 73 -34.48 -19.76 62.06
C LYS F 73 -35.39 -20.15 60.90
N GLY F 74 -36.59 -19.54 60.85
CA GLY F 74 -37.56 -19.81 59.82
C GLY F 74 -37.59 -18.79 58.68
N THR F 75 -37.12 -17.55 58.95
CA THR F 75 -37.30 -16.43 58.01
C THR F 75 -36.01 -15.95 57.32
N ASN F 76 -34.86 -16.15 57.97
CA ASN F 76 -33.55 -15.58 57.55
C ASN F 76 -33.47 -14.01 57.44
N CYS F 77 -34.20 -13.32 58.31
CA CYS F 77 -34.35 -11.86 58.22
C CYS F 77 -33.20 -11.02 58.84
N VAL F 78 -32.08 -11.67 59.21
CA VAL F 78 -31.03 -10.99 60.02
C VAL F 78 -29.62 -11.02 59.33
N THR F 79 -29.05 -9.81 59.16
CA THR F 79 -27.78 -9.61 58.43
C THR F 79 -26.59 -9.50 59.39
N SER F 80 -26.70 -8.59 60.34
CA SER F 80 -25.69 -8.38 61.36
C SER F 80 -26.35 -7.87 62.64
N TYR F 81 -25.85 -8.37 63.77
CA TYR F 81 -26.12 -7.81 65.08
C TYR F 81 -25.24 -6.58 65.28
N LEU F 82 -25.85 -5.47 65.69
CA LEU F 82 -25.21 -4.16 65.66
C LEU F 82 -24.36 -3.88 66.91
N THR F 83 -23.26 -4.65 67.07
CA THR F 83 -22.72 -5.07 68.42
C THR F 83 -22.59 -4.00 69.51
N ASP F 84 -22.29 -2.76 69.12
CA ASP F 84 -22.15 -1.61 70.05
C ASP F 84 -23.49 -1.01 70.61
N CYS F 85 -24.56 -1.83 70.61
CA CYS F 85 -25.61 -1.81 71.64
C CYS F 85 -25.06 -2.41 72.98
N GLU F 86 -25.91 -2.41 74.04
CA GLU F 86 -25.48 -2.65 75.48
C GLU F 86 -24.54 -1.57 76.10
N THR F 87 -23.83 -0.84 75.24
CA THR F 87 -23.22 0.46 75.57
C THR F 87 -24.10 1.64 75.04
N GLN F 88 -25.14 1.28 74.28
CA GLN F 88 -26.26 2.19 73.92
C GLN F 88 -27.48 1.97 74.87
N LEU F 89 -27.50 0.82 75.58
CA LEU F 89 -28.35 0.67 76.76
C LEU F 89 -27.82 1.48 77.96
N SER F 90 -26.49 1.48 78.13
CA SER F 90 -25.79 2.14 79.26
C SER F 90 -25.96 3.67 79.22
N GLN F 91 -25.58 4.28 78.09
CA GLN F 91 -25.80 5.71 77.86
C GLN F 91 -26.96 5.94 76.88
N ALA F 92 -28.19 5.75 77.39
CA ALA F 92 -29.42 6.14 76.69
C ALA F 92 -30.13 7.31 77.43
N PRO F 93 -30.51 8.38 76.70
CA PRO F 93 -31.15 9.58 77.30
C PRO F 93 -32.54 9.29 77.89
N ARG F 94 -32.66 9.56 79.19
CA ARG F 94 -33.71 8.99 80.06
C ARG F 94 -35.11 9.53 79.75
N GLN F 95 -35.17 10.84 79.44
CA GLN F 95 -36.40 11.51 79.01
C GLN F 95 -36.62 11.47 77.47
N GLY F 96 -35.83 10.63 76.77
CA GLY F 96 -35.96 10.43 75.34
C GLY F 96 -37.21 9.66 74.96
N LEU F 97 -37.90 10.13 73.91
CA LEU F 97 -39.28 9.71 73.56
C LEU F 97 -39.45 8.24 73.10
N LEU F 98 -38.32 7.52 72.98
CA LEU F 98 -38.28 6.07 72.67
C LEU F 98 -37.30 5.34 73.54
N TYR F 99 -37.21 5.75 74.82
CA TYR F 99 -36.13 5.38 75.75
C TYR F 99 -35.77 3.89 75.79
N GLY F 100 -36.75 3.03 75.86
CA GLY F 100 -36.46 1.64 76.03
C GLY F 100 -36.22 0.87 74.75
N VAL F 101 -36.71 1.43 73.64
CA VAL F 101 -37.22 0.64 72.53
C VAL F 101 -36.09 0.16 71.65
N PRO F 102 -35.91 -1.16 71.56
CA PRO F 102 -35.06 -1.75 70.53
C PRO F 102 -35.61 -1.58 69.07
N VAL F 103 -34.74 -1.18 68.11
CA VAL F 103 -35.19 -0.89 66.71
C VAL F 103 -34.40 -1.62 65.62
N SER F 104 -35.12 -2.20 64.68
CA SER F 104 -34.52 -2.94 63.57
C SER F 104 -34.30 -2.01 62.40
N LEU F 105 -33.09 -2.00 61.84
CA LEU F 105 -32.81 -1.12 60.69
C LEU F 105 -32.70 -1.89 59.41
N LYS F 106 -33.30 -1.34 58.35
CA LYS F 106 -33.02 -1.81 56.98
C LYS F 106 -31.55 -1.60 56.69
N GLU F 107 -30.96 -2.62 56.07
CA GLU F 107 -29.54 -2.72 55.76
C GLU F 107 -28.83 -1.41 55.22
N CYS F 108 -29.57 -0.60 54.46
CA CYS F 108 -29.10 0.69 53.91
C CYS F 108 -29.04 1.91 54.92
N PHE F 109 -29.29 1.65 56.19
CA PHE F 109 -29.11 2.66 57.21
C PHE F 109 -27.75 2.42 57.82
N SER F 110 -26.80 3.27 57.44
CA SER F 110 -25.40 3.02 57.68
C SER F 110 -25.08 3.20 59.15
N TYR F 111 -24.45 2.17 59.70
CA TYR F 111 -24.16 2.07 61.10
C TYR F 111 -22.66 1.91 61.22
N LYS F 112 -22.00 2.81 62.00
CA LYS F 112 -20.54 2.80 62.23
C LYS F 112 -19.96 1.40 62.42
N GLY F 113 -18.94 1.07 61.61
CA GLY F 113 -18.25 -0.22 61.68
C GLY F 113 -18.93 -1.39 60.94
N HIS F 114 -20.16 -1.16 60.46
CA HIS F 114 -20.95 -2.19 59.80
C HIS F 114 -21.10 -1.95 58.30
N ASP F 115 -21.33 -3.05 57.59
CA ASP F 115 -21.30 -3.08 56.14
C ASP F 115 -22.70 -2.88 55.58
N SER F 116 -22.88 -1.79 54.84
CA SER F 116 -24.05 -1.61 53.97
C SER F 116 -23.74 -2.10 52.55
N THR F 117 -23.50 -3.40 52.46
CA THR F 117 -23.62 -4.14 51.20
C THR F 117 -25.07 -4.13 50.88
N LEU F 118 -25.45 -3.75 49.68
CA LEU F 118 -26.88 -3.82 49.38
C LEU F 118 -27.26 -5.18 48.87
N GLY F 119 -26.49 -6.19 49.28
CA GLY F 119 -26.49 -7.47 48.64
C GLY F 119 -25.58 -7.56 47.43
N LEU F 120 -24.71 -6.56 47.30
CA LEU F 120 -23.79 -6.41 46.21
C LEU F 120 -22.37 -6.63 46.77
N SER F 121 -21.64 -7.57 46.15
CA SER F 121 -20.21 -7.84 46.46
C SER F 121 -19.26 -6.66 46.29
N LEU F 122 -19.69 -5.65 45.51
CA LEU F 122 -19.02 -4.35 45.42
C LEU F 122 -18.76 -3.66 46.77
N ASN F 123 -19.66 -3.87 47.74
CA ASN F 123 -19.61 -3.17 49.01
C ASN F 123 -19.16 -4.00 50.24
N GLU F 124 -18.91 -5.30 50.03
CA GLU F 124 -18.58 -6.28 51.11
C GLU F 124 -17.15 -6.10 51.77
N GLY F 125 -16.31 -5.29 51.14
CA GLY F 125 -15.19 -4.67 51.86
C GLY F 125 -15.71 -3.70 52.90
N MET F 126 -16.09 -2.52 52.46
CA MET F 126 -15.98 -1.28 53.25
C MET F 126 -17.07 -1.08 54.33
N PRO F 127 -16.65 -1.05 55.61
CA PRO F 127 -17.53 -0.58 56.70
C PRO F 127 -17.64 0.93 56.69
N SER F 128 -18.83 1.42 57.03
CA SER F 128 -19.09 2.86 57.11
C SER F 128 -18.38 3.48 58.29
N GLU F 129 -17.69 4.57 58.01
CA GLU F 129 -17.07 5.45 59.02
C GLU F 129 -18.06 5.94 60.09
N SER F 130 -19.27 6.33 59.66
CA SER F 130 -20.23 7.07 60.52
C SER F 130 -21.63 6.43 60.59
N ASP F 131 -22.35 6.74 61.67
CA ASP F 131 -23.77 6.44 61.81
C ASP F 131 -24.56 7.37 60.90
N CYS F 132 -25.59 6.81 60.24
CA CYS F 132 -26.49 7.61 59.44
C CYS F 132 -27.37 8.47 60.31
N VAL F 133 -28.04 9.45 59.70
CA VAL F 133 -28.61 10.56 60.47
C VAL F 133 -29.81 10.11 61.28
N VAL F 134 -30.71 9.34 60.67
CA VAL F 134 -31.88 8.83 61.40
C VAL F 134 -31.51 7.87 62.52
N VAL F 135 -30.42 7.08 62.31
CA VAL F 135 -29.77 6.30 63.40
C VAL F 135 -29.27 7.18 64.54
N GLN F 136 -28.53 8.26 64.19
CA GLN F 136 -28.11 9.32 65.18
C GLN F 136 -29.28 9.82 66.05
N VAL F 137 -30.43 10.15 65.41
CA VAL F 137 -31.55 10.73 66.17
C VAL F 137 -32.51 9.71 66.84
N LEU F 138 -32.33 8.43 66.54
CA LEU F 138 -32.91 7.37 67.36
C LEU F 138 -32.12 7.18 68.65
N LYS F 139 -30.80 7.36 68.56
CA LYS F 139 -29.89 7.29 69.72
C LYS F 139 -30.01 8.50 70.65
N LEU F 140 -30.24 9.69 70.08
CA LEU F 140 -30.53 10.89 70.87
C LEU F 140 -31.96 10.89 71.47
N GLN F 141 -32.79 9.93 71.05
CA GLN F 141 -34.14 9.73 71.57
C GLN F 141 -34.30 8.39 72.27
N GLY F 142 -33.19 7.70 72.47
CA GLY F 142 -33.12 6.67 73.48
C GLY F 142 -33.29 5.28 72.95
N ALA F 143 -33.69 5.18 71.67
CA ALA F 143 -33.90 3.90 71.02
C ALA F 143 -32.61 3.13 70.77
N VAL F 144 -32.72 1.81 70.70
CA VAL F 144 -31.55 0.93 70.65
C VAL F 144 -31.51 0.11 69.36
N PRO F 145 -30.82 0.61 68.33
CA PRO F 145 -30.66 -0.12 67.07
C PRO F 145 -29.83 -1.42 67.21
N PHE F 146 -30.39 -2.54 66.78
CA PHE F 146 -29.84 -3.85 67.18
C PHE F 146 -29.55 -4.84 66.08
N VAL F 147 -30.26 -4.68 64.95
CA VAL F 147 -30.06 -5.55 63.78
C VAL F 147 -30.02 -4.77 62.47
N HIS F 148 -29.21 -5.27 61.53
CA HIS F 148 -29.40 -4.98 60.13
C HIS F 148 -30.21 -6.09 59.54
N THR F 149 -31.16 -5.74 58.68
CA THR F 149 -32.12 -6.69 58.15
C THR F 149 -32.00 -6.77 56.68
N ASN F 150 -32.37 -7.95 56.15
CA ASN F 150 -32.08 -8.37 54.79
C ASN F 150 -32.86 -7.60 53.71
N VAL F 151 -32.17 -7.37 52.59
CA VAL F 151 -32.70 -6.73 51.40
C VAL F 151 -32.56 -7.71 50.20
N PRO F 152 -33.37 -7.54 49.13
CA PRO F 152 -33.05 -8.14 47.83
C PRO F 152 -31.86 -7.46 47.18
N GLN F 153 -31.27 -8.16 46.19
CA GLN F 153 -29.92 -7.87 45.65
C GLN F 153 -29.47 -6.39 45.45
N SER F 154 -30.23 -5.57 44.70
CA SER F 154 -29.85 -4.14 44.60
C SER F 154 -30.91 -3.19 45.07
N MET F 155 -31.76 -3.69 45.98
CA MET F 155 -33.00 -3.02 46.47
C MET F 155 -34.04 -2.68 45.41
N LEU F 156 -33.94 -3.26 44.20
CA LEU F 156 -34.96 -3.04 43.15
C LEU F 156 -35.74 -4.31 42.91
N SER F 157 -36.44 -4.71 43.97
CA SER F 157 -37.34 -5.84 43.97
C SER F 157 -38.36 -5.64 45.06
N PHE F 158 -39.54 -6.22 44.87
CA PHE F 158 -40.41 -6.51 45.99
C PHE F 158 -40.40 -7.96 46.42
N ASP F 159 -39.28 -8.62 46.20
CA ASP F 159 -38.91 -9.90 46.83
C ASP F 159 -37.84 -9.62 47.89
N CYS F 160 -37.29 -10.69 48.51
CA CYS F 160 -36.18 -10.56 49.45
C CYS F 160 -35.26 -11.79 49.48
N SER F 161 -34.16 -11.68 48.72
CA SER F 161 -33.25 -12.79 48.43
C SER F 161 -32.06 -12.18 47.79
N ASN F 162 -30.88 -12.72 48.05
CA ASN F 162 -29.64 -12.04 47.70
C ASN F 162 -28.41 -13.02 47.74
N PRO F 163 -27.42 -12.87 46.81
CA PRO F 163 -26.23 -13.76 46.76
C PRO F 163 -25.40 -13.79 48.03
N LEU F 164 -25.37 -12.66 48.75
CA LEU F 164 -24.56 -12.51 49.94
C LEU F 164 -25.17 -13.12 51.23
N PHE F 165 -26.50 -13.09 51.35
CA PHE F 165 -27.19 -13.54 52.59
C PHE F 165 -28.39 -14.48 52.41
N GLY F 166 -28.72 -14.81 51.16
CA GLY F 166 -29.76 -15.80 50.89
C GLY F 166 -31.19 -15.26 51.01
N GLN F 167 -32.14 -16.20 50.97
CA GLN F 167 -33.56 -15.91 50.78
C GLN F 167 -34.23 -15.63 52.11
N THR F 168 -34.94 -14.50 52.17
CA THR F 168 -35.85 -14.19 53.30
C THR F 168 -37.25 -14.74 53.02
N MET F 169 -37.84 -15.39 54.04
CA MET F 169 -39.12 -16.13 53.93
C MET F 169 -40.22 -15.35 54.62
N ASN F 170 -41.46 -15.54 54.16
CA ASN F 170 -42.62 -14.96 54.86
C ASN F 170 -42.90 -15.73 56.15
N PRO F 171 -42.99 -15.00 57.29
CA PRO F 171 -43.40 -15.55 58.60
C PRO F 171 -44.71 -16.35 58.61
N TRP F 172 -45.69 -15.93 57.80
CA TRP F 172 -47.01 -16.55 57.78
C TRP F 172 -47.02 -17.90 57.03
N LYS F 173 -46.22 -17.99 55.96
CA LYS F 173 -46.23 -19.14 55.03
C LYS F 173 -44.88 -19.23 54.29
N SER F 174 -44.22 -20.40 54.43
CA SER F 174 -42.79 -20.64 54.04
C SER F 174 -42.52 -20.46 52.54
N SER F 175 -43.51 -20.75 51.74
CA SER F 175 -43.44 -20.66 50.29
C SER F 175 -43.79 -19.25 49.74
N LYS F 176 -43.83 -18.24 50.63
CA LYS F 176 -44.26 -16.89 50.24
C LYS F 176 -43.18 -15.88 50.45
N SER F 177 -43.22 -14.82 49.67
CA SER F 177 -42.29 -13.71 49.83
C SER F 177 -42.73 -12.85 50.99
N PRO F 178 -41.77 -12.38 51.80
CA PRO F 178 -42.00 -11.32 52.78
C PRO F 178 -42.34 -10.00 52.16
N GLY F 179 -41.97 -9.80 50.92
CA GLY F 179 -42.06 -8.49 50.30
C GLY F 179 -40.73 -7.83 50.34
N GLY F 180 -40.73 -6.53 50.12
CA GLY F 180 -39.51 -5.81 50.01
C GLY F 180 -39.64 -4.51 49.24
N SER F 181 -38.57 -3.72 49.20
CA SER F 181 -37.20 -4.14 49.49
C SER F 181 -36.83 -4.11 50.97
N SER F 182 -37.67 -3.48 51.81
CA SER F 182 -37.57 -3.62 53.30
C SER F 182 -38.22 -4.93 53.81
N GLY F 183 -37.96 -6.03 53.13
CA GLY F 183 -38.54 -7.32 53.46
C GLY F 183 -38.06 -7.89 54.77
N GLY F 184 -36.78 -7.66 55.10
CA GLY F 184 -36.20 -8.07 56.36
C GLY F 184 -36.82 -7.42 57.59
N GLU F 185 -37.12 -6.12 57.48
CA GLU F 185 -37.97 -5.40 58.43
C GLU F 185 -39.35 -6.02 58.59
N GLY F 186 -39.98 -6.35 57.47
CA GLY F 186 -41.33 -6.87 57.44
C GLY F 186 -41.41 -8.21 58.12
N ALA F 187 -40.45 -9.08 57.81
CA ALA F 187 -40.40 -10.45 58.33
C ALA F 187 -40.13 -10.51 59.83
N LEU F 188 -39.36 -9.53 60.34
CA LEU F 188 -38.99 -9.46 61.74
C LEU F 188 -40.04 -8.80 62.62
N ILE F 189 -40.73 -7.77 62.10
CA ILE F 189 -41.75 -7.08 62.87
C ILE F 189 -43.06 -7.91 62.96
N GLY F 190 -43.51 -8.47 61.82
CA GLY F 190 -44.38 -9.66 61.83
C GLY F 190 -43.64 -10.82 62.44
N SER F 191 -44.34 -11.88 62.86
CA SER F 191 -43.73 -12.96 63.75
C SER F 191 -43.20 -12.52 65.15
N GLY F 192 -42.95 -11.21 65.32
CA GLY F 192 -42.89 -10.55 66.63
C GLY F 192 -41.50 -10.32 67.22
N GLY F 193 -40.47 -10.22 66.38
CA GLY F 193 -39.07 -10.13 66.85
C GLY F 193 -38.49 -8.72 67.00
N SER F 194 -39.34 -7.71 66.84
CA SER F 194 -38.96 -6.28 66.95
C SER F 194 -40.25 -5.44 67.09
N PRO F 195 -40.25 -4.44 68.00
CA PRO F 195 -41.38 -3.52 68.11
C PRO F 195 -41.46 -2.52 66.97
N LEU F 196 -40.31 -2.11 66.43
CA LEU F 196 -40.19 -0.91 65.61
C LEU F 196 -39.02 -1.07 64.67
N GLY F 197 -39.18 -0.48 63.49
CA GLY F 197 -38.17 -0.54 62.44
C GLY F 197 -38.20 0.60 61.45
N LEU F 198 -37.06 0.82 60.78
CA LEU F 198 -37.01 1.75 59.64
C LEU F 198 -36.77 1.02 58.32
N GLY F 199 -37.46 1.45 57.26
CA GLY F 199 -37.18 1.06 55.89
C GLY F 199 -37.14 2.26 54.94
N THR F 200 -36.93 1.99 53.63
CA THR F 200 -36.97 3.05 52.59
C THR F 200 -37.86 2.59 51.43
N ASP F 201 -38.61 3.53 50.85
CA ASP F 201 -39.59 3.25 49.80
C ASP F 201 -39.30 4.26 48.60
N ILE F 202 -39.38 3.73 47.39
CA ILE F 202 -39.20 4.48 46.11
C ILE F 202 -40.18 3.92 45.04
N GLY F 203 -40.86 2.82 45.38
CA GLY F 203 -41.77 2.15 44.47
C GLY F 203 -42.80 1.28 45.14
N GLY F 204 -42.72 1.17 46.46
CA GLY F 204 -43.60 0.33 47.26
C GLY F 204 -42.89 -0.34 48.44
N SER F 205 -41.60 -0.09 48.57
CA SER F 205 -40.71 -0.89 49.39
C SER F 205 -40.87 -0.86 50.93
N ILE F 206 -41.58 0.15 51.48
CA ILE F 206 -42.07 0.10 52.86
C ILE F 206 -43.41 -0.65 52.89
N ARG F 207 -44.24 -0.41 51.88
CA ARG F 207 -45.65 -0.82 51.91
C ARG F 207 -45.87 -2.27 51.54
N PHE F 208 -45.11 -2.78 50.56
CA PHE F 208 -45.10 -4.21 50.19
C PHE F 208 -44.84 -5.18 51.35
N PRO F 209 -43.71 -5.04 52.11
CA PRO F 209 -43.52 -5.93 53.25
C PRO F 209 -44.53 -5.72 54.39
N SER F 210 -45.04 -4.48 54.53
CA SER F 210 -46.13 -4.18 55.45
C SER F 210 -47.33 -5.01 55.13
N ALA F 211 -47.87 -4.83 53.93
CA ALA F 211 -49.03 -5.56 53.46
C ALA F 211 -48.88 -7.10 53.46
N PHE F 212 -47.67 -7.61 53.16
CA PHE F 212 -47.47 -9.06 52.97
C PHE F 212 -47.34 -9.76 54.28
N CYS F 213 -46.54 -9.19 55.20
CA CYS F 213 -46.38 -9.73 56.57
C CYS F 213 -47.50 -9.31 57.56
N GLY F 214 -48.36 -8.38 57.13
CA GLY F 214 -49.54 -8.00 57.87
C GLY F 214 -49.28 -7.07 59.00
N ILE F 215 -48.37 -6.14 58.77
CA ILE F 215 -48.06 -5.11 59.76
C ILE F 215 -48.39 -3.77 59.15
N CYS F 216 -48.23 -2.69 59.93
CA CYS F 216 -48.41 -1.31 59.42
C CYS F 216 -47.06 -0.73 59.00
N GLY F 217 -47.12 0.25 58.09
CA GLY F 217 -45.95 1.02 57.66
C GLY F 217 -46.36 2.27 56.90
N LEU F 218 -45.62 3.36 57.06
CA LEU F 218 -45.94 4.61 56.38
C LEU F 218 -44.78 5.13 55.51
N LYS F 219 -45.07 5.45 54.25
CA LYS F 219 -44.15 6.21 53.42
C LYS F 219 -44.55 7.70 53.49
N PRO F 220 -43.76 8.55 54.16
CA PRO F 220 -43.96 10.01 54.14
C PRO F 220 -43.68 10.64 52.78
N THR F 221 -43.93 11.96 52.69
CA THR F 221 -43.32 12.86 51.69
C THR F 221 -41.80 12.75 51.73
N GLY F 222 -41.19 12.99 50.55
CA GLY F 222 -39.80 12.71 50.27
C GLY F 222 -38.83 13.31 51.22
N ASN F 223 -38.98 14.61 51.43
CA ASN F 223 -38.09 15.36 52.27
C ASN F 223 -38.70 15.76 53.65
N ARG F 224 -39.67 14.98 54.15
CA ARG F 224 -40.12 15.09 55.55
C ARG F 224 -39.05 14.60 56.51
N LEU F 225 -38.31 13.57 56.09
CA LEU F 225 -37.18 13.00 56.87
C LEU F 225 -35.88 12.96 56.07
N SER F 226 -34.76 12.87 56.79
CA SER F 226 -33.42 13.04 56.21
C SER F 226 -32.88 11.80 55.52
N LYS F 227 -32.41 11.99 54.28
CA LYS F 227 -31.83 10.91 53.52
C LYS F 227 -30.33 10.72 53.77
N SER F 228 -29.72 11.64 54.53
CA SER F 228 -28.25 11.93 54.57
C SER F 228 -27.27 10.72 54.60
N GLY F 229 -27.62 9.68 55.34
CA GLY F 229 -26.71 8.56 55.46
C GLY F 229 -27.17 7.26 54.81
N LEU F 230 -28.03 7.38 53.79
CA LEU F 230 -28.63 6.20 53.17
C LEU F 230 -27.79 5.65 52.01
N LYS F 231 -27.54 4.35 52.06
CA LYS F 231 -26.88 3.63 50.99
C LYS F 231 -27.85 3.36 49.84
N GLY F 232 -27.44 3.73 48.63
CA GLY F 232 -28.15 3.37 47.41
C GLY F 232 -27.22 2.74 46.38
N CYS F 233 -27.75 2.44 45.21
CA CYS F 233 -26.87 2.04 44.11
C CYS F 233 -26.73 3.11 43.03
N VAL F 234 -27.85 3.63 42.55
CA VAL F 234 -27.82 4.89 41.83
C VAL F 234 -28.10 6.03 42.79
N TYR F 235 -27.39 7.10 42.61
CA TYR F 235 -27.65 8.31 43.32
C TYR F 235 -27.92 9.36 42.31
N GLY F 236 -28.69 10.38 42.69
CA GLY F 236 -28.87 11.58 41.84
C GLY F 236 -30.16 11.60 41.07
N GLN F 237 -30.94 10.54 41.21
CA GLN F 237 -32.21 10.40 40.56
C GLN F 237 -33.28 11.24 41.28
N THR F 238 -33.69 12.38 40.69
CA THR F 238 -34.67 13.30 41.34
C THR F 238 -36.11 13.21 40.86
N ALA F 239 -36.35 12.60 39.72
CA ALA F 239 -37.72 12.30 39.27
C ALA F 239 -38.16 11.04 40.02
N VAL F 240 -39.38 11.01 40.57
CA VAL F 240 -39.82 9.82 41.40
C VAL F 240 -39.01 9.67 42.75
N GLN F 241 -39.70 9.92 43.85
CA GLN F 241 -39.07 10.36 45.08
C GLN F 241 -38.84 9.24 46.03
N LEU F 242 -37.63 9.23 46.61
CA LEU F 242 -37.26 8.28 47.69
C LEU F 242 -37.59 8.83 49.11
N SER F 243 -38.50 8.15 49.81
CA SER F 243 -38.74 8.41 51.24
C SER F 243 -38.33 7.26 52.10
N LEU F 244 -38.02 7.59 53.35
CA LEU F 244 -37.83 6.64 54.41
C LEU F 244 -38.97 6.79 55.41
N GLY F 245 -39.25 5.72 56.15
CA GLY F 245 -40.42 5.67 57.00
C GLY F 245 -40.45 4.47 57.92
N PRO F 246 -41.34 4.53 58.92
CA PRO F 246 -41.37 3.51 60.00
C PRO F 246 -42.18 2.30 59.62
N MET F 247 -41.85 1.18 60.22
CA MET F 247 -42.75 0.03 60.20
C MET F 247 -43.02 -0.43 61.63
N ALA F 248 -44.14 -1.12 61.83
CA ALA F 248 -44.66 -1.47 63.17
C ALA F 248 -45.87 -2.40 63.11
N ARG F 249 -46.31 -2.88 64.28
CA ARG F 249 -47.55 -3.67 64.42
C ARG F 249 -48.84 -2.86 64.52
N ASP F 250 -48.76 -1.67 65.10
CA ASP F 250 -49.91 -0.75 65.18
C ASP F 250 -49.51 0.57 64.64
N VAL F 251 -50.49 1.38 64.21
CA VAL F 251 -50.23 2.71 63.63
C VAL F 251 -49.70 3.77 64.62
N GLU F 252 -49.83 3.48 65.91
CA GLU F 252 -49.51 4.40 66.99
C GLU F 252 -48.04 4.42 67.17
N SER F 253 -47.42 3.28 66.85
CA SER F 253 -45.99 3.13 66.87
C SER F 253 -45.35 3.92 65.76
N LEU F 254 -46.03 3.98 64.59
CA LEU F 254 -45.58 4.80 63.47
C LEU F 254 -45.54 6.26 63.86
N ALA F 255 -46.59 6.70 64.57
CA ALA F 255 -46.79 8.09 64.94
C ALA F 255 -45.85 8.52 66.02
N LEU F 256 -45.55 7.58 66.94
CA LEU F 256 -44.54 7.81 67.95
C LEU F 256 -43.14 8.00 67.33
N CYS F 257 -42.69 6.98 66.56
CA CYS F 257 -41.42 7.03 65.80
C CYS F 257 -41.21 8.25 64.91
N LEU F 258 -42.28 8.64 64.19
CA LEU F 258 -42.31 9.90 63.43
C LEU F 258 -42.07 11.14 64.30
N LYS F 259 -42.80 11.23 65.43
CA LYS F 259 -42.72 12.38 66.37
C LYS F 259 -41.36 12.49 67.06
N ALA F 260 -40.76 11.32 67.33
CA ALA F 260 -39.42 11.21 67.85
C ALA F 260 -38.38 11.64 66.82
N LEU F 261 -38.63 11.33 65.55
CA LEU F 261 -37.74 11.75 64.45
C LEU F 261 -37.84 13.23 64.16
N LEU F 262 -39.06 13.78 64.22
CA LEU F 262 -39.35 15.14 63.80
C LEU F 262 -39.05 16.23 64.84
N CYS F 263 -37.89 16.09 65.48
CA CYS F 263 -37.45 16.98 66.56
C CYS F 263 -36.23 17.78 66.10
N GLU F 264 -35.84 18.79 66.90
CA GLU F 264 -34.73 19.74 66.58
C GLU F 264 -33.33 19.09 66.32
N HIS F 265 -33.08 17.92 66.91
CA HIS F 265 -31.88 17.08 66.63
C HIS F 265 -31.72 16.67 65.14
N LEU F 266 -32.85 16.41 64.47
CA LEU F 266 -32.89 16.08 63.03
C LEU F 266 -32.80 17.35 62.19
N PHE F 267 -33.51 18.41 62.57
CA PHE F 267 -33.39 19.71 61.88
C PHE F 267 -32.05 20.46 62.14
N THR F 268 -31.19 19.86 62.98
CA THR F 268 -29.84 20.32 63.19
C THR F 268 -28.82 19.50 62.40
N LEU F 269 -28.85 18.14 62.57
CA LEU F 269 -27.96 17.23 61.80
C LEU F 269 -28.48 16.87 60.38
N ASP F 270 -28.65 17.90 59.55
CA ASP F 270 -29.33 17.94 58.19
C ASP F 270 -30.34 19.08 58.17
N PRO F 271 -29.88 20.34 58.05
CA PRO F 271 -30.81 21.45 57.81
C PRO F 271 -31.45 21.57 56.41
N THR F 272 -31.26 20.62 55.49
CA THR F 272 -32.05 20.59 54.20
C THR F 272 -33.47 20.10 54.43
N VAL F 273 -33.63 19.23 55.43
CA VAL F 273 -34.97 18.80 55.86
C VAL F 273 -35.69 19.95 56.54
N PRO F 274 -36.85 20.39 55.98
CA PRO F 274 -37.57 21.57 56.46
C PRO F 274 -38.18 21.34 57.86
N PRO F 275 -37.96 22.30 58.78
CA PRO F 275 -38.22 22.10 60.22
C PRO F 275 -39.69 22.07 60.55
N LEU F 276 -40.29 20.91 60.32
CA LEU F 276 -41.73 20.73 60.42
C LEU F 276 -42.08 19.82 61.60
N PRO F 277 -42.64 20.40 62.68
CA PRO F 277 -42.87 19.64 63.92
C PRO F 277 -44.05 18.69 63.76
N PHE F 278 -44.02 17.55 64.45
CA PHE F 278 -45.15 16.61 64.44
C PHE F 278 -46.32 17.21 65.19
N ARG F 279 -47.24 17.78 64.42
CA ARG F 279 -48.53 18.26 64.91
C ARG F 279 -49.40 17.12 65.46
N GLU F 280 -49.52 17.07 66.80
CA GLU F 280 -50.42 16.15 67.50
C GLU F 280 -51.86 16.46 67.20
N GLU F 281 -52.20 17.76 67.18
CA GLU F 281 -53.58 18.25 67.01
C GLU F 281 -54.33 17.79 65.71
N VAL F 282 -53.57 17.61 64.61
CA VAL F 282 -54.07 17.07 63.32
C VAL F 282 -54.24 15.54 63.42
N TYR F 283 -53.28 14.89 64.08
CA TYR F 283 -53.26 13.45 64.21
C TYR F 283 -54.34 12.92 65.16
N ARG F 284 -54.67 13.69 66.21
CA ARG F 284 -55.58 13.23 67.26
C ARG F 284 -57.02 13.71 67.02
N SER F 285 -57.19 14.52 65.95
CA SER F 285 -58.48 15.08 65.56
C SER F 285 -59.54 14.03 65.16
N SER F 286 -60.80 14.37 65.44
CA SER F 286 -61.92 13.45 65.29
C SER F 286 -63.04 13.99 64.42
N ARG F 287 -62.79 15.15 63.78
CA ARG F 287 -63.74 15.78 62.86
C ARG F 287 -63.87 14.94 61.59
N PRO F 288 -65.11 14.47 61.26
CA PRO F 288 -65.34 13.43 60.22
C PRO F 288 -64.80 13.78 58.80
N LEU F 289 -64.31 12.75 58.08
CA LEU F 289 -63.47 12.92 56.86
C LEU F 289 -64.21 12.68 55.55
N ARG F 290 -63.76 13.39 54.50
CA ARG F 290 -64.15 13.11 53.10
C ARG F 290 -63.10 12.22 52.47
N VAL F 291 -63.52 11.01 52.11
CA VAL F 291 -62.58 9.97 51.71
C VAL F 291 -62.78 9.64 50.24
N GLY F 292 -61.74 9.94 49.43
CA GLY F 292 -61.65 9.50 48.06
C GLY F 292 -61.40 8.01 47.99
N TYR F 293 -62.06 7.33 47.04
CA TYR F 293 -61.88 5.88 46.90
C TYR F 293 -61.92 5.35 45.48
N TYR F 294 -61.14 4.30 45.25
CA TYR F 294 -61.29 3.45 44.08
C TYR F 294 -61.00 2.02 44.39
N GLU F 295 -61.62 1.13 43.61
CA GLU F 295 -61.47 -0.30 43.75
C GLU F 295 -60.39 -0.84 42.83
N THR F 296 -60.08 -0.06 41.78
CA THR F 296 -59.10 -0.45 40.75
C THR F 296 -58.50 0.76 40.07
N ASP F 297 -57.21 0.64 39.70
CA ASP F 297 -56.52 1.62 38.84
C ASP F 297 -56.73 1.40 37.32
N ASN F 298 -57.50 0.34 36.99
CA ASN F 298 -57.68 -0.19 35.61
C ASN F 298 -56.39 -0.64 34.90
N TYR F 299 -55.45 -1.18 35.70
CA TYR F 299 -54.10 -1.49 35.26
C TYR F 299 -53.54 -2.83 35.84
N THR F 300 -53.40 -2.91 37.15
CA THR F 300 -53.26 -4.20 37.81
C THR F 300 -54.65 -4.54 38.22
N MET F 301 -55.12 -5.72 37.83
CA MET F 301 -56.35 -6.22 38.40
C MET F 301 -56.17 -6.59 39.88
N PRO F 302 -57.06 -6.08 40.75
CA PRO F 302 -57.13 -6.57 42.13
C PRO F 302 -57.53 -8.01 42.24
N SER F 303 -56.80 -8.76 43.08
CA SER F 303 -57.25 -10.08 43.56
C SER F 303 -58.60 -9.94 44.29
N PRO F 304 -59.43 -10.99 44.30
CA PRO F 304 -60.68 -11.00 45.09
C PRO F 304 -60.50 -10.64 46.58
N ALA F 305 -59.39 -11.07 47.20
CA ALA F 305 -58.92 -10.56 48.50
C ALA F 305 -58.85 -9.03 48.59
N MET F 306 -58.26 -8.39 47.57
CA MET F 306 -58.03 -6.94 47.51
C MET F 306 -59.32 -6.16 47.37
N ARG F 307 -60.19 -6.66 46.49
CA ARG F 307 -61.49 -6.08 46.18
C ARG F 307 -62.39 -6.08 47.41
N ARG F 308 -62.45 -7.24 48.10
CA ARG F 308 -63.21 -7.42 49.33
C ARG F 308 -62.74 -6.54 50.47
N ALA F 309 -61.42 -6.53 50.70
CA ALA F 309 -60.77 -5.66 51.68
C ALA F 309 -61.16 -4.21 51.53
N LEU F 310 -60.86 -3.62 50.35
CA LEU F 310 -61.26 -2.24 49.99
C LEU F 310 -62.73 -1.91 50.28
N ILE F 311 -63.65 -2.68 49.65
CA ILE F 311 -65.11 -2.45 49.74
C ILE F 311 -65.68 -2.55 51.18
N GLU F 312 -65.12 -3.48 51.97
CA GLU F 312 -65.48 -3.64 53.37
C GLU F 312 -64.99 -2.51 54.25
N THR F 313 -63.73 -2.09 54.09
CA THR F 313 -63.24 -0.89 54.83
C THR F 313 -63.82 0.45 54.35
N LYS F 314 -64.25 0.50 53.09
CA LYS F 314 -65.09 1.59 52.54
C LYS F 314 -66.44 1.63 53.23
N GLN F 315 -67.07 0.44 53.37
CA GLN F 315 -68.41 0.28 53.98
C GLN F 315 -68.45 0.72 55.45
N ARG F 316 -67.37 0.42 56.17
CA ARG F 316 -67.24 0.72 57.59
C ARG F 316 -67.03 2.17 57.88
N LEU F 317 -66.29 2.84 57.00
CA LEU F 317 -65.99 4.26 57.14
C LEU F 317 -67.24 5.13 57.00
N GLU F 318 -68.17 4.71 56.14
CA GLU F 318 -69.49 5.33 55.98
C GLU F 318 -70.38 5.14 57.21
N ALA F 319 -70.32 3.95 57.80
CA ALA F 319 -71.03 3.63 59.06
C ALA F 319 -70.55 4.51 60.22
N ALA F 320 -69.24 4.78 60.24
CA ALA F 320 -68.60 5.66 61.22
C ALA F 320 -68.75 7.18 60.93
N GLY F 321 -69.53 7.51 59.88
CA GLY F 321 -69.99 8.88 59.64
C GLY F 321 -69.15 9.64 58.61
N HIS F 322 -68.15 8.96 58.04
CA HIS F 322 -67.36 9.55 56.97
C HIS F 322 -68.09 9.46 55.61
N THR F 323 -67.69 10.34 54.70
CA THR F 323 -68.38 10.54 53.44
C THR F 323 -67.46 10.06 52.34
N LEU F 324 -67.99 9.21 51.48
CA LEU F 324 -67.16 8.41 50.60
C LEU F 324 -67.42 8.73 49.16
N ILE F 325 -66.39 9.29 48.50
CA ILE F 325 -66.49 9.84 47.15
C ILE F 325 -65.61 9.05 46.16
N PRO F 326 -66.23 8.53 45.07
CA PRO F 326 -65.49 7.89 43.98
C PRO F 326 -64.45 8.81 43.37
N PHE F 327 -63.21 8.34 43.32
CA PHE F 327 -62.08 9.16 42.86
C PHE F 327 -61.00 8.31 42.22
N LEU F 328 -60.59 8.74 41.04
CA LEU F 328 -59.49 8.14 40.35
C LEU F 328 -58.57 9.24 39.85
N PRO F 329 -57.28 9.14 40.18
CA PRO F 329 -56.26 10.02 39.57
C PRO F 329 -56.26 9.89 38.03
N ASN F 330 -56.23 11.03 37.33
CA ASN F 330 -56.26 11.07 35.88
C ASN F 330 -55.01 10.48 35.32
N ASN F 331 -55.14 9.84 34.16
CA ASN F 331 -54.01 9.39 33.33
C ASN F 331 -53.00 8.44 34.00
N ILE F 332 -53.51 7.51 34.81
CA ILE F 332 -52.66 6.52 35.48
C ILE F 332 -51.66 5.74 34.56
N PRO F 333 -52.10 5.15 33.39
CA PRO F 333 -51.17 4.51 32.44
C PRO F 333 -50.04 5.41 31.95
N TYR F 334 -50.33 6.69 31.67
CA TYR F 334 -49.32 7.74 31.36
C TYR F 334 -48.30 7.95 32.48
N ALA F 335 -48.76 7.88 33.72
CA ALA F 335 -47.92 8.16 34.87
C ALA F 335 -47.04 6.98 35.23
N LEU F 336 -47.55 5.79 34.99
CA LEU F 336 -46.81 4.56 35.21
C LEU F 336 -45.74 4.35 34.16
N GLU F 337 -46.12 4.53 32.88
CA GLU F 337 -45.30 4.08 31.76
C GLU F 337 -44.31 5.11 31.26
N VAL F 338 -44.66 6.39 31.35
CA VAL F 338 -43.71 7.44 30.96
C VAL F 338 -43.07 8.23 32.10
N LEU F 339 -43.84 8.48 33.18
CA LEU F 339 -43.33 9.23 34.34
C LEU F 339 -42.57 8.39 35.36
N SER F 340 -43.15 7.26 35.75
CA SER F 340 -42.54 6.40 36.78
C SER F 340 -41.39 5.61 36.21
N ALA F 341 -41.68 4.87 35.15
CA ALA F 341 -40.74 3.92 34.57
C ALA F 341 -39.65 4.62 33.78
N GLY F 342 -40.01 5.76 33.20
CA GLY F 342 -39.07 6.56 32.45
C GLY F 342 -38.23 7.38 33.37
N GLY F 343 -38.80 7.74 34.53
CA GLY F 343 -38.12 8.49 35.57
C GLY F 343 -37.06 7.66 36.20
N LEU F 344 -37.37 6.40 36.51
CA LEU F 344 -36.42 5.48 37.13
C LEU F 344 -35.30 5.08 36.19
N PHE F 345 -35.63 4.87 34.91
CA PHE F 345 -34.65 4.32 33.94
C PHE F 345 -34.17 5.31 32.86
N SER F 346 -34.11 6.61 33.21
CA SER F 346 -33.73 7.68 32.26
C SER F 346 -32.31 7.58 31.68
N ASP F 347 -31.42 6.83 32.34
CA ASP F 347 -30.02 6.73 31.94
C ASP F 347 -29.74 5.42 31.20
N GLY F 348 -30.81 4.64 31.01
CA GLY F 348 -30.70 3.38 30.28
C GLY F 348 -30.57 2.19 31.20
N GLY F 349 -30.29 2.48 32.48
CA GLY F 349 -29.90 1.48 33.44
C GLY F 349 -28.39 1.33 33.61
N ARG F 350 -27.60 2.25 33.01
CA ARG F 350 -26.13 2.12 33.05
C ARG F 350 -25.55 2.31 34.48
N SER F 351 -25.97 3.39 35.17
CA SER F 351 -25.58 3.66 36.58
C SER F 351 -25.91 2.49 37.53
N PHE F 352 -27.07 1.87 37.27
CA PHE F 352 -27.61 0.76 38.05
C PHE F 352 -26.91 -0.55 37.69
N LEU F 353 -26.56 -0.73 36.40
CA LEU F 353 -25.87 -1.95 35.97
C LEU F 353 -24.42 -2.03 36.37
N GLN F 354 -23.84 -0.89 36.81
CA GLN F 354 -22.44 -0.85 37.27
C GLN F 354 -22.20 -1.64 38.56
N ASN F 355 -23.26 -1.82 39.35
CA ASN F 355 -23.19 -2.56 40.61
C ASN F 355 -23.24 -4.08 40.41
N PHE F 356 -23.29 -4.53 39.17
CA PHE F 356 -23.42 -5.94 38.88
C PHE F 356 -22.26 -6.44 38.04
N LYS F 357 -21.21 -5.61 37.93
CA LYS F 357 -20.01 -5.97 37.18
C LYS F 357 -19.20 -6.99 37.95
N GLY F 358 -19.07 -8.19 37.36
CA GLY F 358 -18.39 -9.29 38.01
C GLY F 358 -19.27 -10.06 38.98
N ASP F 359 -20.38 -9.44 39.39
CA ASP F 359 -21.34 -10.04 40.30
C ASP F 359 -22.19 -11.12 39.64
N PHE F 360 -22.69 -12.03 40.49
CA PHE F 360 -23.84 -12.89 40.23
C PHE F 360 -25.10 -12.07 40.22
N VAL F 361 -26.10 -12.57 39.51
CA VAL F 361 -27.43 -12.03 39.58
C VAL F 361 -28.37 -12.99 40.27
N ASP F 362 -29.11 -12.46 41.25
CA ASP F 362 -30.03 -13.24 42.04
C ASP F 362 -31.23 -13.60 41.22
N PRO F 363 -31.58 -14.89 41.22
CA PRO F 363 -32.81 -15.41 40.59
C PRO F 363 -34.10 -14.65 40.88
N CYS F 364 -34.19 -13.99 42.05
CA CYS F 364 -35.32 -13.11 42.42
C CYS F 364 -35.45 -11.89 41.58
N LEU F 365 -34.34 -11.46 40.97
CA LEU F 365 -34.34 -10.30 40.08
C LEU F 365 -34.87 -10.55 38.67
N GLY F 366 -35.10 -11.83 38.32
CA GLY F 366 -35.65 -12.24 37.04
C GLY F 366 -34.74 -11.90 35.88
N ASP F 367 -35.34 -11.35 34.85
CA ASP F 367 -34.61 -10.99 33.64
C ASP F 367 -34.22 -9.51 33.58
N LEU F 368 -34.46 -8.78 34.68
CA LEU F 368 -34.24 -7.33 34.73
C LEU F 368 -32.83 -6.96 34.31
N ILE F 369 -31.85 -7.74 34.76
CA ILE F 369 -30.47 -7.48 34.42
C ILE F 369 -30.11 -7.85 32.96
N LEU F 370 -30.65 -8.98 32.49
CA LEU F 370 -30.58 -9.38 31.08
C LEU F 370 -31.17 -8.33 30.09
N ILE F 371 -32.39 -7.86 30.35
CA ILE F 371 -33.10 -6.91 29.45
C ILE F 371 -32.49 -5.50 29.47
N LEU F 372 -31.90 -5.09 30.59
CA LEU F 372 -31.19 -3.80 30.62
C LEU F 372 -29.83 -3.82 29.89
N ARG F 373 -29.16 -4.98 29.94
CA ARG F 373 -27.81 -5.18 29.32
C ARG F 373 -27.82 -5.31 27.80
N LEU F 374 -29.01 -5.59 27.22
CA LEU F 374 -29.28 -5.52 25.77
C LEU F 374 -28.90 -4.18 25.17
N PRO F 375 -28.35 -4.18 23.95
CA PRO F 375 -28.14 -2.93 23.19
C PRO F 375 -29.44 -2.14 22.94
N SER F 376 -29.32 -0.80 22.90
CA SER F 376 -30.44 0.12 22.66
C SER F 376 -31.31 -0.15 21.40
N TRP F 377 -30.66 -0.52 20.27
CA TRP F 377 -31.38 -0.78 19.00
C TRP F 377 -32.32 -2.00 19.09
N PHE F 378 -31.93 -3.00 19.87
CA PHE F 378 -32.70 -4.20 20.05
C PHE F 378 -33.85 -3.99 20.98
N LYS F 379 -33.61 -3.21 22.05
CA LYS F 379 -34.66 -2.59 22.87
C LYS F 379 -35.74 -1.88 22.04
N ARG F 380 -35.31 -0.98 21.12
CA ARG F 380 -36.25 -0.19 20.27
C ARG F 380 -37.04 -1.06 19.31
N LEU F 381 -36.36 -2.03 18.69
CA LEU F 381 -37.01 -2.99 17.78
C LEU F 381 -38.03 -3.88 18.49
N LEU F 382 -37.68 -4.34 19.69
CA LEU F 382 -38.57 -5.21 20.48
C LEU F 382 -39.78 -4.46 20.95
N SER F 383 -39.61 -3.15 21.20
CA SER F 383 -40.69 -2.25 21.66
C SER F 383 -41.83 -2.16 20.68
N LEU F 384 -41.54 -1.70 19.47
CA LEU F 384 -42.62 -1.49 18.49
C LEU F 384 -43.12 -2.73 17.73
N LEU F 385 -42.36 -3.83 17.84
CA LEU F 385 -42.85 -5.16 17.46
C LEU F 385 -43.96 -5.65 18.44
N LEU F 386 -43.75 -5.37 19.74
CA LEU F 386 -44.65 -5.78 20.82
C LEU F 386 -45.87 -4.88 21.00
N LYS F 387 -45.70 -3.58 20.70
CA LYS F 387 -46.79 -2.57 20.87
C LYS F 387 -48.23 -2.88 20.35
N PRO F 388 -48.43 -3.54 19.17
CA PRO F 388 -49.74 -4.11 18.80
C PRO F 388 -50.30 -5.23 19.72
N LEU F 389 -49.44 -6.13 20.22
CA LEU F 389 -49.91 -7.34 20.91
C LEU F 389 -49.83 -7.25 22.45
N PHE F 390 -48.75 -6.66 22.95
CA PHE F 390 -48.45 -6.62 24.37
C PHE F 390 -48.02 -5.19 24.80
N PRO F 391 -48.99 -4.24 24.83
CA PRO F 391 -48.67 -2.79 24.94
C PRO F 391 -47.93 -2.35 26.22
N ARG F 392 -48.18 -3.04 27.34
CA ARG F 392 -47.48 -2.84 28.63
C ARG F 392 -45.99 -3.16 28.57
N LEU F 393 -45.68 -4.30 27.95
CA LEU F 393 -44.33 -4.82 27.81
C LEU F 393 -43.50 -3.93 26.88
N ALA F 394 -44.16 -3.41 25.85
CA ALA F 394 -43.59 -2.47 24.91
C ALA F 394 -43.23 -1.14 25.53
N ALA F 395 -44.11 -0.65 26.41
CA ALA F 395 -43.91 0.61 27.11
C ALA F 395 -42.79 0.47 28.11
N PHE F 396 -42.76 -0.70 28.77
CA PHE F 396 -41.69 -1.11 29.69
C PHE F 396 -40.36 -1.08 29.00
N LEU F 397 -40.34 -1.56 27.74
CA LEU F 397 -39.14 -1.54 26.93
C LEU F 397 -38.82 -0.15 26.46
N ASN F 398 -39.84 0.63 26.14
CA ASN F 398 -39.66 2.02 25.72
C ASN F 398 -39.15 2.96 26.81
N SER F 399 -39.37 2.61 28.07
CA SER F 399 -38.90 3.42 29.17
C SER F 399 -37.38 3.31 29.41
N MET F 400 -36.82 2.10 29.27
CA MET F 400 -35.40 1.84 29.56
C MET F 400 -34.40 2.25 28.47
N ARG F 401 -34.89 2.88 27.40
CA ARG F 401 -34.07 3.56 26.38
C ARG F 401 -33.35 4.81 27.00
N PRO F 402 -32.07 5.07 26.63
CA PRO F 402 -31.29 6.13 27.29
C PRO F 402 -31.66 7.53 26.82
N ARG F 403 -31.77 8.47 27.76
CA ARG F 403 -32.29 9.82 27.47
C ARG F 403 -31.19 10.91 27.61
N SER F 404 -31.45 12.08 27.07
CA SER F 404 -30.55 13.23 27.28
C SER F 404 -31.02 14.06 28.42
N ALA F 405 -30.20 15.02 28.84
CA ALA F 405 -30.57 16.05 29.84
C ALA F 405 -31.75 16.91 29.40
N GLU F 406 -31.79 17.25 28.12
CA GLU F 406 -32.91 17.93 27.48
C GLU F 406 -34.25 17.19 27.67
N LYS F 407 -34.19 15.88 27.46
CA LYS F 407 -35.35 15.02 27.54
C LYS F 407 -35.71 14.71 29.05
N LEU F 408 -34.69 14.66 29.91
CA LEU F 408 -34.87 14.53 31.35
C LEU F 408 -35.46 15.80 32.02
N TRP F 409 -35.07 16.99 31.55
CA TRP F 409 -35.75 18.24 31.97
C TRP F 409 -37.25 18.20 31.59
N LYS F 410 -37.58 17.78 30.35
CA LYS F 410 -38.95 17.67 29.91
C LYS F 410 -39.76 16.69 30.78
N LEU F 411 -39.12 15.57 31.12
CA LEU F 411 -39.72 14.55 31.99
C LEU F 411 -39.97 15.01 33.40
N GLN F 412 -38.96 15.62 34.01
CA GLN F 412 -39.09 16.35 35.26
C GLN F 412 -40.22 17.40 35.28
N HIS F 413 -40.34 18.15 34.20
CA HIS F 413 -41.42 19.12 34.06
C HIS F 413 -42.82 18.49 33.89
N GLU F 414 -42.88 17.29 33.32
CA GLU F 414 -44.14 16.57 33.19
C GLU F 414 -44.59 16.00 34.55
N ILE F 415 -43.61 15.53 35.34
CA ILE F 415 -43.84 15.04 36.73
C ILE F 415 -44.41 16.15 37.67
N GLU F 416 -43.80 17.34 37.66
CA GLU F 416 -44.36 18.51 38.39
C GLU F 416 -45.74 19.04 37.87
N MET F 417 -46.01 18.86 36.57
CA MET F 417 -47.31 19.22 36.00
C MET F 417 -48.43 18.24 36.33
N TYR F 418 -48.10 16.96 36.45
CA TYR F 418 -49.05 15.89 36.72
C TYR F 418 -49.40 15.91 38.20
N ARG F 419 -48.40 16.30 39.00
CA ARG F 419 -48.56 16.61 40.42
C ARG F 419 -49.60 17.69 40.65
N GLN F 420 -49.47 18.81 39.93
CA GLN F 420 -50.44 19.92 39.98
C GLN F 420 -51.82 19.48 39.55
N SER F 421 -51.86 18.65 38.48
CA SER F 421 -53.13 18.14 37.89
C SER F 421 -53.92 17.15 38.79
N VAL F 422 -53.21 16.32 39.55
CA VAL F 422 -53.85 15.36 40.47
C VAL F 422 -54.30 16.03 41.78
N ILE F 423 -53.47 16.97 42.29
CA ILE F 423 -53.88 18.03 43.27
C ILE F 423 -55.13 18.82 42.86
N ALA F 424 -55.19 19.24 41.59
CA ALA F 424 -56.35 20.02 41.07
C ALA F 424 -57.68 19.26 41.21
N GLN F 425 -57.63 17.95 40.94
CA GLN F 425 -58.78 17.02 40.97
C GLN F 425 -59.29 16.78 42.40
N TRP F 426 -58.33 16.52 43.28
CA TRP F 426 -58.46 16.36 44.72
C TRP F 426 -59.10 17.57 45.36
N LYS F 427 -58.69 18.77 44.95
CA LYS F 427 -59.23 19.99 45.52
C LYS F 427 -60.61 20.31 44.95
N ALA F 428 -60.92 19.77 43.76
CA ALA F 428 -62.20 19.99 43.10
C ALA F 428 -63.28 19.02 43.60
N MET F 429 -62.85 17.84 44.02
CA MET F 429 -63.70 16.87 44.69
C MET F 429 -63.61 17.03 46.21
N ASN F 430 -62.75 17.97 46.67
CA ASN F 430 -62.72 18.49 48.06
C ASN F 430 -62.36 17.44 49.16
N LEU F 431 -61.62 16.38 48.77
CA LEU F 431 -61.21 15.30 49.69
C LEU F 431 -60.14 15.75 50.68
N ASP F 432 -60.05 15.05 51.80
CA ASP F 432 -58.98 15.26 52.78
C ASP F 432 -57.95 14.19 52.63
N VAL F 433 -58.38 13.05 52.08
CA VAL F 433 -57.74 11.78 52.29
C VAL F 433 -58.27 10.73 51.20
N LEU F 434 -57.45 9.70 50.93
CA LEU F 434 -57.73 8.79 49.80
C LEU F 434 -57.49 7.30 50.12
N LEU F 435 -58.48 6.49 49.77
CA LEU F 435 -58.47 5.09 50.07
C LEU F 435 -58.31 4.26 48.81
N THR F 436 -57.35 3.37 48.85
CA THR F 436 -56.81 2.74 47.67
C THR F 436 -56.59 1.24 48.02
N PRO F 437 -56.78 0.33 47.04
CA PRO F 437 -56.40 -1.04 47.24
C PRO F 437 -54.90 -1.16 47.36
N MET F 438 -54.47 -2.23 47.97
CA MET F 438 -53.09 -2.48 48.15
C MET F 438 -52.86 -3.86 47.66
N LEU F 439 -51.79 -4.04 46.86
CA LEU F 439 -51.47 -5.29 46.17
C LEU F 439 -51.55 -6.49 47.12
N GLY F 440 -52.02 -7.64 46.56
CA GLY F 440 -52.89 -8.61 47.22
C GLY F 440 -52.33 -9.37 48.33
N PRO F 441 -52.59 -10.68 48.38
CA PRO F 441 -51.85 -11.56 49.30
C PRO F 441 -50.38 -11.62 48.90
N ALA F 442 -49.52 -12.00 49.85
CA ALA F 442 -48.12 -12.36 49.57
C ALA F 442 -48.00 -13.24 48.33
N LEU F 443 -47.11 -12.82 47.45
CA LEU F 443 -46.81 -13.54 46.22
C LEU F 443 -45.80 -14.66 46.52
N ASP F 444 -45.77 -15.69 45.65
CA ASP F 444 -44.82 -16.82 45.74
C ASP F 444 -43.35 -16.36 45.68
N LEU F 445 -42.43 -17.30 45.84
CA LEU F 445 -41.12 -16.95 46.36
C LEU F 445 -40.12 -16.30 45.36
N ASN F 446 -40.07 -16.75 44.12
CA ASN F 446 -39.24 -16.07 43.12
C ASN F 446 -40.10 -15.44 41.99
N THR F 447 -41.08 -14.64 42.39
CA THR F 447 -42.16 -14.17 41.46
C THR F 447 -42.47 -12.65 41.32
N PRO F 448 -42.22 -11.79 42.34
CA PRO F 448 -42.22 -10.34 42.14
C PRO F 448 -41.41 -9.84 40.96
N GLY F 449 -40.22 -10.40 40.74
CA GLY F 449 -39.37 -10.10 39.58
C GLY F 449 -40.04 -10.34 38.23
N ARG F 450 -40.94 -11.32 38.20
CA ARG F 450 -41.72 -11.65 37.01
C ARG F 450 -43.12 -10.98 36.95
N ALA F 451 -43.35 -10.00 37.83
CA ALA F 451 -44.64 -9.29 37.93
C ALA F 451 -44.48 -7.77 38.15
N THR F 452 -43.44 -7.18 37.56
CA THR F 452 -43.11 -5.73 37.57
C THR F 452 -44.31 -4.73 37.47
N GLY F 453 -45.33 -5.07 36.69
CA GLY F 453 -46.56 -4.28 36.62
C GLY F 453 -47.47 -4.22 37.86
N ALA F 454 -47.28 -5.13 38.83
CA ALA F 454 -48.12 -5.18 40.06
C ALA F 454 -47.83 -4.04 41.04
N ILE F 455 -46.68 -3.39 40.88
CA ILE F 455 -46.29 -2.20 41.67
C ILE F 455 -47.03 -0.87 41.29
N SER F 456 -47.96 -0.97 40.34
CA SER F 456 -48.80 0.09 39.89
C SER F 456 -49.50 0.87 40.99
N TYR F 457 -50.08 0.14 41.96
CA TYR F 457 -50.84 0.70 43.09
C TYR F 457 -50.04 1.58 44.06
N THR F 458 -48.73 1.28 44.19
CA THR F 458 -47.85 1.93 45.14
C THR F 458 -46.86 2.93 44.55
N VAL F 459 -46.40 2.68 43.30
CA VAL F 459 -45.40 3.59 42.62
C VAL F 459 -45.98 4.92 42.14
N LEU F 460 -47.31 4.95 41.92
CA LEU F 460 -48.02 6.18 41.59
C LEU F 460 -47.87 7.30 42.68
N TYR F 461 -47.62 6.89 43.93
CA TYR F 461 -47.49 7.86 45.01
C TYR F 461 -46.05 8.22 45.39
N ASN F 462 -45.08 7.50 44.81
CA ASN F 462 -43.71 8.02 44.68
C ASN F 462 -43.59 9.03 43.55
N CYS F 463 -44.30 8.76 42.46
CA CYS F 463 -44.33 9.66 41.31
C CYS F 463 -44.99 11.01 41.68
N LEU F 464 -46.05 10.93 42.49
CA LEU F 464 -46.76 12.10 43.01
C LEU F 464 -46.07 12.74 44.25
N ASP F 465 -45.25 11.95 44.95
CA ASP F 465 -44.65 12.31 46.24
C ASP F 465 -45.75 12.73 47.25
N PHE F 466 -46.67 11.78 47.47
CA PHE F 466 -47.75 11.91 48.43
C PHE F 466 -47.44 10.94 49.56
N PRO F 467 -47.71 11.33 50.82
CA PRO F 467 -47.69 10.38 51.94
C PRO F 467 -48.68 9.27 51.73
N ALA F 468 -48.21 8.04 51.91
CA ALA F 468 -48.99 6.85 51.64
C ALA F 468 -48.62 5.74 52.61
N GLY F 469 -49.64 5.22 53.30
CA GLY F 469 -49.45 4.17 54.31
C GLY F 469 -50.27 2.91 54.11
N VAL F 470 -49.88 1.85 54.80
CA VAL F 470 -50.58 0.57 54.71
C VAL F 470 -51.09 0.10 56.11
N VAL F 471 -52.37 -0.25 56.18
CA VAL F 471 -52.95 -0.89 57.39
C VAL F 471 -53.62 -2.23 57.02
N PRO F 472 -53.27 -3.33 57.71
CA PRO F 472 -53.99 -4.61 57.56
C PRO F 472 -55.46 -4.58 58.01
N VAL F 473 -56.33 -5.22 57.22
CA VAL F 473 -57.79 -5.14 57.42
C VAL F 473 -58.52 -6.50 57.41
N THR F 474 -57.87 -7.54 56.87
CA THR F 474 -58.45 -8.90 56.78
C THR F 474 -57.39 -10.00 56.56
N THR F 475 -57.84 -11.26 56.59
CA THR F 475 -57.08 -12.40 56.02
C THR F 475 -57.87 -13.03 54.85
N VAL F 476 -57.16 -13.77 54.00
CA VAL F 476 -57.75 -14.37 52.78
C VAL F 476 -58.65 -15.53 53.15
N THR F 477 -59.93 -15.40 52.80
CA THR F 477 -60.92 -16.50 52.99
C THR F 477 -60.72 -17.57 51.91
N ALA F 478 -61.21 -18.80 52.16
CA ALA F 478 -61.09 -19.92 51.19
C ALA F 478 -61.85 -19.63 49.87
N GLU F 479 -62.92 -18.84 49.97
CA GLU F 479 -63.66 -18.37 48.80
C GLU F 479 -62.88 -17.33 47.94
N ASP F 480 -62.06 -16.50 48.58
CA ASP F 480 -61.19 -15.52 47.88
C ASP F 480 -60.12 -16.21 47.05
N ASP F 481 -59.52 -17.26 47.61
CA ASP F 481 -58.48 -18.02 46.92
C ASP F 481 -59.04 -18.94 45.84
N ALA F 482 -60.29 -19.38 46.02
CA ALA F 482 -61.03 -20.08 44.95
C ALA F 482 -61.41 -19.15 43.78
N GLN F 483 -61.76 -17.88 44.08
CA GLN F 483 -62.12 -16.87 43.07
C GLN F 483 -60.90 -16.37 42.24
N MET F 484 -59.69 -16.67 42.72
CA MET F 484 -58.43 -16.54 41.97
C MET F 484 -58.35 -17.39 40.66
N GLU F 485 -59.10 -18.50 40.59
CA GLU F 485 -59.12 -19.36 39.39
C GLU F 485 -59.95 -18.77 38.20
N LEU F 486 -60.71 -17.68 38.46
CA LEU F 486 -61.33 -16.89 37.39
C LEU F 486 -60.73 -15.45 37.24
N TYR F 487 -59.60 -15.21 37.93
CA TYR F 487 -58.77 -14.01 37.72
C TYR F 487 -58.09 -14.08 36.36
N LYS F 488 -58.60 -13.32 35.42
CA LYS F 488 -57.88 -13.01 34.19
C LYS F 488 -57.67 -11.49 34.19
N GLY F 489 -56.47 -11.03 33.77
CA GLY F 489 -56.07 -9.62 33.96
C GLY F 489 -56.81 -8.58 33.10
N TYR F 490 -56.33 -7.33 33.16
CA TYR F 490 -56.76 -6.31 32.18
C TYR F 490 -56.06 -6.40 30.81
N PHE F 491 -54.96 -7.15 30.76
CA PHE F 491 -54.07 -7.17 29.59
C PHE F 491 -53.84 -8.56 29.04
N GLY F 492 -53.83 -9.56 29.94
CA GLY F 492 -53.58 -10.95 29.60
C GLY F 492 -52.19 -11.23 29.03
N ASP F 493 -51.24 -10.34 29.32
CA ASP F 493 -49.83 -10.53 29.00
C ASP F 493 -49.16 -11.30 30.12
N ILE F 494 -47.84 -11.47 30.02
CA ILE F 494 -47.07 -12.34 30.91
C ILE F 494 -47.11 -11.95 32.40
N TRP F 495 -47.25 -10.65 32.68
CA TRP F 495 -47.34 -10.14 34.06
C TRP F 495 -48.62 -10.57 34.80
N ASP F 496 -49.76 -10.49 34.10
CA ASP F 496 -51.04 -11.05 34.56
C ASP F 496 -51.00 -12.57 34.79
N ILE F 497 -50.30 -13.31 33.92
CA ILE F 497 -50.20 -14.78 34.01
C ILE F 497 -49.35 -15.24 35.23
N ILE F 498 -48.23 -14.55 35.50
CA ILE F 498 -47.45 -14.76 36.73
C ILE F 498 -48.24 -14.37 38.02
N LEU F 499 -49.00 -13.26 37.95
CA LEU F 499 -49.82 -12.73 39.08
C LEU F 499 -50.93 -13.67 39.52
N LYS F 500 -51.64 -14.27 38.55
CA LYS F 500 -52.64 -15.32 38.78
C LYS F 500 -52.07 -16.51 39.58
N LYS F 501 -50.87 -16.96 39.20
CA LYS F 501 -50.19 -18.06 39.86
C LYS F 501 -49.65 -17.69 41.25
N ALA F 502 -48.96 -16.55 41.34
CA ALA F 502 -48.22 -16.17 42.52
C ALA F 502 -49.10 -15.78 43.72
N MET F 503 -50.30 -15.28 43.45
CA MET F 503 -51.23 -14.84 44.48
C MET F 503 -52.17 -15.95 45.01
N LYS F 504 -52.15 -17.11 44.36
CA LYS F 504 -52.93 -18.27 44.82
C LYS F 504 -52.23 -18.96 46.00
N ASN F 505 -52.89 -19.97 46.59
CA ASN F 505 -52.37 -20.82 47.70
C ASN F 505 -52.09 -20.09 49.03
N SER F 506 -52.97 -19.15 49.39
CA SER F 506 -52.69 -18.20 50.47
C SER F 506 -53.84 -17.99 51.49
N VAL F 507 -54.52 -19.10 51.85
CA VAL F 507 -55.64 -19.03 52.82
C VAL F 507 -55.15 -18.57 54.21
N GLY F 508 -55.77 -17.50 54.70
CA GLY F 508 -55.45 -16.95 56.00
C GLY F 508 -54.19 -16.10 56.02
N LEU F 509 -53.81 -15.58 54.87
CA LEU F 509 -52.67 -14.67 54.75
C LEU F 509 -53.20 -13.24 54.70
N PRO F 510 -52.54 -12.30 55.37
CA PRO F 510 -53.05 -10.92 55.54
C PRO F 510 -53.14 -10.10 54.24
N VAL F 511 -54.27 -9.39 54.11
CA VAL F 511 -54.55 -8.44 52.99
C VAL F 511 -54.63 -7.06 53.59
N ALA F 512 -54.28 -6.04 52.81
CA ALA F 512 -54.20 -4.68 53.31
C ALA F 512 -54.86 -3.67 52.40
N VAL F 513 -55.07 -2.49 52.95
CA VAL F 513 -55.65 -1.38 52.25
C VAL F 513 -54.63 -0.22 52.32
N GLN F 514 -54.73 0.77 51.42
CA GLN F 514 -53.75 1.90 51.38
C GLN F 514 -54.35 3.30 51.61
N CYS F 515 -53.73 4.08 52.48
CA CYS F 515 -54.24 5.40 52.89
C CYS F 515 -53.31 6.45 52.38
N VAL F 516 -53.86 7.45 51.67
CA VAL F 516 -53.06 8.54 51.05
C VAL F 516 -53.51 9.98 51.56
N ALA F 517 -52.57 10.93 51.68
CA ALA F 517 -52.92 12.35 51.74
C ALA F 517 -52.05 13.26 50.82
N LEU F 518 -52.29 14.58 50.91
CA LEU F 518 -51.56 15.62 50.15
C LEU F 518 -50.16 15.77 50.70
N PRO F 519 -49.17 16.27 49.90
CA PRO F 519 -47.79 16.41 50.39
C PRO F 519 -47.67 17.20 51.70
N TRP F 520 -46.87 16.62 52.61
CA TRP F 520 -46.60 17.12 53.95
C TRP F 520 -47.71 16.83 55.00
N GLN F 521 -48.77 16.12 54.59
CA GLN F 521 -49.86 15.77 55.51
C GLN F 521 -49.72 14.40 56.21
N GLU F 522 -48.49 14.01 56.57
CA GLU F 522 -48.17 12.71 57.25
C GLU F 522 -49.07 12.31 58.39
N GLU F 523 -49.44 13.28 59.23
CA GLU F 523 -50.17 13.02 60.46
C GLU F 523 -51.66 12.86 60.22
N LEU F 524 -52.20 13.63 59.26
CA LEU F 524 -53.54 13.38 58.70
C LEU F 524 -53.62 12.03 58.04
N CYS F 525 -52.54 11.64 57.36
CA CYS F 525 -52.45 10.31 56.77
C CYS F 525 -52.55 9.25 57.83
N LEU F 526 -51.82 9.44 58.95
CA LEU F 526 -51.80 8.49 60.08
C LEU F 526 -53.12 8.43 60.84
N ARG F 527 -53.80 9.58 60.94
CA ARG F 527 -55.05 9.73 61.68
C ARG F 527 -56.11 8.88 61.00
N PHE F 528 -56.13 8.98 59.67
CA PHE F 528 -56.94 8.13 58.79
C PHE F 528 -56.52 6.65 58.87
N MET F 529 -55.22 6.40 58.99
CA MET F 529 -54.69 5.04 59.18
C MET F 529 -55.13 4.45 60.50
N ARG F 530 -55.23 5.29 61.54
CA ARG F 530 -55.78 4.93 62.86
C ARG F 530 -57.25 4.60 62.81
N GLU F 531 -58.01 5.42 62.07
CA GLU F 531 -59.44 5.26 61.93
C GLU F 531 -59.77 3.96 61.20
N VAL F 532 -58.97 3.62 60.18
CA VAL F 532 -59.10 2.33 59.49
C VAL F 532 -58.70 1.16 60.41
N GLU F 533 -57.58 1.30 61.14
CA GLU F 533 -57.10 0.29 62.12
C GLU F 533 -58.10 0.01 63.25
N GLN F 534 -58.82 1.05 63.68
CA GLN F 534 -59.77 0.96 64.80
C GLN F 534 -61.04 0.25 64.41
N LEU F 535 -61.56 0.57 63.22
CA LEU F 535 -62.78 -0.06 62.71
C LEU F 535 -62.57 -1.53 62.34
N MET F 536 -61.40 -1.85 61.82
CA MET F 536 -61.24 -3.12 61.12
C MET F 536 -60.55 -4.20 61.91
N THR F 537 -59.92 -3.84 63.04
CA THR F 537 -59.35 -4.85 63.98
C THR F 537 -60.20 -5.06 65.25
N ALA G 1 -58.30 10.87 22.89
CA ALA G 1 -58.30 12.04 21.94
C ALA G 1 -58.83 11.66 20.56
N ARG G 2 -58.56 10.42 20.16
CA ARG G 2 -59.20 9.78 19.00
C ARG G 2 -60.51 9.08 19.37
N GLY G 3 -60.82 9.03 20.69
CA GLY G 3 -62.13 8.65 21.23
C GLY G 3 -63.31 9.54 20.77
N ALA G 4 -63.01 10.79 20.37
CA ALA G 4 -63.84 11.60 19.43
C ALA G 4 -63.87 11.12 17.90
N ALA G 5 -64.01 9.81 17.71
CA ALA G 5 -64.70 9.21 16.57
C ALA G 5 -66.19 9.22 16.83
N THR G 6 -66.57 9.23 18.11
CA THR G 6 -67.96 9.45 18.57
C THR G 6 -68.48 10.83 18.20
N ARG G 7 -67.56 11.83 18.19
CA ARG G 7 -67.82 13.19 17.66
C ARG G 7 -68.18 13.21 16.14
N ALA G 8 -67.55 12.31 15.37
CA ALA G 8 -67.82 12.17 13.93
C ALA G 8 -69.10 11.37 13.65
N ARG G 9 -69.43 10.45 14.57
CA ARG G 9 -70.55 9.54 14.40
C ARG G 9 -71.90 10.25 14.58
N GLN G 10 -71.97 11.18 15.52
CA GLN G 10 -73.19 11.96 15.75
C GLN G 10 -73.39 13.04 14.73
N LYS G 11 -72.27 13.58 14.22
CA LYS G 11 -72.26 14.57 13.14
C LYS G 11 -72.87 14.00 11.89
N GLN G 12 -72.47 12.76 11.58
CA GLN G 12 -73.01 11.98 10.45
C GLN G 12 -74.49 11.61 10.62
N ARG G 13 -74.85 11.10 11.81
CA ARG G 13 -76.23 10.73 12.20
C ARG G 13 -77.22 11.91 12.13
N ALA G 14 -76.76 13.11 12.57
CA ALA G 14 -77.54 14.37 12.55
C ALA G 14 -77.85 14.81 11.14
N SER G 15 -76.85 14.77 10.27
CA SER G 15 -76.97 15.20 8.87
C SER G 15 -77.73 14.19 8.02
N LEU G 16 -77.65 12.92 8.39
CA LEU G 16 -78.50 11.88 7.80
C LEU G 16 -79.98 12.01 8.19
N GLU G 17 -80.25 12.57 9.37
CA GLU G 17 -81.62 12.94 9.79
C GLU G 17 -82.11 14.26 9.13
N THR G 18 -81.18 15.22 8.95
CA THR G 18 -81.42 16.49 8.20
C THR G 18 -81.88 16.24 6.77
N MET G 19 -81.26 15.22 6.13
CA MET G 19 -81.60 14.73 4.80
C MET G 19 -83.00 14.17 4.75
N ASP G 20 -83.29 13.27 5.70
CA ASP G 20 -84.54 12.52 5.77
C ASP G 20 -85.76 13.43 6.03
N LYS G 21 -85.55 14.46 6.86
CA LYS G 21 -86.58 15.49 7.14
C LYS G 21 -86.86 16.38 5.92
N ALA G 22 -85.85 16.53 5.07
CA ALA G 22 -85.96 17.32 3.86
C ALA G 22 -86.63 16.57 2.70
N VAL G 23 -86.33 15.27 2.56
CA VAL G 23 -86.95 14.43 1.51
C VAL G 23 -88.43 14.11 1.78
N GLN G 24 -88.85 14.22 3.06
CA GLN G 24 -90.24 14.04 3.49
C GLN G 24 -91.05 15.34 3.47
N ARG G 25 -90.37 16.49 3.68
CA ARG G 25 -90.94 17.82 3.40
C ARG G 25 -91.07 18.14 1.88
N PHE G 26 -90.57 17.22 1.03
CA PHE G 26 -90.79 17.27 -0.40
C PHE G 26 -91.79 16.23 -0.87
N ARG G 27 -91.60 14.96 -0.46
CA ARG G 27 -92.48 13.84 -0.92
C ARG G 27 -93.94 13.91 -0.40
N LEU G 28 -94.15 14.59 0.75
CA LEU G 28 -95.50 15.07 1.16
C LEU G 28 -95.97 16.32 0.36
N GLN G 29 -95.08 17.30 0.15
CA GLN G 29 -95.43 18.56 -0.57
C GLN G 29 -95.46 18.45 -2.12
N ASN G 30 -95.02 17.28 -2.64
CA ASN G 30 -95.13 16.91 -4.07
C ASN G 30 -95.47 15.39 -4.25
N PRO G 31 -96.76 15.04 -4.10
CA PRO G 31 -97.17 13.64 -3.90
C PRO G 31 -97.19 12.78 -5.17
N ASP G 32 -97.21 13.41 -6.36
CA ASP G 32 -97.47 12.71 -7.62
C ASP G 32 -96.27 12.69 -8.61
N LEU G 33 -95.07 13.01 -8.11
CA LEU G 33 -93.82 12.97 -8.93
C LEU G 33 -93.30 11.54 -9.11
N ASP G 34 -93.12 11.12 -10.38
CA ASP G 34 -92.68 9.75 -10.72
C ASP G 34 -91.16 9.56 -10.49
N SER G 35 -90.82 9.11 -9.27
CA SER G 35 -89.45 9.12 -8.73
C SER G 35 -88.50 8.21 -9.47
N GLU G 36 -88.97 6.99 -9.78
CA GLU G 36 -88.22 6.01 -10.54
C GLU G 36 -87.95 6.42 -12.02
N ALA G 37 -88.86 7.22 -12.59
CA ALA G 37 -88.69 7.75 -13.95
C ALA G 37 -87.65 8.88 -14.01
N LEU G 38 -87.61 9.71 -12.95
CA LEU G 38 -86.56 10.74 -12.75
C LEU G 38 -85.18 10.11 -12.65
N LEU G 39 -85.06 9.02 -11.89
CA LEU G 39 -83.74 8.44 -11.59
C LEU G 39 -83.14 7.58 -12.71
N THR G 40 -83.99 6.93 -13.54
CA THR G 40 -83.52 6.07 -14.66
C THR G 40 -83.21 6.86 -15.94
N LEU G 41 -83.53 8.15 -15.91
CA LEU G 41 -83.13 9.13 -16.90
C LEU G 41 -81.62 9.30 -16.83
N PRO G 42 -80.90 9.00 -17.94
CA PRO G 42 -79.46 9.26 -18.02
C PRO G 42 -79.15 10.75 -17.93
N LEU G 43 -77.90 11.11 -17.63
CA LEU G 43 -77.55 12.47 -17.21
C LEU G 43 -77.82 13.54 -18.25
N LEU G 44 -77.50 13.26 -19.51
CA LEU G 44 -77.65 14.20 -20.65
C LEU G 44 -79.08 14.66 -20.85
N GLN G 45 -80.01 13.70 -20.75
CA GLN G 45 -81.45 13.93 -20.81
C GLN G 45 -81.93 14.71 -19.60
N LEU G 46 -81.40 14.33 -18.42
CA LEU G 46 -81.61 15.04 -17.18
C LEU G 46 -81.18 16.52 -17.26
N VAL G 47 -79.97 16.82 -17.79
CA VAL G 47 -79.50 18.25 -17.97
C VAL G 47 -80.26 19.07 -18.98
N GLN G 48 -80.71 18.41 -20.06
CA GLN G 48 -81.46 19.06 -21.11
C GLN G 48 -82.91 19.39 -20.67
N LYS G 49 -83.53 18.51 -19.85
CA LYS G 49 -84.92 18.69 -19.38
C LYS G 49 -84.98 19.73 -18.29
N LEU G 50 -83.90 19.81 -17.52
CA LEU G 50 -83.63 20.92 -16.64
C LEU G 50 -83.48 22.23 -17.43
N GLN G 51 -82.74 22.17 -18.55
CA GLN G 51 -82.43 23.34 -19.40
C GLN G 51 -83.67 23.93 -20.07
N SER G 52 -84.61 23.07 -20.44
CA SER G 52 -85.88 23.48 -21.06
C SER G 52 -87.03 23.74 -20.04
N GLY G 53 -86.79 23.42 -18.76
CA GLY G 53 -87.73 23.70 -17.68
C GLY G 53 -88.91 22.74 -17.62
N GLU G 54 -88.74 21.56 -18.22
CA GLU G 54 -89.67 20.43 -18.05
C GLU G 54 -89.65 19.88 -16.60
N LEU G 55 -88.48 19.92 -15.98
CA LEU G 55 -88.32 19.64 -14.56
C LEU G 55 -87.74 20.85 -13.84
N SER G 56 -88.32 21.19 -12.68
CA SER G 56 -87.72 22.16 -11.76
C SER G 56 -86.45 21.56 -11.09
N PRO G 57 -85.46 22.40 -10.73
CA PRO G 57 -84.29 21.96 -9.94
C PRO G 57 -84.62 21.36 -8.55
N GLU G 58 -85.66 21.88 -7.88
CA GLU G 58 -86.15 21.31 -6.58
C GLU G 58 -86.63 19.87 -6.71
N ALA G 59 -87.20 19.53 -7.87
CA ALA G 59 -87.64 18.17 -8.18
C ALA G 59 -86.51 17.16 -8.28
N VAL G 60 -85.47 17.46 -9.08
CA VAL G 60 -84.35 16.50 -9.34
C VAL G 60 -83.46 16.27 -8.14
N PHE G 61 -83.25 17.34 -7.37
CA PHE G 61 -82.38 17.35 -6.20
C PHE G 61 -82.94 16.46 -5.11
N PHE G 62 -84.22 16.66 -4.78
CA PHE G 62 -84.87 15.96 -3.68
C PHE G 62 -85.32 14.53 -4.01
N THR G 63 -85.48 14.24 -5.30
CA THR G 63 -85.65 12.84 -5.75
C THR G 63 -84.33 12.07 -5.60
N TYR G 64 -83.21 12.69 -6.00
CA TYR G 64 -81.86 12.15 -5.79
C TYR G 64 -81.44 12.03 -4.32
N LEU G 65 -81.66 13.10 -3.53
CA LEU G 65 -81.48 13.09 -2.05
C LEU G 65 -82.27 12.00 -1.35
N GLY G 66 -83.43 11.65 -1.92
CA GLY G 66 -84.19 10.47 -1.56
C GLY G 66 -83.45 9.16 -1.80
N LYS G 67 -83.00 8.92 -3.04
CA LYS G 67 -82.34 7.64 -3.42
C LYS G 67 -80.97 7.47 -2.75
N ALA G 68 -80.30 8.59 -2.48
CA ALA G 68 -79.07 8.64 -1.70
C ALA G 68 -79.24 8.13 -0.24
N TRP G 69 -80.25 8.65 0.47
CA TRP G 69 -80.61 8.22 1.86
C TRP G 69 -81.06 6.74 1.95
N GLU G 70 -81.82 6.30 0.94
CA GLU G 70 -82.29 4.92 0.82
C GLU G 70 -81.15 3.90 0.64
N VAL G 71 -80.17 4.22 -0.20
CA VAL G 71 -79.04 3.29 -0.43
C VAL G 71 -77.95 3.30 0.63
N ASN G 72 -77.75 4.45 1.29
CA ASN G 72 -76.75 4.62 2.36
C ASN G 72 -76.94 3.69 3.57
N LYS G 73 -78.21 3.34 3.85
CA LYS G 73 -78.60 2.37 4.89
C LYS G 73 -78.00 0.95 4.66
N GLY G 74 -77.82 0.57 3.40
CA GLY G 74 -77.13 -0.65 3.03
C GLY G 74 -75.65 -0.53 2.65
N THR G 75 -75.16 0.70 2.40
CA THR G 75 -73.75 0.88 1.96
C THR G 75 -72.82 1.61 2.91
N ASN G 76 -73.32 2.62 3.63
CA ASN G 76 -72.53 3.55 4.49
C ASN G 76 -71.45 4.34 3.72
N CYS G 77 -71.92 5.05 2.70
CA CYS G 77 -71.10 5.85 1.79
C CYS G 77 -71.13 7.36 2.11
N VAL G 78 -72.15 7.82 2.86
CA VAL G 78 -72.41 9.25 3.03
C VAL G 78 -71.84 9.75 4.36
N THR G 79 -70.92 10.70 4.27
CA THR G 79 -70.14 11.15 5.42
C THR G 79 -70.87 12.30 6.06
N SER G 80 -71.36 13.22 5.23
CA SER G 80 -72.20 14.32 5.67
C SER G 80 -72.99 14.89 4.50
N TYR G 81 -74.06 15.61 4.82
CA TYR G 81 -74.89 16.35 3.87
C TYR G 81 -74.38 17.77 3.84
N LEU G 82 -74.07 18.26 2.64
CA LEU G 82 -73.38 19.55 2.48
C LEU G 82 -74.33 20.76 2.62
N THR G 83 -74.57 21.15 3.90
CA THR G 83 -75.86 21.80 4.35
C THR G 83 -76.28 23.06 3.60
N ASP G 84 -75.29 23.88 3.22
CA ASP G 84 -75.55 25.18 2.55
C ASP G 84 -75.85 25.08 1.03
N CYS G 85 -76.35 23.91 0.59
CA CYS G 85 -77.28 23.82 -0.54
C CYS G 85 -78.74 24.22 -0.10
N GLU G 86 -79.68 24.16 -1.07
CA GLU G 86 -81.01 24.88 -1.05
C GLU G 86 -80.93 26.42 -1.25
N THR G 87 -79.91 27.06 -0.65
CA THR G 87 -79.41 28.39 -1.10
C THR G 87 -78.38 28.30 -2.27
N GLN G 88 -78.07 27.06 -2.69
CA GLN G 88 -77.38 26.77 -3.95
C GLN G 88 -78.37 26.30 -5.04
N LEU G 89 -79.51 25.76 -4.62
CA LEU G 89 -80.69 25.56 -5.50
C LEU G 89 -81.30 26.89 -5.95
N SER G 90 -81.43 27.83 -5.01
CA SER G 90 -82.01 29.17 -5.25
C SER G 90 -81.13 30.03 -6.18
N GLN G 91 -79.88 30.26 -5.76
CA GLN G 91 -78.88 30.95 -6.59
C GLN G 91 -78.10 29.96 -7.50
N ALA G 92 -78.80 29.39 -8.49
CA ALA G 92 -78.20 28.45 -9.45
C ALA G 92 -78.15 29.08 -10.85
N PRO G 93 -76.91 29.32 -11.37
CA PRO G 93 -76.69 29.97 -12.69
C PRO G 93 -77.36 29.24 -13.87
N ARG G 94 -78.33 29.94 -14.49
CA ARG G 94 -79.35 29.32 -15.35
C ARG G 94 -78.83 28.80 -16.69
N GLN G 95 -77.82 29.46 -17.25
CA GLN G 95 -77.25 29.09 -18.56
C GLN G 95 -76.07 28.12 -18.44
N GLY G 96 -75.62 27.85 -17.20
CA GLY G 96 -74.47 26.98 -16.92
C GLY G 96 -74.67 25.53 -17.30
N LEU G 97 -73.57 24.87 -17.66
CA LEU G 97 -73.60 23.61 -18.42
C LEU G 97 -74.01 22.37 -17.61
N LEU G 98 -74.17 22.54 -16.30
CA LEU G 98 -74.57 21.46 -15.41
C LEU G 98 -75.71 21.86 -14.47
N TYR G 99 -76.64 22.67 -15.00
CA TYR G 99 -77.53 23.54 -14.21
C TYR G 99 -78.30 22.93 -12.99
N GLY G 100 -78.98 21.82 -13.17
CA GLY G 100 -79.75 21.28 -12.07
C GLY G 100 -79.10 20.16 -11.31
N VAL G 101 -77.94 19.71 -11.77
CA VAL G 101 -77.39 18.38 -11.47
C VAL G 101 -76.78 18.34 -10.06
N PRO G 102 -77.30 17.44 -9.19
CA PRO G 102 -76.63 17.15 -7.90
C PRO G 102 -75.27 16.42 -8.06
N VAL G 103 -74.23 16.81 -7.32
CA VAL G 103 -72.92 16.10 -7.38
C VAL G 103 -72.39 15.54 -6.04
N SER G 104 -72.00 14.26 -6.05
CA SER G 104 -71.31 13.66 -4.89
C SER G 104 -69.84 14.04 -4.85
N LEU G 105 -69.35 14.29 -3.65
CA LEU G 105 -67.96 14.63 -3.45
C LEU G 105 -67.25 13.60 -2.62
N LYS G 106 -66.08 13.19 -3.08
CA LYS G 106 -65.08 12.62 -2.22
C LYS G 106 -64.75 13.64 -1.15
N GLU G 107 -64.56 13.16 0.08
CA GLU G 107 -64.35 14.01 1.24
C GLU G 107 -63.11 14.95 1.17
N CYS G 108 -62.11 14.61 0.37
CA CYS G 108 -60.88 15.39 0.27
C CYS G 108 -61.02 16.70 -0.48
N PHE G 109 -62.10 16.81 -1.26
CA PHE G 109 -62.53 18.08 -1.86
C PHE G 109 -63.12 18.98 -0.79
N SER G 110 -62.31 19.92 -0.31
CA SER G 110 -62.66 20.76 0.82
C SER G 110 -63.81 21.70 0.52
N TYR G 111 -64.85 21.58 1.35
CA TYR G 111 -66.09 22.34 1.23
C TYR G 111 -66.21 23.24 2.46
N LYS G 112 -66.61 24.51 2.25
CA LYS G 112 -66.60 25.57 3.29
C LYS G 112 -67.49 25.23 4.49
N GLY G 113 -66.92 25.36 5.69
CA GLY G 113 -67.64 25.08 6.92
C GLY G 113 -67.74 23.60 7.29
N HIS G 114 -67.10 22.74 6.49
CA HIS G 114 -67.15 21.30 6.66
C HIS G 114 -65.79 20.70 6.87
N ASP G 115 -65.78 19.54 7.53
CA ASP G 115 -64.58 18.74 7.77
C ASP G 115 -64.13 18.02 6.50
N SER G 116 -62.82 17.99 6.29
CA SER G 116 -62.18 17.02 5.42
C SER G 116 -61.17 16.20 6.23
N THR G 117 -61.68 15.38 7.11
CA THR G 117 -60.92 14.30 7.67
C THR G 117 -60.66 13.30 6.58
N LEU G 118 -59.58 12.56 6.71
CA LEU G 118 -59.34 11.53 5.75
C LEU G 118 -59.67 10.19 6.36
N GLY G 119 -60.18 10.22 7.58
CA GLY G 119 -60.26 9.04 8.40
C GLY G 119 -59.36 9.14 9.58
N LEU G 120 -58.96 10.37 9.87
CA LEU G 120 -57.81 10.69 10.67
C LEU G 120 -58.28 11.69 11.71
N SER G 121 -58.06 11.37 13.00
CA SER G 121 -58.60 12.17 14.13
C SER G 121 -57.98 13.51 14.22
N LEU G 122 -56.71 13.58 13.78
CA LEU G 122 -55.98 14.83 13.54
C LEU G 122 -56.75 15.88 12.71
N ASN G 123 -57.62 15.43 11.80
CA ASN G 123 -58.40 16.34 10.98
C ASN G 123 -59.90 16.44 11.32
N GLU G 124 -60.32 15.82 12.43
CA GLU G 124 -61.69 16.00 12.95
C GLU G 124 -61.91 17.42 13.56
N GLY G 125 -60.85 18.02 14.09
CA GLY G 125 -60.89 19.40 14.61
C GLY G 125 -61.50 20.49 13.69
N MET G 126 -60.77 20.83 12.62
CA MET G 126 -61.02 22.07 11.89
C MET G 126 -61.83 21.91 10.59
N PRO G 127 -62.95 22.65 10.49
CA PRO G 127 -63.64 22.85 9.21
C PRO G 127 -62.81 23.71 8.25
N SER G 128 -63.12 23.65 6.96
CA SER G 128 -62.36 24.35 5.93
C SER G 128 -62.88 25.78 5.68
N GLU G 129 -61.93 26.70 5.52
CA GLU G 129 -62.23 28.13 5.43
C GLU G 129 -62.84 28.49 4.10
N SER G 130 -62.53 27.68 3.09
CA SER G 130 -62.92 27.98 1.71
C SER G 130 -63.44 26.73 0.98
N ASP G 131 -64.39 26.96 0.06
CA ASP G 131 -64.66 26.02 -1.01
C ASP G 131 -63.42 25.90 -1.87
N CYS G 132 -63.12 24.67 -2.29
CA CYS G 132 -61.99 24.39 -3.16
C CYS G 132 -62.28 24.82 -4.59
N VAL G 133 -61.23 24.93 -5.40
CA VAL G 133 -61.34 25.41 -6.78
C VAL G 133 -62.32 24.61 -7.68
N VAL G 134 -62.17 23.28 -7.77
CA VAL G 134 -63.10 22.48 -8.64
C VAL G 134 -64.57 22.42 -8.13
N VAL G 135 -64.77 22.54 -6.82
CA VAL G 135 -66.12 22.77 -6.21
C VAL G 135 -66.71 24.16 -6.59
N GLN G 136 -65.87 25.19 -6.52
CA GLN G 136 -66.22 26.54 -6.97
C GLN G 136 -66.67 26.60 -8.45
N VAL G 137 -66.00 25.85 -9.33
CA VAL G 137 -66.44 25.82 -10.75
C VAL G 137 -67.64 24.95 -11.04
N LEU G 138 -67.85 23.88 -10.25
CA LEU G 138 -69.12 23.11 -10.30
C LEU G 138 -70.36 23.95 -9.97
N LYS G 139 -70.23 24.80 -8.95
CA LYS G 139 -71.28 25.75 -8.57
C LYS G 139 -71.49 26.86 -9.62
N LEU G 140 -70.37 27.42 -10.12
CA LEU G 140 -70.38 28.48 -11.15
C LEU G 140 -70.86 27.97 -12.52
N GLN G 141 -70.87 26.64 -12.70
CA GLN G 141 -71.44 25.99 -13.88
C GLN G 141 -72.82 25.35 -13.59
N GLY G 142 -73.38 25.62 -12.42
CA GLY G 142 -74.78 25.33 -12.17
C GLY G 142 -75.03 24.23 -11.16
N ALA G 143 -74.10 23.27 -11.11
CA ALA G 143 -74.29 22.06 -10.33
C ALA G 143 -74.31 22.28 -8.78
N VAL G 144 -74.89 21.31 -8.06
CA VAL G 144 -75.15 21.40 -6.62
C VAL G 144 -74.45 20.25 -5.81
N PRO G 145 -73.22 20.53 -5.27
CA PRO G 145 -72.53 19.60 -4.35
C PRO G 145 -73.30 19.25 -3.06
N PHE G 146 -73.73 17.98 -2.95
CA PHE G 146 -74.80 17.60 -1.99
C PHE G 146 -74.45 16.61 -0.88
N VAL G 147 -73.36 15.86 -1.08
CA VAL G 147 -72.80 14.97 -0.04
C VAL G 147 -71.24 15.01 0.01
N HIS G 148 -70.67 14.77 1.20
CA HIS G 148 -69.31 14.22 1.29
C HIS G 148 -69.40 12.68 1.34
N THR G 149 -68.54 12.00 0.58
CA THR G 149 -68.50 10.53 0.59
C THR G 149 -67.30 9.92 1.27
N ASN G 150 -67.47 8.68 1.74
CA ASN G 150 -66.47 8.03 2.60
C ASN G 150 -65.22 7.56 1.83
N VAL G 151 -64.08 7.69 2.50
CA VAL G 151 -62.77 7.25 2.02
C VAL G 151 -62.15 6.28 3.09
N PRO G 152 -61.21 5.40 2.69
CA PRO G 152 -60.39 4.67 3.67
C PRO G 152 -59.44 5.59 4.45
N GLN G 153 -58.93 5.10 5.60
CA GLN G 153 -58.36 5.97 6.66
C GLN G 153 -57.26 6.98 6.25
N SER G 154 -56.33 6.58 5.41
CA SER G 154 -55.38 7.57 4.93
C SER G 154 -55.55 8.07 3.49
N MET G 155 -56.59 7.57 2.84
CA MET G 155 -56.72 7.43 1.36
C MET G 155 -55.67 6.53 0.64
N LEU G 156 -54.59 6.13 1.33
CA LEU G 156 -53.59 5.21 0.75
C LEU G 156 -53.95 3.72 0.94
N SER G 157 -55.09 3.36 0.33
CA SER G 157 -55.70 2.07 0.43
C SER G 157 -56.68 2.06 -0.67
N PHE G 158 -56.86 0.90 -1.30
CA PHE G 158 -57.98 0.70 -2.21
C PHE G 158 -59.19 -0.08 -1.66
N ASP G 159 -59.30 -0.14 -0.32
CA ASP G 159 -60.56 -0.52 0.38
C ASP G 159 -61.34 0.75 0.72
N CYS G 160 -62.44 0.64 1.47
CA CYS G 160 -63.13 1.82 1.96
C CYS G 160 -63.65 1.68 3.38
N SER G 161 -62.85 2.18 4.33
CA SER G 161 -63.06 2.01 5.76
C SER G 161 -62.13 2.89 6.58
N ASN G 162 -62.68 3.47 7.65
CA ASN G 162 -61.94 4.36 8.55
C ASN G 162 -62.56 4.34 9.98
N PRO G 163 -61.75 4.58 11.04
CA PRO G 163 -62.25 4.65 12.43
C PRO G 163 -63.37 5.65 12.72
N LEU G 164 -63.39 6.77 12.00
CA LEU G 164 -64.36 7.85 12.25
C LEU G 164 -65.76 7.55 11.76
N PHE G 165 -65.90 6.92 10.59
CA PHE G 165 -67.24 6.73 9.95
C PHE G 165 -67.66 5.25 9.65
N GLY G 166 -66.67 4.36 9.58
CA GLY G 166 -66.93 2.94 9.38
C GLY G 166 -66.64 2.43 7.97
N GLN G 167 -67.15 1.23 7.70
CA GLN G 167 -66.88 0.53 6.45
C GLN G 167 -67.96 0.84 5.42
N THR G 168 -67.52 1.25 4.24
CA THR G 168 -68.38 1.27 3.06
C THR G 168 -68.47 -0.14 2.44
N MET G 169 -69.70 -0.54 2.09
CA MET G 169 -69.96 -1.82 1.44
C MET G 169 -70.38 -1.65 -0.06
N ASN G 170 -70.04 -2.65 -0.88
CA ASN G 170 -70.47 -2.75 -2.29
C ASN G 170 -72.00 -2.96 -2.39
N PRO G 171 -72.67 -2.20 -3.28
CA PRO G 171 -74.12 -2.34 -3.48
C PRO G 171 -74.56 -3.66 -4.15
N TRP G 172 -73.69 -4.25 -4.97
CA TRP G 172 -74.00 -5.49 -5.67
C TRP G 172 -74.05 -6.69 -4.72
N LYS G 173 -73.17 -6.65 -3.71
CA LYS G 173 -72.90 -7.76 -2.79
C LYS G 173 -72.29 -7.18 -1.54
N SER G 174 -72.89 -7.47 -0.38
CA SER G 174 -72.52 -6.84 0.90
C SER G 174 -71.28 -7.44 1.60
N SER G 175 -70.74 -8.52 1.04
CA SER G 175 -69.48 -9.10 1.49
C SER G 175 -68.25 -8.56 0.71
N LYS G 176 -68.50 -7.64 -0.23
CA LYS G 176 -67.46 -7.12 -1.13
C LYS G 176 -67.13 -5.65 -0.87
N SER G 177 -65.89 -5.27 -1.21
CA SER G 177 -65.45 -3.88 -1.17
C SER G 177 -66.10 -3.06 -2.31
N PRO G 178 -66.37 -1.76 -2.08
CA PRO G 178 -66.71 -0.83 -3.17
C PRO G 178 -65.47 -0.14 -3.82
N GLY G 179 -64.31 -0.77 -3.73
CA GLY G 179 -63.07 -0.13 -4.10
C GLY G 179 -62.63 0.90 -3.10
N GLY G 180 -61.58 1.60 -3.48
CA GLY G 180 -61.13 2.80 -2.83
C GLY G 180 -60.13 3.48 -3.74
N SER G 181 -59.68 4.70 -3.41
CA SER G 181 -60.11 5.43 -2.26
C SER G 181 -61.36 6.30 -2.42
N SER G 182 -61.81 6.49 -3.67
CA SER G 182 -63.14 7.08 -3.93
C SER G 182 -64.24 5.98 -3.95
N GLY G 183 -64.29 5.14 -2.90
CA GLY G 183 -65.23 4.02 -2.84
C GLY G 183 -66.63 4.42 -2.41
N GLY G 184 -66.71 5.41 -1.49
CA GLY G 184 -67.94 6.13 -1.14
C GLY G 184 -68.65 6.72 -2.35
N GLU G 185 -67.85 7.23 -3.30
CA GLU G 185 -68.32 7.57 -4.65
C GLU G 185 -68.95 6.43 -5.50
N GLY G 186 -68.32 5.25 -5.47
CA GLY G 186 -68.71 4.10 -6.30
C GLY G 186 -69.99 3.44 -5.82
N ALA G 187 -70.09 3.32 -4.49
CA ALA G 187 -71.31 2.83 -3.81
C ALA G 187 -72.53 3.79 -3.96
N LEU G 188 -72.27 5.07 -4.21
CA LEU G 188 -73.34 6.01 -4.45
C LEU G 188 -73.86 5.98 -5.86
N ILE G 189 -72.95 6.14 -6.83
CA ILE G 189 -73.35 6.24 -8.24
C ILE G 189 -73.91 4.90 -8.75
N GLY G 190 -73.17 3.82 -8.62
CA GLY G 190 -73.73 2.48 -8.73
C GLY G 190 -74.63 2.29 -7.56
N SER G 191 -75.83 1.76 -7.79
CA SER G 191 -77.05 1.91 -6.91
C SER G 191 -77.76 3.31 -6.89
N GLY G 192 -77.34 4.19 -7.78
CA GLY G 192 -78.23 5.20 -8.31
C GLY G 192 -78.45 6.48 -7.52
N GLY G 193 -77.72 6.67 -6.42
CA GLY G 193 -77.96 7.80 -5.49
C GLY G 193 -77.36 9.18 -5.86
N SER G 194 -76.65 9.23 -6.98
CA SER G 194 -76.01 10.45 -7.50
C SER G 194 -75.76 10.22 -8.98
N PRO G 195 -75.98 11.26 -9.81
CA PRO G 195 -75.65 11.18 -11.25
C PRO G 195 -74.16 11.31 -11.54
N LEU G 196 -73.47 12.15 -10.76
CA LEU G 196 -72.11 12.53 -11.03
C LEU G 196 -71.41 12.71 -9.72
N GLY G 197 -70.14 12.31 -9.69
CA GLY G 197 -69.26 12.54 -8.56
C GLY G 197 -67.86 12.98 -8.98
N LEU G 198 -67.10 13.53 -8.04
CA LEU G 198 -65.67 13.82 -8.27
C LEU G 198 -64.81 13.01 -7.32
N GLY G 199 -63.78 12.35 -7.87
CA GLY G 199 -62.81 11.58 -7.07
C GLY G 199 -61.35 11.91 -7.36
N THR G 200 -60.43 11.38 -6.54
CA THR G 200 -58.96 11.43 -6.82
C THR G 200 -58.36 10.05 -7.03
N ASP G 201 -57.14 10.04 -7.57
CA ASP G 201 -56.46 8.90 -8.09
C ASP G 201 -54.97 9.21 -8.07
N ILE G 202 -54.23 8.51 -7.23
CA ILE G 202 -52.74 8.47 -7.32
C ILE G 202 -52.21 7.03 -7.56
N GLY G 203 -53.09 6.04 -7.48
CA GLY G 203 -52.69 4.66 -7.69
C GLY G 203 -53.74 3.80 -8.33
N GLY G 204 -54.95 4.34 -8.44
CA GLY G 204 -56.10 3.64 -9.04
C GLY G 204 -57.42 4.03 -8.41
N SER G 205 -57.39 5.09 -7.60
CA SER G 205 -58.44 5.40 -6.65
C SER G 205 -59.75 5.95 -7.27
N ILE G 206 -59.72 6.33 -8.56
CA ILE G 206 -60.92 6.57 -9.35
C ILE G 206 -61.35 5.27 -10.07
N ARG G 207 -60.36 4.54 -10.55
CA ARG G 207 -60.56 3.44 -11.45
C ARG G 207 -60.99 2.12 -10.75
N PHE G 208 -60.44 1.84 -9.56
CA PHE G 208 -60.97 0.78 -8.66
C PHE G 208 -62.50 0.87 -8.37
N PRO G 209 -63.03 1.99 -7.84
CA PRO G 209 -64.47 2.04 -7.57
C PRO G 209 -65.37 2.24 -8.80
N SER G 210 -64.79 2.67 -9.90
CA SER G 210 -65.42 2.55 -11.19
C SER G 210 -65.60 1.07 -11.58
N ALA G 211 -64.49 0.30 -11.55
CA ALA G 211 -64.46 -1.14 -11.86
C ALA G 211 -65.36 -2.00 -10.98
N PHE G 212 -65.39 -1.70 -9.67
CA PHE G 212 -65.93 -2.62 -8.65
C PHE G 212 -67.45 -2.49 -8.53
N CYS G 213 -67.97 -1.28 -8.74
CA CYS G 213 -69.38 -0.97 -8.59
C CYS G 213 -70.06 -0.79 -9.94
N GLY G 214 -69.26 -0.88 -11.00
CA GLY G 214 -69.75 -0.96 -12.37
C GLY G 214 -70.20 0.36 -12.89
N ILE G 215 -69.32 1.36 -12.71
CA ILE G 215 -69.56 2.72 -13.20
C ILE G 215 -68.35 3.20 -14.01
N CYS G 216 -68.43 4.43 -14.51
CA CYS G 216 -67.42 4.99 -15.41
C CYS G 216 -66.65 6.10 -14.75
N GLY G 217 -65.34 6.09 -14.92
CA GLY G 217 -64.48 7.05 -14.27
C GLY G 217 -63.30 7.41 -15.11
N LEU G 218 -62.90 8.68 -15.05
CA LEU G 218 -61.70 9.14 -15.76
C LEU G 218 -60.69 9.74 -14.82
N LYS G 219 -59.48 9.21 -14.89
CA LYS G 219 -58.31 9.80 -14.31
C LYS G 219 -57.60 10.59 -15.43
N PRO G 220 -57.78 11.92 -15.46
CA PRO G 220 -57.06 12.80 -16.39
C PRO G 220 -55.56 12.85 -16.11
N THR G 221 -54.82 13.38 -17.07
CA THR G 221 -53.45 13.90 -16.86
C THR G 221 -53.42 14.77 -15.63
N GLY G 222 -52.39 14.59 -14.83
CA GLY G 222 -52.26 15.21 -13.51
C GLY G 222 -52.56 16.69 -13.42
N ASN G 223 -52.15 17.44 -14.43
CA ASN G 223 -52.34 18.87 -14.41
C ASN G 223 -53.51 19.43 -15.26
N ARG G 224 -54.40 18.54 -15.75
CA ARG G 224 -55.57 18.97 -16.55
C ARG G 224 -56.60 19.71 -15.74
N LEU G 225 -56.78 19.31 -14.50
CA LEU G 225 -57.67 19.98 -13.59
C LEU G 225 -56.90 20.60 -12.43
N SER G 226 -57.59 21.39 -11.62
CA SER G 226 -57.00 22.00 -10.42
C SER G 226 -57.07 21.10 -9.19
N LYS G 227 -55.99 21.10 -8.41
CA LYS G 227 -55.98 20.48 -7.07
C LYS G 227 -55.62 21.49 -5.98
N SER G 228 -56.09 22.75 -6.15
CA SER G 228 -55.68 23.87 -5.29
C SER G 228 -56.28 23.83 -3.87
N GLY G 229 -57.40 23.13 -3.69
CA GLY G 229 -58.01 23.00 -2.39
C GLY G 229 -58.27 21.58 -1.96
N LEU G 230 -57.46 20.64 -2.45
CA LEU G 230 -57.58 19.23 -2.10
C LEU G 230 -56.79 18.92 -0.88
N LYS G 231 -57.44 18.31 0.09
CA LYS G 231 -56.76 17.79 1.26
C LYS G 231 -56.07 16.47 0.92
N GLY G 232 -54.75 16.44 1.10
CA GLY G 232 -53.98 15.21 1.23
C GLY G 232 -53.39 15.05 2.64
N CYS G 233 -52.81 13.89 2.90
CA CYS G 233 -52.12 13.68 4.14
C CYS G 233 -50.60 13.81 4.00
N VAL G 234 -50.07 13.60 2.82
CA VAL G 234 -48.72 14.08 2.49
C VAL G 234 -48.75 15.03 1.33
N TYR G 235 -47.83 16.00 1.34
CA TYR G 235 -47.74 17.02 0.28
C TYR G 235 -46.32 17.15 -0.27
N GLY G 236 -46.22 17.58 -1.54
CA GLY G 236 -44.94 17.91 -2.16
C GLY G 236 -44.18 16.73 -2.73
N GLN G 237 -44.80 15.56 -2.65
CA GLN G 237 -44.50 14.41 -3.45
C GLN G 237 -44.85 14.77 -4.87
N THR G 238 -43.83 14.92 -5.75
CA THR G 238 -44.08 15.33 -7.17
C THR G 238 -43.78 14.27 -8.21
N ALA G 239 -42.90 13.35 -7.89
CA ALA G 239 -42.77 12.12 -8.67
C ALA G 239 -44.08 11.33 -8.48
N VAL G 240 -44.60 10.68 -9.51
CA VAL G 240 -45.90 9.93 -9.41
C VAL G 240 -47.15 10.82 -9.12
N GLN G 241 -47.84 11.19 -10.18
CA GLN G 241 -48.68 12.39 -10.20
C GLN G 241 -50.09 12.14 -9.64
N LEU G 242 -50.56 13.09 -8.82
CA LEU G 242 -51.93 13.10 -8.39
C LEU G 242 -52.83 13.68 -9.48
N SER G 243 -53.95 13.01 -9.73
CA SER G 243 -55.02 13.65 -10.46
C SER G 243 -56.37 13.37 -9.89
N LEU G 244 -57.33 14.14 -10.37
CA LEU G 244 -58.71 14.10 -9.95
C LEU G 244 -59.57 14.12 -11.18
N GLY G 245 -60.76 13.54 -11.10
CA GLY G 245 -61.58 13.32 -12.28
C GLY G 245 -62.99 12.85 -12.01
N PRO G 246 -63.82 12.81 -13.07
CA PRO G 246 -65.24 12.58 -12.90
C PRO G 246 -65.57 11.10 -12.69
N MET G 247 -66.73 10.87 -12.10
CA MET G 247 -67.27 9.54 -11.88
C MET G 247 -68.79 9.57 -12.15
N ALA G 248 -69.28 8.57 -12.91
CA ALA G 248 -70.67 8.57 -13.41
C ALA G 248 -71.14 7.23 -13.90
N ARG G 249 -72.43 7.17 -14.27
CA ARG G 249 -73.06 5.95 -14.77
C ARG G 249 -72.84 5.71 -16.26
N ASP G 250 -72.42 6.75 -16.99
CA ASP G 250 -72.08 6.63 -18.41
C ASP G 250 -70.90 7.51 -18.80
N VAL G 251 -70.31 7.27 -19.98
CA VAL G 251 -69.11 8.04 -20.42
C VAL G 251 -69.38 9.43 -21.04
N GLU G 252 -70.64 9.67 -21.40
CA GLU G 252 -71.08 10.97 -21.89
C GLU G 252 -71.18 11.98 -20.75
N SER G 253 -71.45 11.48 -19.53
CA SER G 253 -71.47 12.26 -18.30
C SER G 253 -70.08 12.72 -17.91
N LEU G 254 -69.10 11.87 -18.22
CA LEU G 254 -67.69 12.12 -17.94
C LEU G 254 -67.21 13.25 -18.82
N ALA G 255 -67.60 13.18 -20.10
CA ALA G 255 -67.29 14.20 -21.07
C ALA G 255 -68.07 15.52 -20.82
N LEU G 256 -69.26 15.42 -20.21
CA LEU G 256 -70.01 16.59 -19.81
C LEU G 256 -69.30 17.35 -18.71
N CYS G 257 -68.90 16.62 -17.65
CA CYS G 257 -68.24 17.21 -16.50
C CYS G 257 -66.94 17.89 -16.87
N LEU G 258 -66.17 17.26 -17.75
CA LEU G 258 -64.91 17.82 -18.20
C LEU G 258 -65.09 19.06 -19.05
N LYS G 259 -66.13 19.08 -19.88
CA LYS G 259 -66.51 20.28 -20.68
C LYS G 259 -67.02 21.41 -19.77
N ALA G 260 -67.72 21.03 -18.69
CA ALA G 260 -68.16 21.95 -17.65
C ALA G 260 -67.00 22.49 -16.82
N LEU G 261 -65.97 21.66 -16.63
CA LEU G 261 -64.82 21.97 -15.76
C LEU G 261 -63.71 22.72 -16.47
N LEU G 262 -63.54 22.48 -17.78
CA LEU G 262 -62.53 23.17 -18.58
C LEU G 262 -63.17 24.37 -19.22
N CYS G 263 -63.28 25.43 -18.42
CA CYS G 263 -63.87 26.70 -18.82
C CYS G 263 -63.01 27.81 -18.25
N GLU G 264 -63.34 29.06 -18.60
CA GLU G 264 -62.53 30.23 -18.17
C GLU G 264 -62.63 30.57 -16.67
N HIS G 265 -63.65 30.05 -15.99
CA HIS G 265 -63.73 30.10 -14.53
C HIS G 265 -62.56 29.38 -13.86
N LEU G 266 -62.36 28.11 -14.24
CA LEU G 266 -61.27 27.29 -13.74
C LEU G 266 -59.88 27.82 -14.07
N PHE G 267 -59.74 28.50 -15.21
CA PHE G 267 -58.43 28.97 -15.67
C PHE G 267 -57.99 30.30 -15.04
N THR G 268 -58.90 30.93 -14.30
CA THR G 268 -58.63 32.22 -13.61
C THR G 268 -58.43 32.05 -12.07
N LEU G 269 -59.23 31.18 -11.45
CA LEU G 269 -58.92 30.67 -10.11
C LEU G 269 -58.08 29.41 -10.29
N ASP G 270 -56.77 29.53 -10.04
CA ASP G 270 -55.69 28.62 -10.60
C ASP G 270 -55.28 28.90 -12.05
N PRO G 271 -54.48 29.97 -12.30
CA PRO G 271 -53.83 30.14 -13.60
C PRO G 271 -52.65 29.16 -13.87
N THR G 272 -52.44 28.15 -12.98
CA THR G 272 -51.34 27.16 -13.10
C THR G 272 -51.77 25.88 -13.81
N VAL G 273 -53.07 25.63 -13.84
CA VAL G 273 -53.68 24.73 -14.80
C VAL G 273 -53.48 25.33 -16.20
N PRO G 274 -52.90 24.55 -17.15
CA PRO G 274 -52.79 25.00 -18.55
C PRO G 274 -54.15 25.09 -19.20
N PRO G 275 -54.49 26.27 -19.75
CA PRO G 275 -55.86 26.62 -20.14
C PRO G 275 -56.36 26.01 -21.47
N LEU G 276 -56.25 24.68 -21.59
CA LEU G 276 -56.77 23.91 -22.73
C LEU G 276 -58.28 23.63 -22.57
N PRO G 277 -59.11 24.22 -23.44
CA PRO G 277 -60.56 23.93 -23.43
C PRO G 277 -60.84 22.50 -23.93
N PHE G 278 -61.98 21.94 -23.55
CA PHE G 278 -62.44 20.65 -24.05
C PHE G 278 -62.62 20.73 -25.56
N ARG G 279 -61.91 19.86 -26.27
CA ARG G 279 -61.91 19.88 -27.73
C ARG G 279 -62.97 18.94 -28.27
N GLU G 280 -64.15 19.51 -28.57
CA GLU G 280 -65.40 18.77 -28.81
C GLU G 280 -65.33 17.85 -30.00
N GLU G 281 -64.69 18.36 -31.05
CA GLU G 281 -64.55 17.70 -32.35
C GLU G 281 -63.72 16.40 -32.32
N VAL G 282 -62.73 16.37 -31.42
CA VAL G 282 -61.85 15.23 -31.19
C VAL G 282 -62.63 14.10 -30.49
N TYR G 283 -63.49 14.49 -29.55
CA TYR G 283 -64.33 13.56 -28.79
C TYR G 283 -65.48 13.01 -29.63
N ARG G 284 -66.05 13.86 -30.49
CA ARG G 284 -67.25 13.51 -31.25
C ARG G 284 -66.93 12.73 -32.52
N SER G 285 -65.64 12.76 -32.92
CA SER G 285 -65.09 12.04 -34.11
C SER G 285 -65.39 10.54 -34.14
N SER G 286 -65.76 10.03 -35.33
CA SER G 286 -65.88 8.55 -35.58
C SER G 286 -64.77 7.92 -36.47
N ARG G 287 -63.68 8.66 -36.68
CA ARG G 287 -62.53 8.19 -37.49
C ARG G 287 -61.83 7.04 -36.77
N PRO G 288 -61.67 5.88 -37.47
CA PRO G 288 -61.21 4.62 -36.84
C PRO G 288 -59.79 4.67 -36.24
N LEU G 289 -59.58 3.85 -35.21
CA LEU G 289 -58.46 3.97 -34.30
C LEU G 289 -57.46 2.88 -34.50
N ARG G 290 -56.18 3.20 -34.24
CA ARG G 290 -55.17 2.18 -33.94
C ARG G 290 -55.09 1.95 -32.43
N VAL G 291 -55.46 0.75 -32.00
CA VAL G 291 -55.59 0.44 -30.59
C VAL G 291 -54.47 -0.53 -30.14
N GLY G 292 -53.62 -0.08 -29.21
CA GLY G 292 -52.73 -0.97 -28.47
C GLY G 292 -53.50 -1.82 -27.46
N TYR G 293 -53.02 -3.04 -27.17
CA TYR G 293 -53.64 -3.91 -26.17
C TYR G 293 -52.65 -4.84 -25.53
N TYR G 294 -52.91 -5.17 -24.28
CA TYR G 294 -52.32 -6.34 -23.65
C TYR G 294 -53.31 -7.11 -22.79
N GLU G 295 -53.00 -8.39 -22.56
CA GLU G 295 -53.87 -9.32 -21.82
C GLU G 295 -53.45 -9.38 -20.36
N THR G 296 -52.16 -9.17 -20.12
CA THR G 296 -51.54 -9.26 -18.80
C THR G 296 -50.32 -8.32 -18.77
N ASP G 297 -49.97 -7.82 -17.58
CA ASP G 297 -48.74 -7.00 -17.42
C ASP G 297 -47.53 -7.84 -17.03
N ASN G 298 -47.80 -9.15 -16.86
CA ASN G 298 -46.87 -10.18 -16.30
C ASN G 298 -46.59 -10.09 -14.80
N TYR G 299 -47.32 -9.21 -14.10
CA TYR G 299 -47.03 -8.89 -12.71
C TYR G 299 -48.16 -9.33 -11.77
N THR G 300 -49.34 -8.77 -11.96
CA THR G 300 -50.55 -9.31 -11.35
C THR G 300 -51.19 -10.14 -12.41
N MET G 301 -51.53 -11.38 -12.06
CA MET G 301 -52.31 -12.23 -12.95
C MET G 301 -53.73 -11.73 -13.01
N PRO G 302 -54.28 -11.62 -14.22
CA PRO G 302 -55.71 -11.36 -14.39
C PRO G 302 -56.59 -12.49 -13.90
N SER G 303 -57.81 -12.15 -13.47
CA SER G 303 -58.83 -13.14 -13.16
C SER G 303 -59.35 -13.76 -14.47
N PRO G 304 -59.92 -14.98 -14.41
CA PRO G 304 -60.72 -15.52 -15.53
C PRO G 304 -61.75 -14.54 -16.08
N ALA G 305 -62.40 -13.76 -15.20
CA ALA G 305 -63.30 -12.67 -15.61
C ALA G 305 -62.60 -11.49 -16.31
N MET G 306 -61.37 -11.18 -15.89
CA MET G 306 -60.55 -10.08 -16.47
C MET G 306 -60.05 -10.36 -17.89
N ARG G 307 -59.54 -11.59 -18.07
CA ARG G 307 -58.98 -12.09 -19.31
C ARG G 307 -60.06 -12.12 -20.39
N ARG G 308 -61.24 -12.63 -20.00
CA ARG G 308 -62.39 -12.76 -20.90
C ARG G 308 -62.98 -11.40 -21.27
N ALA G 309 -63.01 -10.46 -20.32
CA ALA G 309 -63.47 -9.09 -20.59
C ALA G 309 -62.62 -8.47 -21.65
N LEU G 310 -61.31 -8.44 -21.42
CA LEU G 310 -60.34 -7.82 -22.32
C LEU G 310 -60.36 -8.43 -23.74
N ILE G 311 -60.45 -9.77 -23.83
CA ILE G 311 -60.55 -10.47 -25.12
C ILE G 311 -61.89 -10.14 -25.86
N GLU G 312 -63.02 -10.21 -25.15
CA GLU G 312 -64.33 -9.89 -25.71
C GLU G 312 -64.48 -8.45 -26.20
N THR G 313 -63.93 -7.47 -25.45
CA THR G 313 -63.85 -6.08 -25.97
C THR G 313 -62.81 -5.83 -27.08
N LYS G 314 -61.75 -6.66 -27.16
CA LYS G 314 -60.82 -6.62 -28.31
C LYS G 314 -61.54 -7.04 -29.62
N GLN G 315 -62.41 -8.04 -29.52
CA GLN G 315 -63.10 -8.65 -30.65
C GLN G 315 -64.09 -7.72 -31.29
N ARG G 316 -64.86 -7.01 -30.46
CA ARG G 316 -65.88 -6.06 -30.93
C ARG G 316 -65.28 -4.83 -31.56
N LEU G 317 -64.07 -4.48 -31.11
CA LEU G 317 -63.34 -3.36 -31.64
C LEU G 317 -62.74 -3.63 -33.04
N GLU G 318 -62.24 -4.85 -33.25
CA GLU G 318 -61.77 -5.30 -34.57
C GLU G 318 -62.92 -5.39 -35.59
N ALA G 319 -64.06 -5.90 -35.11
CA ALA G 319 -65.28 -6.10 -35.90
C ALA G 319 -66.01 -4.78 -36.26
N ALA G 320 -65.80 -3.73 -35.46
CA ALA G 320 -66.34 -2.38 -35.76
C ALA G 320 -65.39 -1.54 -36.61
N GLY G 321 -64.16 -2.06 -36.81
CA GLY G 321 -63.28 -1.60 -37.87
C GLY G 321 -61.88 -1.16 -37.47
N HIS G 322 -61.62 -1.08 -36.15
CA HIS G 322 -60.30 -0.66 -35.63
C HIS G 322 -59.30 -1.77 -35.72
N THR G 323 -58.02 -1.39 -35.84
CA THR G 323 -56.92 -2.36 -35.85
C THR G 323 -56.25 -2.46 -34.46
N LEU G 324 -56.19 -3.69 -33.95
CA LEU G 324 -55.80 -3.96 -32.56
C LEU G 324 -54.43 -4.60 -32.53
N ILE G 325 -53.48 -3.91 -31.87
CA ILE G 325 -52.04 -4.23 -31.97
C ILE G 325 -51.52 -4.62 -30.60
N PRO G 326 -50.83 -5.79 -30.48
CA PRO G 326 -50.17 -6.18 -29.22
C PRO G 326 -49.07 -5.22 -28.75
N PHE G 327 -49.33 -4.53 -27.63
CA PHE G 327 -48.45 -3.52 -27.02
C PHE G 327 -48.32 -3.79 -25.54
N LEU G 328 -47.09 -3.74 -25.05
CA LEU G 328 -46.78 -3.74 -23.63
C LEU G 328 -45.78 -2.65 -23.41
N PRO G 329 -46.00 -1.76 -22.42
CA PRO G 329 -44.94 -0.83 -22.00
C PRO G 329 -43.75 -1.60 -21.47
N ASN G 330 -42.55 -1.21 -21.89
CA ASN G 330 -41.31 -1.88 -21.50
C ASN G 330 -41.09 -1.75 -20.02
N ASN G 331 -40.38 -2.74 -19.45
CA ASN G 331 -39.83 -2.66 -18.07
C ASN G 331 -40.88 -2.40 -16.96
N ILE G 332 -42.13 -2.85 -17.15
CA ILE G 332 -43.18 -2.76 -16.11
C ILE G 332 -42.68 -3.11 -14.67
N PRO G 333 -41.93 -4.26 -14.47
CA PRO G 333 -41.28 -4.51 -13.16
C PRO G 333 -40.35 -3.39 -12.63
N TYR G 334 -39.58 -2.73 -13.50
CA TYR G 334 -38.76 -1.57 -13.09
C TYR G 334 -39.63 -0.42 -12.63
N ALA G 335 -40.72 -0.20 -13.38
CA ALA G 335 -41.63 0.94 -13.19
C ALA G 335 -42.43 0.88 -11.89
N LEU G 336 -42.96 -0.30 -11.55
CA LEU G 336 -43.73 -0.49 -10.32
C LEU G 336 -42.83 -0.48 -9.08
N GLU G 337 -41.72 -1.22 -9.17
CA GLU G 337 -40.92 -1.57 -8.01
C GLU G 337 -40.02 -0.47 -7.64
N VAL G 338 -39.23 0.01 -8.58
CA VAL G 338 -38.41 1.20 -8.31
C VAL G 338 -39.11 2.56 -8.54
N LEU G 339 -39.74 2.79 -9.69
CA LEU G 339 -40.28 4.14 -10.00
C LEU G 339 -41.57 4.54 -9.24
N SER G 340 -42.54 3.63 -9.13
CA SER G 340 -43.80 3.92 -8.44
C SER G 340 -43.67 3.89 -6.93
N ALA G 341 -43.32 2.71 -6.40
CA ALA G 341 -43.24 2.47 -4.95
C ALA G 341 -42.13 3.30 -4.27
N GLY G 342 -41.06 3.59 -5.01
CA GLY G 342 -40.03 4.49 -4.55
C GLY G 342 -40.44 5.96 -4.58
N GLY G 343 -41.21 6.33 -5.61
CA GLY G 343 -41.78 7.66 -5.70
C GLY G 343 -42.69 7.98 -4.53
N LEU G 344 -43.59 7.03 -4.22
CA LEU G 344 -44.59 7.20 -3.14
C LEU G 344 -43.99 7.14 -1.74
N PHE G 345 -42.86 6.43 -1.60
CA PHE G 345 -42.20 6.20 -0.31
C PHE G 345 -40.71 6.57 -0.26
N SER G 346 -40.29 7.65 -0.92
CA SER G 346 -38.88 8.11 -0.90
C SER G 346 -38.40 8.58 0.50
N ASP G 347 -39.34 9.09 1.30
CA ASP G 347 -39.02 9.67 2.59
C ASP G 347 -39.04 8.63 3.70
N GLY G 348 -39.50 7.44 3.35
CA GLY G 348 -39.51 6.30 4.24
C GLY G 348 -40.85 6.10 4.88
N GLY G 349 -41.79 6.98 4.54
CA GLY G 349 -43.11 6.99 5.13
C GLY G 349 -43.19 7.81 6.41
N ARG G 350 -42.12 8.56 6.73
CA ARG G 350 -42.09 9.45 7.90
C ARG G 350 -43.17 10.56 7.86
N SER G 351 -43.30 11.25 6.71
CA SER G 351 -44.40 12.20 6.44
C SER G 351 -45.77 11.60 6.69
N PHE G 352 -45.92 10.36 6.22
CA PHE G 352 -47.18 9.67 6.16
C PHE G 352 -47.61 9.16 7.53
N LEU G 353 -46.63 8.72 8.32
CA LEU G 353 -46.89 8.20 9.68
C LEU G 353 -47.25 9.27 10.68
N GLN G 354 -46.77 10.50 10.46
CA GLN G 354 -47.06 11.64 11.33
C GLN G 354 -48.55 11.96 11.49
N ASN G 355 -49.34 11.68 10.43
CA ASN G 355 -50.83 11.66 10.49
C ASN G 355 -51.47 10.63 11.43
N PHE G 356 -50.70 9.58 11.81
CA PHE G 356 -51.22 8.43 12.58
C PHE G 356 -50.93 8.47 14.08
N LYS G 357 -50.19 9.49 14.52
CA LYS G 357 -49.78 9.63 15.90
C LYS G 357 -50.99 9.80 16.76
N GLY G 358 -51.17 8.82 17.64
CA GLY G 358 -52.30 8.76 18.54
C GLY G 358 -53.61 8.41 17.86
N ASP G 359 -53.53 7.62 16.77
CA ASP G 359 -54.73 7.17 16.03
C ASP G 359 -54.84 5.67 16.01
N PHE G 360 -56.06 5.17 15.88
CA PHE G 360 -56.29 3.77 15.61
C PHE G 360 -55.86 3.45 14.18
N VAL G 361 -55.32 2.26 13.98
CA VAL G 361 -55.15 1.77 12.63
C VAL G 361 -56.36 0.95 12.22
N ASP G 362 -56.96 1.31 11.10
CA ASP G 362 -58.13 0.63 10.61
C ASP G 362 -57.68 -0.64 9.99
N PRO G 363 -58.27 -1.76 10.42
CA PRO G 363 -57.93 -3.13 9.91
C PRO G 363 -57.88 -3.32 8.39
N CYS G 364 -58.57 -2.47 7.62
CA CYS G 364 -58.45 -2.43 6.16
C CYS G 364 -57.05 -2.05 5.61
N LEU G 365 -56.30 -1.26 6.36
CA LEU G 365 -54.95 -0.82 5.97
C LEU G 365 -53.84 -1.91 6.10
N GLY G 366 -54.15 -3.04 6.74
CA GLY G 366 -53.28 -4.20 6.76
C GLY G 366 -52.15 -4.10 7.78
N ASP G 367 -50.94 -4.41 7.34
CA ASP G 367 -49.77 -4.31 8.19
C ASP G 367 -48.86 -3.21 7.70
N LEU G 368 -49.40 -2.35 6.81
CA LEU G 368 -48.64 -1.26 6.20
C LEU G 368 -48.09 -0.26 7.22
N ILE G 369 -48.90 0.08 8.22
CA ILE G 369 -48.48 1.04 9.28
C ILE G 369 -47.43 0.42 10.20
N LEU G 370 -47.61 -0.87 10.48
CA LEU G 370 -46.62 -1.68 11.21
C LEU G 370 -45.24 -1.70 10.48
N ILE G 371 -45.26 -1.82 9.14
CA ILE G 371 -44.01 -1.98 8.37
C ILE G 371 -43.25 -0.64 8.14
N LEU G 372 -43.98 0.46 7.90
CA LEU G 372 -43.35 1.78 7.73
C LEU G 372 -42.69 2.33 9.00
N ARG G 373 -43.17 1.84 10.15
CA ARG G 373 -42.67 2.19 11.46
C ARG G 373 -41.37 1.50 11.84
N LEU G 374 -41.09 0.35 11.19
CA LEU G 374 -39.88 -0.45 11.48
C LEU G 374 -38.67 0.36 11.12
N PRO G 375 -37.55 0.18 11.85
CA PRO G 375 -36.33 0.95 11.57
C PRO G 375 -35.66 0.61 10.24
N SER G 376 -34.76 1.49 9.80
CA SER G 376 -34.12 1.41 8.48
C SER G 376 -33.33 0.12 8.28
N TRP G 377 -32.51 -0.24 9.28
CA TRP G 377 -31.61 -1.37 9.19
C TRP G 377 -32.36 -2.69 9.05
N PHE G 378 -33.52 -2.79 9.72
CA PHE G 378 -34.36 -3.96 9.72
C PHE G 378 -35.08 -4.13 8.41
N LYS G 379 -35.69 -3.03 7.93
CA LYS G 379 -36.24 -2.92 6.57
C LYS G 379 -35.21 -3.39 5.48
N ARG G 380 -33.95 -2.92 5.58
CA ARG G 380 -32.83 -3.39 4.73
C ARG G 380 -32.49 -4.89 4.90
N LEU G 381 -32.51 -5.38 6.16
CA LEU G 381 -32.23 -6.83 6.49
C LEU G 381 -33.29 -7.79 5.95
N LEU G 382 -34.58 -7.47 6.20
CA LEU G 382 -35.71 -8.26 5.72
C LEU G 382 -35.71 -8.37 4.21
N SER G 383 -35.27 -7.29 3.55
CA SER G 383 -35.21 -7.18 2.13
C SER G 383 -34.27 -8.20 1.54
N LEU G 384 -32.99 -8.10 1.84
CA LEU G 384 -32.00 -9.01 1.24
C LEU G 384 -32.04 -10.49 1.75
N LEU G 385 -32.70 -10.70 2.91
CA LEU G 385 -33.18 -12.03 3.35
C LEU G 385 -34.30 -12.63 2.47
N LEU G 386 -35.18 -11.76 1.94
CA LEU G 386 -36.36 -12.21 1.18
C LEU G 386 -36.16 -12.29 -0.33
N LYS G 387 -35.17 -11.59 -0.88
CA LYS G 387 -34.93 -11.57 -2.36
C LYS G 387 -34.75 -12.96 -3.11
N PRO G 388 -34.02 -13.95 -2.53
CA PRO G 388 -34.06 -15.35 -3.02
C PRO G 388 -35.46 -16.00 -3.03
N LEU G 389 -36.32 -15.64 -2.07
CA LEU G 389 -37.60 -16.32 -1.85
C LEU G 389 -38.75 -15.58 -2.52
N PHE G 390 -38.92 -14.30 -2.17
CA PHE G 390 -40.11 -13.53 -2.50
C PHE G 390 -39.75 -12.13 -3.05
N PRO G 391 -39.24 -12.08 -4.31
CA PRO G 391 -38.56 -10.88 -4.85
C PRO G 391 -39.42 -9.60 -4.96
N ARG G 392 -40.75 -9.76 -5.13
CA ARG G 392 -41.73 -8.66 -5.05
C ARG G 392 -41.73 -8.01 -3.69
N LEU G 393 -41.83 -8.85 -2.66
CA LEU G 393 -42.01 -8.42 -1.29
C LEU G 393 -40.74 -7.77 -0.79
N ALA G 394 -39.62 -8.25 -1.29
CA ALA G 394 -38.32 -7.69 -0.99
C ALA G 394 -38.06 -6.42 -1.80
N ALA G 395 -38.77 -6.23 -2.92
CA ALA G 395 -38.73 -4.94 -3.64
C ALA G 395 -39.61 -3.90 -3.00
N PHE G 396 -40.81 -4.32 -2.54
CA PHE G 396 -41.68 -3.57 -1.58
C PHE G 396 -40.98 -2.95 -0.36
N LEU G 397 -39.98 -3.65 0.20
CA LEU G 397 -39.33 -3.21 1.44
C LEU G 397 -38.15 -2.30 1.15
N ASN G 398 -37.28 -2.75 0.24
CA ASN G 398 -36.24 -1.92 -0.38
C ASN G 398 -36.72 -0.54 -0.99
N SER G 399 -38.01 -0.41 -1.31
CA SER G 399 -38.57 0.86 -1.82
C SER G 399 -38.98 1.83 -0.70
N MET G 400 -39.22 1.29 0.52
CA MET G 400 -39.51 2.09 1.74
C MET G 400 -38.25 2.59 2.49
N ARG G 401 -37.09 2.48 1.84
CA ARG G 401 -35.85 2.97 2.40
C ARG G 401 -35.80 4.51 2.24
N PRO G 402 -35.55 5.24 3.33
CA PRO G 402 -35.42 6.70 3.30
C PRO G 402 -34.28 7.10 2.40
N ARG G 403 -34.61 7.88 1.38
CA ARG G 403 -33.62 8.41 0.43
C ARG G 403 -33.24 9.81 0.83
N SER G 404 -32.15 10.29 0.25
CA SER G 404 -31.77 11.68 0.34
C SER G 404 -32.33 12.41 -0.86
N ALA G 405 -32.32 13.75 -0.82
CA ALA G 405 -32.72 14.59 -1.95
C ALA G 405 -31.95 14.30 -3.26
N GLU G 406 -30.67 13.94 -3.13
CA GLU G 406 -29.79 13.58 -4.23
C GLU G 406 -30.31 12.36 -4.97
N LYS G 407 -30.71 11.34 -4.21
CA LYS G 407 -31.26 10.13 -4.77
C LYS G 407 -32.72 10.29 -5.22
N LEU G 408 -33.43 11.31 -4.67
CA LEU G 408 -34.73 11.74 -5.24
C LEU G 408 -34.62 12.50 -6.55
N TRP G 409 -33.54 13.26 -6.73
CA TRP G 409 -33.29 13.90 -8.02
C TRP G 409 -33.09 12.89 -9.10
N LYS G 410 -32.25 11.86 -8.82
CA LYS G 410 -32.02 10.75 -9.76
C LYS G 410 -33.32 10.02 -10.12
N LEU G 411 -34.18 9.72 -9.14
CA LEU G 411 -35.45 8.99 -9.39
C LEU G 411 -36.43 9.82 -10.16
N GLN G 412 -36.47 11.13 -9.86
CA GLN G 412 -37.31 12.06 -10.60
C GLN G 412 -36.91 12.06 -12.10
N HIS G 413 -35.60 12.11 -12.36
CA HIS G 413 -35.04 12.05 -13.71
C HIS G 413 -35.32 10.74 -14.45
N GLU G 414 -35.19 9.62 -13.73
CA GLU G 414 -35.52 8.29 -14.22
C GLU G 414 -37.02 8.11 -14.52
N ILE G 415 -37.88 8.91 -13.86
CA ILE G 415 -39.34 8.89 -14.11
C ILE G 415 -39.71 9.68 -15.37
N GLU G 416 -39.03 10.82 -15.61
CA GLU G 416 -39.24 11.54 -16.88
C GLU G 416 -38.65 10.77 -18.10
N MET G 417 -37.63 9.96 -17.84
CA MET G 417 -36.99 9.10 -18.84
C MET G 417 -37.83 7.92 -19.25
N TYR G 418 -38.44 7.25 -18.28
CA TYR G 418 -39.39 6.18 -18.53
C TYR G 418 -40.59 6.63 -19.35
N ARG G 419 -41.16 7.76 -18.93
CA ARG G 419 -42.21 8.46 -19.63
C ARG G 419 -41.89 8.66 -21.09
N GLN G 420 -40.70 9.22 -21.36
CA GLN G 420 -40.23 9.46 -22.71
C GLN G 420 -40.03 8.14 -23.53
N SER G 421 -39.59 7.08 -22.85
CA SER G 421 -39.32 5.78 -23.52
C SER G 421 -40.61 5.02 -23.90
N VAL G 422 -41.59 5.01 -22.98
CA VAL G 422 -42.96 4.52 -23.28
C VAL G 422 -43.72 5.46 -24.30
N ILE G 423 -43.34 6.76 -24.38
CA ILE G 423 -43.78 7.64 -25.51
C ILE G 423 -43.23 7.19 -26.88
N ALA G 424 -41.93 6.85 -26.93
CA ALA G 424 -41.24 6.50 -28.19
C ALA G 424 -41.67 5.12 -28.73
N GLN G 425 -41.97 4.22 -27.80
CA GLN G 425 -42.55 2.90 -28.06
C GLN G 425 -43.93 3.02 -28.70
N TRP G 426 -44.76 3.93 -28.13
CA TRP G 426 -46.13 4.25 -28.54
C TRP G 426 -46.16 4.74 -29.97
N LYS G 427 -45.15 5.54 -30.37
CA LYS G 427 -45.10 6.15 -31.72
C LYS G 427 -44.60 5.20 -32.78
N ALA G 428 -43.67 4.32 -32.39
CA ALA G 428 -43.14 3.22 -33.26
C ALA G 428 -44.24 2.23 -33.71
N MET G 429 -45.29 2.13 -32.91
CA MET G 429 -46.44 1.31 -33.19
C MET G 429 -47.58 2.14 -33.77
N ASN G 430 -47.40 3.47 -33.80
CA ASN G 430 -48.36 4.44 -34.37
C ASN G 430 -49.77 4.37 -33.76
N LEU G 431 -49.83 4.10 -32.45
CA LEU G 431 -51.09 3.97 -31.70
C LEU G 431 -51.81 5.29 -31.58
N ASP G 432 -53.10 5.19 -31.25
CA ASP G 432 -53.90 6.34 -30.95
C ASP G 432 -54.36 6.25 -29.51
N VAL G 433 -54.43 5.03 -29.01
CA VAL G 433 -55.08 4.72 -27.76
C VAL G 433 -54.60 3.29 -27.32
N LEU G 434 -54.90 2.90 -26.06
CA LEU G 434 -54.35 1.69 -25.47
C LEU G 434 -55.40 0.94 -24.61
N LEU G 435 -55.52 -0.36 -24.86
CA LEU G 435 -56.44 -1.25 -24.13
C LEU G 435 -55.67 -2.09 -23.10
N THR G 436 -56.33 -2.46 -22.00
CA THR G 436 -55.68 -2.94 -20.76
C THR G 436 -56.75 -3.66 -19.93
N PRO G 437 -56.43 -4.79 -19.28
CA PRO G 437 -57.32 -5.34 -18.26
C PRO G 437 -57.38 -4.43 -17.02
N MET G 438 -58.54 -4.36 -16.42
CA MET G 438 -58.70 -3.64 -15.19
C MET G 438 -58.91 -4.66 -14.09
N LEU G 439 -58.24 -4.45 -12.95
CA LEU G 439 -58.41 -5.29 -11.74
C LEU G 439 -59.84 -5.73 -11.44
N GLY G 440 -60.15 -6.94 -11.92
CA GLY G 440 -60.89 -7.98 -11.20
C GLY G 440 -62.32 -7.71 -10.85
N PRO G 441 -63.10 -8.76 -10.57
CA PRO G 441 -64.32 -8.59 -9.79
C PRO G 441 -63.92 -8.02 -8.43
N ALA G 442 -64.84 -7.31 -7.78
CA ALA G 442 -64.57 -6.73 -6.48
C ALA G 442 -63.92 -7.75 -5.52
N LEU G 443 -62.88 -7.30 -4.83
CA LEU G 443 -62.21 -8.10 -3.80
C LEU G 443 -63.09 -8.21 -2.55
N ASP G 444 -62.81 -9.22 -1.71
CA ASP G 444 -63.44 -9.34 -0.36
C ASP G 444 -63.18 -8.12 0.55
N LEU G 445 -63.96 -8.05 1.63
CA LEU G 445 -64.23 -6.80 2.31
C LEU G 445 -63.06 -6.16 3.10
N ASN G 446 -62.14 -6.97 3.61
CA ASN G 446 -60.92 -6.43 4.23
C ASN G 446 -59.61 -6.92 3.57
N THR G 447 -59.66 -7.13 2.26
CA THR G 447 -58.53 -7.75 1.53
C THR G 447 -57.57 -6.87 0.66
N PRO G 448 -58.03 -5.77 0.00
CA PRO G 448 -57.11 -4.81 -0.64
C PRO G 448 -55.84 -4.38 0.12
N GLY G 449 -55.90 -4.26 1.44
CA GLY G 449 -54.72 -4.03 2.27
C GLY G 449 -53.74 -5.17 2.28
N ARG G 450 -54.25 -6.39 2.18
CA ARG G 450 -53.42 -7.60 2.12
C ARG G 450 -52.89 -7.93 0.70
N ALA G 451 -53.21 -7.07 -0.28
CA ALA G 451 -53.06 -7.38 -1.71
C ALA G 451 -52.42 -6.26 -2.57
N THR G 452 -51.35 -5.63 -2.06
CA THR G 452 -50.81 -4.36 -2.56
C THR G 452 -50.36 -4.37 -4.07
N GLY G 453 -49.87 -5.54 -4.53
CA GLY G 453 -49.40 -5.70 -5.88
C GLY G 453 -50.47 -5.74 -6.94
N ALA G 454 -51.71 -6.07 -6.54
CA ALA G 454 -52.88 -5.97 -7.42
C ALA G 454 -53.23 -4.56 -7.97
N ILE G 455 -52.62 -3.47 -7.41
CA ILE G 455 -52.67 -2.12 -8.02
C ILE G 455 -51.79 -1.92 -9.25
N SER G 456 -51.11 -2.99 -9.70
CA SER G 456 -50.10 -2.91 -10.76
C SER G 456 -50.63 -2.33 -12.07
N TYR G 457 -51.89 -2.63 -12.39
CA TYR G 457 -52.52 -2.23 -13.65
C TYR G 457 -52.84 -0.75 -13.81
N THR G 458 -52.96 -0.06 -12.67
CA THR G 458 -53.49 1.31 -12.59
C THR G 458 -52.41 2.36 -12.19
N VAL G 459 -51.54 2.01 -11.25
CA VAL G 459 -50.45 2.91 -10.76
C VAL G 459 -49.31 3.20 -11.79
N LEU G 460 -49.17 2.28 -12.77
CA LEU G 460 -48.24 2.43 -13.90
C LEU G 460 -48.55 3.68 -14.75
N TYR G 461 -49.85 4.02 -14.82
CA TYR G 461 -50.34 5.16 -15.58
C TYR G 461 -50.43 6.44 -14.75
N ASN G 462 -50.32 6.31 -13.43
CA ASN G 462 -50.01 7.43 -12.56
C ASN G 462 -48.57 7.78 -12.68
N CYS G 463 -47.74 6.75 -12.72
CA CYS G 463 -46.30 6.91 -12.82
C CYS G 463 -45.92 7.57 -14.14
N LEU G 464 -46.54 7.10 -15.20
CA LEU G 464 -46.31 7.60 -16.56
C LEU G 464 -46.98 8.91 -16.82
N ASP G 465 -48.03 9.20 -16.03
CA ASP G 465 -48.87 10.40 -16.12
C ASP G 465 -49.66 10.46 -17.44
N PHE G 466 -50.44 9.42 -17.69
CA PHE G 466 -51.29 9.30 -18.92
C PHE G 466 -52.75 9.41 -18.49
N PRO G 467 -53.63 9.96 -19.35
CA PRO G 467 -55.08 9.84 -19.12
C PRO G 467 -55.46 8.40 -19.17
N ALA G 468 -56.15 7.93 -18.12
CA ALA G 468 -56.63 6.58 -18.08
C ALA G 468 -58.06 6.54 -17.59
N GLY G 469 -58.83 5.55 -18.07
CA GLY G 469 -60.27 5.52 -17.90
C GLY G 469 -60.83 4.13 -17.86
N VAL G 470 -61.89 3.96 -17.08
CA VAL G 470 -62.47 2.68 -16.86
C VAL G 470 -63.92 2.72 -17.26
N VAL G 471 -64.30 1.73 -18.08
CA VAL G 471 -65.68 1.52 -18.50
C VAL G 471 -66.03 0.05 -18.26
N PRO G 472 -67.17 -0.22 -17.58
CA PRO G 472 -67.62 -1.59 -17.32
C PRO G 472 -68.16 -2.25 -18.58
N VAL G 473 -67.83 -3.52 -18.78
CA VAL G 473 -67.98 -4.21 -20.09
C VAL G 473 -68.81 -5.51 -20.04
N THR G 474 -68.78 -6.19 -18.90
CA THR G 474 -69.44 -7.49 -18.72
C THR G 474 -69.62 -7.76 -17.24
N THR G 475 -70.28 -8.89 -16.91
CA THR G 475 -70.35 -9.42 -15.53
C THR G 475 -69.79 -10.85 -15.44
N VAL G 476 -69.28 -11.20 -14.25
CA VAL G 476 -68.73 -12.55 -13.96
C VAL G 476 -69.83 -13.64 -14.08
N THR G 477 -69.60 -14.59 -14.97
CA THR G 477 -70.51 -15.73 -15.14
C THR G 477 -70.21 -16.80 -14.10
N ALA G 478 -71.03 -17.87 -14.10
CA ALA G 478 -70.74 -19.12 -13.39
C ALA G 478 -69.36 -19.69 -13.75
N GLU G 479 -69.05 -19.74 -15.07
CA GLU G 479 -67.80 -20.33 -15.59
C GLU G 479 -66.52 -19.49 -15.35
N ASP G 480 -66.70 -18.20 -14.99
CA ASP G 480 -65.56 -17.34 -14.54
C ASP G 480 -65.24 -17.54 -13.05
N ASP G 481 -66.29 -17.61 -12.22
CA ASP G 481 -66.16 -17.94 -10.77
C ASP G 481 -65.73 -19.40 -10.50
N ALA G 482 -66.03 -20.31 -11.43
CA ALA G 482 -65.50 -21.67 -11.41
C ALA G 482 -63.99 -21.74 -11.76
N GLN G 483 -63.56 -20.96 -12.77
CA GLN G 483 -62.13 -20.94 -13.19
C GLN G 483 -61.18 -20.11 -12.25
N MET G 484 -61.78 -19.46 -11.23
CA MET G 484 -61.04 -18.77 -10.15
C MET G 484 -60.28 -19.73 -9.22
N GLU G 485 -60.82 -20.92 -8.97
CA GLU G 485 -60.13 -21.96 -8.20
C GLU G 485 -58.92 -22.63 -8.94
N LEU G 486 -58.79 -22.32 -10.24
CA LEU G 486 -57.64 -22.73 -11.09
C LEU G 486 -56.65 -21.52 -11.36
N TYR G 487 -56.54 -20.63 -10.36
CA TYR G 487 -55.63 -19.47 -10.41
C TYR G 487 -54.39 -19.81 -9.58
N LYS G 488 -53.23 -19.52 -10.12
CA LYS G 488 -52.06 -19.27 -9.29
C LYS G 488 -51.39 -18.08 -9.86
N GLY G 489 -50.95 -17.16 -8.99
CA GLY G 489 -50.30 -15.94 -9.43
C GLY G 489 -48.93 -16.19 -10.03
N TYR G 490 -48.32 -15.15 -10.58
CA TYR G 490 -47.04 -15.29 -11.26
C TYR G 490 -45.83 -15.49 -10.33
N PHE G 491 -46.05 -15.34 -9.01
CA PHE G 491 -44.97 -15.23 -8.04
C PHE G 491 -45.15 -16.16 -6.86
N GLY G 492 -46.40 -16.61 -6.63
CA GLY G 492 -46.75 -17.54 -5.57
C GLY G 492 -46.60 -17.01 -4.15
N ASP G 493 -46.28 -15.71 -4.01
CA ASP G 493 -46.17 -15.04 -2.71
C ASP G 493 -47.54 -14.70 -2.13
N ILE G 494 -47.52 -13.95 -1.03
CA ILE G 494 -48.68 -13.84 -0.16
C ILE G 494 -49.78 -12.90 -0.68
N TRP G 495 -49.42 -12.02 -1.63
CA TRP G 495 -50.40 -11.26 -2.39
C TRP G 495 -51.15 -12.14 -3.38
N ASP G 496 -50.43 -13.02 -4.07
CA ASP G 496 -51.04 -13.98 -5.00
C ASP G 496 -51.99 -15.00 -4.34
N ILE G 497 -51.70 -15.40 -3.10
CA ILE G 497 -52.61 -16.23 -2.32
C ILE G 497 -53.88 -15.44 -1.91
N ILE G 498 -53.69 -14.22 -1.38
CA ILE G 498 -54.80 -13.40 -0.84
C ILE G 498 -55.81 -13.02 -1.93
N LEU G 499 -55.27 -12.76 -3.13
CA LEU G 499 -56.06 -12.44 -4.33
C LEU G 499 -56.91 -13.62 -4.80
N LYS G 500 -56.40 -14.83 -4.62
CA LYS G 500 -57.11 -16.06 -4.97
C LYS G 500 -58.39 -16.21 -4.14
N LYS G 501 -58.28 -16.00 -2.83
CA LYS G 501 -59.43 -16.14 -1.93
C LYS G 501 -60.37 -14.94 -1.93
N ALA G 502 -59.91 -13.80 -2.47
CA ALA G 502 -60.66 -12.52 -2.44
C ALA G 502 -61.50 -12.26 -3.68
N MET G 503 -61.09 -12.85 -4.80
CA MET G 503 -61.78 -12.67 -6.07
C MET G 503 -62.84 -13.76 -6.30
N LYS G 504 -62.84 -14.77 -5.43
CA LYS G 504 -63.87 -15.83 -5.41
C LYS G 504 -65.24 -15.28 -4.94
N ASN G 505 -66.31 -16.02 -5.27
CA ASN G 505 -67.70 -15.74 -4.85
C ASN G 505 -68.32 -14.44 -5.46
N SER G 506 -68.13 -14.25 -6.77
CA SER G 506 -68.48 -12.99 -7.43
C SER G 506 -69.35 -13.08 -8.70
N VAL G 507 -70.09 -14.20 -8.87
CA VAL G 507 -71.11 -14.36 -9.95
C VAL G 507 -72.04 -13.12 -10.08
N GLY G 508 -71.99 -12.48 -11.24
CA GLY G 508 -72.87 -11.35 -11.58
C GLY G 508 -72.36 -9.96 -11.20
N LEU G 509 -71.19 -9.92 -10.55
CA LEU G 509 -70.52 -8.67 -10.20
C LEU G 509 -69.81 -8.14 -11.44
N PRO G 510 -69.78 -6.81 -11.62
CA PRO G 510 -69.31 -6.22 -12.88
C PRO G 510 -67.80 -6.33 -13.08
N VAL G 511 -67.37 -6.38 -14.32
CA VAL G 511 -65.94 -6.43 -14.69
C VAL G 511 -65.66 -5.22 -15.56
N ALA G 512 -64.42 -4.72 -15.54
CA ALA G 512 -64.09 -3.57 -16.36
C ALA G 512 -62.96 -3.83 -17.31
N VAL G 513 -62.79 -2.91 -18.26
CA VAL G 513 -61.61 -2.80 -19.07
C VAL G 513 -61.04 -1.35 -18.94
N GLN G 514 -59.74 -1.19 -19.24
CA GLN G 514 -59.07 0.11 -19.10
C GLN G 514 -58.71 0.69 -20.43
N CYS G 515 -58.97 1.99 -20.57
CA CYS G 515 -58.70 2.73 -21.79
C CYS G 515 -57.72 3.84 -21.47
N VAL G 516 -56.63 3.92 -22.26
CA VAL G 516 -55.51 4.87 -22.01
C VAL G 516 -55.14 5.62 -23.32
N ALA G 517 -55.04 6.96 -23.25
CA ALA G 517 -54.38 7.77 -24.30
C ALA G 517 -53.08 8.42 -23.77
N LEU G 518 -52.31 9.05 -24.67
CA LEU G 518 -51.13 9.86 -24.35
C LEU G 518 -51.46 11.16 -23.52
N PRO G 519 -50.45 11.83 -22.86
CA PRO G 519 -50.72 13.00 -22.02
C PRO G 519 -51.42 14.14 -22.72
N TRP G 520 -52.44 14.68 -22.05
CA TRP G 520 -53.39 15.72 -22.55
C TRP G 520 -54.45 15.25 -23.56
N GLN G 521 -54.37 14.00 -24.00
CA GLN G 521 -55.33 13.49 -24.96
C GLN G 521 -56.62 12.87 -24.36
N GLU G 522 -57.15 13.47 -23.25
CA GLU G 522 -58.34 12.93 -22.51
C GLU G 522 -59.64 12.84 -23.30
N GLU G 523 -59.79 13.74 -24.27
CA GLU G 523 -60.97 13.76 -25.11
C GLU G 523 -60.92 12.60 -26.12
N LEU G 524 -59.71 12.24 -26.58
CA LEU G 524 -59.50 10.99 -27.34
C LEU G 524 -59.66 9.74 -26.45
N CYS G 525 -59.42 9.91 -25.15
CA CYS G 525 -59.66 8.83 -24.19
C CYS G 525 -61.15 8.60 -24.05
N LEU G 526 -61.92 9.67 -23.91
CA LEU G 526 -63.35 9.59 -23.78
C LEU G 526 -64.04 9.16 -25.07
N ARG G 527 -63.47 9.58 -26.21
CA ARG G 527 -63.81 9.04 -27.54
C ARG G 527 -63.79 7.50 -27.56
N PHE G 528 -62.63 6.92 -27.19
CA PHE G 528 -62.45 5.47 -27.22
C PHE G 528 -63.33 4.76 -26.23
N MET G 529 -63.56 5.42 -25.09
CA MET G 529 -64.43 4.95 -24.04
C MET G 529 -65.87 4.86 -24.50
N ARG G 530 -66.33 5.88 -25.25
CA ARG G 530 -67.66 5.91 -25.85
C ARG G 530 -67.87 4.76 -26.77
N GLU G 531 -66.85 4.50 -27.62
CA GLU G 531 -66.78 3.32 -28.52
C GLU G 531 -66.84 1.97 -27.79
N VAL G 532 -66.05 1.81 -26.74
CA VAL G 532 -66.06 0.55 -25.95
C VAL G 532 -67.44 0.32 -25.24
N GLU G 533 -68.01 1.41 -24.70
CA GLU G 533 -69.31 1.38 -24.01
C GLU G 533 -70.46 1.12 -24.98
N GLN G 534 -70.34 1.66 -26.20
CA GLN G 534 -71.36 1.51 -27.26
C GLN G 534 -71.45 0.05 -27.76
N LEU G 535 -70.30 -0.59 -27.96
CA LEU G 535 -70.25 -1.93 -28.48
C LEU G 535 -70.60 -2.99 -27.43
N MET G 536 -70.09 -2.81 -26.21
CA MET G 536 -70.30 -3.80 -25.12
C MET G 536 -71.68 -3.69 -24.50
N THR G 537 -72.15 -2.44 -24.34
CA THR G 537 -73.51 -2.17 -23.83
C THR G 537 -74.38 -1.51 -24.92
N ALA H 1 -5.50 15.23 -19.54
CA ALA H 1 -6.89 14.76 -19.77
C ALA H 1 -7.88 15.93 -19.93
N ARG H 2 -7.59 17.03 -19.23
CA ARG H 2 -8.37 18.28 -19.34
C ARG H 2 -7.51 19.40 -19.93
N GLY H 3 -6.28 19.03 -20.34
CA GLY H 3 -5.63 19.64 -21.48
C GLY H 3 -6.05 19.00 -22.83
N ALA H 4 -7.32 18.55 -22.92
CA ALA H 4 -8.08 18.46 -24.17
C ALA H 4 -9.11 19.64 -24.30
N ALA H 5 -8.70 20.81 -23.79
CA ALA H 5 -9.16 22.09 -24.24
C ALA H 5 -8.43 22.49 -25.54
N THR H 6 -7.21 21.93 -25.73
CA THR H 6 -6.47 22.06 -27.00
C THR H 6 -7.16 21.29 -28.12
N ARG H 7 -7.81 20.18 -27.74
CA ARG H 7 -8.69 19.42 -28.63
C ARG H 7 -10.01 20.17 -28.97
N ALA H 8 -10.35 21.20 -28.18
CA ALA H 8 -11.56 22.02 -28.41
C ALA H 8 -11.23 23.35 -29.06
N ARG H 9 -10.02 23.85 -28.83
CA ARG H 9 -9.54 25.08 -29.44
C ARG H 9 -9.31 24.90 -30.94
N GLN H 10 -8.80 23.70 -31.31
CA GLN H 10 -8.59 23.33 -32.72
C GLN H 10 -9.89 23.10 -33.51
N LYS H 11 -10.93 22.61 -32.82
CA LYS H 11 -12.27 22.39 -33.40
C LYS H 11 -13.01 23.71 -33.67
N GLN H 12 -12.81 24.68 -32.78
CA GLN H 12 -13.34 26.01 -32.93
C GLN H 12 -12.59 26.75 -34.05
N ARG H 13 -11.27 26.55 -34.13
CA ARG H 13 -10.46 27.16 -35.19
C ARG H 13 -10.73 26.54 -36.57
N ALA H 14 -11.08 25.24 -36.59
CA ALA H 14 -11.49 24.52 -37.83
C ALA H 14 -12.83 25.02 -38.37
N SER H 15 -13.82 25.13 -37.48
CA SER H 15 -15.19 25.57 -37.83
C SER H 15 -15.28 27.07 -38.18
N LEU H 16 -14.39 27.88 -37.61
CA LEU H 16 -14.33 29.32 -37.91
C LEU H 16 -13.67 29.62 -39.27
N GLU H 17 -12.80 28.71 -39.70
CA GLU H 17 -12.14 28.83 -41.00
C GLU H 17 -13.03 28.30 -42.12
N THR H 18 -13.77 27.21 -41.84
CA THR H 18 -14.81 26.66 -42.73
C THR H 18 -15.98 27.63 -42.96
N MET H 19 -16.25 28.52 -41.99
CA MET H 19 -17.15 29.68 -42.17
C MET H 19 -16.54 30.73 -43.11
N ASP H 20 -15.29 31.15 -42.79
CA ASP H 20 -14.56 32.23 -43.53
C ASP H 20 -14.34 31.93 -45.01
N LYS H 21 -13.88 30.71 -45.31
CA LYS H 21 -13.69 30.21 -46.68
C LYS H 21 -15.01 30.14 -47.47
N ALA H 22 -16.09 29.80 -46.78
CA ALA H 22 -17.42 29.73 -47.38
C ALA H 22 -18.21 31.05 -47.37
N VAL H 23 -17.75 32.06 -46.61
CA VAL H 23 -18.32 33.42 -46.77
C VAL H 23 -17.60 34.27 -47.81
N GLN H 24 -16.34 33.93 -48.08
CA GLN H 24 -15.58 34.53 -49.18
C GLN H 24 -16.02 34.00 -50.55
N ARG H 25 -16.38 32.71 -50.60
CA ARG H 25 -16.88 32.04 -51.82
C ARG H 25 -18.23 32.57 -52.30
N PHE H 26 -19.12 32.91 -51.36
CA PHE H 26 -20.36 33.63 -51.66
C PHE H 26 -20.10 35.08 -52.03
N ARG H 27 -19.19 35.76 -51.28
CA ARG H 27 -18.86 37.19 -51.55
C ARG H 27 -18.14 37.44 -52.89
N LEU H 28 -17.36 36.45 -53.36
CA LEU H 28 -16.84 36.42 -54.73
C LEU H 28 -17.99 36.25 -55.73
N GLN H 29 -18.72 35.14 -55.62
CA GLN H 29 -19.78 34.76 -56.59
C GLN H 29 -21.11 35.58 -56.51
N ASN H 30 -21.17 36.56 -55.57
CA ASN H 30 -22.30 37.53 -55.44
C ASN H 30 -21.83 38.96 -54.95
N PRO H 31 -21.26 39.79 -55.86
CA PRO H 31 -20.70 41.11 -55.45
C PRO H 31 -21.73 42.26 -55.27
N ASP H 32 -22.84 42.22 -56.03
CA ASP H 32 -23.80 43.34 -56.11
C ASP H 32 -24.74 43.49 -54.88
N LEU H 33 -24.81 42.44 -54.04
CA LEU H 33 -25.74 42.36 -52.92
C LEU H 33 -25.28 43.21 -51.74
N ASP H 34 -26.15 44.13 -51.31
CA ASP H 34 -25.92 44.96 -50.11
C ASP H 34 -26.09 44.13 -48.85
N SER H 35 -24.97 43.92 -48.15
CA SER H 35 -24.96 43.32 -46.81
C SER H 35 -25.69 44.20 -45.81
N GLU H 36 -25.37 45.50 -45.84
CA GLU H 36 -25.73 46.46 -44.79
C GLU H 36 -27.20 46.92 -44.82
N ALA H 37 -28.02 46.26 -45.65
CA ALA H 37 -29.45 46.56 -45.76
C ALA H 37 -30.34 45.33 -45.55
N LEU H 38 -29.79 44.13 -45.70
CA LEU H 38 -30.48 42.92 -45.27
C LEU H 38 -30.18 42.54 -43.82
N LEU H 39 -29.00 42.94 -43.33
CA LEU H 39 -28.63 42.74 -41.94
C LEU H 39 -29.44 43.64 -41.01
N THR H 40 -29.60 44.92 -41.40
CA THR H 40 -30.37 45.89 -40.60
C THR H 40 -31.91 45.77 -40.79
N LEU H 41 -32.33 44.76 -41.55
CA LEU H 41 -33.72 44.47 -41.77
C LEU H 41 -34.31 43.74 -40.54
N PRO H 42 -35.39 44.32 -39.95
CA PRO H 42 -36.15 43.67 -38.85
C PRO H 42 -36.72 42.32 -39.27
N LEU H 43 -36.88 41.36 -38.33
CA LEU H 43 -37.15 39.94 -38.69
C LEU H 43 -38.42 39.73 -39.56
N LEU H 44 -39.48 40.49 -39.28
CA LEU H 44 -40.77 40.39 -40.03
C LEU H 44 -40.62 40.70 -41.50
N GLN H 45 -39.89 41.79 -41.80
CA GLN H 45 -39.52 42.16 -43.17
C GLN H 45 -38.59 41.14 -43.84
N LEU H 46 -37.51 40.74 -43.15
CA LEU H 46 -36.65 39.60 -43.54
C LEU H 46 -37.38 38.19 -43.63
N VAL H 47 -38.62 38.10 -43.13
CA VAL H 47 -39.42 36.89 -43.32
C VAL H 47 -40.23 37.00 -44.62
N GLN H 48 -40.86 38.15 -44.84
CA GLN H 48 -41.71 38.36 -46.01
C GLN H 48 -40.97 38.59 -47.34
N LYS H 49 -39.79 39.21 -47.27
CA LYS H 49 -38.84 39.28 -48.41
C LYS H 49 -38.36 37.90 -48.85
N LEU H 50 -38.23 36.98 -47.90
CA LEU H 50 -37.99 35.56 -48.19
C LEU H 50 -39.22 34.85 -48.76
N GLN H 51 -40.41 35.29 -48.34
CA GLN H 51 -41.64 34.64 -48.72
C GLN H 51 -42.10 35.06 -50.13
N SER H 52 -41.80 36.32 -50.49
CA SER H 52 -42.14 36.88 -51.81
C SER H 52 -41.04 36.66 -52.88
N GLY H 53 -39.97 35.95 -52.49
CA GLY H 53 -38.90 35.61 -53.40
C GLY H 53 -37.95 36.76 -53.76
N GLU H 54 -37.98 37.85 -52.96
CA GLU H 54 -37.04 38.96 -53.09
C GLU H 54 -35.60 38.57 -52.76
N LEU H 55 -35.42 37.96 -51.59
CA LEU H 55 -34.12 37.42 -51.20
C LEU H 55 -34.16 35.91 -51.17
N SER H 56 -33.08 35.30 -51.64
CA SER H 56 -32.91 33.84 -51.60
C SER H 56 -32.51 33.36 -50.18
N PRO H 57 -32.79 32.07 -49.83
CA PRO H 57 -32.20 31.43 -48.64
C PRO H 57 -30.67 31.53 -48.56
N GLU H 58 -29.99 31.41 -49.70
CA GLU H 58 -28.52 31.57 -49.81
C GLU H 58 -28.07 33.00 -49.55
N ALA H 59 -28.88 33.98 -49.96
CA ALA H 59 -28.54 35.41 -49.76
C ALA H 59 -28.46 35.81 -48.28
N VAL H 60 -29.49 35.48 -47.50
CA VAL H 60 -29.54 35.86 -46.08
C VAL H 60 -28.67 35.00 -45.15
N PHE H 61 -28.39 33.76 -45.56
CA PHE H 61 -27.58 32.81 -44.76
C PHE H 61 -26.13 33.26 -44.66
N PHE H 62 -25.50 33.48 -45.83
CA PHE H 62 -24.07 33.73 -45.92
C PHE H 62 -23.72 35.16 -45.59
N THR H 63 -24.71 36.05 -45.69
CA THR H 63 -24.61 37.40 -45.14
C THR H 63 -24.54 37.36 -43.61
N TYR H 64 -25.47 36.59 -43.00
CA TYR H 64 -25.50 36.43 -41.56
C TYR H 64 -24.31 35.68 -41.05
N LEU H 65 -23.94 34.59 -41.74
CA LEU H 65 -22.69 33.80 -41.49
C LEU H 65 -21.44 34.65 -41.62
N GLY H 66 -21.51 35.63 -42.53
CA GLY H 66 -20.52 36.70 -42.64
C GLY H 66 -20.45 37.61 -41.42
N LYS H 67 -21.59 38.12 -40.96
CA LYS H 67 -21.62 39.05 -39.82
C LYS H 67 -21.29 38.35 -38.51
N ALA H 68 -21.72 37.08 -38.39
CA ALA H 68 -21.33 36.19 -37.30
C ALA H 68 -19.84 36.04 -37.18
N TRP H 69 -19.17 35.81 -38.32
CA TRP H 69 -17.70 35.75 -38.39
C TRP H 69 -16.99 37.04 -37.96
N GLU H 70 -17.49 38.19 -38.45
CA GLU H 70 -16.89 39.52 -38.19
C GLU H 70 -16.94 39.95 -36.71
N VAL H 71 -18.11 39.75 -36.06
CA VAL H 71 -18.29 40.16 -34.65
C VAL H 71 -17.61 39.22 -33.65
N ASN H 72 -17.33 37.99 -34.09
CA ASN H 72 -16.62 36.97 -33.28
C ASN H 72 -15.14 37.32 -32.97
N LYS H 73 -14.56 38.19 -33.80
CA LYS H 73 -13.25 38.80 -33.58
C LYS H 73 -13.16 39.55 -32.24
N GLY H 74 -14.15 40.42 -31.98
CA GLY H 74 -14.17 41.25 -30.77
C GLY H 74 -14.93 40.68 -29.56
N THR H 75 -15.52 39.50 -29.70
CA THR H 75 -16.42 38.98 -28.66
C THR H 75 -16.07 37.59 -28.19
N ASN H 76 -15.67 36.71 -29.11
CA ASN H 76 -15.58 35.25 -28.88
C ASN H 76 -16.92 34.67 -28.38
N CYS H 77 -17.94 34.77 -29.23
CA CYS H 77 -19.25 34.20 -28.92
C CYS H 77 -19.58 32.87 -29.63
N VAL H 78 -18.79 32.48 -30.64
CA VAL H 78 -19.09 31.30 -31.49
C VAL H 78 -18.25 30.04 -31.13
N THR H 79 -18.97 28.96 -30.83
CA THR H 79 -18.39 27.68 -30.40
C THR H 79 -18.07 26.77 -31.62
N SER H 80 -19.09 26.54 -32.46
CA SER H 80 -18.96 25.73 -33.64
C SER H 80 -19.95 26.18 -34.72
N TYR H 81 -19.60 25.93 -35.97
CA TYR H 81 -20.50 26.08 -37.10
C TYR H 81 -21.20 24.74 -37.34
N LEU H 82 -22.53 24.76 -37.29
CA LEU H 82 -23.33 23.52 -37.25
C LEU H 82 -23.49 22.94 -38.65
N THR H 83 -22.43 22.24 -39.09
CA THR H 83 -21.93 22.26 -40.50
C THR H 83 -22.95 21.93 -41.58
N ASP H 84 -23.86 20.99 -41.27
CA ASP H 84 -24.84 20.45 -42.24
C ASP H 84 -26.09 21.35 -42.49
N CYS H 85 -25.85 22.67 -42.48
CA CYS H 85 -26.44 23.61 -43.45
C CYS H 85 -25.79 23.45 -44.87
N GLU H 86 -26.19 24.33 -45.81
CA GLU H 86 -26.04 24.14 -47.31
C GLU H 86 -26.90 23.04 -47.94
N THR H 87 -27.07 21.91 -47.21
CA THR H 87 -28.11 20.90 -47.47
C THR H 87 -29.46 21.20 -46.74
N GLN H 88 -29.36 21.90 -45.59
CA GLN H 88 -30.54 22.38 -44.82
C GLN H 88 -31.19 23.66 -45.46
N LEU H 89 -30.45 24.31 -46.38
CA LEU H 89 -31.02 25.33 -47.28
C LEU H 89 -31.70 24.73 -48.54
N SER H 90 -31.20 23.56 -48.98
CA SER H 90 -31.67 22.84 -50.20
C SER H 90 -33.12 22.32 -50.06
N GLN H 91 -33.37 21.56 -48.99
CA GLN H 91 -34.73 21.14 -48.61
C GLN H 91 -35.15 21.78 -47.27
N ALA H 92 -35.14 23.11 -47.22
CA ALA H 92 -35.93 23.86 -46.25
C ALA H 92 -37.39 23.92 -46.74
N PRO H 93 -38.35 23.47 -45.90
CA PRO H 93 -39.79 23.52 -46.25
C PRO H 93 -40.34 24.96 -46.41
N ARG H 94 -40.95 25.21 -47.58
CA ARG H 94 -41.09 26.57 -48.12
C ARG H 94 -42.19 27.41 -47.47
N GLN H 95 -43.23 26.73 -46.98
CA GLN H 95 -44.29 27.35 -46.22
C GLN H 95 -44.13 27.11 -44.69
N GLY H 96 -42.88 27.21 -44.22
CA GLY H 96 -42.61 27.38 -42.81
C GLY H 96 -42.76 28.83 -42.40
N LEU H 97 -43.26 29.04 -41.17
CA LEU H 97 -43.40 30.37 -40.56
C LEU H 97 -42.07 31.09 -40.31
N LEU H 98 -40.98 30.36 -40.50
CA LEU H 98 -39.64 30.90 -40.36
C LEU H 98 -38.75 30.43 -41.48
N TYR H 99 -39.16 30.65 -42.73
CA TYR H 99 -38.53 29.95 -43.90
C TYR H 99 -37.05 30.33 -44.23
N GLY H 100 -36.69 31.59 -44.15
CA GLY H 100 -35.31 31.92 -44.43
C GLY H 100 -34.30 31.76 -43.33
N VAL H 101 -34.79 31.65 -42.10
CA VAL H 101 -34.22 32.33 -40.96
C VAL H 101 -33.05 31.57 -40.39
N PRO H 102 -31.88 32.19 -40.34
CA PRO H 102 -30.76 31.65 -39.56
C PRO H 102 -31.00 31.79 -38.04
N VAL H 103 -30.85 30.71 -37.27
CA VAL H 103 -30.92 30.77 -35.80
C VAL H 103 -29.63 30.35 -35.12
N SER H 104 -29.26 31.11 -34.09
CA SER H 104 -28.12 30.77 -33.26
C SER H 104 -28.59 29.94 -32.10
N LEU H 105 -27.83 28.91 -31.76
CA LEU H 105 -28.21 28.00 -30.68
C LEU H 105 -27.22 28.08 -29.58
N LYS H 106 -27.73 28.28 -28.36
CA LYS H 106 -26.95 28.18 -27.12
C LYS H 106 -26.52 26.71 -26.96
N GLU H 107 -25.27 26.52 -26.55
CA GLU H 107 -24.54 25.28 -26.86
C GLU H 107 -25.06 24.00 -26.16
N CYS H 108 -25.81 24.20 -25.08
CA CYS H 108 -26.66 23.15 -24.45
C CYS H 108 -27.78 22.52 -25.32
N PHE H 109 -28.25 23.23 -26.36
CA PHE H 109 -29.27 22.70 -27.28
C PHE H 109 -28.59 21.72 -28.21
N SER H 110 -28.77 20.43 -27.94
CA SER H 110 -28.02 19.35 -28.60
C SER H 110 -28.33 19.24 -30.10
N TYR H 111 -27.25 19.31 -30.88
CA TYR H 111 -27.30 19.26 -32.34
C TYR H 111 -26.51 18.04 -32.80
N LYS H 112 -27.17 17.14 -33.54
CA LYS H 112 -26.57 15.88 -34.06
C LYS H 112 -25.17 16.06 -34.63
N GLY H 113 -24.25 15.26 -34.11
CA GLY H 113 -22.86 15.23 -34.56
C GLY H 113 -22.02 16.39 -34.08
N HIS H 114 -22.49 17.03 -33.00
CA HIS H 114 -21.75 18.10 -32.37
C HIS H 114 -21.74 17.90 -30.85
N ASP H 115 -20.70 18.38 -30.23
CA ASP H 115 -20.58 18.30 -28.81
C ASP H 115 -21.39 19.38 -28.12
N SER H 116 -22.14 18.98 -27.08
CA SER H 116 -22.68 19.93 -26.12
C SER H 116 -21.90 19.87 -24.81
N THR H 117 -20.62 20.25 -24.91
CA THR H 117 -19.77 20.56 -23.77
C THR H 117 -20.46 21.69 -23.06
N LEU H 118 -20.43 21.70 -21.75
CA LEU H 118 -20.95 22.87 -21.09
C LEU H 118 -19.84 23.88 -20.75
N GLY H 119 -18.71 23.76 -21.43
CA GLY H 119 -17.44 24.24 -20.90
C GLY H 119 -16.74 23.22 -20.05
N LEU H 120 -17.17 21.97 -20.18
CA LEU H 120 -16.87 20.92 -19.23
C LEU H 120 -16.16 19.79 -19.95
N SER H 121 -14.93 19.49 -19.50
CA SER H 121 -14.06 18.46 -20.11
C SER H 121 -14.67 17.08 -20.11
N LEU H 122 -15.45 16.76 -19.06
CA LEU H 122 -16.31 15.55 -18.97
C LEU H 122 -17.14 15.25 -20.24
N ASN H 123 -17.73 16.28 -20.84
CA ASN H 123 -18.52 16.09 -22.07
C ASN H 123 -17.79 16.33 -23.42
N GLU H 124 -16.48 16.64 -23.36
CA GLU H 124 -15.66 16.97 -24.56
C GLU H 124 -15.39 15.74 -25.50
N GLY H 125 -15.61 14.54 -24.98
CA GLY H 125 -15.75 13.35 -25.81
C GLY H 125 -16.95 13.45 -26.76
N MET H 126 -18.12 13.09 -26.24
CA MET H 126 -19.19 12.50 -27.05
C MET H 126 -20.04 13.51 -27.82
N PRO H 127 -20.19 13.30 -29.15
CA PRO H 127 -21.21 14.00 -29.94
C PRO H 127 -22.58 13.42 -29.72
N SER H 128 -23.60 14.21 -30.06
CA SER H 128 -24.97 13.84 -29.80
C SER H 128 -25.51 12.98 -30.92
N GLU H 129 -26.19 11.89 -30.54
CA GLU H 129 -26.83 10.98 -31.50
C GLU H 129 -28.08 11.56 -32.21
N SER H 130 -28.62 12.68 -31.70
CA SER H 130 -29.85 13.28 -32.20
C SER H 130 -29.96 14.79 -31.99
N ASP H 131 -30.58 15.47 -32.97
CA ASP H 131 -31.08 16.83 -32.82
C ASP H 131 -32.19 16.84 -31.80
N CYS H 132 -32.12 17.80 -30.88
CA CYS H 132 -33.10 17.96 -29.80
C CYS H 132 -34.40 18.51 -30.34
N VAL H 133 -35.51 18.32 -29.59
CA VAL H 133 -36.89 18.57 -30.06
C VAL H 133 -37.12 19.98 -30.65
N VAL H 134 -36.71 21.03 -29.96
CA VAL H 134 -36.92 22.40 -30.48
C VAL H 134 -36.01 22.79 -31.68
N VAL H 135 -34.93 22.05 -31.92
CA VAL H 135 -34.15 22.18 -33.18
C VAL H 135 -34.95 21.58 -34.33
N GLN H 136 -35.60 20.45 -34.07
CA GLN H 136 -36.42 19.75 -35.04
C GLN H 136 -37.58 20.57 -35.56
N VAL H 137 -38.36 21.16 -34.66
CA VAL H 137 -39.47 22.02 -35.07
C VAL H 137 -39.06 23.37 -35.72
N LEU H 138 -37.86 23.86 -35.40
CA LEU H 138 -37.29 25.01 -36.11
C LEU H 138 -36.97 24.64 -37.55
N LYS H 139 -36.35 23.46 -37.73
CA LYS H 139 -35.94 22.94 -39.03
C LYS H 139 -37.12 22.64 -39.87
N LEU H 140 -38.13 22.00 -39.25
CA LEU H 140 -39.41 21.73 -39.87
C LEU H 140 -40.28 22.98 -40.14
N GLN H 141 -39.93 24.12 -39.54
CA GLN H 141 -40.55 25.41 -39.84
C GLN H 141 -39.63 26.31 -40.70
N GLY H 142 -38.57 25.71 -41.25
CA GLY H 142 -37.78 26.34 -42.31
C GLY H 142 -36.53 27.07 -41.86
N ALA H 143 -36.33 27.20 -40.55
CA ALA H 143 -35.18 27.91 -40.01
C ALA H 143 -33.87 27.12 -40.16
N VAL H 144 -32.76 27.85 -40.17
CA VAL H 144 -31.44 27.28 -40.45
C VAL H 144 -30.50 27.49 -39.26
N PRO H 145 -30.46 26.53 -38.32
CA PRO H 145 -29.57 26.63 -37.14
C PRO H 145 -28.11 26.49 -37.52
N PHE H 146 -27.35 27.57 -37.33
CA PHE H 146 -26.07 27.74 -38.01
C PHE H 146 -24.83 27.81 -37.12
N VAL H 147 -24.99 28.38 -35.90
CA VAL H 147 -23.90 28.33 -34.86
C VAL H 147 -24.29 27.78 -33.49
N HIS H 148 -23.30 27.19 -32.81
CA HIS H 148 -23.33 27.07 -31.36
C HIS H 148 -22.72 28.27 -30.69
N THR H 149 -23.34 28.73 -29.61
CA THR H 149 -22.87 29.91 -28.90
C THR H 149 -22.42 29.65 -27.50
N ASN H 150 -21.39 30.40 -27.10
CA ASN H 150 -20.65 30.20 -25.87
C ASN H 150 -21.48 30.35 -24.58
N VAL H 151 -21.10 29.56 -23.56
CA VAL H 151 -21.73 29.54 -22.22
C VAL H 151 -20.62 29.66 -21.16
N PRO H 152 -20.95 30.05 -19.91
CA PRO H 152 -20.04 29.79 -18.79
C PRO H 152 -19.93 28.33 -18.45
N GLN H 153 -18.84 27.98 -17.76
CA GLN H 153 -18.36 26.60 -17.59
C GLN H 153 -19.37 25.55 -17.08
N SER H 154 -20.27 25.93 -16.19
CA SER H 154 -21.27 24.97 -15.78
C SER H 154 -22.68 25.29 -16.22
N MET H 155 -22.78 26.35 -17.01
CA MET H 155 -23.96 27.27 -17.06
C MET H 155 -24.42 27.96 -15.74
N LEU H 156 -23.88 27.58 -14.59
CA LEU H 156 -24.34 28.17 -13.33
C LEU H 156 -23.53 29.41 -12.97
N SER H 157 -23.79 30.47 -13.77
CA SER H 157 -23.07 31.74 -13.75
C SER H 157 -23.83 32.69 -14.64
N PHE H 158 -23.85 33.98 -14.28
CA PHE H 158 -24.24 35.03 -15.22
C PHE H 158 -23.06 35.85 -15.79
N ASP H 159 -21.86 35.29 -15.69
CA ASP H 159 -20.76 35.65 -16.57
C ASP H 159 -20.77 34.66 -17.72
N CYS H 160 -19.85 34.82 -18.67
CA CYS H 160 -19.72 33.91 -19.79
C CYS H 160 -18.26 33.70 -20.15
N SER H 161 -17.74 32.55 -19.71
CA SER H 161 -16.33 32.17 -19.82
C SER H 161 -16.18 30.75 -19.33
N ASN H 162 -15.34 29.99 -20.01
CA ASN H 162 -15.14 28.59 -19.72
C ASN H 162 -13.71 28.19 -20.14
N PRO H 163 -13.12 27.13 -19.53
CA PRO H 163 -11.71 26.77 -19.78
C PRO H 163 -11.45 26.17 -21.15
N LEU H 164 -12.48 25.63 -21.80
CA LEU H 164 -12.37 25.00 -23.13
C LEU H 164 -12.38 26.03 -24.28
N PHE H 165 -13.25 27.03 -24.19
CA PHE H 165 -13.41 28.05 -25.25
C PHE H 165 -13.00 29.48 -24.92
N GLY H 166 -12.78 29.79 -23.64
CA GLY H 166 -12.37 31.13 -23.23
C GLY H 166 -13.51 32.10 -22.94
N GLN H 167 -13.15 33.36 -22.73
CA GLN H 167 -14.12 34.40 -22.35
C GLN H 167 -14.93 34.98 -23.53
N THR H 168 -16.24 35.11 -23.34
CA THR H 168 -17.06 35.99 -24.16
C THR H 168 -16.96 37.45 -23.64
N MET H 169 -16.89 38.39 -24.58
CA MET H 169 -16.92 39.81 -24.30
C MET H 169 -18.25 40.46 -24.71
N ASN H 170 -18.59 41.57 -24.04
CA ASN H 170 -19.67 42.47 -24.48
C ASN H 170 -19.28 43.20 -25.77
N PRO H 171 -20.21 43.24 -26.74
CA PRO H 171 -20.12 44.13 -27.91
C PRO H 171 -19.93 45.61 -27.56
N TRP H 172 -20.65 46.10 -26.56
CA TRP H 172 -20.78 47.52 -26.29
C TRP H 172 -19.54 48.10 -25.59
N LYS H 173 -18.88 47.28 -24.75
CA LYS H 173 -17.61 47.63 -24.05
C LYS H 173 -16.84 46.35 -23.66
N SER H 174 -15.58 46.27 -24.07
CA SER H 174 -14.78 45.01 -23.98
C SER H 174 -14.29 44.62 -22.56
N SER H 175 -14.47 45.52 -21.59
CA SER H 175 -14.08 45.30 -20.18
C SER H 175 -15.29 44.84 -19.34
N LYS H 176 -16.30 44.30 -20.03
CA LYS H 176 -17.60 44.02 -19.44
C LYS H 176 -18.10 42.62 -19.78
N SER H 177 -19.04 42.15 -18.98
CA SER H 177 -19.68 40.89 -19.18
C SER H 177 -20.79 41.04 -20.24
N PRO H 178 -20.92 40.04 -21.13
CA PRO H 178 -22.10 39.92 -21.96
C PRO H 178 -23.34 39.45 -21.18
N GLY H 179 -23.19 39.04 -19.92
CA GLY H 179 -24.22 38.27 -19.23
C GLY H 179 -24.09 36.79 -19.50
N GLY H 180 -25.02 36.01 -18.96
CA GLY H 180 -25.00 34.57 -19.03
C GLY H 180 -26.21 33.92 -18.32
N SER H 181 -26.49 32.65 -18.59
CA SER H 181 -25.60 31.74 -19.23
C SER H 181 -25.71 31.67 -20.74
N SER H 182 -26.75 32.31 -21.29
CA SER H 182 -26.85 32.51 -22.76
C SER H 182 -26.09 33.77 -23.22
N GLY H 183 -24.84 33.91 -22.79
CA GLY H 183 -24.03 35.09 -23.07
C GLY H 183 -23.51 35.16 -24.47
N GLY H 184 -23.24 33.99 -25.04
CA GLY H 184 -22.94 33.85 -26.45
C GLY H 184 -24.05 34.32 -27.35
N GLU H 185 -25.30 34.00 -26.98
CA GLU H 185 -26.50 34.52 -27.67
C GLU H 185 -26.64 36.05 -27.58
N GLY H 186 -26.43 36.59 -26.37
CA GLY H 186 -26.43 38.02 -26.12
C GLY H 186 -25.41 38.77 -26.95
N ALA H 187 -24.20 38.23 -27.02
CA ALA H 187 -23.08 38.87 -27.75
C ALA H 187 -23.19 38.81 -29.26
N LEU H 188 -23.82 37.75 -29.78
CA LEU H 188 -24.00 37.61 -31.22
C LEU H 188 -25.12 38.49 -31.77
N ILE H 189 -26.27 38.51 -31.07
CA ILE H 189 -27.51 39.13 -31.55
C ILE H 189 -27.47 40.64 -31.42
N GLY H 190 -27.18 41.15 -30.23
CA GLY H 190 -26.73 42.53 -30.10
C GLY H 190 -25.31 42.61 -30.63
N SER H 191 -25.06 43.59 -31.51
CA SER H 191 -23.96 43.59 -32.56
C SER H 191 -24.36 43.06 -33.93
N GLY H 192 -25.48 42.33 -34.00
CA GLY H 192 -26.20 42.12 -35.26
C GLY H 192 -25.83 40.91 -36.13
N GLY H 193 -25.18 39.91 -35.54
CA GLY H 193 -24.73 38.73 -36.27
C GLY H 193 -25.69 37.53 -36.29
N SER H 194 -26.83 37.67 -35.63
CA SER H 194 -27.90 36.66 -35.70
C SER H 194 -29.25 37.38 -35.60
N PRO H 195 -30.25 36.94 -36.37
CA PRO H 195 -31.60 37.49 -36.26
C PRO H 195 -32.23 37.13 -34.91
N LEU H 196 -31.94 35.93 -34.43
CA LEU H 196 -32.74 35.26 -33.44
C LEU H 196 -31.92 34.12 -32.84
N GLY H 197 -32.24 33.78 -31.60
CA GLY H 197 -31.66 32.64 -30.95
C GLY H 197 -32.45 32.07 -29.80
N LEU H 198 -32.06 30.88 -29.37
CA LEU H 198 -32.76 30.16 -28.34
C LEU H 198 -31.85 29.97 -27.18
N GLY H 199 -32.27 30.44 -26.01
CA GLY H 199 -31.52 30.26 -24.79
C GLY H 199 -32.31 29.50 -23.75
N THR H 200 -31.70 29.25 -22.58
CA THR H 200 -32.40 28.71 -21.40
C THR H 200 -32.24 29.59 -20.16
N ASP H 201 -33.15 29.38 -19.20
CA ASP H 201 -33.23 30.19 -18.02
C ASP H 201 -33.75 29.36 -16.85
N ILE H 202 -33.04 29.46 -15.73
CA ILE H 202 -33.45 28.94 -14.43
C ILE H 202 -33.09 29.94 -13.33
N GLY H 203 -32.33 30.97 -13.66
CA GLY H 203 -31.96 32.00 -12.70
C GLY H 203 -31.87 33.40 -13.28
N GLY H 204 -32.18 33.52 -14.57
CA GLY H 204 -32.08 34.79 -15.28
C GLY H 204 -31.30 34.68 -16.55
N SER H 205 -30.97 33.47 -16.92
CA SER H 205 -29.93 33.19 -17.89
C SER H 205 -30.28 33.50 -19.35
N ILE H 206 -31.59 33.64 -19.67
CA ILE H 206 -32.08 34.26 -20.91
C ILE H 206 -32.01 35.79 -20.81
N ARG H 207 -32.24 36.30 -19.59
CA ARG H 207 -32.69 37.69 -19.34
C ARG H 207 -31.56 38.61 -19.01
N PHE H 208 -30.49 38.05 -18.43
CA PHE H 208 -29.22 38.79 -18.17
C PHE H 208 -28.50 39.23 -19.47
N PRO H 209 -28.26 38.31 -20.44
CA PRO H 209 -27.55 38.69 -21.64
C PRO H 209 -28.33 39.64 -22.51
N SER H 210 -29.67 39.50 -22.49
CA SER H 210 -30.59 40.43 -23.17
C SER H 210 -30.52 41.82 -22.57
N ALA H 211 -30.42 41.90 -21.25
CA ALA H 211 -30.31 43.17 -20.56
C ALA H 211 -28.95 43.81 -20.74
N PHE H 212 -27.89 42.99 -20.73
CA PHE H 212 -26.52 43.51 -20.76
C PHE H 212 -26.15 43.96 -22.17
N CYS H 213 -26.66 43.25 -23.18
CA CYS H 213 -26.28 43.47 -24.59
C CYS H 213 -27.36 44.18 -25.40
N GLY H 214 -28.49 44.49 -24.75
CA GLY H 214 -29.46 45.43 -25.26
C GLY H 214 -30.42 44.86 -26.21
N ILE H 215 -30.74 43.59 -26.03
CA ILE H 215 -31.69 42.90 -26.87
C ILE H 215 -32.90 42.46 -26.10
N CYS H 216 -33.81 41.77 -26.78
CA CYS H 216 -35.07 41.32 -26.20
C CYS H 216 -35.08 39.85 -25.95
N GLY H 217 -35.81 39.42 -24.91
CA GLY H 217 -35.89 38.02 -24.54
C GLY H 217 -37.01 37.68 -23.58
N LEU H 218 -37.62 36.52 -23.81
CA LEU H 218 -38.66 36.00 -22.97
C LEU H 218 -38.29 34.62 -22.45
N LYS H 219 -38.49 34.46 -21.15
CA LYS H 219 -38.53 33.19 -20.49
C LYS H 219 -40.01 32.76 -20.35
N PRO H 220 -40.42 31.74 -21.11
CA PRO H 220 -41.76 31.15 -20.96
C PRO H 220 -41.96 30.39 -19.62
N THR H 221 -43.23 30.02 -19.32
CA THR H 221 -43.55 29.06 -18.26
C THR H 221 -42.80 27.79 -18.58
N GLY H 222 -42.03 27.33 -17.60
CA GLY H 222 -41.32 26.05 -17.59
C GLY H 222 -41.70 25.00 -18.60
N ASN H 223 -42.98 24.66 -18.64
CA ASN H 223 -43.47 23.58 -19.50
C ASN H 223 -44.21 24.01 -20.82
N ARG H 224 -44.02 25.28 -21.25
CA ARG H 224 -44.64 25.78 -22.51
C ARG H 224 -43.92 25.29 -23.76
N LEU H 225 -42.60 25.28 -23.69
CA LEU H 225 -41.80 24.71 -24.74
C LEU H 225 -41.12 23.44 -24.23
N SER H 226 -40.84 22.52 -25.16
CA SER H 226 -40.19 21.24 -24.84
C SER H 226 -38.76 21.37 -24.40
N LYS H 227 -38.28 20.33 -23.71
CA LYS H 227 -37.03 20.36 -22.98
C LYS H 227 -36.23 19.12 -23.34
N SER H 228 -36.73 18.34 -24.31
CA SER H 228 -36.47 16.90 -24.41
C SER H 228 -35.01 16.53 -24.58
N GLY H 229 -34.33 17.19 -25.50
CA GLY H 229 -32.95 16.84 -25.75
C GLY H 229 -31.92 17.80 -25.17
N LEU H 230 -32.33 18.60 -24.18
CA LEU H 230 -31.49 19.63 -23.62
C LEU H 230 -30.48 19.06 -22.67
N LYS H 231 -29.24 19.50 -22.85
CA LYS H 231 -28.13 19.08 -22.04
C LYS H 231 -28.07 19.98 -20.82
N GLY H 232 -27.94 19.35 -19.65
CA GLY H 232 -27.59 20.03 -18.41
C GLY H 232 -26.55 19.23 -17.62
N CYS H 233 -26.10 19.79 -16.51
CA CYS H 233 -25.09 19.13 -15.69
C CYS H 233 -25.61 18.58 -14.34
N VAL H 234 -26.88 18.84 -14.01
CA VAL H 234 -27.70 17.96 -13.13
C VAL H 234 -29.08 17.73 -13.77
N TYR H 235 -29.64 16.52 -13.59
CA TYR H 235 -31.03 16.30 -13.97
C TYR H 235 -31.90 15.86 -12.81
N GLY H 236 -33.19 16.22 -12.87
CA GLY H 236 -34.21 15.75 -11.93
C GLY H 236 -34.64 16.71 -10.84
N GLN H 237 -33.91 17.82 -10.72
CA GLN H 237 -34.32 19.02 -9.96
C GLN H 237 -35.66 19.55 -10.47
N THR H 238 -36.70 19.59 -9.61
CA THR H 238 -38.07 20.08 -10.03
C THR H 238 -38.72 21.31 -9.30
N ALA H 239 -38.24 21.65 -8.11
CA ALA H 239 -38.56 22.95 -7.51
C ALA H 239 -37.72 23.96 -8.25
N VAL H 240 -38.13 25.22 -8.39
CA VAL H 240 -37.39 26.21 -9.30
C VAL H 240 -37.25 25.73 -10.75
N GLN H 241 -38.03 26.33 -11.63
CA GLN H 241 -38.29 25.76 -12.94
C GLN H 241 -37.37 26.28 -14.03
N LEU H 242 -36.84 25.34 -14.82
CA LEU H 242 -36.10 25.67 -16.03
C LEU H 242 -37.05 25.93 -17.23
N SER H 243 -36.78 26.98 -18.01
CA SER H 243 -37.33 27.07 -19.37
C SER H 243 -36.37 27.58 -20.40
N LEU H 244 -36.81 27.49 -21.64
CA LEU H 244 -36.03 27.92 -22.75
C LEU H 244 -36.91 28.80 -23.52
N GLY H 245 -36.33 29.73 -24.28
CA GLY H 245 -37.09 30.84 -24.83
C GLY H 245 -36.32 31.63 -25.83
N PRO H 246 -37.03 32.48 -26.60
CA PRO H 246 -36.41 33.21 -27.70
C PRO H 246 -35.63 34.41 -27.23
N MET H 247 -34.64 34.79 -28.05
CA MET H 247 -33.81 35.98 -27.87
C MET H 247 -33.59 36.66 -29.23
N ALA H 248 -33.89 37.95 -29.32
CA ALA H 248 -33.85 38.69 -30.59
C ALA H 248 -33.80 40.23 -30.42
N ARG H 249 -33.86 40.96 -31.52
CA ARG H 249 -33.64 42.40 -31.49
C ARG H 249 -34.92 43.21 -31.28
N ASP H 250 -36.08 42.63 -31.54
CA ASP H 250 -37.36 43.23 -31.15
C ASP H 250 -38.31 42.19 -30.54
N VAL H 251 -39.42 42.63 -29.91
CA VAL H 251 -40.36 41.68 -29.25
C VAL H 251 -41.25 40.89 -30.24
N GLU H 252 -41.42 41.44 -31.45
CA GLU H 252 -42.20 40.83 -32.53
C GLU H 252 -41.57 39.53 -33.01
N SER H 253 -40.22 39.50 -33.04
CA SER H 253 -39.45 38.35 -33.48
C SER H 253 -39.59 37.19 -32.51
N LEU H 254 -39.66 37.54 -31.22
CA LEU H 254 -39.91 36.59 -30.14
C LEU H 254 -41.28 35.98 -30.25
N ALA H 255 -42.26 36.80 -30.61
CA ALA H 255 -43.62 36.37 -30.81
C ALA H 255 -43.75 35.42 -31.98
N LEU H 256 -42.97 35.70 -33.04
CA LEU H 256 -42.90 34.88 -34.23
C LEU H 256 -42.30 33.55 -33.92
N CYS H 257 -41.19 33.56 -33.16
CA CYS H 257 -40.51 32.34 -32.76
C CYS H 257 -41.40 31.43 -31.92
N LEU H 258 -42.08 32.02 -30.94
CA LEU H 258 -43.07 31.32 -30.11
C LEU H 258 -44.25 30.79 -30.92
N LYS H 259 -44.74 31.58 -31.89
CA LYS H 259 -45.83 31.18 -32.83
C LYS H 259 -45.43 29.98 -33.68
N ALA H 260 -44.18 29.98 -34.14
CA ALA H 260 -43.63 28.93 -34.94
C ALA H 260 -43.31 27.67 -34.14
N LEU H 261 -42.81 27.84 -32.92
CA LEU H 261 -42.55 26.71 -32.00
C LEU H 261 -43.81 26.06 -31.45
N LEU H 262 -44.89 26.83 -31.30
CA LEU H 262 -46.15 26.31 -30.77
C LEU H 262 -47.11 25.76 -31.87
N CYS H 263 -46.68 24.67 -32.49
CA CYS H 263 -47.39 24.04 -33.61
C CYS H 263 -47.55 22.54 -33.33
N GLU H 264 -48.27 21.83 -34.20
CA GLU H 264 -48.58 20.40 -34.01
C GLU H 264 -47.36 19.46 -34.09
N HIS H 265 -46.29 19.91 -34.79
CA HIS H 265 -44.99 19.19 -34.82
C HIS H 265 -44.39 19.07 -33.44
N LEU H 266 -44.31 20.20 -32.71
CA LEU H 266 -43.96 20.19 -31.27
C LEU H 266 -44.92 19.44 -30.38
N PHE H 267 -46.22 19.55 -30.62
CA PHE H 267 -47.19 18.84 -29.75
C PHE H 267 -47.38 17.36 -30.11
N THR H 268 -46.65 16.89 -31.12
CA THR H 268 -46.48 15.46 -31.39
C THR H 268 -45.05 14.98 -31.03
N LEU H 269 -44.00 15.73 -31.41
CA LEU H 269 -42.64 15.49 -30.88
C LEU H 269 -42.52 16.00 -29.44
N ASP H 270 -42.75 15.13 -28.45
CA ASP H 270 -42.99 15.47 -27.00
C ASP H 270 -44.50 15.74 -26.63
N PRO H 271 -45.30 14.66 -26.45
CA PRO H 271 -46.66 14.76 -25.86
C PRO H 271 -46.78 15.31 -24.41
N THR H 272 -45.66 15.52 -23.70
CA THR H 272 -45.66 15.95 -22.30
C THR H 272 -45.85 17.45 -22.16
N VAL H 273 -45.59 18.19 -23.22
CA VAL H 273 -45.95 19.61 -23.30
C VAL H 273 -47.47 19.71 -23.49
N PRO H 274 -48.15 20.58 -22.73
CA PRO H 274 -49.54 20.91 -23.03
C PRO H 274 -49.66 21.66 -24.38
N PRO H 275 -50.56 21.17 -25.28
CA PRO H 275 -50.73 21.72 -26.63
C PRO H 275 -51.52 23.03 -26.73
N LEU H 276 -50.98 24.07 -26.10
CA LEU H 276 -51.53 25.41 -26.21
C LEU H 276 -51.04 26.13 -27.45
N PRO H 277 -51.98 26.49 -28.33
CA PRO H 277 -51.63 27.34 -29.48
C PRO H 277 -51.33 28.77 -29.02
N PHE H 278 -50.38 29.42 -29.70
CA PHE H 278 -50.15 30.85 -29.54
C PHE H 278 -51.42 31.61 -29.87
N ARG H 279 -51.99 32.25 -28.85
CA ARG H 279 -53.24 33.00 -28.99
C ARG H 279 -52.97 34.41 -29.56
N GLU H 280 -53.33 34.60 -30.83
CA GLU H 280 -52.93 35.78 -31.58
C GLU H 280 -53.67 37.05 -31.14
N GLU H 281 -54.95 36.88 -30.84
CA GLU H 281 -55.83 37.95 -30.36
C GLU H 281 -55.36 38.60 -29.04
N VAL H 282 -54.84 37.76 -28.13
CA VAL H 282 -54.33 38.19 -26.81
C VAL H 282 -53.06 39.05 -26.96
N TYR H 283 -52.15 38.57 -27.81
CA TYR H 283 -50.94 39.29 -28.16
C TYR H 283 -51.21 40.59 -28.96
N ARG H 284 -52.16 40.57 -29.88
CA ARG H 284 -52.41 41.74 -30.74
C ARG H 284 -53.36 42.75 -30.11
N SER H 285 -53.99 42.36 -29.00
CA SER H 285 -54.92 43.21 -28.23
C SER H 285 -54.33 44.55 -27.88
N SER H 286 -55.18 45.55 -27.93
CA SER H 286 -54.81 46.93 -27.67
C SER H 286 -55.57 47.50 -26.45
N ARG H 287 -56.45 46.67 -25.86
CA ARG H 287 -57.18 46.96 -24.62
C ARG H 287 -56.21 47.33 -23.51
N PRO H 288 -56.50 48.46 -22.80
CA PRO H 288 -55.64 48.95 -21.70
C PRO H 288 -55.50 47.97 -20.51
N LEU H 289 -54.35 48.04 -19.84
CA LEU H 289 -53.94 47.07 -18.83
C LEU H 289 -53.89 47.70 -17.44
N ARG H 290 -54.20 46.88 -16.42
CA ARG H 290 -53.82 47.16 -15.04
C ARG H 290 -52.41 46.62 -14.83
N VAL H 291 -51.48 47.51 -14.50
CA VAL H 291 -50.06 47.14 -14.42
C VAL H 291 -49.49 47.30 -13.01
N GLY H 292 -49.16 46.17 -12.38
CA GLY H 292 -48.34 46.15 -11.17
C GLY H 292 -46.93 46.64 -11.41
N TYR H 293 -46.37 47.37 -10.46
CA TYR H 293 -44.98 47.80 -10.54
C TYR H 293 -44.36 47.74 -9.18
N TYR H 294 -43.03 47.56 -9.14
CA TYR H 294 -42.21 47.95 -7.99
C TYR H 294 -40.89 48.52 -8.39
N GLU H 295 -40.30 49.31 -7.49
CA GLU H 295 -39.08 50.09 -7.77
C GLU H 295 -37.83 49.37 -7.30
N THR H 296 -38.01 48.48 -6.31
CA THR H 296 -36.95 47.76 -5.62
C THR H 296 -37.54 46.49 -5.04
N ASP H 297 -36.74 45.43 -4.94
CA ASP H 297 -37.18 44.20 -4.25
C ASP H 297 -36.82 44.12 -2.76
N ASN H 298 -36.13 45.17 -2.28
CA ASN H 298 -35.56 45.27 -0.92
C ASN H 298 -34.47 44.26 -0.58
N TYR H 299 -33.75 43.81 -1.61
CA TYR H 299 -32.70 42.81 -1.47
C TYR H 299 -31.44 43.17 -2.29
N THR H 300 -31.61 43.36 -3.58
CA THR H 300 -30.56 43.98 -4.39
C THR H 300 -30.91 45.41 -4.66
N MET H 301 -30.01 46.31 -4.31
CA MET H 301 -30.23 47.70 -4.54
C MET H 301 -30.09 48.02 -6.00
N PRO H 302 -31.10 48.70 -6.58
CA PRO H 302 -31.04 49.16 -7.95
C PRO H 302 -29.90 50.13 -8.20
N SER H 303 -29.31 50.08 -9.39
CA SER H 303 -28.46 51.17 -9.87
C SER H 303 -29.34 52.41 -10.10
N PRO H 304 -28.74 53.62 -10.02
CA PRO H 304 -29.40 54.83 -10.50
C PRO H 304 -29.93 54.70 -11.93
N ALA H 305 -29.21 53.99 -12.80
CA ALA H 305 -29.69 53.64 -14.15
C ALA H 305 -30.90 52.68 -14.18
N MET H 306 -30.91 51.69 -13.27
CA MET H 306 -32.07 50.78 -13.03
C MET H 306 -33.35 51.51 -12.60
N ARG H 307 -33.18 52.45 -11.66
CA ARG H 307 -34.26 53.20 -11.05
C ARG H 307 -34.88 54.13 -12.06
N ARG H 308 -34.01 54.81 -12.83
CA ARG H 308 -34.40 55.77 -13.85
C ARG H 308 -35.20 55.09 -14.93
N ALA H 309 -34.72 53.92 -15.39
CA ALA H 309 -35.38 53.08 -16.42
C ALA H 309 -36.73 52.62 -16.00
N LEU H 310 -36.85 52.14 -14.75
CA LEU H 310 -38.11 51.68 -14.20
C LEU H 310 -39.15 52.77 -14.03
N ILE H 311 -38.75 53.90 -13.44
CA ILE H 311 -39.65 55.03 -13.18
C ILE H 311 -40.13 55.65 -14.48
N GLU H 312 -39.23 55.68 -15.48
CA GLU H 312 -39.54 56.19 -16.80
C GLU H 312 -40.56 55.42 -17.61
N THR H 313 -40.48 54.08 -17.63
CA THR H 313 -41.51 53.30 -18.35
C THR H 313 -42.86 53.30 -17.64
N LYS H 314 -42.83 53.30 -16.31
CA LYS H 314 -44.00 53.55 -15.45
C LYS H 314 -44.72 54.91 -15.78
N GLN H 315 -43.92 55.94 -16.08
CA GLN H 315 -44.45 57.25 -16.48
C GLN H 315 -45.11 57.22 -17.86
N ARG H 316 -44.46 56.54 -18.81
CA ARG H 316 -44.95 56.43 -20.20
C ARG H 316 -46.17 55.56 -20.37
N LEU H 317 -46.29 54.52 -19.55
CA LEU H 317 -47.46 53.64 -19.56
C LEU H 317 -48.70 54.34 -18.96
N GLU H 318 -48.47 55.27 -18.02
CA GLU H 318 -49.53 56.16 -17.48
C GLU H 318 -50.02 57.16 -18.54
N ALA H 319 -49.06 57.73 -19.29
CA ALA H 319 -49.34 58.55 -20.46
C ALA H 319 -50.14 57.81 -21.54
N ALA H 320 -49.81 56.53 -21.80
CA ALA H 320 -50.51 55.70 -22.80
C ALA H 320 -51.88 55.20 -22.37
N GLY H 321 -52.22 55.36 -21.09
CA GLY H 321 -53.56 55.10 -20.59
C GLY H 321 -53.69 54.02 -19.54
N HIS H 322 -52.63 53.23 -19.36
CA HIS H 322 -52.63 52.11 -18.41
C HIS H 322 -52.54 52.58 -16.97
N THR H 323 -53.34 51.95 -16.11
CA THR H 323 -53.34 52.23 -14.71
C THR H 323 -52.21 51.48 -13.98
N LEU H 324 -51.48 52.21 -13.15
CA LEU H 324 -50.28 51.70 -12.51
C LEU H 324 -50.45 51.63 -11.01
N ILE H 325 -50.54 50.40 -10.47
CA ILE H 325 -50.71 50.14 -9.02
C ILE H 325 -49.38 49.64 -8.43
N PRO H 326 -48.94 50.24 -7.31
CA PRO H 326 -47.83 49.67 -6.51
C PRO H 326 -48.15 48.26 -6.03
N PHE H 327 -47.26 47.31 -6.37
CA PHE H 327 -47.41 45.88 -6.05
C PHE H 327 -46.04 45.27 -5.83
N LEU H 328 -45.82 44.72 -4.64
CA LEU H 328 -44.62 43.92 -4.40
C LEU H 328 -44.97 42.53 -3.86
N PRO H 329 -44.46 41.46 -4.51
CA PRO H 329 -44.70 40.09 -4.03
C PRO H 329 -44.20 39.88 -2.60
N ASN H 330 -45.02 39.23 -1.77
CA ASN H 330 -44.71 38.97 -0.37
C ASN H 330 -43.50 38.06 -0.18
N ASN H 331 -42.81 38.23 0.96
CA ASN H 331 -41.79 37.29 1.49
C ASN H 331 -40.65 36.97 0.47
N ILE H 332 -40.21 37.99 -0.26
CA ILE H 332 -39.06 37.88 -1.15
C ILE H 332 -37.79 37.23 -0.53
N PRO H 333 -37.24 37.70 0.65
CA PRO H 333 -36.05 37.06 1.26
C PRO H 333 -36.20 35.50 1.44
N TYR H 334 -37.39 35.06 1.88
CA TYR H 334 -37.80 33.66 1.99
C TYR H 334 -37.77 32.90 0.67
N ALA H 335 -38.27 33.56 -0.37
CA ALA H 335 -38.36 32.95 -1.68
C ALA H 335 -36.97 32.73 -2.23
N LEU H 336 -36.09 33.73 -2.06
CA LEU H 336 -34.72 33.61 -2.53
C LEU H 336 -33.88 32.64 -1.70
N GLU H 337 -33.92 32.79 -0.37
CA GLU H 337 -32.92 32.20 0.51
C GLU H 337 -33.29 30.81 0.93
N VAL H 338 -34.56 30.58 1.19
CA VAL H 338 -35.02 29.24 1.46
C VAL H 338 -35.52 28.50 0.21
N LEU H 339 -36.44 29.10 -0.55
CA LEU H 339 -37.04 28.40 -1.68
C LEU H 339 -36.20 28.36 -2.99
N SER H 340 -35.58 29.48 -3.36
CA SER H 340 -34.77 29.48 -4.58
C SER H 340 -33.44 28.81 -4.36
N ALA H 341 -32.66 29.34 -3.41
CA ALA H 341 -31.30 28.87 -3.14
C ALA H 341 -31.23 27.43 -2.71
N GLY H 342 -32.30 26.96 -2.04
CA GLY H 342 -32.35 25.67 -1.40
C GLY H 342 -33.04 24.64 -2.28
N GLY H 343 -33.76 25.12 -3.29
CA GLY H 343 -34.13 24.29 -4.42
C GLY H 343 -32.91 23.93 -5.25
N LEU H 344 -32.04 24.90 -5.44
CA LEU H 344 -30.90 24.73 -6.32
C LEU H 344 -29.75 23.97 -5.69
N PHE H 345 -29.67 23.97 -4.35
CA PHE H 345 -28.65 23.17 -3.62
C PHE H 345 -29.20 22.22 -2.54
N SER H 346 -30.37 21.63 -2.80
CA SER H 346 -30.99 20.60 -1.95
C SER H 346 -30.12 19.41 -1.65
N ASP H 347 -29.25 19.04 -2.60
CA ASP H 347 -28.34 17.91 -2.41
C ASP H 347 -26.95 18.33 -1.93
N GLY H 348 -26.82 19.61 -1.59
CA GLY H 348 -25.54 20.16 -1.18
C GLY H 348 -24.56 20.37 -2.32
N GLY H 349 -25.02 20.29 -3.56
CA GLY H 349 -24.18 20.45 -4.74
C GLY H 349 -23.51 19.18 -5.27
N ARG H 350 -23.79 18.02 -4.63
CA ARG H 350 -23.06 16.75 -4.91
C ARG H 350 -23.18 16.27 -6.38
N SER H 351 -24.37 16.41 -6.98
CA SER H 351 -24.57 16.13 -8.40
C SER H 351 -23.83 17.10 -9.26
N PHE H 352 -23.89 18.37 -8.85
CA PHE H 352 -23.34 19.48 -9.62
C PHE H 352 -21.79 19.43 -9.66
N LEU H 353 -21.18 19.02 -8.54
CA LEU H 353 -19.74 18.90 -8.40
C LEU H 353 -19.12 17.70 -9.14
N GLN H 354 -19.95 16.71 -9.47
CA GLN H 354 -19.54 15.56 -10.28
C GLN H 354 -19.01 15.86 -11.71
N ASN H 355 -19.35 17.04 -12.25
CA ASN H 355 -18.84 17.46 -13.55
C ASN H 355 -17.50 18.16 -13.47
N PHE H 356 -17.04 18.45 -12.25
CA PHE H 356 -15.81 19.25 -12.06
C PHE H 356 -14.62 18.38 -11.61
N LYS H 357 -14.91 17.09 -11.41
CA LYS H 357 -13.94 16.02 -11.14
C LYS H 357 -12.82 16.00 -12.19
N GLY H 358 -11.61 16.38 -11.76
CA GLY H 358 -10.44 16.47 -12.63
C GLY H 358 -10.30 17.73 -13.51
N ASP H 359 -11.33 18.59 -13.51
CA ASP H 359 -11.32 19.75 -14.36
C ASP H 359 -10.74 20.98 -13.67
N PHE H 360 -10.32 21.96 -14.48
CA PHE H 360 -10.02 23.32 -14.03
C PHE H 360 -11.29 24.00 -13.58
N VAL H 361 -11.16 24.95 -12.67
CA VAL H 361 -12.26 25.85 -12.38
C VAL H 361 -12.01 27.22 -12.95
N ASP H 362 -12.94 27.68 -13.78
CA ASP H 362 -12.81 28.92 -14.50
C ASP H 362 -13.02 30.08 -13.55
N PRO H 363 -11.99 30.94 -13.38
CA PRO H 363 -12.02 32.11 -12.46
C PRO H 363 -13.31 32.97 -12.40
N CYS H 364 -14.13 32.96 -13.45
CA CYS H 364 -15.46 33.60 -13.43
C CYS H 364 -16.51 32.91 -12.51
N LEU H 365 -16.22 31.67 -12.11
CA LEU H 365 -17.08 30.95 -11.18
C LEU H 365 -16.85 31.40 -9.74
N GLY H 366 -15.78 32.18 -9.53
CA GLY H 366 -15.45 32.79 -8.26
C GLY H 366 -15.04 31.71 -7.32
N ASP H 367 -15.80 31.60 -6.23
CA ASP H 367 -15.47 30.73 -5.14
C ASP H 367 -16.54 29.67 -4.86
N LEU H 368 -17.55 29.62 -5.74
CA LEU H 368 -18.70 28.70 -5.64
C LEU H 368 -18.31 27.23 -5.55
N ILE H 369 -17.35 26.82 -6.38
CA ILE H 369 -16.87 25.44 -6.39
C ILE H 369 -16.10 25.08 -5.12
N LEU H 370 -15.20 25.99 -4.70
CA LEU H 370 -14.44 25.85 -3.44
C LEU H 370 -15.35 25.70 -2.20
N ILE H 371 -16.40 26.51 -2.15
CA ILE H 371 -17.35 26.52 -1.05
C ILE H 371 -18.25 25.26 -1.02
N LEU H 372 -18.81 24.86 -2.17
CA LEU H 372 -19.58 23.59 -2.30
C LEU H 372 -18.73 22.36 -1.94
N ARG H 373 -17.44 22.41 -2.27
CA ARG H 373 -16.46 21.36 -1.90
C ARG H 373 -16.10 21.24 -0.41
N LEU H 374 -16.32 22.31 0.39
CA LEU H 374 -16.10 22.27 1.86
C LEU H 374 -17.02 21.22 2.49
N PRO H 375 -16.55 20.50 3.51
CA PRO H 375 -17.40 19.53 4.22
C PRO H 375 -18.61 20.16 4.91
N SER H 376 -19.63 19.33 5.12
CA SER H 376 -20.94 19.77 5.66
C SER H 376 -20.90 20.43 7.05
N TRP H 377 -20.14 19.82 8.00
CA TRP H 377 -19.91 20.40 9.36
C TRP H 377 -19.34 21.83 9.36
N PHE H 378 -18.45 22.12 8.38
CA PHE H 378 -17.84 23.43 8.19
C PHE H 378 -18.79 24.47 7.63
N LYS H 379 -19.63 24.04 6.67
CA LYS H 379 -20.72 24.84 6.10
C LYS H 379 -21.67 25.34 7.17
N ARG H 380 -22.07 24.42 8.07
CA ARG H 380 -22.86 24.75 9.27
C ARG H 380 -22.10 25.69 10.20
N LEU H 381 -20.84 25.32 10.54
CA LEU H 381 -20.01 26.14 11.45
C LEU H 381 -19.91 27.60 11.01
N LEU H 382 -19.67 27.81 9.72
CA LEU H 382 -19.56 29.11 9.15
C LEU H 382 -20.89 29.84 9.09
N SER H 383 -21.99 29.09 8.93
CA SER H 383 -23.33 29.68 8.80
C SER H 383 -23.81 30.42 10.08
N LEU H 384 -23.86 29.71 11.21
CA LEU H 384 -24.19 30.38 12.48
C LEU H 384 -23.09 31.35 13.02
N LEU H 385 -21.83 31.15 12.60
CA LEU H 385 -20.75 32.13 12.83
C LEU H 385 -20.90 33.43 12.00
N LEU H 386 -21.57 33.34 10.84
CA LEU H 386 -21.77 34.51 9.99
C LEU H 386 -23.11 35.24 10.21
N LYS H 387 -24.09 34.58 10.87
CA LYS H 387 -25.47 35.12 11.05
C LYS H 387 -25.67 36.56 11.63
N PRO H 388 -24.98 36.96 12.74
CA PRO H 388 -25.08 38.34 13.23
C PRO H 388 -24.45 39.40 12.32
N LEU H 389 -23.27 39.10 11.73
CA LEU H 389 -22.58 40.03 10.85
C LEU H 389 -23.17 40.07 9.44
N PHE H 390 -23.26 38.89 8.80
CA PHE H 390 -23.59 38.77 7.38
C PHE H 390 -24.72 37.76 7.11
N PRO H 391 -25.99 38.14 7.43
CA PRO H 391 -27.13 37.22 7.33
C PRO H 391 -27.46 36.63 5.95
N ARG H 392 -27.11 37.33 4.85
CA ARG H 392 -27.28 36.81 3.45
C ARG H 392 -26.35 35.67 3.16
N LEU H 393 -25.08 35.87 3.51
CA LEU H 393 -24.00 34.93 3.34
C LEU H 393 -24.18 33.68 4.21
N ALA H 394 -24.75 33.90 5.39
CA ALA H 394 -25.11 32.85 6.32
C ALA H 394 -26.24 31.97 5.78
N ALA H 395 -27.18 32.60 5.06
CA ALA H 395 -28.29 31.90 4.42
C ALA H 395 -27.85 31.16 3.12
N PHE H 396 -26.82 31.70 2.46
CA PHE H 396 -26.19 31.11 1.27
C PHE H 396 -25.48 29.83 1.61
N LEU H 397 -24.83 29.83 2.77
CA LEU H 397 -24.17 28.65 3.25
C LEU H 397 -25.16 27.65 3.83
N ASN H 398 -26.22 28.13 4.47
CA ASN H 398 -27.24 27.24 5.06
C ASN H 398 -28.08 26.46 4.00
N SER H 399 -28.30 27.10 2.84
CA SER H 399 -28.99 26.50 1.70
C SER H 399 -28.16 25.43 1.00
N MET H 400 -26.84 25.51 1.15
CA MET H 400 -25.89 24.52 0.62
C MET H 400 -25.76 23.23 1.44
N ARG H 401 -26.57 23.11 2.50
CA ARG H 401 -26.65 21.87 3.29
C ARG H 401 -27.47 20.77 2.52
N PRO H 402 -26.99 19.50 2.56
CA PRO H 402 -27.71 18.41 1.90
C PRO H 402 -28.90 17.94 2.70
N ARG H 403 -29.98 17.65 2.00
CA ARG H 403 -31.28 17.42 2.62
C ARG H 403 -31.75 16.00 2.39
N SER H 404 -32.67 15.57 3.25
CA SER H 404 -33.39 14.32 3.07
C SER H 404 -34.49 14.54 2.04
N ALA H 405 -34.97 13.45 1.43
CA ALA H 405 -36.17 13.49 0.60
C ALA H 405 -37.48 13.92 1.34
N GLU H 406 -37.52 13.73 2.68
CA GLU H 406 -38.56 14.30 3.54
C GLU H 406 -38.51 15.83 3.57
N LYS H 407 -37.30 16.36 3.74
CA LYS H 407 -37.03 17.81 3.65
C LYS H 407 -37.22 18.44 2.20
N LEU H 408 -37.01 17.61 1.15
CA LEU H 408 -37.28 18.01 -0.26
C LEU H 408 -38.76 18.08 -0.63
N TRP H 409 -39.57 17.16 -0.09
CA TRP H 409 -41.02 17.20 -0.23
C TRP H 409 -41.62 18.40 0.45
N LYS H 410 -41.01 18.81 1.57
CA LYS H 410 -41.46 19.98 2.30
C LYS H 410 -41.16 21.26 1.53
N LEU H 411 -39.95 21.37 0.97
CA LEU H 411 -39.56 22.55 0.14
C LEU H 411 -40.45 22.74 -1.09
N GLN H 412 -40.69 21.64 -1.82
CA GLN H 412 -41.62 21.58 -2.96
C GLN H 412 -43.04 22.11 -2.67
N HIS H 413 -43.65 21.61 -1.57
CA HIS H 413 -45.00 22.02 -1.16
C HIS H 413 -45.05 23.49 -0.75
N GLU H 414 -43.97 23.96 -0.11
CA GLU H 414 -43.85 25.37 0.27
C GLU H 414 -43.71 26.26 -0.96
N ILE H 415 -43.01 25.76 -2.01
CA ILE H 415 -42.89 26.46 -3.29
C ILE H 415 -44.25 26.62 -3.98
N GLU H 416 -45.06 25.54 -3.99
CA GLU H 416 -46.40 25.60 -4.61
C GLU H 416 -47.43 26.39 -3.78
N MET H 417 -47.19 26.52 -2.49
CA MET H 417 -47.96 27.41 -1.63
C MET H 417 -47.51 28.87 -1.76
N TYR H 418 -46.22 29.07 -2.06
CA TYR H 418 -45.72 30.41 -2.32
C TYR H 418 -46.25 30.97 -3.66
N ARG H 419 -46.35 30.06 -4.63
CA ARG H 419 -46.96 30.29 -5.93
C ARG H 419 -48.40 30.74 -5.85
N GLN H 420 -49.19 30.00 -5.07
CA GLN H 420 -50.58 30.33 -4.84
C GLN H 420 -50.77 31.63 -4.03
N SER H 421 -49.84 31.92 -3.12
CA SER H 421 -49.88 33.17 -2.32
C SER H 421 -49.54 34.43 -3.09
N VAL H 422 -48.63 34.32 -4.06
CA VAL H 422 -48.38 35.42 -5.01
C VAL H 422 -49.54 35.56 -6.01
N ILE H 423 -50.16 34.43 -6.41
CA ILE H 423 -51.37 34.46 -7.27
C ILE H 423 -52.56 35.11 -6.58
N ALA H 424 -52.85 34.69 -5.35
CA ALA H 424 -53.89 35.33 -4.54
C ALA H 424 -53.63 36.85 -4.28
N GLN H 425 -52.37 37.24 -4.15
CA GLN H 425 -51.97 38.64 -4.03
C GLN H 425 -52.27 39.43 -5.32
N TRP H 426 -52.03 38.78 -6.45
CA TRP H 426 -52.14 39.35 -7.80
C TRP H 426 -53.63 39.55 -8.20
N LYS H 427 -54.48 38.63 -7.78
CA LYS H 427 -55.92 38.69 -8.14
C LYS H 427 -56.68 39.68 -7.29
N ALA H 428 -56.24 39.84 -6.03
CA ALA H 428 -56.80 40.83 -5.11
C ALA H 428 -56.47 42.28 -5.53
N MET H 429 -55.33 42.50 -6.17
CA MET H 429 -54.99 43.81 -6.72
C MET H 429 -55.45 43.96 -8.15
N ASN H 430 -55.87 42.83 -8.72
CA ASN H 430 -56.50 42.71 -10.06
C ASN H 430 -55.67 43.11 -11.27
N LEU H 431 -54.36 42.89 -11.17
CA LEU H 431 -53.40 43.18 -12.24
C LEU H 431 -53.53 42.24 -13.44
N ASP H 432 -53.04 42.69 -14.58
CA ASP H 432 -52.93 41.87 -15.77
C ASP H 432 -51.52 41.42 -15.96
N VAL H 433 -50.60 42.18 -15.36
CA VAL H 433 -49.25 42.27 -15.81
C VAL H 433 -48.36 43.02 -14.76
N LEU H 434 -47.06 42.75 -14.78
CA LEU H 434 -46.13 43.21 -13.74
C LEU H 434 -44.79 43.81 -14.30
N LEU H 435 -44.41 44.95 -13.74
CA LEU H 435 -43.26 45.74 -14.18
C LEU H 435 -42.21 45.75 -13.07
N THR H 436 -40.97 45.49 -13.43
CA THR H 436 -39.90 45.09 -12.49
C THR H 436 -38.63 45.80 -12.97
N PRO H 437 -37.71 46.17 -12.07
CA PRO H 437 -36.34 46.44 -12.48
C PRO H 437 -35.63 45.14 -12.93
N MET H 438 -34.84 45.27 -13.98
CA MET H 438 -33.94 44.22 -14.42
C MET H 438 -32.53 44.70 -14.13
N LEU H 439 -31.69 43.77 -13.62
CA LEU H 439 -30.30 44.08 -13.19
C LEU H 439 -29.55 44.95 -14.18
N GLY H 440 -29.02 46.09 -13.66
CA GLY H 440 -28.62 47.26 -14.44
C GLY H 440 -27.42 47.08 -15.32
N PRO H 441 -26.67 48.17 -15.59
CA PRO H 441 -25.64 48.15 -16.63
C PRO H 441 -24.65 47.04 -16.39
N ALA H 442 -24.24 46.38 -17.46
CA ALA H 442 -23.39 45.18 -17.43
C ALA H 442 -22.25 45.25 -16.41
N LEU H 443 -22.09 44.15 -15.69
CA LEU H 443 -21.05 44.03 -14.69
C LEU H 443 -19.70 43.94 -15.40
N ASP H 444 -18.64 44.30 -14.68
CA ASP H 444 -17.24 44.08 -15.13
C ASP H 444 -16.97 42.58 -15.35
N LEU H 445 -15.74 42.22 -15.75
CA LEU H 445 -15.49 40.88 -16.26
C LEU H 445 -15.68 39.73 -15.26
N ASN H 446 -14.72 39.42 -14.39
CA ASN H 446 -14.88 38.24 -13.51
C ASN H 446 -15.78 38.41 -12.26
N THR H 447 -16.73 39.34 -12.35
CA THR H 447 -17.47 39.85 -11.20
C THR H 447 -18.93 39.34 -10.94
N PRO H 448 -19.64 38.72 -11.90
CA PRO H 448 -20.88 37.98 -11.56
C PRO H 448 -20.67 36.75 -10.69
N GLY H 449 -19.45 36.22 -10.66
CA GLY H 449 -19.10 35.16 -9.75
C GLY H 449 -19.02 35.57 -8.30
N ARG H 450 -18.77 36.87 -8.04
CA ARG H 450 -18.71 37.41 -6.67
C ARG H 450 -19.89 38.35 -6.30
N ALA H 451 -21.02 38.21 -7.01
CA ALA H 451 -22.21 38.99 -6.72
C ALA H 451 -23.49 38.20 -6.81
N THR H 452 -23.53 37.05 -6.15
CA THR H 452 -24.61 36.04 -6.35
C THR H 452 -26.03 36.55 -6.03
N GLY H 453 -26.12 37.44 -5.04
CA GLY H 453 -27.38 38.05 -4.67
C GLY H 453 -27.89 39.13 -5.61
N ALA H 454 -27.18 39.42 -6.71
CA ALA H 454 -27.69 40.32 -7.73
C ALA H 454 -28.79 39.71 -8.60
N ILE H 455 -28.87 38.36 -8.59
CA ILE H 455 -29.91 37.58 -9.36
C ILE H 455 -31.29 37.57 -8.70
N SER H 456 -31.39 38.20 -7.54
CA SER H 456 -32.64 38.36 -6.80
C SER H 456 -33.87 38.76 -7.67
N TYR H 457 -33.64 39.68 -8.61
CA TYR H 457 -34.70 40.24 -9.47
C TYR H 457 -35.30 39.30 -10.52
N THR H 458 -34.51 38.33 -11.00
CA THR H 458 -34.95 37.36 -12.02
C THR H 458 -35.27 35.98 -11.46
N VAL H 459 -34.37 35.44 -10.61
CA VAL H 459 -34.49 34.07 -10.02
C VAL H 459 -35.82 33.80 -9.28
N LEU H 460 -36.43 34.88 -8.78
CA LEU H 460 -37.76 34.88 -8.17
C LEU H 460 -38.89 34.42 -9.12
N TYR H 461 -38.70 34.61 -10.42
CA TYR H 461 -39.72 34.23 -11.39
C TYR H 461 -39.53 32.87 -11.98
N ASN H 462 -38.36 32.28 -11.70
CA ASN H 462 -38.12 30.85 -11.88
C ASN H 462 -38.62 30.06 -10.72
N CYS H 463 -38.55 30.69 -9.54
CA CYS H 463 -39.10 30.13 -8.32
C CYS H 463 -40.61 30.05 -8.44
N LEU H 464 -41.22 31.12 -8.98
CA LEU H 464 -42.64 31.25 -9.15
C LEU H 464 -43.18 30.51 -10.35
N ASP H 465 -42.29 30.19 -11.30
CA ASP H 465 -42.64 29.78 -12.67
C ASP H 465 -43.69 30.68 -13.38
N PHE H 466 -43.39 31.97 -13.40
CA PHE H 466 -44.15 32.96 -14.15
C PHE H 466 -43.34 33.32 -15.44
N PRO H 467 -44.01 33.53 -16.59
CA PRO H 467 -43.39 34.18 -17.75
C PRO H 467 -42.74 35.48 -17.38
N ALA H 468 -41.49 35.65 -17.78
CA ALA H 468 -40.78 36.90 -17.58
C ALA H 468 -40.03 37.36 -18.85
N GLY H 469 -40.06 38.66 -19.09
CA GLY H 469 -39.62 39.21 -20.33
C GLY H 469 -38.72 40.38 -20.13
N VAL H 470 -37.78 40.59 -21.05
CA VAL H 470 -36.83 41.67 -20.95
C VAL H 470 -36.85 42.51 -22.23
N VAL H 471 -37.00 43.82 -22.03
CA VAL H 471 -37.06 44.79 -23.11
C VAL H 471 -36.21 46.01 -22.71
N PRO H 472 -35.20 46.35 -23.54
CA PRO H 472 -34.32 47.50 -23.30
C PRO H 472 -35.05 48.81 -23.55
N VAL H 473 -34.76 49.82 -22.72
CA VAL H 473 -35.63 51.01 -22.65
C VAL H 473 -34.85 52.33 -22.65
N THR H 474 -33.56 52.25 -22.33
CA THR H 474 -32.72 53.43 -22.14
C THR H 474 -31.22 53.04 -22.16
N THR H 475 -30.34 54.05 -22.15
CA THR H 475 -28.92 53.83 -21.92
C THR H 475 -28.43 54.65 -20.71
N VAL H 476 -27.29 54.22 -20.15
CA VAL H 476 -26.65 54.91 -19.01
C VAL H 476 -26.14 56.29 -19.43
N THR H 477 -26.67 57.32 -18.78
CA THR H 477 -26.11 58.68 -18.91
C THR H 477 -24.99 58.90 -17.88
N ALA H 478 -24.29 60.05 -18.01
CA ALA H 478 -23.13 60.40 -17.17
C ALA H 478 -23.45 60.47 -15.66
N GLU H 479 -24.62 61.02 -15.31
CA GLU H 479 -25.04 61.17 -13.91
C GLU H 479 -25.60 59.87 -13.29
N ASP H 480 -25.95 58.88 -14.13
CA ASP H 480 -26.26 57.49 -13.69
C ASP H 480 -24.99 56.71 -13.30
N ASP H 481 -23.86 57.11 -13.88
CA ASP H 481 -22.56 56.55 -13.57
C ASP H 481 -21.89 57.26 -12.39
N ALA H 482 -22.20 58.55 -12.23
CA ALA H 482 -21.67 59.36 -11.12
C ALA H 482 -22.36 59.02 -9.79
N GLN H 483 -23.68 58.80 -9.83
CA GLN H 483 -24.48 58.45 -8.63
C GLN H 483 -24.38 56.96 -8.24
N MET H 484 -23.44 56.25 -8.90
CA MET H 484 -22.92 54.95 -8.44
C MET H 484 -22.04 55.06 -7.21
N GLU H 485 -21.38 56.22 -7.05
CA GLU H 485 -20.59 56.52 -5.86
C GLU H 485 -21.44 56.82 -4.58
N LEU H 486 -22.77 56.83 -4.73
CA LEU H 486 -23.71 56.94 -3.60
C LEU H 486 -24.54 55.65 -3.36
N TYR H 487 -24.21 54.59 -4.14
CA TYR H 487 -24.72 53.22 -3.91
C TYR H 487 -24.24 52.62 -2.57
N LYS H 488 -25.08 52.70 -1.56
CA LYS H 488 -24.91 51.85 -0.40
C LYS H 488 -25.99 50.83 -0.50
N GLY H 489 -25.63 49.55 -0.37
CA GLY H 489 -26.59 48.46 -0.47
C GLY H 489 -27.55 48.40 0.70
N TYR H 490 -28.43 47.41 0.69
CA TYR H 490 -29.31 47.17 1.83
C TYR H 490 -28.63 46.34 2.92
N PHE H 491 -27.36 45.96 2.67
CA PHE H 491 -26.67 44.98 3.51
C PHE H 491 -25.22 45.33 3.89
N GLY H 492 -24.49 46.00 2.98
CA GLY H 492 -23.07 46.28 3.16
C GLY H 492 -22.16 45.06 3.33
N ASP H 493 -22.62 43.89 2.85
CA ASP H 493 -21.75 42.73 2.71
C ASP H 493 -21.03 42.78 1.38
N ILE H 494 -20.22 41.76 1.13
CA ILE H 494 -19.23 41.75 0.04
C ILE H 494 -19.81 41.68 -1.38
N TRP H 495 -21.06 41.22 -1.49
CA TRP H 495 -21.82 41.29 -2.74
C TRP H 495 -22.14 42.68 -3.07
N ASP H 496 -22.58 43.44 -2.07
CA ASP H 496 -22.87 44.86 -2.26
C ASP H 496 -21.64 45.68 -2.54
N ILE H 497 -20.50 45.31 -1.93
CA ILE H 497 -19.19 45.93 -2.21
C ILE H 497 -18.80 45.77 -3.68
N ILE H 498 -18.89 44.53 -4.20
CA ILE H 498 -18.48 44.19 -5.57
C ILE H 498 -19.43 44.80 -6.63
N LEU H 499 -20.72 44.84 -6.31
CA LEU H 499 -21.75 45.42 -7.18
C LEU H 499 -21.66 46.94 -7.31
N LYS H 500 -21.21 47.62 -6.25
CA LYS H 500 -20.79 49.04 -6.31
C LYS H 500 -19.64 49.27 -7.33
N LYS H 501 -18.63 48.39 -7.30
CA LYS H 501 -17.45 48.46 -8.19
C LYS H 501 -17.74 48.07 -9.65
N ALA H 502 -18.43 46.93 -9.83
CA ALA H 502 -18.63 46.30 -11.14
C ALA H 502 -19.62 47.04 -12.04
N MET H 503 -20.47 47.88 -11.45
CA MET H 503 -21.50 48.62 -12.21
C MET H 503 -21.07 50.03 -12.66
N LYS H 504 -19.98 50.54 -12.08
CA LYS H 504 -19.33 51.78 -12.54
C LYS H 504 -18.64 51.58 -13.92
N ASN H 505 -18.23 52.71 -14.53
CA ASN H 505 -17.66 52.78 -15.91
C ASN H 505 -18.61 52.25 -17.03
N SER H 506 -19.80 52.83 -17.09
CA SER H 506 -20.93 52.19 -17.79
C SER H 506 -21.65 53.07 -18.80
N VAL H 507 -21.16 54.30 -18.99
CA VAL H 507 -21.83 55.38 -19.77
C VAL H 507 -22.07 54.94 -21.21
N GLY H 508 -23.34 54.80 -21.57
CA GLY H 508 -23.73 54.43 -22.92
C GLY H 508 -24.21 53.01 -23.11
N LEU H 509 -23.96 52.14 -22.12
CA LEU H 509 -24.40 50.73 -22.15
C LEU H 509 -25.93 50.64 -21.91
N PRO H 510 -26.61 49.64 -22.51
CA PRO H 510 -28.07 49.48 -22.34
C PRO H 510 -28.58 49.04 -20.94
N VAL H 511 -29.73 49.61 -20.55
CA VAL H 511 -30.46 49.28 -19.30
C VAL H 511 -31.84 48.80 -19.68
N ALA H 512 -32.32 47.80 -18.95
CA ALA H 512 -33.56 47.17 -19.25
C ALA H 512 -34.57 47.35 -18.17
N VAL H 513 -35.77 46.85 -18.43
CA VAL H 513 -36.85 46.75 -17.50
C VAL H 513 -37.40 45.32 -17.71
N GLN H 514 -37.98 44.72 -16.66
CA GLN H 514 -38.49 43.34 -16.76
C GLN H 514 -40.03 43.34 -16.74
N CYS H 515 -40.64 42.50 -17.60
CA CYS H 515 -42.09 42.41 -17.78
C CYS H 515 -42.59 41.05 -17.42
N VAL H 516 -43.63 40.96 -16.58
CA VAL H 516 -44.05 39.64 -16.00
C VAL H 516 -45.56 39.41 -16.15
N ALA H 517 -45.95 38.21 -16.57
CA ALA H 517 -47.36 37.80 -16.53
C ALA H 517 -47.57 36.51 -15.74
N LEU H 518 -48.84 36.19 -15.48
CA LEU H 518 -49.26 34.92 -14.80
C LEU H 518 -48.84 33.66 -15.60
N PRO H 519 -48.85 32.45 -14.99
CA PRO H 519 -48.52 31.23 -15.74
C PRO H 519 -49.40 30.99 -16.98
N TRP H 520 -48.76 30.56 -18.06
CA TRP H 520 -49.38 30.37 -19.39
C TRP H 520 -49.84 31.65 -20.15
N GLN H 521 -49.54 32.83 -19.60
CA GLN H 521 -49.85 34.10 -20.27
C GLN H 521 -48.66 34.71 -21.06
N GLU H 522 -47.87 33.86 -21.74
CA GLU H 522 -46.69 34.32 -22.58
C GLU H 522 -47.05 35.35 -23.59
N GLU H 523 -48.22 35.18 -24.20
CA GLU H 523 -48.67 36.07 -25.23
C GLU H 523 -49.28 37.38 -24.66
N LEU H 524 -49.79 37.34 -23.41
CA LEU H 524 -50.08 38.58 -22.66
C LEU H 524 -48.79 39.29 -22.22
N CYS H 525 -47.74 38.52 -21.97
CA CYS H 525 -46.45 39.05 -21.59
C CYS H 525 -45.76 39.82 -22.73
N LEU H 526 -45.76 39.23 -23.93
CA LEU H 526 -45.21 39.84 -25.12
C LEU H 526 -45.95 41.10 -25.53
N ARG H 527 -47.26 41.12 -25.28
CA ARG H 527 -48.16 42.23 -25.65
C ARG H 527 -47.81 43.50 -24.82
N PHE H 528 -47.67 43.31 -23.51
CA PHE H 528 -47.08 44.31 -22.62
C PHE H 528 -45.63 44.71 -22.98
N MET H 529 -44.83 43.74 -23.45
CA MET H 529 -43.47 44.01 -23.92
C MET H 529 -43.48 44.88 -25.14
N ARG H 530 -44.46 44.62 -26.03
CA ARG H 530 -44.71 45.40 -27.26
C ARG H 530 -45.09 46.83 -26.92
N GLU H 531 -45.94 46.97 -25.90
CA GLU H 531 -46.40 48.23 -25.39
C GLU H 531 -45.26 49.08 -24.80
N VAL H 532 -44.35 48.42 -24.08
CA VAL H 532 -43.22 49.07 -23.41
C VAL H 532 -42.14 49.45 -24.44
N GLU H 533 -41.85 48.51 -25.37
CA GLU H 533 -40.89 48.73 -26.47
C GLU H 533 -41.27 49.92 -27.37
N GLN H 534 -42.56 50.03 -27.65
CA GLN H 534 -43.14 51.09 -28.49
C GLN H 534 -43.02 52.48 -27.89
N LEU H 535 -43.35 52.61 -26.61
CA LEU H 535 -43.26 53.89 -25.89
C LEU H 535 -41.83 54.39 -25.64
N MET H 536 -40.88 53.46 -25.49
CA MET H 536 -39.48 53.80 -25.18
C MET H 536 -38.55 53.84 -26.41
N THR H 537 -38.87 53.05 -27.42
CA THR H 537 -38.15 53.09 -28.70
C THR H 537 -39.06 53.61 -29.85
N ALA I 1 25.43 -27.91 -45.23
CA ALA I 1 26.87 -27.59 -45.03
C ALA I 1 27.61 -28.71 -44.27
N ARG I 2 26.95 -29.24 -43.23
CA ARG I 2 27.35 -30.51 -42.58
C ARG I 2 26.89 -31.76 -43.37
N GLY I 3 25.99 -31.55 -44.35
CA GLY I 3 25.73 -32.47 -45.45
C GLY I 3 26.93 -32.75 -46.38
N ALA I 4 28.00 -31.94 -46.27
CA ALA I 4 29.37 -32.38 -46.59
C ALA I 4 30.02 -33.29 -45.48
N ALA I 5 29.20 -34.19 -44.90
CA ALA I 5 29.61 -35.51 -44.38
C ALA I 5 29.85 -36.49 -45.51
N THR I 6 29.15 -36.25 -46.63
CA THR I 6 29.21 -37.09 -47.81
C THR I 6 30.57 -37.02 -48.53
N ARG I 7 31.27 -35.89 -48.32
CA ARG I 7 32.67 -35.70 -48.76
C ARG I 7 33.66 -36.65 -48.04
N ALA I 8 33.34 -36.98 -46.79
CA ALA I 8 34.18 -37.84 -45.96
C ALA I 8 33.92 -39.31 -46.26
N ARG I 9 32.64 -39.64 -46.51
CA ARG I 9 32.22 -40.98 -46.93
C ARG I 9 32.90 -41.40 -48.23
N GLN I 10 32.99 -40.47 -49.16
CA GLN I 10 33.63 -40.69 -50.45
C GLN I 10 35.16 -40.60 -50.41
N LYS I 11 35.70 -39.95 -49.38
CA LYS I 11 37.13 -40.03 -49.09
C LYS I 11 37.50 -41.40 -48.53
N GLN I 12 36.62 -41.92 -47.68
CA GLN I 12 36.83 -43.19 -46.96
C GLN I 12 36.68 -44.42 -47.87
N ARG I 13 35.66 -44.41 -48.74
CA ARG I 13 35.48 -45.46 -49.75
C ARG I 13 36.65 -45.47 -50.75
N ALA I 14 37.10 -44.26 -51.16
CA ALA I 14 38.30 -44.10 -52.02
C ALA I 14 39.60 -44.58 -51.34
N SER I 15 39.81 -44.19 -50.08
CA SER I 15 40.91 -44.73 -49.25
C SER I 15 40.88 -46.26 -49.18
N LEU I 16 39.68 -46.82 -48.98
CA LEU I 16 39.48 -48.26 -48.81
C LEU I 16 39.68 -49.08 -50.10
N GLU I 17 39.48 -48.43 -51.25
CA GLU I 17 39.67 -49.08 -52.58
C GLU I 17 41.13 -49.06 -53.03
N THR I 18 41.85 -47.97 -52.65
CA THR I 18 43.31 -47.84 -52.84
C THR I 18 44.08 -48.87 -52.04
N MET I 19 43.54 -49.18 -50.84
CA MET I 19 44.05 -50.24 -49.96
C MET I 19 43.92 -51.60 -50.59
N ASP I 20 42.69 -51.96 -51.00
CA ASP I 20 42.35 -53.29 -51.55
C ASP I 20 43.12 -53.61 -52.82
N LYS I 21 43.27 -52.61 -53.70
CA LYS I 21 44.00 -52.74 -54.96
C LYS I 21 45.49 -53.02 -54.73
N ALA I 22 46.06 -52.36 -53.73
CA ALA I 22 47.48 -52.51 -53.39
C ALA I 22 47.80 -53.82 -52.67
N VAL I 23 46.82 -54.40 -51.94
CA VAL I 23 47.01 -55.76 -51.35
C VAL I 23 46.88 -56.89 -52.35
N GLN I 24 46.02 -56.70 -53.35
CA GLN I 24 45.77 -57.68 -54.39
C GLN I 24 46.93 -57.78 -55.37
N ARG I 25 47.48 -56.61 -55.76
CA ARG I 25 48.70 -56.54 -56.61
C ARG I 25 49.98 -57.07 -55.90
N PHE I 26 49.91 -57.23 -54.58
CA PHE I 26 50.90 -57.95 -53.79
C PHE I 26 50.55 -59.43 -53.66
N ARG I 27 49.28 -59.75 -53.39
CA ARG I 27 48.84 -61.15 -53.16
C ARG I 27 48.80 -61.99 -54.44
N LEU I 28 48.67 -61.31 -55.59
CA LEU I 28 49.08 -61.86 -56.89
C LEU I 28 50.58 -62.13 -56.87
N GLN I 29 51.38 -61.05 -56.82
CA GLN I 29 52.83 -61.13 -57.08
C GLN I 29 53.70 -61.67 -55.89
N ASN I 30 53.03 -62.28 -54.89
CA ASN I 30 53.71 -63.00 -53.79
C ASN I 30 52.84 -64.18 -53.20
N PRO I 31 52.40 -65.15 -54.06
CA PRO I 31 51.20 -65.94 -53.74
C PRO I 31 51.45 -67.14 -52.76
N ASP I 32 52.71 -67.41 -52.40
CA ASP I 32 53.07 -68.58 -51.58
C ASP I 32 53.27 -68.27 -50.08
N LEU I 33 53.28 -66.96 -49.73
CA LEU I 33 53.47 -66.49 -48.33
C LEU I 33 52.27 -66.81 -47.40
N ASP I 34 52.59 -67.25 -46.17
CA ASP I 34 51.59 -67.73 -45.20
C ASP I 34 51.10 -66.59 -44.28
N SER I 35 49.86 -66.13 -44.52
CA SER I 35 49.28 -64.97 -43.79
C SER I 35 48.86 -65.32 -42.40
N GLU I 36 48.24 -66.49 -42.24
CA GLU I 36 47.67 -66.94 -40.96
C GLU I 36 48.68 -66.95 -39.78
N ALA I 37 49.92 -67.39 -40.05
CA ALA I 37 51.02 -67.33 -39.07
C ALA I 37 52.13 -66.28 -39.41
N LEU I 38 51.80 -65.33 -40.28
CA LEU I 38 52.40 -64.00 -40.23
C LEU I 38 51.68 -63.20 -39.15
N LEU I 39 50.35 -63.13 -39.25
CA LEU I 39 49.53 -62.22 -38.45
C LEU I 39 49.36 -62.68 -37.00
N THR I 40 49.60 -63.98 -36.72
CA THR I 40 49.64 -64.47 -35.32
C THR I 40 51.05 -64.64 -34.75
N LEU I 41 52.04 -64.01 -35.40
CA LEU I 41 53.32 -63.70 -34.75
C LEU I 41 53.10 -62.53 -33.76
N PRO I 42 53.44 -62.72 -32.46
CA PRO I 42 53.52 -61.59 -31.50
C PRO I 42 54.55 -60.55 -31.94
N LEU I 43 54.45 -59.31 -31.42
CA LEU I 43 55.26 -58.18 -31.93
C LEU I 43 56.78 -58.39 -31.88
N LEU I 44 57.27 -58.89 -30.77
CA LEU I 44 58.73 -58.99 -30.51
C LEU I 44 59.37 -60.06 -31.39
N GLN I 45 58.56 -61.08 -31.70
CA GLN I 45 58.84 -62.09 -32.72
C GLN I 45 58.75 -61.53 -34.15
N LEU I 46 57.85 -60.57 -34.36
CA LEU I 46 57.73 -59.88 -35.64
C LEU I 46 58.96 -59.00 -35.90
N VAL I 47 59.26 -58.06 -34.97
CA VAL I 47 60.43 -57.13 -35.12
C VAL I 47 61.83 -57.79 -35.20
N GLN I 48 61.99 -58.96 -34.56
CA GLN I 48 63.25 -59.72 -34.66
C GLN I 48 63.39 -60.47 -35.99
N LYS I 49 62.27 -60.89 -36.56
CA LYS I 49 62.26 -61.52 -37.88
C LYS I 49 62.49 -60.48 -38.98
N LEU I 50 62.18 -59.22 -38.67
CA LEU I 50 62.50 -58.07 -39.50
C LEU I 50 63.96 -57.64 -39.36
N GLN I 51 64.48 -57.64 -38.12
CA GLN I 51 65.82 -57.16 -37.78
C GLN I 51 66.94 -58.02 -38.38
N SER I 52 66.76 -59.36 -38.32
CA SER I 52 67.63 -60.32 -39.02
C SER I 52 67.40 -60.31 -40.54
N GLY I 53 66.19 -59.95 -40.97
CA GLY I 53 65.84 -59.86 -42.39
C GLY I 53 65.18 -61.12 -42.96
N GLU I 54 64.65 -61.96 -42.06
CA GLU I 54 63.85 -63.17 -42.44
C GLU I 54 62.54 -62.81 -43.12
N LEU I 55 61.95 -61.68 -42.74
CA LEU I 55 60.87 -61.07 -43.49
C LEU I 55 61.31 -59.72 -44.05
N SER I 56 61.04 -59.50 -45.34
CA SER I 56 61.15 -58.18 -45.96
C SER I 56 60.01 -57.27 -45.41
N PRO I 57 60.25 -55.94 -45.25
CA PRO I 57 59.23 -55.04 -44.70
C PRO I 57 57.94 -54.92 -45.54
N GLU I 58 58.02 -55.25 -46.85
CA GLU I 58 56.86 -55.39 -47.74
C GLU I 58 55.95 -56.53 -47.32
N ALA I 59 56.56 -57.66 -46.92
CA ALA I 59 55.82 -58.86 -46.59
C ALA I 59 54.94 -58.70 -45.34
N VAL I 60 55.46 -58.00 -44.32
CA VAL I 60 54.67 -57.69 -43.12
C VAL I 60 53.62 -56.57 -43.32
N PHE I 61 53.99 -55.52 -44.09
CA PHE I 61 53.11 -54.36 -44.37
C PHE I 61 51.86 -54.78 -45.13
N PHE I 62 52.06 -55.46 -46.26
CA PHE I 62 50.98 -55.75 -47.18
C PHE I 62 50.09 -56.92 -46.73
N THR I 63 50.60 -57.73 -45.81
CA THR I 63 49.79 -58.71 -45.12
C THR I 63 48.86 -58.01 -44.15
N TYR I 64 49.42 -57.08 -43.35
CA TYR I 64 48.65 -56.38 -42.30
C TYR I 64 47.61 -55.43 -42.92
N LEU I 65 48.04 -54.70 -43.98
CA LEU I 65 47.16 -53.89 -44.83
C LEU I 65 46.00 -54.66 -45.39
N GLY I 66 46.24 -55.94 -45.73
CA GLY I 66 45.20 -56.91 -46.01
C GLY I 66 44.22 -57.12 -44.87
N LYS I 67 44.74 -57.46 -43.68
CA LYS I 67 43.87 -57.83 -42.54
C LYS I 67 43.12 -56.64 -41.97
N ALA I 68 43.78 -55.47 -41.95
CA ALA I 68 43.14 -54.17 -41.64
C ALA I 68 41.98 -53.80 -42.58
N TRP I 69 42.07 -54.19 -43.84
CA TRP I 69 40.98 -54.07 -44.78
C TRP I 69 39.87 -55.10 -44.48
N GLU I 70 40.27 -56.34 -44.18
CA GLU I 70 39.35 -57.49 -43.98
C GLU I 70 38.49 -57.38 -42.73
N VAL I 71 39.01 -56.74 -41.69
CA VAL I 71 38.25 -56.58 -40.44
C VAL I 71 37.39 -55.32 -40.40
N ASN I 72 37.77 -54.33 -41.22
CA ASN I 72 37.00 -53.07 -41.40
C ASN I 72 35.61 -53.27 -42.03
N LYS I 73 35.44 -54.40 -42.72
CA LYS I 73 34.16 -54.82 -43.29
C LYS I 73 33.09 -55.12 -42.24
N GLY I 74 33.50 -55.52 -41.04
CA GLY I 74 32.58 -55.80 -39.98
C GLY I 74 32.74 -54.92 -38.77
N THR I 75 33.75 -54.04 -38.79
CA THR I 75 33.98 -53.12 -37.67
C THR I 75 33.74 -51.63 -37.98
N ASN I 76 34.06 -51.20 -39.23
CA ASN I 76 34.05 -49.75 -39.65
C ASN I 76 34.96 -48.84 -38.75
N CYS I 77 36.22 -49.20 -38.71
CA CYS I 77 37.16 -48.60 -37.79
C CYS I 77 38.13 -47.73 -38.52
N VAL I 78 38.34 -48.01 -39.80
CA VAL I 78 39.35 -47.30 -40.60
C VAL I 78 38.72 -46.10 -41.30
N THR I 79 39.34 -44.95 -41.11
CA THR I 79 38.80 -43.66 -41.48
C THR I 79 39.48 -43.16 -42.78
N SER I 80 40.78 -43.45 -42.90
CA SER I 80 41.62 -42.98 -44.00
C SER I 80 42.87 -43.83 -44.10
N TYR I 81 43.31 -44.09 -45.34
CA TYR I 81 44.61 -44.73 -45.62
C TYR I 81 45.66 -43.67 -45.80
N LEU I 82 46.76 -43.81 -45.07
CA LEU I 82 47.74 -42.73 -44.91
C LEU I 82 48.80 -42.79 -45.99
N THR I 83 48.41 -42.31 -47.18
CA THR I 83 48.86 -42.82 -48.51
C THR I 83 50.37 -42.97 -48.69
N ASP I 84 51.11 -41.97 -48.16
CA ASP I 84 52.57 -41.87 -48.34
C ASP I 84 53.41 -42.73 -47.35
N CYS I 85 52.82 -43.85 -46.90
CA CYS I 85 53.56 -45.11 -46.70
C CYS I 85 53.91 -45.76 -48.05
N GLU I 86 54.67 -46.87 -48.01
CA GLU I 86 55.46 -47.44 -49.18
C GLU I 86 56.65 -46.58 -49.68
N THR I 87 56.55 -45.24 -49.54
CA THR I 87 57.73 -44.36 -49.41
C THR I 87 58.29 -44.38 -47.98
N GLN I 88 57.45 -44.75 -47.01
CA GLN I 88 57.87 -45.00 -45.63
C GLN I 88 58.45 -46.42 -45.41
N LEU I 89 58.16 -47.34 -46.34
CA LEU I 89 58.86 -48.62 -46.43
C LEU I 89 60.21 -48.50 -47.15
N SER I 90 60.25 -47.58 -48.14
CA SER I 90 61.42 -47.29 -49.00
C SER I 90 62.70 -46.96 -48.20
N GLN I 91 62.60 -45.95 -47.33
CA GLN I 91 63.65 -45.58 -46.40
C GLN I 91 63.08 -45.47 -44.97
N ALA I 92 62.75 -46.63 -44.40
CA ALA I 92 62.65 -46.81 -42.95
C ALA I 92 64.05 -47.06 -42.40
N PRO I 93 64.51 -46.24 -41.44
CA PRO I 93 65.88 -46.36 -40.87
C PRO I 93 66.16 -47.73 -40.21
N ARG I 94 67.30 -48.34 -40.55
CA ARG I 94 67.51 -49.79 -40.44
C ARG I 94 67.79 -50.32 -39.01
N GLN I 95 68.21 -49.43 -38.11
CA GLN I 95 68.53 -49.79 -36.72
C GLN I 95 67.50 -49.27 -35.69
N GLY I 96 66.41 -48.66 -36.18
CA GLY I 96 65.30 -48.22 -35.35
C GLY I 96 64.52 -49.39 -34.80
N LEU I 97 64.05 -49.25 -33.55
CA LEU I 97 63.57 -50.40 -32.74
C LEU I 97 62.22 -51.00 -33.16
N LEU I 98 61.47 -50.24 -33.93
CA LEU I 98 60.25 -50.73 -34.53
C LEU I 98 60.35 -50.74 -36.05
N TYR I 99 61.48 -51.28 -36.58
CA TYR I 99 61.87 -51.08 -37.99
C TYR I 99 60.82 -51.56 -38.99
N GLY I 100 60.26 -52.73 -38.76
CA GLY I 100 59.32 -53.27 -39.73
C GLY I 100 57.92 -52.75 -39.61
N VAL I 101 57.57 -52.27 -38.42
CA VAL I 101 56.23 -52.40 -37.85
C VAL I 101 55.17 -51.45 -38.48
N PRO I 102 54.06 -52.00 -38.97
CA PRO I 102 52.90 -51.18 -39.29
C PRO I 102 52.17 -50.74 -38.00
N VAL I 103 52.04 -49.42 -37.78
CA VAL I 103 51.24 -48.91 -36.65
C VAL I 103 49.94 -48.21 -37.08
N SER I 104 48.91 -48.35 -36.27
CA SER I 104 47.71 -47.59 -36.50
C SER I 104 47.62 -46.35 -35.61
N LEU I 105 46.90 -45.32 -36.07
CA LEU I 105 46.77 -44.05 -35.33
C LEU I 105 45.35 -43.71 -35.10
N LYS I 106 45.03 -43.36 -33.84
CA LYS I 106 43.82 -42.62 -33.51
C LYS I 106 43.79 -41.34 -34.33
N GLU I 107 42.64 -41.07 -34.96
CA GLU I 107 42.43 -39.96 -35.95
C GLU I 107 43.04 -38.59 -35.56
N CYS I 108 43.01 -38.31 -34.25
CA CYS I 108 43.48 -37.05 -33.64
C CYS I 108 45.02 -36.83 -33.69
N PHE I 109 45.78 -37.91 -33.94
CA PHE I 109 47.22 -37.81 -34.20
C PHE I 109 47.45 -37.26 -35.58
N SER I 110 47.87 -35.99 -35.64
CA SER I 110 47.95 -35.29 -36.91
C SER I 110 49.08 -35.78 -37.81
N TYR I 111 48.73 -36.00 -39.06
CA TYR I 111 49.58 -36.58 -40.09
C TYR I 111 49.53 -35.65 -41.32
N LYS I 112 50.70 -35.42 -41.96
CA LYS I 112 50.84 -34.47 -43.09
C LYS I 112 49.90 -34.77 -44.28
N GLY I 113 49.11 -33.78 -44.63
CA GLY I 113 48.16 -33.90 -45.72
C GLY I 113 46.89 -34.68 -45.42
N HIS I 114 46.61 -34.94 -44.14
CA HIS I 114 45.46 -35.71 -43.72
C HIS I 114 44.60 -35.00 -42.68
N ASP I 115 43.30 -35.31 -42.71
CA ASP I 115 42.32 -34.68 -41.88
C ASP I 115 42.29 -35.30 -40.50
N SER I 116 42.36 -34.46 -39.48
CA SER I 116 41.98 -34.90 -38.14
C SER I 116 40.67 -34.25 -37.75
N THR I 117 39.62 -34.57 -38.51
CA THR I 117 38.24 -34.26 -38.14
C THR I 117 37.96 -35.08 -36.94
N LEU I 118 37.36 -34.54 -35.93
CA LEU I 118 37.17 -35.38 -34.78
C LEU I 118 35.81 -35.98 -34.81
N GLY I 119 35.23 -36.14 -35.99
CA GLY I 119 33.81 -36.34 -36.13
C GLY I 119 33.07 -35.05 -36.36
N LEU I 120 33.83 -33.98 -36.51
CA LEU I 120 33.30 -32.65 -36.54
C LEU I 120 33.50 -32.14 -37.95
N SER I 121 32.39 -31.72 -38.58
CA SER I 121 32.37 -31.12 -39.92
C SER I 121 33.16 -29.81 -40.00
N LEU I 122 33.09 -29.04 -38.91
CA LEU I 122 34.00 -27.92 -38.60
C LEU I 122 35.46 -28.05 -39.14
N ASN I 123 36.12 -29.16 -38.81
CA ASN I 123 37.45 -29.46 -39.39
C ASN I 123 37.48 -30.66 -40.36
N GLU I 124 36.56 -30.64 -41.33
CA GLU I 124 36.56 -31.57 -42.46
C GLU I 124 37.14 -30.90 -43.77
N GLY I 125 37.32 -29.59 -43.73
CA GLY I 125 38.05 -28.89 -44.78
C GLY I 125 39.55 -29.24 -44.84
N MET I 126 40.22 -29.18 -43.68
CA MET I 126 41.65 -28.86 -43.63
C MET I 126 42.58 -30.00 -43.27
N PRO I 127 43.49 -30.33 -44.19
CA PRO I 127 44.62 -31.20 -43.90
C PRO I 127 45.65 -30.49 -43.00
N SER I 128 46.46 -31.28 -42.30
CA SER I 128 47.51 -30.74 -41.42
C SER I 128 48.75 -30.43 -42.21
N GLU I 129 49.42 -29.34 -41.82
CA GLU I 129 50.68 -28.92 -42.41
C GLU I 129 51.84 -29.92 -42.14
N SER I 130 51.81 -30.57 -40.96
CA SER I 130 52.92 -31.40 -40.48
C SER I 130 52.42 -32.67 -39.80
N ASP I 131 53.32 -33.68 -39.69
CA ASP I 131 53.15 -34.82 -38.79
C ASP I 131 53.38 -34.36 -37.38
N CYS I 132 52.61 -34.93 -36.45
CA CYS I 132 52.77 -34.68 -35.03
C CYS I 132 54.03 -35.31 -34.45
N VAL I 133 54.44 -34.88 -33.24
CA VAL I 133 55.78 -35.17 -32.71
C VAL I 133 56.03 -36.66 -32.44
N VAL I 134 55.02 -37.36 -31.94
CA VAL I 134 55.14 -38.79 -31.66
C VAL I 134 55.08 -39.68 -32.93
N VAL I 135 54.39 -39.21 -33.98
CA VAL I 135 54.40 -39.87 -35.30
C VAL I 135 55.72 -39.65 -36.03
N GLN I 136 56.32 -38.44 -35.85
CA GLN I 136 57.70 -38.15 -36.28
C GLN I 136 58.72 -39.17 -35.74
N VAL I 137 58.65 -39.47 -34.42
CA VAL I 137 59.60 -40.40 -33.82
C VAL I 137 59.27 -41.85 -34.07
N LEU I 138 58.03 -42.16 -34.47
CA LEU I 138 57.68 -43.48 -34.97
C LEU I 138 58.39 -43.80 -36.27
N LYS I 139 58.39 -42.82 -37.19
CA LYS I 139 59.00 -42.94 -38.51
C LYS I 139 60.52 -42.88 -38.46
N LEU I 140 61.07 -42.18 -37.47
CA LEU I 140 62.52 -42.13 -37.24
C LEU I 140 63.02 -43.37 -36.49
N GLN I 141 62.10 -44.08 -35.84
CA GLN I 141 62.34 -45.39 -35.24
C GLN I 141 61.78 -46.52 -36.15
N GLY I 142 61.65 -46.24 -37.45
CA GLY I 142 61.45 -47.28 -38.45
C GLY I 142 60.02 -47.65 -38.79
N ALA I 143 59.09 -47.35 -37.89
CA ALA I 143 57.67 -47.73 -38.02
C ALA I 143 56.93 -47.06 -39.16
N VAL I 144 55.80 -47.67 -39.51
CA VAL I 144 55.00 -47.31 -40.66
C VAL I 144 53.54 -47.09 -40.20
N PRO I 145 53.18 -45.85 -39.79
CA PRO I 145 51.75 -45.49 -39.63
C PRO I 145 51.00 -45.58 -40.96
N PHE I 146 49.87 -46.29 -40.96
CA PHE I 146 49.23 -46.74 -42.21
C PHE I 146 47.72 -46.48 -42.30
N VAL I 147 47.02 -46.51 -41.16
CA VAL I 147 45.61 -46.04 -41.09
C VAL I 147 45.38 -44.98 -40.00
N HIS I 148 44.42 -44.11 -40.25
CA HIS I 148 43.79 -43.34 -39.20
C HIS I 148 42.56 -44.10 -38.72
N THR I 149 42.36 -44.16 -37.40
CA THR I 149 41.24 -44.93 -36.85
C THR I 149 40.10 -44.11 -36.24
N ASN I 150 38.88 -44.65 -36.35
CA ASN I 150 37.63 -43.94 -36.04
C ASN I 150 37.46 -43.56 -34.57
N VAL I 151 37.00 -42.33 -34.36
CA VAL I 151 36.68 -41.79 -33.04
C VAL I 151 35.15 -41.56 -32.95
N PRO I 152 34.57 -41.56 -31.73
CA PRO I 152 33.26 -40.93 -31.53
C PRO I 152 33.31 -39.41 -31.71
N GLN I 153 32.12 -38.80 -31.96
CA GLN I 153 31.99 -37.41 -32.41
C GLN I 153 32.88 -36.35 -31.74
N SER I 154 32.84 -36.17 -30.45
CA SER I 154 33.69 -35.12 -29.96
C SER I 154 35.03 -35.53 -29.40
N MET I 155 35.32 -36.84 -29.54
CA MET I 155 36.14 -37.64 -28.60
C MET I 155 35.63 -37.78 -27.14
N LEU I 156 34.61 -37.02 -26.77
CA LEU I 156 34.16 -37.04 -25.39
C LEU I 156 32.96 -37.94 -25.26
N SER I 157 33.29 -39.23 -25.30
CA SER I 157 32.36 -40.34 -25.39
C SER I 157 33.16 -41.62 -25.28
N PHE I 158 32.60 -42.63 -24.65
CA PHE I 158 33.24 -43.94 -24.62
C PHE I 158 32.50 -45.02 -25.43
N ASP I 159 31.63 -44.54 -26.31
CA ASP I 159 31.23 -45.25 -27.52
C ASP I 159 32.19 -44.88 -28.68
N CYS I 160 31.87 -45.32 -29.91
CA CYS I 160 32.66 -44.97 -31.06
C CYS I 160 31.83 -44.80 -32.31
N SER I 161 31.16 -43.64 -32.41
CA SER I 161 30.37 -43.27 -33.58
C SER I 161 30.35 -41.75 -33.79
N ASN I 162 30.38 -41.34 -35.06
CA ASN I 162 30.33 -39.94 -35.44
C ASN I 162 29.53 -39.75 -36.76
N PRO I 163 28.96 -38.54 -37.03
CA PRO I 163 28.04 -38.37 -38.18
C PRO I 163 28.75 -38.19 -39.52
N LEU I 164 30.08 -38.05 -39.52
CA LEU I 164 30.89 -38.09 -40.75
C LEU I 164 31.18 -39.53 -41.24
N PHE I 165 31.56 -40.42 -40.32
CA PHE I 165 32.10 -41.72 -40.69
C PHE I 165 31.28 -42.94 -40.28
N GLY I 166 30.33 -42.75 -39.36
CA GLY I 166 29.40 -43.78 -38.97
C GLY I 166 29.94 -44.52 -37.78
N GLN I 167 29.31 -45.66 -37.48
CA GLN I 167 29.49 -46.35 -36.21
C GLN I 167 30.49 -47.45 -36.27
N THR I 168 31.44 -47.43 -35.33
CA THR I 168 32.34 -48.55 -35.10
C THR I 168 31.74 -49.62 -34.18
N MET I 169 31.97 -50.89 -34.56
CA MET I 169 31.40 -52.08 -33.90
C MET I 169 32.46 -52.75 -33.05
N ASN I 170 32.04 -53.52 -32.06
CA ASN I 170 32.91 -54.52 -31.41
C ASN I 170 33.20 -55.68 -32.38
N PRO I 171 34.46 -56.17 -32.42
CA PRO I 171 34.80 -57.35 -33.23
C PRO I 171 34.23 -58.65 -32.69
N TRP I 172 33.99 -58.69 -31.39
CA TRP I 172 33.47 -59.90 -30.73
C TRP I 172 31.98 -60.12 -30.99
N LYS I 173 31.18 -59.06 -30.79
CA LYS I 173 29.75 -59.09 -31.07
C LYS I 173 29.35 -57.84 -31.81
N SER I 174 28.39 -57.97 -32.74
CA SER I 174 27.93 -56.84 -33.58
C SER I 174 27.14 -55.76 -32.82
N SER I 175 26.49 -56.17 -31.72
CA SER I 175 25.56 -55.31 -30.99
C SER I 175 26.27 -54.43 -29.96
N LYS I 176 27.56 -54.69 -29.74
CA LYS I 176 28.32 -54.07 -28.65
C LYS I 176 29.19 -52.93 -29.12
N SER I 177 29.43 -51.99 -28.20
CA SER I 177 30.36 -50.89 -28.41
C SER I 177 31.77 -51.44 -28.38
N PRO I 178 32.69 -50.89 -29.20
CA PRO I 178 34.12 -51.24 -29.13
C PRO I 178 34.93 -50.40 -28.11
N GLY I 179 34.23 -49.74 -27.19
CA GLY I 179 34.82 -48.73 -26.35
C GLY I 179 35.09 -47.47 -27.10
N GLY I 180 35.74 -46.56 -26.40
CA GLY I 180 35.97 -45.22 -26.89
C GLY I 180 36.82 -44.46 -25.91
N SER I 181 37.60 -43.51 -26.39
CA SER I 181 37.44 -42.91 -27.69
C SER I 181 38.41 -43.43 -28.71
N SER I 182 39.48 -44.10 -28.27
CA SER I 182 40.31 -44.91 -29.20
C SER I 182 39.61 -46.24 -29.63
N GLY I 183 38.37 -46.14 -30.09
CA GLY I 183 37.50 -47.29 -30.25
C GLY I 183 37.81 -48.00 -31.54
N GLY I 184 38.05 -47.20 -32.59
CA GLY I 184 38.64 -47.64 -33.83
C GLY I 184 39.98 -48.33 -33.68
N GLU I 185 40.83 -47.78 -32.80
CA GLU I 185 42.09 -48.41 -32.40
C GLU I 185 41.91 -49.81 -31.81
N GLY I 186 41.02 -49.92 -30.80
CA GLY I 186 40.70 -51.17 -30.13
C GLY I 186 40.15 -52.25 -31.03
N ALA I 187 39.26 -51.85 -31.95
CA ALA I 187 38.56 -52.77 -32.86
C ALA I 187 39.46 -53.40 -33.93
N LEU I 188 40.59 -52.73 -34.23
CA LEU I 188 41.52 -53.17 -35.26
C LEU I 188 42.61 -54.09 -34.67
N ILE I 189 43.15 -53.74 -33.49
CA ILE I 189 44.22 -54.53 -32.85
C ILE I 189 43.74 -55.92 -32.38
N GLY I 190 42.69 -55.95 -31.55
CA GLY I 190 41.81 -57.13 -31.41
C GLY I 190 41.16 -57.38 -32.76
N SER I 191 40.96 -58.65 -33.11
CA SER I 191 40.74 -59.12 -34.52
C SER I 191 41.92 -58.95 -35.51
N GLY I 192 43.04 -58.38 -35.06
CA GLY I 192 44.35 -58.58 -35.70
C GLY I 192 44.72 -57.76 -36.94
N GLY I 193 43.92 -56.73 -37.26
CA GLY I 193 44.27 -55.73 -38.29
C GLY I 193 45.43 -54.77 -37.98
N SER I 194 45.84 -54.69 -36.71
CA SER I 194 47.08 -54.00 -36.31
C SER I 194 47.86 -54.75 -35.23
N PRO I 195 49.21 -54.72 -35.31
CA PRO I 195 50.07 -55.12 -34.17
C PRO I 195 50.29 -54.03 -33.06
N LEU I 196 49.93 -52.78 -33.35
CA LEU I 196 50.27 -51.65 -32.45
C LEU I 196 49.40 -50.42 -32.76
N GLY I 197 49.08 -49.67 -31.73
CA GLY I 197 48.40 -48.40 -31.91
C GLY I 197 48.78 -47.36 -30.89
N LEU I 198 48.58 -46.10 -31.25
CA LEU I 198 48.50 -45.03 -30.27
C LEU I 198 47.06 -44.57 -30.10
N GLY I 199 46.61 -44.49 -28.84
CA GLY I 199 45.39 -43.76 -28.46
C GLY I 199 45.66 -42.62 -27.47
N THR I 200 44.63 -41.81 -27.16
CA THR I 200 44.71 -40.80 -26.05
C THR I 200 43.72 -41.12 -24.94
N ASP I 201 43.87 -40.43 -23.80
CA ASP I 201 43.14 -40.76 -22.55
C ASP I 201 43.01 -39.55 -21.57
N ILE I 202 41.78 -39.03 -21.46
CA ILE I 202 41.39 -38.01 -20.41
C ILE I 202 40.33 -38.57 -19.40
N GLY I 203 39.78 -39.73 -19.68
CA GLY I 203 38.79 -40.31 -18.79
C GLY I 203 38.63 -41.79 -18.96
N GLY I 204 39.59 -42.43 -19.64
CA GLY I 204 39.56 -43.87 -19.86
C GLY I 204 39.64 -44.32 -21.30
N SER I 205 40.02 -43.41 -22.19
CA SER I 205 39.79 -43.58 -23.63
C SER I 205 40.78 -44.55 -24.32
N ILE I 206 41.84 -44.91 -23.61
CA ILE I 206 42.70 -46.00 -24.01
C ILE I 206 42.17 -47.29 -23.43
N ARG I 207 41.59 -47.17 -22.23
CA ARG I 207 41.39 -48.31 -21.37
C ARG I 207 40.09 -49.00 -21.57
N PHE I 208 39.01 -48.24 -21.83
CA PHE I 208 37.75 -48.85 -22.32
C PHE I 208 37.92 -49.70 -23.63
N PRO I 209 38.53 -49.16 -24.73
CA PRO I 209 38.78 -49.97 -25.94
C PRO I 209 39.62 -51.22 -25.72
N SER I 210 40.70 -51.09 -24.95
CA SER I 210 41.52 -52.21 -24.52
C SER I 210 40.71 -53.25 -23.75
N ALA I 211 39.90 -52.80 -22.78
CA ALA I 211 39.05 -53.71 -22.01
C ALA I 211 37.87 -54.33 -22.77
N PHE I 212 37.30 -53.60 -23.73
CA PHE I 212 36.07 -54.04 -24.40
C PHE I 212 36.39 -54.97 -25.54
N CYS I 213 37.48 -54.67 -26.26
CA CYS I 213 37.93 -55.48 -27.38
C CYS I 213 38.91 -56.57 -26.99
N GLY I 214 39.49 -56.44 -25.81
CA GLY I 214 40.26 -57.52 -25.22
C GLY I 214 41.73 -57.47 -25.50
N ILE I 215 42.27 -56.26 -25.50
CA ILE I 215 43.70 -56.02 -25.73
C ILE I 215 44.32 -55.20 -24.58
N CYS I 216 45.59 -54.86 -24.73
CA CYS I 216 46.34 -54.20 -23.68
C CYS I 216 46.53 -52.72 -24.01
N GLY I 217 46.40 -51.87 -22.99
CA GLY I 217 46.67 -50.45 -23.11
C GLY I 217 47.36 -49.91 -21.89
N LEU I 218 48.25 -48.95 -22.07
CA LEU I 218 48.77 -48.15 -20.96
C LEU I 218 48.60 -46.61 -21.17
N LYS I 219 47.96 -45.97 -20.20
CA LYS I 219 47.95 -44.54 -20.11
C LYS I 219 49.08 -44.09 -19.18
N PRO I 220 50.16 -43.52 -19.70
CA PRO I 220 51.25 -43.08 -18.86
C PRO I 220 50.91 -41.74 -18.12
N THR I 221 51.81 -41.27 -17.22
CA THR I 221 51.71 -39.93 -16.59
C THR I 221 51.60 -38.94 -17.70
N GLY I 222 50.75 -37.95 -17.51
CA GLY I 222 50.29 -37.06 -18.57
C GLY I 222 51.35 -36.40 -19.42
N ASN I 223 52.50 -36.06 -18.82
CA ASN I 223 53.59 -35.40 -19.53
C ASN I 223 54.83 -36.34 -19.75
N ARG I 224 54.58 -37.65 -19.76
CA ARG I 224 55.61 -38.62 -20.17
C ARG I 224 55.86 -38.60 -21.69
N LEU I 225 54.81 -38.45 -22.48
CA LEU I 225 54.94 -38.24 -23.93
C LEU I 225 54.44 -36.83 -24.39
N SER I 226 54.96 -36.37 -25.51
CA SER I 226 54.61 -35.08 -26.06
C SER I 226 53.27 -35.16 -26.73
N LYS I 227 52.57 -34.05 -26.74
CA LYS I 227 51.25 -33.98 -27.33
C LYS I 227 51.23 -32.99 -28.50
N SER I 228 52.43 -32.67 -29.02
CA SER I 228 52.70 -31.42 -29.76
C SER I 228 51.89 -31.15 -31.03
N GLY I 229 51.34 -32.20 -31.63
CA GLY I 229 50.42 -32.00 -32.75
C GLY I 229 49.09 -32.72 -32.62
N LEU I 230 48.66 -32.96 -31.39
CA LEU I 230 47.39 -33.65 -31.14
C LEU I 230 46.25 -32.73 -31.37
N LYS I 231 45.27 -33.18 -32.12
CA LYS I 231 44.02 -32.47 -32.15
C LYS I 231 43.13 -32.86 -30.96
N GLY I 232 42.68 -31.83 -30.25
CA GLY I 232 41.52 -31.92 -29.40
C GLY I 232 40.48 -30.92 -29.85
N CYS I 233 39.31 -30.96 -29.20
CA CYS I 233 38.28 -29.99 -29.49
C CYS I 233 38.14 -28.88 -28.42
N VAL I 234 38.77 -29.08 -27.26
CA VAL I 234 39.06 -27.96 -26.33
C VAL I 234 40.53 -27.99 -25.90
N TYR I 235 41.12 -26.81 -25.79
CA TYR I 235 42.53 -26.67 -25.47
C TYR I 235 42.70 -25.79 -24.23
N GLY I 236 43.70 -26.13 -23.41
CA GLY I 236 44.15 -25.27 -22.32
C GLY I 236 43.66 -25.71 -20.98
N GLN I 237 42.71 -26.62 -20.99
CA GLN I 237 42.32 -27.40 -19.83
C GLN I 237 43.57 -28.19 -19.24
N THR I 238 43.95 -27.84 -17.99
CA THR I 238 45.13 -28.44 -17.34
C THR I 238 44.81 -29.23 -16.07
N ALA I 239 43.61 -29.01 -15.53
CA ALA I 239 43.14 -29.72 -14.34
C ALA I 239 42.31 -30.97 -14.72
N VAL I 240 42.89 -32.19 -14.55
CA VAL I 240 42.54 -33.49 -15.30
C VAL I 240 43.34 -33.71 -16.59
N GLN I 241 44.29 -34.65 -16.51
CA GLN I 241 45.41 -34.66 -17.42
C GLN I 241 45.21 -35.57 -18.64
N LEU I 242 45.44 -35.01 -19.81
CA LEU I 242 45.53 -35.76 -21.04
C LEU I 242 46.82 -36.58 -21.07
N SER I 243 46.77 -37.75 -21.74
CA SER I 243 47.97 -38.52 -22.09
C SER I 243 47.71 -39.42 -23.27
N LEU I 244 48.74 -39.63 -24.07
CA LEU I 244 48.72 -40.60 -25.14
C LEU I 244 49.59 -41.78 -24.80
N GLY I 245 49.25 -42.96 -25.36
CA GLY I 245 49.95 -44.18 -25.03
C GLY I 245 49.63 -45.38 -25.89
N PRO I 246 50.40 -46.47 -25.72
CA PRO I 246 50.37 -47.57 -26.67
C PRO I 246 49.19 -48.51 -26.45
N MET I 247 48.75 -49.13 -27.53
CA MET I 247 47.70 -50.11 -27.50
C MET I 247 48.08 -51.30 -28.35
N ALA I 248 47.95 -52.51 -27.79
CA ALA I 248 48.46 -53.74 -28.42
C ALA I 248 47.85 -55.02 -27.85
N ARG I 249 48.18 -56.16 -28.45
CA ARG I 249 47.72 -57.47 -27.97
C ARG I 249 48.45 -57.95 -26.67
N ASP I 250 49.79 -57.88 -26.64
CA ASP I 250 50.57 -58.25 -25.41
C ASP I 250 51.20 -57.02 -24.74
N VAL I 251 51.56 -57.13 -23.45
CA VAL I 251 52.13 -55.95 -22.71
C VAL I 251 53.60 -55.68 -23.06
N GLU I 252 54.23 -56.68 -23.65
CA GLU I 252 55.58 -56.56 -24.18
C GLU I 252 55.69 -55.59 -25.38
N SER I 253 54.70 -55.65 -26.26
CA SER I 253 54.57 -54.68 -27.35
C SER I 253 54.41 -53.24 -26.83
N LEU I 254 53.64 -53.07 -25.73
CA LEU I 254 53.48 -51.76 -25.06
C LEU I 254 54.80 -51.21 -24.49
N ALA I 255 55.60 -52.09 -23.89
CA ALA I 255 56.91 -51.72 -23.33
C ALA I 255 57.92 -51.42 -24.41
N LEU I 256 57.75 -52.04 -25.59
CA LEU I 256 58.59 -51.77 -26.76
C LEU I 256 58.34 -50.37 -27.31
N CYS I 257 57.08 -50.11 -27.73
CA CYS I 257 56.59 -48.77 -28.11
C CYS I 257 57.00 -47.65 -27.17
N LEU I 258 56.84 -47.88 -25.86
CA LEU I 258 57.33 -46.98 -24.83
C LEU I 258 58.85 -46.79 -24.81
N LYS I 259 59.61 -47.84 -25.15
CA LYS I 259 61.10 -47.76 -25.27
C LYS I 259 61.51 -47.12 -26.62
N ALA I 260 60.67 -47.29 -27.63
CA ALA I 260 60.86 -46.65 -28.92
C ALA I 260 60.60 -45.14 -28.82
N LEU I 261 59.56 -44.78 -28.08
CA LEU I 261 59.13 -43.41 -27.96
C LEU I 261 60.02 -42.55 -27.05
N LEU I 262 60.61 -43.16 -26.02
CA LEU I 262 61.35 -42.41 -24.99
C LEU I 262 62.84 -42.25 -25.30
N CYS I 263 63.13 -41.54 -26.39
CA CYS I 263 64.48 -41.47 -26.97
C CYS I 263 64.94 -40.02 -27.15
N GLU I 264 66.27 -39.85 -27.30
CA GLU I 264 66.92 -38.55 -27.62
C GLU I 264 66.26 -37.70 -28.71
N HIS I 265 65.71 -38.38 -29.74
CA HIS I 265 64.85 -37.75 -30.77
C HIS I 265 63.61 -37.05 -30.21
N LEU I 266 62.92 -37.67 -29.23
CA LEU I 266 61.68 -37.12 -28.64
C LEU I 266 61.98 -36.01 -27.67
N PHE I 267 63.13 -36.09 -27.02
CA PHE I 267 63.48 -35.08 -26.05
C PHE I 267 64.13 -33.86 -26.75
N THR I 268 64.45 -34.02 -28.04
CA THR I 268 64.84 -32.91 -28.89
C THR I 268 63.67 -32.25 -29.68
N LEU I 269 62.88 -33.03 -30.42
CA LEU I 269 61.59 -32.53 -30.91
C LEU I 269 60.56 -32.55 -29.80
N ASP I 270 60.21 -31.37 -29.26
CA ASP I 270 59.55 -31.18 -27.89
C ASP I 270 60.45 -31.34 -26.62
N PRO I 271 61.18 -30.27 -26.26
CA PRO I 271 61.92 -30.22 -24.99
C PRO I 271 61.09 -29.88 -23.76
N THR I 272 59.77 -29.97 -23.82
CA THR I 272 58.91 -29.78 -22.61
C THR I 272 58.68 -31.08 -21.83
N VAL I 273 58.66 -32.21 -22.54
CA VAL I 273 58.77 -33.55 -21.94
C VAL I 273 60.08 -33.69 -21.12
N PRO I 274 60.01 -34.12 -19.85
CA PRO I 274 61.22 -34.43 -19.11
C PRO I 274 61.96 -35.65 -19.74
N PRO I 275 63.26 -35.50 -20.01
CA PRO I 275 64.03 -36.51 -20.72
C PRO I 275 64.35 -37.76 -19.84
N LEU I 276 63.30 -38.58 -19.58
CA LEU I 276 63.42 -39.79 -18.80
C LEU I 276 63.36 -40.99 -19.72
N PRO I 277 64.51 -41.68 -19.89
CA PRO I 277 64.56 -42.93 -20.68
C PRO I 277 63.72 -44.07 -20.08
N PHE I 278 63.42 -45.08 -20.89
CA PHE I 278 62.86 -46.33 -20.39
C PHE I 278 63.90 -47.05 -19.52
N ARG I 279 63.59 -47.18 -18.22
CA ARG I 279 64.41 -47.96 -17.30
C ARG I 279 64.06 -49.42 -17.45
N GLU I 280 64.83 -50.09 -18.32
CA GLU I 280 64.74 -51.54 -18.59
C GLU I 280 64.93 -52.41 -17.33
N GLU I 281 65.78 -51.93 -16.41
CA GLU I 281 66.01 -52.51 -15.08
C GLU I 281 64.73 -52.67 -14.21
N VAL I 282 63.94 -51.58 -14.10
CA VAL I 282 62.70 -51.54 -13.31
C VAL I 282 61.57 -52.33 -14.00
N TYR I 283 61.56 -52.34 -15.34
CA TYR I 283 60.62 -53.17 -16.08
C TYR I 283 60.88 -54.69 -15.98
N ARG I 284 62.15 -55.10 -16.08
CA ARG I 284 62.49 -56.54 -16.18
C ARG I 284 62.61 -57.24 -14.82
N SER I 285 62.52 -56.45 -13.74
CA SER I 285 62.68 -56.91 -12.35
C SER I 285 61.64 -57.95 -11.91
N SER I 286 62.02 -58.79 -10.94
CA SER I 286 61.21 -59.92 -10.47
C SER I 286 61.19 -60.04 -8.92
N ARG I 287 61.61 -58.95 -8.25
CA ARG I 287 61.28 -58.70 -6.84
C ARG I 287 59.76 -58.75 -6.63
N PRO I 288 59.31 -59.43 -5.54
CA PRO I 288 57.91 -59.36 -5.11
C PRO I 288 57.41 -57.93 -4.83
N LEU I 289 56.09 -57.76 -4.92
CA LEU I 289 55.45 -56.46 -4.90
C LEU I 289 54.43 -56.39 -3.78
N ARG I 290 54.40 -55.23 -3.12
CA ARG I 290 53.29 -54.87 -2.24
C ARG I 290 52.12 -54.33 -3.08
N VAL I 291 51.26 -55.25 -3.50
CA VAL I 291 50.09 -54.95 -4.33
C VAL I 291 48.89 -54.52 -3.46
N GLY I 292 48.55 -53.22 -3.53
CA GLY I 292 47.21 -52.74 -3.14
C GLY I 292 46.11 -53.30 -4.03
N TYR I 293 44.96 -53.59 -3.44
CA TYR I 293 43.77 -53.95 -4.25
C TYR I 293 42.48 -53.33 -3.75
N TYR I 294 41.52 -53.19 -4.67
CA TYR I 294 40.09 -53.12 -4.29
C TYR I 294 39.14 -53.83 -5.19
N GLU I 295 38.06 -54.35 -4.60
CA GLU I 295 36.98 -54.96 -5.37
C GLU I 295 36.08 -53.94 -6.03
N THR I 296 35.91 -52.78 -5.37
CA THR I 296 34.98 -51.72 -5.80
C THR I 296 35.39 -50.32 -5.31
N ASP I 297 34.95 -49.29 -6.05
CA ASP I 297 35.15 -47.89 -5.66
C ASP I 297 34.04 -47.34 -4.75
N ASN I 298 32.99 -48.16 -4.58
CA ASN I 298 31.69 -47.79 -3.96
C ASN I 298 30.95 -46.66 -4.67
N TYR I 299 31.03 -46.70 -6.00
CA TYR I 299 30.43 -45.69 -6.83
C TYR I 299 29.73 -46.35 -8.02
N THR I 300 30.51 -46.86 -8.97
CA THR I 300 29.98 -47.75 -10.01
C THR I 300 30.06 -49.13 -9.46
N MET I 301 28.89 -49.78 -9.33
CA MET I 301 28.82 -51.18 -8.91
C MET I 301 29.50 -52.08 -9.96
N PRO I 302 30.44 -52.91 -9.52
CA PRO I 302 31.03 -53.92 -10.37
C PRO I 302 30.05 -54.89 -10.88
N SER I 303 30.13 -55.17 -12.18
CA SER I 303 29.48 -56.32 -12.81
C SER I 303 29.95 -57.64 -12.17
N PRO I 304 29.11 -58.71 -12.23
CA PRO I 304 29.56 -60.06 -11.81
C PRO I 304 30.94 -60.46 -12.37
N ALA I 305 31.14 -60.32 -13.68
CA ALA I 305 32.37 -60.66 -14.35
C ALA I 305 33.58 -59.79 -13.95
N MET I 306 33.33 -58.51 -13.64
CA MET I 306 34.36 -57.58 -13.09
C MET I 306 34.91 -58.03 -11.74
N ARG I 307 33.97 -58.41 -10.85
CA ARG I 307 34.25 -58.76 -9.46
C ARG I 307 35.09 -60.01 -9.41
N ARG I 308 34.74 -60.97 -10.28
CA ARG I 308 35.41 -62.24 -10.40
C ARG I 308 36.78 -62.05 -11.03
N ALA I 309 36.86 -61.21 -12.08
CA ALA I 309 38.13 -60.81 -12.71
C ALA I 309 39.11 -60.31 -11.68
N LEU I 310 38.72 -59.29 -10.91
CA LEU I 310 39.51 -58.81 -9.77
C LEU I 310 39.92 -59.91 -8.77
N ILE I 311 38.92 -60.61 -8.17
CA ILE I 311 39.12 -61.67 -7.13
C ILE I 311 40.11 -62.82 -7.57
N GLU I 312 39.95 -63.30 -8.81
CA GLU I 312 40.82 -64.35 -9.35
C GLU I 312 42.28 -63.93 -9.52
N THR I 313 42.54 -62.74 -10.13
CA THR I 313 43.94 -62.21 -10.25
C THR I 313 44.54 -61.73 -8.94
N LYS I 314 43.68 -61.32 -8.01
CA LYS I 314 44.08 -61.06 -6.61
C LYS I 314 44.73 -62.32 -6.00
N GLN I 315 44.18 -63.49 -6.29
CA GLN I 315 44.62 -64.74 -5.66
C GLN I 315 45.89 -65.28 -6.30
N ARG I 316 46.03 -65.09 -7.61
CA ARG I 316 47.19 -65.60 -8.38
C ARG I 316 48.45 -64.84 -8.03
N LEU I 317 48.31 -63.53 -7.77
CA LEU I 317 49.42 -62.68 -7.34
C LEU I 317 49.88 -63.06 -5.95
N GLU I 318 48.92 -63.46 -5.11
CA GLU I 318 49.19 -63.91 -3.73
C GLU I 318 49.89 -65.25 -3.73
N ALA I 319 49.46 -66.12 -4.65
CA ALA I 319 50.06 -67.43 -4.89
C ALA I 319 51.52 -67.35 -5.37
N ALA I 320 51.84 -66.32 -6.16
CA ALA I 320 53.19 -66.16 -6.71
C ALA I 320 54.08 -65.17 -5.90
N GLY I 321 53.71 -64.96 -4.64
CA GLY I 321 54.63 -64.39 -3.67
C GLY I 321 54.25 -63.01 -3.17
N HIS I 322 53.53 -62.25 -4.01
CA HIS I 322 53.18 -60.87 -3.71
C HIS I 322 52.15 -60.76 -2.60
N THR I 323 52.42 -59.84 -1.69
CA THR I 323 51.53 -59.55 -0.60
C THR I 323 50.38 -58.64 -1.08
N LEU I 324 49.14 -59.03 -0.73
CA LEU I 324 47.91 -58.34 -1.17
C LEU I 324 47.17 -57.60 -0.04
N ILE I 325 47.22 -56.27 -0.11
CA ILE I 325 46.76 -55.37 0.95
C ILE I 325 45.51 -54.58 0.46
N PRO I 326 44.39 -54.65 1.20
CA PRO I 326 43.22 -53.77 0.93
C PRO I 326 43.56 -52.26 0.95
N PHE I 327 43.29 -51.63 -0.18
CA PHE I 327 43.54 -50.22 -0.37
C PHE I 327 42.37 -49.61 -1.12
N LEU I 328 41.95 -48.42 -0.68
CA LEU I 328 40.95 -47.63 -1.40
C LEU I 328 41.24 -46.16 -1.15
N PRO I 329 41.46 -45.40 -2.24
CA PRO I 329 41.78 -43.96 -2.13
C PRO I 329 40.69 -43.18 -1.40
N ASN I 330 41.10 -42.31 -0.48
CA ASN I 330 40.19 -41.39 0.18
C ASN I 330 39.39 -40.53 -0.81
N ASN I 331 38.10 -40.41 -0.53
CA ASN I 331 37.23 -39.36 -1.10
C ASN I 331 37.03 -39.46 -2.59
N ILE I 332 36.78 -40.69 -3.04
CA ILE I 332 36.38 -40.95 -4.41
C ILE I 332 35.12 -40.15 -4.95
N PRO I 333 33.97 -40.05 -4.22
CA PRO I 333 32.87 -39.21 -4.72
C PRO I 333 33.24 -37.71 -4.83
N TYR I 334 34.09 -37.22 -3.93
CA TYR I 334 34.66 -35.86 -3.99
C TYR I 334 35.56 -35.69 -5.24
N ALA I 335 36.31 -36.75 -5.56
CA ALA I 335 37.23 -36.76 -6.66
C ALA I 335 36.51 -36.86 -8.00
N LEU I 336 35.35 -37.51 -7.99
CA LEU I 336 34.56 -37.72 -9.20
C LEU I 336 33.70 -36.54 -9.54
N GLU I 337 32.94 -36.09 -8.55
CA GLU I 337 31.87 -35.12 -8.74
C GLU I 337 32.33 -33.68 -8.73
N VAL I 338 33.29 -33.35 -7.86
CA VAL I 338 33.81 -31.99 -7.79
C VAL I 338 35.20 -31.81 -8.43
N LEU I 339 36.07 -32.81 -8.32
CA LEU I 339 37.39 -32.69 -8.94
C LEU I 339 37.44 -33.01 -10.44
N SER I 340 37.06 -34.25 -10.82
CA SER I 340 37.05 -34.69 -12.25
C SER I 340 36.04 -33.93 -13.09
N ALA I 341 34.76 -34.06 -12.76
CA ALA I 341 33.67 -33.51 -13.56
C ALA I 341 33.69 -31.98 -13.65
N GLY I 342 33.97 -31.33 -12.50
CA GLY I 342 34.25 -29.90 -12.42
C GLY I 342 35.51 -29.45 -13.19
N GLY I 343 36.56 -30.28 -13.19
CA GLY I 343 37.77 -30.03 -13.98
C GLY I 343 37.56 -30.06 -15.49
N LEU I 344 36.61 -30.89 -15.93
CA LEU I 344 36.32 -31.06 -17.35
C LEU I 344 35.29 -30.07 -17.87
N PHE I 345 34.44 -29.57 -16.97
CA PHE I 345 33.34 -28.67 -17.35
C PHE I 345 33.34 -27.33 -16.56
N SER I 346 34.53 -26.81 -16.20
CA SER I 346 34.65 -25.52 -15.45
C SER I 346 33.98 -24.32 -16.18
N ASP I 347 34.04 -24.34 -17.52
CA ASP I 347 33.60 -23.24 -18.37
C ASP I 347 32.11 -23.32 -18.83
N GLY I 348 31.36 -24.28 -18.25
CA GLY I 348 29.98 -24.53 -18.64
C GLY I 348 29.86 -25.44 -19.85
N GLY I 349 31.00 -25.74 -20.46
CA GLY I 349 31.07 -26.45 -21.73
C GLY I 349 30.92 -25.53 -22.92
N ARG I 350 31.23 -24.24 -22.75
CA ARG I 350 31.09 -23.28 -23.86
C ARG I 350 32.07 -23.58 -25.00
N SER I 351 33.38 -23.65 -24.66
CA SER I 351 34.46 -24.06 -25.60
C SER I 351 34.17 -25.38 -26.35
N PHE I 352 33.63 -26.35 -25.62
CA PHE I 352 33.15 -27.61 -26.17
C PHE I 352 32.02 -27.49 -27.15
N LEU I 353 31.03 -26.65 -26.85
CA LEU I 353 29.79 -26.59 -27.64
C LEU I 353 29.95 -25.84 -28.92
N GLN I 354 30.96 -24.95 -28.96
CA GLN I 354 31.39 -24.23 -30.18
C GLN I 354 31.87 -25.10 -31.34
N ASN I 355 32.18 -26.37 -31.07
CA ASN I 355 32.47 -27.35 -32.10
C ASN I 355 31.23 -27.84 -32.82
N PHE I 356 30.05 -27.65 -32.22
CA PHE I 356 28.80 -28.28 -32.68
C PHE I 356 27.84 -27.36 -33.42
N LYS I 357 28.25 -26.09 -33.58
CA LYS I 357 27.42 -25.02 -34.16
C LYS I 357 27.12 -25.30 -35.60
N GLY I 358 25.86 -25.66 -35.87
CA GLY I 358 25.39 -26.00 -37.20
C GLY I 358 25.51 -27.47 -37.56
N ASP I 359 26.12 -28.27 -36.67
CA ASP I 359 26.41 -29.70 -36.91
C ASP I 359 25.22 -30.58 -36.53
N PHE I 360 25.24 -31.83 -37.00
CA PHE I 360 24.50 -32.91 -36.34
C PHE I 360 25.15 -33.26 -34.98
N VAL I 361 24.31 -33.61 -34.00
CA VAL I 361 24.78 -34.36 -32.86
C VAL I 361 24.47 -35.83 -33.05
N ASP I 362 25.41 -36.66 -32.64
CA ASP I 362 25.40 -38.08 -32.89
C ASP I 362 24.63 -38.74 -31.74
N PRO I 363 23.75 -39.71 -32.06
CA PRO I 363 22.96 -40.47 -31.06
C PRO I 363 23.73 -41.15 -29.92
N CYS I 364 25.04 -41.37 -30.08
CA CYS I 364 25.90 -41.91 -29.03
C CYS I 364 26.36 -40.86 -27.99
N LEU I 365 26.02 -39.60 -28.22
CA LEU I 365 26.31 -38.52 -27.25
C LEU I 365 25.15 -38.28 -26.29
N GLY I 366 24.01 -38.90 -26.59
CA GLY I 366 22.81 -38.81 -25.77
C GLY I 366 22.32 -37.40 -25.61
N ASP I 367 22.05 -37.04 -24.38
CA ASP I 367 21.47 -35.75 -24.10
C ASP I 367 22.50 -34.71 -23.67
N LEU I 368 23.79 -35.09 -23.70
CA LEU I 368 24.89 -34.29 -23.12
C LEU I 368 25.04 -32.91 -23.78
N ILE I 369 24.85 -32.89 -25.09
CA ILE I 369 24.86 -31.65 -25.84
C ILE I 369 23.66 -30.75 -25.47
N LEU I 370 22.47 -31.35 -25.37
CA LEU I 370 21.25 -30.64 -24.99
C LEU I 370 21.35 -30.05 -23.57
N ILE I 371 21.93 -30.82 -22.65
CA ILE I 371 22.03 -30.47 -21.24
C ILE I 371 23.12 -29.39 -20.97
N LEU I 372 24.24 -29.44 -21.71
CA LEU I 372 25.26 -28.37 -21.67
C LEU I 372 24.75 -27.04 -22.28
N ARG I 373 23.80 -27.14 -23.22
CA ARG I 373 23.12 -25.99 -23.84
C ARG I 373 22.05 -25.31 -22.94
N LEU I 374 21.55 -26.04 -21.91
CA LEU I 374 20.59 -25.49 -20.93
C LEU I 374 21.25 -24.32 -20.19
N PRO I 375 20.50 -23.25 -19.90
CA PRO I 375 21.08 -22.06 -19.25
C PRO I 375 21.57 -22.32 -17.82
N SER I 376 22.48 -21.46 -17.35
CA SER I 376 23.08 -21.56 -16.01
C SER I 376 22.07 -21.67 -14.90
N TRP I 377 21.13 -20.71 -14.81
CA TRP I 377 20.06 -20.70 -13.76
C TRP I 377 19.27 -22.03 -13.71
N PHE I 378 19.04 -22.64 -14.88
CA PHE I 378 18.22 -23.82 -15.00
C PHE I 378 18.97 -25.12 -14.64
N LYS I 379 20.26 -25.15 -14.97
CA LYS I 379 21.18 -26.15 -14.44
C LYS I 379 21.15 -26.12 -12.92
N ARG I 380 21.40 -24.94 -12.33
CA ARG I 380 21.43 -24.74 -10.87
C ARG I 380 20.11 -24.99 -10.17
N LEU I 381 18.97 -24.77 -10.86
CA LEU I 381 17.64 -25.04 -10.28
C LEU I 381 17.36 -26.54 -10.25
N LEU I 382 17.63 -27.23 -11.38
CA LEU I 382 17.57 -28.71 -11.47
C LEU I 382 18.51 -29.38 -10.48
N SER I 383 19.68 -28.78 -10.28
CA SER I 383 20.70 -29.27 -9.35
C SER I 383 20.16 -29.51 -7.94
N LEU I 384 19.74 -28.44 -7.25
CA LEU I 384 19.17 -28.60 -5.90
C LEU I 384 17.73 -29.15 -5.83
N LEU I 385 17.07 -29.25 -6.97
CA LEU I 385 15.82 -30.00 -7.09
C LEU I 385 16.06 -31.52 -7.11
N LEU I 386 17.15 -31.95 -7.76
CA LEU I 386 17.52 -33.37 -7.79
C LEU I 386 18.18 -33.91 -6.50
N LYS I 387 18.82 -33.02 -5.71
CA LYS I 387 19.69 -33.44 -4.55
C LYS I 387 19.08 -34.34 -3.41
N PRO I 388 17.79 -34.14 -3.00
CA PRO I 388 17.05 -35.21 -2.28
C PRO I 388 16.97 -36.56 -3.01
N LEU I 389 16.53 -36.59 -4.25
CA LEU I 389 16.22 -37.86 -4.90
C LEU I 389 17.49 -38.55 -5.41
N PHE I 390 18.13 -37.93 -6.40
CA PHE I 390 19.16 -38.55 -7.19
C PHE I 390 20.47 -37.75 -7.03
N PRO I 391 21.30 -38.09 -6.04
CA PRO I 391 22.37 -37.17 -5.59
C PRO I 391 23.56 -37.07 -6.55
N ARG I 392 23.78 -38.11 -7.34
CA ARG I 392 24.87 -38.19 -8.34
C ARG I 392 24.60 -37.25 -9.49
N LEU I 393 23.35 -37.26 -9.92
CA LEU I 393 22.83 -36.44 -10.99
C LEU I 393 22.83 -34.95 -10.62
N ALA I 394 22.56 -34.66 -9.34
CA ALA I 394 22.66 -33.32 -8.74
C ALA I 394 24.07 -32.73 -8.83
N ALA I 395 25.07 -33.59 -8.60
CA ALA I 395 26.46 -33.17 -8.62
C ALA I 395 27.01 -33.13 -10.03
N PHE I 396 26.34 -33.83 -10.95
CA PHE I 396 26.66 -33.81 -12.40
C PHE I 396 26.33 -32.46 -13.03
N LEU I 397 25.12 -31.96 -12.75
CA LEU I 397 24.64 -30.67 -13.26
C LEU I 397 25.32 -29.49 -12.58
N ASN I 398 25.73 -29.70 -11.32
CA ASN I 398 26.46 -28.69 -10.58
C ASN I 398 27.85 -28.44 -11.16
N SER I 399 28.43 -29.47 -11.78
CA SER I 399 29.83 -29.48 -12.25
C SER I 399 29.96 -28.82 -13.60
N MET I 400 28.84 -28.74 -14.29
CA MET I 400 28.71 -27.96 -15.51
C MET I 400 28.38 -26.48 -15.26
N ARG I 401 28.33 -26.05 -14.00
CA ARG I 401 28.07 -24.63 -13.68
C ARG I 401 29.33 -23.81 -14.06
N PRO I 402 29.13 -22.71 -14.81
CA PRO I 402 30.24 -21.94 -15.35
C PRO I 402 30.95 -21.18 -14.25
N ARG I 403 32.25 -21.43 -14.15
CA ARG I 403 33.05 -20.94 -13.04
C ARG I 403 33.88 -19.74 -13.50
N SER I 404 34.46 -19.03 -12.52
CA SER I 404 35.44 -17.96 -12.78
C SER I 404 36.86 -18.54 -12.67
N ALA I 405 37.87 -17.74 -13.01
CA ALA I 405 39.28 -18.13 -12.86
C ALA I 405 39.69 -18.15 -11.40
N GLU I 406 39.00 -17.37 -10.55
CA GLU I 406 39.12 -17.47 -9.10
C GLU I 406 38.73 -18.81 -8.55
N LYS I 407 37.71 -19.42 -9.16
CA LYS I 407 37.20 -20.68 -8.69
C LYS I 407 37.95 -21.90 -9.27
N LEU I 408 38.44 -21.74 -10.51
CA LEU I 408 39.32 -22.71 -11.13
C LEU I 408 40.70 -22.79 -10.46
N TRP I 409 41.23 -21.64 -10.04
CA TRP I 409 42.42 -21.60 -9.20
C TRP I 409 42.28 -22.37 -7.91
N LYS I 410 41.14 -22.19 -7.21
CA LYS I 410 40.81 -23.05 -6.07
C LYS I 410 40.66 -24.53 -6.48
N LEU I 411 39.99 -24.80 -7.62
CA LEU I 411 39.73 -26.17 -8.09
C LEU I 411 41.02 -26.89 -8.43
N GLN I 412 41.97 -26.17 -9.05
CA GLN I 412 43.34 -26.66 -9.30
C GLN I 412 44.08 -27.03 -8.00
N HIS I 413 44.15 -26.09 -7.06
CA HIS I 413 44.80 -26.34 -5.78
C HIS I 413 44.19 -27.51 -4.99
N GLU I 414 42.86 -27.64 -5.02
CA GLU I 414 42.16 -28.83 -4.48
C GLU I 414 42.64 -30.17 -5.15
N ILE I 415 42.93 -30.12 -6.46
CA ILE I 415 43.36 -31.29 -7.25
C ILE I 415 44.83 -31.68 -6.91
N GLU I 416 45.69 -30.66 -6.75
CA GLU I 416 47.08 -30.92 -6.30
C GLU I 416 47.18 -31.43 -4.85
N MET I 417 46.25 -31.00 -4.00
CA MET I 417 46.20 -31.40 -2.60
C MET I 417 45.61 -32.77 -2.45
N TYR I 418 44.78 -33.17 -3.40
CA TYR I 418 44.21 -34.51 -3.38
C TYR I 418 45.28 -35.54 -3.78
N ARG I 419 46.06 -35.16 -4.82
CA ARG I 419 47.24 -35.89 -5.31
C ARG I 419 48.21 -36.25 -4.21
N GLN I 420 48.56 -35.24 -3.41
CA GLN I 420 49.37 -35.40 -2.25
C GLN I 420 48.72 -36.31 -1.20
N SER I 421 47.41 -36.13 -0.97
CA SER I 421 46.68 -36.90 0.07
C SER I 421 46.68 -38.41 -0.23
N VAL I 422 46.57 -38.77 -1.51
CA VAL I 422 46.50 -40.18 -1.94
C VAL I 422 47.91 -40.79 -1.98
N ILE I 423 48.91 -39.98 -2.37
CA ILE I 423 50.32 -40.40 -2.30
C ILE I 423 50.77 -40.63 -0.82
N ALA I 424 50.27 -39.82 0.11
CA ALA I 424 50.50 -40.06 1.55
C ALA I 424 49.79 -41.34 2.08
N GLN I 425 48.65 -41.66 1.47
CA GLN I 425 47.93 -42.92 1.76
C GLN I 425 48.59 -44.14 1.09
N TRP I 426 49.32 -43.89 -0.01
CA TRP I 426 50.17 -44.91 -0.69
C TRP I 426 51.40 -45.31 0.15
N LYS I 427 52.02 -44.34 0.83
CA LYS I 427 53.29 -44.55 1.55
C LYS I 427 53.09 -45.19 2.88
N ALA I 428 52.06 -44.73 3.60
CA ALA I 428 51.67 -45.30 4.92
C ALA I 428 51.19 -46.76 4.85
N MET I 429 50.74 -47.19 3.67
CA MET I 429 50.48 -48.62 3.41
C MET I 429 51.67 -49.33 2.73
N ASN I 430 52.69 -48.54 2.36
CA ASN I 430 53.95 -49.03 1.73
C ASN I 430 53.84 -49.82 0.40
N LEU I 431 52.84 -49.47 -0.43
CA LEU I 431 52.59 -50.15 -1.73
C LEU I 431 53.67 -49.86 -2.79
N ASP I 432 53.74 -50.75 -3.79
CA ASP I 432 54.52 -50.54 -5.00
C ASP I 432 53.62 -50.21 -6.16
N VAL I 433 52.36 -50.64 -6.07
CA VAL I 433 51.50 -50.91 -7.22
C VAL I 433 50.07 -51.27 -6.75
N LEU I 434 49.07 -51.10 -7.64
CA LEU I 434 47.64 -51.12 -7.23
C LEU I 434 46.73 -51.91 -8.22
N LEU I 435 45.84 -52.74 -7.67
CA LEU I 435 44.94 -53.54 -8.51
C LEU I 435 43.48 -53.15 -8.37
N THR I 436 42.84 -52.92 -9.52
CA THR I 436 41.58 -52.18 -9.64
C THR I 436 40.71 -52.98 -10.64
N PRO I 437 39.38 -53.01 -10.44
CA PRO I 437 38.51 -53.56 -11.49
C PRO I 437 38.41 -52.55 -12.61
N MET I 438 38.19 -53.05 -13.80
CA MET I 438 38.09 -52.20 -14.96
C MET I 438 36.74 -52.46 -15.59
N LEU I 439 36.03 -51.37 -15.95
CA LEU I 439 34.63 -51.42 -16.37
C LEU I 439 34.32 -52.59 -17.29
N GLY I 440 33.25 -53.32 -16.94
CA GLY I 440 33.01 -54.70 -17.35
C GLY I 440 32.79 -55.01 -18.81
N PRO I 441 31.89 -55.98 -19.11
CA PRO I 441 31.74 -56.46 -20.50
C PRO I 441 31.25 -55.33 -21.41
N ALA I 442 31.61 -55.39 -22.70
CA ALA I 442 31.31 -54.33 -23.63
C ALA I 442 29.84 -53.95 -23.59
N LEU I 443 29.59 -52.66 -23.39
CA LEU I 443 28.25 -52.11 -23.28
C LEU I 443 27.56 -52.24 -24.60
N ASP I 444 26.25 -52.41 -24.56
CA ASP I 444 25.38 -52.31 -25.76
C ASP I 444 25.54 -50.97 -26.52
N LEU I 445 25.08 -50.94 -27.78
CA LEU I 445 25.58 -49.98 -28.76
C LEU I 445 25.41 -48.50 -28.40
N ASN I 446 24.17 -48.00 -28.35
CA ASN I 446 23.97 -46.57 -28.07
C ASN I 446 23.85 -46.16 -26.59
N THR I 447 24.49 -46.96 -25.72
CA THR I 447 24.37 -46.85 -24.23
C THR I 447 25.49 -46.12 -23.37
N PRO I 448 26.79 -46.07 -23.81
CA PRO I 448 27.81 -45.30 -23.07
C PRO I 448 27.55 -43.81 -22.82
N GLY I 449 26.82 -43.15 -23.72
CA GLY I 449 26.32 -41.78 -23.47
C GLY I 449 25.32 -41.67 -22.31
N ARG I 450 24.55 -42.73 -22.07
CA ARG I 450 23.47 -42.72 -21.08
C ARG I 450 23.92 -43.31 -19.76
N ALA I 451 25.23 -43.57 -19.63
CA ALA I 451 25.80 -44.25 -18.47
C ALA I 451 27.11 -43.59 -18.02
N THR I 452 27.07 -42.28 -17.85
CA THR I 452 28.24 -41.45 -17.60
C THR I 452 29.09 -41.83 -16.35
N GLY I 453 28.41 -42.31 -15.30
CA GLY I 453 29.07 -42.73 -14.07
C GLY I 453 29.97 -43.98 -14.19
N ALA I 454 29.75 -44.79 -15.23
CA ALA I 454 30.55 -45.98 -15.47
C ALA I 454 32.05 -45.72 -15.78
N ILE I 455 32.40 -44.46 -16.08
CA ILE I 455 33.81 -44.06 -16.15
C ILE I 455 34.49 -43.85 -14.77
N SER I 456 33.76 -44.10 -13.68
CA SER I 456 34.27 -43.78 -12.33
C SER I 456 35.66 -44.38 -12.01
N TYR I 457 35.86 -45.65 -12.47
CA TYR I 457 37.11 -46.41 -12.27
C TYR I 457 38.34 -45.81 -12.95
N THR I 458 38.16 -45.38 -14.20
CA THR I 458 39.25 -44.87 -15.03
C THR I 458 39.65 -43.39 -14.71
N VAL I 459 38.65 -42.48 -14.72
CA VAL I 459 38.86 -41.00 -14.65
C VAL I 459 39.54 -40.50 -13.36
N LEU I 460 39.47 -41.33 -12.31
CA LEU I 460 40.17 -41.10 -11.05
C LEU I 460 41.70 -40.96 -11.22
N TYR I 461 42.24 -41.61 -12.26
CA TYR I 461 43.69 -41.75 -12.47
C TYR I 461 44.19 -40.86 -13.60
N ASN I 462 43.23 -40.27 -14.31
CA ASN I 462 43.43 -39.02 -15.00
C ASN I 462 43.42 -37.88 -14.00
N CYS I 463 42.52 -37.96 -13.04
CA CYS I 463 42.39 -36.96 -12.00
C CYS I 463 43.68 -36.87 -11.12
N LEU I 464 44.26 -38.05 -10.83
CA LEU I 464 45.48 -38.16 -10.02
C LEU I 464 46.74 -38.00 -10.84
N ASP I 465 46.59 -38.14 -12.17
CA ASP I 465 47.71 -38.33 -13.13
C ASP I 465 48.72 -39.45 -12.75
N PHE I 466 48.20 -40.65 -12.50
CA PHE I 466 49.02 -41.84 -12.21
C PHE I 466 49.02 -42.69 -13.51
N PRO I 467 50.09 -43.46 -13.79
CA PRO I 467 50.05 -44.53 -14.82
C PRO I 467 48.99 -45.54 -14.51
N ALA I 468 48.22 -45.93 -15.50
CA ALA I 468 47.21 -46.97 -15.31
C ALA I 468 47.01 -47.76 -16.56
N GLY I 469 47.08 -49.06 -16.43
CA GLY I 469 47.02 -49.93 -17.58
C GLY I 469 45.96 -50.99 -17.51
N VAL I 470 45.61 -51.54 -18.65
CA VAL I 470 44.61 -52.59 -18.72
C VAL I 470 45.26 -53.86 -19.25
N VAL I 471 44.99 -54.99 -18.61
CA VAL I 471 45.28 -56.30 -19.22
C VAL I 471 44.07 -57.24 -19.17
N PRO I 472 43.71 -57.86 -20.32
CA PRO I 472 42.61 -58.85 -20.38
C PRO I 472 42.95 -60.13 -19.61
N VAL I 473 41.99 -60.60 -18.81
CA VAL I 473 42.25 -61.63 -17.79
C VAL I 473 41.30 -62.83 -17.85
N THR I 474 40.09 -62.61 -18.37
CA THR I 474 39.00 -63.60 -18.31
C THR I 474 37.90 -63.30 -19.34
N THR I 475 36.99 -64.26 -19.57
CA THR I 475 35.75 -64.00 -20.34
C THR I 475 34.48 -64.22 -19.52
N VAL I 476 33.38 -63.60 -19.98
CA VAL I 476 32.03 -63.75 -19.40
C VAL I 476 31.50 -65.15 -19.61
N THR I 477 31.18 -65.81 -18.50
CA THR I 477 30.53 -67.13 -18.48
C THR I 477 29.00 -66.97 -18.51
N ALA I 478 28.27 -68.08 -18.71
CA ALA I 478 26.80 -68.13 -18.51
C ALA I 478 26.34 -67.72 -17.09
N GLU I 479 27.08 -68.19 -16.07
CA GLU I 479 26.82 -67.85 -14.67
C GLU I 479 27.08 -66.35 -14.33
N ASP I 480 28.05 -65.75 -15.04
CA ASP I 480 28.35 -64.32 -14.97
C ASP I 480 27.21 -63.49 -15.54
N ASP I 481 26.65 -63.96 -16.66
CA ASP I 481 25.60 -63.24 -17.38
C ASP I 481 24.19 -63.52 -16.81
N ALA I 482 24.08 -64.48 -15.89
CA ALA I 482 22.81 -64.78 -15.18
C ALA I 482 22.72 -64.06 -13.83
N GLN I 483 23.87 -63.89 -13.16
CA GLN I 483 23.98 -62.98 -12.00
C GLN I 483 23.82 -61.46 -12.36
N MET I 484 23.83 -61.16 -13.68
CA MET I 484 23.57 -59.82 -14.22
C MET I 484 22.13 -59.34 -13.97
N GLU I 485 21.17 -60.26 -13.91
CA GLU I 485 19.76 -59.92 -13.61
C GLU I 485 19.51 -59.60 -12.12
N LEU I 486 20.47 -59.98 -11.27
CA LEU I 486 20.49 -59.58 -9.86
C LEU I 486 21.41 -58.35 -9.61
N TYR I 487 21.66 -57.54 -10.65
CA TYR I 487 22.42 -56.29 -10.52
C TYR I 487 21.52 -55.18 -10.01
N LYS I 488 21.99 -54.51 -8.97
CA LYS I 488 21.48 -53.20 -8.63
C LYS I 488 22.65 -52.37 -8.16
N GLY I 489 22.85 -51.24 -8.83
CA GLY I 489 23.90 -50.31 -8.46
C GLY I 489 23.67 -49.65 -7.13
N TYR I 490 24.67 -48.92 -6.64
CA TYR I 490 24.61 -48.31 -5.32
C TYR I 490 23.66 -47.09 -5.21
N PHE I 491 23.06 -46.70 -6.35
CA PHE I 491 22.27 -45.50 -6.43
C PHE I 491 20.86 -45.72 -6.99
N GLY I 492 20.70 -46.80 -7.77
CA GLY I 492 19.42 -47.13 -8.42
C GLY I 492 18.91 -46.13 -9.47
N ASP I 493 19.67 -45.03 -9.71
CA ASP I 493 19.33 -44.00 -10.70
C ASP I 493 19.54 -44.43 -12.14
N ILE I 494 19.26 -43.51 -13.06
CA ILE I 494 19.17 -43.79 -14.51
C ILE I 494 20.49 -44.25 -15.19
N TRP I 495 21.64 -43.96 -14.56
CA TRP I 495 22.92 -44.52 -15.02
C TRP I 495 23.04 -46.02 -14.77
N ASP I 496 22.63 -46.45 -13.56
CA ASP I 496 22.65 -47.87 -13.15
C ASP I 496 21.64 -48.73 -13.91
N ILE I 497 20.47 -48.15 -14.20
CA ILE I 497 19.40 -48.83 -14.92
C ILE I 497 19.85 -49.15 -16.35
N ILE I 498 20.47 -48.15 -16.98
CA ILE I 498 21.06 -48.29 -18.29
C ILE I 498 22.28 -49.21 -18.27
N LEU I 499 23.06 -49.15 -17.19
CA LEU I 499 24.23 -50.03 -16.98
C LEU I 499 23.90 -51.52 -16.85
N LYS I 500 22.76 -51.82 -16.21
CA LYS I 500 22.26 -53.21 -16.07
C LYS I 500 21.85 -53.84 -17.43
N LYS I 501 21.06 -53.10 -18.21
CA LYS I 501 20.60 -53.57 -19.53
C LYS I 501 21.71 -53.56 -20.60
N ALA I 502 22.70 -52.67 -20.42
CA ALA I 502 23.83 -52.53 -21.38
C ALA I 502 24.83 -53.68 -21.33
N MET I 503 25.02 -54.23 -20.11
CA MET I 503 26.10 -55.16 -19.82
C MET I 503 25.66 -56.60 -19.91
N LYS I 504 24.33 -56.82 -19.96
CA LYS I 504 23.73 -58.14 -20.18
C LYS I 504 23.93 -58.58 -21.64
N ASN I 505 23.68 -59.87 -21.92
CA ASN I 505 23.82 -60.48 -23.28
C ASN I 505 25.32 -60.50 -23.77
N SER I 506 26.20 -60.96 -22.91
CA SER I 506 27.62 -60.70 -23.10
C SER I 506 28.55 -61.92 -23.01
N VAL I 507 28.01 -63.14 -23.15
CA VAL I 507 28.78 -64.40 -22.96
C VAL I 507 29.91 -64.61 -24.00
N GLY I 508 31.14 -64.78 -23.48
CA GLY I 508 32.33 -64.96 -24.31
C GLY I 508 33.05 -63.66 -24.69
N LEU I 509 32.79 -62.59 -23.93
CA LEU I 509 33.36 -61.28 -24.22
C LEU I 509 34.43 -61.02 -23.16
N PRO I 510 35.49 -60.26 -23.51
CA PRO I 510 36.62 -60.07 -22.59
C PRO I 510 36.31 -59.14 -21.44
N VAL I 511 36.81 -59.50 -20.28
CA VAL I 511 36.75 -58.68 -19.08
C VAL I 511 38.17 -58.53 -18.61
N ALA I 512 38.53 -57.31 -18.26
CA ALA I 512 39.91 -56.96 -18.01
C ALA I 512 40.02 -56.42 -16.61
N VAL I 513 41.27 -56.20 -16.18
CA VAL I 513 41.60 -55.71 -14.83
C VAL I 513 42.56 -54.48 -14.98
N GLN I 514 42.70 -53.64 -13.93
CA GLN I 514 43.50 -52.40 -14.01
C GLN I 514 44.72 -52.34 -13.05
N CYS I 515 45.85 -51.86 -13.57
CA CYS I 515 47.12 -51.88 -12.87
C CYS I 515 47.63 -50.49 -12.80
N VAL I 516 47.93 -50.01 -11.60
CA VAL I 516 48.19 -48.58 -11.35
C VAL I 516 49.50 -48.41 -10.52
N ALA I 517 50.41 -47.55 -10.97
CA ALA I 517 51.55 -47.14 -10.18
C ALA I 517 51.56 -45.63 -9.95
N LEU I 518 52.50 -45.16 -9.13
CA LEU I 518 52.74 -43.75 -8.83
C LEU I 518 53.22 -42.97 -10.05
N PRO I 519 53.13 -41.61 -10.05
CA PRO I 519 53.55 -40.82 -11.22
C PRO I 519 55.01 -41.06 -11.56
N TRP I 520 55.26 -41.18 -12.88
CA TRP I 520 56.58 -41.49 -13.49
C TRP I 520 57.07 -42.97 -13.40
N GLN I 521 56.39 -43.79 -12.59
CA GLN I 521 56.70 -45.23 -12.54
C GLN I 521 55.91 -46.04 -13.61
N GLU I 522 56.14 -45.73 -14.89
CA GLU I 522 55.47 -46.42 -16.00
C GLU I 522 55.92 -47.86 -16.14
N GLU I 523 57.21 -48.06 -15.94
CA GLU I 523 57.86 -49.32 -16.24
C GLU I 523 57.71 -50.28 -15.07
N LEU I 524 57.52 -49.72 -13.86
CA LEU I 524 56.99 -50.47 -12.70
C LEU I 524 55.54 -50.98 -12.96
N CYS I 525 54.70 -50.07 -13.52
CA CYS I 525 53.33 -50.39 -13.93
C CYS I 525 53.27 -51.44 -15.06
N LEU I 526 54.15 -51.30 -16.06
CA LEU I 526 54.27 -52.27 -17.14
C LEU I 526 54.84 -53.66 -16.68
N ARG I 527 55.80 -53.64 -15.73
CA ARG I 527 56.28 -54.83 -15.01
C ARG I 527 55.09 -55.60 -14.40
N PHE I 528 54.27 -54.89 -13.63
CA PHE I 528 53.15 -55.48 -12.90
C PHE I 528 52.03 -55.94 -13.82
N MET I 529 51.89 -55.26 -14.95
CA MET I 529 51.01 -55.68 -15.98
C MET I 529 51.46 -57.00 -16.55
N ARG I 530 52.78 -57.13 -16.77
CA ARG I 530 53.39 -58.31 -17.39
C ARG I 530 53.20 -59.54 -16.52
N GLU I 531 53.36 -59.33 -15.20
CA GLU I 531 53.07 -60.36 -14.19
C GLU I 531 51.61 -60.81 -14.25
N VAL I 532 50.67 -59.84 -14.13
CA VAL I 532 49.20 -60.07 -14.17
C VAL I 532 48.79 -60.83 -15.44
N GLU I 533 49.39 -60.46 -16.59
CA GLU I 533 49.22 -61.19 -17.88
C GLU I 533 49.80 -62.61 -17.84
N GLN I 534 51.01 -62.76 -17.26
CA GLN I 534 51.72 -64.07 -17.20
C GLN I 534 51.02 -65.11 -16.35
N LEU I 535 50.43 -64.67 -15.25
CA LEU I 535 49.65 -65.52 -14.39
C LEU I 535 48.31 -65.93 -15.03
N MET I 536 47.54 -64.94 -15.50
CA MET I 536 46.15 -65.17 -15.97
C MET I 536 46.00 -65.88 -17.33
N THR I 537 47.04 -65.79 -18.19
CA THR I 537 46.93 -66.23 -19.62
C THR I 537 47.65 -67.58 -19.92
N ALA J 1 44.23 -6.36 15.97
CA ALA J 1 44.63 -7.79 15.95
C ALA J 1 45.72 -8.07 14.90
N ARG J 2 46.03 -7.05 14.11
CA ARG J 2 47.20 -7.01 13.24
C ARG J 2 48.33 -6.33 13.97
N GLY J 3 47.98 -5.65 15.07
CA GLY J 3 48.95 -5.09 16.02
C GLY J 3 49.69 -6.13 16.86
N ALA J 4 49.32 -7.41 16.70
CA ALA J 4 50.19 -8.56 16.98
C ALA J 4 51.10 -8.96 15.74
N ALA J 5 51.62 -7.93 15.08
CA ALA J 5 52.94 -7.94 14.46
C ALA J 5 54.05 -7.67 15.50
N THR J 6 53.69 -7.03 16.63
CA THR J 6 54.61 -6.91 17.78
C THR J 6 54.83 -8.25 18.50
N ARG J 7 53.82 -9.14 18.43
CA ARG J 7 53.94 -10.56 18.85
C ARG J 7 55.03 -11.31 18.06
N ALA J 8 55.18 -10.96 16.78
CA ALA J 8 56.29 -11.44 15.95
C ALA J 8 57.61 -10.71 16.27
N ARG J 9 57.52 -9.41 16.57
CA ARG J 9 58.70 -8.54 16.78
C ARG J 9 59.50 -8.91 18.04
N GLN J 10 58.78 -9.31 19.11
CA GLN J 10 59.41 -9.91 20.30
C GLN J 10 59.99 -11.30 20.02
N LYS J 11 59.31 -12.09 19.19
CA LYS J 11 59.72 -13.46 18.83
C LYS J 11 60.99 -13.49 18.01
N GLN J 12 61.20 -12.46 17.21
CA GLN J 12 62.45 -12.24 16.48
C GLN J 12 63.56 -11.82 17.42
N ARG J 13 63.30 -10.77 18.22
CA ARG J 13 64.26 -10.23 19.22
C ARG J 13 64.77 -11.27 20.21
N ALA J 14 63.88 -12.20 20.64
CA ALA J 14 64.24 -13.37 21.48
C ALA J 14 65.13 -14.40 20.77
N SER J 15 64.86 -14.61 19.46
CA SER J 15 65.65 -15.51 18.61
C SER J 15 67.03 -14.95 18.28
N LEU J 16 67.12 -13.62 18.27
CA LEU J 16 68.39 -12.90 18.12
C LEU J 16 69.29 -12.90 19.37
N GLU J 17 68.67 -12.90 20.56
CA GLU J 17 69.39 -13.06 21.84
C GLU J 17 69.84 -14.52 22.08
N THR J 18 69.02 -15.49 21.62
CA THR J 18 69.33 -16.93 21.70
C THR J 18 70.58 -17.32 20.85
N MET J 19 70.72 -16.68 19.68
CA MET J 19 71.91 -16.85 18.80
C MET J 19 73.17 -16.27 19.42
N ASP J 20 73.01 -15.14 20.12
CA ASP J 20 74.13 -14.36 20.64
C ASP J 20 74.81 -15.03 21.83
N LYS J 21 74.01 -15.68 22.68
CA LYS J 21 74.47 -16.47 23.82
C LYS J 21 74.99 -17.87 23.41
N ALA J 22 74.57 -18.34 22.22
CA ALA J 22 75.10 -19.58 21.65
C ALA J 22 76.54 -19.39 21.17
N VAL J 23 76.79 -18.26 20.50
CA VAL J 23 78.09 -17.99 19.91
C VAL J 23 79.12 -17.49 20.94
N GLN J 24 78.65 -16.78 21.98
CA GLN J 24 79.55 -16.27 23.01
C GLN J 24 80.00 -17.34 24.00
N ARG J 25 79.09 -18.25 24.36
CA ARG J 25 79.44 -19.49 25.07
C ARG J 25 80.01 -20.62 24.15
N PHE J 26 80.18 -20.31 22.85
CA PHE J 26 81.10 -21.09 22.00
C PHE J 26 82.50 -20.46 21.93
N ARG J 27 82.56 -19.16 21.60
CA ARG J 27 83.84 -18.48 21.33
C ARG J 27 84.72 -18.36 22.59
N LEU J 28 84.09 -18.36 23.76
CA LEU J 28 84.80 -18.59 25.03
C LEU J 28 85.34 -20.03 25.16
N GLN J 29 84.48 -21.04 24.87
CA GLN J 29 84.86 -22.47 24.98
C GLN J 29 85.91 -22.90 23.93
N ASN J 30 85.88 -22.26 22.76
CA ASN J 30 86.85 -22.46 21.70
C ASN J 30 87.45 -21.13 21.22
N PRO J 31 88.51 -20.65 21.90
CA PRO J 31 89.03 -19.29 21.65
C PRO J 31 90.09 -19.14 20.53
N ASP J 32 90.89 -20.19 20.28
CA ASP J 32 92.05 -20.10 19.40
C ASP J 32 91.74 -20.31 17.86
N LEU J 33 90.44 -20.33 17.51
CA LEU J 33 89.99 -20.58 16.11
C LEU J 33 90.06 -19.34 15.22
N ASP J 34 90.34 -19.57 13.92
CA ASP J 34 90.46 -18.51 12.91
C ASP J 34 89.11 -18.30 12.19
N SER J 35 88.41 -17.22 12.56
CA SER J 35 87.05 -16.95 12.08
C SER J 35 87.03 -16.47 10.64
N GLU J 36 87.82 -15.42 10.35
CA GLU J 36 87.80 -14.73 9.05
C GLU J 36 88.38 -15.56 7.87
N ALA J 37 89.18 -16.59 8.18
CA ALA J 37 89.64 -17.55 7.17
C ALA J 37 88.79 -18.82 7.10
N LEU J 38 87.92 -19.02 8.10
CA LEU J 38 86.85 -20.04 8.01
C LEU J 38 85.73 -19.62 7.07
N LEU J 39 85.33 -18.35 7.16
CA LEU J 39 84.23 -17.84 6.36
C LEU J 39 84.65 -17.62 4.88
N THR J 40 85.89 -17.16 4.64
CA THR J 40 86.41 -16.92 3.23
C THR J 40 86.91 -18.19 2.51
N LEU J 41 86.72 -19.35 3.12
CA LEU J 41 86.65 -20.62 2.40
C LEU J 41 85.47 -20.55 1.45
N PRO J 42 85.68 -20.88 0.16
CA PRO J 42 84.59 -21.31 -0.74
C PRO J 42 83.91 -22.54 -0.18
N LEU J 43 82.64 -22.76 -0.53
CA LEU J 43 81.90 -23.94 -0.06
C LEU J 43 82.54 -25.33 -0.38
N LEU J 44 83.18 -25.45 -1.56
CA LEU J 44 83.76 -26.72 -2.08
C LEU J 44 84.92 -27.23 -1.23
N GLN J 45 85.80 -26.30 -0.87
CA GLN J 45 86.82 -26.53 0.15
C GLN J 45 86.21 -26.77 1.55
N LEU J 46 85.16 -26.01 1.87
CA LEU J 46 84.50 -26.08 3.19
C LEU J 46 83.79 -27.42 3.43
N VAL J 47 83.05 -27.89 2.43
CA VAL J 47 82.39 -29.20 2.48
C VAL J 47 83.37 -30.39 2.54
N GLN J 48 84.53 -30.26 1.88
CA GLN J 48 85.52 -31.32 1.86
C GLN J 48 86.36 -31.39 3.15
N LYS J 49 86.45 -30.25 3.87
CA LYS J 49 87.15 -30.16 5.16
C LYS J 49 86.28 -30.66 6.32
N LEU J 50 84.96 -30.51 6.17
CA LEU J 50 83.99 -31.19 7.02
C LEU J 50 83.91 -32.72 6.77
N GLN J 51 84.22 -33.15 5.53
CA GLN J 51 84.13 -34.57 5.12
C GLN J 51 85.30 -35.46 5.60
N SER J 52 86.54 -34.99 5.41
CA SER J 52 87.73 -35.68 5.92
C SER J 52 88.01 -35.37 7.41
N GLY J 53 87.40 -34.28 7.91
CA GLY J 53 87.34 -34.00 9.34
C GLY J 53 88.29 -32.93 9.83
N GLU J 54 88.88 -32.16 8.90
CA GLU J 54 89.78 -31.02 9.22
C GLU J 54 89.14 -29.92 10.07
N LEU J 55 87.84 -29.67 9.82
CA LEU J 55 87.01 -28.85 10.71
C LEU J 55 85.85 -29.65 11.33
N SER J 56 85.48 -29.28 12.56
CA SER J 56 84.32 -29.88 13.23
C SER J 56 83.01 -29.20 12.73
N PRO J 57 81.89 -29.96 12.64
CA PRO J 57 80.56 -29.38 12.34
C PRO J 57 80.11 -28.29 13.32
N GLU J 58 80.55 -28.37 14.58
CA GLU J 58 80.35 -27.29 15.57
C GLU J 58 81.18 -26.04 15.25
N ALA J 59 82.38 -26.22 14.67
CA ALA J 59 83.28 -25.09 14.35
C ALA J 59 82.77 -24.20 13.23
N VAL J 60 82.13 -24.79 12.22
CA VAL J 60 81.52 -24.00 11.13
C VAL J 60 80.25 -23.32 11.55
N PHE J 61 79.38 -24.07 12.23
CA PHE J 61 78.02 -23.65 12.51
C PHE J 61 77.98 -22.39 13.40
N PHE J 62 78.76 -22.42 14.49
CA PHE J 62 78.81 -21.29 15.45
C PHE J 62 79.73 -20.12 14.99
N THR J 63 80.61 -20.37 14.02
CA THR J 63 81.29 -19.28 13.24
C THR J 63 80.31 -18.54 12.37
N TYR J 64 79.57 -19.32 11.56
CA TYR J 64 78.61 -18.79 10.59
C TYR J 64 77.40 -18.11 11.26
N LEU J 65 76.86 -18.74 12.33
CA LEU J 65 75.83 -18.13 13.20
C LEU J 65 76.31 -16.82 13.82
N GLY J 66 77.60 -16.82 14.22
CA GLY J 66 78.32 -15.62 14.62
C GLY J 66 78.35 -14.52 13.57
N LYS J 67 78.60 -14.90 12.30
CA LYS J 67 78.56 -13.94 11.21
C LYS J 67 77.13 -13.48 10.90
N ALA J 68 76.19 -14.44 10.90
CA ALA J 68 74.75 -14.18 10.67
C ALA J 68 74.15 -13.24 11.71
N TRP J 69 74.61 -13.33 12.97
CA TRP J 69 74.32 -12.34 14.00
C TRP J 69 74.91 -10.95 13.71
N GLU J 70 76.15 -10.93 13.19
CA GLU J 70 76.88 -9.68 12.98
C GLU J 70 76.30 -8.85 11.84
N VAL J 71 76.07 -9.51 10.68
CA VAL J 71 75.54 -8.83 9.49
C VAL J 71 74.03 -8.51 9.54
N ASN J 72 73.29 -9.23 10.41
CA ASN J 72 71.89 -8.89 10.73
C ASN J 72 71.68 -7.48 11.30
N LYS J 73 72.64 -7.01 12.12
CA LYS J 73 72.65 -5.60 12.61
C LYS J 73 72.67 -4.57 11.46
N GLY J 74 73.43 -4.86 10.40
CA GLY J 74 73.46 -4.02 9.21
C GLY J 74 72.22 -4.16 8.34
N THR J 75 71.68 -5.38 8.25
CA THR J 75 70.71 -5.72 7.18
C THR J 75 69.27 -5.93 7.63
N ASN J 76 69.06 -6.46 8.85
CA ASN J 76 67.74 -7.00 9.31
C ASN J 76 67.14 -8.03 8.33
N CYS J 77 67.74 -9.21 8.31
CA CYS J 77 67.52 -10.17 7.25
C CYS J 77 67.19 -11.51 7.82
N VAL J 78 67.52 -11.70 9.10
CA VAL J 78 67.13 -12.89 9.86
C VAL J 78 65.80 -12.64 10.62
N THR J 79 64.83 -13.50 10.33
CA THR J 79 63.50 -13.45 10.91
C THR J 79 63.46 -14.31 12.18
N SER J 80 64.09 -15.49 12.12
CA SER J 80 63.95 -16.48 13.16
C SER J 80 65.13 -17.45 13.17
N TYR J 81 65.47 -17.94 14.37
CA TYR J 81 66.52 -18.94 14.54
C TYR J 81 65.88 -20.29 14.76
N LEU J 82 66.28 -21.28 13.96
CA LEU J 82 65.50 -22.50 13.83
C LEU J 82 65.98 -23.58 14.80
N THR J 83 65.48 -23.47 16.06
CA THR J 83 66.15 -23.97 17.32
C THR J 83 66.73 -25.36 17.27
N ASP J 84 65.97 -26.30 16.68
CA ASP J 84 66.36 -27.72 16.59
C ASP J 84 67.39 -28.05 15.49
N CYS J 85 68.30 -27.10 15.22
CA CYS J 85 69.71 -27.40 14.92
C CYS J 85 70.48 -27.71 16.23
N GLU J 86 71.79 -27.98 16.10
CA GLU J 86 72.61 -28.70 17.15
C GLU J 86 72.17 -30.14 17.45
N THR J 87 70.86 -30.35 17.65
CA THR J 87 70.20 -31.68 17.48
C THR J 87 70.14 -32.16 15.99
N GLN J 88 70.36 -31.23 15.04
CA GLN J 88 70.63 -31.54 13.63
C GLN J 88 72.12 -31.77 13.32
N LEU J 89 72.99 -31.09 14.07
CA LEU J 89 74.44 -31.36 14.06
C LEU J 89 74.80 -32.76 14.64
N SER J 90 74.09 -33.14 15.73
CA SER J 90 74.31 -34.40 16.48
C SER J 90 74.10 -35.66 15.63
N GLN J 91 72.95 -35.74 14.95
CA GLN J 91 72.68 -36.77 13.95
C GLN J 91 72.59 -36.16 12.52
N ALA J 92 73.70 -35.56 12.08
CA ALA J 92 73.92 -35.27 10.67
C ALA J 92 74.52 -36.52 10.01
N PRO J 93 73.83 -37.07 8.97
CA PRO J 93 74.32 -38.22 8.20
C PRO J 93 75.69 -37.99 7.55
N ARG J 94 76.61 -38.93 7.75
CA ARG J 94 78.06 -38.68 7.61
C ARG J 94 78.54 -38.58 6.17
N GLN J 95 78.01 -39.46 5.29
CA GLN J 95 78.39 -39.50 3.87
C GLN J 95 77.50 -38.59 3.00
N GLY J 96 76.60 -37.84 3.66
CA GLY J 96 75.71 -36.89 3.00
C GLY J 96 76.43 -35.73 2.37
N LEU J 97 76.00 -35.37 1.15
CA LEU J 97 76.77 -34.53 0.24
C LEU J 97 76.89 -33.05 0.66
N LEU J 98 76.13 -32.65 1.67
CA LEU J 98 76.38 -31.38 2.40
C LEU J 98 76.56 -31.58 3.93
N TYR J 99 77.40 -32.57 4.32
CA TYR J 99 77.50 -33.06 5.73
C TYR J 99 77.65 -31.99 6.80
N GLY J 100 78.45 -30.98 6.54
CA GLY J 100 78.66 -29.97 7.56
C GLY J 100 77.72 -28.81 7.51
N VAL J 101 77.08 -28.61 6.34
CA VAL J 101 76.84 -27.29 5.75
C VAL J 101 75.58 -26.54 6.29
N PRO J 102 75.77 -25.37 6.92
CA PRO J 102 74.63 -24.50 7.31
C PRO J 102 73.88 -23.83 6.13
N VAL J 103 72.62 -24.23 5.87
CA VAL J 103 71.75 -23.56 4.86
C VAL J 103 70.76 -22.52 5.44
N SER J 104 70.66 -21.36 4.79
CA SER J 104 69.63 -20.39 5.15
C SER J 104 68.33 -20.65 4.39
N LEU J 105 67.22 -20.58 5.09
CA LEU J 105 65.93 -20.72 4.42
C LEU J 105 65.21 -19.38 4.15
N LYS J 106 64.68 -19.24 2.93
CA LYS J 106 63.63 -18.26 2.65
C LYS J 106 62.42 -18.64 3.49
N GLU J 107 61.74 -17.62 4.04
CA GLU J 107 60.66 -17.79 5.03
C GLU J 107 59.60 -18.88 4.66
N CYS J 108 59.23 -18.91 3.38
CA CYS J 108 58.16 -19.74 2.87
C CYS J 108 58.41 -21.28 2.90
N PHE J 109 59.67 -21.69 3.08
CA PHE J 109 60.03 -23.10 3.26
C PHE J 109 59.66 -23.56 4.67
N SER J 110 58.54 -24.29 4.77
CA SER J 110 57.96 -24.57 6.07
C SER J 110 58.82 -25.51 6.91
N TYR J 111 58.98 -25.13 8.18
CA TYR J 111 59.88 -25.78 9.14
C TYR J 111 59.05 -26.13 10.40
N LYS J 112 59.12 -27.41 10.82
CA LYS J 112 58.36 -27.93 11.99
C LYS J 112 58.52 -27.05 13.20
N GLY J 113 57.37 -26.56 13.70
CA GLY J 113 57.30 -25.68 14.86
C GLY J 113 57.67 -24.23 14.60
N HIS J 114 57.73 -23.83 13.34
CA HIS J 114 58.04 -22.45 12.99
C HIS J 114 56.98 -21.88 12.05
N ASP J 115 56.88 -20.57 12.06
CA ASP J 115 55.91 -19.86 11.24
C ASP J 115 56.40 -19.66 9.81
N SER J 116 55.45 -19.67 8.88
CA SER J 116 55.66 -19.09 7.57
C SER J 116 54.57 -18.09 7.28
N THR J 117 54.58 -17.02 8.05
CA THR J 117 53.89 -15.79 7.70
C THR J 117 54.61 -15.29 6.50
N LEU J 118 53.92 -14.81 5.50
CA LEU J 118 54.64 -14.18 4.42
C LEU J 118 54.87 -12.67 4.68
N GLY J 119 54.86 -12.27 5.95
CA GLY J 119 54.63 -10.89 6.33
C GLY J 119 53.19 -10.57 6.60
N LEU J 120 52.33 -11.60 6.54
CA LEU J 120 50.91 -11.46 6.69
C LEU J 120 50.45 -11.93 8.07
N SER J 121 49.79 -11.02 8.81
CA SER J 121 49.28 -11.29 10.17
C SER J 121 48.24 -12.40 10.22
N LEU J 122 47.53 -12.59 9.12
CA LEU J 122 46.79 -13.83 8.80
C LEU J 122 47.46 -15.13 9.24
N ASN J 123 48.74 -15.32 8.88
CA ASN J 123 49.46 -16.55 9.24
C ASN J 123 50.54 -16.43 10.37
N GLU J 124 50.42 -15.37 11.17
CA GLU J 124 51.28 -15.18 12.34
C GLU J 124 50.93 -16.19 13.47
N GLY J 125 49.68 -16.67 13.45
CA GLY J 125 49.26 -17.77 14.30
C GLY J 125 50.12 -19.02 14.21
N MET J 126 50.02 -19.74 13.09
CA MET J 126 50.26 -21.19 13.08
C MET J 126 51.69 -21.62 12.75
N PRO J 127 52.32 -22.33 13.69
CA PRO J 127 53.56 -23.06 13.38
C PRO J 127 53.25 -24.28 12.50
N SER J 128 54.12 -24.58 11.53
CA SER J 128 53.82 -25.65 10.56
C SER J 128 54.06 -27.00 11.17
N GLU J 129 53.13 -27.91 10.89
CA GLU J 129 53.10 -29.24 11.48
C GLU J 129 54.22 -30.18 10.97
N SER J 130 54.93 -29.74 9.92
CA SER J 130 55.87 -30.57 9.16
C SER J 130 56.93 -29.72 8.46
N ASP J 131 58.12 -30.29 8.28
CA ASP J 131 59.15 -29.75 7.37
C ASP J 131 58.68 -29.92 5.95
N CYS J 132 58.93 -28.90 5.11
CA CYS J 132 58.78 -29.05 3.63
C CYS J 132 59.76 -30.06 3.04
N VAL J 133 59.37 -30.64 1.89
CA VAL J 133 60.05 -31.81 1.28
C VAL J 133 61.52 -31.55 0.93
N VAL J 134 61.85 -30.35 0.48
CA VAL J 134 63.27 -30.03 0.19
C VAL J 134 64.15 -29.79 1.41
N VAL J 135 63.56 -29.22 2.48
CA VAL J 135 64.21 -29.12 3.83
C VAL J 135 64.54 -30.50 4.36
N GLN J 136 63.57 -31.43 4.21
CA GLN J 136 63.77 -32.83 4.50
C GLN J 136 65.02 -33.37 3.78
N VAL J 137 65.15 -33.11 2.47
CA VAL J 137 66.29 -33.65 1.74
C VAL J 137 67.62 -32.99 2.02
N LEU J 138 67.59 -31.72 2.47
CA LEU J 138 68.81 -31.04 2.92
C LEU J 138 69.37 -31.68 4.22
N LYS J 139 68.47 -31.91 5.22
CA LYS J 139 68.81 -32.59 6.47
C LYS J 139 69.25 -34.04 6.22
N LEU J 140 68.59 -34.72 5.27
CA LEU J 140 68.95 -36.09 4.85
C LEU J 140 70.23 -36.17 4.00
N GLN J 141 70.71 -34.99 3.57
CA GLN J 141 72.00 -34.83 2.92
C GLN J 141 73.01 -34.09 3.83
N GLY J 142 72.63 -33.95 5.11
CA GLY J 142 73.57 -33.55 6.14
C GLY J 142 73.64 -32.07 6.37
N ALA J 143 72.81 -31.29 5.70
CA ALA J 143 72.82 -29.86 5.89
C ALA J 143 72.08 -29.45 7.16
N VAL J 144 72.48 -28.32 7.72
CA VAL J 144 71.99 -27.85 9.00
C VAL J 144 71.21 -26.51 8.80
N PRO J 145 69.89 -26.61 8.54
CA PRO J 145 69.07 -25.42 8.26
C PRO J 145 68.83 -24.53 9.51
N PHE J 146 69.29 -23.27 9.42
CA PHE J 146 69.61 -22.54 10.61
C PHE J 146 68.85 -21.26 10.87
N VAL J 147 68.50 -20.54 9.81
CA VAL J 147 67.65 -19.35 9.94
C VAL J 147 66.48 -19.38 8.95
N HIS J 148 65.44 -18.59 9.28
CA HIS J 148 64.47 -18.11 8.31
C HIS J 148 64.77 -16.67 7.94
N THR J 149 64.74 -16.38 6.63
CA THR J 149 65.13 -15.07 6.13
C THR J 149 63.96 -14.28 5.58
N ASN J 150 63.99 -12.98 5.87
CA ASN J 150 62.92 -12.02 5.62
C ASN J 150 62.42 -11.92 4.15
N VAL J 151 61.12 -11.73 4.00
CA VAL J 151 60.48 -11.54 2.69
C VAL J 151 59.67 -10.21 2.68
N PRO J 152 59.36 -9.66 1.49
CA PRO J 152 58.32 -8.64 1.38
C PRO J 152 56.91 -9.16 1.65
N GLN J 153 56.01 -8.22 1.95
CA GLN J 153 54.75 -8.48 2.64
C GLN J 153 53.86 -9.53 2.03
N SER J 154 53.79 -9.58 0.72
CA SER J 154 53.04 -10.66 0.11
C SER J 154 53.82 -11.71 -0.67
N MET J 155 55.16 -11.61 -0.62
CA MET J 155 56.07 -12.06 -1.72
C MET J 155 55.89 -11.41 -3.11
N LEU J 156 54.74 -10.74 -3.36
CA LEU J 156 54.48 -10.13 -4.71
C LEU J 156 55.17 -8.78 -4.89
N SER J 157 56.50 -8.79 -4.78
CA SER J 157 57.33 -7.61 -4.68
C SER J 157 58.77 -8.04 -4.93
N PHE J 158 59.49 -7.24 -5.68
CA PHE J 158 60.93 -7.40 -5.78
C PHE J 158 61.74 -6.47 -4.90
N ASP J 159 61.05 -5.88 -3.93
CA ASP J 159 61.66 -5.25 -2.75
C ASP J 159 61.68 -6.28 -1.63
N CYS J 160 62.08 -5.87 -0.43
CA CYS J 160 62.06 -6.74 0.76
C CYS J 160 61.72 -5.96 2.08
N SER J 161 60.44 -6.03 2.48
CA SER J 161 59.89 -5.34 3.68
C SER J 161 58.50 -5.88 4.00
N ASN J 162 58.17 -5.94 5.30
CA ASN J 162 56.82 -6.32 5.78
C ASN J 162 56.50 -5.73 7.19
N PRO J 163 55.20 -5.48 7.48
CA PRO J 163 54.73 -5.03 8.82
C PRO J 163 55.13 -5.86 10.10
N LEU J 164 55.47 -7.14 9.93
CA LEU J 164 55.84 -8.02 11.07
C LEU J 164 57.31 -7.95 11.47
N PHE J 165 58.18 -7.72 10.49
CA PHE J 165 59.61 -8.02 10.65
C PHE J 165 60.53 -6.93 10.19
N GLY J 166 59.97 -5.95 9.48
CA GLY J 166 60.72 -4.76 9.10
C GLY J 166 61.44 -4.84 7.76
N GLN J 167 62.03 -3.71 7.37
CA GLN J 167 62.78 -3.57 6.12
C GLN J 167 64.15 -4.22 6.25
N THR J 168 64.42 -5.10 5.32
CA THR J 168 65.77 -5.53 5.00
C THR J 168 66.48 -4.45 4.17
N MET J 169 67.80 -4.38 4.30
CA MET J 169 68.61 -3.49 3.49
C MET J 169 69.66 -4.26 2.69
N ASN J 170 70.20 -3.61 1.64
CA ASN J 170 71.38 -4.08 0.93
C ASN J 170 72.60 -4.07 1.83
N PRO J 171 73.35 -5.19 1.82
CA PRO J 171 74.64 -5.27 2.54
C PRO J 171 75.69 -4.28 2.07
N TRP J 172 75.64 -3.87 0.79
CA TRP J 172 76.66 -3.03 0.17
C TRP J 172 76.42 -1.54 0.39
N LYS J 173 75.15 -1.13 0.32
CA LYS J 173 74.74 0.27 0.56
C LYS J 173 73.40 0.37 1.27
N SER J 174 73.40 1.08 2.41
CA SER J 174 72.28 1.13 3.37
C SER J 174 70.97 1.69 2.80
N SER J 175 71.10 2.59 1.82
CA SER J 175 69.98 3.23 1.17
C SER J 175 69.35 2.40 0.00
N LYS J 176 69.84 1.16 -0.20
CA LYS J 176 69.47 0.35 -1.39
C LYS J 176 68.66 -0.89 -1.03
N SER J 177 67.79 -1.31 -1.94
CA SER J 177 67.06 -2.58 -1.82
C SER J 177 68.00 -3.77 -2.04
N PRO J 178 67.82 -4.85 -1.26
CA PRO J 178 68.60 -6.07 -1.47
C PRO J 178 67.95 -7.03 -2.52
N GLY J 179 66.95 -6.54 -3.25
CA GLY J 179 66.18 -7.38 -4.11
C GLY J 179 65.11 -8.04 -3.35
N GLY J 180 64.42 -8.96 -4.01
CA GLY J 180 63.29 -9.64 -3.43
C GLY J 180 62.56 -10.41 -4.53
N SER J 181 61.69 -11.36 -4.18
CA SER J 181 61.20 -11.60 -2.85
C SER J 181 62.04 -12.51 -1.89
N SER J 182 63.17 -13.07 -2.38
CA SER J 182 64.20 -13.67 -1.48
C SER J 182 65.25 -12.62 -0.99
N GLY J 183 64.79 -11.46 -0.58
CA GLY J 183 65.68 -10.33 -0.30
C GLY J 183 66.54 -10.54 0.92
N GLY J 184 65.93 -11.19 1.94
CA GLY J 184 66.64 -11.72 3.09
C GLY J 184 67.74 -12.70 2.77
N GLU J 185 67.49 -13.59 1.81
CA GLU J 185 68.45 -14.61 1.38
C GLU J 185 69.73 -14.01 0.83
N GLY J 186 69.61 -13.15 -0.19
CA GLY J 186 70.74 -12.53 -0.85
C GLY J 186 71.54 -11.64 0.03
N ALA J 187 70.85 -10.89 0.92
CA ALA J 187 71.50 -9.94 1.86
C ALA J 187 72.36 -10.61 2.91
N LEU J 188 72.00 -11.83 3.29
CA LEU J 188 72.77 -12.62 4.24
C LEU J 188 73.98 -13.29 3.58
N ILE J 189 73.75 -13.89 2.40
CA ILE J 189 74.79 -14.63 1.67
C ILE J 189 75.88 -13.68 1.11
N GLY J 190 75.45 -12.55 0.53
CA GLY J 190 76.32 -11.40 0.35
C GLY J 190 76.69 -10.85 1.71
N SER J 191 77.95 -10.42 1.89
CA SER J 191 78.57 -10.18 3.24
C SER J 191 78.71 -11.43 4.15
N GLY J 192 78.58 -12.63 3.59
CA GLY J 192 79.21 -13.83 4.13
C GLY J 192 78.57 -14.52 5.33
N GLY J 193 77.28 -14.24 5.59
CA GLY J 193 76.58 -14.78 6.76
C GLY J 193 76.12 -16.23 6.64
N SER J 194 76.32 -16.79 5.45
CA SER J 194 75.74 -18.05 5.05
C SER J 194 76.48 -18.53 3.76
N PRO J 195 76.89 -19.81 3.72
CA PRO J 195 77.51 -20.38 2.52
C PRO J 195 76.51 -20.69 1.39
N LEU J 196 75.22 -20.86 1.74
CA LEU J 196 74.19 -21.38 0.81
C LEU J 196 72.76 -21.12 1.35
N GLY J 197 71.85 -20.80 0.43
CA GLY J 197 70.45 -20.73 0.77
C GLY J 197 69.49 -21.17 -0.30
N LEU J 198 68.23 -21.34 0.07
CA LEU J 198 67.17 -21.64 -0.87
C LEU J 198 66.24 -20.46 -1.07
N GLY J 199 65.84 -20.22 -2.33
CA GLY J 199 64.91 -19.14 -2.72
C GLY J 199 63.71 -19.69 -3.46
N THR J 200 62.76 -18.80 -3.82
CA THR J 200 61.70 -19.11 -4.85
C THR J 200 61.61 -17.97 -5.79
N ASP J 201 61.05 -18.22 -6.98
CA ASP J 201 61.08 -17.29 -8.12
C ASP J 201 59.87 -17.61 -8.95
N ILE J 202 58.98 -16.61 -9.10
CA ILE J 202 57.86 -16.65 -10.06
C ILE J 202 57.94 -15.47 -10.98
N GLY J 203 58.80 -14.51 -10.65
CA GLY J 203 58.90 -13.32 -11.45
C GLY J 203 60.26 -12.68 -11.41
N GLY J 204 61.19 -13.33 -10.72
CA GLY J 204 62.55 -12.85 -10.65
C GLY J 204 63.10 -12.82 -9.25
N SER J 205 62.35 -13.44 -8.35
CA SER J 205 62.62 -13.41 -6.94
C SER J 205 63.88 -14.21 -6.48
N ILE J 206 64.45 -15.08 -7.33
CA ILE J 206 65.77 -15.63 -7.03
C ILE J 206 66.80 -14.70 -7.60
N ARG J 207 66.52 -14.20 -8.79
CA ARG J 207 67.51 -13.53 -9.60
C ARG J 207 67.72 -12.08 -9.21
N PHE J 208 66.63 -11.36 -8.84
CA PHE J 208 66.74 -10.01 -8.22
C PHE J 208 67.73 -9.92 -7.04
N PRO J 209 67.56 -10.74 -5.95
CA PRO J 209 68.49 -10.68 -4.81
C PRO J 209 69.89 -11.16 -5.09
N SER J 210 70.03 -12.20 -5.94
CA SER J 210 71.33 -12.60 -6.50
C SER J 210 72.06 -11.42 -7.16
N ALA J 211 71.37 -10.72 -8.06
CA ALA J 211 71.97 -9.64 -8.80
C ALA J 211 72.17 -8.38 -7.97
N PHE J 212 71.33 -8.19 -6.95
CA PHE J 212 71.33 -6.92 -6.22
C PHE J 212 72.32 -6.95 -5.10
N CYS J 213 72.70 -8.16 -4.68
CA CYS J 213 73.64 -8.41 -3.58
C CYS J 213 74.93 -9.13 -4.03
N GLY J 214 75.18 -9.17 -5.34
CA GLY J 214 76.43 -9.69 -5.91
C GLY J 214 76.72 -11.16 -5.77
N ILE J 215 75.70 -11.97 -5.63
CA ILE J 215 75.87 -13.40 -5.46
C ILE J 215 75.29 -14.16 -6.65
N CYS J 216 75.43 -15.48 -6.63
CA CYS J 216 74.85 -16.35 -7.66
C CYS J 216 73.55 -16.94 -7.26
N GLY J 217 72.74 -17.29 -8.25
CA GLY J 217 71.53 -18.05 -8.03
C GLY J 217 70.95 -18.66 -9.28
N LEU J 218 70.06 -19.62 -9.10
CA LEU J 218 69.44 -20.31 -10.20
C LEU J 218 67.94 -20.52 -9.94
N LYS J 219 67.12 -20.17 -10.93
CA LYS J 219 65.77 -20.66 -11.08
C LYS J 219 65.80 -21.86 -12.05
N PRO J 220 65.67 -23.12 -11.54
CA PRO J 220 65.31 -24.28 -12.38
C PRO J 220 63.94 -24.15 -13.01
N THR J 221 63.66 -25.03 -13.99
CA THR J 221 62.28 -25.39 -14.42
C THR J 221 61.34 -25.61 -13.22
N GLY J 222 60.07 -25.22 -13.40
CA GLY J 222 59.03 -25.29 -12.38
C GLY J 222 58.92 -26.60 -11.66
N ASN J 223 59.10 -27.72 -12.38
CA ASN J 223 58.93 -29.06 -11.83
C ASN J 223 60.23 -29.87 -11.57
N ARG J 224 61.37 -29.18 -11.51
CA ARG J 224 62.66 -29.87 -11.27
C ARG J 224 62.81 -30.29 -9.79
N LEU J 225 62.37 -29.43 -8.88
CA LEU J 225 62.37 -29.75 -7.45
C LEU J 225 60.96 -29.69 -6.89
N SER J 226 60.76 -30.36 -5.76
CA SER J 226 59.45 -30.39 -5.10
C SER J 226 58.98 -29.04 -4.50
N LYS J 227 57.67 -28.79 -4.58
CA LYS J 227 57.06 -27.59 -4.01
C LYS J 227 56.25 -27.93 -2.77
N SER J 228 56.22 -29.24 -2.43
CA SER J 228 55.17 -29.87 -1.61
C SER J 228 54.80 -29.25 -0.25
N GLY J 229 55.74 -28.52 0.37
CA GLY J 229 55.43 -27.82 1.61
C GLY J 229 55.69 -26.33 1.65
N LEU J 230 55.72 -25.67 0.50
CA LEU J 230 55.93 -24.20 0.43
C LEU J 230 54.67 -23.44 0.83
N LYS J 231 54.82 -22.39 1.65
CA LYS J 231 53.73 -21.42 1.85
C LYS J 231 53.70 -20.39 0.75
N GLY J 232 52.57 -20.30 0.09
CA GLY J 232 52.32 -19.24 -0.87
C GLY J 232 51.02 -18.58 -0.51
N CYS J 233 50.88 -17.33 -0.88
CA CYS J 233 49.73 -16.58 -0.45
C CYS J 233 48.49 -16.79 -1.35
N VAL J 234 48.70 -16.95 -2.66
CA VAL J 234 47.70 -17.63 -3.55
C VAL J 234 48.23 -18.94 -4.22
N TYR J 235 47.43 -20.01 -4.09
CA TYR J 235 47.69 -21.28 -4.76
C TYR J 235 46.78 -21.46 -5.93
N GLY J 236 47.20 -22.34 -6.84
CA GLY J 236 46.37 -22.83 -7.95
C GLY J 236 46.63 -22.15 -9.26
N GLN J 237 47.75 -21.46 -9.34
CA GLN J 237 48.15 -20.70 -10.51
C GLN J 237 49.12 -21.56 -11.32
N THR J 238 48.76 -21.83 -12.58
CA THR J 238 49.50 -22.83 -13.40
C THR J 238 49.96 -22.29 -14.79
N ALA J 239 49.41 -21.16 -15.20
CA ALA J 239 50.06 -20.26 -16.13
C ALA J 239 51.17 -19.62 -15.34
N VAL J 240 52.31 -19.34 -15.96
CA VAL J 240 53.51 -18.75 -15.25
C VAL J 240 54.02 -19.55 -14.00
N GLN J 241 55.09 -20.32 -14.19
CA GLN J 241 55.55 -21.28 -13.19
C GLN J 241 56.37 -20.68 -12.07
N LEU J 242 56.02 -21.05 -10.85
CA LEU J 242 56.87 -20.85 -9.69
C LEU J 242 57.94 -21.99 -9.62
N SER J 243 59.11 -21.68 -9.08
CA SER J 243 60.16 -22.66 -8.85
C SER J 243 61.02 -22.28 -7.68
N LEU J 244 61.77 -23.25 -7.16
CA LEU J 244 62.75 -23.02 -6.12
C LEU J 244 64.14 -23.43 -6.58
N GLY J 245 65.13 -22.79 -6.01
CA GLY J 245 66.47 -23.07 -6.37
C GLY J 245 67.46 -22.38 -5.48
N PRO J 246 68.74 -22.73 -5.67
CA PRO J 246 69.81 -22.31 -4.76
C PRO J 246 70.19 -20.85 -4.91
N MET J 247 70.70 -20.27 -3.83
CA MET J 247 71.40 -19.00 -3.87
C MET J 247 72.68 -19.13 -3.05
N ALA J 248 73.81 -18.64 -3.60
CA ALA J 248 75.17 -18.82 -3.00
C ALA J 248 76.24 -17.84 -3.58
N ARG J 249 77.50 -17.97 -3.11
CA ARG J 249 78.63 -17.09 -3.51
C ARG J 249 79.33 -17.48 -4.87
N ASP J 250 79.21 -18.74 -5.27
CA ASP J 250 79.73 -19.19 -6.54
C ASP J 250 78.76 -20.16 -7.23
N VAL J 251 78.96 -20.44 -8.53
CA VAL J 251 78.03 -21.37 -9.24
C VAL J 251 78.24 -22.84 -8.90
N GLU J 252 79.46 -23.13 -8.43
CA GLU J 252 79.88 -24.45 -8.01
C GLU J 252 79.06 -24.97 -6.84
N SER J 253 78.74 -24.06 -5.89
CA SER J 253 77.81 -24.30 -4.76
C SER J 253 76.38 -24.60 -5.20
N LEU J 254 75.90 -23.87 -6.22
CA LEU J 254 74.55 -24.06 -6.74
C LEU J 254 74.41 -25.43 -7.35
N ALA J 255 75.47 -25.86 -8.05
CA ALA J 255 75.56 -27.18 -8.67
C ALA J 255 75.76 -28.29 -7.66
N LEU J 256 76.41 -27.94 -6.54
CA LEU J 256 76.52 -28.85 -5.41
C LEU J 256 75.13 -29.07 -4.79
N CYS J 257 74.47 -27.96 -4.43
CA CYS J 257 73.10 -27.95 -3.94
C CYS J 257 72.10 -28.71 -4.84
N LEU J 258 72.17 -28.48 -6.15
CA LEU J 258 71.39 -29.22 -7.13
C LEU J 258 71.68 -30.74 -7.14
N LYS J 259 72.95 -31.11 -7.08
CA LYS J 259 73.38 -32.53 -6.93
C LYS J 259 72.92 -33.18 -5.59
N ALA J 260 72.89 -32.38 -4.53
CA ALA J 260 72.36 -32.81 -3.25
C ALA J 260 70.82 -32.96 -3.30
N LEU J 261 70.17 -32.18 -4.14
CA LEU J 261 68.72 -32.15 -4.14
C LEU J 261 68.13 -33.25 -5.01
N LEU J 262 68.83 -33.60 -6.10
CA LEU J 262 68.32 -34.45 -7.17
C LEU J 262 68.62 -35.95 -6.95
N CYS J 263 68.42 -36.40 -5.72
CA CYS J 263 68.71 -37.76 -5.32
C CYS J 263 67.41 -38.52 -5.13
N GLU J 264 67.52 -39.87 -5.07
CA GLU J 264 66.39 -40.78 -4.87
C GLU J 264 65.54 -40.50 -3.58
N HIS J 265 66.12 -39.76 -2.62
CA HIS J 265 65.39 -39.24 -1.46
C HIS J 265 64.25 -38.28 -1.84
N LEU J 266 64.55 -37.30 -2.72
CA LEU J 266 63.56 -36.30 -3.16
C LEU J 266 62.49 -36.93 -3.98
N PHE J 267 62.90 -37.82 -4.91
CA PHE J 267 61.98 -38.46 -5.87
C PHE J 267 61.04 -39.51 -5.20
N THR J 268 61.28 -39.74 -3.89
CA THR J 268 60.50 -40.66 -3.05
C THR J 268 59.67 -39.90 -2.00
N LEU J 269 60.27 -38.89 -1.37
CA LEU J 269 59.48 -37.89 -0.60
C LEU J 269 58.44 -37.05 -1.42
N ASP J 270 58.65 -36.95 -2.75
CA ASP J 270 57.68 -36.39 -3.70
C ASP J 270 57.81 -37.05 -5.11
N PRO J 271 56.95 -38.07 -5.39
CA PRO J 271 56.94 -38.71 -6.72
C PRO J 271 56.28 -37.89 -7.85
N THR J 272 55.75 -36.68 -7.59
CA THR J 272 55.20 -35.82 -8.69
C THR J 272 56.30 -35.18 -9.53
N VAL J 273 57.46 -35.00 -8.90
CA VAL J 273 58.67 -34.52 -9.56
C VAL J 273 59.25 -35.63 -10.41
N PRO J 274 59.54 -35.35 -11.69
CA PRO J 274 60.19 -36.35 -12.57
C PRO J 274 61.63 -36.67 -12.10
N PRO J 275 61.93 -37.96 -11.89
CA PRO J 275 63.18 -38.38 -11.27
C PRO J 275 64.40 -38.27 -12.23
N LEU J 276 64.81 -37.02 -12.45
CA LEU J 276 65.88 -36.67 -13.35
C LEU J 276 67.11 -36.33 -12.52
N PRO J 277 68.13 -37.23 -12.52
CA PRO J 277 69.32 -37.03 -11.66
C PRO J 277 70.26 -35.91 -12.21
N PHE J 278 71.02 -35.26 -11.33
CA PHE J 278 72.02 -34.29 -11.77
C PHE J 278 73.05 -34.99 -12.64
N ARG J 279 73.12 -34.56 -13.90
CA ARG J 279 74.11 -35.05 -14.84
C ARG J 279 75.43 -34.26 -14.75
N GLU J 280 76.46 -34.93 -14.23
CA GLU J 280 77.79 -34.35 -13.99
C GLU J 280 78.54 -34.07 -15.30
N GLU J 281 78.26 -34.87 -16.31
CA GLU J 281 78.92 -34.85 -17.60
C GLU J 281 78.56 -33.62 -18.43
N VAL J 282 77.26 -33.26 -18.43
CA VAL J 282 76.73 -32.06 -19.10
C VAL J 282 77.23 -30.77 -18.37
N TYR J 283 77.40 -30.88 -17.05
CA TYR J 283 77.87 -29.75 -16.23
C TYR J 283 79.43 -29.50 -16.27
N ARG J 284 80.22 -30.58 -16.22
CA ARG J 284 81.69 -30.47 -16.20
C ARG J 284 82.32 -30.41 -17.59
N SER J 285 81.47 -30.37 -18.63
CA SER J 285 81.87 -30.29 -20.05
C SER J 285 82.60 -28.97 -20.43
N SER J 286 83.42 -29.05 -21.48
CA SER J 286 84.15 -27.89 -21.99
C SER J 286 84.10 -27.79 -23.53
N ARG J 287 83.11 -28.50 -24.12
CA ARG J 287 82.73 -28.31 -25.53
C ARG J 287 82.23 -26.86 -25.74
N PRO J 288 82.69 -26.20 -26.82
CA PRO J 288 82.30 -24.80 -27.11
C PRO J 288 80.80 -24.63 -27.37
N LEU J 289 80.28 -23.47 -27.00
CA LEU J 289 78.84 -23.21 -27.03
C LEU J 289 78.41 -22.29 -28.16
N ARG J 290 77.22 -22.56 -28.68
CA ARG J 290 76.45 -21.59 -29.42
C ARG J 290 75.56 -20.81 -28.43
N VAL J 291 75.94 -19.55 -28.21
CA VAL J 291 75.33 -18.67 -27.23
C VAL J 291 74.49 -17.57 -27.94
N GLY J 292 73.16 -17.67 -27.84
CA GLY J 292 72.26 -16.57 -28.14
C GLY J 292 72.52 -15.38 -27.24
N TYR J 293 72.40 -14.17 -27.79
CA TYR J 293 72.49 -12.93 -26.99
C TYR J 293 71.55 -11.83 -27.48
N TYR J 294 71.19 -10.93 -26.57
CA TYR J 294 70.58 -9.64 -26.90
C TYR J 294 70.91 -8.59 -25.87
N GLU J 295 71.04 -7.35 -26.32
CA GLU J 295 71.47 -6.22 -25.49
C GLU J 295 70.34 -5.57 -24.75
N THR J 296 69.12 -5.78 -25.28
CA THR J 296 67.87 -5.27 -24.66
C THR J 296 66.63 -6.04 -25.13
N ASP J 297 65.57 -5.99 -24.33
CA ASP J 297 64.29 -6.60 -24.71
C ASP J 297 63.30 -5.64 -25.39
N ASN J 298 63.78 -4.42 -25.70
CA ASN J 298 62.97 -3.29 -26.24
C ASN J 298 61.77 -2.81 -25.36
N TYR J 299 61.87 -3.08 -24.05
CA TYR J 299 60.80 -2.86 -23.10
C TYR J 299 61.34 -2.11 -21.83
N THR J 300 62.09 -2.80 -20.97
CA THR J 300 62.83 -2.13 -19.92
C THR J 300 64.16 -1.74 -20.51
N MET J 301 64.40 -0.44 -20.60
CA MET J 301 65.68 0.06 -21.05
C MET J 301 66.76 -0.29 -20.05
N PRO J 302 67.91 -0.82 -20.53
CA PRO J 302 69.01 -1.14 -19.62
C PRO J 302 69.69 0.10 -19.11
N SER J 303 70.18 0.05 -17.87
CA SER J 303 71.20 1.02 -17.40
C SER J 303 72.48 0.94 -18.26
N PRO J 304 73.23 2.06 -18.37
CA PRO J 304 74.60 2.01 -18.94
C PRO J 304 75.48 0.87 -18.38
N ALA J 305 75.43 0.63 -17.06
CA ALA J 305 76.16 -0.47 -16.42
C ALA J 305 75.67 -1.83 -16.83
N MET J 306 74.36 -1.93 -17.12
CA MET J 306 73.71 -3.18 -17.49
C MET J 306 74.09 -3.58 -18.89
N ARG J 307 74.05 -2.59 -19.79
CA ARG J 307 74.50 -2.68 -21.16
C ARG J 307 75.95 -3.08 -21.20
N ARG J 308 76.76 -2.34 -20.40
CA ARG J 308 78.22 -2.52 -20.30
C ARG J 308 78.60 -3.88 -19.73
N ALA J 309 77.76 -4.40 -18.81
CA ALA J 309 77.87 -5.78 -18.30
C ALA J 309 77.75 -6.78 -19.43
N LEU J 310 76.59 -6.79 -20.10
CA LEU J 310 76.23 -7.81 -21.08
C LEU J 310 77.20 -7.90 -22.27
N ILE J 311 77.55 -6.72 -22.83
CA ILE J 311 78.49 -6.59 -23.99
C ILE J 311 79.87 -7.14 -23.64
N GLU J 312 80.36 -6.79 -22.44
CA GLU J 312 81.68 -7.22 -21.98
C GLU J 312 81.79 -8.74 -21.84
N THR J 313 80.76 -9.39 -21.26
CA THR J 313 80.76 -10.86 -21.14
C THR J 313 80.48 -11.57 -22.43
N LYS J 314 79.80 -10.89 -23.35
CA LYS J 314 79.68 -11.33 -24.77
C LYS J 314 81.06 -11.35 -25.47
N GLN J 315 81.89 -10.34 -25.18
CA GLN J 315 83.21 -10.15 -25.81
C GLN J 315 84.21 -11.20 -25.38
N ARG J 316 84.24 -11.48 -24.08
CA ARG J 316 85.15 -12.47 -23.48
C ARG J 316 84.85 -13.92 -23.87
N LEU J 317 83.56 -14.23 -24.10
CA LEU J 317 83.11 -15.55 -24.51
C LEU J 317 83.49 -15.86 -25.96
N GLU J 318 83.48 -14.82 -26.81
CA GLU J 318 83.96 -14.91 -28.20
C GLU J 318 85.46 -15.11 -28.21
N ALA J 319 86.12 -14.37 -27.32
CA ALA J 319 87.57 -14.49 -27.07
C ALA J 319 87.98 -15.88 -26.54
N ALA J 320 87.06 -16.55 -25.84
CA ALA J 320 87.28 -17.91 -25.34
C ALA J 320 86.79 -19.03 -26.31
N GLY J 321 86.37 -18.63 -27.53
CA GLY J 321 86.07 -19.57 -28.61
C GLY J 321 84.59 -19.90 -28.87
N HIS J 322 83.70 -19.49 -27.96
CA HIS J 322 82.26 -19.63 -28.19
C HIS J 322 81.77 -18.69 -29.28
N THR J 323 80.69 -19.10 -29.93
CA THR J 323 80.16 -18.41 -31.06
C THR J 323 78.87 -17.71 -30.66
N LEU J 324 78.75 -16.45 -31.06
CA LEU J 324 77.82 -15.49 -30.44
C LEU J 324 76.79 -14.93 -31.42
N ILE J 325 75.56 -15.40 -31.28
CA ILE J 325 74.49 -15.17 -32.26
C ILE J 325 73.45 -14.16 -31.72
N PRO J 326 73.19 -13.06 -32.43
CA PRO J 326 72.06 -12.18 -32.10
C PRO J 326 70.70 -12.93 -32.17
N PHE J 327 70.11 -13.13 -30.99
CA PHE J 327 68.81 -13.80 -30.83
C PHE J 327 67.90 -12.93 -30.00
N LEU J 328 66.65 -12.81 -30.42
CA LEU J 328 65.60 -12.25 -29.54
C LEU J 328 64.36 -13.16 -29.59
N PRO J 329 63.78 -13.51 -28.42
CA PRO J 329 62.42 -14.08 -28.36
C PRO J 329 61.35 -13.17 -29.02
N ASN J 330 60.57 -13.79 -29.95
CA ASN J 330 59.47 -13.14 -30.66
C ASN J 330 58.43 -12.67 -29.68
N ASN J 331 57.76 -11.55 -30.01
CA ASN J 331 56.55 -11.10 -29.32
C ASN J 331 56.67 -11.00 -27.80
N ILE J 332 57.84 -10.54 -27.35
CA ILE J 332 58.05 -10.14 -25.96
C ILE J 332 56.92 -9.28 -25.33
N PRO J 333 56.45 -8.16 -25.99
CA PRO J 333 55.37 -7.35 -25.39
C PRO J 333 54.05 -8.12 -25.16
N TYR J 334 53.72 -9.03 -26.09
CA TYR J 334 52.59 -9.95 -25.97
C TYR J 334 52.74 -10.82 -24.77
N ALA J 335 53.96 -11.30 -24.56
CA ALA J 335 54.25 -12.23 -23.48
C ALA J 335 54.23 -11.56 -22.12
N LEU J 336 54.77 -10.35 -22.02
CA LEU J 336 54.76 -9.60 -20.76
C LEU J 336 53.38 -9.13 -20.38
N GLU J 337 52.72 -8.42 -21.30
CA GLU J 337 51.46 -7.76 -21.03
C GLU J 337 50.30 -8.70 -20.95
N VAL J 338 50.08 -9.49 -22.00
CA VAL J 338 48.96 -10.43 -21.95
C VAL J 338 49.26 -11.78 -21.28
N LEU J 339 50.43 -12.37 -21.50
CA LEU J 339 50.66 -13.74 -20.98
C LEU J 339 51.11 -13.80 -19.52
N SER J 340 52.23 -13.10 -19.23
CA SER J 340 52.75 -13.02 -17.85
C SER J 340 51.82 -12.34 -16.86
N ALA J 341 51.48 -11.08 -17.12
CA ALA J 341 50.61 -10.28 -16.25
C ALA J 341 49.16 -10.81 -16.13
N GLY J 342 48.54 -11.12 -17.26
CA GLY J 342 47.20 -11.70 -17.27
C GLY J 342 47.11 -13.12 -16.71
N GLY J 343 48.24 -13.81 -16.64
CA GLY J 343 48.37 -15.09 -15.99
C GLY J 343 48.45 -14.94 -14.51
N LEU J 344 49.23 -13.94 -14.07
CA LEU J 344 49.35 -13.61 -12.63
C LEU J 344 48.03 -13.05 -12.03
N PHE J 345 47.26 -12.27 -12.84
CA PHE J 345 46.10 -11.52 -12.36
C PHE J 345 44.79 -11.92 -12.97
N SER J 346 44.69 -13.18 -13.42
CA SER J 346 43.49 -13.74 -14.10
C SER J 346 42.17 -13.60 -13.35
N ASP J 347 42.22 -13.55 -12.01
CA ASP J 347 41.02 -13.43 -11.19
C ASP J 347 40.75 -12.03 -10.61
N GLY J 348 41.53 -11.04 -11.07
CA GLY J 348 41.45 -9.69 -10.51
C GLY J 348 42.27 -9.48 -9.25
N GLY J 349 42.90 -10.55 -8.81
CA GLY J 349 43.64 -10.58 -7.58
C GLY J 349 42.71 -10.65 -6.42
N ARG J 350 41.47 -11.16 -6.64
CA ARG J 350 40.53 -11.42 -5.58
C ARG J 350 41.16 -12.32 -4.54
N SER J 351 41.64 -13.52 -4.95
CA SER J 351 42.51 -14.42 -4.13
C SER J 351 43.65 -13.70 -3.37
N PHE J 352 44.44 -12.95 -4.11
CA PHE J 352 45.58 -12.20 -3.59
C PHE J 352 45.21 -11.13 -2.56
N LEU J 353 44.07 -10.45 -2.78
CA LEU J 353 43.54 -9.45 -1.82
C LEU J 353 43.02 -10.03 -0.48
N GLN J 354 42.63 -11.33 -0.49
CA GLN J 354 42.07 -12.00 0.67
C GLN J 354 43.04 -12.22 1.82
N ASN J 355 44.34 -12.21 1.52
CA ASN J 355 45.37 -12.23 2.57
C ASN J 355 45.60 -10.90 3.26
N PHE J 356 44.96 -9.82 2.78
CA PHE J 356 45.17 -8.45 3.31
C PHE J 356 43.98 -7.91 4.08
N LYS J 357 42.94 -8.75 4.28
CA LYS J 357 41.78 -8.47 5.15
C LYS J 357 42.24 -8.09 6.53
N GLY J 358 42.09 -6.80 6.85
CA GLY J 358 42.42 -6.26 8.15
C GLY J 358 43.90 -6.15 8.45
N ASP J 359 44.74 -6.30 7.41
CA ASP J 359 46.20 -6.17 7.54
C ASP J 359 46.63 -4.86 7.03
N PHE J 360 47.77 -4.39 7.53
CA PHE J 360 48.46 -3.26 6.94
C PHE J 360 49.01 -3.64 5.57
N VAL J 361 49.07 -2.65 4.70
CA VAL J 361 49.76 -2.78 3.44
C VAL J 361 51.02 -1.92 3.49
N ASP J 362 52.15 -2.58 3.23
CA ASP J 362 53.46 -2.01 3.45
C ASP J 362 53.77 -1.02 2.36
N PRO J 363 54.28 0.17 2.74
CA PRO J 363 54.77 1.19 1.78
C PRO J 363 55.78 0.73 0.68
N CYS J 364 56.44 -0.42 0.88
CA CYS J 364 57.24 -1.06 -0.16
C CYS J 364 56.41 -1.62 -1.31
N LEU J 365 55.19 -2.09 -1.01
CA LEU J 365 54.25 -2.67 -1.99
C LEU J 365 53.54 -1.63 -2.91
N GLY J 366 53.68 -0.33 -2.58
CA GLY J 366 53.18 0.76 -3.42
C GLY J 366 51.66 0.85 -3.47
N ASP J 367 51.13 1.03 -4.69
CA ASP J 367 49.68 1.18 -4.91
C ASP J 367 49.01 -0.06 -5.52
N LEU J 368 49.74 -1.18 -5.63
CA LEU J 368 49.23 -2.48 -6.10
C LEU J 368 47.91 -2.88 -5.44
N ILE J 369 47.87 -2.79 -4.10
CA ILE J 369 46.68 -3.11 -3.27
C ILE J 369 45.53 -2.10 -3.46
N LEU J 370 45.87 -0.82 -3.52
CA LEU J 370 44.93 0.25 -3.86
C LEU J 370 44.24 0.01 -5.23
N ILE J 371 45.03 -0.43 -6.23
CA ILE J 371 44.58 -0.56 -7.60
C ILE J 371 43.76 -1.83 -7.85
N LEU J 372 44.19 -2.95 -7.28
CA LEU J 372 43.41 -4.20 -7.36
C LEU J 372 42.04 -4.12 -6.63
N ARG J 373 41.94 -3.21 -5.64
CA ARG J 373 40.70 -2.97 -4.89
C ARG J 373 39.69 -2.10 -5.64
N LEU J 374 40.17 -1.38 -6.66
CA LEU J 374 39.31 -0.64 -7.58
C LEU J 374 38.36 -1.58 -8.32
N PRO J 375 37.07 -1.20 -8.46
CA PRO J 375 36.08 -2.04 -9.17
C PRO J 375 36.42 -2.26 -10.66
N SER J 376 35.87 -3.33 -11.22
CA SER J 376 36.12 -3.73 -12.61
C SER J 376 35.88 -2.61 -13.65
N TRP J 377 34.77 -1.87 -13.52
CA TRP J 377 34.38 -0.80 -14.48
C TRP J 377 35.39 0.36 -14.51
N PHE J 378 35.94 0.70 -13.35
CA PHE J 378 36.85 1.84 -13.25
C PHE J 378 38.19 1.51 -13.81
N LYS J 379 38.68 0.31 -13.44
CA LYS J 379 39.81 -0.33 -14.09
C LYS J 379 39.67 -0.38 -15.64
N ARG J 380 38.50 -0.86 -16.13
CA ARG J 380 38.22 -0.95 -17.60
C ARG J 380 38.15 0.42 -18.28
N LEU J 381 37.61 1.43 -17.58
CA LEU J 381 37.59 2.83 -18.07
C LEU J 381 38.96 3.50 -18.06
N LEU J 382 39.72 3.30 -16.97
CA LEU J 382 41.11 3.74 -16.92
C LEU J 382 41.97 3.18 -18.04
N SER J 383 41.69 1.90 -18.41
CA SER J 383 42.38 1.17 -19.49
C SER J 383 42.35 1.96 -20.83
N LEU J 384 41.18 2.04 -21.49
CA LEU J 384 41.08 2.81 -22.76
C LEU J 384 41.20 4.37 -22.67
N LEU J 385 41.25 4.90 -21.45
CA LEU J 385 41.67 6.29 -21.21
C LEU J 385 43.16 6.45 -21.34
N LEU J 386 43.91 5.49 -20.79
CA LEU J 386 45.36 5.54 -20.78
C LEU J 386 46.01 4.96 -22.06
N LYS J 387 45.27 4.09 -22.79
CA LYS J 387 45.79 3.43 -24.01
C LYS J 387 46.48 4.30 -25.11
N PRO J 388 45.87 5.44 -25.56
CA PRO J 388 46.60 6.41 -26.43
C PRO J 388 47.93 6.96 -25.88
N LEU J 389 48.01 7.23 -24.57
CA LEU J 389 49.11 8.04 -24.01
C LEU J 389 50.14 7.22 -23.23
N PHE J 390 49.63 6.31 -22.39
CA PHE J 390 50.45 5.47 -21.53
C PHE J 390 50.05 4.00 -21.72
N PRO J 391 50.53 3.36 -22.81
CA PRO J 391 50.04 2.02 -23.22
C PRO J 391 50.43 0.85 -22.30
N ARG J 392 51.62 0.90 -21.67
CA ARG J 392 52.06 -0.11 -20.65
C ARG J 392 51.10 -0.13 -19.50
N LEU J 393 50.78 1.07 -19.00
CA LEU J 393 49.92 1.29 -17.85
C LEU J 393 48.51 0.79 -18.11
N ALA J 394 48.02 1.04 -19.32
CA ALA J 394 46.75 0.48 -19.78
C ALA J 394 46.71 -1.05 -19.92
N ALA J 395 47.84 -1.66 -20.32
CA ALA J 395 47.94 -3.13 -20.42
C ALA J 395 47.94 -3.82 -19.04
N PHE J 396 48.51 -3.12 -18.05
CA PHE J 396 48.55 -3.52 -16.63
C PHE J 396 47.17 -3.56 -16.03
N LEU J 397 46.34 -2.63 -16.44
CA LEU J 397 45.01 -2.51 -15.92
C LEU J 397 44.06 -3.45 -16.65
N ASN J 398 44.38 -3.78 -17.88
CA ASN J 398 43.61 -4.77 -18.60
C ASN J 398 43.89 -6.20 -18.15
N SER J 399 45.08 -6.45 -17.60
CA SER J 399 45.45 -7.77 -17.14
C SER J 399 44.81 -8.09 -15.79
N MET J 400 44.44 -7.02 -15.06
CA MET J 400 43.78 -7.12 -13.75
C MET J 400 42.29 -7.40 -13.87
N ARG J 401 41.77 -7.37 -15.10
CA ARG J 401 40.37 -7.73 -15.35
C ARG J 401 40.08 -9.17 -14.90
N PRO J 402 39.00 -9.36 -14.13
CA PRO J 402 38.59 -10.70 -13.65
C PRO J 402 38.05 -11.57 -14.76
N ARG J 403 38.82 -12.58 -15.16
CA ARG J 403 38.48 -13.50 -16.28
C ARG J 403 37.52 -14.62 -15.86
N SER J 404 37.20 -15.49 -16.81
CA SER J 404 36.34 -16.66 -16.55
C SER J 404 37.14 -17.93 -16.76
N ALA J 405 36.59 -19.07 -16.32
CA ALA J 405 37.20 -20.41 -16.54
C ALA J 405 37.46 -20.73 -18.01
N GLU J 406 36.61 -20.17 -18.88
CA GLU J 406 36.74 -20.24 -20.32
C GLU J 406 37.94 -19.47 -20.85
N LYS J 407 38.11 -18.25 -20.35
CA LYS J 407 39.17 -17.38 -20.80
C LYS J 407 40.54 -17.73 -20.20
N LEU J 408 40.53 -18.39 -19.04
CA LEU J 408 41.74 -19.02 -18.52
C LEU J 408 42.29 -20.16 -19.38
N TRP J 409 41.41 -21.11 -19.81
CA TRP J 409 41.82 -22.18 -20.77
C TRP J 409 42.48 -21.64 -22.06
N LYS J 410 41.90 -20.60 -22.67
CA LYS J 410 42.51 -19.91 -23.81
C LYS J 410 43.93 -19.39 -23.46
N LEU J 411 44.05 -18.48 -22.48
CA LEU J 411 45.37 -17.95 -22.02
C LEU J 411 46.44 -19.05 -21.66
N GLN J 412 46.02 -20.14 -21.03
CA GLN J 412 46.89 -21.32 -20.79
C GLN J 412 47.40 -22.00 -22.09
N HIS J 413 46.52 -22.15 -23.07
CA HIS J 413 46.83 -22.71 -24.37
C HIS J 413 47.70 -21.74 -25.23
N GLU J 414 47.48 -20.44 -25.05
CA GLU J 414 48.34 -19.42 -25.64
C GLU J 414 49.74 -19.48 -25.05
N ILE J 415 49.82 -19.76 -23.75
CA ILE J 415 51.10 -19.92 -23.07
C ILE J 415 51.87 -21.16 -23.54
N GLU J 416 51.18 -22.29 -23.73
CA GLU J 416 51.83 -23.49 -24.31
C GLU J 416 52.35 -23.33 -25.77
N MET J 417 51.69 -22.50 -26.56
CA MET J 417 52.12 -22.27 -27.93
C MET J 417 53.24 -21.28 -28.05
N TYR J 418 53.22 -20.27 -27.17
CA TYR J 418 54.26 -19.23 -27.17
C TYR J 418 55.58 -19.85 -26.81
N ARG J 419 55.55 -20.69 -25.77
CA ARG J 419 56.60 -21.68 -25.43
C ARG J 419 57.16 -22.46 -26.63
N GLN J 420 56.27 -23.06 -27.42
CA GLN J 420 56.65 -23.82 -28.58
C GLN J 420 57.28 -22.98 -29.66
N SER J 421 56.81 -21.73 -29.76
CA SER J 421 57.27 -20.77 -30.76
C SER J 421 58.69 -20.24 -30.47
N VAL J 422 58.97 -19.98 -29.19
CA VAL J 422 60.34 -19.64 -28.78
C VAL J 422 61.28 -20.87 -28.88
N ILE J 423 60.73 -22.08 -28.64
CA ILE J 423 61.44 -23.36 -28.88
C ILE J 423 61.83 -23.59 -30.39
N ALA J 424 60.90 -23.29 -31.29
CA ALA J 424 61.17 -23.27 -32.74
C ALA J 424 62.26 -22.22 -33.16
N GLN J 425 62.23 -21.05 -32.50
CA GLN J 425 63.18 -19.96 -32.75
C GLN J 425 64.59 -20.33 -32.31
N TRP J 426 64.67 -20.97 -31.13
CA TRP J 426 65.91 -21.50 -30.56
C TRP J 426 66.62 -22.50 -31.49
N LYS J 427 65.84 -23.39 -32.12
CA LYS J 427 66.39 -24.46 -32.97
C LYS J 427 66.80 -23.97 -34.35
N ALA J 428 66.06 -23.00 -34.87
CA ALA J 428 66.30 -22.42 -36.19
C ALA J 428 67.66 -21.72 -36.25
N MET J 429 68.09 -21.21 -35.09
CA MET J 429 69.41 -20.64 -34.89
C MET J 429 70.41 -21.63 -34.31
N ASN J 430 69.93 -22.83 -33.95
CA ASN J 430 70.74 -23.92 -33.32
C ASN J 430 71.53 -23.53 -32.05
N LEU J 431 70.85 -22.85 -31.12
CA LEU J 431 71.45 -22.39 -29.85
C LEU J 431 71.62 -23.53 -28.88
N ASP J 432 72.58 -23.39 -27.98
CA ASP J 432 72.63 -24.26 -26.82
C ASP J 432 72.06 -23.54 -25.60
N VAL J 433 72.25 -22.23 -25.57
CA VAL J 433 72.24 -21.44 -24.38
C VAL J 433 71.97 -19.92 -24.75
N LEU J 434 71.40 -19.14 -23.82
CA LEU J 434 70.99 -17.72 -24.12
C LEU J 434 71.56 -16.75 -23.10
N LEU J 435 71.97 -15.57 -23.56
CA LEU J 435 72.62 -14.58 -22.69
C LEU J 435 71.91 -13.21 -22.73
N THR J 436 71.59 -12.70 -21.55
CA THR J 436 70.50 -11.75 -21.36
C THR J 436 70.99 -10.71 -20.30
N PRO J 437 70.60 -9.42 -20.41
CA PRO J 437 70.88 -8.44 -19.35
C PRO J 437 70.10 -8.79 -18.07
N MET J 438 70.74 -8.64 -16.93
CA MET J 438 70.06 -8.68 -15.67
C MET J 438 69.75 -7.27 -15.19
N LEU J 439 68.53 -7.06 -14.66
CA LEU J 439 68.04 -5.73 -14.15
C LEU J 439 69.05 -5.09 -13.21
N GLY J 440 69.22 -3.75 -13.34
CA GLY J 440 70.50 -3.03 -13.14
C GLY J 440 71.20 -3.12 -11.83
N PRO J 441 71.83 -2.00 -11.38
CA PRO J 441 72.27 -1.90 -9.98
C PRO J 441 71.05 -1.93 -9.07
N ALA J 442 71.26 -2.08 -7.75
CA ALA J 442 70.16 -2.11 -6.80
C ALA J 442 69.30 -0.85 -6.91
N LEU J 443 67.99 -1.05 -6.83
CA LEU J 443 67.07 0.09 -6.76
C LEU J 443 67.14 0.66 -5.37
N ASP J 444 66.71 1.92 -5.22
CA ASP J 444 66.56 2.56 -3.91
C ASP J 444 65.53 1.80 -3.01
N LEU J 445 65.39 2.24 -1.77
CA LEU J 445 64.81 1.39 -0.74
C LEU J 445 63.33 1.07 -0.84
N ASN J 446 62.50 2.04 -1.24
CA ASN J 446 61.06 1.77 -1.42
C ASN J 446 60.56 2.04 -2.83
N THR J 447 61.43 1.73 -3.80
CA THR J 447 61.19 2.03 -5.23
C THR J 447 60.68 0.89 -6.16
N PRO J 448 61.13 -0.40 -5.99
CA PRO J 448 60.56 -1.53 -6.73
C PRO J 448 59.06 -1.57 -7.03
N GLY J 449 58.20 -1.39 -6.01
CA GLY J 449 56.75 -1.30 -6.20
C GLY J 449 56.24 -0.23 -7.19
N ARG J 450 57.04 0.82 -7.40
CA ARG J 450 56.80 1.79 -8.49
C ARG J 450 57.72 1.63 -9.73
N ALA J 451 58.27 0.46 -9.94
CA ALA J 451 58.99 0.15 -11.18
C ALA J 451 58.53 -1.14 -11.83
N THR J 452 57.26 -1.51 -11.59
CA THR J 452 56.67 -2.84 -11.90
C THR J 452 57.06 -3.49 -13.25
N GLY J 453 57.16 -2.67 -14.30
CA GLY J 453 57.58 -3.12 -15.62
C GLY J 453 59.02 -3.58 -15.75
N ALA J 454 59.89 -3.19 -14.80
CA ALA J 454 61.35 -3.55 -14.83
C ALA J 454 61.66 -5.04 -14.62
N ILE J 455 60.65 -5.78 -14.11
CA ILE J 455 60.71 -7.24 -14.01
C ILE J 455 60.67 -7.99 -15.36
N SER J 456 60.53 -7.25 -16.46
CA SER J 456 60.33 -7.79 -17.81
C SER J 456 61.41 -8.74 -18.26
N TYR J 457 62.66 -8.44 -17.87
CA TYR J 457 63.79 -9.31 -18.11
C TYR J 457 63.68 -10.72 -17.50
N THR J 458 63.25 -10.79 -16.26
CA THR J 458 63.24 -12.03 -15.52
C THR J 458 61.97 -12.81 -15.77
N VAL J 459 60.83 -12.13 -15.76
CA VAL J 459 59.49 -12.75 -15.73
C VAL J 459 59.11 -13.53 -17.02
N LEU J 460 59.79 -13.19 -18.15
CA LEU J 460 59.63 -13.84 -19.46
C LEU J 460 59.96 -15.33 -19.39
N TYR J 461 60.93 -15.69 -18.52
CA TYR J 461 61.42 -17.03 -18.41
C TYR J 461 60.71 -17.83 -17.38
N ASN J 462 59.88 -17.15 -16.58
CA ASN J 462 58.85 -17.81 -15.81
C ASN J 462 57.66 -18.17 -16.68
N CYS J 463 57.36 -17.27 -17.61
CA CYS J 463 56.31 -17.46 -18.58
C CYS J 463 56.69 -18.57 -19.57
N LEU J 464 57.93 -18.58 -19.99
CA LEU J 464 58.48 -19.61 -20.87
C LEU J 464 58.82 -20.95 -20.17
N ASP J 465 58.94 -20.92 -18.83
CA ASP J 465 59.36 -22.07 -18.02
C ASP J 465 60.74 -22.67 -18.48
N PHE J 466 61.73 -21.79 -18.51
CA PHE J 466 63.09 -22.11 -18.90
C PHE J 466 63.96 -21.95 -17.62
N PRO J 467 65.00 -22.77 -17.46
CA PRO J 467 66.06 -22.50 -16.47
C PRO J 467 66.78 -21.25 -16.82
N ALA J 468 66.85 -20.36 -15.83
CA ALA J 468 67.56 -19.10 -15.92
C ALA J 468 68.40 -18.92 -14.67
N GLY J 469 69.59 -18.33 -14.84
CA GLY J 469 70.54 -18.15 -13.73
C GLY J 469 71.17 -16.80 -13.76
N VAL J 470 71.74 -16.36 -12.64
CA VAL J 470 72.34 -15.03 -12.54
C VAL J 470 73.74 -15.10 -11.92
N VAL J 471 74.71 -14.54 -12.60
CA VAL J 471 76.08 -14.52 -12.11
C VAL J 471 76.61 -13.10 -12.20
N PRO J 472 77.16 -12.57 -11.10
CA PRO J 472 77.74 -11.21 -11.11
C PRO J 472 79.03 -11.15 -11.94
N VAL J 473 79.15 -10.07 -12.74
CA VAL J 473 80.24 -9.94 -13.74
C VAL J 473 81.15 -8.67 -13.55
N THR J 474 80.61 -7.61 -12.95
CA THR J 474 81.29 -6.31 -12.86
C THR J 474 80.75 -5.40 -11.73
N THR J 475 81.46 -4.31 -11.43
CA THR J 475 80.94 -3.26 -10.54
C THR J 475 80.59 -1.99 -11.33
N VAL J 476 79.62 -1.23 -10.80
CA VAL J 476 79.23 0.07 -11.38
C VAL J 476 80.37 1.05 -11.21
N THR J 477 80.88 1.51 -12.35
CA THR J 477 81.92 2.54 -12.40
C THR J 477 81.29 3.94 -12.21
N ALA J 478 82.14 4.95 -11.93
CA ALA J 478 81.72 6.37 -11.87
C ALA J 478 80.99 6.84 -13.14
N GLU J 479 81.54 6.47 -14.32
CA GLU J 479 80.94 6.77 -15.64
C GLU J 479 79.51 6.18 -15.86
N ASP J 480 79.28 4.94 -15.38
CA ASP J 480 77.97 4.24 -15.49
C ASP J 480 76.83 4.98 -14.77
N ASP J 481 77.15 5.56 -13.62
CA ASP J 481 76.19 6.33 -12.85
C ASP J 481 76.14 7.78 -13.33
N ALA J 482 77.23 8.26 -13.93
CA ALA J 482 77.26 9.60 -14.52
C ALA J 482 76.47 9.65 -15.82
N GLN J 483 76.45 8.51 -16.55
CA GLN J 483 75.64 8.35 -17.79
C GLN J 483 74.16 8.01 -17.51
N MET J 484 73.84 7.73 -16.23
CA MET J 484 72.46 7.52 -15.76
C MET J 484 71.53 8.77 -15.83
N GLU J 485 72.11 9.97 -15.77
CA GLU J 485 71.34 11.20 -15.98
C GLU J 485 70.91 11.46 -17.46
N LEU J 486 71.46 10.65 -18.40
CA LEU J 486 71.02 10.66 -19.81
C LEU J 486 70.11 9.44 -20.14
N TYR J 487 69.71 8.69 -19.12
CA TYR J 487 68.70 7.62 -19.26
C TYR J 487 67.35 8.22 -19.50
N LYS J 488 66.66 7.70 -20.51
CA LYS J 488 65.24 7.94 -20.74
C LYS J 488 64.72 6.67 -21.37
N GLY J 489 63.58 6.18 -20.87
CA GLY J 489 63.07 4.89 -21.30
C GLY J 489 62.37 4.94 -22.63
N TYR J 490 61.93 3.76 -23.10
CA TYR J 490 61.20 3.64 -24.38
C TYR J 490 59.79 4.23 -24.35
N PHE J 491 59.31 4.55 -23.15
CA PHE J 491 57.92 4.89 -22.97
C PHE J 491 57.70 6.27 -22.31
N GLY J 492 58.68 6.71 -21.52
CA GLY J 492 58.61 7.99 -20.83
C GLY J 492 57.55 8.08 -19.73
N ASP J 493 56.97 6.92 -19.37
CA ASP J 493 55.95 6.83 -18.33
C ASP J 493 56.55 6.70 -16.95
N ILE J 494 55.68 6.48 -15.97
CA ILE J 494 56.02 6.57 -14.56
C ILE J 494 56.94 5.45 -14.07
N TRP J 495 56.85 4.28 -14.70
CA TRP J 495 57.82 3.22 -14.47
C TRP J 495 59.22 3.59 -14.89
N ASP J 496 59.34 4.19 -16.07
CA ASP J 496 60.61 4.76 -16.51
C ASP J 496 61.13 5.93 -15.60
N ILE J 497 60.20 6.82 -15.16
CA ILE J 497 60.56 8.03 -14.37
C ILE J 497 61.18 7.68 -13.02
N ILE J 498 60.52 6.76 -12.28
CA ILE J 498 61.06 6.18 -11.02
C ILE J 498 62.40 5.48 -11.21
N LEU J 499 62.49 4.60 -12.23
CA LEU J 499 63.70 3.78 -12.50
C LEU J 499 64.98 4.59 -12.89
N LYS J 500 64.80 5.83 -13.37
CA LYS J 500 65.90 6.80 -13.54
C LYS J 500 66.55 7.18 -12.18
N LYS J 501 65.73 7.73 -11.27
CA LYS J 501 66.17 8.18 -9.91
C LYS J 501 66.63 7.02 -9.03
N ALA J 502 65.92 5.89 -9.13
CA ALA J 502 66.12 4.71 -8.29
C ALA J 502 67.45 3.99 -8.53
N MET J 503 67.99 4.13 -9.75
CA MET J 503 69.19 3.41 -10.19
C MET J 503 70.45 4.27 -10.13
N LYS J 504 70.27 5.60 -10.01
CA LYS J 504 71.35 6.54 -9.69
C LYS J 504 71.89 6.33 -8.26
N ASN J 505 73.03 6.96 -7.93
CA ASN J 505 73.75 6.81 -6.63
C ASN J 505 74.20 5.36 -6.32
N SER J 506 74.84 4.73 -7.30
CA SER J 506 75.02 3.27 -7.28
C SER J 506 76.46 2.81 -7.39
N VAL J 507 77.42 3.72 -7.14
CA VAL J 507 78.83 3.47 -7.48
C VAL J 507 79.43 2.39 -6.58
N GLY J 508 80.02 1.37 -7.23
CA GLY J 508 80.63 0.24 -6.54
C GLY J 508 79.69 -0.93 -6.28
N LEU J 509 78.47 -0.85 -6.79
CA LEU J 509 77.51 -1.96 -6.69
C LEU J 509 77.66 -2.97 -7.85
N PRO J 510 77.46 -4.26 -7.56
CA PRO J 510 77.51 -5.33 -8.58
C PRO J 510 76.47 -5.24 -9.73
N VAL J 511 76.96 -5.23 -10.96
CA VAL J 511 76.11 -5.51 -12.12
C VAL J 511 76.26 -6.95 -12.52
N ALA J 512 75.15 -7.56 -12.94
CA ALA J 512 75.11 -8.97 -13.23
C ALA J 512 74.61 -9.25 -14.62
N VAL J 513 74.68 -10.51 -15.01
CA VAL J 513 74.22 -10.97 -16.29
C VAL J 513 73.32 -12.20 -16.08
N GLN J 514 72.34 -12.42 -16.98
CA GLN J 514 71.45 -13.62 -16.96
C GLN J 514 71.90 -14.71 -17.95
N CYS J 515 71.65 -15.97 -17.59
CA CYS J 515 72.06 -17.12 -18.36
C CYS J 515 70.91 -18.09 -18.46
N VAL J 516 70.40 -18.31 -19.66
CA VAL J 516 69.20 -19.13 -19.88
C VAL J 516 69.55 -20.46 -20.64
N ALA J 517 68.74 -21.52 -20.41
CA ALA J 517 68.74 -22.75 -21.25
C ALA J 517 67.30 -23.23 -21.58
N LEU J 518 67.19 -24.38 -22.29
CA LEU J 518 65.90 -24.97 -22.64
C LEU J 518 65.29 -25.64 -21.39
N PRO J 519 63.99 -26.06 -21.40
CA PRO J 519 63.44 -26.79 -20.25
C PRO J 519 64.20 -28.06 -19.91
N TRP J 520 64.29 -28.34 -18.61
CA TRP J 520 65.05 -29.46 -18.01
C TRP J 520 66.58 -29.50 -18.30
N GLN J 521 67.12 -28.37 -18.77
CA GLN J 521 68.55 -28.28 -19.11
C GLN J 521 69.31 -27.44 -18.08
N GLU J 522 69.03 -27.70 -16.80
CA GLU J 522 69.63 -26.96 -15.68
C GLU J 522 71.12 -27.10 -15.65
N GLU J 523 71.62 -28.31 -15.93
CA GLU J 523 73.06 -28.59 -15.86
C GLU J 523 73.88 -27.97 -17.00
N LEU J 524 73.33 -27.94 -18.22
CA LEU J 524 73.86 -27.07 -19.28
C LEU J 524 73.85 -25.58 -18.89
N CYS J 525 72.76 -25.14 -18.24
CA CYS J 525 72.62 -23.74 -17.75
C CYS J 525 73.72 -23.34 -16.72
N LEU J 526 73.85 -24.13 -15.64
CA LEU J 526 74.96 -24.02 -14.68
C LEU J 526 76.39 -24.06 -15.29
N ARG J 527 76.62 -25.00 -16.23
CA ARG J 527 77.85 -25.03 -17.02
C ARG J 527 78.17 -23.65 -17.67
N PHE J 528 77.16 -23.05 -18.30
CA PHE J 528 77.32 -21.76 -18.97
C PHE J 528 77.57 -20.63 -17.98
N MET J 529 76.96 -20.74 -16.80
CA MET J 529 77.14 -19.81 -15.71
C MET J 529 78.57 -19.86 -15.18
N ARG J 530 79.13 -21.09 -15.13
CA ARG J 530 80.51 -21.35 -14.67
C ARG J 530 81.57 -20.73 -15.56
N GLU J 531 81.43 -20.91 -16.89
CA GLU J 531 82.35 -20.28 -17.86
C GLU J 531 82.19 -18.72 -17.89
N VAL J 532 80.96 -18.23 -17.67
CA VAL J 532 80.72 -16.79 -17.43
C VAL J 532 81.46 -16.32 -16.16
N GLU J 533 81.31 -17.09 -15.07
CA GLU J 533 81.92 -16.75 -13.77
C GLU J 533 83.44 -16.74 -13.85
N GLN J 534 83.99 -17.75 -14.53
CA GLN J 534 85.44 -17.98 -14.61
C GLN J 534 86.15 -16.88 -15.35
N LEU J 535 85.59 -16.48 -16.49
CA LEU J 535 86.15 -15.44 -17.34
C LEU J 535 86.05 -14.07 -16.70
N MET J 536 84.92 -13.79 -16.05
CA MET J 536 84.63 -12.44 -15.52
C MET J 536 85.23 -12.14 -14.15
N THR J 537 85.17 -13.12 -13.24
CA THR J 537 85.71 -12.96 -11.87
C THR J 537 87.21 -13.26 -11.82
N ALA K 1 50.73 -7.16 -38.01
CA ALA K 1 49.84 -7.57 -39.14
C ALA K 1 49.70 -6.51 -40.23
N ARG K 2 49.81 -5.23 -39.82
CA ARG K 2 49.39 -4.07 -40.64
C ARG K 2 50.56 -3.16 -41.09
N GLY K 3 51.79 -3.59 -40.80
CA GLY K 3 52.97 -3.20 -41.58
C GLY K 3 53.00 -3.77 -43.01
N ALA K 4 51.99 -4.62 -43.35
CA ALA K 4 51.48 -4.82 -44.74
C ALA K 4 50.50 -3.68 -45.18
N ALA K 5 50.86 -2.45 -44.81
CA ALA K 5 50.49 -1.23 -45.50
C ALA K 5 51.54 -0.91 -46.59
N THR K 6 52.80 -1.29 -46.34
CA THR K 6 53.87 -1.30 -47.36
C THR K 6 53.65 -2.33 -48.47
N ARG K 7 52.88 -3.40 -48.17
CA ARG K 7 52.29 -4.30 -49.18
C ARG K 7 51.25 -3.63 -50.10
N ALA K 8 50.70 -2.49 -49.68
CA ALA K 8 49.80 -1.68 -50.49
C ALA K 8 50.51 -0.46 -51.12
N ARG K 9 51.67 -0.10 -50.55
CA ARG K 9 52.51 0.93 -51.13
C ARG K 9 53.23 0.45 -52.39
N GLN K 10 53.60 -0.84 -52.42
CA GLN K 10 54.27 -1.46 -53.58
C GLN K 10 53.35 -1.59 -54.82
N LYS K 11 52.08 -2.01 -54.59
CA LYS K 11 51.02 -2.05 -55.63
C LYS K 11 50.76 -0.67 -56.23
N GLN K 12 50.62 0.34 -55.37
CA GLN K 12 50.49 1.75 -55.77
C GLN K 12 51.70 2.28 -56.57
N ARG K 13 52.92 1.98 -56.11
CA ARG K 13 54.17 2.37 -56.80
C ARG K 13 54.30 1.71 -58.19
N ALA K 14 54.00 0.39 -58.26
CA ALA K 14 54.02 -0.36 -59.53
C ALA K 14 52.93 0.06 -60.51
N SER K 15 51.74 0.41 -59.98
CA SER K 15 50.62 1.00 -60.77
C SER K 15 50.93 2.37 -61.32
N LEU K 16 51.82 3.09 -60.65
CA LEU K 16 52.33 4.37 -61.13
C LEU K 16 53.50 4.25 -62.13
N GLU K 17 54.17 3.09 -62.17
CA GLU K 17 55.20 2.80 -63.20
C GLU K 17 54.58 2.27 -64.49
N THR K 18 53.64 1.31 -64.35
CA THR K 18 52.86 0.72 -65.48
C THR K 18 51.97 1.74 -66.16
N MET K 19 51.59 2.79 -65.42
CA MET K 19 50.99 3.97 -66.00
C MET K 19 51.99 4.75 -66.86
N ASP K 20 53.20 4.99 -66.31
CA ASP K 20 54.18 5.90 -66.95
C ASP K 20 54.82 5.30 -68.21
N LYS K 21 55.14 4.00 -68.16
CA LYS K 21 55.67 3.26 -69.31
C LYS K 21 54.67 3.22 -70.47
N ALA K 22 53.37 3.11 -70.14
CA ALA K 22 52.29 3.02 -71.14
C ALA K 22 51.98 4.33 -71.86
N VAL K 23 52.06 5.47 -71.13
CA VAL K 23 51.86 6.80 -71.76
C VAL K 23 53.05 7.26 -72.61
N GLN K 24 54.27 6.83 -72.22
CA GLN K 24 55.50 7.14 -72.97
C GLN K 24 55.65 6.29 -74.25
N ARG K 25 55.16 5.04 -74.20
CA ARG K 25 55.02 4.17 -75.41
C ARG K 25 53.94 4.67 -76.41
N PHE K 26 53.10 5.61 -75.96
CA PHE K 26 52.13 6.34 -76.80
C PHE K 26 52.66 7.70 -77.27
N ARG K 27 53.32 8.45 -76.36
CA ARG K 27 53.87 9.79 -76.69
C ARG K 27 55.10 9.75 -77.65
N LEU K 28 55.78 8.60 -77.70
CA LEU K 28 56.69 8.25 -78.80
C LEU K 28 55.92 7.96 -80.12
N GLN K 29 54.93 7.04 -80.05
CA GLN K 29 54.19 6.53 -81.24
C GLN K 29 53.27 7.57 -81.88
N ASN K 30 52.67 8.43 -81.04
CA ASN K 30 51.88 9.58 -81.50
C ASN K 30 52.48 10.94 -81.02
N PRO K 31 53.61 11.39 -81.61
CA PRO K 31 54.34 12.55 -81.07
C PRO K 31 53.83 13.96 -81.56
N ASP K 32 52.84 14.00 -82.46
CA ASP K 32 52.36 15.27 -83.06
C ASP K 32 51.09 15.91 -82.38
N LEU K 33 50.24 15.05 -81.80
CA LEU K 33 48.89 15.45 -81.34
C LEU K 33 48.90 16.26 -80.03
N ASP K 34 48.16 17.37 -80.03
CA ASP K 34 48.08 18.31 -78.90
C ASP K 34 47.39 17.72 -77.65
N SER K 35 48.19 17.61 -76.59
CA SER K 35 47.71 17.24 -75.27
C SER K 35 46.78 18.32 -74.74
N GLU K 36 47.36 19.50 -74.48
CA GLU K 36 46.71 20.60 -73.72
C GLU K 36 45.43 21.16 -74.36
N ALA K 37 45.24 20.88 -75.65
CA ALA K 37 44.02 21.27 -76.36
C ALA K 37 42.93 20.23 -76.27
N LEU K 38 43.31 18.95 -76.27
CA LEU K 38 42.30 17.90 -76.08
C LEU K 38 41.79 17.81 -74.63
N LEU K 39 42.69 17.95 -73.65
CA LEU K 39 42.33 17.88 -72.21
C LEU K 39 41.41 19.01 -71.76
N THR K 40 41.51 20.18 -72.41
CA THR K 40 40.63 21.34 -72.12
C THR K 40 39.28 21.35 -72.92
N LEU K 41 38.95 20.23 -73.57
CA LEU K 41 37.60 19.97 -74.09
C LEU K 41 36.62 19.83 -72.95
N PRO K 42 35.48 20.53 -73.04
CA PRO K 42 34.26 20.13 -72.35
C PRO K 42 33.82 18.72 -72.78
N LEU K 43 33.28 17.94 -71.82
CA LEU K 43 32.98 16.52 -72.02
C LEU K 43 32.08 16.20 -73.23
N LEU K 44 31.05 17.02 -73.45
CA LEU K 44 30.06 16.82 -74.54
C LEU K 44 30.72 16.91 -75.93
N GLN K 45 31.55 17.94 -76.11
CA GLN K 45 32.42 18.12 -77.29
C GLN K 45 33.43 17.00 -77.45
N LEU K 46 33.94 16.49 -76.32
CA LEU K 46 34.81 15.33 -76.31
C LEU K 46 34.08 14.03 -76.68
N VAL K 47 32.82 13.82 -76.21
CA VAL K 47 32.03 12.60 -76.61
C VAL K 47 31.61 12.56 -78.08
N GLN K 48 31.32 13.74 -78.63
CA GLN K 48 30.84 13.86 -80.00
C GLN K 48 31.97 13.90 -81.04
N LYS K 49 33.15 14.42 -80.64
CA LYS K 49 34.41 14.23 -81.40
C LYS K 49 34.86 12.78 -81.41
N LEU K 50 34.59 12.07 -80.32
CA LEU K 50 34.79 10.63 -80.29
C LEU K 50 33.74 9.88 -81.09
N GLN K 51 32.53 10.42 -81.14
CA GLN K 51 31.42 9.75 -81.83
C GLN K 51 31.55 9.78 -83.36
N SER K 52 31.98 10.93 -83.90
CA SER K 52 32.21 11.10 -85.36
C SER K 52 33.55 10.49 -85.88
N GLY K 53 34.39 10.00 -84.94
CA GLY K 53 35.68 9.40 -85.25
C GLY K 53 36.82 10.40 -85.44
N GLU K 54 36.57 11.66 -85.07
CA GLU K 54 37.56 12.77 -85.14
C GLU K 54 38.75 12.55 -84.20
N LEU K 55 38.46 11.99 -83.01
CA LEU K 55 39.48 11.43 -82.14
C LEU K 55 39.33 9.91 -82.07
N SER K 56 40.46 9.23 -81.89
CA SER K 56 40.50 7.77 -81.70
C SER K 56 40.27 7.44 -80.21
N PRO K 57 39.63 6.28 -79.92
CA PRO K 57 39.54 5.73 -78.54
C PRO K 57 40.86 5.74 -77.75
N GLU K 58 41.96 5.35 -78.41
CA GLU K 58 43.29 5.29 -77.80
C GLU K 58 43.88 6.67 -77.53
N ALA K 59 43.48 7.67 -78.31
CA ALA K 59 44.09 9.00 -78.25
C ALA K 59 43.74 9.73 -76.98
N VAL K 60 42.49 9.63 -76.57
CA VAL K 60 41.98 10.35 -75.39
C VAL K 60 42.35 9.67 -74.08
N PHE K 61 42.49 8.34 -74.13
CA PHE K 61 42.73 7.51 -72.96
C PHE K 61 44.12 7.73 -72.41
N PHE K 62 45.13 7.68 -73.29
CA PHE K 62 46.53 7.84 -72.90
C PHE K 62 46.94 9.33 -72.75
N THR K 63 46.14 10.24 -73.33
CA THR K 63 46.29 11.67 -73.04
C THR K 63 45.78 12.01 -71.67
N TYR K 64 44.60 11.50 -71.28
CA TYR K 64 44.08 11.68 -69.92
C TYR K 64 44.88 10.93 -68.87
N LEU K 65 45.34 9.70 -69.19
CA LEU K 65 46.23 8.91 -68.30
C LEU K 65 47.57 9.57 -68.06
N GLY K 66 48.06 10.28 -69.07
CA GLY K 66 49.18 11.21 -68.93
C GLY K 66 48.88 12.41 -68.04
N LYS K 67 47.64 12.90 -68.07
CA LYS K 67 47.27 13.98 -67.16
C LYS K 67 47.02 13.45 -65.76
N ALA K 68 46.46 12.21 -65.67
CA ALA K 68 46.22 11.53 -64.41
C ALA K 68 47.50 11.08 -63.69
N TRP K 69 48.60 10.90 -64.46
CA TRP K 69 49.94 10.63 -63.90
C TRP K 69 50.69 11.88 -63.43
N GLU K 70 50.58 12.98 -64.20
CA GLU K 70 51.28 14.23 -63.90
C GLU K 70 50.75 14.91 -62.63
N VAL K 71 49.42 15.00 -62.51
CA VAL K 71 48.76 15.68 -61.35
C VAL K 71 48.84 14.88 -60.04
N ASN K 72 48.96 13.56 -60.16
CA ASN K 72 49.09 12.64 -59.02
C ASN K 72 50.43 12.77 -58.26
N LYS K 73 51.42 13.37 -58.91
CA LYS K 73 52.69 13.68 -58.25
C LYS K 73 52.60 14.83 -57.21
N GLY K 74 51.67 15.77 -57.45
CA GLY K 74 51.43 16.87 -56.53
C GLY K 74 50.29 16.63 -55.54
N THR K 75 49.43 15.62 -55.82
CA THR K 75 48.21 15.39 -55.01
C THR K 75 48.07 14.03 -54.32
N ASN K 76 48.71 12.98 -54.86
CA ASN K 76 48.55 11.57 -54.39
C ASN K 76 47.07 11.10 -54.31
N CYS K 77 46.43 11.10 -55.47
CA CYS K 77 45.02 10.71 -55.56
C CYS K 77 44.82 9.30 -56.07
N VAL K 78 45.90 8.66 -56.52
CA VAL K 78 45.77 7.40 -57.25
C VAL K 78 46.15 6.19 -56.41
N THR K 79 45.14 5.37 -56.16
CA THR K 79 45.28 4.11 -55.46
C THR K 79 45.95 3.08 -56.39
N SER K 80 45.35 2.88 -57.57
CA SER K 80 45.82 1.89 -58.55
C SER K 80 45.41 2.33 -59.96
N TYR K 81 46.08 1.75 -60.95
CA TYR K 81 45.66 1.76 -62.33
C TYR K 81 44.93 0.45 -62.61
N LEU K 82 43.68 0.55 -63.08
CA LEU K 82 42.77 -0.61 -63.10
C LEU K 82 43.02 -1.49 -64.32
N THR K 83 43.95 -2.44 -64.17
CA THR K 83 44.79 -3.00 -65.27
C THR K 83 44.07 -3.49 -66.56
N ASP K 84 42.84 -4.00 -66.42
CA ASP K 84 42.07 -4.57 -67.56
C ASP K 84 41.22 -3.56 -68.39
N CYS K 85 41.65 -2.30 -68.41
CA CYS K 85 41.44 -1.42 -69.56
C CYS K 85 42.52 -1.73 -70.62
N GLU K 86 42.36 -1.12 -71.82
CA GLU K 86 43.01 -1.54 -73.12
C GLU K 86 42.43 -2.81 -73.81
N THR K 87 41.79 -3.68 -73.02
CA THR K 87 40.79 -4.63 -73.54
C THR K 87 39.38 -4.03 -73.48
N GLN K 88 39.27 -2.93 -72.72
CA GLN K 88 38.06 -2.09 -72.71
C GLN K 88 38.17 -0.90 -73.71
N LEU K 89 39.40 -0.66 -74.20
CA LEU K 89 39.60 0.10 -75.45
C LEU K 89 39.21 -0.76 -76.66
N SER K 90 39.64 -2.03 -76.62
CA SER K 90 39.40 -3.04 -77.68
C SER K 90 37.91 -3.36 -77.80
N GLN K 91 37.31 -3.81 -76.69
CA GLN K 91 35.91 -4.16 -76.64
C GLN K 91 35.10 -3.07 -75.92
N ALA K 92 34.83 -1.98 -76.63
CA ALA K 92 33.87 -0.96 -76.19
C ALA K 92 32.73 -0.87 -77.22
N PRO K 93 31.47 -1.07 -76.77
CA PRO K 93 30.27 -0.89 -77.63
C PRO K 93 30.15 0.52 -78.24
N ARG K 94 29.94 0.57 -79.56
CA ARG K 94 30.32 1.70 -80.42
C ARG K 94 29.44 2.95 -80.24
N GLN K 95 28.12 2.76 -80.30
CA GLN K 95 27.17 3.86 -80.14
C GLN K 95 26.64 3.96 -78.66
N GLY K 96 27.51 3.63 -77.70
CA GLY K 96 27.32 3.97 -76.30
C GLY K 96 27.38 5.47 -76.07
N LEU K 97 26.53 5.97 -75.16
CA LEU K 97 26.42 7.42 -74.81
C LEU K 97 27.68 8.05 -74.21
N LEU K 98 28.58 7.22 -73.70
CA LEU K 98 29.88 7.64 -73.18
C LEU K 98 31.05 6.84 -73.79
N TYR K 99 31.11 6.80 -75.14
CA TYR K 99 31.93 5.81 -75.88
C TYR K 99 33.46 5.99 -75.74
N GLY K 100 33.93 7.22 -75.70
CA GLY K 100 35.36 7.42 -75.61
C GLY K 100 35.93 7.59 -74.23
N VAL K 101 35.03 7.72 -73.24
CA VAL K 101 35.27 8.51 -72.05
C VAL K 101 35.96 7.70 -70.94
N PRO K 102 37.12 8.16 -70.46
CA PRO K 102 37.78 7.50 -69.33
C PRO K 102 37.27 7.98 -67.96
N VAL K 103 36.74 7.09 -67.13
CA VAL K 103 36.18 7.48 -65.80
C VAL K 103 36.98 7.06 -64.59
N SER K 104 37.19 8.02 -63.69
CA SER K 104 37.90 7.74 -62.44
C SER K 104 36.93 7.27 -61.37
N LEU K 105 37.26 6.17 -60.71
CA LEU K 105 36.36 5.61 -59.68
C LEU K 105 36.90 5.78 -58.28
N LYS K 106 36.01 6.12 -57.35
CA LYS K 106 36.30 6.08 -55.90
C LYS K 106 36.47 4.62 -55.50
N GLU K 107 37.41 4.38 -54.55
CA GLU K 107 37.94 3.03 -54.21
C GLU K 107 36.86 1.98 -53.89
N CYS K 108 35.77 2.44 -53.26
CA CYS K 108 34.62 1.60 -52.90
C CYS K 108 33.82 0.96 -54.07
N PHE K 109 33.95 1.51 -55.29
CA PHE K 109 33.31 0.92 -56.48
C PHE K 109 34.10 -0.32 -56.91
N SER K 110 33.58 -1.49 -56.52
CA SER K 110 34.36 -2.72 -56.62
C SER K 110 34.62 -3.16 -58.08
N TYR K 111 35.84 -2.88 -58.55
CA TYR K 111 36.32 -3.26 -59.88
C TYR K 111 37.06 -4.60 -59.81
N LYS K 112 36.65 -5.56 -60.68
CA LYS K 112 37.21 -6.95 -60.71
C LYS K 112 38.74 -7.05 -60.80
N GLY K 113 39.33 -7.86 -59.93
CA GLY K 113 40.79 -8.01 -59.83
C GLY K 113 41.48 -7.07 -58.83
N HIS K 114 40.73 -6.12 -58.26
CA HIS K 114 41.31 -5.05 -57.44
C HIS K 114 40.70 -4.91 -56.09
N ASP K 115 41.45 -4.26 -55.20
CA ASP K 115 41.06 -4.10 -53.83
C ASP K 115 40.14 -2.92 -53.62
N SER K 116 39.19 -3.12 -52.71
CA SER K 116 38.51 -2.01 -52.06
C SER K 116 38.87 -1.99 -50.56
N THR K 117 40.07 -1.47 -50.29
CA THR K 117 40.50 -1.13 -48.95
C THR K 117 39.93 0.24 -48.67
N LEU K 118 38.98 0.33 -47.77
CA LEU K 118 38.51 1.65 -47.41
C LEU K 118 39.42 2.11 -46.34
N GLY K 119 40.63 2.55 -46.72
CA GLY K 119 41.71 2.83 -45.76
C GLY K 119 42.28 1.71 -44.84
N LEU K 120 41.74 0.50 -44.94
CA LEU K 120 41.64 -0.45 -43.83
C LEU K 120 42.47 -1.68 -44.11
N SER K 121 43.41 -1.97 -43.21
CA SER K 121 44.28 -3.15 -43.27
C SER K 121 43.51 -4.48 -43.37
N LEU K 122 42.38 -4.55 -42.65
CA LEU K 122 41.37 -5.63 -42.72
C LEU K 122 41.04 -6.16 -44.13
N ASN K 123 40.84 -5.25 -45.11
CA ASN K 123 40.57 -5.67 -46.51
C ASN K 123 41.66 -5.35 -47.60
N GLU K 124 42.93 -5.41 -47.18
CA GLU K 124 44.06 -5.43 -48.12
C GLU K 124 44.28 -6.85 -48.68
N GLY K 125 43.76 -7.85 -47.98
CA GLY K 125 43.65 -9.21 -48.50
C GLY K 125 43.04 -9.27 -49.89
N MET K 126 41.76 -8.87 -50.00
CA MET K 126 40.88 -9.33 -51.10
C MET K 126 40.74 -8.39 -52.29
N PRO K 127 41.12 -8.88 -53.49
CA PRO K 127 40.50 -8.40 -54.74
C PRO K 127 39.00 -8.80 -54.84
N SER K 128 38.29 -8.18 -55.80
CA SER K 128 36.84 -8.30 -55.95
C SER K 128 36.44 -9.43 -56.90
N GLU K 129 35.47 -10.26 -56.47
CA GLU K 129 34.93 -11.40 -57.23
C GLU K 129 34.22 -11.00 -58.57
N SER K 130 33.65 -9.79 -58.60
CA SER K 130 33.13 -9.17 -59.84
C SER K 130 33.10 -7.62 -59.76
N ASP K 131 33.13 -6.98 -60.95
CA ASP K 131 32.64 -5.61 -61.19
C ASP K 131 31.27 -5.33 -60.55
N CYS K 132 31.15 -4.12 -59.98
CA CYS K 132 29.89 -3.64 -59.43
C CYS K 132 28.99 -3.10 -60.54
N VAL K 133 27.68 -3.05 -60.26
CA VAL K 133 26.63 -2.84 -61.26
C VAL K 133 26.79 -1.53 -62.07
N VAL K 134 27.05 -0.41 -61.39
CA VAL K 134 27.23 0.85 -62.10
C VAL K 134 28.56 0.96 -62.84
N VAL K 135 29.50 0.05 -62.56
CA VAL K 135 30.75 -0.06 -63.35
C VAL K 135 30.57 -0.94 -64.59
N GLN K 136 29.79 -2.03 -64.43
CA GLN K 136 29.18 -2.78 -65.55
C GLN K 136 28.40 -1.92 -66.57
N VAL K 137 27.52 -1.03 -66.09
CA VAL K 137 26.77 -0.17 -67.02
C VAL K 137 27.60 0.99 -67.61
N LEU K 138 28.68 1.35 -66.95
CA LEU K 138 29.63 2.27 -67.54
C LEU K 138 30.45 1.63 -68.65
N LYS K 139 30.75 0.34 -68.49
CA LYS K 139 31.40 -0.44 -69.54
C LYS K 139 30.48 -0.78 -70.73
N LEU K 140 29.23 -1.17 -70.44
CA LEU K 140 28.18 -1.35 -71.49
C LEU K 140 27.76 -0.06 -72.27
N GLN K 141 28.07 1.11 -71.70
CA GLN K 141 27.94 2.39 -72.41
C GLN K 141 29.30 2.89 -72.95
N GLY K 142 30.31 2.02 -72.84
CA GLY K 142 31.55 2.16 -73.59
C GLY K 142 32.56 3.10 -72.96
N ALA K 143 32.41 3.37 -71.67
CA ALA K 143 33.39 4.14 -70.93
C ALA K 143 34.56 3.29 -70.53
N VAL K 144 35.64 3.95 -70.10
CA VAL K 144 36.87 3.28 -69.73
C VAL K 144 37.26 3.60 -68.26
N PRO K 145 36.72 2.81 -67.30
CA PRO K 145 37.08 2.99 -65.88
C PRO K 145 38.55 2.59 -65.58
N PHE K 146 39.37 3.58 -65.17
CA PHE K 146 40.84 3.52 -65.41
C PHE K 146 41.78 3.70 -64.17
N VAL K 147 41.28 4.36 -63.12
CA VAL K 147 41.96 4.40 -61.81
C VAL K 147 40.98 4.15 -60.69
N HIS K 148 41.47 3.55 -59.61
CA HIS K 148 40.87 3.76 -58.30
C HIS K 148 41.44 5.06 -57.65
N THR K 149 40.59 5.83 -56.96
CA THR K 149 41.05 7.04 -56.27
C THR K 149 41.00 6.92 -54.78
N ASN K 150 41.79 7.78 -54.12
CA ASN K 150 41.99 7.72 -52.67
C ASN K 150 40.78 8.14 -51.83
N VAL K 151 40.63 7.48 -50.68
CA VAL K 151 39.65 7.85 -49.64
C VAL K 151 40.40 8.14 -48.30
N PRO K 152 39.81 8.94 -47.37
CA PRO K 152 40.20 8.92 -45.96
C PRO K 152 39.84 7.62 -45.34
N GLN K 153 40.42 7.28 -44.17
CA GLN K 153 40.42 5.87 -43.66
C GLN K 153 39.08 5.10 -43.79
N SER K 154 38.10 5.32 -42.93
CA SER K 154 36.88 4.48 -43.01
C SER K 154 35.79 4.87 -44.05
N MET K 155 36.13 5.86 -44.88
CA MET K 155 35.18 6.82 -45.51
C MET K 155 34.39 7.80 -44.57
N LEU K 156 34.40 7.58 -43.24
CA LEU K 156 33.62 8.45 -42.34
C LEU K 156 34.44 9.66 -41.83
N SER K 157 34.75 10.56 -42.77
CA SER K 157 35.61 11.71 -42.57
C SER K 157 35.43 12.62 -43.77
N PHE K 158 35.62 13.93 -43.59
CA PHE K 158 35.73 14.81 -44.77
C PHE K 158 37.11 15.39 -45.17
N ASP K 159 38.19 14.82 -44.59
CA ASP K 159 39.56 14.96 -45.13
C ASP K 159 39.81 13.81 -46.12
N CYS K 160 41.08 13.61 -46.53
CA CYS K 160 41.46 12.50 -47.38
C CYS K 160 42.88 12.06 -47.08
N SER K 161 42.98 11.00 -46.28
CA SER K 161 44.24 10.35 -45.87
C SER K 161 43.92 9.04 -45.16
N ASN K 162 44.84 8.10 -45.25
CA ASN K 162 44.67 6.75 -44.71
C ASN K 162 46.06 6.08 -44.51
N PRO K 163 46.21 5.15 -43.53
CA PRO K 163 47.52 4.53 -43.23
C PRO K 163 48.15 3.73 -44.39
N LEU K 164 47.36 2.91 -45.08
CA LEU K 164 47.80 2.15 -46.27
C LEU K 164 48.34 3.01 -47.47
N PHE K 165 47.73 4.18 -47.76
CA PHE K 165 48.20 5.04 -48.90
C PHE K 165 48.80 6.45 -48.59
N GLY K 166 48.44 7.04 -47.44
CA GLY K 166 48.91 8.39 -47.09
C GLY K 166 48.07 9.53 -47.70
N GLN K 167 48.50 10.78 -47.48
CA GLN K 167 47.64 11.96 -47.69
C GLN K 167 47.37 12.32 -49.14
N THR K 168 46.12 12.70 -49.42
CA THR K 168 45.74 13.41 -50.62
C THR K 168 45.67 14.94 -50.34
N MET K 169 46.14 15.76 -51.30
CA MET K 169 46.08 17.24 -51.21
C MET K 169 45.11 17.89 -52.24
N ASN K 170 44.61 19.07 -51.91
CA ASN K 170 43.98 19.98 -52.86
C ASN K 170 45.03 20.46 -53.87
N PRO K 171 44.72 20.37 -55.19
CA PRO K 171 45.60 20.92 -56.24
C PRO K 171 45.86 22.45 -56.19
N TRP K 172 44.88 23.22 -55.69
CA TRP K 172 44.93 24.69 -55.67
C TRP K 172 45.94 25.22 -54.65
N LYS K 173 46.03 24.53 -53.49
CA LYS K 173 46.95 24.87 -52.40
C LYS K 173 47.25 23.61 -51.59
N SER K 174 48.55 23.36 -51.37
CA SER K 174 49.07 22.08 -50.85
C SER K 174 48.85 21.86 -49.35
N SER K 175 48.63 22.96 -48.61
CA SER K 175 48.32 22.91 -47.18
C SER K 175 46.85 22.54 -46.88
N LYS K 176 45.97 22.74 -47.88
CA LYS K 176 44.50 22.53 -47.73
C LYS K 176 44.08 21.09 -48.04
N SER K 177 42.96 20.67 -47.45
CA SER K 177 42.31 19.39 -47.74
C SER K 177 41.66 19.38 -49.16
N PRO K 178 41.65 18.21 -49.84
CA PRO K 178 40.93 18.05 -51.09
C PRO K 178 39.43 17.71 -50.92
N GLY K 179 38.99 17.47 -49.69
CA GLY K 179 37.63 17.03 -49.42
C GLY K 179 37.54 15.56 -49.12
N GLY K 180 36.31 15.08 -48.98
CA GLY K 180 36.09 13.77 -48.44
C GLY K 180 34.64 13.36 -48.28
N SER K 181 34.34 12.09 -48.56
CA SER K 181 35.31 11.04 -48.68
C SER K 181 35.80 10.70 -50.07
N SER K 182 35.09 11.20 -51.11
CA SER K 182 35.59 11.08 -52.51
C SER K 182 36.70 12.12 -52.79
N GLY K 183 37.74 12.12 -51.96
CA GLY K 183 38.70 13.22 -51.95
C GLY K 183 39.76 13.11 -53.03
N GLY K 184 40.22 11.85 -53.29
CA GLY K 184 40.97 11.50 -54.51
C GLY K 184 40.25 11.89 -55.79
N GLU K 185 38.94 11.65 -55.82
CA GLU K 185 38.05 11.96 -56.91
C GLU K 185 38.01 13.45 -57.27
N GLY K 186 37.81 14.28 -56.25
CA GLY K 186 37.76 15.73 -56.42
C GLY K 186 39.09 16.32 -56.84
N ALA K 187 40.17 15.81 -56.23
CA ALA K 187 41.54 16.21 -56.56
C ALA K 187 41.91 15.90 -57.98
N LEU K 188 41.44 14.75 -58.49
CA LEU K 188 41.73 14.31 -59.87
C LEU K 188 40.95 15.06 -60.95
N ILE K 189 39.65 15.33 -60.69
CA ILE K 189 38.80 16.03 -61.65
C ILE K 189 39.14 17.53 -61.73
N GLY K 190 39.24 18.21 -60.56
CA GLY K 190 40.03 19.44 -60.44
C GLY K 190 41.49 19.19 -60.82
N SER K 191 42.22 20.22 -61.25
CA SER K 191 43.51 20.07 -62.01
C SER K 191 43.45 19.30 -63.37
N GLY K 192 42.35 18.58 -63.64
CA GLY K 192 41.96 18.22 -64.99
C GLY K 192 42.51 16.91 -65.53
N GLY K 193 42.72 15.93 -64.64
CA GLY K 193 43.25 14.62 -65.02
C GLY K 193 42.23 13.52 -65.20
N SER K 194 40.96 13.87 -65.03
CA SER K 194 39.82 13.04 -65.41
C SER K 194 38.67 13.99 -65.85
N PRO K 195 37.94 13.62 -66.92
CA PRO K 195 36.74 14.38 -67.32
C PRO K 195 35.47 14.10 -66.45
N LEU K 196 35.40 12.91 -65.83
CA LEU K 196 34.18 12.43 -65.15
C LEU K 196 34.56 11.37 -64.13
N GLY K 197 33.95 11.45 -62.97
CA GLY K 197 34.22 10.53 -61.88
C GLY K 197 32.95 10.17 -61.16
N LEU K 198 32.97 9.04 -60.48
CA LEU K 198 31.85 8.58 -59.66
C LEU K 198 32.20 8.59 -58.19
N GLY K 199 31.36 9.21 -57.37
CA GLY K 199 31.58 9.24 -55.92
C GLY K 199 30.40 8.61 -55.18
N THR K 200 30.53 8.49 -53.85
CA THR K 200 29.41 8.11 -52.95
C THR K 200 29.26 9.22 -51.86
N ASP K 201 28.15 9.16 -51.08
CA ASP K 201 27.67 10.30 -50.27
C ASP K 201 26.58 9.84 -49.26
N ILE K 202 26.96 9.68 -47.99
CA ILE K 202 26.01 9.54 -46.84
C ILE K 202 25.97 10.80 -45.85
N GLY K 203 26.86 11.77 -46.08
CA GLY K 203 27.01 12.90 -45.18
C GLY K 203 27.45 14.15 -45.89
N GLY K 204 27.83 14.00 -47.15
CA GLY K 204 28.34 15.09 -47.97
C GLY K 204 29.56 14.74 -48.81
N SER K 205 29.79 13.44 -49.01
CA SER K 205 31.04 12.93 -49.59
C SER K 205 31.22 13.12 -51.13
N ILE K 206 30.13 13.44 -51.86
CA ILE K 206 30.22 14.02 -53.20
C ILE K 206 30.30 15.57 -53.15
N ARG K 207 29.59 16.17 -52.23
CA ARG K 207 29.45 17.63 -52.23
C ARG K 207 30.61 18.39 -51.58
N PHE K 208 31.34 17.72 -50.68
CA PHE K 208 32.56 18.31 -50.05
C PHE K 208 33.74 18.46 -51.01
N PRO K 209 34.14 17.42 -51.79
CA PRO K 209 35.29 17.56 -52.69
C PRO K 209 34.99 18.38 -53.93
N SER K 210 33.72 18.45 -54.30
CA SER K 210 33.26 19.26 -55.41
C SER K 210 33.33 20.72 -55.07
N ALA K 211 32.90 21.06 -53.87
CA ALA K 211 33.10 22.40 -53.31
C ALA K 211 34.56 22.72 -53.01
N PHE K 212 35.30 21.74 -52.49
CA PHE K 212 36.66 22.01 -52.09
C PHE K 212 37.64 22.11 -53.29
N CYS K 213 37.34 21.40 -54.41
CA CYS K 213 38.20 21.44 -55.63
C CYS K 213 37.58 22.15 -56.85
N GLY K 214 36.42 22.77 -56.65
CA GLY K 214 35.84 23.69 -57.61
C GLY K 214 35.22 23.06 -58.81
N ILE K 215 34.61 21.91 -58.59
CA ILE K 215 33.96 21.18 -59.66
C ILE K 215 32.46 21.07 -59.40
N CYS K 216 31.74 20.35 -60.29
CA CYS K 216 30.34 20.01 -60.06
C CYS K 216 30.17 18.58 -59.64
N GLY K 217 29.15 18.34 -58.83
CA GLY K 217 28.78 17.00 -58.42
C GLY K 217 27.33 17.00 -58.02
N LEU K 218 26.71 15.82 -58.02
CA LEU K 218 25.34 15.67 -57.58
C LEU K 218 25.16 14.37 -56.78
N LYS K 219 24.53 14.49 -55.62
CA LYS K 219 24.09 13.37 -54.84
C LYS K 219 22.62 13.20 -55.14
N PRO K 220 22.25 12.14 -55.89
CA PRO K 220 20.84 11.82 -56.18
C PRO K 220 20.09 11.26 -54.97
N THR K 221 18.75 11.07 -55.09
CA THR K 221 17.93 10.28 -54.13
C THR K 221 18.50 8.90 -54.06
N GLY K 222 18.56 8.35 -52.84
CA GLY K 222 19.41 7.21 -52.53
C GLY K 222 19.12 5.95 -53.32
N ASN K 223 17.89 5.85 -53.82
CA ASN K 223 17.52 4.76 -54.69
C ASN K 223 17.41 5.09 -56.23
N ARG K 224 18.05 6.18 -56.68
CA ARG K 224 18.11 6.46 -58.13
C ARG K 224 19.11 5.59 -58.84
N LEU K 225 20.21 5.27 -58.16
CA LEU K 225 21.21 4.35 -58.70
C LEU K 225 21.40 3.10 -57.83
N SER K 226 22.01 2.07 -58.42
CA SER K 226 22.31 0.82 -57.70
C SER K 226 23.57 0.93 -56.85
N LYS K 227 23.52 0.31 -55.68
CA LYS K 227 24.74 0.09 -54.90
C LYS K 227 24.97 -1.40 -54.72
N SER K 228 24.65 -2.19 -55.76
CA SER K 228 24.60 -3.67 -55.66
C SER K 228 25.93 -4.33 -55.34
N GLY K 229 27.02 -3.79 -55.89
CA GLY K 229 28.36 -4.27 -55.55
C GLY K 229 29.26 -3.24 -54.87
N LEU K 230 28.66 -2.34 -54.11
CA LEU K 230 29.39 -1.25 -53.45
C LEU K 230 30.08 -1.72 -52.18
N LYS K 231 31.16 -1.03 -51.80
CA LYS K 231 31.81 -1.29 -50.51
C LYS K 231 31.56 -0.24 -49.44
N GLY K 232 31.02 -0.71 -48.31
CA GLY K 232 31.01 0.03 -47.06
C GLY K 232 31.68 -0.78 -45.98
N CYS K 233 32.00 -0.13 -44.87
CA CYS K 233 32.50 -0.85 -43.73
C CYS K 233 31.47 -1.05 -42.60
N VAL K 234 30.30 -0.45 -42.76
CA VAL K 234 29.08 -0.87 -42.01
C VAL K 234 27.90 -1.01 -42.97
N TYR K 235 27.27 -2.19 -42.94
CA TYR K 235 26.17 -2.51 -43.87
C TYR K 235 24.88 -2.65 -43.11
N GLY K 236 23.77 -2.23 -43.73
CA GLY K 236 22.43 -2.50 -43.21
C GLY K 236 21.77 -1.31 -42.56
N GLN K 237 22.49 -0.19 -42.52
CA GLN K 237 22.08 1.07 -41.94
C GLN K 237 21.05 1.69 -42.87
N THR K 238 19.76 1.70 -42.50
CA THR K 238 18.69 2.25 -43.45
C THR K 238 18.12 3.63 -43.15
N ALA K 239 18.28 4.09 -41.93
CA ALA K 239 18.02 5.48 -41.61
C ALA K 239 19.20 6.27 -42.16
N VAL K 240 18.98 7.44 -42.75
CA VAL K 240 20.06 8.30 -43.32
C VAL K 240 20.72 7.63 -44.53
N GLN K 241 20.27 8.02 -45.72
CA GLN K 241 20.47 7.25 -46.92
C GLN K 241 21.81 7.54 -47.59
N LEU K 242 22.47 6.47 -48.08
CA LEU K 242 23.68 6.63 -48.92
C LEU K 242 23.32 6.80 -50.40
N SER K 243 24.07 7.61 -51.14
CA SER K 243 23.91 7.69 -52.60
C SER K 243 25.17 7.92 -53.38
N LEU K 244 25.29 7.19 -54.46
CA LEU K 244 26.32 7.40 -55.44
C LEU K 244 25.83 8.28 -56.59
N GLY K 245 26.76 9.05 -57.18
CA GLY K 245 26.44 10.04 -58.18
C GLY K 245 27.68 10.57 -58.86
N PRO K 246 27.51 11.19 -60.05
CA PRO K 246 28.63 11.75 -60.82
C PRO K 246 29.32 12.93 -60.18
N MET K 247 30.61 13.03 -60.42
CA MET K 247 31.35 14.27 -60.25
C MET K 247 32.00 14.60 -61.59
N ALA K 248 32.14 15.90 -61.88
CA ALA K 248 32.64 16.39 -63.18
C ALA K 248 33.01 17.87 -63.22
N ARG K 249 33.53 18.31 -64.37
CA ARG K 249 34.04 19.67 -64.58
C ARG K 249 32.99 20.73 -65.00
N ASP K 250 31.82 20.26 -65.46
CA ASP K 250 30.64 21.11 -65.68
C ASP K 250 29.37 20.31 -65.39
N VAL K 251 28.22 20.99 -65.24
CA VAL K 251 26.95 20.30 -64.85
C VAL K 251 26.34 19.44 -65.93
N GLU K 252 26.57 19.81 -67.20
CA GLU K 252 26.11 19.05 -68.39
C GLU K 252 26.70 17.63 -68.44
N SER K 253 27.93 17.50 -67.94
CA SER K 253 28.62 16.25 -67.82
C SER K 253 27.96 15.31 -66.81
N LEU K 254 27.43 15.89 -65.71
CA LEU K 254 26.66 15.11 -64.71
C LEU K 254 25.31 14.67 -65.24
N ALA K 255 24.74 15.48 -66.13
CA ALA K 255 23.50 15.14 -66.84
C ALA K 255 23.68 14.01 -67.88
N LEU K 256 24.85 13.97 -68.55
CA LEU K 256 25.21 12.93 -69.52
C LEU K 256 25.42 11.64 -68.81
N CYS K 257 26.07 11.73 -67.65
CA CYS K 257 26.44 10.57 -66.84
C CYS K 257 25.23 9.87 -66.27
N LEU K 258 24.31 10.67 -65.75
CA LEU K 258 23.07 10.16 -65.19
C LEU K 258 22.20 9.54 -66.27
N LYS K 259 22.20 10.14 -67.45
CA LYS K 259 21.39 9.67 -68.59
C LYS K 259 21.97 8.39 -69.25
N ALA K 260 23.27 8.17 -69.10
CA ALA K 260 23.88 6.89 -69.48
C ALA K 260 23.56 5.82 -68.45
N LEU K 261 23.72 6.17 -67.18
CA LEU K 261 23.49 5.24 -66.06
C LEU K 261 22.04 4.76 -65.96
N LEU K 262 21.09 5.65 -66.28
CA LEU K 262 19.64 5.40 -66.06
C LEU K 262 18.96 4.65 -67.23
N CYS K 263 19.56 3.53 -67.60
CA CYS K 263 19.20 2.80 -68.82
C CYS K 263 18.64 1.43 -68.45
N GLU K 264 18.04 0.73 -69.44
CA GLU K 264 17.44 -0.61 -69.25
C GLU K 264 18.42 -1.69 -68.75
N HIS K 265 19.71 -1.55 -69.11
CA HIS K 265 20.78 -2.42 -68.58
C HIS K 265 20.83 -2.37 -67.08
N LEU K 266 20.89 -1.15 -66.53
CA LEU K 266 20.87 -0.88 -65.08
C LEU K 266 19.58 -1.29 -64.39
N PHE K 267 18.44 -1.26 -65.09
CA PHE K 267 17.17 -1.72 -64.50
C PHE K 267 16.94 -3.25 -64.58
N THR K 268 17.66 -3.91 -65.49
CA THR K 268 17.72 -5.38 -65.53
C THR K 268 18.75 -5.92 -64.52
N LEU K 269 19.99 -5.40 -64.58
CA LEU K 269 21.05 -5.69 -63.58
C LEU K 269 20.79 -4.87 -62.33
N ASP K 270 20.20 -5.49 -61.30
CA ASP K 270 19.51 -4.77 -60.13
C ASP K 270 18.09 -4.18 -60.44
N PRO K 271 17.07 -5.06 -60.45
CA PRO K 271 15.65 -4.63 -60.49
C PRO K 271 15.11 -3.90 -59.24
N THR K 272 15.88 -3.75 -58.16
CA THR K 272 15.40 -3.02 -56.95
C THR K 272 15.32 -1.49 -57.17
N VAL K 273 16.24 -0.98 -57.98
CA VAL K 273 16.24 0.41 -58.45
C VAL K 273 15.01 0.61 -59.35
N PRO K 274 14.11 1.55 -58.97
CA PRO K 274 12.90 1.79 -59.75
C PRO K 274 13.29 2.36 -61.14
N PRO K 275 12.69 1.81 -62.22
CA PRO K 275 13.13 2.12 -63.58
C PRO K 275 12.58 3.48 -64.07
N LEU K 276 13.11 4.56 -63.48
CA LEU K 276 12.78 5.90 -63.91
C LEU K 276 13.84 6.40 -64.86
N PRO K 277 13.49 6.55 -66.14
CA PRO K 277 14.46 7.05 -67.15
C PRO K 277 14.74 8.54 -66.95
N PHE K 278 15.90 9.02 -67.42
CA PHE K 278 16.23 10.43 -67.34
C PHE K 278 15.32 11.19 -68.25
N ARG K 279 14.80 12.29 -67.73
CA ARG K 279 13.73 13.00 -68.39
C ARG K 279 14.33 14.24 -68.99
N GLU K 280 14.64 14.15 -70.28
CA GLU K 280 15.31 15.22 -70.99
C GLU K 280 14.50 16.54 -71.04
N GLU K 281 13.18 16.41 -71.18
CA GLU K 281 12.25 17.55 -71.29
C GLU K 281 12.25 18.48 -70.07
N VAL K 282 12.53 17.91 -68.88
CA VAL K 282 12.57 18.64 -67.60
C VAL K 282 13.97 19.30 -67.37
N TYR K 283 15.02 18.58 -67.73
CA TYR K 283 16.39 19.12 -67.68
C TYR K 283 16.64 20.19 -68.77
N ARG K 284 16.00 20.03 -69.95
CA ARG K 284 16.14 21.01 -71.06
C ARG K 284 15.25 22.26 -70.93
N SER K 285 14.25 22.18 -70.05
CA SER K 285 13.24 23.24 -69.82
C SER K 285 13.85 24.55 -69.32
N SER K 286 13.19 25.66 -69.64
CA SER K 286 13.70 27.01 -69.32
C SER K 286 12.65 27.90 -68.65
N ARG K 287 11.58 27.25 -68.16
CA ARG K 287 10.56 27.87 -67.30
C ARG K 287 11.18 28.42 -65.99
N PRO K 288 10.87 29.70 -65.66
CA PRO K 288 11.41 30.36 -64.46
C PRO K 288 10.83 29.77 -63.17
N LEU K 289 11.74 29.51 -62.22
CA LEU K 289 11.44 28.72 -61.05
C LEU K 289 11.15 29.58 -59.84
N ARG K 290 10.45 28.98 -58.88
CA ARG K 290 10.36 29.47 -57.52
C ARG K 290 11.42 28.73 -56.73
N VAL K 291 12.58 29.37 -56.64
CA VAL K 291 13.69 28.96 -55.80
C VAL K 291 13.44 29.43 -54.33
N GLY K 292 13.43 28.48 -53.39
CA GLY K 292 13.65 28.77 -51.98
C GLY K 292 15.11 29.06 -51.69
N TYR K 293 15.36 29.90 -50.69
CA TYR K 293 16.74 30.21 -50.28
C TYR K 293 16.86 30.44 -48.76
N TYR K 294 18.05 30.14 -48.22
CA TYR K 294 18.51 30.65 -46.90
C TYR K 294 20.01 31.00 -46.90
N GLU K 295 20.40 31.95 -46.04
CA GLU K 295 21.80 32.43 -45.97
C GLU K 295 22.69 31.65 -44.96
N THR K 296 22.03 30.92 -44.05
CA THR K 296 22.67 30.21 -42.92
C THR K 296 21.69 29.16 -42.39
N ASP K 297 22.20 28.09 -41.79
CA ASP K 297 21.33 27.07 -41.20
C ASP K 297 21.02 27.27 -39.70
N ASN K 298 21.49 28.41 -39.16
CA ASN K 298 21.52 28.72 -37.71
C ASN K 298 22.22 27.67 -36.84
N TYR K 299 23.31 27.10 -37.36
CA TYR K 299 23.97 25.97 -36.72
C TYR K 299 25.48 26.00 -36.93
N THR K 300 25.90 25.87 -38.20
CA THR K 300 27.23 26.29 -38.63
C THR K 300 27.08 27.68 -39.12
N MET K 301 27.95 28.57 -38.62
CA MET K 301 28.13 29.87 -39.21
C MET K 301 28.83 29.73 -40.58
N PRO K 302 28.30 30.41 -41.61
CA PRO K 302 28.97 30.49 -42.90
C PRO K 302 30.29 31.25 -42.82
N SER K 303 31.20 30.96 -43.75
CA SER K 303 32.31 31.85 -44.02
C SER K 303 31.72 33.10 -44.70
N PRO K 304 32.34 34.29 -44.52
CA PRO K 304 32.04 35.47 -45.36
C PRO K 304 32.04 35.13 -46.86
N ALA K 305 32.94 34.22 -47.28
CA ALA K 305 32.97 33.68 -48.63
C ALA K 305 31.71 32.86 -49.04
N MET K 306 31.23 31.97 -48.15
CA MET K 306 29.93 31.23 -48.31
C MET K 306 28.75 32.14 -48.45
N ARG K 307 28.75 33.18 -47.59
CA ARG K 307 27.66 34.10 -47.43
C ARG K 307 27.57 34.99 -48.66
N ARG K 308 28.75 35.40 -49.16
CA ARG K 308 28.87 36.14 -50.43
C ARG K 308 28.46 35.28 -51.63
N ALA K 309 29.01 34.05 -51.71
CA ALA K 309 28.61 33.04 -52.69
C ALA K 309 27.10 32.86 -52.81
N LEU K 310 26.42 32.67 -51.66
CA LEU K 310 24.93 32.61 -51.62
C LEU K 310 24.23 33.90 -52.16
N ILE K 311 24.47 35.06 -51.50
CA ILE K 311 23.72 36.32 -51.77
C ILE K 311 23.89 36.77 -53.24
N GLU K 312 25.10 36.58 -53.77
CA GLU K 312 25.42 36.91 -55.15
C GLU K 312 24.62 36.13 -56.19
N THR K 313 24.55 34.79 -56.05
CA THR K 313 23.78 33.97 -57.00
C THR K 313 22.30 34.20 -56.85
N LYS K 314 21.85 34.39 -55.59
CA LYS K 314 20.47 34.80 -55.27
C LYS K 314 20.01 36.05 -56.08
N GLN K 315 20.87 37.08 -56.11
CA GLN K 315 20.67 38.30 -56.90
C GLN K 315 20.58 38.05 -58.41
N ARG K 316 21.51 37.22 -58.92
CA ARG K 316 21.56 36.87 -60.37
C ARG K 316 20.42 35.98 -60.84
N LEU K 317 19.81 35.23 -59.92
CA LEU K 317 18.59 34.48 -60.22
C LEU K 317 17.34 35.39 -60.23
N GLU K 318 17.39 36.52 -59.50
CA GLU K 318 16.34 37.53 -59.52
C GLU K 318 16.31 38.30 -60.84
N ALA K 319 17.50 38.65 -61.34
CA ALA K 319 17.67 39.41 -62.60
C ALA K 319 17.33 38.60 -63.86
N ALA K 320 17.45 37.26 -63.76
CA ALA K 320 17.14 36.36 -64.86
C ALA K 320 15.66 35.96 -64.86
N GLY K 321 14.95 36.32 -63.78
CA GLY K 321 13.50 36.31 -63.76
C GLY K 321 12.89 35.25 -62.88
N HIS K 322 13.70 34.68 -61.97
CA HIS K 322 13.23 33.65 -61.02
C HIS K 322 12.86 34.33 -59.73
N THR K 323 11.87 33.76 -59.04
CA THR K 323 11.38 34.32 -57.78
C THR K 323 12.08 33.63 -56.58
N LEU K 324 12.59 34.43 -55.64
CA LEU K 324 13.41 33.93 -54.54
C LEU K 324 12.70 34.10 -53.20
N ILE K 325 12.34 32.98 -52.59
CA ILE K 325 11.50 32.99 -51.39
C ILE K 325 12.30 32.55 -50.18
N PRO K 326 12.38 33.40 -49.13
CA PRO K 326 13.02 33.00 -47.86
C PRO K 326 12.35 31.74 -47.29
N PHE K 327 13.14 30.68 -47.19
CA PHE K 327 12.68 29.35 -46.80
C PHE K 327 13.80 28.64 -46.05
N LEU K 328 13.50 28.18 -44.85
CA LEU K 328 14.41 27.34 -44.09
C LEU K 328 13.63 26.15 -43.58
N PRO K 329 14.21 24.94 -43.62
CA PRO K 329 13.52 23.77 -43.08
C PRO K 329 13.52 23.80 -41.58
N ASN K 330 12.36 23.52 -41.00
CA ASN K 330 12.12 23.59 -39.54
C ASN K 330 12.93 22.55 -38.79
N ASN K 331 13.25 22.86 -37.52
CA ASN K 331 13.89 21.92 -36.57
C ASN K 331 15.15 21.25 -37.08
N ILE K 332 16.00 22.04 -37.75
CA ILE K 332 17.38 21.65 -38.10
C ILE K 332 18.17 21.00 -36.93
N PRO K 333 18.29 21.64 -35.73
CA PRO K 333 19.03 21.01 -34.61
C PRO K 333 18.53 19.61 -34.19
N TYR K 334 17.20 19.38 -34.26
CA TYR K 334 16.60 18.09 -33.95
C TYR K 334 16.92 17.08 -35.05
N ALA K 335 16.96 17.55 -36.29
CA ALA K 335 17.27 16.72 -37.42
C ALA K 335 18.74 16.30 -37.42
N LEU K 336 19.63 17.24 -37.09
CA LEU K 336 21.08 16.99 -37.09
C LEU K 336 21.51 16.13 -35.92
N GLU K 337 21.07 16.50 -34.72
CA GLU K 337 21.58 15.92 -33.51
C GLU K 337 20.92 14.58 -33.16
N VAL K 338 19.61 14.47 -33.39
CA VAL K 338 18.91 13.21 -33.12
C VAL K 338 18.70 12.28 -34.34
N LEU K 339 18.36 12.83 -35.50
CA LEU K 339 18.03 11.98 -36.64
C LEU K 339 19.25 11.54 -37.44
N SER K 340 19.99 12.54 -38.01
CA SER K 340 21.31 12.36 -38.64
C SER K 340 22.28 11.54 -37.75
N ALA K 341 22.77 12.17 -36.66
CA ALA K 341 23.80 11.62 -35.80
C ALA K 341 23.36 10.33 -35.13
N GLY K 342 22.08 10.29 -34.74
CA GLY K 342 21.51 9.16 -34.02
C GLY K 342 21.29 7.96 -34.89
N GLY K 343 20.90 8.21 -36.14
CA GLY K 343 20.81 7.19 -37.17
C GLY K 343 22.13 6.54 -37.50
N LEU K 344 23.16 7.37 -37.71
CA LEU K 344 24.52 6.93 -38.04
C LEU K 344 25.20 6.10 -36.95
N PHE K 345 24.89 6.38 -35.67
CA PHE K 345 25.56 5.71 -34.53
C PHE K 345 24.61 4.97 -33.55
N SER K 346 23.50 4.42 -34.07
CA SER K 346 22.47 3.73 -33.26
C SER K 346 22.93 2.46 -32.47
N ASP K 347 24.05 1.87 -32.88
CA ASP K 347 24.63 0.70 -32.22
C ASP K 347 25.83 1.11 -31.38
N GLY K 348 26.03 2.42 -31.27
CA GLY K 348 27.11 2.97 -30.47
C GLY K 348 28.47 2.96 -31.13
N GLY K 349 28.49 2.59 -32.43
CA GLY K 349 29.71 2.52 -33.22
C GLY K 349 30.50 1.21 -33.08
N ARG K 350 29.87 0.14 -32.55
CA ARG K 350 30.53 -1.19 -32.44
C ARG K 350 30.80 -1.83 -33.83
N SER K 351 29.80 -1.82 -34.72
CA SER K 351 29.98 -2.29 -36.11
C SER K 351 31.04 -1.47 -36.86
N PHE K 352 31.05 -0.17 -36.62
CA PHE K 352 32.08 0.72 -37.14
C PHE K 352 33.51 0.39 -36.61
N LEU K 353 33.59 -0.04 -35.34
CA LEU K 353 34.91 -0.23 -34.68
C LEU K 353 35.60 -1.56 -34.94
N GLN K 354 34.81 -2.58 -35.28
CA GLN K 354 35.27 -3.85 -35.87
C GLN K 354 36.29 -3.72 -37.02
N ASN K 355 36.14 -2.67 -37.82
CA ASN K 355 37.05 -2.39 -38.92
C ASN K 355 38.41 -1.87 -38.53
N PHE K 356 38.56 -1.52 -37.25
CA PHE K 356 39.77 -0.88 -36.75
C PHE K 356 40.56 -1.77 -35.78
N LYS K 357 40.06 -3.02 -35.59
CA LYS K 357 40.69 -4.04 -34.74
C LYS K 357 42.09 -4.32 -35.20
N GLY K 358 43.05 -3.94 -34.34
CA GLY K 358 44.48 -3.98 -34.63
C GLY K 358 44.99 -2.98 -35.68
N ASP K 359 44.10 -2.15 -36.22
CA ASP K 359 44.48 -1.14 -37.19
C ASP K 359 44.93 0.11 -36.48
N PHE K 360 45.86 0.82 -37.12
CA PHE K 360 46.15 2.21 -36.82
C PHE K 360 44.92 3.10 -37.08
N VAL K 361 44.82 4.21 -36.35
CA VAL K 361 43.82 5.22 -36.69
C VAL K 361 44.44 6.53 -37.12
N ASP K 362 44.03 6.98 -38.30
CA ASP K 362 44.70 8.05 -39.00
C ASP K 362 44.41 9.37 -38.29
N PRO K 363 45.48 10.16 -38.07
CA PRO K 363 45.39 11.56 -37.57
C PRO K 363 44.23 12.41 -38.11
N CYS K 364 43.86 12.24 -39.40
CA CYS K 364 42.69 12.91 -40.00
C CYS K 364 41.30 12.48 -39.43
N LEU K 365 41.25 11.33 -38.77
CA LEU K 365 40.02 10.85 -38.13
C LEU K 365 39.86 11.38 -36.70
N GLY K 366 40.92 12.05 -36.21
CA GLY K 366 40.87 12.87 -35.03
C GLY K 366 40.79 12.02 -33.81
N ASP K 367 39.71 12.22 -33.04
CA ASP K 367 39.51 11.57 -31.76
C ASP K 367 38.25 10.75 -31.72
N LEU K 368 37.55 10.69 -32.85
CA LEU K 368 36.25 10.01 -33.00
C LEU K 368 36.31 8.57 -32.58
N ILE K 369 37.42 7.92 -32.95
CA ILE K 369 37.71 6.53 -32.65
C ILE K 369 37.84 6.27 -31.17
N LEU K 370 38.60 7.14 -30.48
CA LEU K 370 38.78 7.09 -29.01
C LEU K 370 37.42 7.20 -28.28
N ILE K 371 36.60 8.16 -28.73
CA ILE K 371 35.33 8.48 -28.09
C ILE K 371 34.25 7.40 -28.34
N LEU K 372 34.20 6.86 -29.56
CA LEU K 372 33.31 5.72 -29.84
C LEU K 372 33.65 4.47 -29.03
N ARG K 373 34.95 4.29 -28.78
CA ARG K 373 35.46 3.22 -27.91
C ARG K 373 35.07 3.34 -26.41
N LEU K 374 34.80 4.58 -25.95
CA LEU K 374 34.40 4.87 -24.54
C LEU K 374 33.10 4.15 -24.17
N PRO K 375 32.94 3.70 -22.88
CA PRO K 375 31.78 2.88 -22.47
C PRO K 375 30.48 3.66 -22.42
N SER K 376 29.36 2.93 -22.37
CA SER K 376 28.00 3.50 -22.33
C SER K 376 27.79 4.60 -21.26
N TRP K 377 28.12 4.26 -20.02
CA TRP K 377 27.85 5.08 -18.86
C TRP K 377 28.65 6.40 -18.83
N PHE K 378 29.85 6.39 -19.44
CA PHE K 378 30.74 7.55 -19.47
C PHE K 378 30.40 8.51 -20.60
N LYS K 379 29.81 7.99 -21.67
CA LYS K 379 29.25 8.85 -22.73
C LYS K 379 28.05 9.65 -22.25
N ARG K 380 27.19 9.00 -21.42
CA ARG K 380 26.08 9.67 -20.72
C ARG K 380 26.54 10.63 -19.60
N LEU K 381 27.46 10.17 -18.71
CA LEU K 381 27.97 11.06 -17.61
C LEU K 381 28.53 12.37 -18.16
N LEU K 382 29.42 12.27 -19.14
CA LEU K 382 29.98 13.41 -19.82
C LEU K 382 28.92 14.23 -20.56
N SER K 383 27.89 13.56 -21.09
CA SER K 383 26.81 14.23 -21.86
C SER K 383 26.07 15.28 -21.04
N LEU K 384 25.42 14.85 -19.94
CA LEU K 384 24.70 15.79 -19.11
C LEU K 384 25.60 16.74 -18.26
N LEU K 385 26.86 16.33 -18.06
CA LEU K 385 27.94 17.22 -17.60
C LEU K 385 28.24 18.34 -18.57
N LEU K 386 28.25 18.05 -19.87
CA LEU K 386 28.55 19.08 -20.89
C LEU K 386 27.35 19.98 -21.28
N LYS K 387 26.11 19.45 -21.22
CA LYS K 387 24.86 20.17 -21.67
C LYS K 387 24.54 21.63 -21.17
N PRO K 388 24.84 22.01 -19.89
CA PRO K 388 24.81 23.45 -19.49
C PRO K 388 25.82 24.37 -20.25
N LEU K 389 27.03 23.89 -20.56
CA LEU K 389 28.05 24.75 -21.21
C LEU K 389 28.19 24.58 -22.75
N PHE K 390 28.27 23.33 -23.20
CA PHE K 390 28.51 23.00 -24.62
C PHE K 390 27.45 22.02 -25.16
N PRO K 391 26.25 22.53 -25.52
CA PRO K 391 25.12 21.66 -25.89
C PRO K 391 25.31 20.76 -27.16
N ARG K 392 26.09 21.21 -28.15
CA ARG K 392 26.34 20.45 -29.42
C ARG K 392 27.11 19.16 -29.12
N LEU K 393 28.17 19.30 -28.33
CA LEU K 393 29.05 18.22 -27.99
C LEU K 393 28.32 17.23 -27.10
N ALA K 394 27.43 17.78 -26.24
CA ALA K 394 26.54 16.99 -25.38
C ALA K 394 25.58 16.13 -26.18
N ALA K 395 25.09 16.70 -27.30
CA ALA K 395 24.21 16.01 -28.22
C ALA K 395 24.97 14.90 -28.98
N PHE K 396 26.22 15.20 -29.39
CA PHE K 396 27.15 14.29 -30.10
C PHE K 396 27.45 13.01 -29.31
N LEU K 397 27.68 13.15 -28.00
CA LEU K 397 27.87 11.98 -27.10
C LEU K 397 26.60 11.23 -26.80
N ASN K 398 25.49 11.94 -26.63
CA ASN K 398 24.18 11.32 -26.38
C ASN K 398 23.69 10.42 -27.56
N SER K 399 24.16 10.73 -28.76
CA SER K 399 23.76 10.10 -30.00
C SER K 399 24.66 8.92 -30.38
N MET K 400 25.77 8.74 -29.64
CA MET K 400 26.62 7.55 -29.80
C MET K 400 26.30 6.49 -28.77
N ARG K 401 25.16 6.62 -28.10
CA ARG K 401 24.69 5.60 -27.16
C ARG K 401 24.14 4.41 -27.97
N PRO K 402 24.35 3.17 -27.46
CA PRO K 402 23.73 1.99 -28.05
C PRO K 402 22.22 1.90 -27.80
N ARG K 403 21.45 1.94 -28.88
CA ARG K 403 20.00 1.86 -28.81
C ARG K 403 19.50 0.44 -29.07
N SER K 404 18.24 0.20 -28.72
CA SER K 404 17.59 -1.09 -28.94
C SER K 404 16.80 -1.07 -30.25
N ALA K 405 16.46 -2.26 -30.77
CA ALA K 405 15.60 -2.39 -31.95
C ALA K 405 14.26 -1.64 -31.86
N GLU K 406 13.58 -1.73 -30.68
CA GLU K 406 12.44 -0.81 -30.32
C GLU K 406 12.72 0.65 -30.60
N LYS K 407 13.89 1.12 -30.19
CA LYS K 407 14.25 2.53 -30.37
C LYS K 407 14.83 2.87 -31.75
N LEU K 408 15.26 1.85 -32.51
CA LEU K 408 15.61 2.05 -33.94
C LEU K 408 14.37 2.25 -34.74
N TRP K 409 13.31 1.47 -34.39
CA TRP K 409 11.98 1.56 -35.01
C TRP K 409 11.34 2.93 -34.84
N LYS K 410 11.23 3.37 -33.57
CA LYS K 410 10.96 4.78 -33.22
C LYS K 410 11.77 5.77 -34.05
N LEU K 411 13.10 5.62 -34.11
CA LEU K 411 13.97 6.58 -34.82
C LEU K 411 13.74 6.66 -36.33
N GLN K 412 13.52 5.49 -36.96
CA GLN K 412 13.17 5.40 -38.37
C GLN K 412 11.81 6.02 -38.66
N HIS K 413 10.87 5.91 -37.72
CA HIS K 413 9.58 6.61 -37.84
C HIS K 413 9.73 8.12 -37.72
N GLU K 414 10.52 8.56 -36.73
CA GLU K 414 10.87 9.97 -36.54
C GLU K 414 11.48 10.63 -37.81
N ILE K 415 12.21 9.84 -38.61
CA ILE K 415 12.84 10.33 -39.85
C ILE K 415 11.83 10.53 -40.98
N GLU K 416 10.96 9.53 -41.20
CA GLU K 416 9.94 9.59 -42.26
C GLU K 416 8.86 10.69 -41.98
N MET K 417 8.56 10.90 -40.69
CA MET K 417 7.73 11.99 -40.26
C MET K 417 8.40 13.38 -40.45
N TYR K 418 9.73 13.47 -40.29
CA TYR K 418 10.46 14.72 -40.56
C TYR K 418 10.43 15.03 -42.03
N ARG K 419 10.74 13.99 -42.83
CA ARG K 419 10.72 14.00 -44.29
C ARG K 419 9.42 14.57 -44.88
N GLN K 420 8.29 14.08 -44.39
CA GLN K 420 6.97 14.54 -44.78
C GLN K 420 6.74 16.00 -44.38
N SER K 421 7.15 16.34 -43.15
CA SER K 421 6.98 17.69 -42.59
C SER K 421 7.76 18.76 -43.36
N VAL K 422 8.98 18.42 -43.80
CA VAL K 422 9.80 19.34 -44.66
C VAL K 422 9.23 19.51 -46.06
N ILE K 423 8.71 18.40 -46.63
CA ILE K 423 7.92 18.39 -47.88
C ILE K 423 6.63 19.28 -47.80
N ALA K 424 5.96 19.26 -46.67
CA ALA K 424 4.74 20.03 -46.46
C ALA K 424 5.01 21.53 -46.42
N GLN K 425 6.17 21.91 -45.85
CA GLN K 425 6.70 23.29 -45.89
C GLN K 425 6.98 23.75 -47.34
N TRP K 426 7.74 22.92 -48.07
CA TRP K 426 8.04 23.08 -49.50
C TRP K 426 6.79 23.42 -50.33
N LYS K 427 5.76 22.57 -50.20
CA LYS K 427 4.49 22.70 -50.98
C LYS K 427 3.64 23.89 -50.54
N ALA K 428 3.52 24.10 -49.22
CA ALA K 428 2.83 25.29 -48.69
C ALA K 428 3.54 26.63 -49.00
N MET K 429 4.81 26.56 -49.42
CA MET K 429 5.49 27.69 -50.06
C MET K 429 5.72 27.53 -51.56
N ASN K 430 5.09 26.48 -52.14
CA ASN K 430 5.07 26.19 -53.59
C ASN K 430 6.40 26.32 -54.34
N LEU K 431 7.45 25.76 -53.73
CA LEU K 431 8.80 25.82 -54.30
C LEU K 431 8.94 24.81 -55.40
N ASP K 432 9.95 25.03 -56.26
CA ASP K 432 10.41 24.00 -57.20
C ASP K 432 11.79 23.46 -56.83
N VAL K 433 12.57 24.31 -56.19
CA VAL K 433 13.96 24.06 -55.98
C VAL K 433 14.45 24.83 -54.70
N LEU K 434 15.59 24.42 -54.13
CA LEU K 434 16.13 25.05 -52.90
C LEU K 434 17.61 25.42 -53.01
N LEU K 435 17.92 26.66 -52.69
CA LEU K 435 19.30 27.16 -52.76
C LEU K 435 19.83 27.43 -51.38
N THR K 436 21.10 27.08 -51.17
CA THR K 436 21.61 26.68 -49.88
C THR K 436 23.10 26.98 -49.92
N PRO K 437 23.69 27.53 -48.84
CA PRO K 437 25.13 27.77 -48.81
C PRO K 437 25.85 26.43 -48.67
N MET K 438 27.11 26.38 -49.05
CA MET K 438 27.81 25.10 -49.03
C MET K 438 29.16 25.33 -48.41
N LEU K 439 29.50 24.48 -47.40
CA LEU K 439 30.69 24.61 -46.55
C LEU K 439 31.88 25.20 -47.29
N GLY K 440 32.46 26.28 -46.70
CA GLY K 440 33.21 27.34 -47.38
C GLY K 440 34.49 26.94 -48.01
N PRO K 441 35.49 27.83 -48.00
CA PRO K 441 36.78 27.51 -48.63
C PRO K 441 37.44 26.27 -47.95
N ALA K 442 38.25 25.51 -48.67
CA ALA K 442 38.72 24.19 -48.17
C ALA K 442 39.44 24.34 -46.83
N LEU K 443 39.16 23.42 -45.93
CA LEU K 443 39.75 23.42 -44.61
C LEU K 443 41.27 23.17 -44.71
N ASP K 444 42.01 23.36 -43.61
CA ASP K 444 43.44 22.95 -43.56
C ASP K 444 43.53 21.41 -43.52
N LEU K 445 44.71 20.85 -43.20
CA LEU K 445 44.91 19.42 -43.38
C LEU K 445 44.15 18.49 -42.41
N ASN K 446 44.70 18.10 -41.26
CA ASN K 446 44.01 17.10 -40.40
C ASN K 446 42.89 17.65 -39.48
N THR K 447 42.19 18.67 -40.01
CA THR K 447 41.21 19.53 -39.29
C THR K 447 39.66 19.19 -39.47
N PRO K 448 39.20 18.60 -40.63
CA PRO K 448 37.85 17.99 -40.72
C PRO K 448 37.49 16.98 -39.65
N GLY K 449 38.48 16.28 -39.09
CA GLY K 449 38.27 15.40 -37.94
C GLY K 449 37.77 16.12 -36.69
N ARG K 450 38.23 17.35 -36.49
CA ARG K 450 37.88 18.12 -35.30
C ARG K 450 36.97 19.29 -35.65
N ALA K 451 36.20 19.16 -36.74
CA ALA K 451 35.22 20.17 -37.16
C ALA K 451 33.84 19.57 -37.48
N THR K 452 33.46 18.52 -36.77
CA THR K 452 32.33 17.61 -37.14
C THR K 452 31.01 18.33 -37.50
N GLY K 453 30.72 19.44 -36.81
CA GLY K 453 29.47 20.16 -36.96
C GLY K 453 29.40 21.09 -38.14
N ALA K 454 30.45 21.12 -38.98
CA ALA K 454 30.41 21.81 -40.26
C ALA K 454 29.73 20.99 -41.42
N ILE K 455 29.54 19.68 -41.21
CA ILE K 455 28.73 18.83 -42.11
C ILE K 455 27.17 19.04 -42.02
N SER K 456 26.78 19.94 -41.11
CA SER K 456 25.40 20.47 -40.96
C SER K 456 24.73 20.97 -42.24
N TYR K 457 25.51 21.57 -43.15
CA TYR K 457 24.98 21.99 -44.45
C TYR K 457 24.60 20.87 -45.42
N THR K 458 25.35 19.77 -45.40
CA THR K 458 25.19 18.70 -46.38
C THR K 458 24.37 17.55 -45.89
N VAL K 459 24.71 17.04 -44.68
CA VAL K 459 24.12 15.79 -44.08
C VAL K 459 22.59 15.82 -43.89
N LEU K 460 22.02 17.04 -43.84
CA LEU K 460 20.57 17.27 -43.74
C LEU K 460 19.82 16.70 -44.94
N TYR K 461 20.49 16.62 -46.06
CA TYR K 461 19.89 16.14 -47.29
C TYR K 461 20.14 14.65 -47.58
N ASN K 462 21.03 14.03 -46.81
CA ASN K 462 21.07 12.53 -46.68
C ASN K 462 20.07 12.08 -45.72
N CYS K 463 19.85 12.93 -44.70
CA CYS K 463 18.81 12.73 -43.73
C CYS K 463 17.44 12.79 -44.41
N LEU K 464 17.24 13.82 -45.21
CA LEU K 464 15.98 14.07 -45.87
C LEU K 464 15.77 13.19 -47.12
N ASP K 465 16.88 12.73 -47.69
CA ASP K 465 16.93 12.01 -48.97
C ASP K 465 16.39 12.78 -50.17
N PHE K 466 16.75 14.06 -50.23
CA PHE K 466 16.47 14.94 -51.39
C PHE K 466 17.73 14.88 -52.29
N PRO K 467 17.59 15.12 -53.60
CA PRO K 467 18.75 15.36 -54.45
C PRO K 467 19.47 16.62 -54.06
N ALA K 468 20.76 16.52 -53.83
CA ALA K 468 21.58 17.68 -53.52
C ALA K 468 22.80 17.76 -54.41
N GLY K 469 23.00 18.91 -55.04
CA GLY K 469 24.06 19.12 -56.02
C GLY K 469 24.89 20.33 -55.65
N VAL K 470 26.05 20.48 -56.29
CA VAL K 470 27.03 21.53 -55.95
C VAL K 470 27.66 22.10 -57.24
N VAL K 471 27.79 23.43 -57.31
CA VAL K 471 28.28 24.13 -58.50
C VAL K 471 29.07 25.35 -58.03
N PRO K 472 30.31 25.52 -58.53
CA PRO K 472 31.24 26.58 -58.06
C PRO K 472 31.00 27.99 -58.70
N VAL K 473 30.91 29.01 -57.86
CA VAL K 473 30.33 30.30 -58.26
C VAL K 473 31.26 31.50 -58.03
N THR K 474 32.19 31.35 -57.09
CA THR K 474 33.20 32.38 -56.79
C THR K 474 34.51 31.77 -56.31
N THR K 475 35.54 32.57 -56.32
CA THR K 475 36.74 32.29 -55.56
C THR K 475 36.94 33.36 -54.47
N VAL K 476 37.73 33.02 -53.43
CA VAL K 476 37.93 33.85 -52.19
C VAL K 476 38.76 35.14 -52.47
N THR K 477 38.20 36.31 -52.15
CA THR K 477 38.91 37.58 -52.31
C THR K 477 39.93 37.81 -51.16
N ALA K 478 40.68 38.92 -51.23
CA ALA K 478 41.46 39.41 -50.09
C ALA K 478 40.57 39.76 -48.90
N GLU K 479 39.43 40.43 -49.17
CA GLU K 479 38.49 40.88 -48.13
C GLU K 479 37.74 39.74 -47.40
N ASP K 480 37.42 38.65 -48.14
CA ASP K 480 36.78 37.44 -47.58
C ASP K 480 37.67 36.69 -46.61
N ASP K 481 38.98 36.74 -46.86
CA ASP K 481 39.97 36.15 -45.98
C ASP K 481 40.32 37.03 -44.81
N ALA K 482 40.22 38.35 -45.01
CA ALA K 482 40.35 39.34 -43.94
C ALA K 482 39.23 39.20 -42.88
N GLN K 483 37.99 39.00 -43.36
CA GLN K 483 36.82 38.85 -42.51
C GLN K 483 36.75 37.48 -41.80
N MET K 484 37.73 36.61 -42.07
CA MET K 484 37.92 35.36 -41.35
C MET K 484 38.40 35.52 -39.91
N GLU K 485 39.06 36.64 -39.62
CA GLU K 485 39.50 36.98 -38.26
C GLU K 485 38.42 37.80 -37.44
N LEU K 486 37.28 38.08 -38.10
CA LEU K 486 36.09 38.61 -37.42
C LEU K 486 35.05 37.50 -37.11
N TYR K 487 35.37 36.26 -37.54
CA TYR K 487 34.48 35.09 -37.39
C TYR K 487 34.35 34.67 -35.93
N LYS K 488 33.11 34.32 -35.57
CA LYS K 488 32.77 33.62 -34.31
C LYS K 488 31.41 32.88 -34.52
N GLY K 489 31.40 31.56 -34.31
CA GLY K 489 30.24 30.71 -34.61
C GLY K 489 29.05 30.89 -33.68
N TYR K 490 28.01 30.07 -33.87
CA TYR K 490 26.77 30.17 -33.06
C TYR K 490 26.84 29.51 -31.66
N PHE K 491 27.98 28.91 -31.33
CA PHE K 491 28.10 28.07 -30.14
C PHE K 491 29.37 28.33 -29.35
N GLY K 492 30.43 28.80 -30.04
CA GLY K 492 31.75 29.01 -29.45
C GLY K 492 32.38 27.79 -28.71
N ASP K 493 31.88 26.59 -29.00
CA ASP K 493 32.58 25.36 -28.68
C ASP K 493 33.74 25.09 -29.65
N ILE K 494 34.47 24.01 -29.41
CA ILE K 494 35.77 23.73 -30.06
C ILE K 494 35.74 23.49 -31.63
N TRP K 495 34.56 23.17 -32.18
CA TRP K 495 34.38 23.10 -33.63
C TRP K 495 34.25 24.49 -34.25
N ASP K 496 33.68 25.43 -33.51
CA ASP K 496 33.71 26.85 -33.90
C ASP K 496 35.12 27.42 -33.81
N ILE K 497 35.89 26.93 -32.84
CA ILE K 497 37.29 27.36 -32.66
C ILE K 497 38.19 26.85 -33.79
N ILE K 498 37.99 25.58 -34.18
CA ILE K 498 38.79 24.97 -35.25
C ILE K 498 38.48 25.57 -36.63
N LEU K 499 37.21 25.88 -36.89
CA LEU K 499 36.77 26.35 -38.21
C LEU K 499 37.33 27.71 -38.61
N LYS K 500 37.39 28.65 -37.64
CA LYS K 500 38.06 29.95 -37.78
C LYS K 500 39.49 29.86 -38.34
N LYS K 501 40.33 29.07 -37.67
CA LYS K 501 41.72 28.81 -38.14
C LYS K 501 41.79 27.98 -39.42
N ALA K 502 40.91 26.97 -39.55
CA ALA K 502 40.95 26.03 -40.68
C ALA K 502 40.43 26.60 -42.00
N MET K 503 39.53 27.60 -41.93
CA MET K 503 39.01 28.27 -43.15
C MET K 503 39.83 29.52 -43.53
N LYS K 504 40.81 29.87 -42.69
CA LYS K 504 41.71 31.01 -42.93
C LYS K 504 42.87 30.57 -43.82
N ASN K 505 43.54 31.57 -44.43
CA ASN K 505 44.66 31.37 -45.41
C ASN K 505 44.19 30.70 -46.75
N SER K 506 43.20 31.32 -47.39
CA SER K 506 42.39 30.62 -48.38
C SER K 506 42.12 31.37 -49.72
N VAL K 507 42.95 32.39 -50.02
CA VAL K 507 42.67 33.37 -51.11
C VAL K 507 42.65 32.72 -52.51
N GLY K 508 41.50 32.85 -53.18
CA GLY K 508 41.34 32.40 -54.57
C GLY K 508 40.96 30.93 -54.71
N LEU K 509 40.75 30.25 -53.59
CA LEU K 509 40.18 28.91 -53.55
C LEU K 509 38.71 29.01 -53.90
N PRO K 510 38.15 28.02 -54.58
CA PRO K 510 36.72 27.99 -54.89
C PRO K 510 35.78 27.85 -53.66
N VAL K 511 34.72 28.65 -53.68
CA VAL K 511 33.54 28.50 -52.85
C VAL K 511 32.42 28.10 -53.78
N ALA K 512 31.47 27.33 -53.28
CA ALA K 512 30.36 26.89 -54.11
C ALA K 512 29.01 27.15 -53.44
N VAL K 513 27.96 26.75 -54.12
CA VAL K 513 26.62 26.84 -53.61
C VAL K 513 25.92 25.44 -53.79
N GLN K 514 24.94 25.17 -52.93
CA GLN K 514 24.22 23.92 -52.99
C GLN K 514 22.82 24.09 -53.61
N CYS K 515 22.40 23.06 -54.37
CA CYS K 515 21.12 23.05 -55.03
C CYS K 515 20.32 21.82 -54.60
N VAL K 516 19.11 22.05 -54.09
CA VAL K 516 18.25 20.94 -53.64
C VAL K 516 16.89 20.96 -54.37
N ALA K 517 16.42 19.77 -54.82
CA ALA K 517 15.00 19.58 -55.22
C ALA K 517 14.33 18.52 -54.36
N LEU K 518 13.03 18.28 -54.60
CA LEU K 518 12.26 17.16 -53.97
C LEU K 518 12.78 15.73 -54.41
N PRO K 519 12.51 14.64 -53.61
CA PRO K 519 12.91 13.28 -53.99
C PRO K 519 12.44 12.90 -55.38
N TRP K 520 13.39 12.35 -56.15
CA TRP K 520 13.27 11.86 -57.53
C TRP K 520 13.44 12.90 -58.61
N GLN K 521 13.51 14.17 -58.21
CA GLN K 521 13.59 15.27 -59.17
C GLN K 521 15.02 15.68 -59.40
N GLU K 522 15.85 14.71 -59.80
CA GLU K 522 17.28 14.94 -60.04
C GLU K 522 17.44 15.75 -61.26
N GLU K 523 16.59 15.47 -62.24
CA GLU K 523 16.68 16.10 -63.54
C GLU K 523 16.24 17.58 -63.44
N LEU K 524 15.25 17.85 -62.57
CA LEU K 524 14.90 19.22 -62.15
C LEU K 524 15.96 19.87 -61.29
N CYS K 525 16.60 19.09 -60.42
CA CYS K 525 17.78 19.57 -59.69
C CYS K 525 18.91 20.01 -60.62
N LEU K 526 19.25 19.15 -61.59
CA LEU K 526 20.31 19.42 -62.59
C LEU K 526 20.05 20.64 -63.47
N ARG K 527 18.75 20.86 -63.79
CA ARG K 527 18.24 22.05 -64.47
C ARG K 527 18.58 23.34 -63.71
N PHE K 528 18.41 23.30 -62.38
CA PHE K 528 18.71 24.45 -61.55
C PHE K 528 20.22 24.73 -61.47
N MET K 529 21.01 23.65 -61.45
CA MET K 529 22.47 23.73 -61.51
C MET K 529 22.95 24.32 -62.82
N ARG K 530 22.26 23.97 -63.92
CA ARG K 530 22.57 24.50 -65.25
C ARG K 530 22.35 26.00 -65.32
N GLU K 531 21.23 26.46 -64.74
CA GLU K 531 20.95 27.91 -64.56
C GLU K 531 22.01 28.60 -63.73
N VAL K 532 22.36 28.01 -62.59
CA VAL K 532 23.26 28.63 -61.61
C VAL K 532 24.69 28.77 -62.18
N GLU K 533 25.18 27.70 -62.85
CA GLU K 533 26.51 27.69 -63.49
C GLU K 533 26.67 28.73 -64.58
N GLN K 534 25.66 28.82 -65.43
CA GLN K 534 25.74 29.59 -66.67
C GLN K 534 25.65 31.09 -66.39
N LEU K 535 24.84 31.47 -65.40
CA LEU K 535 24.75 32.85 -64.95
C LEU K 535 26.04 33.31 -64.24
N MET K 536 26.64 32.40 -63.46
CA MET K 536 27.78 32.74 -62.61
C MET K 536 29.16 32.55 -63.26
N THR K 537 29.21 31.74 -64.34
CA THR K 537 30.49 31.42 -65.06
C THR K 537 30.32 31.46 -66.60
N ALA L 1 -13.73 0.89 -19.44
CA ALA L 1 -13.10 1.75 -20.49
C ALA L 1 -12.87 0.98 -21.81
N ARG L 2 -12.49 -0.30 -21.70
CA ARG L 2 -12.56 -1.26 -22.81
C ARG L 2 -13.99 -1.77 -23.04
N GLY L 3 -14.82 -1.70 -21.95
CA GLY L 3 -16.27 -1.86 -22.00
C GLY L 3 -17.03 -0.97 -22.98
N ALA L 4 -16.46 0.20 -23.33
CA ALA L 4 -16.88 1.02 -24.51
C ALA L 4 -16.37 0.46 -25.90
N ALA L 5 -16.62 -0.83 -26.11
CA ALA L 5 -16.84 -1.44 -27.41
C ALA L 5 -18.32 -1.29 -27.81
N THR L 6 -19.18 -0.98 -26.83
CA THR L 6 -20.59 -0.61 -27.09
C THR L 6 -20.75 0.90 -27.39
N ARG L 7 -19.64 1.64 -27.34
CA ARG L 7 -19.51 2.96 -27.98
C ARG L 7 -19.13 2.84 -29.49
N ALA L 8 -18.64 1.65 -29.90
CA ALA L 8 -18.33 1.36 -31.32
C ALA L 8 -19.46 0.62 -32.01
N ARG L 9 -20.03 -0.36 -31.29
CA ARG L 9 -21.19 -1.12 -31.76
C ARG L 9 -22.45 -0.26 -31.92
N GLN L 10 -22.55 0.82 -31.11
CA GLN L 10 -23.56 1.86 -31.34
C GLN L 10 -23.33 2.68 -32.63
N LYS L 11 -22.06 2.86 -33.02
CA LYS L 11 -21.66 3.69 -34.18
C LYS L 11 -21.97 2.95 -35.48
N GLN L 12 -21.62 1.66 -35.51
CA GLN L 12 -21.94 0.75 -36.61
C GLN L 12 -23.45 0.63 -36.84
N ARG L 13 -24.21 0.33 -35.77
CA ARG L 13 -25.69 0.19 -35.82
C ARG L 13 -26.41 1.45 -36.34
N ALA L 14 -25.93 2.64 -35.90
CA ALA L 14 -26.46 3.95 -36.35
C ALA L 14 -26.14 4.24 -37.81
N SER L 15 -24.88 4.00 -38.21
CA SER L 15 -24.45 4.14 -39.62
C SER L 15 -25.08 3.09 -40.59
N LEU L 16 -25.47 1.94 -40.03
CA LEU L 16 -26.16 0.89 -40.80
C LEU L 16 -27.62 1.23 -41.06
N GLU L 17 -28.20 2.08 -40.20
CA GLU L 17 -29.58 2.63 -40.40
C GLU L 17 -29.59 3.87 -41.31
N THR L 18 -28.50 4.64 -41.26
CA THR L 18 -28.27 5.78 -42.17
C THR L 18 -27.99 5.32 -43.64
N MET L 19 -27.60 4.04 -43.80
CA MET L 19 -27.49 3.37 -45.11
C MET L 19 -28.82 2.87 -45.64
N ASP L 20 -29.61 2.23 -44.78
CA ASP L 20 -30.88 1.63 -45.15
C ASP L 20 -31.95 2.67 -45.53
N LYS L 21 -31.95 3.79 -44.80
CA LYS L 21 -32.87 4.92 -45.04
C LYS L 21 -32.53 5.66 -46.34
N ALA L 22 -31.23 5.72 -46.66
CA ALA L 22 -30.72 6.36 -47.89
C ALA L 22 -31.09 5.59 -49.14
N VAL L 23 -31.13 4.25 -49.04
CA VAL L 23 -31.48 3.38 -50.16
C VAL L 23 -32.99 3.01 -50.17
N GLN L 24 -33.75 3.54 -49.21
CA GLN L 24 -35.23 3.49 -49.22
C GLN L 24 -35.85 4.77 -49.71
N ARG L 25 -35.14 5.89 -49.48
CA ARG L 25 -35.48 7.21 -50.04
C ARG L 25 -35.26 7.23 -51.54
N PHE L 26 -34.21 6.52 -51.99
CA PHE L 26 -33.90 6.39 -53.41
C PHE L 26 -34.86 5.45 -54.11
N ARG L 27 -35.01 4.22 -53.61
CA ARG L 27 -35.73 3.15 -54.34
C ARG L 27 -37.27 3.35 -54.44
N LEU L 28 -37.84 4.12 -53.51
CA LEU L 28 -39.20 4.68 -53.68
C LEU L 28 -39.23 5.70 -54.85
N GLN L 29 -38.31 6.69 -54.82
CA GLN L 29 -38.29 7.80 -55.80
C GLN L 29 -37.62 7.47 -57.16
N ASN L 30 -37.20 6.20 -57.32
CA ASN L 30 -36.61 5.68 -58.57
C ASN L 30 -36.84 4.12 -58.77
N PRO L 31 -38.10 3.63 -58.76
CA PRO L 31 -38.36 2.18 -58.62
C PRO L 31 -38.24 1.35 -59.91
N ASP L 32 -37.96 2.02 -61.04
CA ASP L 32 -38.02 1.42 -62.39
C ASP L 32 -36.64 0.87 -62.92
N LEU L 33 -35.56 1.16 -62.18
CA LEU L 33 -34.20 0.67 -62.53
C LEU L 33 -33.90 -0.74 -61.99
N ASP L 34 -33.28 -1.58 -62.84
CA ASP L 34 -32.93 -2.99 -62.54
C ASP L 34 -31.79 -3.07 -61.50
N SER L 35 -32.08 -3.78 -60.40
CA SER L 35 -31.13 -3.99 -59.30
C SER L 35 -29.92 -4.83 -59.74
N GLU L 36 -30.16 -6.11 -60.07
CA GLU L 36 -29.10 -7.12 -60.29
C GLU L 36 -28.21 -6.85 -61.51
N ALA L 37 -28.82 -6.24 -62.55
CA ALA L 37 -28.13 -5.96 -63.82
C ALA L 37 -27.06 -4.86 -63.71
N LEU L 38 -27.23 -3.97 -62.71
CA LEU L 38 -26.16 -3.08 -62.23
C LEU L 38 -24.97 -3.86 -61.59
N LEU L 39 -25.30 -4.81 -60.71
CA LEU L 39 -24.30 -5.52 -59.89
C LEU L 39 -23.53 -6.58 -60.68
N THR L 40 -24.16 -7.10 -61.74
CA THR L 40 -23.52 -8.11 -62.60
C THR L 40 -22.63 -7.48 -63.68
N LEU L 41 -22.71 -6.14 -63.83
CA LEU L 41 -21.82 -5.38 -64.73
C LEU L 41 -20.40 -5.43 -64.20
N PRO L 42 -19.44 -5.89 -65.03
CA PRO L 42 -18.01 -5.69 -64.73
C PRO L 42 -17.67 -4.20 -64.63
N LEU L 43 -16.64 -3.87 -63.83
CA LEU L 43 -16.31 -2.46 -63.51
C LEU L 43 -15.89 -1.64 -64.74
N LEU L 44 -15.25 -2.29 -65.69
CA LEU L 44 -14.83 -1.68 -66.96
C LEU L 44 -16.04 -1.14 -67.73
N GLN L 45 -17.07 -2.00 -67.86
CA GLN L 45 -18.37 -1.65 -68.45
C GLN L 45 -19.07 -0.58 -67.66
N LEU L 46 -19.07 -0.76 -66.33
CA LEU L 46 -19.63 0.21 -65.37
C LEU L 46 -19.02 1.62 -65.50
N VAL L 47 -17.71 1.69 -65.72
CA VAL L 47 -16.99 2.98 -65.90
C VAL L 47 -17.32 3.68 -67.22
N GLN L 48 -17.25 2.94 -68.35
CA GLN L 48 -17.56 3.51 -69.69
C GLN L 48 -19.04 3.96 -69.85
N LYS L 49 -19.95 3.20 -69.21
CA LYS L 49 -21.37 3.58 -69.11
C LYS L 49 -21.57 4.84 -68.27
N LEU L 50 -20.81 4.96 -67.17
CA LEU L 50 -20.85 6.12 -66.27
C LEU L 50 -20.30 7.37 -66.92
N GLN L 51 -19.20 7.21 -67.66
CA GLN L 51 -18.55 8.28 -68.41
C GLN L 51 -19.45 8.82 -69.53
N SER L 52 -20.16 7.90 -70.21
CA SER L 52 -21.06 8.25 -71.34
C SER L 52 -22.36 8.96 -70.89
N GLY L 53 -22.74 8.77 -69.61
CA GLY L 53 -23.97 9.34 -69.07
C GLY L 53 -25.19 8.47 -69.35
N GLU L 54 -24.94 7.21 -69.72
CA GLU L 54 -25.98 6.17 -69.81
C GLU L 54 -26.57 5.85 -68.41
N LEU L 55 -25.70 5.88 -67.38
CA LEU L 55 -26.10 5.72 -65.97
C LEU L 55 -25.67 6.94 -65.14
N SER L 56 -26.49 7.30 -64.16
CA SER L 56 -26.20 8.42 -63.24
C SER L 56 -25.33 7.94 -62.05
N PRO L 57 -24.45 8.83 -61.51
CA PRO L 57 -23.76 8.58 -60.23
C PRO L 57 -24.67 8.16 -59.08
N GLU L 58 -25.88 8.72 -59.01
CA GLU L 58 -26.87 8.39 -57.98
C GLU L 58 -27.48 7.02 -58.21
N ALA L 59 -27.55 6.59 -59.47
CA ALA L 59 -28.05 5.25 -59.82
C ALA L 59 -27.11 4.15 -59.35
N VAL L 60 -25.82 4.33 -59.62
CA VAL L 60 -24.80 3.32 -59.28
C VAL L 60 -24.43 3.27 -57.79
N PHE L 61 -24.47 4.45 -57.12
CA PHE L 61 -24.12 4.59 -55.69
C PHE L 61 -25.13 3.87 -54.82
N PHE L 62 -26.40 4.29 -54.92
CA PHE L 62 -27.48 3.82 -54.06
C PHE L 62 -27.94 2.38 -54.34
N THR L 63 -27.63 1.87 -55.54
CA THR L 63 -27.74 0.44 -55.81
C THR L 63 -26.69 -0.32 -55.00
N TYR L 64 -25.40 0.06 -55.17
CA TYR L 64 -24.28 -0.64 -54.52
C TYR L 64 -24.22 -0.45 -53.04
N LEU L 65 -24.60 0.75 -52.57
CA LEU L 65 -24.86 1.04 -51.13
C LEU L 65 -25.90 0.14 -50.52
N GLY L 66 -26.94 -0.17 -51.30
CA GLY L 66 -27.99 -1.12 -50.89
C GLY L 66 -27.49 -2.55 -50.89
N LYS L 67 -26.68 -2.89 -51.90
CA LYS L 67 -26.08 -4.23 -51.99
C LYS L 67 -25.06 -4.50 -50.90
N ALA L 68 -24.29 -3.44 -50.53
CA ALA L 68 -23.37 -3.46 -49.38
C ALA L 68 -24.10 -3.71 -48.07
N TRP L 69 -25.28 -3.10 -47.95
CA TRP L 69 -26.15 -3.27 -46.80
C TRP L 69 -26.77 -4.68 -46.75
N GLU L 70 -27.08 -5.23 -47.93
CA GLU L 70 -27.83 -6.49 -48.04
C GLU L 70 -27.01 -7.69 -47.61
N VAL L 71 -25.73 -7.73 -48.00
CA VAL L 71 -24.83 -8.85 -47.67
C VAL L 71 -24.22 -8.74 -46.28
N ASN L 72 -24.15 -7.51 -45.74
CA ASN L 72 -23.66 -7.24 -44.38
C ASN L 72 -24.44 -7.96 -43.27
N LYS L 73 -25.74 -8.17 -43.49
CA LYS L 73 -26.58 -8.92 -42.55
C LYS L 73 -26.27 -10.45 -42.43
N GLY L 74 -25.48 -10.98 -43.38
CA GLY L 74 -24.95 -12.33 -43.27
C GLY L 74 -23.46 -12.43 -42.97
N THR L 75 -22.70 -11.37 -43.33
CA THR L 75 -21.22 -11.39 -43.28
C THR L 75 -20.57 -10.44 -42.26
N ASN L 76 -21.29 -9.38 -41.85
CA ASN L 76 -20.80 -8.36 -40.85
C ASN L 76 -19.44 -7.70 -41.17
N CYS L 77 -19.39 -7.02 -42.31
CA CYS L 77 -18.13 -6.53 -42.84
C CYS L 77 -18.03 -5.01 -42.86
N VAL L 78 -19.13 -4.33 -42.54
CA VAL L 78 -19.20 -2.86 -42.56
C VAL L 78 -18.99 -2.29 -41.14
N THR L 79 -17.84 -1.63 -40.98
CA THR L 79 -17.49 -0.90 -39.79
C THR L 79 -18.37 0.40 -39.64
N SER L 80 -18.33 1.27 -40.65
CA SER L 80 -19.06 2.54 -40.65
C SER L 80 -19.23 3.08 -42.06
N TYR L 81 -20.43 3.56 -42.37
CA TYR L 81 -20.73 4.25 -43.60
C TYR L 81 -20.09 5.65 -43.57
N LEU L 82 -19.41 6.02 -44.67
CA LEU L 82 -18.53 7.19 -44.68
C LEU L 82 -19.23 8.50 -45.07
N THR L 83 -20.03 8.99 -44.09
CA THR L 83 -21.14 9.99 -44.25
C THR L 83 -21.07 10.97 -45.43
N ASP L 84 -19.98 11.75 -45.49
CA ASP L 84 -19.87 12.95 -46.35
C ASP L 84 -19.57 12.67 -47.85
N CYS L 85 -19.98 11.47 -48.30
CA CYS L 85 -20.46 11.23 -49.67
C CYS L 85 -21.90 11.79 -49.85
N GLU L 86 -22.43 11.70 -51.10
CA GLU L 86 -23.54 12.58 -51.66
C GLU L 86 -23.15 14.07 -51.89
N THR L 87 -22.24 14.59 -51.04
CA THR L 87 -21.37 15.73 -51.37
C THR L 87 -20.17 15.31 -52.27
N GLN L 88 -19.75 14.04 -52.16
CA GLN L 88 -18.72 13.43 -53.04
C GLN L 88 -19.34 12.88 -54.38
N LEU L 89 -20.64 12.59 -54.36
CA LEU L 89 -21.42 12.45 -55.60
C LEU L 89 -21.59 13.78 -56.35
N SER L 90 -21.85 14.84 -55.57
CA SER L 90 -22.11 16.22 -56.08
C SER L 90 -20.92 16.83 -56.84
N GLN L 91 -19.72 16.72 -56.25
CA GLN L 91 -18.48 17.18 -56.88
C GLN L 91 -17.49 16.00 -57.11
N ALA L 92 -17.97 14.98 -57.82
CA ALA L 92 -17.11 13.99 -58.44
C ALA L 92 -16.63 14.57 -59.78
N PRO L 93 -15.30 14.68 -59.98
CA PRO L 93 -14.71 15.24 -61.22
C PRO L 93 -14.93 14.35 -62.44
N ARG L 94 -15.40 14.98 -63.52
CA ARG L 94 -16.21 14.32 -64.56
C ARG L 94 -15.43 13.44 -65.51
N GLN L 95 -14.17 13.82 -65.79
CA GLN L 95 -13.29 13.07 -66.70
C GLN L 95 -12.35 12.08 -65.96
N GLY L 96 -12.51 11.97 -64.62
CA GLY L 96 -11.69 11.10 -63.79
C GLY L 96 -11.90 9.63 -64.06
N LEU L 97 -10.80 8.86 -64.01
CA LEU L 97 -10.75 7.48 -64.53
C LEU L 97 -11.60 6.46 -63.74
N LEU L 98 -11.98 6.82 -62.52
CA LEU L 98 -12.94 6.04 -61.75
C LEU L 98 -14.14 6.90 -61.33
N TYR L 99 -14.80 7.55 -62.31
CA TYR L 99 -15.78 8.63 -62.04
C TYR L 99 -16.94 8.28 -61.09
N GLY L 100 -17.83 7.39 -61.49
CA GLY L 100 -19.00 7.11 -60.67
C GLY L 100 -18.77 6.14 -59.53
N VAL L 101 -17.55 5.56 -59.46
CA VAL L 101 -17.25 4.27 -58.81
C VAL L 101 -17.24 4.40 -57.28
N PRO L 102 -18.12 3.61 -56.62
CA PRO L 102 -18.02 3.40 -55.17
C PRO L 102 -16.83 2.48 -54.76
N VAL L 103 -15.96 2.97 -53.85
CA VAL L 103 -14.78 2.18 -53.36
C VAL L 103 -14.87 1.87 -51.87
N SER L 104 -14.83 0.58 -51.52
CA SER L 104 -14.67 0.15 -50.12
C SER L 104 -13.24 0.36 -49.61
N LEU L 105 -13.13 0.72 -48.33
CA LEU L 105 -11.85 1.05 -47.71
C LEU L 105 -11.63 0.24 -46.49
N LYS L 106 -10.47 -0.44 -46.43
CA LYS L 106 -9.98 -1.17 -45.26
C LYS L 106 -9.79 -0.16 -44.14
N GLU L 107 -10.24 -0.50 -42.91
CA GLU L 107 -10.49 0.50 -41.85
C GLU L 107 -9.25 1.36 -41.44
N CYS L 108 -8.05 0.80 -41.66
CA CYS L 108 -6.76 1.51 -41.49
C CYS L 108 -6.45 2.65 -42.50
N PHE L 109 -7.21 2.76 -43.59
CA PHE L 109 -7.14 3.92 -44.47
C PHE L 109 -7.89 5.07 -43.82
N SER L 110 -7.21 6.19 -43.58
CA SER L 110 -7.80 7.25 -42.75
C SER L 110 -8.77 8.15 -43.54
N TYR L 111 -9.93 8.38 -42.92
CA TYR L 111 -10.97 9.29 -43.44
C TYR L 111 -11.20 10.40 -42.44
N LYS L 112 -11.21 11.65 -42.94
CA LYS L 112 -11.51 12.84 -42.12
C LYS L 112 -12.80 12.70 -41.30
N GLY L 113 -12.66 12.81 -39.98
CA GLY L 113 -13.79 12.73 -39.07
C GLY L 113 -14.28 11.32 -38.81
N HIS L 114 -13.38 10.35 -38.96
CA HIS L 114 -13.72 8.94 -38.78
C HIS L 114 -12.63 8.16 -38.07
N ASP L 115 -13.10 7.26 -37.19
CA ASP L 115 -12.26 6.37 -36.41
C ASP L 115 -11.56 5.35 -37.32
N SER L 116 -10.24 5.37 -37.28
CA SER L 116 -9.43 4.21 -37.61
C SER L 116 -9.01 3.47 -36.33
N THR L 117 -10.01 2.88 -35.64
CA THR L 117 -9.75 1.81 -34.67
C THR L 117 -9.04 0.71 -35.43
N LEU L 118 -8.20 -0.08 -34.79
CA LEU L 118 -7.74 -1.24 -35.51
C LEU L 118 -8.42 -2.46 -34.99
N GLY L 119 -9.63 -2.29 -34.45
CA GLY L 119 -10.22 -3.24 -33.52
C GLY L 119 -9.60 -3.12 -32.14
N LEU L 120 -9.19 -1.90 -31.81
CA LEU L 120 -8.39 -1.64 -30.65
C LEU L 120 -9.01 -0.46 -29.92
N SER L 121 -9.36 -0.69 -28.65
CA SER L 121 -10.03 0.29 -27.79
C SER L 121 -9.20 1.53 -27.55
N LEU L 122 -7.86 1.34 -27.45
CA LEU L 122 -6.89 2.44 -27.30
C LEU L 122 -7.12 3.63 -28.27
N ASN L 123 -7.38 3.34 -29.55
CA ASN L 123 -7.83 4.37 -30.51
C ASN L 123 -9.34 4.37 -30.91
N GLU L 124 -10.20 3.91 -30.00
CA GLU L 124 -11.67 4.11 -30.15
C GLU L 124 -12.12 5.61 -30.01
N GLY L 125 -11.34 6.39 -29.26
CA GLY L 125 -11.59 7.82 -29.10
C GLY L 125 -11.53 8.60 -30.40
N MET L 126 -10.33 8.80 -30.91
CA MET L 126 -10.04 9.90 -31.85
C MET L 126 -10.27 9.56 -33.34
N PRO L 127 -11.11 10.37 -34.01
CA PRO L 127 -11.19 10.37 -35.48
C PRO L 127 -9.91 10.92 -36.13
N SER L 128 -9.78 10.75 -37.46
CA SER L 128 -8.63 11.29 -38.23
C SER L 128 -8.82 12.76 -38.63
N GLU L 129 -7.76 13.57 -38.40
CA GLU L 129 -7.67 14.97 -38.81
C GLU L 129 -7.72 15.19 -40.33
N SER L 130 -7.39 14.15 -41.11
CA SER L 130 -7.43 14.18 -42.57
C SER L 130 -7.67 12.81 -43.23
N ASP L 131 -8.19 12.85 -44.48
CA ASP L 131 -8.14 11.75 -45.46
C ASP L 131 -6.69 11.38 -45.76
N CYS L 132 -6.42 10.07 -45.93
CA CYS L 132 -5.09 9.59 -46.34
C CYS L 132 -4.84 9.89 -47.81
N VAL L 133 -3.57 9.79 -48.23
CA VAL L 133 -3.17 10.14 -49.61
C VAL L 133 -3.88 9.32 -50.73
N VAL L 134 -3.89 7.98 -50.67
CA VAL L 134 -4.64 7.18 -51.70
C VAL L 134 -6.13 7.43 -51.75
N VAL L 135 -6.73 7.70 -50.58
CA VAL L 135 -8.15 8.14 -50.47
C VAL L 135 -8.40 9.49 -51.15
N GLN L 136 -7.49 10.47 -50.91
CA GLN L 136 -7.47 11.77 -51.63
C GLN L 136 -7.46 11.61 -53.15
N VAL L 137 -6.52 10.80 -53.67
CA VAL L 137 -6.39 10.63 -55.14
C VAL L 137 -7.48 9.78 -55.82
N LEU L 138 -8.13 8.90 -55.06
CA LEU L 138 -9.38 8.24 -55.54
C LEU L 138 -10.50 9.26 -55.88
N LYS L 139 -10.77 10.17 -54.92
CA LYS L 139 -11.75 11.25 -55.05
C LYS L 139 -11.45 12.18 -56.21
N LEU L 140 -10.15 12.55 -56.37
CA LEU L 140 -9.68 13.36 -57.50
C LEU L 140 -9.69 12.62 -58.86
N GLN L 141 -9.80 11.29 -58.82
CA GLN L 141 -10.06 10.50 -60.00
C GLN L 141 -11.50 10.04 -60.03
N GLY L 142 -12.35 10.74 -59.30
CA GLY L 142 -13.78 10.59 -59.43
C GLY L 142 -14.44 9.82 -58.31
N ALA L 143 -13.71 8.90 -57.68
CA ALA L 143 -14.31 7.82 -56.89
C ALA L 143 -15.00 8.27 -55.62
N VAL L 144 -15.89 7.42 -55.14
CA VAL L 144 -16.73 7.72 -53.99
C VAL L 144 -16.44 6.66 -52.88
N PRO L 145 -15.50 6.97 -51.97
CA PRO L 145 -15.21 6.07 -50.84
C PRO L 145 -16.36 5.90 -49.84
N PHE L 146 -16.99 4.72 -49.85
CA PHE L 146 -18.37 4.56 -49.35
C PHE L 146 -18.59 3.73 -48.09
N VAL L 147 -17.62 2.87 -47.74
CA VAL L 147 -17.58 2.20 -46.38
C VAL L 147 -16.16 2.09 -45.75
N HIS L 148 -16.11 1.86 -44.44
CA HIS L 148 -14.95 1.22 -43.78
C HIS L 148 -15.23 -0.24 -43.54
N THR L 149 -14.23 -1.09 -43.78
CA THR L 149 -14.44 -2.55 -43.68
C THR L 149 -13.71 -3.18 -42.54
N ASN L 150 -14.39 -4.10 -41.88
CA ASN L 150 -13.91 -4.78 -40.67
C ASN L 150 -12.56 -5.59 -40.80
N VAL L 151 -11.66 -5.35 -39.81
CA VAL L 151 -10.31 -5.95 -39.72
C VAL L 151 -10.25 -6.83 -38.41
N PRO L 152 -9.28 -7.78 -38.30
CA PRO L 152 -8.99 -8.44 -37.02
C PRO L 152 -8.19 -7.55 -36.09
N GLN L 153 -8.15 -7.94 -34.82
CA GLN L 153 -7.92 -7.01 -33.72
C GLN L 153 -6.64 -6.16 -33.78
N SER L 154 -5.52 -6.72 -34.20
CA SER L 154 -4.37 -5.87 -34.38
C SER L 154 -3.89 -5.66 -35.80
N MET L 155 -4.73 -6.10 -36.76
CA MET L 155 -4.35 -6.40 -38.17
C MET L 155 -3.29 -7.53 -38.36
N LEU L 156 -2.75 -8.10 -37.28
CA LEU L 156 -1.72 -9.14 -37.41
C LEU L 156 -2.35 -10.52 -37.16
N SER L 157 -3.18 -10.90 -38.12
CA SER L 157 -3.92 -12.15 -38.11
C SER L 157 -4.41 -12.34 -39.50
N PHE L 158 -4.41 -13.59 -39.97
CA PHE L 158 -5.12 -13.89 -41.21
C PHE L 158 -6.54 -14.41 -41.09
N ASP L 159 -7.07 -14.40 -39.86
CA ASP L 159 -8.50 -14.45 -39.56
C ASP L 159 -9.07 -13.02 -39.63
N CYS L 160 -10.39 -12.87 -39.45
CA CYS L 160 -10.98 -11.55 -39.28
C CYS L 160 -12.04 -11.53 -38.21
N SER L 161 -11.82 -10.70 -37.17
CA SER L 161 -12.66 -10.61 -35.95
C SER L 161 -11.98 -9.71 -34.90
N ASN L 162 -12.78 -8.88 -34.20
CA ASN L 162 -12.26 -7.97 -33.14
C ASN L 162 -13.32 -7.65 -32.04
N PRO L 163 -12.90 -7.42 -30.77
CA PRO L 163 -13.84 -7.09 -29.65
C PRO L 163 -14.83 -5.91 -29.86
N LEU L 164 -14.50 -4.95 -30.73
CA LEU L 164 -15.39 -3.83 -30.97
C LEU L 164 -16.56 -4.25 -31.88
N PHE L 165 -16.24 -4.80 -33.06
CA PHE L 165 -17.23 -5.00 -34.15
C PHE L 165 -17.68 -6.45 -34.32
N GLY L 166 -17.09 -7.36 -33.53
CA GLY L 166 -17.32 -8.80 -33.65
C GLY L 166 -16.68 -9.47 -34.87
N GLN L 167 -17.28 -10.61 -35.26
CA GLN L 167 -16.74 -11.55 -36.24
C GLN L 167 -17.22 -11.17 -37.61
N THR L 168 -16.32 -11.32 -38.58
CA THR L 168 -16.68 -11.27 -40.02
C THR L 168 -16.68 -12.71 -40.56
N MET L 169 -17.60 -13.00 -41.50
CA MET L 169 -17.78 -14.35 -42.06
C MET L 169 -17.52 -14.42 -43.58
N ASN L 170 -17.16 -15.62 -44.06
CA ASN L 170 -17.12 -15.89 -45.50
C ASN L 170 -18.53 -15.95 -46.11
N PRO L 171 -18.73 -15.26 -47.28
CA PRO L 171 -20.02 -15.27 -48.00
C PRO L 171 -20.50 -16.66 -48.49
N TRP L 172 -19.56 -17.53 -48.87
CA TRP L 172 -19.88 -18.84 -49.46
C TRP L 172 -20.44 -19.80 -48.38
N LYS L 173 -19.76 -19.84 -47.24
CA LYS L 173 -20.03 -20.76 -46.14
C LYS L 173 -19.79 -20.01 -44.83
N SER L 174 -20.74 -20.15 -43.89
CA SER L 174 -20.74 -19.38 -42.65
C SER L 174 -19.68 -19.84 -41.63
N SER L 175 -19.24 -21.09 -41.76
CA SER L 175 -18.28 -21.73 -40.84
C SER L 175 -16.81 -21.34 -41.11
N LYS L 176 -16.60 -20.54 -42.16
CA LYS L 176 -15.27 -20.27 -42.70
C LYS L 176 -14.80 -18.86 -42.44
N SER L 177 -13.49 -18.68 -42.39
CA SER L 177 -12.89 -17.36 -42.32
C SER L 177 -12.95 -16.72 -43.69
N PRO L 178 -13.14 -15.40 -43.74
CA PRO L 178 -12.96 -14.66 -45.00
C PRO L 178 -11.52 -14.52 -45.38
N GLY L 179 -10.60 -14.83 -44.46
CA GLY L 179 -9.26 -14.32 -44.55
C GLY L 179 -9.18 -12.93 -43.93
N GLY L 180 -8.02 -12.32 -44.08
CA GLY L 180 -7.67 -11.17 -43.30
C GLY L 180 -6.19 -10.88 -43.48
N SER L 181 -5.70 -9.76 -43.01
CA SER L 181 -6.43 -8.75 -42.27
C SER L 181 -7.37 -7.81 -43.05
N SER L 182 -7.26 -7.78 -44.40
CA SER L 182 -8.25 -7.05 -45.27
C SER L 182 -9.50 -7.88 -45.57
N GLY L 183 -10.07 -8.51 -44.54
CA GLY L 183 -11.04 -9.57 -44.73
C GLY L 183 -12.43 -9.09 -45.01
N GLY L 184 -12.75 -7.92 -44.43
CA GLY L 184 -14.00 -7.22 -44.66
C GLY L 184 -14.15 -6.80 -46.09
N GLU L 185 -13.04 -6.36 -46.69
CA GLU L 185 -12.91 -6.15 -48.15
C GLU L 185 -13.22 -7.41 -48.96
N GLY L 186 -12.68 -8.55 -48.54
CA GLY L 186 -12.89 -9.81 -49.22
C GLY L 186 -14.34 -10.16 -49.29
N ALA L 187 -15.00 -10.13 -48.13
CA ALA L 187 -16.38 -10.59 -47.98
C ALA L 187 -17.43 -9.64 -48.64
N LEU L 188 -17.07 -8.37 -48.83
CA LEU L 188 -17.98 -7.40 -49.41
C LEU L 188 -17.96 -7.46 -50.93
N ILE L 189 -16.76 -7.64 -51.52
CA ILE L 189 -16.57 -7.67 -53.00
C ILE L 189 -17.03 -9.02 -53.63
N GLY L 190 -16.60 -10.14 -53.04
CA GLY L 190 -17.34 -11.41 -53.18
C GLY L 190 -18.71 -11.25 -52.53
N SER L 191 -19.73 -11.94 -53.06
CA SER L 191 -21.18 -11.57 -52.85
C SER L 191 -21.61 -10.14 -53.37
N GLY L 192 -20.66 -9.38 -53.95
CA GLY L 192 -20.96 -8.37 -54.97
C GLY L 192 -21.48 -7.03 -54.51
N GLY L 193 -21.03 -6.59 -53.33
CA GLY L 193 -21.52 -5.34 -52.71
C GLY L 193 -20.54 -4.16 -52.76
N SER L 194 -19.44 -4.34 -53.49
CA SER L 194 -18.46 -3.28 -53.86
C SER L 194 -17.70 -3.78 -55.11
N PRO L 195 -17.59 -2.92 -56.15
CA PRO L 195 -16.86 -3.31 -57.38
C PRO L 195 -15.34 -3.38 -57.18
N LEU L 196 -14.81 -2.49 -56.31
CA LEU L 196 -13.39 -2.25 -56.10
C LEU L 196 -13.18 -1.93 -54.65
N GLY L 197 -12.05 -2.37 -54.10
CA GLY L 197 -11.62 -2.00 -52.76
C GLY L 197 -10.09 -1.91 -52.60
N LEU L 198 -9.64 -1.10 -51.63
CA LEU L 198 -8.23 -1.03 -51.27
C LEU L 198 -8.00 -1.82 -49.99
N GLY L 199 -6.91 -2.62 -49.96
CA GLY L 199 -6.50 -3.41 -48.79
C GLY L 199 -5.01 -3.23 -48.45
N THR L 200 -4.54 -3.89 -47.38
CA THR L 200 -3.10 -3.87 -47.03
C THR L 200 -2.51 -5.27 -46.79
N ASP L 201 -1.20 -5.38 -46.97
CA ASP L 201 -0.50 -6.62 -47.01
C ASP L 201 0.89 -6.41 -46.43
N ILE L 202 1.19 -7.15 -45.36
CA ILE L 202 2.57 -7.33 -44.81
C ILE L 202 2.93 -8.82 -44.61
N GLY L 203 1.94 -9.71 -44.77
CA GLY L 203 2.18 -11.14 -44.71
C GLY L 203 1.16 -11.97 -45.46
N GLY L 204 0.52 -11.36 -46.44
CA GLY L 204 -0.54 -12.05 -47.17
C GLY L 204 -1.91 -11.48 -47.04
N SER L 205 -2.02 -10.32 -46.40
CA SER L 205 -3.33 -9.81 -45.93
C SER L 205 -4.25 -9.23 -47.04
N ILE L 206 -3.67 -8.89 -48.20
CA ILE L 206 -4.45 -8.61 -49.42
C ILE L 206 -4.80 -9.94 -50.10
N ARG L 207 -3.82 -10.86 -50.09
CA ARG L 207 -3.89 -12.08 -50.88
C ARG L 207 -4.77 -13.12 -50.25
N PHE L 208 -4.76 -13.17 -48.91
CA PHE L 208 -5.61 -14.08 -48.12
C PHE L 208 -7.15 -13.95 -48.26
N PRO L 209 -7.74 -12.72 -48.23
CA PRO L 209 -9.18 -12.58 -48.48
C PRO L 209 -9.56 -12.78 -49.92
N SER L 210 -8.71 -12.35 -50.86
CA SER L 210 -8.93 -12.61 -52.27
C SER L 210 -9.09 -14.08 -52.52
N ALA L 211 -8.05 -14.87 -52.18
CA ALA L 211 -8.08 -16.33 -52.23
C ALA L 211 -9.33 -16.94 -51.60
N PHE L 212 -9.55 -16.66 -50.30
CA PHE L 212 -10.59 -17.35 -49.51
C PHE L 212 -12.03 -16.98 -49.95
N CYS L 213 -12.21 -15.72 -50.42
CA CYS L 213 -13.52 -15.22 -50.90
C CYS L 213 -13.76 -15.40 -52.43
N GLY L 214 -12.68 -15.69 -53.15
CA GLY L 214 -12.77 -15.97 -54.57
C GLY L 214 -12.68 -14.79 -55.45
N ILE L 215 -11.88 -13.82 -55.05
CA ILE L 215 -11.70 -12.62 -55.86
C ILE L 215 -10.23 -12.37 -56.23
N CYS L 216 -9.97 -11.26 -56.93
CA CYS L 216 -8.62 -10.88 -57.35
C CYS L 216 -8.10 -9.74 -56.51
N GLY L 217 -6.78 -9.72 -56.30
CA GLY L 217 -6.13 -8.69 -55.53
C GLY L 217 -4.63 -8.75 -55.72
N LEU L 218 -4.00 -7.58 -55.80
CA LEU L 218 -2.56 -7.50 -55.97
C LEU L 218 -1.84 -6.63 -54.91
N LYS L 219 -0.81 -7.22 -54.30
CA LYS L 219 0.18 -6.53 -53.49
C LYS L 219 1.32 -5.99 -54.40
N PRO L 220 1.41 -4.65 -54.55
CA PRO L 220 2.59 -4.04 -55.17
C PRO L 220 3.87 -4.17 -54.37
N THR L 221 5.00 -3.91 -55.02
CA THR L 221 6.23 -3.43 -54.35
C THR L 221 5.84 -2.32 -53.39
N GLY L 222 6.21 -2.47 -52.12
CA GLY L 222 5.84 -1.58 -51.03
C GLY L 222 5.97 -0.07 -51.24
N ASN L 223 7.00 0.38 -51.96
CA ASN L 223 7.05 1.78 -52.30
C ASN L 223 6.45 2.27 -53.68
N ARG L 224 5.59 1.44 -54.31
CA ARG L 224 4.82 1.84 -55.52
C ARG L 224 3.70 2.82 -55.21
N LEU L 225 3.07 2.65 -54.06
CA LEU L 225 2.04 3.58 -53.62
C LEU L 225 2.42 4.21 -52.26
N SER L 226 1.83 5.38 -51.98
CA SER L 226 2.06 6.15 -50.75
C SER L 226 1.43 5.51 -49.51
N LYS L 227 2.14 5.59 -48.40
CA LYS L 227 1.74 4.93 -47.16
C LYS L 227 1.24 5.91 -46.14
N SER L 228 0.99 7.15 -46.59
CA SER L 228 1.12 8.35 -45.75
C SER L 228 0.14 8.42 -44.56
N GLY L 229 -1.16 8.37 -44.84
CA GLY L 229 -2.15 8.45 -43.76
C GLY L 229 -2.66 7.13 -43.21
N LEU L 230 -1.88 6.06 -43.39
CA LEU L 230 -2.24 4.73 -42.93
C LEU L 230 -2.08 4.56 -41.43
N LYS L 231 -3.13 4.08 -40.77
CA LYS L 231 -3.00 3.53 -39.42
C LYS L 231 -2.30 2.15 -39.45
N GLY L 232 -1.45 1.96 -38.43
CA GLY L 232 -0.91 0.65 -38.10
C GLY L 232 -0.58 0.67 -36.64
N CYS L 233 -0.55 -0.49 -36.01
CA CYS L 233 -0.32 -0.53 -34.57
C CYS L 233 1.17 -0.44 -34.13
N VAL L 234 2.11 -0.71 -35.06
CA VAL L 234 3.55 -0.35 -34.85
C VAL L 234 4.15 0.37 -36.09
N TYR L 235 4.90 1.44 -35.83
CA TYR L 235 5.48 2.28 -36.86
C TYR L 235 6.97 2.13 -36.85
N GLY L 236 7.60 2.35 -38.02
CA GLY L 236 9.04 2.41 -38.16
C GLY L 236 9.72 1.07 -38.44
N GLN L 237 8.89 0.04 -38.53
CA GLN L 237 9.28 -1.27 -39.03
C GLN L 237 9.65 -1.23 -40.54
N THR L 238 10.96 -1.38 -40.87
CA THR L 238 11.45 -1.24 -42.28
C THR L 238 12.27 -2.41 -42.87
N ALA L 239 12.38 -3.51 -42.12
CA ALA L 239 12.72 -4.80 -42.75
C ALA L 239 11.40 -5.45 -42.92
N VAL L 240 11.20 -6.16 -44.03
CA VAL L 240 9.84 -6.66 -44.41
C VAL L 240 8.79 -5.54 -44.73
N GLN L 241 8.32 -5.55 -45.97
CA GLN L 241 7.66 -4.41 -46.55
C GLN L 241 6.13 -4.44 -46.43
N LEU L 242 5.59 -3.33 -45.94
CA LEU L 242 4.16 -3.08 -46.00
C LEU L 242 3.78 -2.55 -47.39
N SER L 243 2.68 -3.07 -47.93
CA SER L 243 2.13 -2.54 -49.17
C SER L 243 0.65 -2.44 -49.13
N LEU L 244 0.14 -1.52 -49.92
CA LEU L 244 -1.28 -1.37 -50.18
C LEU L 244 -1.53 -1.53 -51.64
N GLY L 245 -2.68 -2.09 -51.98
CA GLY L 245 -3.06 -2.31 -53.36
C GLY L 245 -4.51 -2.72 -53.48
N PRO L 246 -4.99 -2.87 -54.72
CA PRO L 246 -6.40 -3.07 -55.00
C PRO L 246 -6.83 -4.47 -54.77
N MET L 247 -8.06 -4.64 -54.29
CA MET L 247 -8.79 -5.90 -54.40
C MET L 247 -10.06 -5.65 -55.19
N ALA L 248 -10.35 -6.52 -56.17
CA ALA L 248 -11.60 -6.45 -56.95
C ALA L 248 -12.05 -7.81 -57.54
N ARG L 249 -13.21 -7.81 -58.21
CA ARG L 249 -13.81 -9.02 -58.75
C ARG L 249 -13.12 -9.60 -60.01
N ASP L 250 -12.26 -8.78 -60.66
CA ASP L 250 -11.49 -9.16 -61.88
C ASP L 250 -10.17 -8.33 -62.05
N VAL L 251 -9.18 -8.88 -62.76
CA VAL L 251 -7.81 -8.29 -62.79
C VAL L 251 -7.67 -7.02 -63.67
N GLU L 252 -8.68 -6.76 -64.49
CA GLU L 252 -8.74 -5.52 -65.25
C GLU L 252 -9.13 -4.33 -64.36
N SER L 253 -9.92 -4.58 -63.30
CA SER L 253 -10.28 -3.52 -62.34
C SER L 253 -9.10 -3.16 -61.44
N LEU L 254 -8.27 -4.16 -61.18
CA LEU L 254 -7.01 -4.04 -60.46
C LEU L 254 -5.99 -3.18 -61.23
N ALA L 255 -6.01 -3.31 -62.56
CA ALA L 255 -5.22 -2.47 -63.45
C ALA L 255 -5.88 -1.08 -63.67
N LEU L 256 -7.21 -1.03 -63.57
CA LEU L 256 -7.95 0.24 -63.61
C LEU L 256 -7.60 1.11 -62.40
N CYS L 257 -7.56 0.47 -61.22
CA CYS L 257 -7.23 1.13 -59.97
C CYS L 257 -5.77 1.55 -59.88
N LEU L 258 -4.86 0.67 -60.29
CA LEU L 258 -3.42 0.98 -60.32
C LEU L 258 -3.10 2.14 -61.25
N LYS L 259 -3.68 2.12 -62.46
CA LYS L 259 -3.54 3.25 -63.42
C LYS L 259 -4.23 4.58 -62.96
N ALA L 260 -5.26 4.45 -62.10
CA ALA L 260 -5.90 5.61 -61.49
C ALA L 260 -5.05 6.23 -60.38
N LEU L 261 -4.41 5.39 -59.55
CA LEU L 261 -3.57 5.88 -58.45
C LEU L 261 -2.16 6.33 -58.87
N LEU L 262 -1.79 6.16 -60.15
CA LEU L 262 -0.45 6.44 -60.62
C LEU L 262 -0.37 7.75 -61.47
N CYS L 263 -0.94 8.80 -60.90
CA CYS L 263 -1.22 10.07 -61.59
C CYS L 263 -0.45 11.19 -60.91
N GLU L 264 -0.37 12.35 -61.58
CA GLU L 264 0.41 13.51 -61.07
C GLU L 264 -0.08 14.11 -59.72
N HIS L 265 -1.37 13.92 -59.41
CA HIS L 265 -1.92 14.14 -58.05
C HIS L 265 -1.12 13.39 -56.99
N LEU L 266 -0.98 12.06 -57.17
CA LEU L 266 -0.33 11.17 -56.20
C LEU L 266 1.16 11.47 -56.02
N PHE L 267 1.87 11.67 -57.13
CA PHE L 267 3.30 11.94 -57.09
C PHE L 267 3.66 13.39 -56.60
N THR L 268 2.64 14.22 -56.38
CA THR L 268 2.81 15.54 -55.77
C THR L 268 2.28 15.58 -54.33
N LEU L 269 1.17 14.85 -54.10
CA LEU L 269 0.68 14.59 -52.72
C LEU L 269 1.49 13.49 -51.93
N ASP L 270 2.60 13.00 -52.53
CA ASP L 270 3.71 12.32 -51.84
C ASP L 270 4.88 12.19 -52.85
N PRO L 271 5.80 13.18 -52.88
CA PRO L 271 6.97 13.09 -53.74
C PRO L 271 8.04 12.10 -53.27
N THR L 272 7.81 11.36 -52.18
CA THR L 272 8.71 10.26 -51.79
C THR L 272 8.50 9.01 -52.64
N VAL L 273 7.30 8.85 -53.16
CA VAL L 273 6.98 7.73 -54.04
C VAL L 273 7.59 7.99 -55.43
N PRO L 274 8.38 7.03 -55.96
CA PRO L 274 8.99 7.19 -57.29
C PRO L 274 7.96 7.25 -58.41
N PRO L 275 7.98 8.36 -59.20
CA PRO L 275 6.89 8.71 -60.11
C PRO L 275 6.85 7.85 -61.37
N LEU L 276 6.49 6.59 -61.20
CA LEU L 276 6.44 5.62 -62.27
C LEU L 276 4.98 5.49 -62.70
N PRO L 277 4.65 6.00 -63.90
CA PRO L 277 3.29 5.85 -64.43
C PRO L 277 3.01 4.38 -64.74
N PHE L 278 1.75 3.98 -64.66
CA PHE L 278 1.33 2.67 -65.16
C PHE L 278 1.74 2.55 -66.60
N ARG L 279 2.43 1.46 -66.89
CA ARG L 279 2.98 1.24 -68.21
C ARG L 279 2.03 0.34 -69.01
N GLU L 280 1.33 0.94 -69.97
CA GLU L 280 0.17 0.32 -70.63
C GLU L 280 0.61 -0.77 -71.59
N GLU L 281 1.75 -0.53 -72.22
CA GLU L 281 2.34 -1.40 -73.22
C GLU L 281 2.94 -2.70 -72.64
N VAL L 282 3.31 -2.67 -71.34
CA VAL L 282 3.73 -3.87 -70.60
C VAL L 282 2.50 -4.70 -70.15
N TYR L 283 1.39 -4.00 -69.87
CA TYR L 283 0.16 -4.68 -69.46
C TYR L 283 -0.58 -5.38 -70.59
N ARG L 284 -0.71 -4.71 -71.74
CA ARG L 284 -1.60 -5.21 -72.78
C ARG L 284 -0.91 -6.29 -73.62
N SER L 285 0.42 -6.15 -73.78
CA SER L 285 1.35 -7.14 -74.38
C SER L 285 0.95 -8.61 -74.31
N SER L 286 0.99 -9.25 -75.48
CA SER L 286 0.57 -10.63 -75.66
C SER L 286 1.75 -11.53 -76.01
N ARG L 287 2.94 -10.90 -76.18
CA ARG L 287 4.24 -11.60 -76.36
C ARG L 287 4.46 -12.64 -75.25
N PRO L 288 4.74 -13.91 -75.63
CA PRO L 288 4.79 -15.04 -74.67
C PRO L 288 5.92 -14.96 -73.58
N LEU L 289 5.71 -15.63 -72.42
CA LEU L 289 6.50 -15.44 -71.18
C LEU L 289 7.26 -16.69 -70.77
N ARG L 290 8.42 -16.47 -70.15
CA ARG L 290 9.09 -17.50 -69.35
C ARG L 290 8.53 -17.51 -67.92
N VAL L 291 7.99 -18.65 -67.50
CA VAL L 291 7.21 -18.74 -66.28
C VAL L 291 7.83 -19.80 -65.34
N GLY L 292 8.38 -19.30 -64.22
CA GLY L 292 8.84 -20.14 -63.12
C GLY L 292 7.70 -20.77 -62.36
N TYR L 293 7.96 -21.92 -61.73
CA TYR L 293 6.92 -22.68 -61.04
C TYR L 293 7.47 -23.62 -59.94
N TYR L 294 6.70 -23.74 -58.86
CA TYR L 294 6.87 -24.79 -57.87
C TYR L 294 5.55 -25.22 -57.27
N GLU L 295 5.48 -26.44 -56.77
CA GLU L 295 4.21 -27.03 -56.33
C GLU L 295 4.10 -26.97 -54.80
N THR L 296 5.23 -26.69 -54.16
CA THR L 296 5.37 -26.58 -52.68
C THR L 296 6.65 -25.78 -52.33
N ASP L 297 6.67 -25.14 -51.15
CA ASP L 297 7.89 -24.45 -50.64
C ASP L 297 8.74 -25.34 -49.70
N ASN L 298 8.35 -26.63 -49.62
CA ASN L 298 8.83 -27.62 -48.62
C ASN L 298 8.73 -27.14 -47.15
N TYR L 299 7.57 -26.54 -46.81
CA TYR L 299 7.33 -25.91 -45.49
C TYR L 299 5.84 -26.09 -44.96
N THR L 300 4.92 -25.26 -45.46
CA THR L 300 3.49 -25.52 -45.32
C THR L 300 3.07 -26.42 -46.49
N MET L 301 2.63 -27.64 -46.16
CA MET L 301 2.23 -28.62 -47.17
C MET L 301 0.94 -28.18 -47.88
N PRO L 302 0.92 -28.23 -49.22
CA PRO L 302 -0.22 -27.72 -49.98
C PRO L 302 -1.41 -28.62 -49.84
N SER L 303 -2.61 -28.04 -49.91
CA SER L 303 -3.85 -28.84 -49.98
C SER L 303 -3.92 -29.60 -51.33
N PRO L 304 -4.61 -30.75 -51.38
CA PRO L 304 -4.99 -31.37 -52.66
C PRO L 304 -5.62 -30.35 -53.64
N ALA L 305 -6.51 -29.50 -53.14
CA ALA L 305 -7.06 -28.37 -53.89
C ALA L 305 -6.00 -27.39 -54.43
N MET L 306 -4.99 -27.06 -53.59
CA MET L 306 -3.86 -26.16 -53.97
C MET L 306 -3.01 -26.73 -55.08
N ARG L 307 -2.62 -28.00 -54.91
CA ARG L 307 -1.79 -28.75 -55.85
C ARG L 307 -2.51 -28.92 -57.20
N ARG L 308 -3.82 -29.22 -57.15
CA ARG L 308 -4.66 -29.34 -58.34
C ARG L 308 -4.88 -28.02 -59.05
N ALA L 309 -4.97 -26.93 -58.27
CA ALA L 309 -5.11 -25.57 -58.81
C ALA L 309 -3.86 -25.19 -59.56
N LEU L 310 -2.70 -25.33 -58.88
CA LEU L 310 -1.41 -24.96 -59.42
C LEU L 310 -1.06 -25.74 -60.68
N ILE L 311 -1.19 -27.09 -60.62
CA ILE L 311 -0.89 -27.99 -61.78
C ILE L 311 -1.70 -27.62 -63.02
N GLU L 312 -3.01 -27.40 -62.81
CA GLU L 312 -3.94 -27.10 -63.91
C GLU L 312 -3.65 -25.80 -64.66
N THR L 313 -3.38 -24.70 -63.92
CA THR L 313 -2.90 -23.45 -64.58
C THR L 313 -1.50 -23.55 -65.14
N LYS L 314 -0.64 -24.34 -64.50
CA LYS L 314 0.70 -24.67 -65.06
C LYS L 314 0.57 -25.40 -66.44
N GLN L 315 -0.41 -26.30 -66.55
CA GLN L 315 -0.69 -27.07 -67.77
C GLN L 315 -1.30 -26.23 -68.88
N ARG L 316 -2.32 -25.44 -68.53
CA ARG L 316 -2.98 -24.53 -69.48
C ARG L 316 -2.02 -23.53 -70.09
N LEU L 317 -1.13 -22.96 -69.26
CA LEU L 317 -0.09 -22.01 -69.74
C LEU L 317 0.90 -22.63 -70.74
N GLU L 318 1.23 -23.92 -70.51
CA GLU L 318 2.07 -24.69 -71.44
C GLU L 318 1.42 -24.86 -72.80
N ALA L 319 0.10 -25.14 -72.79
CA ALA L 319 -0.73 -25.27 -73.99
C ALA L 319 -0.93 -23.94 -74.76
N ALA L 320 -0.81 -22.81 -74.03
CA ALA L 320 -0.81 -21.48 -74.64
C ALA L 320 0.58 -21.02 -75.14
N GLY L 321 1.58 -21.89 -75.00
CA GLY L 321 2.90 -21.67 -75.61
C GLY L 321 3.89 -21.01 -74.68
N HIS L 322 3.53 -20.94 -73.39
CA HIS L 322 4.44 -20.43 -72.36
C HIS L 322 5.31 -21.55 -71.84
N THR L 323 6.60 -21.23 -71.67
CA THR L 323 7.62 -22.21 -71.27
C THR L 323 7.73 -22.24 -69.74
N LEU L 324 7.44 -23.41 -69.16
CA LEU L 324 7.26 -23.54 -67.70
C LEU L 324 8.49 -24.19 -67.00
N ILE L 325 9.32 -23.33 -66.38
CA ILE L 325 10.62 -23.75 -65.78
C ILE L 325 10.46 -24.04 -64.26
N PRO L 326 10.91 -25.23 -63.78
CA PRO L 326 11.03 -25.49 -62.33
C PRO L 326 12.00 -24.48 -61.67
N PHE L 327 11.59 -23.95 -60.52
CA PHE L 327 12.29 -22.86 -59.83
C PHE L 327 11.84 -22.88 -58.38
N LEU L 328 12.79 -22.70 -57.48
CA LEU L 328 12.48 -22.47 -56.07
C LEU L 328 13.44 -21.44 -55.57
N PRO L 329 12.92 -20.43 -54.83
CA PRO L 329 13.79 -19.51 -54.06
C PRO L 329 14.68 -20.29 -53.07
N ASN L 330 15.99 -20.04 -53.14
CA ASN L 330 16.98 -20.58 -52.21
C ASN L 330 16.68 -20.25 -50.76
N ASN L 331 17.02 -21.19 -49.87
CA ASN L 331 16.96 -20.98 -48.41
C ASN L 331 15.59 -20.46 -47.85
N ILE L 332 14.48 -20.98 -48.40
CA ILE L 332 13.12 -20.70 -47.86
C ILE L 332 12.94 -20.84 -46.32
N PRO L 333 13.35 -21.97 -45.68
CA PRO L 333 13.25 -22.06 -44.19
C PRO L 333 14.02 -20.95 -43.43
N TYR L 334 15.18 -20.54 -43.96
CA TYR L 334 16.01 -19.47 -43.40
C TYR L 334 15.30 -18.12 -43.41
N ALA L 335 14.83 -17.72 -44.59
CA ALA L 335 14.09 -16.47 -44.78
C ALA L 335 12.74 -16.38 -44.04
N LEU L 336 12.02 -17.49 -43.89
CA LEU L 336 10.77 -17.48 -43.09
C LEU L 336 11.08 -17.37 -41.59
N GLU L 337 11.97 -18.23 -41.09
CA GLU L 337 12.26 -18.27 -39.65
C GLU L 337 13.18 -17.13 -39.19
N VAL L 338 14.34 -16.98 -39.81
CA VAL L 338 15.21 -15.90 -39.35
C VAL L 338 14.95 -14.47 -39.91
N LEU L 339 14.54 -14.35 -41.18
CA LEU L 339 14.41 -13.02 -41.80
C LEU L 339 13.01 -12.39 -41.65
N SER L 340 11.98 -13.19 -41.85
CA SER L 340 10.61 -12.71 -41.80
C SER L 340 10.13 -12.49 -40.36
N ALA L 341 10.16 -13.56 -39.55
CA ALA L 341 9.71 -13.51 -38.18
C ALA L 341 10.65 -12.72 -37.32
N GLY L 342 11.92 -12.69 -37.73
CA GLY L 342 12.93 -11.90 -37.08
C GLY L 342 12.74 -10.43 -37.33
N GLY L 343 12.42 -10.06 -38.57
CA GLY L 343 12.15 -8.68 -38.91
C GLY L 343 10.86 -8.16 -38.35
N LEU L 344 9.86 -9.03 -38.25
CA LEU L 344 8.57 -8.67 -37.69
C LEU L 344 8.56 -8.51 -36.14
N PHE L 345 9.48 -9.22 -35.45
CA PHE L 345 9.57 -9.17 -33.99
C PHE L 345 10.94 -8.79 -33.42
N SER L 346 11.70 -7.95 -34.15
CA SER L 346 13.02 -7.48 -33.69
C SER L 346 13.02 -6.76 -32.30
N ASP L 347 11.88 -6.18 -31.94
CA ASP L 347 11.72 -5.59 -30.65
C ASP L 347 11.09 -6.51 -29.58
N GLY L 348 10.85 -7.77 -29.97
CA GLY L 348 10.20 -8.75 -29.10
C GLY L 348 8.69 -8.55 -28.96
N GLY L 349 8.12 -7.72 -29.83
CA GLY L 349 6.72 -7.34 -29.74
C GLY L 349 6.36 -6.37 -28.61
N ARG L 350 7.34 -5.57 -28.11
CA ARG L 350 7.07 -4.56 -27.04
C ARG L 350 6.11 -3.44 -27.54
N SER L 351 6.49 -2.75 -28.64
CA SER L 351 5.61 -1.80 -29.37
C SER L 351 4.23 -2.36 -29.68
N PHE L 352 4.20 -3.62 -30.17
CA PHE L 352 2.97 -4.37 -30.46
C PHE L 352 2.08 -4.62 -29.22
N LEU L 353 2.69 -4.74 -28.03
CA LEU L 353 1.93 -5.09 -26.81
C LEU L 353 1.30 -3.91 -26.10
N GLN L 354 1.90 -2.72 -26.27
CA GLN L 354 1.36 -1.43 -25.83
C GLN L 354 -0.07 -1.19 -26.30
N ASN L 355 -0.41 -1.77 -27.47
CA ASN L 355 -1.77 -1.74 -28.02
C ASN L 355 -2.79 -2.59 -27.31
N PHE L 356 -2.35 -3.49 -26.44
CA PHE L 356 -3.25 -4.47 -25.80
C PHE L 356 -3.51 -4.21 -24.28
N LYS L 357 -2.92 -3.12 -23.75
CA LYS L 357 -2.99 -2.76 -22.32
C LYS L 357 -4.42 -2.47 -21.85
N GLY L 358 -4.94 -3.39 -21.04
CA GLY L 358 -6.32 -3.33 -20.56
C GLY L 358 -7.41 -3.62 -21.61
N ASP L 359 -6.99 -4.03 -22.81
CA ASP L 359 -7.88 -4.53 -23.85
C ASP L 359 -8.20 -6.01 -23.63
N PHE L 360 -9.34 -6.43 -24.18
CA PHE L 360 -9.65 -7.84 -24.37
C PHE L 360 -8.77 -8.36 -25.47
N VAL L 361 -8.34 -9.62 -25.37
CA VAL L 361 -7.82 -10.33 -26.55
C VAL L 361 -8.88 -11.17 -27.21
N ASP L 362 -8.95 -11.06 -28.52
CA ASP L 362 -9.87 -11.81 -29.30
C ASP L 362 -9.39 -13.24 -29.37
N PRO L 363 -10.32 -14.18 -29.15
CA PRO L 363 -10.09 -15.64 -29.41
C PRO L 363 -9.50 -16.01 -30.79
N CYS L 364 -9.58 -15.09 -31.76
CA CYS L 364 -9.06 -15.30 -33.10
C CYS L 364 -7.52 -15.02 -33.23
N LEU L 365 -6.95 -14.35 -32.24
CA LEU L 365 -5.50 -14.13 -32.17
C LEU L 365 -4.81 -15.28 -31.40
N GLY L 366 -5.63 -16.17 -30.81
CA GLY L 366 -5.19 -17.40 -30.20
C GLY L 366 -4.36 -17.14 -28.98
N ASP L 367 -3.21 -17.78 -28.92
CA ASP L 367 -2.33 -17.58 -27.80
C ASP L 367 -1.11 -16.66 -28.12
N LEU L 368 -1.19 -15.89 -29.22
CA LEU L 368 -0.07 -15.10 -29.72
C LEU L 368 0.28 -13.90 -28.82
N ILE L 369 -0.72 -13.39 -28.08
CA ILE L 369 -0.48 -12.35 -27.10
C ILE L 369 0.20 -12.92 -25.87
N LEU L 370 -0.33 -14.03 -25.32
CA LEU L 370 0.26 -14.70 -24.13
C LEU L 370 1.75 -15.09 -24.33
N ILE L 371 2.05 -15.61 -25.54
CA ILE L 371 3.39 -16.05 -25.93
C ILE L 371 4.37 -14.86 -26.05
N LEU L 372 3.85 -13.73 -26.53
CA LEU L 372 4.63 -12.48 -26.59
C LEU L 372 4.88 -11.81 -25.22
N ARG L 373 3.98 -12.05 -24.25
CA ARG L 373 4.05 -11.44 -22.90
C ARG L 373 4.94 -12.26 -21.93
N LEU L 374 5.41 -13.40 -22.42
CA LEU L 374 6.40 -14.23 -21.73
C LEU L 374 7.74 -13.50 -21.67
N PRO L 375 8.52 -13.70 -20.58
CA PRO L 375 9.81 -13.01 -20.41
C PRO L 375 10.89 -13.56 -21.34
N SER L 376 11.98 -12.80 -21.52
CA SER L 376 13.13 -13.25 -22.32
C SER L 376 13.72 -14.63 -21.89
N TRP L 377 13.95 -14.80 -20.58
CA TRP L 377 14.49 -16.04 -20.00
C TRP L 377 13.63 -17.31 -20.27
N PHE L 378 12.30 -17.15 -20.30
CA PHE L 378 11.40 -18.28 -20.47
C PHE L 378 11.22 -18.66 -21.92
N LYS L 379 11.13 -17.65 -22.79
CA LYS L 379 11.14 -17.84 -24.25
C LYS L 379 12.38 -18.60 -24.74
N ARG L 380 13.57 -18.18 -24.25
CA ARG L 380 14.87 -18.75 -24.61
C ARG L 380 15.04 -20.20 -24.12
N LEU L 381 14.51 -20.49 -22.92
CA LEU L 381 14.51 -21.86 -22.38
C LEU L 381 13.61 -22.74 -23.19
N LEU L 382 12.35 -22.30 -23.37
CA LEU L 382 11.36 -23.01 -24.18
C LEU L 382 11.85 -23.34 -25.58
N SER L 383 12.58 -22.39 -26.19
CA SER L 383 13.24 -22.57 -27.49
C SER L 383 14.11 -23.81 -27.55
N LEU L 384 15.23 -23.81 -26.84
CA LEU L 384 16.15 -24.95 -26.94
C LEU L 384 15.69 -26.24 -26.21
N LEU L 385 14.61 -26.12 -25.43
CA LEU L 385 13.81 -27.28 -24.99
C LEU L 385 13.06 -27.93 -26.13
N LEU L 386 12.58 -27.12 -27.07
CA LEU L 386 11.71 -27.58 -28.16
C LEU L 386 12.45 -28.01 -29.44
N LYS L 387 13.63 -27.42 -29.70
CA LYS L 387 14.39 -27.65 -30.98
C LYS L 387 14.73 -29.10 -31.48
N PRO L 388 15.07 -30.07 -30.58
CA PRO L 388 15.13 -31.50 -30.98
C PRO L 388 13.82 -32.10 -31.55
N LEU L 389 12.67 -31.79 -30.93
CA LEU L 389 11.36 -32.37 -31.32
C LEU L 389 10.53 -31.49 -32.31
N PHE L 390 10.41 -30.18 -32.00
CA PHE L 390 9.43 -29.28 -32.64
C PHE L 390 10.12 -27.99 -33.19
N PRO L 391 10.89 -28.11 -34.28
CA PRO L 391 11.93 -27.11 -34.62
C PRO L 391 11.39 -25.74 -35.08
N ARG L 392 10.17 -25.72 -35.66
CA ARG L 392 9.52 -24.52 -36.22
C ARG L 392 9.08 -23.60 -35.11
N LEU L 393 8.63 -24.23 -34.01
CA LEU L 393 8.05 -23.57 -32.89
C LEU L 393 9.19 -22.98 -32.08
N ALA L 394 10.29 -23.74 -31.99
CA ALA L 394 11.56 -23.24 -31.44
C ALA L 394 12.14 -22.10 -32.27
N ALA L 395 11.92 -22.13 -33.59
CA ALA L 395 12.34 -21.03 -34.44
C ALA L 395 11.43 -19.76 -34.29
N PHE L 396 10.15 -20.02 -33.94
CA PHE L 396 9.11 -19.01 -33.75
C PHE L 396 9.37 -18.18 -32.49
N LEU L 397 9.76 -18.84 -31.40
CA LEU L 397 10.02 -18.18 -30.13
C LEU L 397 11.38 -17.53 -30.12
N ASN L 398 12.34 -18.17 -30.80
CA ASN L 398 13.70 -17.62 -30.90
C ASN L 398 13.75 -16.30 -31.65
N SER L 399 12.91 -16.19 -32.68
CA SER L 399 12.72 -14.95 -33.43
C SER L 399 12.11 -13.82 -32.57
N MET L 400 11.20 -14.19 -31.65
CA MET L 400 10.55 -13.24 -30.72
C MET L 400 11.46 -12.61 -29.62
N ARG L 401 12.76 -12.83 -29.71
CA ARG L 401 13.72 -12.37 -28.73
C ARG L 401 14.10 -10.91 -29.07
N PRO L 402 14.07 -10.04 -28.06
CA PRO L 402 14.49 -8.64 -28.21
C PRO L 402 15.91 -8.53 -28.69
N ARG L 403 16.18 -7.53 -29.51
CA ARG L 403 17.46 -7.43 -30.19
C ARG L 403 17.95 -6.01 -30.06
N SER L 404 19.24 -5.85 -30.16
CA SER L 404 19.84 -4.54 -30.17
C SER L 404 19.83 -4.00 -31.60
N ALA L 405 20.19 -2.72 -31.75
CA ALA L 405 20.22 -2.08 -33.05
C ALA L 405 21.36 -2.60 -33.92
N GLU L 406 22.40 -3.14 -33.28
CA GLU L 406 23.53 -3.78 -33.95
C GLU L 406 23.05 -5.03 -34.68
N LYS L 407 22.10 -5.72 -34.08
CA LYS L 407 21.54 -6.95 -34.62
C LYS L 407 20.43 -6.73 -35.69
N LEU L 408 19.75 -5.57 -35.67
CA LEU L 408 18.80 -5.19 -36.72
C LEU L 408 19.54 -4.86 -37.95
N TRP L 409 20.63 -4.11 -37.77
CA TRP L 409 21.51 -3.73 -38.85
C TRP L 409 22.09 -4.94 -39.61
N LYS L 410 22.53 -5.96 -38.84
CA LYS L 410 22.83 -7.30 -39.38
C LYS L 410 21.66 -7.86 -40.16
N LEU L 411 20.50 -7.97 -39.50
CA LEU L 411 19.27 -8.53 -40.12
C LEU L 411 18.80 -7.78 -41.39
N GLN L 412 18.97 -6.46 -41.44
CA GLN L 412 18.47 -5.64 -42.56
C GLN L 412 19.41 -5.74 -43.77
N HIS L 413 20.69 -6.04 -43.49
CA HIS L 413 21.68 -6.36 -44.50
C HIS L 413 21.56 -7.80 -44.96
N GLU L 414 21.19 -8.69 -44.04
CA GLU L 414 20.88 -10.08 -44.37
C GLU L 414 19.67 -10.15 -45.32
N ILE L 415 18.69 -9.26 -45.10
CA ILE L 415 17.45 -9.19 -45.86
C ILE L 415 17.70 -8.61 -47.29
N GLU L 416 18.52 -7.58 -47.36
CA GLU L 416 18.90 -7.01 -48.65
C GLU L 416 19.79 -7.96 -49.50
N MET L 417 20.66 -8.73 -48.83
CA MET L 417 21.47 -9.75 -49.49
C MET L 417 20.64 -10.92 -50.01
N TYR L 418 19.65 -11.33 -49.25
CA TYR L 418 18.77 -12.41 -49.62
C TYR L 418 17.93 -12.09 -50.87
N ARG L 419 17.60 -10.82 -51.04
CA ARG L 419 16.86 -10.30 -52.16
C ARG L 419 17.74 -10.30 -53.39
N GLN L 420 18.98 -9.81 -53.21
CA GLN L 420 20.01 -9.75 -54.26
C GLN L 420 20.36 -11.10 -54.85
N SER L 421 20.20 -12.14 -54.02
CA SER L 421 20.55 -13.52 -54.34
C SER L 421 19.39 -14.31 -54.97
N VAL L 422 18.16 -14.12 -54.47
CA VAL L 422 16.92 -14.63 -55.15
C VAL L 422 16.71 -14.00 -56.57
N ILE L 423 17.10 -12.71 -56.71
CA ILE L 423 17.19 -12.05 -58.02
C ILE L 423 18.27 -12.69 -58.97
N ALA L 424 19.41 -13.08 -58.40
CA ALA L 424 20.50 -13.73 -59.16
C ALA L 424 20.01 -15.08 -59.77
N GLN L 425 19.24 -15.83 -58.98
CA GLN L 425 18.53 -17.05 -59.40
C GLN L 425 17.53 -16.84 -60.58
N TRP L 426 16.53 -15.99 -60.35
CA TRP L 426 15.63 -15.42 -61.35
C TRP L 426 16.31 -15.03 -62.64
N LYS L 427 17.39 -14.25 -62.56
CA LYS L 427 18.10 -13.75 -63.73
C LYS L 427 18.93 -14.80 -64.46
N ALA L 428 19.58 -15.71 -63.71
CA ALA L 428 20.34 -16.83 -64.32
C ALA L 428 19.43 -17.82 -65.04
N MET L 429 18.22 -18.02 -64.50
CA MET L 429 17.16 -18.76 -65.18
C MET L 429 16.32 -17.91 -66.15
N ASN L 430 16.58 -16.58 -66.19
CA ASN L 430 16.00 -15.64 -67.21
C ASN L 430 14.44 -15.66 -67.33
N LEU L 431 13.77 -15.89 -66.18
CA LEU L 431 12.28 -15.84 -66.07
C LEU L 431 11.72 -14.40 -66.23
N ASP L 432 10.39 -14.29 -66.26
CA ASP L 432 9.71 -13.02 -66.43
C ASP L 432 8.83 -12.78 -65.25
N VAL L 433 8.39 -13.89 -64.67
CA VAL L 433 7.19 -13.96 -63.89
C VAL L 433 7.20 -15.38 -63.21
N LEU L 434 6.51 -15.55 -62.07
CA LEU L 434 6.65 -16.77 -61.24
C LEU L 434 5.31 -17.30 -60.72
N LEU L 435 5.12 -18.62 -60.82
CA LEU L 435 3.85 -19.23 -60.42
C LEU L 435 3.94 -20.09 -59.13
N THR L 436 3.00 -19.87 -58.21
CA THR L 436 3.09 -20.34 -56.81
C THR L 436 1.69 -20.80 -56.36
N PRO L 437 1.60 -21.88 -55.55
CA PRO L 437 0.35 -22.19 -54.85
C PRO L 437 0.01 -21.14 -53.79
N MET L 438 -1.25 -20.97 -53.54
CA MET L 438 -1.73 -19.96 -52.62
C MET L 438 -2.57 -20.71 -51.61
N LEU L 439 -2.29 -20.52 -50.29
CA LEU L 439 -2.96 -21.22 -49.15
C LEU L 439 -4.42 -21.59 -49.44
N GLY L 440 -4.78 -22.88 -49.23
CA GLY L 440 -5.91 -23.57 -49.88
C GLY L 440 -7.27 -23.05 -49.53
N PRO L 441 -8.27 -23.92 -49.50
CA PRO L 441 -9.65 -23.45 -49.27
C PRO L 441 -9.77 -22.79 -47.89
N ALA L 442 -10.66 -21.78 -47.76
CA ALA L 442 -10.87 -21.00 -46.53
C ALA L 442 -10.84 -21.89 -45.28
N LEU L 443 -10.06 -21.45 -44.30
CA LEU L 443 -9.90 -22.18 -43.04
C LEU L 443 -11.18 -22.02 -42.21
N ASP L 444 -11.35 -22.89 -41.20
CA ASP L 444 -12.46 -22.75 -40.21
C ASP L 444 -12.34 -21.44 -39.40
N LEU L 445 -13.22 -21.24 -38.41
CA LEU L 445 -13.43 -19.90 -37.84
C LEU L 445 -12.23 -19.27 -37.09
N ASN L 446 -11.96 -19.72 -35.85
CA ASN L 446 -10.89 -19.14 -35.03
C ASN L 446 -9.52 -19.86 -35.19
N THR L 447 -9.33 -20.47 -36.36
CA THR L 447 -8.18 -21.37 -36.67
C THR L 447 -6.92 -20.77 -37.36
N PRO L 448 -7.01 -19.64 -38.12
CA PRO L 448 -5.79 -18.94 -38.59
C PRO L 448 -4.82 -18.45 -37.50
N GLY L 449 -5.33 -18.26 -36.28
CA GLY L 449 -4.50 -17.96 -35.11
C GLY L 449 -3.68 -19.14 -34.64
N ARG L 450 -4.14 -20.36 -34.98
CA ARG L 450 -3.61 -21.62 -34.43
C ARG L 450 -2.76 -22.36 -35.45
N ALA L 451 -2.51 -21.70 -36.58
CA ALA L 451 -1.71 -22.28 -37.64
C ALA L 451 -0.85 -21.24 -38.31
N THR L 452 0.05 -20.63 -37.55
CA THR L 452 0.87 -19.46 -38.00
C THR L 452 1.87 -19.78 -39.11
N GLY L 453 2.18 -21.08 -39.26
CA GLY L 453 2.99 -21.61 -40.36
C GLY L 453 2.47 -21.28 -41.73
N ALA L 454 1.13 -21.41 -41.87
CA ALA L 454 0.38 -21.29 -43.15
C ALA L 454 0.68 -20.09 -44.04
N ILE L 455 1.02 -18.94 -43.42
CA ILE L 455 1.42 -17.70 -44.14
C ILE L 455 2.79 -17.79 -44.85
N SER L 456 3.37 -19.01 -44.85
CA SER L 456 4.64 -19.34 -45.49
C SER L 456 4.68 -18.85 -46.93
N TYR L 457 3.67 -19.23 -47.72
CA TYR L 457 3.62 -18.93 -49.19
C TYR L 457 3.53 -17.45 -49.57
N THR L 458 3.02 -16.62 -48.66
CA THR L 458 2.81 -15.20 -48.97
C THR L 458 3.86 -14.29 -48.39
N VAL L 459 4.30 -14.57 -47.14
CA VAL L 459 5.21 -13.71 -46.38
C VAL L 459 6.59 -13.56 -47.03
N LEU L 460 6.94 -14.54 -47.88
CA LEU L 460 8.22 -14.59 -48.56
C LEU L 460 8.39 -13.44 -49.50
N TYR L 461 7.27 -12.94 -50.06
CA TYR L 461 7.30 -11.84 -51.01
C TYR L 461 7.10 -10.45 -50.42
N ASN L 462 6.85 -10.41 -49.10
CA ASN L 462 6.96 -9.17 -48.32
C ASN L 462 8.39 -8.97 -47.90
N CYS L 463 9.02 -10.08 -47.53
CA CYS L 463 10.43 -10.17 -47.19
C CYS L 463 11.32 -9.84 -48.39
N LEU L 464 10.86 -10.25 -49.56
CA LEU L 464 11.59 -10.04 -50.79
C LEU L 464 11.24 -8.73 -51.45
N ASP L 465 10.14 -8.11 -50.97
CA ASP L 465 9.46 -6.98 -51.65
C ASP L 465 9.29 -7.15 -53.18
N PHE L 466 8.48 -8.13 -53.55
CA PHE L 466 8.18 -8.45 -54.95
C PHE L 466 6.69 -8.16 -55.18
N PRO L 467 6.33 -7.64 -56.35
CA PRO L 467 4.98 -7.80 -56.88
C PRO L 467 4.49 -9.19 -56.70
N ALA L 468 3.45 -9.35 -55.88
CA ALA L 468 2.73 -10.59 -55.84
C ALA L 468 1.25 -10.33 -55.96
N GLY L 469 0.54 -11.26 -56.62
CA GLY L 469 -0.86 -11.08 -56.93
C GLY L 469 -1.60 -12.39 -56.93
N VAL L 470 -2.91 -12.35 -56.69
CA VAL L 470 -3.75 -13.55 -56.51
C VAL L 470 -4.97 -13.50 -57.44
N VAL L 471 -5.14 -14.59 -58.22
CA VAL L 471 -6.35 -14.85 -59.03
C VAL L 471 -6.91 -16.27 -58.73
N PRO L 472 -8.24 -16.39 -58.51
CA PRO L 472 -8.87 -17.70 -58.27
C PRO L 472 -9.10 -18.48 -59.58
N VAL L 473 -8.78 -19.76 -59.54
CA VAL L 473 -8.66 -20.56 -60.78
C VAL L 473 -9.62 -21.73 -60.84
N THR L 474 -10.01 -22.24 -59.68
CA THR L 474 -10.87 -23.42 -59.56
C THR L 474 -11.78 -23.25 -58.34
N THR L 475 -12.64 -24.24 -58.08
CA THR L 475 -13.26 -24.47 -56.75
C THR L 475 -13.07 -25.93 -56.28
N VAL L 476 -13.22 -26.16 -54.96
CA VAL L 476 -12.95 -27.47 -54.29
C VAL L 476 -14.00 -28.50 -54.69
N THR L 477 -13.53 -29.61 -55.26
CA THR L 477 -14.40 -30.78 -55.56
C THR L 477 -14.46 -31.76 -54.37
N ALA L 478 -15.31 -32.78 -54.51
CA ALA L 478 -15.46 -33.87 -53.51
C ALA L 478 -14.14 -34.66 -53.27
N GLU L 479 -13.41 -34.92 -54.38
CA GLU L 479 -12.11 -35.63 -54.35
C GLU L 479 -11.00 -34.81 -53.68
N ASP L 480 -11.07 -33.48 -53.85
CA ASP L 480 -10.20 -32.51 -53.14
C ASP L 480 -10.40 -32.52 -51.62
N ASP L 481 -11.66 -32.68 -51.18
CA ASP L 481 -12.01 -32.70 -49.75
C ASP L 481 -11.92 -34.09 -49.13
N ALA L 482 -11.91 -35.13 -49.97
CA ALA L 482 -11.62 -36.49 -49.52
C ALA L 482 -10.13 -36.65 -49.19
N GLN L 483 -9.26 -36.16 -50.09
CA GLN L 483 -7.79 -36.22 -49.93
C GLN L 483 -7.19 -35.26 -48.85
N MET L 484 -8.06 -34.60 -48.07
CA MET L 484 -7.68 -33.84 -46.86
C MET L 484 -7.44 -34.73 -45.62
N GLU L 485 -7.95 -35.96 -45.64
CA GLU L 485 -7.67 -36.94 -44.57
C GLU L 485 -6.34 -37.70 -44.81
N LEU L 486 -5.85 -37.64 -46.05
CA LEU L 486 -4.49 -38.10 -46.40
C LEU L 486 -3.46 -36.94 -46.41
N TYR L 487 -3.90 -35.78 -45.90
CA TYR L 487 -3.00 -34.71 -45.52
C TYR L 487 -2.33 -35.09 -44.22
N LYS L 488 -1.01 -35.10 -44.24
CA LYS L 488 -0.20 -34.91 -43.05
C LYS L 488 0.92 -33.97 -43.46
N GLY L 489 1.34 -33.11 -42.54
CA GLY L 489 2.30 -32.07 -42.84
C GLY L 489 3.73 -32.57 -42.92
N TYR L 490 4.64 -31.66 -43.26
CA TYR L 490 6.06 -31.95 -43.26
C TYR L 490 6.64 -32.07 -41.84
N PHE L 491 5.93 -31.54 -40.84
CA PHE L 491 6.48 -31.38 -39.49
C PHE L 491 5.70 -32.18 -38.43
N GLY L 492 4.38 -32.25 -38.59
CA GLY L 492 3.49 -32.88 -37.60
C GLY L 492 3.41 -32.14 -36.27
N ASP L 493 3.88 -30.88 -36.22
CA ASP L 493 3.60 -29.99 -35.10
C ASP L 493 2.18 -29.40 -35.22
N ILE L 494 1.56 -29.14 -34.05
CA ILE L 494 0.31 -28.27 -33.85
C ILE L 494 -0.23 -27.41 -35.05
N TRP L 495 0.66 -26.74 -35.77
CA TRP L 495 0.30 -26.00 -36.97
C TRP L 495 -0.26 -26.91 -38.05
N ASP L 496 0.48 -27.98 -38.35
CA ASP L 496 0.09 -28.97 -39.36
C ASP L 496 -1.19 -29.70 -38.99
N ILE L 497 -1.34 -30.02 -37.69
CA ILE L 497 -2.47 -30.76 -37.17
C ILE L 497 -3.75 -29.94 -37.25
N ILE L 498 -3.67 -28.66 -36.88
CA ILE L 498 -4.82 -27.75 -36.95
C ILE L 498 -5.24 -27.48 -38.39
N LEU L 499 -4.25 -27.36 -39.28
CA LEU L 499 -4.49 -27.11 -40.72
C LEU L 499 -5.23 -28.25 -41.45
N LYS L 500 -5.11 -29.47 -40.92
CA LYS L 500 -5.90 -30.63 -41.37
C LYS L 500 -7.40 -30.46 -41.03
N LYS L 501 -7.68 -30.17 -39.74
CA LYS L 501 -9.04 -29.85 -39.23
C LYS L 501 -9.66 -28.61 -39.89
N ALA L 502 -8.83 -27.59 -40.16
CA ALA L 502 -9.29 -26.26 -40.60
C ALA L 502 -9.82 -26.22 -42.03
N MET L 503 -9.21 -27.03 -42.91
CA MET L 503 -9.44 -26.95 -44.37
C MET L 503 -10.49 -27.94 -44.86
N LYS L 504 -10.89 -28.87 -43.97
CA LYS L 504 -11.96 -29.86 -44.22
C LYS L 504 -13.32 -29.16 -44.26
N ASN L 505 -14.33 -29.85 -44.83
CA ASN L 505 -15.70 -29.32 -45.04
C ASN L 505 -15.73 -28.07 -45.97
N SER L 506 -15.21 -28.21 -47.20
CA SER L 506 -14.92 -27.06 -48.08
C SER L 506 -15.34 -27.20 -49.57
N VAL L 507 -15.94 -28.35 -49.95
CA VAL L 507 -16.52 -28.61 -51.30
C VAL L 507 -17.30 -27.39 -51.84
N GLY L 508 -16.86 -26.88 -52.98
CA GLY L 508 -17.48 -25.73 -53.63
C GLY L 508 -16.84 -24.38 -53.33
N LEU L 509 -15.88 -24.34 -52.38
CA LEU L 509 -15.20 -23.09 -51.98
C LEU L 509 -13.99 -22.80 -52.90
N PRO L 510 -13.76 -21.50 -53.23
CA PRO L 510 -12.76 -21.12 -54.25
C PRO L 510 -11.30 -21.30 -53.82
N VAL L 511 -10.52 -21.89 -54.73
CA VAL L 511 -9.05 -22.03 -54.60
C VAL L 511 -8.34 -21.19 -55.67
N ALA L 512 -7.08 -20.83 -55.39
CA ALA L 512 -6.35 -19.82 -56.18
C ALA L 512 -4.94 -20.21 -56.42
N VAL L 513 -4.39 -19.58 -57.45
CA VAL L 513 -2.98 -19.55 -57.73
C VAL L 513 -2.44 -18.14 -57.51
N GLN L 514 -1.13 -18.05 -57.23
CA GLN L 514 -0.45 -16.78 -56.96
C GLN L 514 0.58 -16.48 -58.03
N CYS L 515 0.73 -15.19 -58.37
CA CYS L 515 1.62 -14.74 -59.44
C CYS L 515 2.56 -13.68 -58.95
N VAL L 516 3.84 -13.77 -59.36
CA VAL L 516 4.93 -12.93 -58.84
C VAL L 516 5.76 -12.38 -60.02
N ALA L 517 6.07 -11.09 -60.03
CA ALA L 517 7.19 -10.61 -60.82
C ALA L 517 8.25 -9.89 -59.97
N LEU L 518 9.29 -9.40 -60.64
CA LEU L 518 10.42 -8.68 -60.02
C LEU L 518 9.98 -7.28 -59.49
N PRO L 519 10.78 -6.65 -58.57
CA PRO L 519 10.45 -5.29 -58.06
C PRO L 519 10.13 -4.28 -59.14
N TRP L 520 9.03 -3.54 -58.89
CA TRP L 520 8.51 -2.47 -59.75
C TRP L 520 7.80 -2.92 -61.05
N GLN L 521 7.65 -4.24 -61.23
CA GLN L 521 6.98 -4.83 -62.42
C GLN L 521 5.51 -5.30 -62.12
N GLU L 522 4.72 -4.35 -61.60
CA GLU L 522 3.29 -4.56 -61.27
C GLU L 522 2.48 -4.88 -62.52
N GLU L 523 2.77 -4.15 -63.60
CA GLU L 523 2.01 -4.25 -64.85
C GLU L 523 2.27 -5.58 -65.53
N LEU L 524 3.55 -6.04 -65.51
CA LEU L 524 3.95 -7.40 -65.98
C LEU L 524 3.30 -8.49 -65.15
N CYS L 525 3.28 -8.28 -63.83
CA CYS L 525 2.60 -9.19 -62.89
C CYS L 525 1.15 -9.35 -63.29
N LEU L 526 0.46 -8.21 -63.54
CA LEU L 526 -0.98 -8.15 -63.84
C LEU L 526 -1.34 -8.70 -65.20
N ARG L 527 -0.47 -8.40 -66.20
CA ARG L 527 -0.52 -8.99 -67.55
C ARG L 527 -0.59 -10.51 -67.45
N PHE L 528 0.36 -11.10 -66.72
CA PHE L 528 0.34 -12.53 -66.43
C PHE L 528 -0.92 -13.00 -65.71
N MET L 529 -1.41 -12.21 -64.75
CA MET L 529 -2.65 -12.54 -64.01
C MET L 529 -3.85 -12.51 -64.94
N ARG L 530 -3.83 -11.56 -65.90
CA ARG L 530 -4.85 -11.45 -66.95
C ARG L 530 -4.87 -12.69 -67.84
N GLU L 531 -3.68 -13.18 -68.20
CA GLU L 531 -3.51 -14.46 -68.89
C GLU L 531 -3.97 -15.64 -68.03
N VAL L 532 -3.71 -15.58 -66.73
CA VAL L 532 -4.13 -16.64 -65.80
C VAL L 532 -5.67 -16.71 -65.67
N GLU L 533 -6.30 -15.54 -65.44
CA GLU L 533 -7.79 -15.37 -65.43
C GLU L 533 -8.46 -15.90 -66.72
N GLN L 534 -7.82 -15.61 -67.86
CA GLN L 534 -8.36 -15.88 -69.20
C GLN L 534 -8.41 -17.36 -69.56
N LEU L 535 -7.33 -18.09 -69.23
CA LEU L 535 -7.25 -19.52 -69.50
C LEU L 535 -8.08 -20.37 -68.52
N MET L 536 -8.33 -19.85 -67.31
CA MET L 536 -8.93 -20.64 -66.23
C MET L 536 -10.41 -20.36 -66.04
N THR L 537 -10.81 -19.13 -66.39
CA THR L 537 -12.22 -18.74 -66.46
C THR L 537 -12.57 -18.20 -67.85
N ALA M 1 -0.82 -56.63 5.67
CA ALA M 1 -2.25 -56.86 5.29
C ALA M 1 -2.37 -57.43 3.86
N ARG M 2 -1.72 -56.74 2.91
CA ARG M 2 -1.65 -57.15 1.50
C ARG M 2 -0.44 -58.10 1.19
N GLY M 3 0.30 -58.46 2.26
CA GLY M 3 1.29 -59.54 2.24
C GLY M 3 0.66 -60.92 2.26
N ALA M 4 -0.64 -60.98 2.61
CA ALA M 4 -1.51 -62.15 2.32
C ALA M 4 -2.04 -62.20 0.82
N ALA M 5 -1.20 -61.73 -0.10
CA ALA M 5 -1.04 -62.29 -1.43
C ALA M 5 -0.48 -63.75 -1.38
N THR M 6 0.39 -64.02 -0.39
CA THR M 6 0.93 -65.36 -0.17
C THR M 6 -0.11 -66.39 0.30
N ARG M 7 -1.24 -65.89 0.88
CA ARG M 7 -2.46 -66.71 1.11
C ARG M 7 -3.10 -67.23 -0.21
N ALA M 8 -3.03 -66.43 -1.28
CA ALA M 8 -3.50 -66.84 -2.59
C ALA M 8 -2.51 -67.73 -3.32
N ARG M 9 -1.22 -67.55 -3.04
CA ARG M 9 -0.16 -68.37 -3.63
C ARG M 9 -0.18 -69.83 -3.09
N GLN M 10 -0.58 -70.01 -1.82
CA GLN M 10 -0.85 -71.36 -1.24
C GLN M 10 -2.24 -71.90 -1.58
N LYS M 11 -3.17 -71.00 -1.95
CA LYS M 11 -4.44 -71.41 -2.56
C LYS M 11 -4.16 -71.97 -3.94
N GLN M 12 -3.19 -71.35 -4.63
CA GLN M 12 -2.81 -71.72 -5.99
C GLN M 12 -2.07 -73.06 -6.05
N ARG M 13 -1.18 -73.29 -5.09
CA ARG M 13 -0.22 -74.40 -5.16
C ARG M 13 -0.75 -75.70 -4.54
N ALA M 14 -1.79 -75.57 -3.69
CA ALA M 14 -2.57 -76.73 -3.22
C ALA M 14 -3.61 -77.17 -4.26
N SER M 15 -4.35 -76.22 -4.85
CA SER M 15 -5.28 -76.50 -5.98
C SER M 15 -4.56 -76.86 -7.33
N LEU M 16 -3.24 -77.00 -7.27
CA LEU M 16 -2.45 -77.56 -8.34
C LEU M 16 -1.91 -78.95 -7.93
N GLU M 17 -1.66 -79.15 -6.62
CA GLU M 17 -1.31 -80.46 -6.05
C GLU M 17 -2.55 -81.38 -5.96
N THR M 18 -3.70 -80.78 -5.54
CA THR M 18 -5.02 -81.45 -5.54
C THR M 18 -5.60 -81.60 -6.98
N MET M 19 -5.13 -80.76 -7.93
CA MET M 19 -5.37 -81.00 -9.38
C MET M 19 -4.69 -82.30 -9.85
N ASP M 20 -3.51 -82.59 -9.26
CA ASP M 20 -2.56 -83.59 -9.78
C ASP M 20 -2.90 -85.04 -9.34
N LYS M 21 -3.08 -85.24 -8.02
CA LYS M 21 -3.51 -86.54 -7.44
C LYS M 21 -4.95 -87.01 -7.88
N ALA M 22 -5.69 -86.14 -8.58
CA ALA M 22 -6.90 -86.51 -9.30
C ALA M 22 -6.59 -87.08 -10.70
N VAL M 23 -5.72 -86.40 -11.47
CA VAL M 23 -5.45 -86.79 -12.87
C VAL M 23 -4.51 -88.00 -13.01
N GLN M 24 -3.69 -88.22 -11.97
CA GLN M 24 -2.74 -89.32 -11.90
C GLN M 24 -3.41 -90.64 -11.47
N ARG M 25 -4.30 -90.54 -10.45
CA ARG M 25 -5.13 -91.68 -9.99
C ARG M 25 -6.15 -92.16 -11.04
N PHE M 26 -6.44 -91.29 -12.01
CA PHE M 26 -7.10 -91.69 -13.25
C PHE M 26 -6.16 -92.21 -14.36
N ARG M 27 -4.93 -91.67 -14.44
CA ARG M 27 -3.90 -92.21 -15.38
C ARG M 27 -3.41 -93.67 -15.00
N LEU M 28 -3.26 -93.94 -13.69
CA LEU M 28 -2.93 -95.29 -13.18
C LEU M 28 -4.08 -96.34 -13.36
N GLN M 29 -5.32 -95.93 -13.04
CA GLN M 29 -6.49 -96.84 -13.04
C GLN M 29 -7.20 -96.94 -14.39
N ASN M 30 -6.75 -96.15 -15.38
CA ASN M 30 -7.11 -96.32 -16.80
C ASN M 30 -5.94 -95.91 -17.78
N PRO M 31 -4.91 -96.81 -17.93
CA PRO M 31 -3.68 -96.48 -18.68
C PRO M 31 -3.90 -96.35 -20.19
N ASP M 32 -4.83 -97.14 -20.75
CA ASP M 32 -4.91 -97.42 -22.21
C ASP M 32 -5.33 -96.24 -23.12
N LEU M 33 -6.00 -95.22 -22.54
CA LEU M 33 -6.70 -94.17 -23.31
C LEU M 33 -5.74 -93.19 -24.02
N ASP M 34 -6.02 -92.94 -25.32
CA ASP M 34 -5.27 -91.95 -26.12
C ASP M 34 -5.59 -90.52 -25.66
N SER M 35 -4.66 -89.97 -24.87
CA SER M 35 -4.71 -88.61 -24.35
C SER M 35 -4.62 -87.60 -25.47
N GLU M 36 -3.70 -87.87 -26.40
CA GLU M 36 -3.26 -86.90 -27.43
C GLU M 36 -4.27 -86.75 -28.55
N ALA M 37 -4.86 -87.87 -29.01
CA ALA M 37 -5.89 -87.87 -30.08
C ALA M 37 -7.32 -87.47 -29.60
N LEU M 38 -7.50 -87.40 -28.26
CA LEU M 38 -8.74 -86.92 -27.64
C LEU M 38 -8.90 -85.38 -27.78
N LEU M 39 -7.99 -84.62 -27.15
CA LEU M 39 -8.09 -83.14 -27.08
C LEU M 39 -7.72 -82.41 -28.42
N THR M 40 -7.21 -83.19 -29.41
CA THR M 40 -7.04 -82.70 -30.81
C THR M 40 -8.36 -82.41 -31.53
N LEU M 41 -9.39 -83.22 -31.19
CA LEU M 41 -10.78 -83.09 -31.74
C LEU M 41 -11.32 -81.63 -31.58
N PRO M 42 -11.84 -81.03 -32.71
CA PRO M 42 -12.75 -79.86 -32.63
C PRO M 42 -13.93 -80.11 -31.67
N LEU M 43 -14.54 -79.03 -31.11
CA LEU M 43 -15.56 -79.21 -30.07
C LEU M 43 -16.77 -80.05 -30.53
N LEU M 44 -17.22 -79.79 -31.76
CA LEU M 44 -18.39 -80.47 -32.42
C LEU M 44 -18.33 -82.01 -32.38
N GLN M 45 -17.11 -82.56 -32.48
CA GLN M 45 -16.84 -83.99 -32.41
C GLN M 45 -16.72 -84.48 -30.98
N LEU M 46 -16.03 -83.69 -30.13
CA LEU M 46 -15.83 -84.00 -28.72
C LEU M 46 -17.17 -84.14 -28.01
N VAL M 47 -18.07 -83.16 -28.27
CA VAL M 47 -19.45 -83.19 -27.77
C VAL M 47 -20.31 -84.41 -28.26
N GLN M 48 -20.21 -84.75 -29.56
CA GLN M 48 -21.04 -85.84 -30.15
C GLN M 48 -20.67 -87.25 -29.62
N LYS M 49 -19.38 -87.46 -29.31
CA LYS M 49 -18.89 -88.70 -28.72
C LYS M 49 -19.20 -88.83 -27.21
N LEU M 50 -19.93 -87.83 -26.67
CA LEU M 50 -20.62 -87.93 -25.36
C LEU M 50 -22.08 -88.32 -25.55
N GLN M 51 -22.72 -87.79 -26.60
CA GLN M 51 -24.16 -87.95 -26.81
C GLN M 51 -24.51 -89.29 -27.41
N SER M 52 -23.53 -89.87 -28.12
CA SER M 52 -23.46 -91.31 -28.41
C SER M 52 -22.97 -92.12 -27.19
N GLY M 53 -22.17 -91.49 -26.33
CA GLY M 53 -21.59 -92.15 -25.18
C GLY M 53 -20.32 -92.91 -25.49
N GLU M 54 -19.73 -92.65 -26.69
CA GLU M 54 -18.55 -93.41 -27.18
C GLU M 54 -17.26 -93.08 -26.43
N LEU M 55 -17.14 -91.82 -26.00
CA LEU M 55 -16.22 -91.40 -24.94
C LEU M 55 -16.99 -91.11 -23.63
N SER M 56 -16.81 -92.00 -22.63
CA SER M 56 -17.36 -91.86 -21.26
C SER M 56 -16.92 -90.52 -20.59
N PRO M 57 -17.81 -89.87 -19.78
CA PRO M 57 -17.58 -88.48 -19.33
C PRO M 57 -16.38 -88.27 -18.39
N GLU M 58 -15.88 -89.34 -17.76
CA GLU M 58 -14.67 -89.30 -16.90
C GLU M 58 -13.37 -89.04 -17.72
N ALA M 59 -13.33 -89.55 -18.96
CA ALA M 59 -12.11 -89.53 -19.80
C ALA M 59 -11.89 -88.22 -20.59
N VAL M 60 -12.98 -87.64 -21.14
CA VAL M 60 -12.96 -86.22 -21.62
C VAL M 60 -12.54 -85.26 -20.51
N PHE M 61 -13.06 -85.50 -19.29
CA PHE M 61 -12.74 -84.70 -18.12
C PHE M 61 -11.31 -84.83 -17.64
N PHE M 62 -11.02 -85.91 -16.86
CA PHE M 62 -9.71 -86.16 -16.16
C PHE M 62 -8.38 -86.13 -17.05
N THR M 63 -8.52 -85.82 -18.35
CA THR M 63 -7.41 -85.64 -19.30
C THR M 63 -7.35 -84.20 -19.82
N TYR M 64 -8.53 -83.54 -19.90
CA TYR M 64 -8.57 -82.06 -20.08
C TYR M 64 -8.07 -81.33 -18.87
N LEU M 65 -8.60 -81.71 -17.69
CA LEU M 65 -8.01 -81.42 -16.33
C LEU M 65 -6.52 -81.77 -16.24
N GLY M 66 -6.11 -82.81 -16.97
CA GLY M 66 -4.71 -83.16 -17.18
C GLY M 66 -3.93 -82.09 -17.89
N LYS M 67 -4.27 -81.84 -19.17
CA LYS M 67 -3.42 -81.03 -20.05
C LYS M 67 -3.34 -79.56 -19.60
N ALA M 68 -4.50 -79.00 -19.19
CA ALA M 68 -4.59 -77.83 -18.28
C ALA M 68 -3.45 -77.70 -17.24
N TRP M 69 -3.27 -78.71 -16.37
CA TRP M 69 -2.21 -78.74 -15.33
C TRP M 69 -0.78 -78.61 -15.86
N GLU M 70 -0.53 -79.19 -17.05
CA GLU M 70 0.80 -79.19 -17.66
C GLU M 70 1.22 -77.80 -18.15
N VAL M 71 0.36 -77.17 -18.99
CA VAL M 71 0.65 -75.83 -19.59
C VAL M 71 0.65 -74.68 -18.55
N ASN M 72 -0.10 -74.87 -17.45
CA ASN M 72 -0.09 -73.98 -16.29
C ASN M 72 1.28 -73.85 -15.56
N LYS M 73 2.10 -74.92 -15.63
CA LYS M 73 3.52 -74.86 -15.23
C LYS M 73 4.42 -73.98 -16.16
N GLY M 74 3.99 -73.81 -17.42
CA GLY M 74 4.72 -72.98 -18.39
C GLY M 74 4.18 -71.58 -18.59
N THR M 75 2.89 -71.36 -18.25
CA THR M 75 2.18 -70.10 -18.61
C THR M 75 1.52 -69.35 -17.43
N ASN M 76 1.29 -70.06 -16.31
CA ASN M 76 0.62 -69.51 -15.08
C ASN M 76 -0.83 -69.00 -15.29
N CYS M 77 -1.56 -69.73 -16.13
CA CYS M 77 -2.93 -69.40 -16.46
C CYS M 77 -3.90 -69.71 -15.33
N VAL M 78 -3.69 -70.85 -14.67
CA VAL M 78 -4.68 -71.39 -13.70
C VAL M 78 -4.46 -70.81 -12.28
N THR M 79 -5.57 -70.58 -11.58
CA THR M 79 -5.62 -69.77 -10.37
C THR M 79 -6.11 -70.66 -9.22
N SER M 80 -7.12 -71.49 -9.52
CA SER M 80 -7.74 -72.44 -8.56
C SER M 80 -8.50 -73.52 -9.32
N TYR M 81 -8.70 -74.66 -8.68
CA TYR M 81 -9.45 -75.76 -9.27
C TYR M 81 -10.76 -75.89 -8.56
N LEU M 82 -11.84 -75.75 -9.33
CA LEU M 82 -13.18 -75.56 -8.79
C LEU M 82 -13.78 -76.89 -8.32
N THR M 83 -13.54 -77.21 -7.03
CA THR M 83 -13.45 -78.61 -6.50
C THR M 83 -14.68 -79.50 -6.74
N ASP M 84 -15.88 -78.89 -6.66
CA ASP M 84 -17.16 -79.64 -6.75
C ASP M 84 -17.66 -79.91 -8.21
N CYS M 85 -16.70 -80.00 -9.14
CA CYS M 85 -16.76 -80.93 -10.27
C CYS M 85 -16.46 -82.39 -9.79
N GLU M 86 -16.55 -83.38 -10.72
CA GLU M 86 -16.70 -84.87 -10.41
C GLU M 86 -18.06 -85.33 -9.76
N THR M 87 -18.67 -84.48 -8.93
CA THR M 87 -20.10 -84.57 -8.56
C THR M 87 -20.98 -83.77 -9.55
N GLN M 88 -20.34 -82.89 -10.32
CA GLN M 88 -20.97 -82.16 -11.45
C GLN M 88 -20.77 -82.91 -12.79
N LEU M 89 -20.04 -84.04 -12.74
CA LEU M 89 -20.13 -85.12 -13.73
C LEU M 89 -21.16 -86.20 -13.31
N SER M 90 -21.25 -86.47 -11.99
CA SER M 90 -22.12 -87.53 -11.38
C SER M 90 -23.62 -87.25 -11.52
N GLN M 91 -23.97 -85.96 -11.49
CA GLN M 91 -25.34 -85.50 -11.74
C GLN M 91 -25.40 -84.47 -12.92
N ALA M 92 -24.62 -84.73 -13.98
CA ALA M 92 -24.60 -83.90 -15.20
C ALA M 92 -25.75 -84.28 -16.15
N PRO M 93 -26.61 -83.29 -16.52
CA PRO M 93 -27.85 -83.54 -17.31
C PRO M 93 -27.58 -84.00 -18.73
N ARG M 94 -28.17 -85.16 -19.05
CA ARG M 94 -27.67 -86.06 -20.10
C ARG M 94 -27.93 -85.53 -21.52
N GLN M 95 -29.14 -85.03 -21.74
CA GLN M 95 -29.48 -84.31 -22.99
C GLN M 95 -29.25 -82.78 -22.88
N GLY M 96 -28.48 -82.36 -21.85
CA GLY M 96 -27.94 -81.01 -21.78
C GLY M 96 -26.92 -80.75 -22.89
N LEU M 97 -27.21 -79.75 -23.77
CA LEU M 97 -26.51 -79.48 -25.07
C LEU M 97 -24.94 -79.56 -25.11
N LEU M 98 -24.30 -79.31 -23.94
CA LEU M 98 -22.84 -79.30 -23.81
C LEU M 98 -22.41 -80.30 -22.76
N TYR M 99 -22.82 -81.57 -22.92
CA TYR M 99 -22.96 -82.51 -21.76
C TYR M 99 -21.67 -82.78 -21.01
N GLY M 100 -20.63 -83.21 -21.72
CA GLY M 100 -19.39 -83.59 -21.05
C GLY M 100 -18.29 -82.60 -21.25
N VAL M 101 -18.48 -81.69 -22.23
CA VAL M 101 -17.68 -80.47 -22.42
C VAL M 101 -17.40 -79.71 -21.08
N PRO M 102 -16.12 -79.68 -20.66
CA PRO M 102 -15.71 -78.95 -19.43
C PRO M 102 -15.23 -77.47 -19.70
N VAL M 103 -15.55 -76.53 -18.81
CA VAL M 103 -15.12 -75.11 -19.08
C VAL M 103 -14.12 -74.45 -18.12
N SER M 104 -13.16 -73.75 -18.73
CA SER M 104 -12.38 -72.75 -18.03
C SER M 104 -13.26 -71.50 -17.77
N LEU M 105 -13.30 -71.07 -16.50
CA LEU M 105 -14.01 -69.83 -16.08
C LEU M 105 -13.05 -68.74 -15.67
N LYS M 106 -13.11 -67.59 -16.40
CA LYS M 106 -12.46 -66.29 -15.99
C LYS M 106 -12.79 -65.93 -14.57
N GLU M 107 -11.81 -65.42 -13.84
CA GLU M 107 -11.84 -65.37 -12.37
C GLU M 107 -13.10 -64.64 -11.82
N CYS M 108 -13.50 -63.58 -12.54
CA CYS M 108 -14.67 -62.74 -12.25
C CYS M 108 -16.05 -63.46 -12.20
N PHE M 109 -16.19 -64.53 -12.98
CA PHE M 109 -17.33 -65.46 -12.89
C PHE M 109 -17.33 -66.21 -11.57
N SER M 110 -18.17 -65.74 -10.64
CA SER M 110 -18.28 -66.35 -9.30
C SER M 110 -18.77 -67.82 -9.28
N TYR M 111 -18.49 -68.49 -8.14
CA TYR M 111 -18.60 -69.97 -7.95
C TYR M 111 -18.75 -70.23 -6.41
N LYS M 112 -19.71 -71.10 -6.03
CA LYS M 112 -20.13 -71.22 -4.61
C LYS M 112 -19.02 -71.84 -3.77
N GLY M 113 -18.23 -70.96 -3.13
CA GLY M 113 -17.08 -71.37 -2.33
C GLY M 113 -15.70 -70.87 -2.83
N HIS M 114 -15.70 -70.11 -3.92
CA HIS M 114 -14.47 -69.54 -4.49
C HIS M 114 -14.46 -68.02 -4.48
N ASP M 115 -13.28 -67.47 -4.18
CA ASP M 115 -13.02 -66.04 -4.34
C ASP M 115 -13.06 -65.65 -5.79
N SER M 116 -13.73 -64.54 -6.06
CA SER M 116 -13.50 -63.77 -7.27
C SER M 116 -12.64 -62.53 -6.90
N THR M 117 -11.35 -62.76 -6.61
CA THR M 117 -10.38 -61.64 -6.48
C THR M 117 -10.10 -61.09 -7.84
N LEU M 118 -10.20 -59.80 -8.01
CA LEU M 118 -9.78 -59.25 -9.27
C LEU M 118 -8.42 -58.64 -8.99
N GLY M 119 -7.40 -59.50 -8.95
CA GLY M 119 -6.05 -59.12 -8.50
C GLY M 119 -5.85 -58.69 -7.06
N LEU M 120 -6.95 -58.54 -6.32
CA LEU M 120 -7.03 -57.55 -5.26
C LEU M 120 -7.13 -58.16 -3.92
N SER M 121 -6.26 -57.68 -3.03
CA SER M 121 -6.25 -58.07 -1.64
C SER M 121 -7.44 -57.54 -0.84
N LEU M 122 -8.12 -56.51 -1.37
CA LEU M 122 -9.43 -56.05 -0.88
C LEU M 122 -10.48 -57.18 -0.84
N ASN M 123 -10.56 -57.94 -1.95
CA ASN M 123 -11.43 -59.11 -2.04
C ASN M 123 -10.69 -60.49 -2.14
N GLU M 124 -9.54 -60.57 -1.49
CA GLU M 124 -8.84 -61.83 -1.30
C GLU M 124 -9.52 -62.72 -0.22
N GLY M 125 -10.19 -62.06 0.73
CA GLY M 125 -10.58 -62.70 1.98
C GLY M 125 -12.05 -63.08 2.11
N MET M 126 -12.80 -63.03 1.02
CA MET M 126 -14.21 -63.55 1.01
C MET M 126 -14.61 -64.24 -0.30
N PRO M 127 -14.97 -65.53 -0.19
CA PRO M 127 -15.44 -66.32 -1.36
C PRO M 127 -16.95 -66.14 -1.62
N SER M 128 -17.39 -66.58 -2.81
CA SER M 128 -18.79 -66.41 -3.23
C SER M 128 -19.77 -67.35 -2.53
N GLU M 129 -20.97 -66.80 -2.24
CA GLU M 129 -22.09 -67.54 -1.63
C GLU M 129 -22.80 -68.47 -2.65
N SER M 130 -22.93 -68.00 -3.90
CA SER M 130 -23.72 -68.70 -4.92
C SER M 130 -23.05 -68.67 -6.29
N ASP M 131 -23.20 -69.79 -7.03
CA ASP M 131 -22.89 -69.87 -8.46
C ASP M 131 -23.63 -68.79 -9.20
N CYS M 132 -22.87 -67.89 -9.83
CA CYS M 132 -23.42 -66.83 -10.69
C CYS M 132 -24.29 -67.40 -11.82
N VAL M 133 -25.18 -66.56 -12.33
CA VAL M 133 -26.24 -67.00 -13.25
C VAL M 133 -25.78 -67.85 -14.47
N VAL M 134 -24.88 -67.33 -15.35
CA VAL M 134 -24.57 -68.05 -16.62
C VAL M 134 -23.83 -69.35 -16.38
N VAL M 135 -23.10 -69.42 -15.25
CA VAL M 135 -22.51 -70.67 -14.72
C VAL M 135 -23.58 -71.68 -14.36
N GLN M 136 -24.66 -71.19 -13.70
CA GLN M 136 -25.78 -72.06 -13.27
C GLN M 136 -26.43 -72.71 -14.48
N VAL M 137 -26.60 -71.92 -15.56
CA VAL M 137 -27.12 -72.41 -16.83
C VAL M 137 -26.09 -73.16 -17.71
N LEU M 138 -24.78 -72.86 -17.51
CA LEU M 138 -23.69 -73.66 -18.11
C LEU M 138 -23.78 -75.08 -17.57
N LYS M 139 -23.90 -75.19 -16.22
CA LYS M 139 -24.02 -76.47 -15.49
C LYS M 139 -25.29 -77.28 -15.89
N LEU M 140 -26.47 -76.63 -15.85
CA LEU M 140 -27.76 -77.24 -16.24
C LEU M 140 -27.79 -77.73 -17.72
N GLN M 141 -26.92 -77.14 -18.55
CA GLN M 141 -26.69 -77.60 -19.92
C GLN M 141 -25.52 -78.61 -20.03
N GLY M 142 -25.29 -79.35 -18.95
CA GLY M 142 -24.34 -80.44 -18.94
C GLY M 142 -22.97 -80.06 -18.40
N ALA M 143 -22.49 -78.85 -18.78
CA ALA M 143 -21.07 -78.47 -18.77
C ALA M 143 -20.38 -78.55 -17.43
N VAL M 144 -19.07 -78.79 -17.46
CA VAL M 144 -18.32 -79.11 -16.24
C VAL M 144 -17.20 -78.11 -15.97
N PRO M 145 -17.55 -76.95 -15.36
CA PRO M 145 -16.61 -75.85 -15.20
C PRO M 145 -15.60 -76.14 -14.10
N PHE M 146 -14.31 -76.16 -14.45
CA PHE M 146 -13.29 -76.88 -13.64
C PHE M 146 -12.18 -75.99 -13.00
N VAL M 147 -11.87 -74.88 -13.67
CA VAL M 147 -10.75 -73.99 -13.29
C VAL M 147 -11.11 -72.47 -13.34
N HIS M 148 -10.73 -71.74 -12.27
CA HIS M 148 -10.54 -70.25 -12.35
C HIS M 148 -9.21 -69.89 -12.97
N THR M 149 -9.22 -68.81 -13.75
CA THR M 149 -8.16 -68.54 -14.70
C THR M 149 -7.70 -67.06 -14.56
N ASN M 150 -6.41 -66.77 -14.84
CA ASN M 150 -5.71 -65.56 -14.32
C ASN M 150 -6.20 -64.24 -14.94
N VAL M 151 -6.04 -63.15 -14.19
CA VAL M 151 -6.40 -61.77 -14.65
C VAL M 151 -5.24 -60.73 -14.40
N PRO M 152 -5.19 -59.64 -15.20
CA PRO M 152 -4.56 -58.37 -14.72
C PRO M 152 -5.16 -57.89 -13.43
N GLN M 153 -4.30 -57.37 -12.50
CA GLN M 153 -4.70 -56.60 -11.27
C GLN M 153 -6.17 -56.21 -11.18
N SER M 154 -6.58 -55.04 -11.65
CA SER M 154 -8.00 -54.72 -11.48
C SER M 154 -8.71 -54.77 -12.78
N MET M 155 -8.43 -55.84 -13.53
CA MET M 155 -9.01 -56.17 -14.84
C MET M 155 -8.77 -55.13 -15.96
N LEU M 156 -8.29 -53.94 -15.61
CA LEU M 156 -8.34 -52.79 -16.55
C LEU M 156 -7.01 -52.62 -17.35
N SER M 157 -6.62 -53.73 -17.99
CA SER M 157 -5.43 -53.82 -18.85
C SER M 157 -5.56 -54.96 -19.87
N PHE M 158 -4.85 -54.80 -20.99
CA PHE M 158 -4.74 -55.87 -21.98
C PHE M 158 -3.38 -56.65 -22.01
N ASP M 159 -2.75 -56.74 -20.83
CA ASP M 159 -1.72 -57.72 -20.47
C ASP M 159 -2.24 -58.33 -19.17
N CYS M 160 -1.65 -59.45 -18.73
CA CYS M 160 -2.16 -60.26 -17.63
C CYS M 160 -1.05 -60.59 -16.65
N SER M 161 -1.36 -60.38 -15.35
CA SER M 161 -0.38 -60.29 -14.21
C SER M 161 -1.07 -59.63 -13.03
N ASN M 162 -0.92 -60.22 -11.85
CA ASN M 162 -1.42 -59.64 -10.62
C ASN M 162 -0.60 -60.05 -9.36
N PRO M 163 -0.49 -59.16 -8.34
CA PRO M 163 0.34 -59.44 -7.13
C PRO M 163 -0.07 -60.69 -6.31
N LEU M 164 -1.32 -61.14 -6.42
CA LEU M 164 -1.80 -62.31 -5.68
C LEU M 164 -1.38 -63.69 -6.29
N PHE M 165 -1.11 -63.73 -7.62
CA PHE M 165 -0.91 -65.00 -8.37
C PHE M 165 0.31 -65.02 -9.32
N GLY M 166 0.62 -63.86 -9.93
CA GLY M 166 1.83 -63.71 -10.76
C GLY M 166 1.58 -63.36 -12.23
N GLN M 167 2.66 -63.17 -12.99
CA GLN M 167 2.57 -62.92 -14.43
C GLN M 167 2.15 -64.17 -15.18
N THR M 168 1.25 -63.97 -16.12
CA THR M 168 0.82 -64.99 -17.03
C THR M 168 1.45 -64.73 -18.42
N MET M 169 2.10 -65.76 -18.97
CA MET M 169 2.77 -65.66 -20.28
C MET M 169 1.88 -66.13 -21.42
N ASN M 170 2.14 -65.59 -22.62
CA ASN M 170 1.77 -66.22 -23.86
C ASN M 170 2.25 -67.69 -23.89
N PRO M 171 1.36 -68.62 -24.30
CA PRO M 171 1.76 -69.98 -24.73
C PRO M 171 2.87 -70.05 -25.83
N TRP M 172 2.77 -69.19 -26.86
CA TRP M 172 3.54 -69.34 -28.11
C TRP M 172 5.00 -68.89 -27.99
N LYS M 173 5.24 -67.93 -27.09
CA LYS M 173 6.55 -67.29 -26.91
C LYS M 173 6.55 -66.70 -25.52
N SER M 174 7.43 -67.21 -24.65
CA SER M 174 7.34 -67.04 -23.17
C SER M 174 7.62 -65.61 -22.66
N SER M 175 8.31 -64.81 -23.50
CA SER M 175 8.61 -63.41 -23.23
C SER M 175 7.48 -62.45 -23.73
N LYS M 176 6.34 -63.04 -24.11
CA LYS M 176 5.24 -62.28 -24.74
C LYS M 176 3.99 -62.24 -23.86
N SER M 177 3.10 -61.29 -24.21
CA SER M 177 1.82 -61.12 -23.51
C SER M 177 0.80 -62.14 -23.98
N PRO M 178 -0.05 -62.66 -23.06
CA PRO M 178 -1.22 -63.48 -23.43
C PRO M 178 -2.46 -62.67 -23.83
N GLY M 179 -2.39 -61.33 -23.76
CA GLY M 179 -3.57 -60.47 -23.79
C GLY M 179 -4.40 -60.56 -22.53
N GLY M 180 -5.07 -59.47 -22.22
CA GLY M 180 -6.00 -59.45 -21.10
C GLY M 180 -7.30 -58.78 -21.50
N SER M 181 -8.32 -58.85 -20.67
CA SER M 181 -8.26 -59.27 -19.27
C SER M 181 -8.71 -60.69 -19.07
N SER M 182 -9.04 -61.36 -20.17
CA SER M 182 -9.23 -62.81 -20.13
C SER M 182 -7.87 -63.50 -20.35
N GLY M 183 -6.97 -63.32 -19.38
CA GLY M 183 -5.59 -63.72 -19.54
C GLY M 183 -5.52 -65.20 -19.53
N GLY M 184 -5.94 -65.77 -18.39
CA GLY M 184 -5.97 -67.20 -18.16
C GLY M 184 -6.73 -67.95 -19.24
N GLU M 185 -8.03 -67.67 -19.34
CA GLU M 185 -8.91 -68.09 -20.44
C GLU M 185 -8.24 -68.31 -21.82
N GLY M 186 -7.63 -67.24 -22.37
CA GLY M 186 -6.96 -67.29 -23.64
C GLY M 186 -5.78 -68.25 -23.66
N ALA M 187 -4.90 -68.13 -22.65
CA ALA M 187 -3.67 -68.95 -22.54
C ALA M 187 -3.95 -70.41 -22.29
N LEU M 188 -5.03 -70.69 -21.58
CA LEU M 188 -5.47 -72.04 -21.27
C LEU M 188 -6.24 -72.72 -22.42
N ILE M 189 -6.94 -71.95 -23.26
CA ILE M 189 -7.61 -72.55 -24.41
C ILE M 189 -6.57 -72.79 -25.49
N GLY M 190 -6.05 -71.71 -26.10
CA GLY M 190 -5.04 -71.79 -27.14
C GLY M 190 -3.73 -72.22 -26.55
N SER M 191 -3.22 -73.36 -27.05
CA SER M 191 -2.31 -74.35 -26.39
C SER M 191 -3.03 -75.63 -25.91
N GLY M 192 -4.35 -75.70 -26.11
CA GLY M 192 -5.12 -76.95 -26.00
C GLY M 192 -5.16 -77.56 -24.61
N GLY M 193 -5.37 -76.72 -23.57
CA GLY M 193 -5.61 -77.23 -22.21
C GLY M 193 -7.06 -77.03 -21.74
N SER M 194 -7.89 -76.51 -22.67
CA SER M 194 -9.34 -76.26 -22.42
C SER M 194 -10.03 -76.10 -23.76
N PRO M 195 -11.23 -76.74 -23.91
CA PRO M 195 -11.93 -76.71 -25.20
C PRO M 195 -12.66 -75.36 -25.46
N LEU M 196 -13.17 -74.74 -24.39
CA LEU M 196 -14.14 -73.66 -24.45
C LEU M 196 -14.15 -72.97 -23.07
N GLY M 197 -14.27 -71.64 -23.08
CA GLY M 197 -14.54 -70.89 -21.85
C GLY M 197 -14.96 -69.41 -22.01
N LEU M 198 -15.38 -68.81 -20.90
CA LEU M 198 -16.10 -67.53 -20.93
C LEU M 198 -15.21 -66.34 -20.55
N GLY M 199 -15.27 -65.25 -21.33
CA GLY M 199 -14.56 -64.00 -20.96
C GLY M 199 -15.44 -62.78 -20.55
N THR M 200 -14.82 -61.62 -20.26
CA THR M 200 -15.55 -60.30 -20.27
C THR M 200 -14.87 -59.31 -21.21
N ASP M 201 -15.64 -58.37 -21.75
CA ASP M 201 -15.10 -57.36 -22.66
C ASP M 201 -15.86 -55.98 -22.50
N ILE M 202 -15.06 -54.91 -22.35
CA ILE M 202 -15.56 -53.52 -22.08
C ILE M 202 -14.65 -52.51 -22.78
N GLY M 203 -13.45 -52.98 -23.16
CA GLY M 203 -12.43 -52.17 -23.80
C GLY M 203 -11.70 -53.01 -24.80
N GLY M 204 -11.76 -54.34 -24.61
CA GLY M 204 -11.20 -55.29 -25.57
C GLY M 204 -10.97 -56.67 -25.04
N SER M 205 -11.36 -56.90 -23.80
CA SER M 205 -10.79 -57.97 -22.95
C SER M 205 -11.17 -59.43 -23.30
N ILE M 206 -11.96 -59.62 -24.37
CA ILE M 206 -12.17 -60.92 -24.98
C ILE M 206 -11.40 -60.96 -26.30
N ARG M 207 -11.42 -59.85 -27.03
CA ARG M 207 -10.78 -59.82 -28.35
C ARG M 207 -9.27 -59.99 -28.31
N PHE M 208 -8.58 -59.12 -27.51
CA PHE M 208 -7.13 -59.28 -27.19
C PHE M 208 -6.58 -60.71 -26.93
N PRO M 209 -7.09 -61.48 -25.92
CA PRO M 209 -6.57 -62.85 -25.68
C PRO M 209 -6.83 -63.87 -26.83
N SER M 210 -7.92 -63.65 -27.55
CA SER M 210 -8.23 -64.42 -28.71
C SER M 210 -7.24 -64.15 -29.85
N ALA M 211 -6.98 -62.88 -30.14
CA ALA M 211 -5.97 -62.49 -31.13
C ALA M 211 -4.49 -62.72 -30.68
N PHE M 212 -4.28 -62.95 -29.38
CA PHE M 212 -2.92 -62.98 -28.87
C PHE M 212 -2.42 -64.40 -28.77
N CYS M 213 -3.26 -65.27 -28.19
CA CYS M 213 -3.02 -66.72 -28.19
C CYS M 213 -3.38 -67.46 -29.52
N GLY M 214 -4.02 -66.76 -30.48
CA GLY M 214 -4.58 -67.41 -31.66
C GLY M 214 -5.70 -68.37 -31.32
N ILE M 215 -6.81 -67.80 -30.79
CA ILE M 215 -8.11 -68.48 -30.75
C ILE M 215 -9.23 -67.56 -31.21
N CYS M 216 -10.45 -68.10 -31.20
CA CYS M 216 -11.64 -67.38 -31.57
C CYS M 216 -12.40 -66.95 -30.33
N GLY M 217 -12.96 -65.76 -30.40
CA GLY M 217 -13.83 -65.27 -29.33
C GLY M 217 -14.93 -64.37 -29.84
N LEU M 218 -16.08 -64.43 -29.16
CA LEU M 218 -17.18 -63.48 -29.41
C LEU M 218 -17.50 -62.60 -28.19
N LYS M 219 -17.67 -61.31 -28.46
CA LYS M 219 -18.33 -60.41 -27.54
C LYS M 219 -19.69 -59.97 -28.11
N PRO M 220 -20.77 -60.50 -27.53
CA PRO M 220 -22.15 -60.13 -27.91
C PRO M 220 -22.58 -58.70 -27.50
N THR M 221 -23.80 -58.29 -27.90
CA THR M 221 -24.45 -57.05 -27.39
C THR M 221 -24.54 -57.10 -25.93
N GLY M 222 -24.29 -55.93 -25.31
CA GLY M 222 -24.21 -55.75 -23.85
C GLY M 222 -25.12 -56.62 -23.04
N ASN M 223 -26.43 -56.60 -23.38
CA ASN M 223 -27.41 -57.43 -22.66
C ASN M 223 -27.98 -58.67 -23.45
N ARG M 224 -27.16 -59.24 -24.37
CA ARG M 224 -27.51 -60.54 -25.02
C ARG M 224 -27.53 -61.70 -24.03
N LEU M 225 -26.61 -61.65 -23.04
CA LEU M 225 -26.63 -62.52 -21.85
C LEU M 225 -26.73 -61.73 -20.51
N SER M 226 -26.12 -62.25 -19.44
CA SER M 226 -26.51 -61.88 -18.10
C SER M 226 -25.30 -61.66 -17.22
N LYS M 227 -25.24 -60.50 -16.56
CA LYS M 227 -24.08 -60.11 -15.79
C LYS M 227 -24.32 -60.33 -14.32
N SER M 228 -25.26 -61.22 -13.99
CA SER M 228 -26.02 -61.15 -12.74
C SER M 228 -25.24 -61.50 -11.50
N GLY M 229 -24.16 -62.24 -11.65
CA GLY M 229 -23.28 -62.51 -10.52
C GLY M 229 -21.85 -62.19 -10.82
N LEU M 230 -21.63 -61.47 -11.92
CA LEU M 230 -20.29 -61.07 -12.40
C LEU M 230 -19.61 -60.12 -11.45
N LYS M 231 -18.34 -60.40 -11.19
CA LYS M 231 -17.50 -59.46 -10.53
C LYS M 231 -16.88 -58.43 -11.50
N GLY M 232 -17.22 -57.16 -11.26
CA GLY M 232 -16.43 -56.02 -11.72
C GLY M 232 -15.85 -55.33 -10.51
N CYS M 233 -14.88 -54.44 -10.73
CA CYS M 233 -14.37 -53.66 -9.61
C CYS M 233 -15.03 -52.26 -9.49
N VAL M 234 -15.59 -51.73 -10.59
CA VAL M 234 -16.65 -50.68 -10.50
C VAL M 234 -17.95 -51.12 -11.20
N TYR M 235 -19.09 -50.87 -10.53
CA TYR M 235 -20.41 -51.14 -11.14
C TYR M 235 -21.26 -49.89 -11.21
N GLY M 236 -22.19 -49.87 -12.18
CA GLY M 236 -23.24 -48.84 -12.24
C GLY M 236 -22.89 -47.78 -13.23
N GLN M 237 -21.73 -47.95 -13.85
CA GLN M 237 -21.44 -47.39 -15.12
C GLN M 237 -22.38 -48.01 -16.22
N THR M 238 -23.12 -47.15 -16.97
CA THR M 238 -23.86 -47.57 -18.22
C THR M 238 -23.57 -46.78 -19.52
N ALA M 239 -22.54 -45.95 -19.51
CA ALA M 239 -21.95 -45.44 -20.77
C ALA M 239 -20.84 -46.41 -21.08
N VAL M 240 -20.80 -46.95 -22.31
CA VAL M 240 -19.87 -48.07 -22.67
C VAL M 240 -20.20 -49.42 -21.95
N GLN M 241 -20.51 -50.41 -22.78
CA GLN M 241 -21.17 -51.62 -22.31
C GLN M 241 -20.19 -52.72 -22.02
N LEU M 242 -20.49 -53.46 -20.97
CA LEU M 242 -19.77 -54.66 -20.64
C LEU M 242 -20.46 -55.82 -21.36
N SER M 243 -19.68 -56.73 -21.92
CA SER M 243 -20.20 -58.06 -22.24
C SER M 243 -19.28 -59.22 -21.83
N LEU M 244 -19.89 -60.23 -21.22
CA LEU M 244 -19.38 -61.60 -21.25
C LEU M 244 -19.65 -62.22 -22.60
N GLY M 245 -18.79 -63.19 -22.98
CA GLY M 245 -18.93 -63.94 -24.25
C GLY M 245 -17.97 -65.12 -24.39
N PRO M 246 -18.22 -66.01 -25.39
CA PRO M 246 -17.45 -67.25 -25.55
C PRO M 246 -16.06 -67.03 -26.04
N MET M 247 -15.15 -67.88 -25.58
CA MET M 247 -13.83 -68.06 -26.21
C MET M 247 -13.63 -69.56 -26.53
N ALA M 248 -12.99 -69.86 -27.70
CA ALA M 248 -12.55 -71.28 -28.14
C ALA M 248 -11.66 -71.34 -29.42
N ARG M 249 -11.27 -72.55 -29.84
CA ARG M 249 -10.40 -72.76 -31.05
C ARG M 249 -11.03 -72.52 -32.48
N ASP M 250 -12.37 -72.66 -32.59
CA ASP M 250 -13.11 -72.61 -33.89
C ASP M 250 -14.47 -71.97 -33.69
N VAL M 251 -14.87 -71.06 -34.60
CA VAL M 251 -16.08 -70.18 -34.40
C VAL M 251 -17.43 -70.94 -34.22
N GLU M 252 -17.39 -72.23 -34.59
CA GLU M 252 -18.48 -73.15 -34.39
C GLU M 252 -18.75 -73.43 -32.91
N SER M 253 -17.69 -73.51 -32.12
CA SER M 253 -17.81 -73.73 -30.66
C SER M 253 -18.38 -72.50 -29.92
N LEU M 254 -18.02 -71.29 -30.39
CA LEU M 254 -18.61 -70.04 -29.88
C LEU M 254 -20.12 -70.07 -30.12
N ALA M 255 -20.49 -70.46 -31.36
CA ALA M 255 -21.88 -70.61 -31.80
C ALA M 255 -22.64 -71.63 -30.97
N LEU M 256 -21.97 -72.74 -30.64
CA LEU M 256 -22.54 -73.79 -29.82
C LEU M 256 -22.76 -73.27 -28.43
N CYS M 257 -21.73 -72.56 -27.90
CA CYS M 257 -21.76 -71.94 -26.54
C CYS M 257 -22.87 -70.96 -26.40
N LEU M 258 -23.05 -70.12 -27.43
CA LEU M 258 -24.10 -69.11 -27.46
C LEU M 258 -25.49 -69.72 -27.51
N LYS M 259 -25.67 -70.73 -28.38
CA LYS M 259 -26.94 -71.47 -28.54
C LYS M 259 -27.34 -72.28 -27.28
N ALA M 260 -26.34 -72.78 -26.56
CA ALA M 260 -26.57 -73.38 -25.25
C ALA M 260 -26.80 -72.32 -24.13
N LEU M 261 -26.33 -71.07 -24.36
CA LEU M 261 -26.49 -69.98 -23.33
C LEU M 261 -27.83 -69.25 -23.47
N LEU M 262 -28.06 -68.72 -24.68
CA LEU M 262 -29.38 -68.26 -25.14
C LEU M 262 -30.47 -69.33 -25.11
N CYS M 263 -31.04 -69.62 -23.91
CA CYS M 263 -32.10 -70.64 -23.73
C CYS M 263 -32.89 -70.50 -22.41
N GLU M 264 -34.00 -71.25 -22.31
CA GLU M 264 -35.11 -71.00 -21.35
C GLU M 264 -34.81 -71.18 -19.81
N HIS M 265 -33.55 -71.49 -19.47
CA HIS M 265 -33.05 -71.37 -18.08
C HIS M 265 -32.51 -69.93 -17.81
N LEU M 266 -31.73 -69.41 -18.78
CA LEU M 266 -31.09 -68.06 -18.75
C LEU M 266 -32.12 -66.98 -18.67
N PHE M 267 -33.19 -67.15 -19.43
CA PHE M 267 -34.21 -66.12 -19.55
C PHE M 267 -35.17 -66.13 -18.32
N THR M 268 -34.92 -67.10 -17.41
CA THR M 268 -35.72 -67.32 -16.21
C THR M 268 -34.90 -66.90 -14.97
N LEU M 269 -33.67 -67.42 -14.86
CA LEU M 269 -32.72 -66.93 -13.86
C LEU M 269 -32.03 -65.75 -14.47
N ASP M 270 -32.53 -64.52 -14.15
CA ASP M 270 -32.35 -63.19 -14.94
C ASP M 270 -33.36 -62.89 -16.09
N PRO M 271 -34.62 -62.55 -15.74
CA PRO M 271 -35.60 -62.03 -16.72
C PRO M 271 -35.44 -60.58 -17.18
N THR M 272 -34.36 -59.88 -16.80
CA THR M 272 -33.99 -58.60 -17.45
C THR M 272 -33.38 -58.78 -18.87
N VAL M 273 -32.83 -59.98 -19.13
CA VAL M 273 -32.26 -60.30 -20.45
C VAL M 273 -33.40 -60.56 -21.37
N PRO M 274 -33.46 -59.85 -22.51
CA PRO M 274 -34.52 -60.09 -23.49
C PRO M 274 -34.33 -61.50 -24.15
N PRO M 275 -35.38 -62.34 -24.09
CA PRO M 275 -35.25 -63.78 -24.36
C PRO M 275 -35.25 -64.06 -25.84
N LEU M 276 -34.09 -63.87 -26.47
CA LEU M 276 -33.97 -63.92 -27.91
C LEU M 276 -33.13 -65.14 -28.32
N PRO M 277 -33.75 -66.31 -28.57
CA PRO M 277 -32.99 -67.56 -28.90
C PRO M 277 -32.00 -67.40 -30.11
N PHE M 278 -30.93 -68.23 -30.10
CA PHE M 278 -29.97 -68.32 -31.22
C PHE M 278 -30.68 -68.76 -32.48
N ARG M 279 -30.60 -67.92 -33.50
CA ARG M 279 -31.42 -68.03 -34.70
C ARG M 279 -30.62 -68.74 -35.76
N GLU M 280 -30.82 -70.06 -35.81
CA GLU M 280 -30.06 -70.96 -36.70
C GLU M 280 -30.12 -70.63 -38.20
N GLU M 281 -31.27 -70.13 -38.67
CA GLU M 281 -31.45 -69.78 -40.09
C GLU M 281 -30.77 -68.48 -40.55
N VAL M 282 -30.44 -67.61 -39.60
CA VAL M 282 -29.51 -66.50 -39.86
C VAL M 282 -28.05 -67.03 -39.80
N TYR M 283 -27.77 -67.94 -38.86
CA TYR M 283 -26.41 -68.54 -38.74
C TYR M 283 -25.99 -69.48 -39.92
N ARG M 284 -26.86 -70.43 -40.29
CA ARG M 284 -26.56 -71.41 -41.38
C ARG M 284 -26.61 -70.80 -42.81
N SER M 285 -26.92 -69.48 -42.90
CA SER M 285 -27.04 -68.75 -44.16
C SER M 285 -25.74 -68.71 -44.93
N SER M 286 -25.85 -68.82 -46.26
CA SER M 286 -24.70 -68.68 -47.19
C SER M 286 -25.03 -67.77 -48.39
N ARG M 287 -25.95 -66.81 -48.14
CA ARG M 287 -26.18 -65.69 -49.05
C ARG M 287 -24.96 -64.72 -49.14
N PRO M 288 -24.67 -64.21 -50.35
CA PRO M 288 -23.66 -63.15 -50.53
C PRO M 288 -23.94 -61.87 -49.70
N LEU M 289 -23.19 -61.75 -48.61
CA LEU M 289 -23.17 -60.53 -47.81
C LEU M 289 -22.34 -59.40 -48.44
N ARG M 290 -22.93 -58.21 -48.52
CA ARG M 290 -22.17 -56.94 -48.54
C ARG M 290 -21.28 -56.83 -47.26
N VAL M 291 -20.03 -56.44 -47.46
CA VAL M 291 -19.05 -56.38 -46.38
C VAL M 291 -18.45 -54.99 -46.40
N GLY M 292 -18.59 -54.29 -45.29
CA GLY M 292 -17.81 -53.08 -45.07
C GLY M 292 -16.40 -53.44 -44.69
N TYR M 293 -15.44 -52.55 -44.98
CA TYR M 293 -14.05 -52.71 -44.52
C TYR M 293 -13.28 -51.40 -44.40
N TYR M 294 -12.29 -51.40 -43.49
CA TYR M 294 -11.19 -50.44 -43.54
C TYR M 294 -9.82 -51.12 -43.24
N GLU M 295 -8.73 -50.44 -43.66
CA GLU M 295 -7.35 -50.88 -43.37
C GLU M 295 -6.85 -50.34 -42.05
N THR M 296 -7.30 -49.13 -41.72
CA THR M 296 -6.82 -48.37 -40.58
C THR M 296 -7.93 -47.46 -40.06
N ASP M 297 -8.10 -47.43 -38.73
CA ASP M 297 -9.04 -46.50 -38.09
C ASP M 297 -8.54 -45.05 -38.05
N ASN M 298 -7.27 -44.85 -38.48
CA ASN M 298 -6.53 -43.58 -38.43
C ASN M 298 -6.25 -43.03 -37.02
N TYR M 299 -6.16 -43.95 -36.06
CA TYR M 299 -5.81 -43.64 -34.71
C TYR M 299 -4.53 -44.41 -34.31
N THR M 300 -4.68 -45.69 -33.92
CA THR M 300 -3.56 -46.65 -33.95
C THR M 300 -3.15 -46.96 -35.41
N MET M 301 -1.84 -47.06 -35.66
CA MET M 301 -1.32 -47.61 -36.91
C MET M 301 -1.35 -49.11 -36.87
N PRO M 302 -1.74 -49.75 -37.97
CA PRO M 302 -1.54 -51.19 -38.09
C PRO M 302 -0.10 -51.58 -38.28
N SER M 303 0.27 -52.75 -37.76
CA SER M 303 1.47 -53.49 -38.22
C SER M 303 1.38 -53.79 -39.73
N PRO M 304 2.54 -53.96 -40.39
CA PRO M 304 2.62 -54.73 -41.64
C PRO M 304 1.97 -56.15 -41.53
N ALA M 305 2.13 -56.83 -40.38
CA ALA M 305 1.48 -58.12 -40.10
C ALA M 305 -0.07 -58.05 -40.03
N MET M 306 -0.62 -56.83 -39.89
CA MET M 306 -2.01 -56.56 -39.43
C MET M 306 -2.89 -56.11 -40.59
N ARG M 307 -2.34 -55.14 -41.35
CA ARG M 307 -2.69 -54.85 -42.73
C ARG M 307 -2.84 -56.11 -43.53
N ARG M 308 -1.77 -56.92 -43.60
CA ARG M 308 -1.74 -58.11 -44.46
C ARG M 308 -2.87 -59.08 -44.09
N ALA M 309 -3.08 -59.26 -42.77
CA ALA M 309 -4.17 -60.07 -42.22
C ALA M 309 -5.60 -59.51 -42.49
N LEU M 310 -5.67 -58.29 -43.07
CA LEU M 310 -6.93 -57.71 -43.52
C LEU M 310 -6.99 -57.72 -45.03
N ILE M 311 -5.98 -57.10 -45.69
CA ILE M 311 -5.96 -56.93 -47.16
C ILE M 311 -5.81 -58.25 -47.92
N GLU M 312 -5.28 -59.30 -47.23
CA GLU M 312 -5.55 -60.68 -47.64
C GLU M 312 -7.02 -61.01 -47.54
N THR M 313 -7.59 -61.05 -46.32
CA THR M 313 -9.01 -61.49 -46.13
C THR M 313 -10.09 -60.55 -46.79
N LYS M 314 -9.64 -59.40 -47.31
CA LYS M 314 -10.39 -58.56 -48.24
C LYS M 314 -10.68 -59.32 -49.54
N GLN M 315 -9.62 -59.97 -50.07
CA GLN M 315 -9.62 -60.56 -51.42
C GLN M 315 -10.40 -61.84 -51.50
N ARG M 316 -10.18 -62.74 -50.53
CA ARG M 316 -10.73 -64.11 -50.54
C ARG M 316 -12.25 -64.10 -50.38
N LEU M 317 -12.76 -63.13 -49.60
CA LEU M 317 -14.19 -62.85 -49.45
C LEU M 317 -14.78 -62.40 -50.78
N GLU M 318 -14.05 -61.54 -51.49
CA GLU M 318 -14.43 -61.07 -52.85
C GLU M 318 -14.36 -62.17 -53.88
N ALA M 319 -13.37 -63.07 -53.70
CA ALA M 319 -13.12 -64.19 -54.60
C ALA M 319 -14.26 -65.20 -54.54
N ALA M 320 -14.70 -65.51 -53.31
CA ALA M 320 -15.89 -66.35 -53.09
C ALA M 320 -17.23 -65.54 -53.13
N GLY M 321 -17.21 -64.39 -53.82
CA GLY M 321 -18.43 -63.74 -54.30
C GLY M 321 -18.78 -62.39 -53.70
N HIS M 322 -18.59 -62.25 -52.36
CA HIS M 322 -19.04 -61.08 -51.55
C HIS M 322 -18.53 -59.74 -52.05
N THR M 323 -19.40 -58.74 -52.01
CA THR M 323 -19.05 -57.40 -52.47
C THR M 323 -18.47 -56.59 -51.29
N LEU M 324 -17.26 -56.02 -51.49
CA LEU M 324 -16.51 -55.33 -50.41
C LEU M 324 -16.50 -53.82 -50.61
N ILE M 325 -17.13 -53.13 -49.67
CA ILE M 325 -17.30 -51.67 -49.72
C ILE M 325 -16.41 -51.02 -48.68
N PRO M 326 -15.57 -50.06 -49.08
CA PRO M 326 -14.83 -49.21 -48.11
C PRO M 326 -15.79 -48.41 -47.22
N PHE M 327 -15.78 -48.73 -45.93
CA PHE M 327 -16.58 -48.04 -44.94
C PHE M 327 -15.78 -47.90 -43.65
N LEU M 328 -15.68 -46.65 -43.16
CA LEU M 328 -15.12 -46.33 -41.83
C LEU M 328 -16.08 -45.39 -41.10
N PRO M 329 -16.53 -45.78 -39.90
CA PRO M 329 -17.46 -44.98 -39.08
C PRO M 329 -17.03 -43.48 -38.86
N ASN M 330 -18.00 -42.54 -38.74
CA ASN M 330 -17.69 -41.06 -38.59
C ASN M 330 -17.03 -40.74 -37.26
N ASN M 331 -16.43 -39.53 -37.17
CA ASN M 331 -15.82 -38.97 -35.92
C ASN M 331 -15.20 -40.00 -34.88
N ILE M 332 -14.29 -40.84 -35.38
CA ILE M 332 -13.63 -41.89 -34.57
C ILE M 332 -12.71 -41.37 -33.44
N PRO M 333 -11.88 -40.30 -33.66
CA PRO M 333 -11.13 -39.71 -32.53
C PRO M 333 -12.06 -39.11 -31.45
N TYR M 334 -13.11 -38.37 -31.88
CA TYR M 334 -14.25 -37.94 -31.02
C TYR M 334 -14.90 -39.08 -30.19
N ALA M 335 -15.11 -40.24 -30.83
CA ALA M 335 -15.66 -41.44 -30.16
C ALA M 335 -14.73 -42.00 -29.10
N LEU M 336 -13.43 -41.89 -29.33
CA LEU M 336 -12.44 -42.46 -28.42
C LEU M 336 -12.14 -41.53 -27.25
N GLU M 337 -11.92 -40.24 -27.58
CA GLU M 337 -11.41 -39.24 -26.64
C GLU M 337 -12.48 -38.62 -25.74
N VAL M 338 -13.70 -38.49 -26.26
CA VAL M 338 -14.80 -37.95 -25.43
C VAL M 338 -15.90 -38.96 -25.06
N LEU M 339 -16.27 -39.84 -25.99
CA LEU M 339 -17.30 -40.83 -25.66
C LEU M 339 -16.78 -42.04 -24.85
N SER M 340 -15.79 -42.76 -25.41
CA SER M 340 -15.25 -44.00 -24.77
C SER M 340 -14.50 -43.72 -23.46
N ALA M 341 -13.44 -42.91 -23.54
CA ALA M 341 -12.58 -42.61 -22.40
C ALA M 341 -13.22 -41.67 -21.40
N GLY M 342 -14.10 -40.81 -21.88
CA GLY M 342 -14.85 -39.92 -21.03
C GLY M 342 -15.93 -40.66 -20.27
N GLY M 343 -16.58 -41.61 -20.97
CA GLY M 343 -17.49 -42.57 -20.37
C GLY M 343 -16.87 -43.47 -19.37
N LEU M 344 -15.61 -43.84 -19.62
CA LEU M 344 -14.92 -44.86 -18.82
C LEU M 344 -14.47 -44.33 -17.47
N PHE M 345 -14.03 -43.06 -17.48
CA PHE M 345 -13.55 -42.35 -16.27
C PHE M 345 -14.37 -41.06 -16.02
N SER M 346 -15.71 -41.17 -16.10
CA SER M 346 -16.58 -40.04 -15.77
C SER M 346 -16.38 -39.53 -14.33
N ASP M 347 -16.13 -40.46 -13.42
CA ASP M 347 -16.01 -40.18 -11.99
C ASP M 347 -14.61 -39.71 -11.53
N GLY M 348 -13.66 -39.58 -12.47
CA GLY M 348 -12.28 -39.26 -12.11
C GLY M 348 -11.44 -40.44 -11.65
N GLY M 349 -12.00 -41.64 -11.72
CA GLY M 349 -11.30 -42.84 -11.34
C GLY M 349 -11.42 -43.13 -9.86
N ARG M 350 -12.29 -42.41 -9.15
CA ARG M 350 -12.43 -42.57 -7.68
C ARG M 350 -13.00 -43.93 -7.32
N SER M 351 -13.99 -44.38 -8.09
CA SER M 351 -14.55 -45.75 -7.95
C SER M 351 -13.50 -46.82 -8.14
N PHE M 352 -12.70 -46.67 -9.22
CA PHE M 352 -11.52 -47.50 -9.52
C PHE M 352 -10.48 -47.53 -8.37
N LEU M 353 -10.05 -46.32 -7.95
CA LEU M 353 -8.91 -46.12 -7.04
C LEU M 353 -9.17 -46.60 -5.62
N GLN M 354 -10.43 -46.57 -5.19
CA GLN M 354 -10.86 -47.11 -3.87
C GLN M 354 -10.59 -48.62 -3.69
N ASN M 355 -10.46 -49.33 -4.81
CA ASN M 355 -9.98 -50.72 -4.83
C ASN M 355 -8.44 -50.93 -4.63
N PHE M 356 -7.68 -49.83 -4.45
CA PHE M 356 -6.19 -49.87 -4.41
C PHE M 356 -5.50 -49.47 -3.04
N LYS M 357 -6.32 -49.26 -2.00
CA LYS M 357 -5.85 -48.86 -0.68
C LYS M 357 -5.25 -50.04 0.09
N GLY M 358 -3.98 -49.88 0.45
CA GLY M 358 -3.17 -50.98 0.97
C GLY M 358 -2.31 -51.63 -0.11
N ASP M 359 -2.85 -51.67 -1.34
CA ASP M 359 -2.44 -52.59 -2.39
C ASP M 359 -1.18 -52.17 -3.11
N PHE M 360 -0.37 -53.18 -3.40
CA PHE M 360 0.67 -53.16 -4.42
C PHE M 360 0.10 -52.80 -5.79
N VAL M 361 0.92 -52.14 -6.57
CA VAL M 361 0.52 -51.75 -7.89
C VAL M 361 1.47 -52.42 -8.88
N ASP M 362 0.88 -53.31 -9.68
CA ASP M 362 1.58 -54.25 -10.52
C ASP M 362 2.09 -53.45 -11.71
N PRO M 363 3.39 -53.62 -12.08
CA PRO M 363 3.98 -52.99 -13.28
C PRO M 363 3.29 -53.33 -14.61
N CYS M 364 2.43 -54.36 -14.57
CA CYS M 364 1.32 -54.57 -15.49
C CYS M 364 0.48 -53.30 -15.80
N LEU M 365 0.15 -52.56 -14.74
CA LEU M 365 -0.73 -51.40 -14.85
C LEU M 365 -0.03 -50.11 -15.29
N GLY M 366 1.32 -50.10 -15.24
CA GLY M 366 2.13 -49.01 -15.79
C GLY M 366 2.06 -47.72 -14.95
N ASP M 367 1.46 -46.68 -15.53
CA ASP M 367 1.27 -45.40 -14.84
C ASP M 367 -0.20 -44.96 -14.81
N LEU M 368 -1.10 -45.91 -15.07
CA LEU M 368 -2.54 -45.68 -14.92
C LEU M 368 -2.90 -45.32 -13.50
N ILE M 369 -2.37 -46.08 -12.54
CA ILE M 369 -2.63 -45.85 -11.12
C ILE M 369 -2.12 -44.49 -10.60
N LEU M 370 -0.88 -44.14 -10.96
CA LEU M 370 -0.30 -42.83 -10.62
C LEU M 370 -1.07 -41.60 -11.22
N ILE M 371 -1.39 -41.65 -12.52
CA ILE M 371 -2.07 -40.54 -13.21
C ILE M 371 -3.54 -40.29 -12.73
N LEU M 372 -4.29 -41.35 -12.48
CA LEU M 372 -5.60 -41.22 -11.79
C LEU M 372 -5.49 -40.66 -10.33
N ARG M 373 -4.38 -40.96 -9.64
CA ARG M 373 -4.14 -40.48 -8.25
C ARG M 373 -3.77 -38.95 -8.11
N LEU M 374 -3.47 -38.29 -9.25
CA LEU M 374 -3.21 -36.83 -9.27
C LEU M 374 -4.50 -36.03 -9.05
N PRO M 375 -4.39 -34.88 -8.34
CA PRO M 375 -5.52 -33.93 -8.18
C PRO M 375 -6.01 -33.39 -9.50
N SER M 376 -7.27 -32.98 -9.52
CA SER M 376 -7.96 -32.63 -10.75
C SER M 376 -7.47 -31.30 -11.42
N TRP M 377 -6.88 -30.39 -10.63
CA TRP M 377 -6.30 -29.14 -11.18
C TRP M 377 -5.03 -29.41 -11.99
N PHE M 378 -4.28 -30.41 -11.55
CA PHE M 378 -3.02 -30.78 -12.15
C PHE M 378 -3.24 -31.62 -13.40
N LYS M 379 -4.29 -32.47 -13.36
CA LYS M 379 -4.87 -33.09 -14.54
C LYS M 379 -5.28 -32.06 -15.60
N ARG M 380 -6.03 -31.01 -15.19
CA ARG M 380 -6.43 -29.89 -16.09
C ARG M 380 -5.24 -29.10 -16.61
N LEU M 381 -4.23 -28.89 -15.73
CA LEU M 381 -3.04 -28.09 -16.06
C LEU M 381 -2.11 -28.78 -17.08
N LEU M 382 -1.77 -30.06 -16.79
CA LEU M 382 -1.03 -30.90 -17.75
C LEU M 382 -1.80 -31.07 -19.07
N SER M 383 -3.14 -31.23 -18.96
CA SER M 383 -4.04 -31.36 -20.11
C SER M 383 -3.85 -30.23 -21.09
N LEU M 384 -4.03 -28.99 -20.63
CA LEU M 384 -3.89 -27.86 -21.56
C LEU M 384 -2.44 -27.43 -21.88
N LEU M 385 -1.49 -27.99 -21.16
CA LEU M 385 -0.06 -27.82 -21.49
C LEU M 385 0.41 -28.80 -22.55
N LEU M 386 -0.19 -29.99 -22.58
CA LEU M 386 0.15 -31.01 -23.58
C LEU M 386 -0.49 -30.76 -24.94
N LYS M 387 -1.68 -30.11 -24.94
CA LYS M 387 -2.45 -29.81 -26.19
C LYS M 387 -1.69 -29.26 -27.47
N PRO M 388 -0.76 -28.25 -27.35
CA PRO M 388 0.13 -27.92 -28.48
C PRO M 388 1.22 -28.99 -28.84
N LEU M 389 1.49 -29.94 -27.96
CA LEU M 389 2.61 -30.85 -28.19
C LEU M 389 2.17 -32.29 -28.54
N PHE M 390 1.68 -33.03 -27.55
CA PHE M 390 1.06 -34.32 -27.80
C PHE M 390 -0.43 -34.29 -27.40
N PRO M 391 -1.30 -33.86 -28.33
CA PRO M 391 -2.72 -33.60 -28.01
C PRO M 391 -3.61 -34.84 -27.71
N ARG M 392 -3.16 -36.04 -28.10
CA ARG M 392 -3.79 -37.31 -27.67
C ARG M 392 -3.74 -37.46 -26.13
N LEU M 393 -2.54 -37.23 -25.57
CA LEU M 393 -2.28 -37.40 -24.14
C LEU M 393 -3.00 -36.38 -23.32
N ALA M 394 -3.05 -35.15 -23.85
CA ALA M 394 -3.89 -34.05 -23.39
C ALA M 394 -5.34 -34.50 -23.21
N ALA M 395 -5.91 -35.07 -24.28
CA ALA M 395 -7.30 -35.54 -24.33
C ALA M 395 -7.59 -36.65 -23.36
N PHE M 396 -6.61 -37.56 -23.21
CA PHE M 396 -6.67 -38.67 -22.24
C PHE M 396 -6.86 -38.17 -20.82
N LEU M 397 -6.06 -37.14 -20.45
CA LEU M 397 -6.18 -36.47 -19.15
C LEU M 397 -7.45 -35.71 -19.05
N ASN M 398 -7.79 -34.96 -20.11
CA ASN M 398 -9.06 -34.20 -20.22
C ASN M 398 -10.30 -35.07 -19.96
N SER M 399 -10.18 -36.37 -20.28
CA SER M 399 -11.20 -37.37 -20.06
C SER M 399 -11.27 -37.90 -18.61
N MET M 400 -10.19 -37.69 -17.85
CA MET M 400 -10.09 -38.20 -16.47
C MET M 400 -10.61 -37.22 -15.44
N ARG M 401 -10.93 -36.00 -15.89
CA ARG M 401 -11.55 -34.94 -15.06
C ARG M 401 -12.91 -35.46 -14.53
N PRO M 402 -13.18 -35.33 -13.22
CA PRO M 402 -14.39 -35.92 -12.65
C PRO M 402 -15.62 -35.04 -12.92
N ARG M 403 -16.59 -35.59 -13.66
CA ARG M 403 -17.79 -34.84 -14.05
C ARG M 403 -18.89 -34.94 -13.01
N SER M 404 -19.93 -34.14 -13.23
CA SER M 404 -21.15 -34.14 -12.43
C SER M 404 -22.14 -35.04 -13.11
N ALA M 405 -23.23 -35.40 -12.41
CA ALA M 405 -24.36 -36.18 -13.02
C ALA M 405 -25.17 -35.43 -14.08
N GLU M 406 -25.02 -34.11 -14.12
CA GLU M 406 -25.54 -33.30 -15.20
C GLU M 406 -24.79 -33.54 -16.47
N LYS M 407 -23.47 -33.63 -16.36
CA LYS M 407 -22.61 -33.72 -17.53
C LYS M 407 -22.51 -35.18 -18.10
N LEU M 408 -22.76 -36.17 -17.22
CA LEU M 408 -22.87 -37.59 -17.62
C LEU M 408 -24.14 -37.88 -18.38
N TRP M 409 -25.21 -37.12 -18.08
CA TRP M 409 -26.42 -37.14 -18.94
C TRP M 409 -26.13 -36.57 -20.34
N LYS M 410 -25.40 -35.43 -20.40
CA LYS M 410 -24.84 -34.96 -21.68
C LYS M 410 -23.84 -35.95 -22.31
N LEU M 411 -23.26 -36.85 -21.51
CA LEU M 411 -22.42 -37.91 -22.07
C LEU M 411 -23.26 -39.05 -22.67
N GLN M 412 -24.10 -39.70 -21.85
CA GLN M 412 -25.06 -40.77 -22.30
C GLN M 412 -26.01 -40.42 -23.47
N HIS M 413 -26.23 -39.12 -23.72
CA HIS M 413 -26.92 -38.66 -24.94
C HIS M 413 -25.99 -38.61 -26.15
N GLU M 414 -24.81 -37.97 -25.98
CA GLU M 414 -23.75 -37.93 -26.99
C GLU M 414 -23.34 -39.36 -27.50
N ILE M 415 -23.43 -40.37 -26.61
CA ILE M 415 -23.11 -41.75 -26.94
C ILE M 415 -24.20 -42.41 -27.78
N GLU M 416 -25.44 -42.38 -27.27
CA GLU M 416 -26.58 -43.04 -27.93
C GLU M 416 -26.95 -42.44 -29.30
N MET M 417 -26.55 -41.17 -29.49
CA MET M 417 -26.74 -40.41 -30.73
C MET M 417 -25.51 -40.48 -31.63
N TYR M 418 -24.47 -41.17 -31.16
CA TYR M 418 -23.34 -41.49 -32.04
C TYR M 418 -23.57 -42.90 -32.60
N ARG M 419 -23.84 -43.83 -31.68
CA ARG M 419 -24.59 -45.08 -31.93
C ARG M 419 -25.65 -44.99 -33.07
N GLN M 420 -26.69 -44.16 -32.85
CA GLN M 420 -27.78 -44.00 -33.82
C GLN M 420 -27.32 -43.40 -35.14
N SER M 421 -26.15 -42.73 -35.12
CA SER M 421 -25.57 -42.02 -36.29
C SER M 421 -24.62 -42.91 -37.15
N VAL M 422 -23.98 -43.89 -36.51
CA VAL M 422 -23.19 -44.92 -37.21
C VAL M 422 -24.15 -45.96 -37.84
N ILE M 423 -25.33 -46.09 -37.21
CA ILE M 423 -26.48 -46.87 -37.74
C ILE M 423 -26.99 -46.33 -39.07
N ALA M 424 -27.17 -44.99 -39.18
CA ALA M 424 -27.56 -44.34 -40.45
C ALA M 424 -26.56 -44.69 -41.56
N GLN M 425 -25.27 -44.37 -41.30
CA GLN M 425 -24.11 -44.64 -42.19
C GLN M 425 -23.98 -46.13 -42.64
N TRP M 426 -24.22 -47.05 -41.70
CA TRP M 426 -24.21 -48.49 -41.94
C TRP M 426 -25.28 -48.91 -42.94
N LYS M 427 -26.50 -48.41 -42.73
CA LYS M 427 -27.65 -48.74 -43.56
C LYS M 427 -27.60 -48.04 -44.94
N ALA M 428 -26.98 -46.85 -44.99
CA ALA M 428 -26.94 -46.02 -46.22
C ALA M 428 -25.97 -46.57 -47.28
N MET M 429 -24.91 -47.25 -46.81
CA MET M 429 -24.05 -48.04 -47.67
C MET M 429 -24.56 -49.48 -47.80
N ASN M 430 -25.60 -49.81 -47.01
CA ASN M 430 -26.22 -51.16 -46.96
C ASN M 430 -25.23 -52.31 -46.70
N LEU M 431 -24.52 -52.24 -45.58
CA LEU M 431 -23.64 -53.31 -45.11
C LEU M 431 -24.46 -54.40 -44.50
N ASP M 432 -23.81 -55.51 -44.21
CA ASP M 432 -24.39 -56.58 -43.45
C ASP M 432 -23.56 -56.79 -42.19
N VAL M 433 -22.28 -56.40 -42.31
CA VAL M 433 -21.20 -56.85 -41.44
C VAL M 433 -19.92 -55.93 -41.71
N LEU M 434 -19.12 -55.65 -40.65
CA LEU M 434 -17.87 -54.79 -40.75
C LEU M 434 -16.49 -55.53 -40.62
N LEU M 435 -15.69 -55.47 -41.69
CA LEU M 435 -14.33 -56.06 -41.67
C LEU M 435 -13.21 -55.12 -41.24
N THR M 436 -12.67 -55.42 -40.07
CA THR M 436 -11.96 -54.47 -39.22
C THR M 436 -10.59 -55.13 -38.83
N PRO M 437 -9.48 -54.40 -38.99
CA PRO M 437 -8.17 -54.87 -38.55
C PRO M 437 -8.16 -54.93 -37.06
N MET M 438 -7.72 -56.05 -36.54
CA MET M 438 -7.60 -56.22 -35.10
C MET M 438 -6.13 -55.97 -34.71
N LEU M 439 -5.91 -55.39 -33.51
CA LEU M 439 -4.57 -55.15 -32.97
C LEU M 439 -3.72 -56.42 -33.01
N GLY M 440 -2.69 -56.39 -33.85
CA GLY M 440 -1.90 -57.55 -34.18
C GLY M 440 -0.91 -57.93 -33.13
N PRO M 441 0.28 -58.40 -33.56
CA PRO M 441 1.00 -59.50 -32.88
C PRO M 441 1.28 -59.24 -31.41
N ALA M 442 1.07 -60.26 -30.58
CA ALA M 442 1.11 -60.13 -29.11
C ALA M 442 2.31 -59.28 -28.67
N LEU M 443 2.02 -58.20 -27.96
CA LEU M 443 3.01 -57.19 -27.55
C LEU M 443 3.92 -57.84 -26.51
N ASP M 444 5.10 -57.22 -26.23
CA ASP M 444 6.17 -57.81 -25.37
C ASP M 444 5.73 -58.23 -23.91
N LEU M 445 6.30 -57.66 -22.86
CA LEU M 445 5.77 -58.08 -21.57
C LEU M 445 5.03 -57.07 -20.77
N ASN M 446 5.72 -56.07 -20.24
CA ASN M 446 5.05 -55.05 -19.39
C ASN M 446 4.54 -53.80 -20.15
N THR M 447 4.13 -54.03 -21.42
CA THR M 447 4.00 -52.98 -22.45
C THR M 447 2.55 -52.41 -22.81
N PRO M 448 1.44 -53.20 -22.65
CA PRO M 448 0.07 -52.66 -22.67
C PRO M 448 -0.30 -51.58 -21.66
N GLY M 449 0.46 -51.46 -20.58
CA GLY M 449 0.44 -50.28 -19.72
C GLY M 449 0.79 -49.00 -20.46
N ARG M 450 1.96 -48.99 -21.12
CA ARG M 450 2.54 -47.77 -21.76
C ARG M 450 2.11 -47.56 -23.24
N ALA M 451 0.86 -47.93 -23.54
CA ALA M 451 0.23 -47.92 -24.89
C ALA M 451 -1.26 -48.30 -24.74
N THR M 452 -1.92 -47.60 -23.80
CA THR M 452 -3.39 -47.41 -23.71
C THR M 452 -4.11 -47.15 -25.06
N GLY M 453 -3.55 -46.23 -25.88
CA GLY M 453 -4.19 -45.84 -27.15
C GLY M 453 -4.15 -46.86 -28.30
N ALA M 454 -3.68 -48.11 -28.01
CA ALA M 454 -3.73 -49.29 -28.95
C ALA M 454 -5.05 -50.13 -28.85
N ILE M 455 -5.98 -49.67 -27.99
CA ILE M 455 -7.31 -50.28 -27.88
C ILE M 455 -8.37 -49.51 -28.72
N SER M 456 -7.91 -48.68 -29.67
CA SER M 456 -8.81 -47.87 -30.48
C SER M 456 -9.79 -48.74 -31.27
N TYR M 457 -9.23 -49.74 -31.96
CA TYR M 457 -9.98 -50.81 -32.67
C TYR M 457 -11.09 -51.49 -31.85
N THR M 458 -10.77 -51.91 -30.64
CA THR M 458 -11.66 -52.79 -29.86
C THR M 458 -12.66 -52.09 -28.88
N VAL M 459 -12.43 -50.81 -28.55
CA VAL M 459 -13.27 -50.09 -27.54
C VAL M 459 -14.44 -49.32 -28.18
N LEU M 460 -14.27 -48.95 -29.47
CA LEU M 460 -15.31 -48.26 -30.21
C LEU M 460 -16.58 -49.15 -30.36
N TYR M 461 -16.40 -50.48 -30.49
CA TYR M 461 -17.52 -51.42 -30.59
C TYR M 461 -18.15 -51.79 -29.28
N ASN M 462 -17.42 -51.59 -28.17
CA ASN M 462 -18.05 -51.51 -26.84
C ASN M 462 -18.88 -50.19 -26.64
N CYS M 463 -18.40 -49.10 -27.24
CA CYS M 463 -19.02 -47.78 -27.05
C CYS M 463 -20.30 -47.71 -27.88
N LEU M 464 -20.21 -48.29 -29.08
CA LEU M 464 -21.34 -48.54 -29.97
C LEU M 464 -22.33 -49.59 -29.45
N ASP M 465 -21.89 -50.41 -28.51
CA ASP M 465 -22.49 -51.72 -28.24
C ASP M 465 -22.81 -52.54 -29.55
N PHE M 466 -21.85 -52.56 -30.49
CA PHE M 466 -21.90 -53.38 -31.67
C PHE M 466 -21.19 -54.71 -31.35
N PRO M 467 -21.93 -55.82 -31.57
CA PRO M 467 -21.39 -57.22 -31.58
C PRO M 467 -20.08 -57.35 -32.27
N ALA M 468 -19.08 -57.93 -31.61
CA ALA M 468 -17.75 -58.06 -32.22
C ALA M 468 -17.03 -59.33 -31.87
N GLY M 469 -16.29 -59.83 -32.86
CA GLY M 469 -15.61 -61.09 -32.75
C GLY M 469 -14.41 -61.20 -33.64
N VAL M 470 -13.47 -62.06 -33.24
CA VAL M 470 -12.12 -62.04 -33.80
C VAL M 470 -11.59 -63.47 -34.19
N VAL M 471 -11.05 -63.60 -35.41
CA VAL M 471 -10.63 -64.92 -35.96
C VAL M 471 -9.18 -64.93 -36.54
N PRO M 472 -8.36 -65.92 -36.13
CA PRO M 472 -6.94 -65.98 -36.54
C PRO M 472 -6.76 -66.51 -37.96
N VAL M 473 -6.00 -65.75 -38.76
CA VAL M 473 -6.03 -65.85 -40.22
C VAL M 473 -4.62 -65.89 -40.88
N THR M 474 -3.56 -66.09 -40.05
CA THR M 474 -2.12 -66.12 -40.46
C THR M 474 -1.16 -66.35 -39.25
N THR M 475 0.16 -66.31 -39.52
CA THR M 475 1.24 -66.04 -38.52
C THR M 475 2.21 -64.99 -39.09
N VAL M 476 3.03 -64.39 -38.21
CA VAL M 476 3.95 -63.29 -38.59
C VAL M 476 5.16 -63.84 -39.37
N THR M 477 5.31 -63.36 -40.61
CA THR M 477 6.49 -63.64 -41.44
C THR M 477 7.65 -62.69 -41.07
N ALA M 478 8.88 -63.07 -41.45
CA ALA M 478 10.08 -62.24 -41.24
C ALA M 478 9.97 -60.84 -41.88
N GLU M 479 9.36 -60.77 -43.09
CA GLU M 479 9.05 -59.49 -43.78
C GLU M 479 7.97 -58.62 -43.07
N ASP M 480 7.09 -59.28 -42.29
CA ASP M 480 6.17 -58.57 -41.36
C ASP M 480 6.90 -58.08 -40.12
N ASP M 481 7.94 -58.81 -39.71
CA ASP M 481 8.72 -58.46 -38.53
C ASP M 481 9.97 -57.60 -38.84
N ALA M 482 10.07 -57.14 -40.11
CA ALA M 482 11.18 -56.30 -40.58
C ALA M 482 10.73 -54.88 -40.91
N GLN M 483 9.67 -54.76 -41.75
CA GLN M 483 9.01 -53.47 -42.09
C GLN M 483 8.38 -52.76 -40.85
N MET M 484 8.09 -53.56 -39.80
CA MET M 484 7.88 -53.12 -38.40
C MET M 484 8.84 -52.04 -37.81
N GLU M 485 10.13 -52.06 -38.23
CA GLU M 485 11.12 -51.00 -37.87
C GLU M 485 11.21 -49.83 -38.93
N LEU M 486 10.16 -49.71 -39.78
CA LEU M 486 9.94 -48.57 -40.67
C LEU M 486 8.55 -47.92 -40.40
N TYR M 487 7.80 -48.57 -39.49
CA TYR M 487 6.71 -47.96 -38.69
C TYR M 487 7.16 -46.60 -38.13
N LYS M 488 6.35 -45.60 -38.40
CA LYS M 488 6.35 -44.36 -37.66
C LYS M 488 4.90 -43.97 -37.43
N GLY M 489 4.56 -43.61 -36.19
CA GLY M 489 3.18 -43.30 -35.80
C GLY M 489 2.56 -42.15 -36.59
N TYR M 490 1.21 -42.10 -36.60
CA TYR M 490 0.48 -40.90 -37.07
C TYR M 490 0.81 -39.67 -36.16
N PHE M 491 0.97 -39.97 -34.86
CA PHE M 491 1.27 -38.97 -33.81
C PHE M 491 2.73 -39.11 -33.39
N GLY M 492 3.20 -40.37 -33.27
CA GLY M 492 4.57 -40.68 -32.86
C GLY M 492 4.94 -40.36 -31.41
N ASP M 493 3.93 -40.04 -30.57
CA ASP M 493 4.09 -39.83 -29.12
C ASP M 493 4.55 -41.12 -28.38
N ILE M 494 4.84 -41.00 -27.08
CA ILE M 494 5.15 -42.13 -26.17
C ILE M 494 4.35 -43.49 -26.41
N TRP M 495 3.06 -43.39 -26.76
CA TRP M 495 2.21 -44.55 -27.09
C TRP M 495 2.59 -45.28 -28.41
N ASP M 496 2.94 -44.50 -29.44
CA ASP M 496 3.46 -45.05 -30.72
C ASP M 496 4.98 -45.38 -30.65
N ILE M 497 5.67 -44.81 -29.66
CA ILE M 497 7.08 -45.08 -29.41
C ILE M 497 7.24 -46.49 -28.86
N ILE M 498 6.35 -46.85 -27.94
CA ILE M 498 6.35 -48.17 -27.31
C ILE M 498 5.75 -49.22 -28.27
N LEU M 499 4.81 -48.79 -29.12
CA LEU M 499 4.12 -49.67 -30.11
C LEU M 499 5.02 -50.25 -31.20
N LYS M 500 6.05 -49.49 -31.59
CA LYS M 500 7.12 -50.00 -32.46
C LYS M 500 7.98 -51.04 -31.71
N LYS M 501 8.33 -50.70 -30.47
CA LYS M 501 9.26 -51.47 -29.63
C LYS M 501 8.66 -52.77 -29.04
N ALA M 502 7.32 -52.79 -28.89
CA ALA M 502 6.63 -53.90 -28.22
C ALA M 502 6.19 -55.04 -29.15
N MET M 503 5.98 -54.71 -30.44
CA MET M 503 5.36 -55.63 -31.42
C MET M 503 6.39 -56.35 -32.30
N LYS M 504 7.65 -55.91 -32.21
CA LYS M 504 8.79 -56.65 -32.77
C LYS M 504 9.13 -57.88 -31.88
N ASN M 505 10.02 -58.76 -32.41
CA ASN M 505 10.47 -60.05 -31.78
C ASN M 505 9.37 -61.16 -31.71
N SER M 506 8.58 -61.31 -32.81
CA SER M 506 7.31 -62.10 -32.77
C SER M 506 7.02 -62.96 -34.01
N VAL M 507 8.05 -63.52 -34.64
CA VAL M 507 7.89 -64.36 -35.83
C VAL M 507 7.12 -65.67 -35.48
N GLY M 508 6.06 -65.95 -36.24
CA GLY M 508 5.26 -67.16 -36.08
C GLY M 508 4.10 -67.03 -35.09
N LEU M 509 3.83 -65.78 -34.69
CA LEU M 509 2.75 -65.44 -33.76
C LEU M 509 1.49 -65.00 -34.56
N PRO M 510 0.31 -65.51 -34.15
CA PRO M 510 -0.94 -65.27 -34.90
C PRO M 510 -1.41 -63.79 -34.90
N VAL M 511 -1.41 -63.18 -36.07
CA VAL M 511 -2.27 -62.02 -36.30
C VAL M 511 -3.76 -62.47 -36.46
N ALA M 512 -4.70 -61.50 -36.61
CA ALA M 512 -6.15 -61.76 -36.68
C ALA M 512 -6.91 -60.59 -37.31
N VAL M 513 -8.20 -60.85 -37.55
CA VAL M 513 -9.10 -59.90 -38.17
C VAL M 513 -10.49 -59.96 -37.43
N GLN M 514 -11.20 -58.82 -37.44
CA GLN M 514 -12.33 -58.55 -36.53
C GLN M 514 -13.63 -58.29 -37.30
N CYS M 515 -14.68 -58.97 -36.86
CA CYS M 515 -15.97 -59.02 -37.57
C CYS M 515 -17.03 -58.47 -36.71
N VAL M 516 -17.67 -57.44 -37.22
CA VAL M 516 -18.66 -56.71 -36.46
C VAL M 516 -20.05 -56.86 -37.16
N ALA M 517 -21.11 -56.97 -36.37
CA ALA M 517 -22.49 -56.75 -36.85
C ALA M 517 -23.22 -55.68 -36.01
N LEU M 518 -24.30 -55.09 -36.59
CA LEU M 518 -25.41 -54.37 -35.88
C LEU M 518 -25.85 -55.05 -34.55
N PRO M 519 -26.42 -54.28 -33.56
CA PRO M 519 -26.86 -54.88 -32.27
C PRO M 519 -27.81 -56.07 -32.43
N TRP M 520 -27.75 -57.03 -31.48
CA TRP M 520 -28.61 -58.26 -31.47
C TRP M 520 -28.38 -59.31 -32.61
N GLN M 521 -27.66 -58.88 -33.67
CA GLN M 521 -27.18 -59.68 -34.81
C GLN M 521 -25.86 -60.45 -34.51
N GLU M 522 -25.83 -61.12 -33.35
CA GLU M 522 -24.75 -62.07 -32.96
C GLU M 522 -24.44 -63.16 -34.01
N GLU M 523 -25.49 -63.85 -34.45
CA GLU M 523 -25.36 -64.97 -35.38
C GLU M 523 -24.94 -64.45 -36.77
N LEU M 524 -25.45 -63.26 -37.14
CA LEU M 524 -24.94 -62.52 -38.30
C LEU M 524 -23.38 -62.13 -38.24
N CYS M 525 -22.78 -62.10 -37.02
CA CYS M 525 -21.29 -62.01 -36.87
C CYS M 525 -20.63 -63.34 -37.20
N LEU M 526 -21.08 -64.40 -36.50
CA LEU M 526 -20.49 -65.74 -36.55
C LEU M 526 -20.56 -66.37 -37.96
N ARG M 527 -21.62 -66.04 -38.69
CA ARG M 527 -21.88 -66.61 -40.00
C ARG M 527 -20.81 -66.12 -40.92
N PHE M 528 -20.58 -64.79 -40.86
CA PHE M 528 -19.45 -64.13 -41.51
C PHE M 528 -18.09 -64.62 -40.96
N MET M 529 -18.05 -64.89 -39.64
CA MET M 529 -16.83 -65.35 -38.96
C MET M 529 -16.43 -66.75 -39.46
N ARG M 530 -17.42 -67.66 -39.62
CA ARG M 530 -17.20 -69.00 -40.25
C ARG M 530 -16.67 -68.87 -41.64
N GLU M 531 -17.27 -67.97 -42.41
CA GLU M 531 -16.83 -67.61 -43.77
C GLU M 531 -15.38 -67.13 -43.87
N VAL M 532 -14.98 -66.23 -42.95
CA VAL M 532 -13.59 -65.74 -42.89
C VAL M 532 -12.64 -66.83 -42.37
N GLU M 533 -13.08 -67.57 -41.33
CA GLU M 533 -12.37 -68.77 -40.82
C GLU M 533 -11.99 -69.73 -41.95
N GLN M 534 -13.02 -70.19 -42.68
CA GLN M 534 -12.91 -71.30 -43.62
C GLN M 534 -12.13 -70.93 -44.89
N LEU M 535 -12.25 -69.66 -45.33
CA LEU M 535 -11.47 -69.14 -46.45
C LEU M 535 -9.95 -69.08 -46.17
N MET M 536 -9.58 -68.87 -44.89
CA MET M 536 -8.16 -68.79 -44.49
C MET M 536 -7.60 -70.08 -43.81
N THR M 537 -8.45 -70.82 -43.08
CA THR M 537 -8.10 -72.17 -42.51
C THR M 537 -8.21 -73.32 -43.54
N ALA N 1 -41.04 -12.36 -25.82
CA ALA N 1 -40.68 -13.39 -26.85
C ALA N 1 -41.48 -14.72 -26.71
N ARG N 2 -42.14 -14.90 -25.56
CA ARG N 2 -43.05 -16.03 -25.31
C ARG N 2 -44.55 -15.60 -25.24
N GLY N 3 -44.86 -14.40 -25.74
CA GLY N 3 -46.23 -13.99 -26.03
C GLY N 3 -46.77 -14.69 -27.29
N ALA N 4 -45.86 -15.31 -28.07
CA ALA N 4 -46.16 -16.30 -29.11
C ALA N 4 -46.50 -17.74 -28.55
N ALA N 5 -47.34 -17.75 -27.52
CA ALA N 5 -48.34 -18.80 -27.27
C ALA N 5 -49.60 -18.53 -28.11
N THR N 6 -49.81 -17.26 -28.47
CA THR N 6 -50.91 -16.85 -29.35
C THR N 6 -50.65 -17.30 -30.78
N ARG N 7 -49.37 -17.34 -31.19
CA ARG N 7 -48.92 -17.98 -32.44
C ARG N 7 -49.22 -19.51 -32.47
N ALA N 8 -49.16 -20.16 -31.30
CA ALA N 8 -49.57 -21.54 -31.17
C ALA N 8 -51.09 -21.69 -31.15
N ARG N 9 -51.77 -20.70 -30.56
CA ARG N 9 -53.23 -20.74 -30.36
C ARG N 9 -54.02 -20.67 -31.66
N GLN N 10 -53.53 -19.84 -32.60
CA GLN N 10 -54.11 -19.72 -33.95
C GLN N 10 -53.65 -20.83 -34.91
N LYS N 11 -52.56 -21.52 -34.56
CA LYS N 11 -52.13 -22.72 -35.27
C LYS N 11 -53.07 -23.89 -34.95
N GLN N 12 -53.56 -23.91 -33.71
CA GLN N 12 -54.64 -24.79 -33.30
C GLN N 12 -56.00 -24.38 -33.96
N ARG N 13 -56.33 -23.06 -33.87
CA ARG N 13 -57.66 -22.52 -34.32
C ARG N 13 -57.94 -22.71 -35.83
N ALA N 14 -56.88 -22.61 -36.64
CA ALA N 14 -56.94 -22.84 -38.09
C ALA N 14 -56.60 -24.31 -38.49
N SER N 15 -56.42 -25.18 -37.48
CA SER N 15 -56.43 -26.62 -37.67
C SER N 15 -57.76 -27.23 -37.24
N LEU N 16 -58.46 -26.54 -36.34
CA LEU N 16 -59.79 -26.94 -35.89
C LEU N 16 -60.87 -26.67 -36.94
N GLU N 17 -60.66 -25.62 -37.76
CA GLU N 17 -61.56 -25.26 -38.88
C GLU N 17 -61.28 -26.07 -40.18
N THR N 18 -60.04 -26.57 -40.32
CA THR N 18 -59.66 -27.50 -41.40
C THR N 18 -60.29 -28.89 -41.20
N MET N 19 -60.46 -29.29 -39.93
CA MET N 19 -61.22 -30.48 -39.55
C MET N 19 -62.69 -30.32 -39.90
N ASP N 20 -63.28 -29.20 -39.42
CA ASP N 20 -64.73 -28.97 -39.42
C ASP N 20 -65.31 -28.85 -40.83
N LYS N 21 -64.58 -28.18 -41.72
CA LYS N 21 -64.97 -28.03 -43.12
C LYS N 21 -64.70 -29.30 -44.00
N ALA N 22 -63.96 -30.28 -43.45
CA ALA N 22 -63.67 -31.56 -44.14
C ALA N 22 -64.47 -32.78 -43.63
N VAL N 23 -65.14 -32.60 -42.48
CA VAL N 23 -66.24 -33.51 -42.08
C VAL N 23 -67.61 -32.99 -42.57
N GLN N 24 -67.61 -31.80 -43.18
CA GLN N 24 -68.81 -31.15 -43.76
C GLN N 24 -68.83 -31.20 -45.31
N ARG N 25 -67.67 -31.44 -45.92
CA ARG N 25 -67.59 -31.84 -47.34
C ARG N 25 -67.70 -33.38 -47.50
N PHE N 26 -67.70 -34.08 -46.36
CA PHE N 26 -68.00 -35.50 -46.29
C PHE N 26 -69.46 -35.80 -45.89
N ARG N 27 -70.01 -35.07 -44.88
CA ARG N 27 -71.39 -35.33 -44.37
C ARG N 27 -72.48 -34.87 -45.36
N LEU N 28 -72.20 -33.79 -46.11
CA LEU N 28 -73.02 -33.42 -47.28
C LEU N 28 -72.94 -34.51 -48.36
N GLN N 29 -71.71 -34.80 -48.83
CA GLN N 29 -71.47 -35.82 -49.89
C GLN N 29 -71.73 -37.32 -49.47
N ASN N 30 -72.02 -37.57 -48.18
CA ASN N 30 -72.46 -38.90 -47.69
C ASN N 30 -73.45 -38.85 -46.47
N PRO N 31 -74.74 -38.53 -46.73
CA PRO N 31 -75.71 -38.29 -45.64
C PRO N 31 -76.54 -39.55 -45.25
N ASP N 32 -76.05 -40.75 -45.60
CA ASP N 32 -76.81 -42.00 -45.41
C ASP N 32 -76.18 -42.95 -44.34
N LEU N 33 -74.88 -42.76 -44.08
CA LEU N 33 -74.11 -43.62 -43.18
C LEU N 33 -74.45 -43.42 -41.68
N ASP N 34 -74.34 -44.52 -40.92
CA ASP N 34 -74.72 -44.58 -39.50
C ASP N 34 -73.53 -44.31 -38.58
N SER N 35 -73.57 -43.13 -37.94
CA SER N 35 -72.43 -42.60 -37.15
C SER N 35 -72.33 -43.23 -35.76
N GLU N 36 -73.45 -43.20 -35.01
CA GLU N 36 -73.53 -43.66 -33.61
C GLU N 36 -73.37 -45.19 -33.40
N ALA N 37 -73.47 -45.96 -34.50
CA ALA N 37 -73.13 -47.39 -34.51
C ALA N 37 -71.79 -47.71 -35.24
N LEU N 38 -71.18 -46.71 -35.90
CA LEU N 38 -69.77 -46.80 -36.31
C LEU N 38 -68.82 -46.69 -35.10
N LEU N 39 -68.89 -45.56 -34.36
CA LEU N 39 -67.93 -45.25 -33.26
C LEU N 39 -67.94 -46.31 -32.13
N THR N 40 -69.12 -46.89 -31.90
CA THR N 40 -69.35 -47.86 -30.80
C THR N 40 -68.97 -49.33 -31.14
N LEU N 41 -68.56 -49.58 -32.41
CA LEU N 41 -67.85 -50.83 -32.80
C LEU N 41 -66.52 -50.87 -32.07
N PRO N 42 -66.26 -51.98 -31.31
CA PRO N 42 -64.91 -52.25 -30.73
C PRO N 42 -63.87 -52.30 -31.83
N LEU N 43 -62.59 -51.97 -31.55
CA LEU N 43 -61.56 -51.90 -32.60
C LEU N 43 -61.46 -53.19 -33.48
N LEU N 44 -61.53 -54.35 -32.81
CA LEU N 44 -61.47 -55.72 -33.42
C LEU N 44 -62.36 -55.95 -34.61
N GLN N 45 -63.67 -55.72 -34.41
CA GLN N 45 -64.65 -55.76 -35.50
C GLN N 45 -64.42 -54.65 -36.50
N LEU N 46 -64.17 -53.44 -35.98
CA LEU N 46 -63.98 -52.24 -36.79
C LEU N 46 -62.84 -52.35 -37.84
N VAL N 47 -61.70 -52.96 -37.47
CA VAL N 47 -60.58 -53.24 -38.43
C VAL N 47 -60.90 -54.32 -39.49
N GLN N 48 -61.56 -55.40 -39.08
CA GLN N 48 -61.89 -56.50 -40.03
C GLN N 48 -63.02 -56.13 -41.01
N LYS N 49 -63.92 -55.24 -40.58
CA LYS N 49 -64.98 -54.70 -41.42
C LYS N 49 -64.44 -53.74 -42.48
N LEU N 50 -63.31 -53.09 -42.16
CA LEU N 50 -62.49 -52.40 -43.16
C LEU N 50 -61.86 -53.40 -44.15
N GLN N 51 -61.43 -54.57 -43.62
CA GLN N 51 -60.58 -55.54 -44.33
C GLN N 51 -61.31 -56.29 -45.43
N SER N 52 -62.55 -56.71 -45.13
CA SER N 52 -63.45 -57.36 -46.11
C SER N 52 -64.34 -56.35 -46.91
N GLY N 53 -63.92 -55.08 -46.93
CA GLY N 53 -64.43 -54.08 -47.86
C GLY N 53 -65.70 -53.35 -47.43
N GLU N 54 -66.27 -53.72 -46.27
CA GLU N 54 -67.62 -53.29 -45.84
C GLU N 54 -67.72 -51.79 -45.52
N LEU N 55 -66.79 -51.31 -44.68
CA LEU N 55 -66.56 -49.88 -44.54
C LEU N 55 -65.34 -49.49 -45.40
N SER N 56 -65.48 -48.39 -46.14
CA SER N 56 -64.36 -47.78 -46.89
C SER N 56 -63.51 -46.91 -45.91
N PRO N 57 -62.16 -46.82 -46.12
CA PRO N 57 -61.26 -46.06 -45.19
C PRO N 57 -61.61 -44.57 -44.97
N GLU N 58 -62.20 -43.91 -45.98
CA GLU N 58 -62.79 -42.55 -45.83
C GLU N 58 -63.92 -42.51 -44.81
N ALA N 59 -64.77 -43.55 -44.80
CA ALA N 59 -65.95 -43.58 -43.91
C ALA N 59 -65.58 -43.56 -42.44
N VAL N 60 -64.64 -44.42 -42.06
CA VAL N 60 -64.17 -44.51 -40.66
C VAL N 60 -63.29 -43.33 -40.18
N PHE N 61 -62.52 -42.75 -41.11
CA PHE N 61 -61.63 -41.60 -40.84
C PHE N 61 -62.45 -40.34 -40.58
N PHE N 62 -63.31 -39.99 -41.53
CA PHE N 62 -64.08 -38.77 -41.44
C PHE N 62 -65.25 -38.80 -40.42
N THR N 63 -65.60 -40.01 -39.94
CA THR N 63 -66.51 -40.20 -38.79
C THR N 63 -65.81 -39.91 -37.47
N TYR N 64 -64.59 -40.46 -37.31
CA TYR N 64 -63.78 -40.29 -36.09
C TYR N 64 -63.24 -38.88 -35.98
N LEU N 65 -62.77 -38.30 -37.10
CA LEU N 65 -62.42 -36.87 -37.21
C LEU N 65 -63.60 -35.92 -36.89
N GLY N 66 -64.81 -36.41 -37.21
CA GLY N 66 -66.07 -35.82 -36.78
C GLY N 66 -66.26 -35.88 -35.29
N LYS N 67 -66.04 -37.05 -34.70
CA LYS N 67 -66.19 -37.23 -33.26
C LYS N 67 -65.15 -36.46 -32.48
N ALA N 68 -63.90 -36.49 -32.99
CA ALA N 68 -62.73 -35.81 -32.40
C ALA N 68 -62.91 -34.31 -32.31
N TRP N 69 -63.56 -33.74 -33.33
CA TRP N 69 -64.04 -32.35 -33.30
C TRP N 69 -64.99 -32.10 -32.13
N GLU N 70 -66.01 -32.95 -32.01
CA GLU N 70 -67.18 -32.68 -31.17
C GLU N 70 -66.86 -32.77 -29.67
N VAL N 71 -65.99 -33.70 -29.32
CA VAL N 71 -65.53 -33.85 -27.94
C VAL N 71 -64.41 -32.88 -27.55
N ASN N 72 -63.58 -32.45 -28.52
CA ASN N 72 -62.61 -31.35 -28.34
C ASN N 72 -63.24 -30.00 -27.87
N LYS N 73 -64.50 -29.77 -28.24
CA LYS N 73 -65.28 -28.57 -27.81
C LYS N 73 -65.48 -28.47 -26.28
N GLY N 74 -65.66 -29.62 -25.63
CA GLY N 74 -65.83 -29.67 -24.19
C GLY N 74 -64.61 -30.19 -23.44
N THR N 75 -63.51 -30.50 -24.15
CA THR N 75 -62.27 -30.98 -23.48
C THR N 75 -61.06 -30.13 -23.71
N ASN N 76 -60.89 -29.62 -24.92
CA ASN N 76 -59.59 -29.17 -25.43
C ASN N 76 -58.46 -30.25 -25.31
N CYS N 77 -58.66 -31.37 -26.01
CA CYS N 77 -57.63 -32.43 -26.03
C CYS N 77 -56.84 -32.50 -27.35
N VAL N 78 -57.16 -31.61 -28.29
CA VAL N 78 -56.61 -31.66 -29.65
C VAL N 78 -55.77 -30.39 -29.98
N THR N 79 -54.48 -30.59 -30.23
CA THR N 79 -53.49 -29.53 -30.38
C THR N 79 -53.32 -29.13 -31.85
N SER N 80 -53.27 -30.14 -32.73
CA SER N 80 -53.19 -29.93 -34.19
C SER N 80 -53.68 -31.16 -34.91
N TYR N 81 -54.51 -30.94 -35.93
CA TYR N 81 -54.84 -31.95 -36.93
C TYR N 81 -53.69 -32.10 -37.91
N LEU N 82 -53.29 -33.35 -38.16
CA LEU N 82 -52.10 -33.69 -38.97
C LEU N 82 -52.35 -33.57 -40.49
N THR N 83 -52.18 -32.34 -41.02
CA THR N 83 -52.84 -31.82 -42.27
C THR N 83 -52.70 -32.70 -43.52
N ASP N 84 -51.55 -33.39 -43.62
CA ASP N 84 -51.23 -34.33 -44.71
C ASP N 84 -51.81 -35.78 -44.53
N CYS N 85 -52.91 -35.89 -43.78
CA CYS N 85 -53.88 -36.99 -43.92
C CYS N 85 -54.58 -36.95 -45.31
N GLU N 86 -55.40 -37.97 -45.61
CA GLU N 86 -56.12 -38.15 -46.92
C GLU N 86 -55.23 -38.49 -48.15
N THR N 87 -53.93 -38.17 -48.08
CA THR N 87 -52.87 -38.83 -48.86
C THR N 87 -52.27 -40.05 -48.10
N GLN N 88 -52.61 -40.17 -46.80
CA GLN N 88 -52.40 -41.39 -45.99
C GLN N 88 -53.60 -42.36 -46.10
N LEU N 89 -54.77 -41.84 -46.52
CA LEU N 89 -55.90 -42.66 -46.98
C LEU N 89 -55.67 -43.17 -48.40
N SER N 90 -55.21 -42.26 -49.28
CA SER N 90 -54.95 -42.52 -50.72
C SER N 90 -53.93 -43.64 -50.96
N GLN N 91 -52.84 -43.62 -50.19
CA GLN N 91 -51.74 -44.57 -50.32
C GLN N 91 -51.49 -45.33 -49.00
N ALA N 92 -52.47 -46.19 -48.62
CA ALA N 92 -52.38 -47.03 -47.41
C ALA N 92 -52.23 -48.53 -47.76
N PRO N 93 -51.18 -49.21 -47.20
CA PRO N 93 -50.93 -50.64 -47.47
C PRO N 93 -52.05 -51.55 -46.96
N ARG N 94 -52.47 -52.48 -47.83
CA ARG N 94 -53.80 -53.09 -47.79
C ARG N 94 -53.93 -54.23 -46.76
N GLN N 95 -52.86 -55.05 -46.63
CA GLN N 95 -52.80 -56.13 -45.62
C GLN N 95 -52.09 -55.68 -44.34
N GLY N 96 -51.78 -54.38 -44.26
CA GLY N 96 -51.34 -53.72 -43.02
C GLY N 96 -52.29 -53.98 -41.86
N LEU N 97 -51.73 -54.49 -40.76
CA LEU N 97 -52.50 -55.10 -39.66
C LEU N 97 -53.43 -54.14 -38.87
N LEU N 98 -53.28 -52.84 -39.13
CA LEU N 98 -54.28 -51.85 -38.72
C LEU N 98 -54.62 -50.99 -39.90
N TYR N 99 -55.37 -51.55 -40.85
CA TYR N 99 -55.51 -50.94 -42.19
C TYR N 99 -56.26 -49.62 -42.15
N GLY N 100 -57.41 -49.61 -41.51
CA GLY N 100 -58.30 -48.48 -41.61
C GLY N 100 -58.00 -47.41 -40.63
N VAL N 101 -57.45 -47.83 -39.48
CA VAL N 101 -57.62 -47.18 -38.16
C VAL N 101 -56.99 -45.77 -38.13
N PRO N 102 -57.73 -44.75 -37.66
CA PRO N 102 -57.11 -43.48 -37.28
C PRO N 102 -56.51 -43.48 -35.82
N VAL N 103 -55.24 -43.07 -35.69
CA VAL N 103 -54.58 -43.04 -34.36
C VAL N 103 -54.31 -41.63 -33.81
N SER N 104 -54.64 -41.43 -32.54
CA SER N 104 -54.31 -40.20 -31.85
C SER N 104 -52.88 -40.26 -31.33
N LEU N 105 -52.11 -39.19 -31.53
CA LEU N 105 -50.70 -39.15 -31.12
C LEU N 105 -50.46 -38.18 -29.97
N LYS N 106 -49.69 -38.62 -28.97
CA LYS N 106 -49.22 -37.72 -27.90
C LYS N 106 -48.24 -36.78 -28.55
N GLU N 107 -48.31 -35.49 -28.18
CA GLU N 107 -47.71 -34.44 -28.98
C GLU N 107 -46.18 -34.55 -29.13
N CYS N 108 -45.56 -35.28 -28.20
CA CYS N 108 -44.11 -35.55 -28.21
C CYS N 108 -43.62 -36.63 -29.22
N PHE N 109 -44.53 -37.13 -30.07
CA PHE N 109 -44.21 -38.11 -31.13
C PHE N 109 -44.01 -37.33 -32.42
N SER N 110 -42.75 -37.14 -32.83
CA SER N 110 -42.42 -36.15 -33.87
C SER N 110 -42.98 -36.46 -35.25
N TYR N 111 -43.82 -35.55 -35.74
CA TYR N 111 -44.48 -35.69 -37.02
C TYR N 111 -43.87 -34.74 -38.05
N LYS N 112 -43.65 -35.23 -39.29
CA LYS N 112 -42.97 -34.44 -40.38
C LYS N 112 -43.68 -33.13 -40.70
N GLY N 113 -42.96 -32.02 -40.57
CA GLY N 113 -43.53 -30.68 -40.75
C GLY N 113 -44.51 -30.24 -39.65
N HIS N 114 -44.29 -30.75 -38.43
CA HIS N 114 -45.13 -30.43 -37.26
C HIS N 114 -44.28 -30.23 -36.02
N ASP N 115 -44.66 -29.21 -35.25
CA ASP N 115 -44.02 -28.91 -33.97
C ASP N 115 -44.40 -29.97 -32.90
N SER N 116 -43.38 -30.54 -32.27
CA SER N 116 -43.55 -31.19 -30.99
C SER N 116 -43.02 -30.25 -29.92
N THR N 117 -43.80 -29.20 -29.64
CA THR N 117 -43.62 -28.40 -28.41
C THR N 117 -43.88 -29.33 -27.26
N LEU N 118 -43.50 -28.96 -26.06
CA LEU N 118 -44.12 -29.62 -24.91
C LEU N 118 -45.02 -28.58 -24.23
N GLY N 119 -45.33 -27.52 -24.97
CA GLY N 119 -45.83 -26.31 -24.40
C GLY N 119 -44.74 -25.44 -23.85
N LEU N 120 -43.66 -25.39 -24.62
CA LEU N 120 -42.45 -24.73 -24.21
C LEU N 120 -42.06 -23.88 -25.38
N SER N 121 -42.07 -22.57 -25.17
CA SER N 121 -41.82 -21.54 -26.19
C SER N 121 -40.49 -21.65 -26.92
N LEU N 122 -39.49 -22.20 -26.22
CA LEU N 122 -38.35 -22.90 -26.83
C LEU N 122 -38.68 -23.70 -28.16
N ASN N 123 -39.66 -24.61 -28.10
CA ASN N 123 -39.99 -25.50 -29.24
C ASN N 123 -41.32 -25.18 -30.00
N GLU N 124 -41.83 -23.95 -29.84
CA GLU N 124 -42.81 -23.35 -30.78
C GLU N 124 -42.09 -22.80 -32.02
N GLY N 125 -40.76 -22.65 -31.92
CA GLY N 125 -39.91 -22.26 -33.05
C GLY N 125 -40.14 -23.05 -34.34
N MET N 126 -39.79 -24.33 -34.33
CA MET N 126 -39.57 -25.07 -35.57
C MET N 126 -40.33 -26.42 -35.63
N PRO N 127 -40.80 -26.80 -36.84
CA PRO N 127 -41.37 -28.13 -37.07
C PRO N 127 -40.34 -29.25 -37.03
N SER N 128 -40.82 -30.50 -37.07
CA SER N 128 -39.94 -31.66 -37.16
C SER N 128 -39.44 -31.89 -38.57
N GLU N 129 -38.12 -32.19 -38.66
CA GLU N 129 -37.45 -32.54 -39.92
C GLU N 129 -38.00 -33.82 -40.54
N SER N 130 -38.36 -34.81 -39.69
CA SER N 130 -39.00 -36.07 -40.16
C SER N 130 -39.97 -36.75 -39.13
N ASP N 131 -40.47 -37.93 -39.52
CA ASP N 131 -41.47 -38.70 -38.79
C ASP N 131 -40.75 -39.68 -37.89
N CYS N 132 -41.16 -39.74 -36.63
CA CYS N 132 -40.56 -40.64 -35.65
C CYS N 132 -40.84 -42.13 -35.97
N VAL N 133 -40.04 -43.03 -35.37
CA VAL N 133 -39.96 -44.43 -35.83
C VAL N 133 -41.28 -45.23 -35.66
N VAL N 134 -42.00 -44.98 -34.57
CA VAL N 134 -43.31 -45.64 -34.36
C VAL N 134 -44.38 -45.09 -35.26
N VAL N 135 -44.22 -43.82 -35.64
CA VAL N 135 -45.10 -43.19 -36.63
C VAL N 135 -44.81 -43.71 -38.06
N GLN N 136 -43.56 -44.06 -38.33
CA GLN N 136 -43.21 -44.79 -39.57
C GLN N 136 -43.86 -46.22 -39.61
N VAL N 137 -43.67 -47.01 -38.55
CA VAL N 137 -44.15 -48.41 -38.53
C VAL N 137 -45.68 -48.56 -38.44
N LEU N 138 -46.34 -47.57 -37.81
CA LEU N 138 -47.81 -47.50 -37.80
C LEU N 138 -48.37 -47.28 -39.22
N LYS N 139 -47.77 -46.32 -39.96
CA LYS N 139 -48.23 -45.96 -41.32
C LYS N 139 -48.13 -47.13 -42.28
N LEU N 140 -46.93 -47.73 -42.35
CA LEU N 140 -46.68 -48.94 -43.16
C LEU N 140 -47.49 -50.19 -42.70
N GLN N 141 -48.08 -50.12 -41.50
CA GLN N 141 -49.04 -51.13 -41.04
C GLN N 141 -50.50 -50.62 -41.15
N GLY N 142 -50.71 -49.58 -41.97
CA GLY N 142 -52.05 -49.16 -42.37
C GLY N 142 -52.58 -47.82 -41.83
N ALA N 143 -52.25 -47.49 -40.58
CA ALA N 143 -52.97 -46.48 -39.80
C ALA N 143 -52.92 -45.03 -40.34
N VAL N 144 -53.88 -44.21 -39.90
CA VAL N 144 -53.96 -42.79 -40.28
C VAL N 144 -53.82 -41.88 -39.05
N PRO N 145 -52.56 -41.55 -38.66
CA PRO N 145 -52.30 -40.64 -37.52
C PRO N 145 -52.77 -39.20 -37.80
N PHE N 146 -53.73 -38.75 -37.02
CA PHE N 146 -54.62 -37.66 -37.44
C PHE N 146 -54.63 -36.44 -36.51
N VAL N 147 -54.22 -36.65 -35.24
CA VAL N 147 -54.10 -35.56 -34.23
C VAL N 147 -52.82 -35.68 -33.35
N HIS N 148 -52.15 -34.54 -33.12
CA HIS N 148 -51.32 -34.39 -31.92
C HIS N 148 -52.25 -34.07 -30.77
N THR N 149 -52.07 -34.77 -29.66
CA THR N 149 -52.88 -34.55 -28.46
C THR N 149 -52.10 -33.86 -27.34
N ASN N 150 -52.75 -32.88 -26.71
CA ASN N 150 -52.14 -31.86 -25.87
C ASN N 150 -51.49 -32.44 -24.57
N VAL N 151 -50.29 -31.92 -24.25
CA VAL N 151 -49.50 -32.35 -23.05
C VAL N 151 -49.44 -31.23 -21.99
N PRO N 152 -49.18 -31.58 -20.69
CA PRO N 152 -48.79 -30.59 -19.69
C PRO N 152 -47.44 -30.02 -19.99
N GLN N 153 -47.17 -28.84 -19.42
CA GLN N 153 -46.03 -28.01 -19.82
C GLN N 153 -44.67 -28.74 -19.93
N SER N 154 -44.13 -29.31 -18.88
CA SER N 154 -42.88 -30.00 -19.13
C SER N 154 -42.95 -31.48 -19.58
N MET N 155 -44.20 -31.96 -19.70
CA MET N 155 -44.59 -33.37 -19.52
C MET N 155 -44.21 -34.01 -18.18
N LEU N 156 -43.74 -33.19 -17.21
CA LEU N 156 -43.50 -33.67 -15.82
C LEU N 156 -44.63 -33.26 -14.88
N SER N 157 -45.86 -33.52 -15.31
CA SER N 157 -47.03 -33.47 -14.44
C SER N 157 -47.88 -34.67 -14.70
N PHE N 158 -48.71 -35.02 -13.73
CA PHE N 158 -49.86 -35.87 -14.02
C PHE N 158 -51.23 -35.16 -14.07
N ASP N 159 -51.16 -33.83 -14.22
CA ASP N 159 -52.26 -33.02 -14.77
C ASP N 159 -52.00 -32.82 -16.27
N CYS N 160 -52.95 -32.19 -16.96
CA CYS N 160 -52.77 -31.78 -18.34
C CYS N 160 -53.29 -30.37 -18.53
N SER N 161 -52.36 -29.45 -18.81
CA SER N 161 -52.60 -28.01 -18.97
C SER N 161 -51.27 -27.38 -19.30
N ASN N 162 -51.31 -26.34 -20.14
CA ASN N 162 -50.10 -25.74 -20.67
C ASN N 162 -50.33 -24.24 -21.12
N PRO N 163 -49.30 -23.36 -21.05
CA PRO N 163 -49.45 -21.95 -21.50
C PRO N 163 -49.61 -21.70 -23.01
N LEU N 164 -49.23 -22.67 -23.85
CA LEU N 164 -49.37 -22.61 -25.33
C LEU N 164 -50.72 -23.11 -25.88
N PHE N 165 -51.35 -24.09 -25.18
CA PHE N 165 -52.60 -24.76 -25.68
C PHE N 165 -53.72 -24.95 -24.65
N GLY N 166 -53.51 -24.50 -23.41
CA GLY N 166 -54.58 -24.48 -22.41
C GLY N 166 -54.80 -25.82 -21.72
N GLN N 167 -55.76 -25.81 -20.79
CA GLN N 167 -56.17 -26.99 -20.02
C GLN N 167 -56.89 -28.02 -20.88
N THR N 168 -56.66 -29.30 -20.56
CA THR N 168 -57.58 -30.36 -20.95
C THR N 168 -58.48 -30.70 -19.76
N MET N 169 -59.80 -30.73 -20.00
CA MET N 169 -60.78 -31.14 -19.00
C MET N 169 -61.15 -32.65 -19.13
N ASN N 170 -61.44 -33.29 -17.99
CA ASN N 170 -62.01 -34.66 -17.92
C ASN N 170 -63.38 -34.72 -18.65
N PRO N 171 -63.53 -35.73 -19.54
CA PRO N 171 -64.83 -36.01 -20.20
C PRO N 171 -65.99 -36.33 -19.23
N TRP N 172 -65.69 -37.08 -18.16
CA TRP N 172 -66.69 -37.60 -17.23
C TRP N 172 -67.23 -36.54 -16.26
N LYS N 173 -66.40 -35.51 -15.99
CA LYS N 173 -66.75 -34.36 -15.11
C LYS N 173 -65.72 -33.24 -15.33
N SER N 174 -66.22 -32.07 -15.78
CA SER N 174 -65.38 -30.93 -16.25
C SER N 174 -64.43 -30.36 -15.18
N SER N 175 -64.85 -30.41 -13.91
CA SER N 175 -64.07 -29.87 -12.76
C SER N 175 -62.90 -30.78 -12.29
N LYS N 176 -62.72 -31.91 -12.99
CA LYS N 176 -61.68 -32.92 -12.68
C LYS N 176 -60.59 -32.97 -13.76
N SER N 177 -59.46 -33.60 -13.43
CA SER N 177 -58.34 -33.77 -14.37
C SER N 177 -58.43 -35.07 -15.20
N PRO N 178 -58.04 -34.99 -16.50
CA PRO N 178 -57.92 -36.19 -17.35
C PRO N 178 -56.77 -37.15 -16.95
N GLY N 179 -55.85 -36.72 -16.10
CA GLY N 179 -54.60 -37.44 -15.91
C GLY N 179 -53.56 -36.84 -16.79
N GLY N 180 -52.34 -37.30 -16.63
CA GLY N 180 -51.24 -36.79 -17.40
C GLY N 180 -50.07 -37.70 -17.26
N SER N 181 -49.11 -37.62 -18.18
CA SER N 181 -48.94 -36.50 -19.07
C SER N 181 -49.37 -36.78 -20.52
N SER N 182 -50.06 -37.94 -20.71
CA SER N 182 -50.86 -38.19 -21.93
C SER N 182 -52.35 -37.83 -21.71
N GLY N 183 -52.60 -36.62 -21.20
CA GLY N 183 -53.95 -36.20 -20.85
C GLY N 183 -54.85 -36.00 -22.05
N GLY N 184 -54.27 -35.58 -23.18
CA GLY N 184 -55.00 -35.46 -24.44
C GLY N 184 -55.43 -36.83 -24.94
N GLU N 185 -54.50 -37.77 -24.91
CA GLU N 185 -54.75 -39.16 -25.25
C GLU N 185 -55.90 -39.80 -24.44
N GLY N 186 -55.86 -39.65 -23.13
CA GLY N 186 -56.83 -40.28 -22.25
C GLY N 186 -58.24 -39.73 -22.41
N ALA N 187 -58.32 -38.42 -22.62
CA ALA N 187 -59.59 -37.70 -22.78
C ALA N 187 -60.22 -37.83 -24.19
N LEU N 188 -59.42 -38.24 -25.18
CA LEU N 188 -59.93 -38.45 -26.55
C LEU N 188 -60.35 -39.92 -26.82
N ILE N 189 -59.71 -40.89 -26.17
CA ILE N 189 -60.18 -42.27 -26.29
C ILE N 189 -61.37 -42.51 -25.34
N GLY N 190 -61.28 -41.97 -24.13
CA GLY N 190 -62.46 -41.62 -23.35
C GLY N 190 -63.32 -40.60 -24.10
N SER N 191 -64.65 -40.68 -23.95
CA SER N 191 -65.65 -40.01 -24.84
C SER N 191 -65.50 -40.34 -26.35
N GLY N 192 -64.83 -41.45 -26.67
CA GLY N 192 -64.89 -42.10 -27.97
C GLY N 192 -64.22 -41.47 -29.20
N GLY N 193 -63.72 -40.24 -29.09
CA GLY N 193 -63.27 -39.44 -30.25
C GLY N 193 -62.11 -39.98 -31.11
N SER N 194 -61.54 -41.11 -30.68
CA SER N 194 -60.48 -41.86 -31.37
C SER N 194 -60.48 -43.33 -30.82
N PRO N 195 -60.27 -44.34 -31.69
CA PRO N 195 -60.30 -45.75 -31.25
C PRO N 195 -59.05 -46.20 -30.50
N LEU N 196 -57.90 -45.65 -30.88
CA LEU N 196 -56.63 -46.06 -30.36
C LEU N 196 -55.65 -44.91 -30.45
N GLY N 197 -54.77 -44.84 -29.45
CA GLY N 197 -53.63 -43.94 -29.49
C GLY N 197 -52.37 -44.36 -28.75
N LEU N 198 -51.31 -43.57 -28.92
CA LEU N 198 -49.98 -43.83 -28.32
C LEU N 198 -49.60 -42.71 -27.32
N GLY N 199 -49.19 -43.13 -26.10
CA GLY N 199 -48.54 -42.23 -25.13
C GLY N 199 -47.08 -42.63 -24.77
N THR N 200 -46.49 -41.86 -23.82
CA THR N 200 -45.23 -42.24 -23.08
C THR N 200 -45.52 -42.39 -21.54
N ASP N 201 -44.61 -43.05 -20.82
CA ASP N 201 -44.75 -43.23 -19.37
C ASP N 201 -43.34 -43.35 -18.72
N ILE N 202 -42.83 -42.21 -18.16
CA ILE N 202 -41.60 -42.17 -17.29
C ILE N 202 -41.91 -42.26 -15.80
N GLY N 203 -43.19 -42.07 -15.44
CA GLY N 203 -43.63 -42.01 -14.03
C GLY N 203 -45.05 -42.50 -13.74
N GLY N 204 -45.83 -42.69 -14.78
CA GLY N 204 -47.25 -43.00 -14.64
C GLY N 204 -48.08 -42.42 -15.76
N SER N 205 -47.39 -41.85 -16.73
CA SER N 205 -47.99 -40.91 -17.67
C SER N 205 -48.87 -41.48 -18.78
N ILE N 206 -48.75 -42.81 -19.05
CA ILE N 206 -49.76 -43.56 -19.83
C ILE N 206 -50.87 -43.92 -18.89
N ARG N 207 -50.51 -44.32 -17.66
CA ARG N 207 -51.42 -45.02 -16.77
C ARG N 207 -52.45 -44.13 -16.10
N PHE N 208 -51.99 -42.98 -15.54
CA PHE N 208 -52.88 -41.87 -15.05
C PHE N 208 -54.05 -41.53 -15.98
N PRO N 209 -53.80 -41.06 -17.24
CA PRO N 209 -54.90 -40.73 -18.16
C PRO N 209 -55.81 -41.89 -18.48
N SER N 210 -55.23 -43.09 -18.64
CA SER N 210 -55.97 -44.31 -18.86
C SER N 210 -56.93 -44.59 -17.71
N ALA N 211 -56.43 -44.46 -16.48
CA ALA N 211 -57.20 -44.69 -15.27
C ALA N 211 -58.24 -43.59 -14.99
N PHE N 212 -57.82 -42.32 -15.10
CA PHE N 212 -58.63 -41.17 -14.68
C PHE N 212 -59.82 -40.93 -15.62
N CYS N 213 -59.68 -41.37 -16.88
CA CYS N 213 -60.74 -41.34 -17.90
C CYS N 213 -61.37 -42.72 -18.17
N GLY N 214 -61.18 -43.66 -17.21
CA GLY N 214 -61.64 -45.06 -17.31
C GLY N 214 -61.54 -45.78 -18.64
N ILE N 215 -60.32 -45.79 -19.19
CA ILE N 215 -60.01 -46.58 -20.39
C ILE N 215 -58.86 -47.59 -20.11
N CYS N 216 -58.28 -48.17 -21.17
CA CYS N 216 -57.10 -49.03 -21.03
C CYS N 216 -55.87 -48.39 -21.54
N GLY N 217 -54.72 -48.84 -21.02
CA GLY N 217 -53.44 -48.51 -21.58
C GLY N 217 -52.34 -49.35 -20.96
N LEU N 218 -51.21 -49.45 -21.65
CA LEU N 218 -50.09 -50.25 -21.13
C LEU N 218 -48.74 -49.53 -21.22
N LYS N 219 -47.95 -49.61 -20.14
CA LYS N 219 -46.54 -49.23 -20.16
C LYS N 219 -45.61 -50.47 -20.30
N PRO N 220 -45.03 -50.66 -21.49
CA PRO N 220 -44.10 -51.76 -21.77
C PRO N 220 -42.75 -51.62 -21.06
N THR N 221 -41.94 -52.70 -21.14
CA THR N 221 -40.50 -52.67 -20.81
C THR N 221 -39.83 -51.64 -21.66
N GLY N 222 -38.97 -50.83 -21.01
CA GLY N 222 -38.45 -49.57 -21.57
C GLY N 222 -37.93 -49.67 -22.99
N ASN N 223 -37.18 -50.74 -23.25
CA ASN N 223 -36.53 -50.96 -24.55
C ASN N 223 -37.32 -51.84 -25.58
N ARG N 224 -38.60 -52.13 -25.30
CA ARG N 224 -39.44 -52.95 -26.22
C ARG N 224 -39.81 -52.29 -27.53
N LEU N 225 -40.32 -51.04 -27.43
CA LEU N 225 -40.56 -50.21 -28.62
C LEU N 225 -39.50 -49.11 -28.68
N SER N 226 -39.53 -48.32 -29.75
CA SER N 226 -38.43 -47.45 -30.09
C SER N 226 -38.66 -46.02 -29.67
N LYS N 227 -37.57 -45.37 -29.24
CA LYS N 227 -37.63 -44.01 -28.70
C LYS N 227 -37.03 -42.99 -29.66
N SER N 228 -36.84 -43.42 -30.92
CA SER N 228 -35.84 -42.83 -31.84
C SER N 228 -36.01 -41.32 -32.08
N GLY N 229 -37.22 -40.92 -32.47
CA GLY N 229 -37.53 -39.53 -32.74
C GLY N 229 -38.55 -38.95 -31.79
N LEU N 230 -38.61 -39.52 -30.57
CA LEU N 230 -39.43 -38.96 -29.50
C LEU N 230 -38.85 -37.66 -29.01
N LYS N 231 -39.73 -36.67 -28.82
CA LYS N 231 -39.40 -35.45 -28.07
C LYS N 231 -39.42 -35.67 -26.53
N GLY N 232 -38.49 -35.03 -25.86
CA GLY N 232 -38.53 -34.88 -24.42
C GLY N 232 -37.87 -33.58 -24.05
N CYS N 233 -37.91 -33.24 -22.77
CA CYS N 233 -37.23 -32.04 -22.33
C CYS N 233 -35.88 -32.29 -21.63
N VAL N 234 -35.72 -33.46 -20.97
CA VAL N 234 -34.36 -33.97 -20.67
C VAL N 234 -33.96 -35.18 -21.56
N TYR N 235 -32.65 -35.27 -21.85
CA TYR N 235 -32.07 -36.32 -22.65
C TYR N 235 -30.86 -36.87 -21.92
N GLY N 236 -30.67 -38.18 -21.98
CA GLY N 236 -29.50 -38.84 -21.38
C GLY N 236 -29.75 -39.38 -19.98
N GLN N 237 -31.02 -39.37 -19.57
CA GLN N 237 -31.45 -39.95 -18.30
C GLN N 237 -31.76 -41.43 -18.49
N THR N 238 -31.14 -42.28 -17.66
CA THR N 238 -31.30 -43.76 -17.78
C THR N 238 -31.67 -44.45 -16.42
N ALA N 239 -31.43 -43.75 -15.31
CA ALA N 239 -31.89 -44.22 -14.00
C ALA N 239 -33.38 -43.94 -13.87
N VAL N 240 -34.21 -44.99 -14.08
CA VAL N 240 -35.72 -44.89 -14.26
C VAL N 240 -36.10 -44.65 -15.72
N GLN N 241 -36.79 -45.64 -16.28
CA GLN N 241 -36.90 -45.80 -17.69
C GLN N 241 -38.07 -45.06 -18.26
N LEU N 242 -37.84 -44.37 -19.38
CA LEU N 242 -38.90 -43.94 -20.31
C LEU N 242 -39.39 -45.11 -21.22
N SER N 243 -40.72 -45.14 -21.47
CA SER N 243 -41.36 -46.22 -22.20
C SER N 243 -42.69 -45.78 -22.80
N LEU N 244 -42.74 -45.85 -24.13
CA LEU N 244 -43.97 -45.63 -24.93
C LEU N 244 -44.81 -46.89 -25.12
N GLY N 245 -46.13 -46.70 -25.34
CA GLY N 245 -47.10 -47.78 -25.20
C GLY N 245 -48.52 -47.39 -25.61
N PRO N 246 -49.38 -48.40 -25.92
CA PRO N 246 -50.71 -48.14 -26.45
C PRO N 246 -51.71 -47.70 -25.36
N MET N 247 -52.69 -46.92 -25.76
CA MET N 247 -53.87 -46.64 -24.95
C MET N 247 -55.12 -46.84 -25.84
N ALA N 248 -56.16 -47.48 -25.28
CA ALA N 248 -57.40 -47.79 -26.05
C ALA N 248 -58.65 -47.98 -25.16
N ARG N 249 -59.76 -48.36 -25.81
CA ARG N 249 -61.00 -48.68 -25.12
C ARG N 249 -61.09 -50.13 -24.62
N ASP N 250 -60.30 -51.02 -25.22
CA ASP N 250 -60.28 -52.45 -24.83
C ASP N 250 -58.88 -53.10 -25.02
N VAL N 251 -58.57 -54.12 -24.19
CA VAL N 251 -57.19 -54.64 -24.07
C VAL N 251 -56.70 -55.42 -25.33
N GLU N 252 -57.65 -55.80 -26.16
CA GLU N 252 -57.34 -56.39 -27.46
C GLU N 252 -56.81 -55.36 -28.44
N SER N 253 -57.30 -54.11 -28.36
CA SER N 253 -56.85 -53.02 -29.26
C SER N 253 -55.46 -52.55 -28.92
N LEU N 254 -55.12 -52.59 -27.62
CA LEU N 254 -53.72 -52.60 -27.16
C LEU N 254 -52.93 -53.76 -27.80
N ALA N 255 -53.40 -55.01 -27.61
CA ALA N 255 -52.77 -56.22 -28.17
C ALA N 255 -52.63 -56.22 -29.68
N LEU N 256 -53.64 -55.67 -30.38
CA LEU N 256 -53.60 -55.44 -31.81
C LEU N 256 -52.53 -54.41 -32.20
N CYS N 257 -52.40 -53.33 -31.41
CA CYS N 257 -51.38 -52.27 -31.66
C CYS N 257 -49.95 -52.78 -31.42
N LEU N 258 -49.77 -53.51 -30.29
CA LEU N 258 -48.50 -54.14 -29.89
C LEU N 258 -47.98 -55.21 -30.86
N LYS N 259 -48.89 -56.05 -31.39
CA LYS N 259 -48.59 -56.98 -32.49
C LYS N 259 -48.18 -56.24 -33.76
N ALA N 260 -48.86 -55.14 -34.06
CA ALA N 260 -48.64 -54.37 -35.29
C ALA N 260 -47.32 -53.62 -35.27
N LEU N 261 -46.91 -53.19 -34.08
CA LEU N 261 -45.68 -52.46 -33.89
C LEU N 261 -44.46 -53.41 -33.86
N LEU N 262 -44.62 -54.54 -33.21
CA LEU N 262 -43.56 -55.57 -33.10
C LEU N 262 -43.41 -56.44 -34.37
N CYS N 263 -42.86 -55.83 -35.42
CA CYS N 263 -42.65 -56.50 -36.70
C CYS N 263 -41.28 -56.11 -37.29
N GLU N 264 -40.80 -56.91 -38.25
CA GLU N 264 -39.51 -56.70 -38.93
C GLU N 264 -39.34 -55.34 -39.75
N HIS N 265 -40.34 -54.44 -39.65
CA HIS N 265 -40.20 -53.05 -40.05
C HIS N 265 -39.54 -52.24 -38.92
N LEU N 266 -40.01 -52.46 -37.67
CA LEU N 266 -39.48 -51.76 -36.47
C LEU N 266 -38.05 -52.17 -36.19
N PHE N 267 -37.78 -53.47 -36.36
CA PHE N 267 -36.49 -54.06 -36.04
C PHE N 267 -35.40 -53.78 -37.11
N THR N 268 -35.70 -52.87 -38.06
CA THR N 268 -34.79 -52.41 -39.12
C THR N 268 -34.75 -50.87 -39.18
N LEU N 269 -35.91 -50.24 -38.97
CA LEU N 269 -35.94 -48.82 -38.58
C LEU N 269 -35.75 -48.67 -37.04
N ASP N 270 -34.48 -48.75 -36.57
CA ASP N 270 -34.02 -48.99 -35.12
C ASP N 270 -33.56 -50.45 -34.82
N PRO N 271 -32.30 -50.82 -35.20
CA PRO N 271 -31.66 -52.07 -34.73
C PRO N 271 -31.39 -52.23 -33.20
N THR N 272 -31.37 -51.11 -32.44
CA THR N 272 -31.02 -51.13 -30.98
C THR N 272 -32.08 -51.78 -30.13
N VAL N 273 -33.34 -51.70 -30.58
CA VAL N 273 -34.43 -52.50 -30.00
C VAL N 273 -34.14 -54.02 -30.27
N PRO N 274 -34.14 -54.85 -29.20
CA PRO N 274 -34.10 -56.32 -29.36
C PRO N 274 -35.32 -56.86 -30.19
N PRO N 275 -35.04 -57.57 -31.33
CA PRO N 275 -36.08 -58.00 -32.26
C PRO N 275 -36.91 -59.17 -31.73
N LEU N 276 -37.78 -58.83 -30.79
CA LEU N 276 -38.62 -59.77 -30.10
C LEU N 276 -40.03 -59.73 -30.72
N PRO N 277 -40.46 -60.82 -31.38
CA PRO N 277 -41.83 -60.90 -31.94
C PRO N 277 -42.93 -61.08 -30.84
N PHE N 278 -44.13 -60.50 -31.10
CA PHE N 278 -45.35 -60.74 -30.29
C PHE N 278 -45.72 -62.24 -30.29
N ARG N 279 -45.70 -62.82 -29.10
CA ARG N 279 -46.03 -64.23 -28.88
C ARG N 279 -47.53 -64.36 -28.58
N GLU N 280 -48.29 -64.70 -29.63
CA GLU N 280 -49.75 -64.85 -29.56
C GLU N 280 -50.20 -65.96 -28.60
N GLU N 281 -49.46 -67.08 -28.61
CA GLU N 281 -49.75 -68.30 -27.81
C GLU N 281 -49.49 -68.17 -26.29
N VAL N 282 -48.71 -67.16 -25.90
CA VAL N 282 -48.57 -66.74 -24.49
C VAL N 282 -49.80 -65.87 -24.12
N TYR N 283 -50.17 -64.96 -25.03
CA TYR N 283 -51.34 -64.10 -24.89
C TYR N 283 -52.69 -64.86 -24.95
N ARG N 284 -52.90 -65.69 -25.99
CA ARG N 284 -54.19 -66.40 -26.18
C ARG N 284 -54.44 -67.57 -25.17
N SER N 285 -53.43 -67.87 -24.36
CA SER N 285 -53.50 -68.92 -23.34
C SER N 285 -54.43 -68.54 -22.19
N SER N 286 -54.93 -69.58 -21.52
CA SER N 286 -55.85 -69.42 -20.39
C SER N 286 -55.47 -70.29 -19.18
N ARG N 287 -54.30 -70.98 -19.28
CA ARG N 287 -53.76 -71.85 -18.20
C ARG N 287 -53.55 -71.04 -16.89
N PRO N 288 -54.18 -71.50 -15.78
CA PRO N 288 -54.51 -70.63 -14.62
C PRO N 288 -53.27 -70.01 -13.91
N LEU N 289 -53.46 -68.87 -13.25
CA LEU N 289 -52.34 -67.97 -12.92
C LEU N 289 -52.09 -67.87 -11.44
N ARG N 290 -50.79 -67.82 -11.10
CA ARG N 290 -50.34 -67.35 -9.80
C ARG N 290 -50.36 -65.81 -9.85
N VAL N 291 -51.27 -65.21 -9.06
CA VAL N 291 -51.46 -63.74 -9.05
C VAL N 291 -51.09 -63.14 -7.65
N GLY N 292 -49.93 -62.47 -7.59
CA GLY N 292 -49.56 -61.68 -6.41
C GLY N 292 -50.45 -60.45 -6.26
N TYR N 293 -50.81 -60.12 -5.02
CA TYR N 293 -51.66 -58.98 -4.75
C TYR N 293 -51.26 -58.20 -3.49
N TYR N 294 -51.53 -56.90 -3.51
CA TYR N 294 -51.53 -56.06 -2.29
C TYR N 294 -52.62 -54.96 -2.34
N GLU N 295 -53.07 -54.54 -1.14
CA GLU N 295 -54.10 -53.50 -1.00
C GLU N 295 -53.54 -52.09 -0.81
N THR N 296 -52.38 -52.00 -0.15
CA THR N 296 -51.62 -50.73 -0.04
C THR N 296 -50.11 -50.93 -0.29
N ASP N 297 -49.42 -49.84 -0.67
CA ASP N 297 -47.93 -49.78 -0.65
C ASP N 297 -47.39 -49.28 0.72
N ASN N 298 -48.35 -48.93 1.61
CA ASN N 298 -48.13 -48.17 2.87
C ASN N 298 -47.58 -46.73 2.75
N TYR N 299 -47.53 -46.21 1.51
CA TYR N 299 -47.00 -44.87 1.26
C TYR N 299 -48.10 -43.85 0.90
N THR N 300 -48.67 -43.99 -0.31
CA THR N 300 -49.96 -43.36 -0.61
C THR N 300 -51.10 -44.24 -0.10
N MET N 301 -51.88 -43.67 0.84
CA MET N 301 -53.12 -44.31 1.30
C MET N 301 -54.15 -44.49 0.17
N PRO N 302 -54.63 -45.72 -0.01
CA PRO N 302 -55.71 -45.98 -0.95
C PRO N 302 -56.99 -45.25 -0.60
N SER N 303 -57.71 -44.81 -1.63
CA SER N 303 -59.09 -44.40 -1.49
C SER N 303 -59.99 -45.63 -1.11
N PRO N 304 -61.14 -45.38 -0.44
CA PRO N 304 -62.25 -46.38 -0.39
C PRO N 304 -62.64 -46.97 -1.80
N ALA N 305 -62.73 -46.10 -2.82
CA ALA N 305 -62.91 -46.52 -4.22
C ALA N 305 -61.79 -47.47 -4.74
N MET N 306 -60.52 -47.13 -4.43
CA MET N 306 -59.34 -47.98 -4.74
C MET N 306 -59.41 -49.32 -4.09
N ARG N 307 -59.57 -49.30 -2.75
CA ARG N 307 -59.71 -50.46 -1.88
C ARG N 307 -60.79 -51.43 -2.34
N ARG N 308 -61.98 -50.90 -2.67
CA ARG N 308 -63.10 -51.68 -3.19
C ARG N 308 -62.77 -52.33 -4.54
N ALA N 309 -62.23 -51.53 -5.48
CA ALA N 309 -61.86 -51.99 -6.86
C ALA N 309 -60.81 -53.07 -6.88
N LEU N 310 -60.00 -53.14 -5.80
CA LEU N 310 -58.92 -54.11 -5.66
C LEU N 310 -59.40 -55.38 -4.94
N ILE N 311 -60.15 -55.22 -3.84
CA ILE N 311 -60.70 -56.36 -3.07
C ILE N 311 -61.73 -57.19 -3.89
N GLU N 312 -62.65 -56.48 -4.59
CA GLU N 312 -63.65 -57.10 -5.49
C GLU N 312 -62.98 -57.93 -6.61
N THR N 313 -62.02 -57.31 -7.32
CA THR N 313 -61.30 -57.98 -8.44
C THR N 313 -60.37 -59.11 -7.99
N LYS N 314 -60.01 -59.13 -6.70
CA LYS N 314 -59.27 -60.21 -6.11
C LYS N 314 -60.19 -61.46 -5.95
N GLN N 315 -61.44 -61.22 -5.51
CA GLN N 315 -62.45 -62.31 -5.31
C GLN N 315 -62.86 -63.02 -6.62
N ARG N 316 -62.97 -62.24 -7.70
CA ARG N 316 -63.36 -62.75 -9.04
C ARG N 316 -62.28 -63.63 -9.67
N LEU N 317 -61.02 -63.26 -9.42
CA LEU N 317 -59.87 -64.03 -9.89
C LEU N 317 -59.70 -65.29 -9.00
N GLU N 318 -60.16 -65.21 -7.75
CA GLU N 318 -60.36 -66.40 -6.89
C GLU N 318 -61.60 -67.25 -7.32
N ALA N 319 -62.56 -66.61 -8.04
CA ALA N 319 -63.78 -67.29 -8.53
C ALA N 319 -63.62 -67.98 -9.92
N ALA N 320 -62.56 -67.62 -10.65
CA ALA N 320 -62.23 -68.22 -11.95
C ALA N 320 -61.08 -69.25 -11.88
N GLY N 321 -60.76 -69.72 -10.67
CA GLY N 321 -59.75 -70.74 -10.48
C GLY N 321 -58.37 -70.25 -10.02
N HIS N 322 -57.95 -69.04 -10.48
CA HIS N 322 -56.60 -68.47 -10.16
C HIS N 322 -56.38 -68.29 -8.65
N THR N 323 -55.12 -68.31 -8.24
CA THR N 323 -54.74 -68.33 -6.83
C THR N 323 -54.02 -67.02 -6.39
N LEU N 324 -54.52 -66.43 -5.28
CA LEU N 324 -54.23 -65.03 -4.95
C LEU N 324 -53.37 -64.90 -3.70
N ILE N 325 -52.13 -64.44 -3.90
CA ILE N 325 -51.10 -64.46 -2.85
C ILE N 325 -50.77 -63.02 -2.37
N PRO N 326 -50.78 -62.79 -1.03
CA PRO N 326 -50.26 -61.53 -0.45
C PRO N 326 -48.75 -61.28 -0.80
N PHE N 327 -48.51 -60.32 -1.71
CA PHE N 327 -47.15 -59.92 -2.10
C PHE N 327 -46.98 -58.41 -2.18
N LEU N 328 -45.93 -57.92 -1.52
CA LEU N 328 -45.43 -56.59 -1.73
C LEU N 328 -43.96 -56.66 -2.12
N PRO N 329 -43.54 -55.83 -3.10
CA PRO N 329 -42.11 -55.50 -3.30
C PRO N 329 -41.45 -55.01 -2.00
N ASN N 330 -40.30 -55.59 -1.62
CA ASN N 330 -39.46 -55.06 -0.50
C ASN N 330 -38.98 -53.65 -0.77
N ASN N 331 -38.79 -52.87 0.32
CA ASN N 331 -38.20 -51.52 0.26
C ASN N 331 -38.80 -50.63 -0.85
N ILE N 332 -40.13 -50.51 -0.83
CA ILE N 332 -40.82 -49.42 -1.54
C ILE N 332 -40.25 -48.04 -1.14
N PRO N 333 -40.26 -47.63 0.19
CA PRO N 333 -39.94 -46.22 0.55
C PRO N 333 -38.57 -45.78 0.03
N TYR N 334 -37.57 -46.67 0.19
CA TYR N 334 -36.23 -46.62 -0.45
C TYR N 334 -36.29 -46.35 -1.92
N ALA N 335 -37.05 -47.17 -2.63
CA ALA N 335 -37.08 -47.15 -4.07
C ALA N 335 -37.74 -45.90 -4.64
N LEU N 336 -38.71 -45.35 -3.90
CA LEU N 336 -39.41 -44.11 -4.32
C LEU N 336 -38.58 -42.87 -4.05
N GLU N 337 -38.17 -42.73 -2.79
CA GLU N 337 -37.48 -41.54 -2.33
C GLU N 337 -36.03 -41.44 -2.83
N VAL N 338 -35.22 -42.49 -2.63
CA VAL N 338 -33.83 -42.46 -3.17
C VAL N 338 -33.65 -42.92 -4.65
N LEU N 339 -34.24 -44.06 -5.04
CA LEU N 339 -34.04 -44.57 -6.38
C LEU N 339 -34.83 -43.80 -7.43
N SER N 340 -36.17 -43.79 -7.30
CA SER N 340 -37.05 -43.17 -8.30
C SER N 340 -36.85 -41.68 -8.40
N ALA N 341 -37.03 -40.97 -7.28
CA ALA N 341 -36.83 -39.50 -7.22
C ALA N 341 -35.40 -39.05 -7.44
N GLY N 342 -34.44 -39.78 -6.88
CA GLY N 342 -33.03 -39.49 -7.09
C GLY N 342 -32.55 -39.82 -8.49
N GLY N 343 -33.13 -40.88 -9.08
CA GLY N 343 -32.99 -41.17 -10.51
C GLY N 343 -33.45 -40.02 -11.34
N LEU N 344 -34.64 -39.48 -11.01
CA LEU N 344 -35.29 -38.43 -11.80
C LEU N 344 -34.64 -37.05 -11.65
N PHE N 345 -34.04 -36.78 -10.48
CA PHE N 345 -33.50 -35.42 -10.18
C PHE N 345 -32.01 -35.40 -9.75
N SER N 346 -31.18 -36.21 -10.40
CA SER N 346 -29.78 -36.35 -9.99
C SER N 346 -28.98 -35.11 -10.28
N ASP N 347 -29.29 -34.43 -11.37
CA ASP N 347 -28.56 -33.23 -11.77
C ASP N 347 -29.01 -31.95 -11.03
N GLY N 348 -30.00 -32.12 -10.14
CA GLY N 348 -30.51 -31.04 -9.32
C GLY N 348 -31.55 -30.18 -10.03
N GLY N 349 -31.95 -30.65 -11.20
CA GLY N 349 -33.02 -30.07 -11.94
C GLY N 349 -32.55 -29.11 -12.94
N ARG N 350 -31.20 -28.99 -13.09
CA ARG N 350 -30.56 -27.95 -13.95
C ARG N 350 -30.99 -28.08 -15.39
N SER N 351 -30.76 -29.27 -15.98
CA SER N 351 -31.18 -29.58 -17.38
C SER N 351 -32.68 -29.34 -17.64
N PHE N 352 -33.51 -29.83 -16.72
CA PHE N 352 -34.95 -29.62 -16.71
C PHE N 352 -35.35 -28.11 -16.65
N LEU N 353 -34.59 -27.30 -15.90
CA LEU N 353 -34.85 -25.86 -15.74
C LEU N 353 -34.33 -25.00 -16.89
N GLN N 354 -33.60 -25.62 -17.82
CA GLN N 354 -33.19 -24.94 -19.04
C GLN N 354 -34.32 -24.75 -20.01
N ASN N 355 -35.33 -25.60 -19.90
CA ASN N 355 -36.55 -25.49 -20.72
C ASN N 355 -37.50 -24.37 -20.32
N PHE N 356 -37.25 -23.73 -19.18
CA PHE N 356 -38.18 -22.77 -18.59
C PHE N 356 -37.65 -21.32 -18.56
N LYS N 357 -36.57 -21.04 -19.31
CA LYS N 357 -35.88 -19.75 -19.24
C LYS N 357 -36.66 -18.69 -20.03
N GLY N 358 -37.25 -17.74 -19.30
CA GLY N 358 -38.06 -16.69 -19.89
C GLY N 358 -39.45 -17.14 -20.30
N ASP N 359 -39.89 -18.26 -19.74
CA ASP N 359 -41.19 -18.80 -19.99
C ASP N 359 -42.10 -18.46 -18.83
N PHE N 360 -43.40 -18.63 -19.04
CA PHE N 360 -44.34 -18.74 -17.96
C PHE N 360 -44.29 -20.11 -17.37
N VAL N 361 -44.79 -20.21 -16.15
CA VAL N 361 -44.79 -21.46 -15.43
C VAL N 361 -46.24 -21.83 -15.07
N ASP N 362 -46.66 -23.01 -15.54
CA ASP N 362 -48.07 -23.38 -15.52
C ASP N 362 -48.49 -23.78 -14.14
N PRO N 363 -49.56 -23.13 -13.62
CA PRO N 363 -50.13 -23.43 -12.27
C PRO N 363 -50.40 -24.92 -11.94
N CYS N 364 -50.63 -25.76 -12.98
CA CYS N 364 -50.70 -27.25 -12.84
C CYS N 364 -49.36 -27.93 -12.46
N LEU N 365 -48.23 -27.26 -12.75
CA LEU N 365 -46.91 -27.65 -12.19
C LEU N 365 -46.73 -27.26 -10.71
N GLY N 366 -47.51 -26.25 -10.26
CA GLY N 366 -47.52 -25.83 -8.86
C GLY N 366 -46.24 -25.10 -8.49
N ASP N 367 -45.67 -25.49 -7.36
CA ASP N 367 -44.45 -24.86 -6.86
C ASP N 367 -43.11 -25.55 -7.27
N LEU N 368 -43.20 -26.53 -8.18
CA LEU N 368 -42.08 -27.39 -8.62
C LEU N 368 -40.90 -26.61 -9.16
N ILE N 369 -41.19 -25.65 -10.02
CA ILE N 369 -40.18 -24.83 -10.69
C ILE N 369 -39.58 -23.78 -9.71
N LEU N 370 -40.41 -23.29 -8.76
CA LEU N 370 -39.97 -22.44 -7.62
C LEU N 370 -38.94 -23.13 -6.67
N ILE N 371 -39.16 -24.43 -6.38
CA ILE N 371 -38.30 -25.23 -5.43
C ILE N 371 -36.97 -25.67 -6.05
N LEU N 372 -37.05 -26.23 -7.26
CA LEU N 372 -35.86 -26.62 -8.06
C LEU N 372 -34.91 -25.44 -8.33
N ARG N 373 -35.48 -24.22 -8.37
CA ARG N 373 -34.69 -22.98 -8.54
C ARG N 373 -33.92 -22.54 -7.28
N LEU N 374 -34.41 -22.95 -6.09
CA LEU N 374 -33.77 -22.62 -4.79
C LEU N 374 -32.36 -23.16 -4.69
N PRO N 375 -31.37 -22.30 -4.30
CA PRO N 375 -29.94 -22.68 -4.31
C PRO N 375 -29.64 -23.80 -3.31
N SER N 376 -28.58 -24.58 -3.59
CA SER N 376 -28.42 -25.93 -3.04
C SER N 376 -28.48 -25.97 -1.53
N TRP N 377 -27.65 -25.14 -0.88
CA TRP N 377 -27.51 -25.03 0.61
C TRP N 377 -28.87 -24.90 1.38
N PHE N 378 -29.84 -24.23 0.75
CA PHE N 378 -31.13 -23.96 1.33
C PHE N 378 -31.99 -25.22 1.34
N LYS N 379 -32.19 -25.81 0.13
CA LYS N 379 -32.70 -27.17 -0.07
C LYS N 379 -32.16 -28.17 0.99
N ARG N 380 -30.81 -28.21 1.16
CA ARG N 380 -30.15 -29.08 2.18
C ARG N 380 -30.59 -28.75 3.61
N LEU N 381 -30.68 -27.44 3.94
CA LEU N 381 -31.06 -26.98 5.30
C LEU N 381 -32.51 -27.33 5.66
N LEU N 382 -33.44 -27.00 4.74
CA LEU N 382 -34.86 -27.41 4.83
C LEU N 382 -35.02 -28.91 5.04
N SER N 383 -34.24 -29.71 4.27
CA SER N 383 -34.30 -31.19 4.30
C SER N 383 -34.12 -31.76 5.71
N LEU N 384 -32.99 -31.46 6.36
CA LEU N 384 -32.81 -31.95 7.72
C LEU N 384 -33.54 -31.15 8.85
N LEU N 385 -34.12 -29.98 8.48
CA LEU N 385 -35.07 -29.27 9.36
C LEU N 385 -36.46 -29.90 9.36
N LEU N 386 -36.91 -30.30 8.17
CA LEU N 386 -38.23 -30.90 7.99
C LEU N 386 -38.31 -32.33 8.47
N LYS N 387 -37.16 -33.04 8.50
CA LYS N 387 -37.09 -34.51 8.76
C LYS N 387 -37.86 -35.09 9.96
N PRO N 388 -37.79 -34.46 11.19
CA PRO N 388 -38.58 -34.97 12.33
C PRO N 388 -40.12 -34.83 12.20
N LEU N 389 -40.60 -33.78 11.52
CA LEU N 389 -42.04 -33.57 11.38
C LEU N 389 -42.59 -34.07 10.03
N PHE N 390 -41.94 -33.68 8.92
CA PHE N 390 -42.43 -33.96 7.57
C PHE N 390 -41.43 -34.74 6.67
N PRO N 391 -41.26 -36.06 6.94
CA PRO N 391 -40.12 -36.83 6.40
C PRO N 391 -40.20 -37.17 4.89
N ARG N 392 -41.41 -37.29 4.33
CA ARG N 392 -41.62 -37.48 2.87
C ARG N 392 -41.14 -36.25 2.14
N LEU N 393 -41.53 -35.10 2.68
CA LEU N 393 -41.22 -33.81 2.12
C LEU N 393 -39.72 -33.51 2.25
N ALA N 394 -39.13 -34.02 3.33
CA ALA N 394 -37.68 -34.03 3.53
C ALA N 394 -36.88 -34.82 2.45
N ALA N 395 -37.30 -36.07 2.17
CA ALA N 395 -36.62 -36.93 1.16
C ALA N 395 -36.82 -36.45 -0.28
N PHE N 396 -37.96 -35.77 -0.50
CA PHE N 396 -38.27 -35.06 -1.73
C PHE N 396 -37.26 -33.94 -2.06
N LEU N 397 -36.84 -33.19 -1.02
CA LEU N 397 -35.87 -32.07 -1.17
C LEU N 397 -34.42 -32.56 -1.18
N ASN N 398 -34.17 -33.69 -0.52
CA ASN N 398 -32.86 -34.32 -0.56
C ASN N 398 -32.55 -35.03 -1.90
N SER N 399 -33.59 -35.25 -2.72
CA SER N 399 -33.42 -35.92 -4.01
C SER N 399 -33.09 -34.96 -5.15
N MET N 400 -33.59 -33.73 -5.06
CA MET N 400 -33.22 -32.66 -6.03
C MET N 400 -31.88 -32.00 -5.72
N ARG N 401 -31.11 -32.57 -4.81
CA ARG N 401 -29.74 -32.16 -4.56
C ARG N 401 -28.85 -32.68 -5.72
N PRO N 402 -28.00 -31.81 -6.26
CA PRO N 402 -27.09 -32.16 -7.37
C PRO N 402 -26.06 -33.21 -6.96
N ARG N 403 -25.69 -34.09 -7.89
CA ARG N 403 -24.94 -35.34 -7.58
C ARG N 403 -23.78 -35.50 -8.54
N SER N 404 -22.78 -36.30 -8.16
CA SER N 404 -21.62 -36.55 -9.06
C SER N 404 -21.81 -37.74 -10.01
N ALA N 405 -20.92 -37.87 -10.98
CA ALA N 405 -20.84 -39.05 -11.85
C ALA N 405 -20.57 -40.32 -11.01
N GLU N 406 -19.66 -40.19 -10.04
CA GLU N 406 -19.47 -41.17 -8.99
C GLU N 406 -20.77 -41.50 -8.27
N LYS N 407 -21.48 -40.47 -7.82
CA LYS N 407 -22.71 -40.61 -7.02
C LYS N 407 -23.90 -41.13 -7.85
N LEU N 408 -23.91 -40.83 -9.16
CA LEU N 408 -24.87 -41.42 -10.13
C LEU N 408 -24.60 -42.89 -10.36
N TRP N 409 -23.35 -43.24 -10.71
CA TRP N 409 -22.94 -44.66 -10.90
C TRP N 409 -23.35 -45.55 -9.72
N LYS N 410 -23.12 -45.07 -8.48
CA LYS N 410 -23.63 -45.77 -7.27
C LYS N 410 -25.16 -45.98 -7.31
N LEU N 411 -25.91 -44.96 -7.75
CA LEU N 411 -27.40 -45.00 -7.76
C LEU N 411 -27.90 -45.92 -8.81
N GLN N 412 -27.20 -45.93 -9.94
CA GLN N 412 -27.52 -46.81 -11.05
C GLN N 412 -27.31 -48.26 -10.71
N HIS N 413 -26.25 -48.53 -9.93
CA HIS N 413 -25.99 -49.84 -9.39
C HIS N 413 -27.14 -50.19 -8.48
N GLU N 414 -27.41 -49.29 -7.53
CA GLU N 414 -28.45 -49.46 -6.51
C GLU N 414 -29.85 -49.76 -7.12
N ILE N 415 -30.08 -49.26 -8.35
CA ILE N 415 -31.33 -49.53 -9.10
C ILE N 415 -31.33 -50.93 -9.78
N GLU N 416 -30.26 -51.25 -10.55
CA GLU N 416 -30.14 -52.56 -11.20
C GLU N 416 -30.03 -53.73 -10.21
N MET N 417 -29.45 -53.45 -9.04
CA MET N 417 -29.38 -54.34 -7.89
C MET N 417 -30.73 -54.50 -7.19
N TYR N 418 -31.58 -53.47 -7.28
CA TYR N 418 -32.85 -53.47 -6.56
C TYR N 418 -33.84 -54.38 -7.25
N ARG N 419 -34.04 -54.12 -8.57
CA ARG N 419 -34.59 -55.06 -9.58
C ARG N 419 -34.39 -56.53 -9.21
N GLN N 420 -33.11 -56.95 -9.11
CA GLN N 420 -32.73 -58.33 -8.95
C GLN N 420 -33.19 -58.94 -7.65
N SER N 421 -33.27 -58.08 -6.61
CA SER N 421 -33.86 -58.44 -5.31
C SER N 421 -35.39 -58.69 -5.40
N VAL N 422 -36.09 -57.83 -6.13
CA VAL N 422 -37.54 -57.94 -6.27
C VAL N 422 -37.91 -58.96 -7.36
N ILE N 423 -36.99 -59.17 -8.31
CA ILE N 423 -37.07 -60.32 -9.25
C ILE N 423 -36.98 -61.67 -8.51
N ALA N 424 -36.19 -61.72 -7.42
CA ALA N 424 -35.98 -62.95 -6.65
C ALA N 424 -37.20 -63.24 -5.82
N GLN N 425 -37.62 -62.24 -5.03
CA GLN N 425 -38.88 -62.21 -4.25
C GLN N 425 -40.08 -62.81 -5.01
N TRP N 426 -40.29 -62.28 -6.21
CA TRP N 426 -41.26 -62.73 -7.22
C TRP N 426 -41.17 -64.24 -7.56
N LYS N 427 -39.96 -64.76 -7.67
CA LYS N 427 -39.74 -66.15 -8.07
C LYS N 427 -39.78 -67.10 -6.87
N ALA N 428 -39.38 -66.60 -5.70
CA ALA N 428 -39.55 -67.29 -4.42
C ALA N 428 -41.01 -67.64 -4.18
N MET N 429 -41.90 -66.65 -4.36
CA MET N 429 -43.34 -66.85 -4.27
C MET N 429 -43.92 -67.45 -5.55
N ASN N 430 -43.11 -67.45 -6.61
CA ASN N 430 -43.45 -68.05 -7.94
C ASN N 430 -44.73 -67.47 -8.54
N LEU N 431 -44.79 -66.14 -8.59
CA LEU N 431 -45.88 -65.42 -9.22
C LEU N 431 -45.68 -65.43 -10.73
N ASP N 432 -46.79 -65.33 -11.48
CA ASP N 432 -46.75 -65.23 -12.96
C ASP N 432 -46.78 -63.77 -13.36
N VAL N 433 -47.32 -62.95 -12.44
CA VAL N 433 -48.04 -61.75 -12.78
C VAL N 433 -48.51 -61.14 -11.44
N LEU N 434 -48.77 -59.82 -11.43
CA LEU N 434 -49.06 -59.03 -10.20
C LEU N 434 -50.32 -58.15 -10.37
N LEU N 435 -51.02 -57.92 -9.26
CA LEU N 435 -52.22 -57.10 -9.27
C LEU N 435 -52.17 -56.04 -8.17
N THR N 436 -52.49 -54.81 -8.56
CA THR N 436 -52.09 -53.59 -7.85
C THR N 436 -53.28 -52.54 -7.89
N PRO N 437 -53.52 -51.78 -6.78
CA PRO N 437 -54.45 -50.62 -6.84
C PRO N 437 -53.87 -49.47 -7.69
N MET N 438 -54.68 -48.94 -8.59
CA MET N 438 -54.29 -47.75 -9.33
C MET N 438 -54.91 -46.44 -8.67
N LEU N 439 -54.17 -45.31 -8.70
CA LEU N 439 -54.60 -43.98 -8.09
C LEU N 439 -56.05 -43.51 -8.37
N GLY N 440 -56.82 -43.32 -7.28
CA GLY N 440 -58.26 -43.64 -7.20
C GLY N 440 -59.24 -43.05 -8.18
N PRO N 441 -60.21 -42.25 -7.66
CA PRO N 441 -61.04 -41.40 -8.53
C PRO N 441 -60.19 -40.25 -9.09
N ALA N 442 -60.64 -39.64 -10.19
CA ALA N 442 -59.90 -38.52 -10.80
C ALA N 442 -59.70 -37.39 -9.82
N LEU N 443 -58.53 -36.77 -9.89
CA LEU N 443 -58.18 -35.64 -9.02
C LEU N 443 -58.86 -34.39 -9.59
N ASP N 444 -58.93 -33.30 -8.78
CA ASP N 444 -59.59 -32.02 -9.18
C ASP N 444 -58.82 -31.32 -10.34
N LEU N 445 -58.44 -30.05 -10.23
CA LEU N 445 -58.03 -29.39 -11.47
C LEU N 445 -56.66 -28.78 -11.55
N ASN N 446 -56.11 -28.41 -10.41
CA ASN N 446 -54.69 -28.03 -10.32
C ASN N 446 -54.07 -28.73 -9.09
N THR N 447 -54.61 -29.91 -8.83
CA THR N 447 -54.31 -30.70 -7.67
C THR N 447 -53.15 -31.74 -7.82
N PRO N 448 -52.95 -32.38 -9.03
CA PRO N 448 -51.73 -33.21 -9.24
C PRO N 448 -50.38 -32.49 -9.07
N GLY N 449 -50.36 -31.16 -9.19
CA GLY N 449 -49.22 -30.33 -8.80
C GLY N 449 -48.82 -30.53 -7.35
N ARG N 450 -49.82 -30.50 -6.46
CA ARG N 450 -49.59 -30.56 -4.99
C ARG N 450 -49.90 -31.93 -4.40
N ALA N 451 -49.82 -32.97 -5.25
CA ALA N 451 -50.06 -34.36 -4.79
C ALA N 451 -48.82 -35.28 -4.93
N THR N 452 -47.71 -34.71 -5.45
CA THR N 452 -46.47 -35.43 -5.95
C THR N 452 -46.18 -36.87 -5.44
N GLY N 453 -46.36 -37.10 -4.11
CA GLY N 453 -46.23 -38.43 -3.52
C GLY N 453 -47.17 -39.53 -4.05
N ALA N 454 -48.25 -39.10 -4.71
CA ALA N 454 -49.36 -39.98 -5.07
C ALA N 454 -49.06 -40.80 -6.32
N ILE N 455 -47.92 -40.51 -6.97
CA ILE N 455 -47.42 -41.25 -8.13
C ILE N 455 -46.72 -42.56 -7.74
N SER N 456 -46.64 -42.84 -6.44
CA SER N 456 -45.96 -44.03 -5.87
C SER N 456 -46.27 -45.36 -6.58
N TYR N 457 -47.49 -45.89 -6.37
CA TYR N 457 -48.13 -47.00 -7.18
C TYR N 457 -47.72 -47.21 -8.66
N THR N 458 -47.53 -46.12 -9.43
CA THR N 458 -47.06 -46.22 -10.86
C THR N 458 -45.56 -46.15 -11.03
N VAL N 459 -44.91 -45.21 -10.31
CA VAL N 459 -43.53 -44.86 -10.57
C VAL N 459 -42.52 -46.00 -10.20
N LEU N 460 -42.92 -46.84 -9.22
CA LEU N 460 -42.18 -48.04 -8.83
C LEU N 460 -41.84 -48.99 -10.00
N TYR N 461 -42.69 -48.98 -11.04
CA TYR N 461 -42.59 -49.95 -12.13
C TYR N 461 -41.96 -49.34 -13.38
N ASN N 462 -41.80 -48.01 -13.35
CA ASN N 462 -40.76 -47.31 -14.14
C ASN N 462 -39.37 -47.52 -13.57
N CYS N 463 -39.30 -47.58 -12.24
CA CYS N 463 -38.05 -47.73 -11.49
C CYS N 463 -37.47 -49.14 -11.68
N LEU N 464 -38.29 -50.15 -11.37
CA LEU N 464 -38.00 -51.58 -11.68
C LEU N 464 -37.94 -51.94 -13.21
N ASP N 465 -38.46 -51.08 -14.09
CA ASP N 465 -38.71 -51.40 -15.53
C ASP N 465 -39.38 -52.77 -15.78
N PHE N 466 -40.62 -52.85 -15.32
CA PHE N 466 -41.50 -54.00 -15.50
C PHE N 466 -42.67 -53.48 -16.37
N PRO N 467 -43.22 -54.31 -17.30
CA PRO N 467 -44.55 -54.13 -17.89
C PRO N 467 -45.63 -53.90 -16.84
N ALA N 468 -46.27 -52.73 -16.87
CA ALA N 468 -47.44 -52.48 -16.05
C ALA N 468 -48.56 -51.91 -16.92
N GLY N 469 -49.80 -52.29 -16.58
CA GLY N 469 -50.96 -52.05 -17.41
C GLY N 469 -52.24 -51.79 -16.63
N VAL N 470 -53.16 -51.06 -17.26
CA VAL N 470 -54.30 -50.50 -16.55
C VAL N 470 -55.63 -50.82 -17.23
N VAL N 471 -56.59 -51.28 -16.43
CA VAL N 471 -57.89 -51.74 -16.92
C VAL N 471 -59.02 -51.22 -15.98
N PRO N 472 -60.10 -50.59 -16.54
CA PRO N 472 -61.20 -50.03 -15.71
C PRO N 472 -62.16 -51.10 -15.20
N VAL N 473 -62.45 -51.07 -13.89
CA VAL N 473 -63.03 -52.22 -13.18
C VAL N 473 -64.38 -51.92 -12.41
N THR N 474 -64.52 -50.69 -11.90
CA THR N 474 -65.79 -50.21 -11.30
C THR N 474 -65.94 -48.69 -11.50
N THR N 475 -67.06 -48.12 -11.03
CA THR N 475 -67.15 -46.66 -10.80
C THR N 475 -67.42 -46.34 -9.30
N VAL N 476 -67.05 -45.12 -8.88
CA VAL N 476 -67.28 -44.61 -7.49
C VAL N 476 -68.78 -44.60 -7.17
N THR N 477 -69.17 -45.41 -6.16
CA THR N 477 -70.52 -45.33 -5.56
C THR N 477 -70.61 -44.15 -4.55
N ALA N 478 -71.84 -43.75 -4.20
CA ALA N 478 -72.07 -42.59 -3.29
C ALA N 478 -71.42 -42.74 -1.90
N GLU N 479 -71.43 -43.97 -1.35
CA GLU N 479 -70.67 -44.33 -0.13
C GLU N 479 -69.11 -44.21 -0.27
N ASP N 480 -68.56 -44.49 -1.48
CA ASP N 480 -67.08 -44.28 -1.77
C ASP N 480 -66.68 -42.78 -1.74
N ASP N 481 -67.67 -41.91 -1.96
CA ASP N 481 -67.51 -40.47 -1.85
C ASP N 481 -67.71 -39.96 -0.42
N ALA N 482 -68.38 -40.78 0.43
CA ALA N 482 -68.70 -40.40 1.82
C ALA N 482 -67.64 -40.88 2.83
N GLN N 483 -67.03 -42.06 2.54
CA GLN N 483 -65.88 -42.58 3.32
C GLN N 483 -64.56 -41.82 2.98
N MET N 484 -64.58 -41.08 1.86
CA MET N 484 -63.54 -40.11 1.48
C MET N 484 -63.22 -39.02 2.53
N GLU N 485 -64.23 -38.59 3.30
CA GLU N 485 -64.03 -37.66 4.42
C GLU N 485 -63.78 -38.38 5.80
N LEU N 486 -63.41 -39.67 5.75
CA LEU N 486 -62.78 -40.38 6.88
C LEU N 486 -61.29 -40.72 6.59
N TYR N 487 -60.80 -40.23 5.43
CA TYR N 487 -59.39 -40.38 4.99
C TYR N 487 -58.45 -39.62 5.94
N LYS N 488 -57.27 -40.21 6.12
CA LYS N 488 -56.20 -39.65 6.93
C LYS N 488 -55.02 -40.49 6.54
N GLY N 489 -54.12 -39.91 5.72
CA GLY N 489 -52.97 -40.63 5.18
C GLY N 489 -52.03 -41.24 6.22
N TYR N 490 -51.09 -42.07 5.76
CA TYR N 490 -50.05 -42.60 6.66
C TYR N 490 -49.03 -41.51 7.12
N PHE N 491 -49.06 -40.36 6.43
CA PHE N 491 -48.09 -39.31 6.68
C PHE N 491 -48.70 -38.02 7.20
N GLY N 492 -49.86 -37.63 6.64
CA GLY N 492 -50.64 -36.48 7.13
C GLY N 492 -49.99 -35.12 6.88
N ASP N 493 -48.95 -35.12 6.04
CA ASP N 493 -48.32 -33.91 5.49
C ASP N 493 -49.17 -33.37 4.35
N ILE N 494 -48.73 -32.23 3.79
CA ILE N 494 -49.53 -31.42 2.86
C ILE N 494 -49.97 -32.15 1.55
N TRP N 495 -49.30 -33.27 1.25
CA TRP N 495 -49.72 -34.15 0.16
C TRP N 495 -50.97 -34.96 0.45
N ASP N 496 -51.09 -35.48 1.66
CA ASP N 496 -52.32 -36.17 2.10
C ASP N 496 -53.49 -35.23 2.36
N ILE N 497 -53.18 -33.98 2.79
CA ILE N 497 -54.17 -32.86 2.90
C ILE N 497 -54.87 -32.57 1.55
N ILE N 498 -54.08 -32.40 0.49
CA ILE N 498 -54.60 -32.09 -0.87
C ILE N 498 -55.42 -33.24 -1.40
N LEU N 499 -54.87 -34.46 -1.26
CA LEU N 499 -55.39 -35.69 -1.89
C LEU N 499 -56.77 -36.11 -1.36
N LYS N 500 -57.04 -35.78 -0.07
CA LYS N 500 -58.38 -35.89 0.55
C LYS N 500 -59.46 -35.05 -0.16
N LYS N 501 -59.20 -33.74 -0.34
CA LYS N 501 -60.12 -32.82 -1.06
C LYS N 501 -60.17 -33.06 -2.57
N ALA N 502 -59.02 -33.47 -3.13
CA ALA N 502 -58.86 -33.66 -4.57
C ALA N 502 -59.70 -34.82 -5.10
N MET N 503 -59.88 -35.84 -4.26
CA MET N 503 -60.56 -37.10 -4.66
C MET N 503 -62.02 -37.19 -4.19
N LYS N 504 -62.49 -36.12 -3.53
CA LYS N 504 -63.92 -35.92 -3.27
C LYS N 504 -64.62 -35.36 -4.52
N ASN N 505 -65.98 -35.27 -4.46
CA ASN N 505 -66.83 -34.67 -5.52
C ASN N 505 -66.84 -35.44 -6.87
N SER N 506 -66.79 -36.78 -6.80
CA SER N 506 -66.51 -37.62 -8.00
C SER N 506 -67.33 -38.91 -8.13
N VAL N 507 -68.65 -38.82 -7.90
CA VAL N 507 -69.55 -39.99 -8.02
C VAL N 507 -69.89 -40.34 -9.49
N GLY N 508 -69.88 -41.64 -9.80
CA GLY N 508 -70.08 -42.13 -11.17
C GLY N 508 -68.82 -42.07 -12.05
N LEU N 509 -67.70 -41.61 -11.45
CA LEU N 509 -66.38 -41.56 -12.12
C LEU N 509 -65.63 -42.91 -11.94
N PRO N 510 -65.00 -43.41 -13.01
CA PRO N 510 -64.37 -44.74 -13.02
C PRO N 510 -63.20 -44.93 -12.04
N VAL N 511 -63.05 -46.17 -11.56
CA VAL N 511 -61.93 -46.60 -10.69
C VAL N 511 -61.25 -47.80 -11.34
N ALA N 512 -59.92 -47.87 -11.21
CA ALA N 512 -59.12 -48.80 -12.00
C ALA N 512 -58.37 -49.78 -11.13
N VAL N 513 -57.54 -50.57 -11.80
CA VAL N 513 -56.65 -51.51 -11.17
C VAL N 513 -55.39 -51.59 -12.06
N GLN N 514 -54.25 -51.88 -11.46
CA GLN N 514 -53.03 -52.07 -12.22
C GLN N 514 -52.56 -53.56 -12.21
N CYS N 515 -52.09 -54.02 -13.37
CA CYS N 515 -51.62 -55.39 -13.60
C CYS N 515 -50.16 -55.33 -14.04
N VAL N 516 -49.28 -55.95 -13.26
CA VAL N 516 -47.83 -55.93 -13.53
C VAL N 516 -47.26 -57.37 -13.93
N ALA N 517 -46.27 -57.40 -14.85
CA ALA N 517 -45.50 -58.61 -15.20
C ALA N 517 -43.94 -58.37 -15.26
N LEU N 518 -43.19 -59.48 -15.38
CA LEU N 518 -41.70 -59.49 -15.50
C LEU N 518 -41.22 -58.77 -16.77
N PRO N 519 -39.96 -58.22 -16.80
CA PRO N 519 -39.48 -57.49 -17.97
C PRO N 519 -39.58 -58.35 -19.21
N TRP N 520 -40.02 -57.75 -20.31
CA TRP N 520 -40.26 -58.45 -21.60
C TRP N 520 -41.49 -59.43 -21.61
N GLN N 521 -42.28 -59.45 -20.52
CA GLN N 521 -43.52 -60.28 -20.45
C GLN N 521 -44.81 -59.46 -20.69
N GLU N 522 -44.85 -58.75 -21.84
CA GLU N 522 -46.00 -57.89 -22.25
C GLU N 522 -47.27 -58.65 -22.57
N GLU N 523 -47.10 -59.79 -23.21
CA GLU N 523 -48.19 -60.58 -23.77
C GLU N 523 -48.89 -61.36 -22.67
N LEU N 524 -48.11 -61.74 -21.64
CA LEU N 524 -48.67 -62.29 -20.39
C LEU N 524 -49.43 -61.20 -19.63
N CYS N 525 -48.84 -59.98 -19.60
CA CYS N 525 -49.43 -58.78 -18.93
C CYS N 525 -50.81 -58.50 -19.51
N LEU N 526 -50.92 -58.46 -20.85
CA LEU N 526 -52.20 -58.20 -21.55
C LEU N 526 -53.22 -59.30 -21.33
N ARG N 527 -52.74 -60.55 -21.41
CA ARG N 527 -53.52 -61.77 -21.13
C ARG N 527 -54.16 -61.67 -19.77
N PHE N 528 -53.37 -61.28 -18.76
CA PHE N 528 -53.90 -60.97 -17.45
C PHE N 528 -54.96 -59.86 -17.50
N MET N 529 -54.64 -58.72 -18.14
CA MET N 529 -55.56 -57.58 -18.28
C MET N 529 -56.88 -57.94 -19.02
N ARG N 530 -56.81 -58.94 -19.94
CA ARG N 530 -57.97 -59.54 -20.61
C ARG N 530 -58.90 -60.21 -19.63
N GLU N 531 -58.33 -61.06 -18.78
CA GLU N 531 -59.05 -61.75 -17.72
C GLU N 531 -59.79 -60.76 -16.82
N VAL N 532 -59.04 -59.77 -16.30
CA VAL N 532 -59.57 -58.72 -15.39
C VAL N 532 -60.72 -57.90 -16.02
N GLU N 533 -60.56 -57.55 -17.31
CA GLU N 533 -61.63 -56.92 -18.13
C GLU N 533 -62.86 -57.83 -18.30
N GLN N 534 -62.62 -59.13 -18.58
CA GLN N 534 -63.70 -60.10 -18.88
C GLN N 534 -64.58 -60.46 -17.66
N LEU N 535 -63.97 -60.49 -16.47
CA LEU N 535 -64.70 -60.79 -15.23
C LEU N 535 -65.50 -59.57 -14.71
N MET N 536 -64.84 -58.39 -14.68
CA MET N 536 -65.44 -57.14 -14.13
C MET N 536 -66.40 -56.43 -15.09
N THR N 537 -66.14 -56.57 -16.40
CA THR N 537 -67.00 -55.97 -17.45
C THR N 537 -67.47 -57.06 -18.43
N ALA O 1 -35.00 -51.69 8.04
CA ALA O 1 -33.80 -52.49 8.46
C ALA O 1 -33.66 -52.57 9.99
N ARG O 2 -34.17 -51.54 10.68
CA ARG O 2 -34.10 -51.42 12.14
C ARG O 2 -35.33 -52.05 12.83
N GLY O 3 -36.25 -52.60 12.03
CA GLY O 3 -37.19 -53.65 12.46
C GLY O 3 -36.54 -54.95 13.01
N ALA O 4 -35.23 -55.13 12.80
CA ALA O 4 -34.41 -56.12 13.54
C ALA O 4 -34.14 -55.74 15.06
N ALA O 5 -34.80 -54.68 15.55
CA ALA O 5 -35.01 -54.46 17.00
C ALA O 5 -35.84 -55.56 17.63
N THR O 6 -36.90 -55.99 16.93
CA THR O 6 -37.78 -57.04 17.44
C THR O 6 -37.18 -58.45 17.39
N ARG O 7 -36.07 -58.61 16.62
CA ARG O 7 -35.12 -59.72 16.80
C ARG O 7 -34.44 -59.73 18.23
N ALA O 8 -34.23 -58.54 18.82
CA ALA O 8 -33.61 -58.40 20.15
C ALA O 8 -34.65 -58.39 21.27
N ARG O 9 -35.84 -57.88 20.96
CA ARG O 9 -37.01 -57.96 21.84
C ARG O 9 -37.40 -59.42 22.17
N GLN O 10 -37.36 -60.30 21.15
CA GLN O 10 -37.62 -61.75 21.34
C GLN O 10 -36.47 -62.48 22.00
N LYS O 11 -35.24 -61.99 21.77
CA LYS O 11 -34.03 -62.44 22.51
C LYS O 11 -34.13 -62.11 23.99
N GLN O 12 -34.70 -60.94 24.30
CA GLN O 12 -34.95 -60.49 25.66
C GLN O 12 -36.05 -61.27 26.36
N ARG O 13 -37.15 -61.54 25.63
CA ARG O 13 -38.22 -62.43 26.12
C ARG O 13 -37.74 -63.87 26.36
N ALA O 14 -36.94 -64.42 25.42
CA ALA O 14 -36.40 -65.80 25.48
C ALA O 14 -35.46 -66.03 26.66
N SER O 15 -34.55 -65.08 26.87
CA SER O 15 -33.61 -65.14 27.99
C SER O 15 -34.28 -64.92 29.37
N LEU O 16 -35.38 -64.16 29.40
CA LEU O 16 -36.15 -63.90 30.63
C LEU O 16 -36.92 -65.12 31.09
N GLU O 17 -37.37 -65.94 30.13
CA GLU O 17 -38.02 -67.22 30.43
C GLU O 17 -37.06 -68.25 31.00
N THR O 18 -35.80 -68.24 30.51
CA THR O 18 -34.74 -69.17 30.97
C THR O 18 -34.26 -68.88 32.40
N MET O 19 -34.40 -67.62 32.83
CA MET O 19 -34.16 -67.21 34.22
C MET O 19 -35.25 -67.76 35.14
N ASP O 20 -36.51 -67.65 34.67
CA ASP O 20 -37.70 -67.98 35.46
C ASP O 20 -37.86 -69.49 35.63
N LYS O 21 -37.52 -70.25 34.58
CA LYS O 21 -37.49 -71.71 34.62
C LYS O 21 -36.42 -72.26 35.57
N ALA O 22 -35.23 -71.67 35.55
CA ALA O 22 -34.09 -72.11 36.37
C ALA O 22 -34.24 -71.79 37.86
N VAL O 23 -34.90 -70.67 38.17
CA VAL O 23 -35.24 -70.36 39.56
C VAL O 23 -36.38 -71.21 40.10
N GLN O 24 -37.30 -71.59 39.21
CA GLN O 24 -38.38 -72.50 39.57
C GLN O 24 -37.92 -73.94 39.77
N ARG O 25 -36.95 -74.38 38.95
CA ARG O 25 -36.32 -75.71 39.08
C ARG O 25 -35.55 -75.87 40.40
N PHE O 26 -34.80 -74.82 40.77
CA PHE O 26 -34.08 -74.75 42.05
C PHE O 26 -35.04 -74.72 43.24
N ARG O 27 -36.01 -73.78 43.23
CA ARG O 27 -36.98 -73.60 44.34
C ARG O 27 -37.99 -74.77 44.51
N LEU O 28 -38.18 -75.56 43.43
CA LEU O 28 -38.72 -76.93 43.55
C LEU O 28 -37.83 -77.87 44.41
N GLN O 29 -36.53 -77.94 44.07
CA GLN O 29 -35.57 -78.85 44.75
C GLN O 29 -34.96 -78.29 46.08
N ASN O 30 -35.37 -77.07 46.46
CA ASN O 30 -34.84 -76.36 47.66
C ASN O 30 -35.88 -75.40 48.38
N PRO O 31 -37.08 -75.90 48.79
CA PRO O 31 -38.15 -74.97 49.23
C PRO O 31 -38.13 -74.65 50.77
N ASP O 32 -37.05 -75.07 51.47
CA ASP O 32 -36.83 -74.73 52.89
C ASP O 32 -35.94 -73.44 53.11
N LEU O 33 -35.27 -72.98 52.04
CA LEU O 33 -34.30 -71.86 52.10
C LEU O 33 -34.96 -70.48 52.26
N ASP O 34 -34.58 -69.77 53.35
CA ASP O 34 -35.00 -68.38 53.61
C ASP O 34 -34.47 -67.41 52.54
N SER O 35 -35.34 -67.08 51.59
CA SER O 35 -34.98 -66.25 50.44
C SER O 35 -34.85 -64.78 50.79
N GLU O 36 -35.75 -64.29 51.64
CA GLU O 36 -35.79 -62.88 51.99
C GLU O 36 -34.69 -62.45 52.99
N ALA O 37 -34.21 -63.40 53.81
CA ALA O 37 -33.10 -63.12 54.74
C ALA O 37 -31.73 -63.36 54.09
N LEU O 38 -31.72 -64.10 52.98
CA LEU O 38 -30.56 -64.16 52.07
C LEU O 38 -30.32 -62.79 51.41
N LEU O 39 -31.38 -62.19 50.87
CA LEU O 39 -31.28 -60.99 50.01
C LEU O 39 -30.92 -59.71 50.79
N THR O 40 -31.26 -59.69 52.08
CA THR O 40 -31.09 -58.49 52.92
C THR O 40 -29.72 -58.42 53.59
N LEU O 41 -28.95 -59.51 53.47
CA LEU O 41 -27.60 -59.61 54.03
C LEU O 41 -26.67 -58.67 53.29
N PRO O 42 -26.06 -57.70 54.01
CA PRO O 42 -25.05 -56.81 53.42
C PRO O 42 -23.91 -57.63 52.83
N LEU O 43 -23.30 -57.15 51.75
CA LEU O 43 -22.43 -57.96 50.90
C LEU O 43 -21.24 -58.66 51.64
N LEU O 44 -20.64 -57.91 52.58
CA LEU O 44 -19.50 -58.38 53.41
C LEU O 44 -19.84 -59.63 54.20
N GLN O 45 -21.06 -59.63 54.77
CA GLN O 45 -21.65 -60.79 55.45
C GLN O 45 -22.00 -61.95 54.47
N LEU O 46 -22.55 -61.60 53.29
CA LEU O 46 -22.88 -62.59 52.24
C LEU O 46 -21.64 -63.32 51.72
N VAL O 47 -20.53 -62.58 51.50
CA VAL O 47 -19.26 -63.18 51.05
C VAL O 47 -18.50 -63.96 52.17
N GLN O 48 -18.57 -63.49 53.43
CA GLN O 48 -17.98 -64.24 54.57
C GLN O 48 -18.72 -65.54 54.90
N LYS O 49 -20.04 -65.55 54.68
CA LYS O 49 -20.85 -66.76 54.76
C LYS O 49 -20.57 -67.68 53.60
N LEU O 50 -20.23 -67.08 52.45
CA LEU O 50 -19.87 -67.83 51.25
C LEU O 50 -18.51 -68.47 51.34
N GLN O 51 -17.54 -67.75 51.92
CA GLN O 51 -16.16 -68.21 52.07
C GLN O 51 -16.06 -69.33 53.10
N SER O 52 -16.74 -69.15 54.25
CA SER O 52 -16.81 -70.16 55.30
C SER O 52 -17.53 -71.45 54.86
N GLY O 53 -18.54 -71.28 53.99
CA GLY O 53 -19.24 -72.40 53.38
C GLY O 53 -20.62 -72.62 53.94
N GLU O 54 -21.08 -71.69 54.79
CA GLU O 54 -22.40 -71.71 55.43
C GLU O 54 -23.55 -71.71 54.40
N LEU O 55 -23.37 -70.95 53.30
CA LEU O 55 -24.25 -71.01 52.13
C LEU O 55 -23.50 -71.59 50.92
N SER O 56 -24.11 -72.56 50.25
CA SER O 56 -23.58 -73.14 49.01
C SER O 56 -23.83 -72.15 47.85
N PRO O 57 -22.86 -72.01 46.90
CA PRO O 57 -22.95 -71.00 45.80
C PRO O 57 -24.25 -71.02 44.95
N GLU O 58 -24.94 -72.15 44.93
CA GLU O 58 -26.20 -72.31 44.22
C GLU O 58 -27.29 -71.49 44.88
N ALA O 59 -27.31 -71.48 46.20
CA ALA O 59 -28.36 -70.79 46.97
C ALA O 59 -28.38 -69.28 46.78
N VAL O 60 -27.20 -68.65 46.92
CA VAL O 60 -27.03 -67.19 46.69
C VAL O 60 -27.34 -66.77 45.25
N PHE O 61 -26.81 -67.52 44.27
CA PHE O 61 -27.02 -67.24 42.84
C PHE O 61 -28.50 -67.22 42.48
N PHE O 62 -29.19 -68.34 42.75
CA PHE O 62 -30.56 -68.55 42.30
C PHE O 62 -31.61 -67.66 43.01
N THR O 63 -31.34 -67.28 44.25
CA THR O 63 -32.17 -66.29 44.99
C THR O 63 -32.02 -64.89 44.37
N TYR O 64 -30.78 -64.52 44.04
CA TYR O 64 -30.51 -63.26 43.40
C TYR O 64 -31.06 -63.20 42.01
N LEU O 65 -30.86 -64.29 41.23
CA LEU O 65 -31.42 -64.48 39.90
C LEU O 65 -32.94 -64.43 39.90
N GLY O 66 -33.54 -64.96 40.97
CA GLY O 66 -34.96 -64.83 41.25
C GLY O 66 -35.43 -63.41 41.46
N LYS O 67 -34.76 -62.69 42.38
CA LYS O 67 -35.12 -61.28 42.70
C LYS O 67 -34.88 -60.35 41.52
N ALA O 68 -33.79 -60.61 40.76
CA ALA O 68 -33.52 -59.98 39.47
C ALA O 68 -34.70 -60.07 38.51
N TRP O 69 -35.26 -61.27 38.36
CA TRP O 69 -36.42 -61.52 37.49
C TRP O 69 -37.68 -60.75 37.94
N GLU O 70 -37.89 -60.70 39.26
CA GLU O 70 -39.09 -60.07 39.88
C GLU O 70 -39.12 -58.55 39.76
N VAL O 71 -37.97 -57.90 40.00
CA VAL O 71 -37.88 -56.43 39.91
C VAL O 71 -37.87 -55.92 38.45
N ASN O 72 -37.25 -56.68 37.53
CA ASN O 72 -37.27 -56.45 36.06
C ASN O 72 -38.68 -56.36 35.45
N LYS O 73 -39.59 -57.19 35.95
CA LYS O 73 -40.99 -57.20 35.55
C LYS O 73 -41.80 -55.93 35.93
N GLY O 74 -41.14 -54.96 36.59
CA GLY O 74 -41.68 -53.62 36.81
C GLY O 74 -40.74 -52.47 36.50
N THR O 75 -39.52 -52.78 36.03
CA THR O 75 -38.54 -51.74 35.68
C THR O 75 -37.91 -51.92 34.32
N ASN O 76 -37.85 -53.18 33.85
CA ASN O 76 -37.24 -53.55 32.53
C ASN O 76 -35.68 -53.30 32.47
N CYS O 77 -34.99 -53.78 33.50
CA CYS O 77 -33.57 -53.48 33.67
C CYS O 77 -32.65 -54.55 33.09
N VAL O 78 -33.22 -55.68 32.72
CA VAL O 78 -32.46 -56.85 32.30
C VAL O 78 -32.60 -57.00 30.79
N THR O 79 -31.43 -57.01 30.13
CA THR O 79 -31.28 -57.07 28.69
C THR O 79 -31.08 -58.53 28.26
N SER O 80 -30.28 -59.26 29.03
CA SER O 80 -29.93 -60.63 28.69
C SER O 80 -29.55 -61.39 29.94
N TYR O 81 -29.62 -62.73 29.86
CA TYR O 81 -29.10 -63.61 30.89
C TYR O 81 -27.83 -64.25 30.38
N LEU O 82 -26.76 -64.15 31.17
CA LEU O 82 -25.41 -64.42 30.67
C LEU O 82 -25.06 -65.92 30.75
N THR O 83 -25.61 -66.68 29.79
CA THR O 83 -25.99 -68.14 29.94
C THR O 83 -24.96 -69.06 30.59
N ASP O 84 -23.68 -68.87 30.21
CA ASP O 84 -22.56 -69.69 30.74
C ASP O 84 -22.07 -69.31 32.16
N CYS O 85 -23.00 -68.84 33.00
CA CYS O 85 -23.02 -69.14 34.44
C CYS O 85 -23.56 -70.58 34.69
N GLU O 86 -23.54 -71.00 35.97
CA GLU O 86 -23.77 -72.42 36.44
C GLU O 86 -22.61 -73.42 36.19
N THR O 87 -21.83 -73.17 35.14
CA THR O 87 -20.44 -73.70 35.01
C THR O 87 -19.38 -72.61 35.35
N GLN O 88 -19.86 -71.37 35.56
CA GLN O 88 -19.07 -70.31 36.23
C GLN O 88 -19.27 -70.35 37.76
N LEU O 89 -20.41 -70.92 38.18
CA LEU O 89 -20.61 -71.33 39.57
C LEU O 89 -19.76 -72.54 39.94
N SER O 90 -19.75 -73.54 39.04
CA SER O 90 -19.00 -74.79 39.22
C SER O 90 -17.50 -74.57 39.30
N GLN O 91 -16.97 -73.80 38.33
CA GLN O 91 -15.53 -73.54 38.20
C GLN O 91 -15.18 -72.14 38.71
N ALA O 92 -15.57 -71.86 39.95
CA ALA O 92 -15.18 -70.64 40.64
C ALA O 92 -14.05 -70.94 41.66
N PRO O 93 -12.89 -70.25 41.52
CA PRO O 93 -11.70 -70.53 42.35
C PRO O 93 -11.89 -70.07 43.78
N ARG O 94 -11.66 -70.99 44.72
CA ARG O 94 -12.27 -70.96 46.05
C ARG O 94 -11.78 -69.83 46.96
N GLN O 95 -10.52 -69.38 46.72
CA GLN O 95 -9.87 -68.37 47.59
C GLN O 95 -10.02 -66.90 47.08
N GLY O 96 -10.72 -66.72 45.94
CA GLY O 96 -11.01 -65.40 45.39
C GLY O 96 -11.88 -64.54 46.29
N LEU O 97 -11.52 -63.25 46.39
CA LEU O 97 -12.17 -62.26 47.28
C LEU O 97 -13.69 -62.05 47.10
N LEU O 98 -14.25 -62.60 46.01
CA LEU O 98 -15.67 -62.47 45.66
C LEU O 98 -16.23 -63.83 45.27
N TYR O 99 -16.00 -64.85 46.11
CA TYR O 99 -16.20 -66.25 45.69
C TYR O 99 -17.59 -66.62 45.13
N GLY O 100 -18.65 -66.46 45.89
CA GLY O 100 -19.96 -66.78 45.32
C GLY O 100 -20.64 -65.67 44.55
N VAL O 101 -20.13 -64.42 44.67
CA VAL O 101 -20.91 -63.16 44.46
C VAL O 101 -21.45 -63.02 43.02
N PRO O 102 -22.78 -62.97 42.87
CA PRO O 102 -23.38 -62.71 41.56
C PRO O 102 -23.30 -61.22 41.19
N VAL O 103 -22.65 -60.88 40.06
CA VAL O 103 -22.54 -59.44 39.64
C VAL O 103 -23.23 -59.06 38.32
N SER O 104 -23.95 -57.93 38.36
CA SER O 104 -24.65 -57.39 37.20
C SER O 104 -23.67 -56.59 36.35
N LEU O 105 -23.86 -56.63 35.02
CA LEU O 105 -23.00 -55.82 34.13
C LEU O 105 -23.77 -54.91 33.26
N LYS O 106 -23.31 -53.65 33.19
CA LYS O 106 -23.67 -52.71 32.12
C LYS O 106 -23.32 -53.34 30.80
N GLU O 107 -24.28 -53.29 29.85
CA GLU O 107 -24.19 -54.11 28.61
C GLU O 107 -23.04 -53.74 27.68
N CYS O 108 -22.47 -52.55 27.89
CA CYS O 108 -21.22 -52.11 27.24
C CYS O 108 -19.96 -52.86 27.69
N PHE O 109 -20.01 -53.52 28.86
CA PHE O 109 -18.98 -54.54 29.22
C PHE O 109 -19.22 -55.80 28.37
N SER O 110 -18.25 -56.15 27.52
CA SER O 110 -18.42 -57.25 26.55
C SER O 110 -18.23 -58.64 27.18
N TYR O 111 -19.18 -59.52 26.89
CA TYR O 111 -19.21 -60.89 27.43
C TYR O 111 -19.25 -61.88 26.24
N LYS O 112 -18.41 -62.92 26.31
CA LYS O 112 -18.22 -63.90 25.19
C LYS O 112 -19.50 -64.63 24.76
N GLY O 113 -19.95 -64.34 23.54
CA GLY O 113 -21.17 -64.93 23.02
C GLY O 113 -22.38 -63.99 22.93
N HIS O 114 -22.33 -62.85 23.62
CA HIS O 114 -23.47 -61.89 23.66
C HIS O 114 -23.17 -60.53 23.00
N ASP O 115 -24.25 -59.81 22.66
CA ASP O 115 -24.16 -58.48 22.03
C ASP O 115 -23.76 -57.40 23.01
N SER O 116 -23.02 -56.44 22.52
CA SER O 116 -23.06 -55.10 23.07
C SER O 116 -23.62 -54.21 21.98
N THR O 117 -24.95 -54.29 21.80
CA THR O 117 -25.69 -53.18 21.18
C THR O 117 -25.55 -52.06 22.13
N LEU O 118 -25.37 -50.86 21.67
CA LEU O 118 -25.35 -49.80 22.63
C LEU O 118 -26.70 -49.17 22.81
N GLY O 119 -27.74 -49.84 22.34
CA GLY O 119 -28.94 -49.19 21.85
C GLY O 119 -28.99 -49.20 20.34
N LEU O 120 -27.84 -49.42 19.70
CA LEU O 120 -27.69 -49.23 18.26
C LEU O 120 -27.86 -50.52 17.46
N SER O 121 -28.81 -50.47 16.50
CA SER O 121 -29.05 -51.57 15.53
C SER O 121 -27.81 -51.92 14.73
N LEU O 122 -27.00 -50.90 14.41
CA LEU O 122 -25.64 -51.04 13.83
C LEU O 122 -24.79 -52.20 14.44
N ASN O 123 -24.89 -52.37 15.76
CA ASN O 123 -24.29 -53.52 16.42
C ASN O 123 -25.29 -54.43 17.19
N GLU O 124 -26.51 -54.56 16.65
CA GLU O 124 -27.41 -55.68 16.99
C GLU O 124 -26.97 -57.02 16.34
N GLY O 125 -26.28 -56.94 15.22
CA GLY O 125 -25.86 -58.12 14.48
C GLY O 125 -24.97 -59.04 15.28
N MET O 126 -23.87 -58.48 15.79
CA MET O 126 -22.71 -59.27 16.16
C MET O 126 -22.53 -59.36 17.66
N PRO O 127 -22.31 -60.59 18.17
CA PRO O 127 -21.79 -60.80 19.53
C PRO O 127 -20.30 -60.44 19.66
N SER O 128 -19.80 -60.38 20.90
CA SER O 128 -18.39 -60.18 21.13
C SER O 128 -17.63 -61.50 21.13
N GLU O 129 -16.43 -61.47 20.52
CA GLU O 129 -15.57 -62.66 20.33
C GLU O 129 -14.93 -63.19 21.63
N SER O 130 -14.85 -62.31 22.64
CA SER O 130 -14.19 -62.61 23.93
C SER O 130 -14.78 -61.80 25.13
N ASP O 131 -14.47 -62.25 26.35
CA ASP O 131 -14.74 -61.47 27.57
C ASP O 131 -13.81 -60.29 27.63
N CYS O 132 -14.30 -59.19 28.19
CA CYS O 132 -13.44 -58.02 28.45
C CYS O 132 -12.66 -58.24 29.72
N VAL O 133 -11.62 -57.41 29.94
CA VAL O 133 -10.64 -57.60 31.01
C VAL O 133 -11.21 -57.59 32.43
N VAL O 134 -12.05 -56.62 32.78
CA VAL O 134 -12.59 -56.57 34.16
C VAL O 134 -13.61 -57.69 34.44
N VAL O 135 -14.32 -58.14 33.41
CA VAL O 135 -15.06 -59.45 33.45
C VAL O 135 -14.14 -60.69 33.66
N GLN O 136 -12.96 -60.69 33.03
CA GLN O 136 -11.96 -61.74 33.27
C GLN O 136 -11.50 -61.79 34.73
N VAL O 137 -11.18 -60.63 35.32
CA VAL O 137 -10.75 -60.60 36.72
C VAL O 137 -11.86 -60.84 37.78
N LEU O 138 -13.10 -60.42 37.50
CA LEU O 138 -14.27 -60.80 38.32
C LEU O 138 -14.48 -62.33 38.33
N LYS O 139 -14.49 -62.96 37.12
CA LYS O 139 -14.49 -64.43 36.94
C LYS O 139 -13.33 -65.17 37.63
N LEU O 140 -12.12 -64.58 37.57
CA LEU O 140 -10.94 -65.13 38.26
C LEU O 140 -11.00 -64.98 39.79
N GLN O 141 -11.68 -63.94 40.27
CA GLN O 141 -11.82 -63.68 41.72
C GLN O 141 -13.10 -64.34 42.29
N GLY O 142 -13.71 -65.20 41.48
CA GLY O 142 -14.76 -66.09 41.93
C GLY O 142 -16.11 -65.68 41.44
N ALA O 143 -16.29 -64.37 41.23
CA ALA O 143 -17.60 -63.77 40.94
C ALA O 143 -18.26 -64.34 39.71
N VAL O 144 -19.59 -64.34 39.74
CA VAL O 144 -20.39 -64.92 38.67
C VAL O 144 -21.18 -63.79 38.02
N PRO O 145 -20.71 -63.30 36.87
CA PRO O 145 -21.42 -62.23 36.16
C PRO O 145 -22.67 -62.79 35.44
N PHE O 146 -23.88 -62.26 35.76
CA PHE O 146 -25.15 -63.00 35.51
C PHE O 146 -26.18 -62.34 34.57
N VAL O 147 -26.09 -61.02 34.42
CA VAL O 147 -26.99 -60.26 33.51
C VAL O 147 -26.25 -59.14 32.71
N HIS O 148 -26.82 -58.80 31.56
CA HIS O 148 -26.59 -57.48 30.95
C HIS O 148 -27.70 -56.51 31.35
N THR O 149 -27.32 -55.29 31.78
CA THR O 149 -28.30 -54.25 32.14
C THR O 149 -28.56 -53.28 31.05
N ASN O 150 -29.72 -52.64 31.09
CA ASN O 150 -30.16 -51.73 30.03
C ASN O 150 -29.43 -50.39 30.06
N VAL O 151 -29.12 -49.87 28.86
CA VAL O 151 -28.51 -48.53 28.67
C VAL O 151 -29.40 -47.68 27.72
N PRO O 152 -29.33 -46.34 27.82
CA PRO O 152 -29.85 -45.45 26.75
C PRO O 152 -29.04 -45.55 25.46
N GLN O 153 -29.63 -45.01 24.38
CA GLN O 153 -29.36 -45.44 23.00
C GLN O 153 -27.89 -45.32 22.49
N SER O 154 -27.18 -44.29 22.89
CA SER O 154 -25.77 -44.25 22.56
C SER O 154 -24.87 -44.12 23.75
N MET O 155 -25.45 -44.40 24.93
CA MET O 155 -24.94 -44.02 26.26
C MET O 155 -24.71 -42.52 26.54
N LEU O 156 -24.84 -41.63 25.55
CA LEU O 156 -24.70 -40.19 25.78
C LEU O 156 -26.02 -39.56 26.26
N SER O 157 -26.52 -40.06 27.41
CA SER O 157 -27.78 -39.67 28.04
C SER O 157 -27.73 -40.03 29.51
N PHE O 158 -28.47 -39.28 30.32
CA PHE O 158 -28.77 -39.72 31.68
C PHE O 158 -30.25 -40.04 31.98
N ASP O 159 -31.02 -40.24 30.92
CA ASP O 159 -32.22 -41.12 30.93
C ASP O 159 -31.78 -42.55 30.66
N CYS O 160 -32.72 -43.49 30.53
CA CYS O 160 -32.37 -44.89 30.27
C CYS O 160 -33.35 -45.61 29.37
N SER O 161 -33.25 -45.33 28.08
CA SER O 161 -34.15 -45.88 27.07
C SER O 161 -33.53 -45.95 25.68
N ASN O 162 -33.97 -46.96 24.94
CA ASN O 162 -33.36 -47.38 23.71
C ASN O 162 -34.45 -48.14 22.86
N PRO O 163 -34.40 -48.05 21.52
CA PRO O 163 -35.47 -48.61 20.66
C PRO O 163 -35.39 -50.12 20.48
N LEU O 164 -34.36 -50.77 21.02
CA LEU O 164 -34.22 -52.23 20.89
C LEU O 164 -34.85 -52.99 22.07
N PHE O 165 -34.72 -52.44 23.29
CA PHE O 165 -35.19 -53.11 24.50
C PHE O 165 -36.23 -52.31 25.31
N GLY O 166 -36.52 -51.07 24.88
CA GLY O 166 -37.55 -50.25 25.50
C GLY O 166 -37.07 -49.52 26.75
N GLN O 167 -38.01 -48.96 27.51
CA GLN O 167 -37.68 -48.04 28.59
C GLN O 167 -37.48 -48.73 29.95
N THR O 168 -36.43 -48.29 30.66
CA THR O 168 -36.16 -48.65 32.04
C THR O 168 -36.65 -47.55 33.01
N MET O 169 -37.35 -47.97 34.08
CA MET O 169 -37.93 -47.06 35.07
C MET O 169 -37.19 -47.13 36.40
N ASN O 170 -37.39 -46.09 37.22
CA ASN O 170 -37.03 -46.10 38.64
C ASN O 170 -37.86 -47.13 39.41
N PRO O 171 -37.20 -47.89 40.30
CA PRO O 171 -37.91 -48.70 41.31
C PRO O 171 -38.79 -47.91 42.30
N TRP O 172 -38.39 -46.69 42.64
CA TRP O 172 -39.03 -45.90 43.72
C TRP O 172 -40.34 -45.22 43.31
N LYS O 173 -40.42 -44.80 42.03
CA LYS O 173 -41.61 -44.15 41.42
C LYS O 173 -41.55 -44.32 39.91
N SER O 174 -42.63 -44.87 39.33
CA SER O 174 -42.62 -45.42 37.95
C SER O 174 -42.61 -44.40 36.81
N SER O 175 -43.04 -43.17 37.10
CA SER O 175 -42.95 -42.03 36.17
C SER O 175 -41.51 -41.48 35.99
N LYS O 176 -40.61 -41.89 36.90
CA LYS O 176 -39.28 -41.30 37.03
C LYS O 176 -38.19 -42.13 36.34
N SER O 177 -37.13 -41.45 35.87
CA SER O 177 -35.97 -42.13 35.32
C SER O 177 -35.11 -42.78 36.44
N PRO O 178 -34.49 -43.94 36.16
CA PRO O 178 -33.50 -44.50 37.06
C PRO O 178 -32.17 -43.74 37.10
N GLY O 179 -31.95 -42.78 36.20
CA GLY O 179 -30.62 -42.34 35.89
C GLY O 179 -30.12 -43.01 34.65
N GLY O 180 -28.89 -42.70 34.29
CA GLY O 180 -28.27 -43.23 33.10
C GLY O 180 -26.84 -42.74 33.04
N SER O 181 -25.95 -43.48 32.36
CA SER O 181 -26.31 -44.46 31.37
C SER O 181 -26.26 -45.87 31.92
N SER O 182 -25.76 -46.03 33.14
CA SER O 182 -25.94 -47.30 33.87
C SER O 182 -27.23 -47.26 34.70
N GLY O 183 -28.32 -46.88 34.07
CA GLY O 183 -29.61 -46.83 34.72
C GLY O 183 -30.19 -48.19 35.06
N GLY O 184 -29.90 -49.20 34.22
CA GLY O 184 -30.31 -50.58 34.47
C GLY O 184 -29.65 -51.14 35.71
N GLU O 185 -28.35 -50.90 35.84
CA GLU O 185 -27.56 -51.11 37.08
C GLU O 185 -28.13 -50.45 38.33
N GLY O 186 -28.47 -49.15 38.22
CA GLY O 186 -29.13 -48.38 39.27
C GLY O 186 -30.46 -48.98 39.68
N ALA O 187 -31.24 -49.39 38.69
CA ALA O 187 -32.52 -50.07 38.91
C ALA O 187 -32.42 -51.45 39.55
N LEU O 188 -31.41 -52.25 39.16
CA LEU O 188 -31.29 -53.64 39.65
C LEU O 188 -30.74 -53.77 41.08
N ILE O 189 -29.62 -53.11 41.37
CA ILE O 189 -28.97 -53.11 42.70
C ILE O 189 -29.87 -52.50 43.80
N GLY O 190 -30.32 -51.25 43.63
CA GLY O 190 -31.46 -50.74 44.38
C GLY O 190 -32.67 -51.51 43.94
N SER O 191 -33.63 -51.70 44.84
CA SER O 191 -34.69 -52.75 44.74
C SER O 191 -34.26 -54.20 45.05
N GLY O 192 -33.06 -54.61 44.61
CA GLY O 192 -32.34 -55.71 45.27
C GLY O 192 -32.03 -56.97 44.47
N GLY O 193 -32.07 -56.88 43.15
CA GLY O 193 -31.84 -58.01 42.26
C GLY O 193 -30.38 -58.39 42.04
N SER O 194 -29.47 -57.52 42.50
CA SER O 194 -28.05 -57.76 42.42
C SER O 194 -27.37 -57.12 43.64
N PRO O 195 -26.41 -57.80 44.24
CA PRO O 195 -25.69 -57.23 45.39
C PRO O 195 -24.61 -56.23 44.98
N LEU O 196 -24.20 -56.26 43.69
CA LEU O 196 -23.14 -55.38 43.15
C LEU O 196 -23.11 -55.39 41.58
N GLY O 197 -22.57 -54.33 41.00
CA GLY O 197 -22.32 -54.31 39.60
C GLY O 197 -21.33 -53.30 39.16
N LEU O 198 -21.04 -53.30 37.86
CA LEU O 198 -20.07 -52.39 37.25
C LEU O 198 -20.76 -51.54 36.21
N GLY O 199 -20.63 -50.22 36.35
CA GLY O 199 -21.02 -49.27 35.29
C GLY O 199 -19.84 -48.54 34.64
N THR O 200 -20.14 -47.58 33.74
CA THR O 200 -19.15 -46.56 33.24
C THR O 200 -19.67 -45.09 33.38
N ASP O 201 -18.72 -44.15 33.37
CA ASP O 201 -18.93 -42.76 33.66
C ASP O 201 -17.91 -41.93 32.83
N ILE O 202 -18.44 -41.08 31.95
CA ILE O 202 -17.69 -40.04 31.22
C ILE O 202 -18.34 -38.64 31.45
N GLY O 203 -19.44 -38.62 32.20
CA GLY O 203 -20.28 -37.45 32.29
C GLY O 203 -21.15 -37.45 33.51
N GLY O 204 -21.26 -38.62 34.15
CA GLY O 204 -21.98 -38.77 35.40
C GLY O 204 -22.69 -40.09 35.57
N SER O 205 -22.46 -40.98 34.61
CA SER O 205 -23.29 -42.13 34.38
C SER O 205 -23.15 -43.29 35.43
N ILE O 206 -22.14 -43.23 36.33
CA ILE O 206 -22.10 -44.09 37.57
C ILE O 206 -22.83 -43.37 38.75
N ARG O 207 -22.68 -42.06 38.78
CA ARG O 207 -23.13 -41.24 39.88
C ARG O 207 -24.62 -40.92 39.79
N PHE O 208 -25.11 -40.74 38.57
CA PHE O 208 -26.53 -40.46 38.27
C PHE O 208 -27.51 -41.55 38.74
N PRO O 209 -27.32 -42.84 38.37
CA PRO O 209 -28.23 -43.89 38.83
C PRO O 209 -28.09 -44.24 40.32
N SER O 210 -26.87 -44.13 40.85
CA SER O 210 -26.61 -44.19 42.28
C SER O 210 -27.32 -43.09 43.08
N ALA O 211 -27.36 -41.86 42.55
CA ALA O 211 -28.14 -40.78 43.17
C ALA O 211 -29.63 -40.95 43.00
N PHE O 212 -30.07 -41.61 41.93
CA PHE O 212 -31.51 -41.59 41.58
C PHE O 212 -32.26 -42.77 42.19
N CYS O 213 -31.53 -43.86 42.44
CA CYS O 213 -32.11 -45.07 43.02
C CYS O 213 -31.66 -45.29 44.48
N GLY O 214 -30.75 -44.41 44.93
CA GLY O 214 -30.31 -44.40 46.31
C GLY O 214 -29.37 -45.50 46.68
N ILE O 215 -28.43 -45.79 45.79
CA ILE O 215 -27.35 -46.75 46.06
C ILE O 215 -25.97 -46.06 46.02
N CYS O 216 -24.93 -46.82 46.30
CA CYS O 216 -23.56 -46.29 46.36
C CYS O 216 -22.74 -46.66 45.13
N GLY O 217 -21.92 -45.70 44.70
CA GLY O 217 -21.17 -45.81 43.47
C GLY O 217 -19.94 -44.94 43.54
N LEU O 218 -18.90 -45.31 42.78
CA LEU O 218 -17.67 -44.52 42.68
C LEU O 218 -17.12 -44.57 41.28
N LYS O 219 -16.79 -43.39 40.75
CA LYS O 219 -16.03 -43.25 39.50
C LYS O 219 -14.52 -43.04 39.84
N PRO O 220 -13.69 -44.05 39.59
CA PRO O 220 -12.25 -43.97 39.84
C PRO O 220 -11.54 -43.15 38.79
N THR O 221 -10.24 -42.91 39.02
CA THR O 221 -9.39 -42.18 38.09
C THR O 221 -9.27 -43.02 36.86
N GLY O 222 -9.26 -42.38 35.69
CA GLY O 222 -9.54 -43.05 34.42
C GLY O 222 -8.67 -44.27 34.09
N ASN O 223 -7.42 -44.20 34.50
CA ASN O 223 -6.53 -45.26 34.22
C ASN O 223 -6.33 -46.27 35.38
N ARG O 224 -7.09 -46.09 36.48
CA ARG O 224 -7.09 -47.08 37.60
C ARG O 224 -7.61 -48.45 37.22
N LEU O 225 -8.63 -48.50 36.40
CA LEU O 225 -9.13 -49.77 35.94
C LEU O 225 -9.05 -49.93 34.43
N SER O 226 -9.17 -51.19 33.98
CA SER O 226 -8.96 -51.52 32.58
C SER O 226 -10.15 -51.17 31.71
N LYS O 227 -9.87 -50.49 30.60
CA LYS O 227 -10.87 -50.26 29.60
C LYS O 227 -10.95 -51.36 28.54
N SER O 228 -10.02 -52.34 28.59
CA SER O 228 -9.57 -53.14 27.41
C SER O 228 -10.63 -53.58 26.36
N GLY O 229 -11.70 -54.23 26.81
CA GLY O 229 -12.79 -54.59 25.89
C GLY O 229 -14.15 -53.96 26.19
N LEU O 230 -14.14 -52.72 26.66
CA LEU O 230 -15.35 -51.90 26.73
C LEU O 230 -15.82 -51.50 25.34
N LYS O 231 -17.14 -51.47 25.17
CA LYS O 231 -17.74 -50.90 24.00
C LYS O 231 -17.99 -49.41 24.22
N GLY O 232 -17.43 -48.59 23.34
CA GLY O 232 -17.90 -47.24 23.13
C GLY O 232 -18.52 -47.12 21.76
N CYS O 233 -19.21 -46.02 21.50
CA CYS O 233 -19.65 -45.76 20.15
C CYS O 233 -18.79 -44.74 19.37
N VAL O 234 -17.94 -44.00 20.10
CA VAL O 234 -16.77 -43.33 19.53
C VAL O 234 -15.51 -43.68 20.33
N TYR O 235 -14.39 -43.81 19.64
CA TYR O 235 -13.15 -44.26 20.26
C TYR O 235 -12.04 -43.25 20.08
N GLY O 236 -11.06 -43.27 20.98
CA GLY O 236 -9.89 -42.40 20.91
C GLY O 236 -10.14 -40.93 21.25
N GLN O 237 -11.22 -40.68 21.96
CA GLN O 237 -11.39 -39.42 22.64
C GLN O 237 -10.52 -39.47 23.87
N THR O 238 -9.71 -38.43 24.10
CA THR O 238 -8.79 -38.42 25.27
C THR O 238 -8.93 -37.26 26.23
N ALA O 239 -9.32 -36.10 25.74
CA ALA O 239 -9.60 -34.97 26.66
C ALA O 239 -10.98 -35.28 27.26
N VAL O 240 -11.17 -35.12 28.56
CA VAL O 240 -12.35 -35.73 29.27
C VAL O 240 -12.24 -37.28 29.35
N GLN O 241 -12.15 -37.78 30.58
CA GLN O 241 -11.66 -39.12 30.84
C GLN O 241 -12.79 -40.09 31.18
N LEU O 242 -12.80 -41.24 30.50
CA LEU O 242 -13.75 -42.31 30.82
C LEU O 242 -13.23 -43.21 31.97
N SER O 243 -14.08 -43.50 32.94
CA SER O 243 -13.78 -44.50 33.94
C SER O 243 -14.92 -45.40 34.13
N LEU O 244 -14.60 -46.67 34.27
CA LEU O 244 -15.50 -47.69 34.71
C LEU O 244 -15.34 -47.86 36.21
N GLY O 245 -16.35 -48.39 36.87
CA GLY O 245 -16.27 -48.60 38.31
C GLY O 245 -17.50 -49.20 38.92
N PRO O 246 -17.45 -49.44 40.23
CA PRO O 246 -18.44 -50.30 40.88
C PRO O 246 -19.67 -49.57 41.44
N MET O 247 -20.78 -50.31 41.47
CA MET O 247 -22.01 -49.87 42.12
C MET O 247 -22.50 -50.98 43.03
N ALA O 248 -22.98 -50.60 44.22
CA ALA O 248 -23.62 -51.54 45.20
C ALA O 248 -24.46 -50.82 46.27
N ARG O 249 -24.97 -51.60 47.25
CA ARG O 249 -25.88 -51.10 48.27
C ARG O 249 -25.22 -50.41 49.47
N ASP O 250 -23.91 -50.65 49.67
CA ASP O 250 -23.07 -49.90 50.66
C ASP O 250 -21.65 -49.62 50.12
N VAL O 251 -20.93 -48.68 50.74
CA VAL O 251 -19.60 -48.26 50.23
C VAL O 251 -18.48 -49.30 50.44
N GLU O 252 -18.67 -50.15 51.45
CA GLU O 252 -17.73 -51.23 51.79
C GLU O 252 -17.72 -52.32 50.71
N SER O 253 -18.85 -52.44 50.01
CA SER O 253 -18.94 -53.27 48.84
C SER O 253 -18.10 -52.74 47.70
N LEU O 254 -18.05 -51.42 47.56
CA LEU O 254 -17.30 -50.77 46.49
C LEU O 254 -15.83 -50.96 46.73
N ALA O 255 -15.46 -50.85 48.01
CA ALA O 255 -14.11 -51.10 48.49
C ALA O 255 -13.70 -52.55 48.22
N LEU O 256 -14.58 -53.50 48.58
CA LEU O 256 -14.40 -54.94 48.32
C LEU O 256 -14.10 -55.22 46.86
N CYS O 257 -14.96 -54.69 45.99
CA CYS O 257 -14.85 -54.86 44.55
C CYS O 257 -13.59 -54.22 43.97
N LEU O 258 -13.26 -53.01 44.46
CA LEU O 258 -12.06 -52.28 44.06
C LEU O 258 -10.80 -53.02 44.43
N LYS O 259 -10.76 -53.54 45.65
CA LYS O 259 -9.64 -54.35 46.17
C LYS O 259 -9.46 -55.67 45.41
N ALA O 260 -10.59 -56.29 45.02
CA ALA O 260 -10.58 -57.50 44.22
C ALA O 260 -10.12 -57.23 42.79
N LEU O 261 -10.44 -56.03 42.29
CA LEU O 261 -10.19 -55.63 40.90
C LEU O 261 -8.74 -55.25 40.73
N LEU O 262 -8.14 -54.69 41.80
CA LEU O 262 -6.82 -54.08 41.73
C LEU O 262 -5.75 -55.08 42.13
N CYS O 263 -5.83 -56.27 41.55
CA CYS O 263 -4.96 -57.38 41.88
C CYS O 263 -4.07 -57.68 40.69
N GLU O 264 -2.97 -58.41 40.93
CA GLU O 264 -1.93 -58.68 39.91
C GLU O 264 -2.41 -59.46 38.67
N HIS O 265 -3.57 -60.12 38.76
CA HIS O 265 -4.31 -60.62 37.58
C HIS O 265 -4.70 -59.52 36.60
N LEU O 266 -5.11 -58.36 37.12
CA LEU O 266 -5.50 -57.22 36.29
C LEU O 266 -4.27 -56.58 35.72
N PHE O 267 -3.26 -56.35 36.54
CA PHE O 267 -2.02 -55.71 36.05
C PHE O 267 -1.19 -56.59 35.08
N THR O 268 -1.53 -57.90 35.02
CA THR O 268 -1.03 -58.81 33.99
C THR O 268 -1.86 -58.74 32.68
N LEU O 269 -3.19 -58.87 32.81
CA LEU O 269 -4.14 -58.70 31.69
C LEU O 269 -4.53 -57.22 31.51
N ASP O 270 -3.77 -56.44 30.72
CA ASP O 270 -3.72 -54.88 30.73
C ASP O 270 -2.63 -54.24 31.61
N PRO O 271 -1.36 -54.28 31.15
CA PRO O 271 -0.25 -53.67 31.88
C PRO O 271 -0.15 -52.15 31.69
N THR O 272 -0.99 -51.57 30.81
CA THR O 272 -1.12 -50.11 30.64
C THR O 272 -1.61 -49.39 31.91
N VAL O 273 -2.58 -50.00 32.60
CA VAL O 273 -3.02 -49.62 33.95
C VAL O 273 -1.80 -49.69 34.90
N PRO O 274 -1.47 -48.57 35.60
CA PRO O 274 -0.40 -48.59 36.62
C PRO O 274 -0.71 -49.61 37.76
N PRO O 275 0.27 -50.44 38.15
CA PRO O 275 0.01 -51.51 39.11
C PRO O 275 0.00 -50.99 40.54
N LEU O 276 -1.04 -50.19 40.84
CA LEU O 276 -1.27 -49.62 42.15
C LEU O 276 -2.24 -50.52 42.91
N PRO O 277 -1.76 -51.16 43.99
CA PRO O 277 -2.64 -51.94 44.89
C PRO O 277 -3.70 -51.08 45.55
N PHE O 278 -4.82 -51.70 45.97
CA PHE O 278 -5.71 -51.10 46.97
C PHE O 278 -5.01 -51.05 48.28
N ARG O 279 -4.73 -49.83 48.73
CA ARG O 279 -4.18 -49.58 50.06
C ARG O 279 -5.31 -49.57 51.09
N GLU O 280 -5.41 -50.64 51.87
CA GLU O 280 -6.41 -50.78 52.95
C GLU O 280 -6.19 -49.75 54.10
N GLU O 281 -4.93 -49.42 54.32
CA GLU O 281 -4.45 -48.63 55.46
C GLU O 281 -4.81 -47.13 55.36
N VAL O 282 -5.13 -46.65 54.15
CA VAL O 282 -5.62 -45.27 53.91
C VAL O 282 -7.16 -45.26 53.99
N TYR O 283 -7.76 -46.36 53.51
CA TYR O 283 -9.20 -46.56 53.54
C TYR O 283 -9.76 -46.79 54.95
N ARG O 284 -8.99 -47.47 55.81
CA ARG O 284 -9.47 -47.86 57.17
C ARG O 284 -9.22 -46.79 58.25
N SER O 285 -8.53 -45.71 57.86
CA SER O 285 -8.09 -44.64 58.76
C SER O 285 -9.25 -43.89 59.40
N SER O 286 -9.11 -43.62 60.70
CA SER O 286 -10.06 -42.81 61.43
C SER O 286 -9.51 -41.40 61.72
N ARG O 287 -8.36 -41.08 61.08
CA ARG O 287 -7.76 -39.77 61.21
C ARG O 287 -8.67 -38.69 60.57
N PRO O 288 -9.03 -37.66 61.36
CA PRO O 288 -9.98 -36.59 60.93
C PRO O 288 -9.51 -35.78 59.72
N LEU O 289 -10.45 -35.41 58.87
CA LEU O 289 -10.18 -34.86 57.55
C LEU O 289 -10.38 -33.36 57.49
N ARG O 290 -9.68 -32.71 56.57
CA ARG O 290 -10.04 -31.37 56.13
C ARG O 290 -10.88 -31.52 54.86
N VAL O 291 -12.10 -31.03 54.93
CA VAL O 291 -13.11 -31.33 53.91
C VAL O 291 -13.52 -30.05 53.19
N GLY O 292 -13.19 -29.95 51.90
CA GLY O 292 -13.68 -28.86 51.09
C GLY O 292 -15.16 -29.04 50.85
N TYR O 293 -15.90 -27.92 50.83
CA TYR O 293 -17.34 -27.95 50.59
C TYR O 293 -17.88 -26.75 49.77
N TYR O 294 -18.80 -27.04 48.86
CA TYR O 294 -19.63 -26.01 48.27
C TYR O 294 -21.12 -26.34 48.20
N GLU O 295 -21.94 -25.27 48.27
CA GLU O 295 -23.40 -25.37 48.34
C GLU O 295 -24.01 -25.47 46.94
N THR O 296 -23.39 -24.76 46.01
CA THR O 296 -23.79 -24.72 44.61
C THR O 296 -22.55 -24.49 43.78
N ASP O 297 -22.59 -24.90 42.51
CA ASP O 297 -21.51 -24.58 41.54
C ASP O 297 -21.69 -23.21 40.81
N ASN O 298 -22.84 -22.57 41.05
CA ASN O 298 -23.32 -21.32 40.36
C ASN O 298 -23.75 -21.45 38.91
N TYR O 299 -24.29 -22.60 38.57
CA TYR O 299 -24.55 -22.97 37.20
C TYR O 299 -25.87 -23.71 37.10
N THR O 300 -25.90 -24.93 37.62
CA THR O 300 -27.13 -25.61 37.91
C THR O 300 -27.57 -25.26 39.32
N MET O 301 -28.79 -24.70 39.40
CA MET O 301 -29.40 -24.40 40.68
C MET O 301 -29.86 -25.67 41.38
N PRO O 302 -29.42 -25.87 42.64
CA PRO O 302 -29.79 -27.09 43.36
C PRO O 302 -31.24 -27.08 43.79
N SER O 303 -31.87 -28.27 43.78
CA SER O 303 -33.18 -28.51 44.45
C SER O 303 -33.13 -28.17 45.96
N PRO O 304 -34.29 -27.86 46.61
CA PRO O 304 -34.36 -27.81 48.07
C PRO O 304 -33.90 -29.10 48.72
N ALA O 305 -34.26 -30.25 48.12
CA ALA O 305 -33.74 -31.57 48.49
C ALA O 305 -32.19 -31.66 48.49
N MET O 306 -31.55 -31.22 47.40
CA MET O 306 -30.06 -31.14 47.27
C MET O 306 -29.37 -30.28 48.33
N ARG O 307 -29.89 -29.05 48.52
CA ARG O 307 -29.32 -28.05 49.42
C ARG O 307 -29.40 -28.52 50.86
N ARG O 308 -30.55 -29.13 51.21
CA ARG O 308 -30.77 -29.66 52.56
C ARG O 308 -29.87 -30.84 52.86
N ALA O 309 -29.84 -31.82 51.93
CA ALA O 309 -28.87 -32.95 51.93
C ALA O 309 -27.41 -32.56 52.09
N LEU O 310 -27.02 -31.45 51.49
CA LEU O 310 -25.65 -30.96 51.60
C LEU O 310 -25.38 -30.36 52.95
N ILE O 311 -26.21 -29.39 53.37
CA ILE O 311 -25.97 -28.64 54.61
C ILE O 311 -26.12 -29.55 55.85
N GLU O 312 -26.92 -30.62 55.71
CA GLU O 312 -27.06 -31.66 56.76
C GLU O 312 -25.85 -32.54 56.92
N THR O 313 -25.36 -33.13 55.81
CA THR O 313 -24.10 -33.89 55.81
C THR O 313 -22.85 -33.03 56.08
N LYS O 314 -22.97 -31.71 55.91
CA LYS O 314 -21.95 -30.76 56.34
C LYS O 314 -21.87 -30.65 57.88
N GLN O 315 -23.04 -30.64 58.52
CA GLN O 315 -23.17 -30.49 59.98
C GLN O 315 -22.64 -31.70 60.76
N ARG O 316 -23.04 -32.90 60.34
CA ARG O 316 -22.66 -34.15 61.02
C ARG O 316 -21.19 -34.47 60.87
N LEU O 317 -20.59 -34.00 59.78
CA LEU O 317 -19.14 -34.07 59.57
C LEU O 317 -18.36 -33.12 60.50
N GLU O 318 -18.96 -31.96 60.82
CA GLU O 318 -18.36 -30.97 61.79
C GLU O 318 -18.49 -31.43 63.23
N ALA O 319 -19.54 -32.21 63.49
CA ALA O 319 -19.82 -32.84 64.79
C ALA O 319 -19.02 -34.14 65.04
N ALA O 320 -18.35 -34.66 64.00
CA ALA O 320 -17.47 -35.84 64.13
C ALA O 320 -15.98 -35.46 64.24
N GLY O 321 -15.69 -34.15 64.07
CA GLY O 321 -14.36 -33.61 64.30
C GLY O 321 -13.54 -33.39 63.02
N HIS O 322 -14.23 -33.37 61.87
CA HIS O 322 -13.64 -32.91 60.62
C HIS O 322 -13.97 -31.42 60.44
N THR O 323 -13.05 -30.70 59.78
CA THR O 323 -13.23 -29.26 59.49
C THR O 323 -13.65 -29.04 58.03
N LEU O 324 -14.53 -28.07 57.81
CA LEU O 324 -15.28 -27.95 56.55
C LEU O 324 -14.98 -26.62 55.91
N ILE O 325 -14.12 -26.62 54.90
CA ILE O 325 -13.64 -25.35 54.34
C ILE O 325 -14.35 -24.98 53.02
N PRO O 326 -14.99 -23.79 52.99
CA PRO O 326 -15.60 -23.25 51.75
C PRO O 326 -14.59 -23.15 50.57
N PHE O 327 -14.86 -23.97 49.56
CA PHE O 327 -13.96 -24.17 48.43
C PHE O 327 -14.84 -24.25 47.22
N LEU O 328 -14.49 -23.49 46.19
CA LEU O 328 -15.03 -23.73 44.85
C LEU O 328 -13.88 -23.75 43.84
N PRO O 329 -13.83 -24.81 42.99
CA PRO O 329 -12.92 -24.84 41.85
C PRO O 329 -13.18 -23.67 40.90
N ASN O 330 -12.09 -23.00 40.51
CA ASN O 330 -12.10 -21.82 39.62
C ASN O 330 -12.69 -22.12 38.26
N ASN O 331 -13.21 -21.08 37.57
CA ASN O 331 -13.68 -21.13 36.16
C ASN O 331 -14.55 -22.31 35.73
N ILE O 332 -15.41 -22.78 36.63
CA ILE O 332 -16.48 -23.73 36.29
C ILE O 332 -17.23 -23.44 34.96
N PRO O 333 -17.73 -22.19 34.69
CA PRO O 333 -18.29 -21.87 33.35
C PRO O 333 -17.35 -22.27 32.19
N TYR O 334 -16.06 -21.90 32.30
CA TYR O 334 -15.04 -22.13 31.27
C TYR O 334 -14.74 -23.63 31.09
N ALA O 335 -14.72 -24.38 32.20
CA ALA O 335 -14.40 -25.79 32.19
C ALA O 335 -15.53 -26.65 31.62
N LEU O 336 -16.78 -26.24 31.85
CA LEU O 336 -17.93 -26.99 31.33
C LEU O 336 -18.16 -26.66 29.89
N GLU O 337 -18.17 -25.36 29.58
CA GLU O 337 -18.58 -24.87 28.26
C GLU O 337 -17.52 -25.07 27.18
N VAL O 338 -16.27 -24.69 27.47
CA VAL O 338 -15.20 -24.92 26.50
C VAL O 338 -14.43 -26.28 26.64
N LEU O 339 -14.04 -26.65 27.86
CA LEU O 339 -13.22 -27.84 28.05
C LEU O 339 -14.03 -29.15 28.01
N SER O 340 -15.14 -29.21 28.74
CA SER O 340 -15.99 -30.43 28.76
C SER O 340 -16.79 -30.62 27.46
N ALA O 341 -17.61 -29.63 27.10
CA ALA O 341 -18.54 -29.75 26.00
C ALA O 341 -17.80 -29.75 24.71
N GLY O 342 -16.85 -28.79 24.57
CA GLY O 342 -15.99 -28.69 23.41
C GLY O 342 -15.16 -29.92 23.22
N GLY O 343 -14.64 -30.47 24.32
CA GLY O 343 -13.87 -31.70 24.29
C GLY O 343 -14.63 -32.93 23.91
N LEU O 344 -15.93 -32.96 24.26
CA LEU O 344 -16.78 -34.12 23.96
C LEU O 344 -17.21 -34.13 22.53
N PHE O 345 -17.24 -32.94 21.92
CA PHE O 345 -17.76 -32.76 20.55
C PHE O 345 -16.77 -32.10 19.58
N SER O 346 -15.47 -32.38 19.74
CA SER O 346 -14.40 -31.67 18.98
C SER O 346 -14.50 -31.84 17.47
N ASP O 347 -14.95 -33.03 17.04
CA ASP O 347 -15.22 -33.36 15.60
C ASP O 347 -16.57 -32.87 15.08
N GLY O 348 -17.31 -32.16 15.95
CA GLY O 348 -18.63 -31.66 15.64
C GLY O 348 -19.73 -32.66 15.87
N GLY O 349 -19.34 -33.88 16.26
CA GLY O 349 -20.25 -34.99 16.48
C GLY O 349 -20.39 -35.93 15.30
N ARG O 350 -19.45 -35.86 14.33
CA ARG O 350 -19.48 -36.73 13.11
C ARG O 350 -19.26 -38.23 13.43
N SER O 351 -18.30 -38.53 14.30
CA SER O 351 -18.05 -39.90 14.76
C SER O 351 -19.27 -40.47 15.52
N PHE O 352 -19.94 -39.59 16.28
CA PHE O 352 -21.11 -39.93 17.07
C PHE O 352 -22.33 -40.28 16.21
N LEU O 353 -22.44 -39.62 15.05
CA LEU O 353 -23.64 -39.71 14.19
C LEU O 353 -23.63 -40.89 13.24
N GLN O 354 -22.42 -41.38 12.95
CA GLN O 354 -22.18 -42.60 12.17
C GLN O 354 -22.94 -43.82 12.68
N ASN O 355 -23.08 -43.94 14.00
CA ASN O 355 -23.86 -45.02 14.62
C ASN O 355 -25.37 -44.89 14.47
N PHE O 356 -25.84 -43.69 14.08
CA PHE O 356 -27.27 -43.40 13.91
C PHE O 356 -27.78 -43.39 12.42
N LYS O 357 -26.94 -43.86 11.49
CA LYS O 357 -27.35 -44.07 10.09
C LYS O 357 -28.29 -45.24 10.01
N GLY O 358 -29.51 -44.97 9.54
CA GLY O 358 -30.57 -45.96 9.44
C GLY O 358 -31.42 -46.17 10.71
N ASP O 359 -30.94 -45.69 11.85
CA ASP O 359 -31.55 -45.98 13.14
C ASP O 359 -32.66 -45.00 13.53
N PHE O 360 -33.54 -45.47 14.42
CA PHE O 360 -34.45 -44.58 15.13
C PHE O 360 -33.70 -43.78 16.18
N VAL O 361 -34.05 -42.50 16.34
CA VAL O 361 -33.66 -41.76 17.55
C VAL O 361 -34.74 -41.94 18.64
N ASP O 362 -34.28 -42.29 19.84
CA ASP O 362 -35.15 -42.49 20.97
C ASP O 362 -35.52 -41.11 21.47
N PRO O 363 -36.79 -40.91 21.90
CA PRO O 363 -37.27 -39.60 22.42
C PRO O 363 -36.54 -39.05 23.67
N CYS O 364 -35.77 -39.92 24.34
CA CYS O 364 -35.02 -39.55 25.54
C CYS O 364 -33.71 -38.81 25.20
N LEU O 365 -33.27 -38.94 23.96
CA LEU O 365 -32.16 -38.18 23.44
C LEU O 365 -32.58 -36.76 23.02
N GLY O 366 -33.92 -36.58 22.92
CA GLY O 366 -34.54 -35.31 22.63
C GLY O 366 -34.18 -34.83 21.25
N ASP O 367 -33.49 -33.69 21.24
CA ASP O 367 -33.21 -32.96 20.03
C ASP O 367 -31.73 -32.91 19.71
N LEU O 368 -30.93 -33.68 20.45
CA LEU O 368 -29.43 -33.63 20.40
C LEU O 368 -28.89 -34.09 19.07
N ILE O 369 -29.51 -35.12 18.52
CA ILE O 369 -29.16 -35.65 17.19
C ILE O 369 -29.46 -34.61 16.11
N LEU O 370 -30.64 -34.01 16.21
CA LEU O 370 -31.12 -33.00 15.28
C LEU O 370 -30.19 -31.78 15.24
N ILE O 371 -29.83 -31.26 16.41
CA ILE O 371 -28.87 -30.14 16.52
C ILE O 371 -27.45 -30.48 15.98
N LEU O 372 -27.00 -31.72 16.22
CA LEU O 372 -25.71 -32.22 15.74
C LEU O 372 -25.67 -32.38 14.23
N ARG O 373 -26.82 -32.71 13.63
CA ARG O 373 -26.93 -32.93 12.18
C ARG O 373 -26.93 -31.63 11.39
N LEU O 374 -27.33 -30.51 12.03
CA LEU O 374 -27.31 -29.15 11.43
C LEU O 374 -25.92 -28.79 10.88
N PRO O 375 -25.89 -28.15 9.69
CA PRO O 375 -24.63 -27.63 9.11
C PRO O 375 -23.93 -26.58 9.97
N SER O 376 -22.61 -26.49 9.80
CA SER O 376 -21.71 -25.72 10.67
C SER O 376 -21.97 -24.22 10.68
N TRP O 377 -22.40 -23.71 9.52
CA TRP O 377 -22.71 -22.30 9.33
C TRP O 377 -23.97 -21.93 10.09
N PHE O 378 -24.90 -22.89 10.22
CA PHE O 378 -26.13 -22.70 10.95
C PHE O 378 -25.90 -22.74 12.46
N LYS O 379 -25.04 -23.68 12.91
CA LYS O 379 -24.62 -23.76 14.31
C LYS O 379 -23.90 -22.48 14.79
N ARG O 380 -23.06 -21.90 13.92
CA ARG O 380 -22.43 -20.61 14.17
C ARG O 380 -23.44 -19.43 14.09
N LEU O 381 -24.51 -19.60 13.30
CA LEU O 381 -25.52 -18.55 13.14
C LEU O 381 -26.43 -18.47 14.34
N LEU O 382 -26.84 -19.63 14.86
CA LEU O 382 -27.64 -19.69 16.07
C LEU O 382 -26.86 -19.20 17.32
N SER O 383 -25.59 -19.62 17.45
CA SER O 383 -24.63 -19.17 18.48
C SER O 383 -24.63 -17.66 18.82
N LEU O 384 -24.26 -16.80 17.87
CA LEU O 384 -24.21 -15.36 18.19
C LEU O 384 -25.59 -14.65 18.15
N LEU O 385 -26.57 -15.27 17.51
CA LEU O 385 -27.97 -14.84 17.58
C LEU O 385 -28.57 -15.13 18.97
N LEU O 386 -28.11 -16.22 19.62
CA LEU O 386 -28.63 -16.64 20.94
C LEU O 386 -27.82 -16.10 22.13
N LYS O 387 -26.51 -15.81 21.91
CA LYS O 387 -25.57 -15.22 22.95
C LYS O 387 -26.00 -13.98 23.77
N PRO O 388 -26.73 -13.00 23.17
CA PRO O 388 -27.59 -12.09 23.95
C PRO O 388 -28.51 -12.74 25.01
N LEU O 389 -29.53 -13.49 24.59
CA LEU O 389 -30.61 -13.93 25.50
C LEU O 389 -30.25 -15.20 26.27
N PHE O 390 -29.58 -16.14 25.60
CA PHE O 390 -29.42 -17.49 26.11
C PHE O 390 -27.95 -18.00 26.05
N PRO O 391 -27.04 -17.42 26.87
CA PRO O 391 -25.58 -17.64 26.70
C PRO O 391 -25.10 -19.10 26.86
N ARG O 392 -25.78 -19.87 27.73
CA ARG O 392 -25.49 -21.31 27.98
C ARG O 392 -25.70 -22.12 26.71
N LEU O 393 -26.84 -21.85 26.07
CA LEU O 393 -27.32 -22.54 24.89
C LEU O 393 -26.46 -22.14 23.71
N ALA O 394 -25.98 -20.91 23.74
CA ALA O 394 -25.10 -20.37 22.71
C ALA O 394 -23.79 -21.10 22.74
N ALA O 395 -23.21 -21.21 23.96
CA ALA O 395 -21.92 -21.87 24.22
C ALA O 395 -21.96 -23.35 23.90
N PHE O 396 -23.13 -23.96 24.13
CA PHE O 396 -23.45 -25.32 23.75
C PHE O 396 -23.29 -25.54 22.26
N LEU O 397 -23.91 -24.67 21.46
CA LEU O 397 -23.87 -24.75 19.98
C LEU O 397 -22.48 -24.47 19.45
N ASN O 398 -21.80 -23.53 20.10
CA ASN O 398 -20.41 -23.19 19.84
C ASN O 398 -19.43 -24.32 20.15
N SER O 399 -19.81 -25.23 21.05
CA SER O 399 -18.99 -26.38 21.39
C SER O 399 -19.00 -27.45 20.31
N MET O 400 -20.16 -27.64 19.68
CA MET O 400 -20.33 -28.65 18.63
C MET O 400 -19.85 -28.22 17.21
N ARG O 401 -19.10 -27.13 17.13
CA ARG O 401 -18.42 -26.76 15.89
C ARG O 401 -17.26 -27.76 15.66
N PRO O 402 -17.02 -28.16 14.39
CA PRO O 402 -15.87 -29.06 14.08
C PRO O 402 -14.57 -28.33 14.27
N ARG O 403 -13.57 -29.01 14.77
CA ARG O 403 -12.26 -28.41 15.03
C ARG O 403 -11.20 -29.16 14.25
N SER O 404 -10.01 -28.57 14.19
CA SER O 404 -8.84 -29.22 13.57
C SER O 404 -7.96 -29.82 14.64
N ALA O 405 -7.08 -30.74 14.24
CA ALA O 405 -6.07 -31.36 15.14
C ALA O 405 -5.21 -30.36 15.94
N GLU O 406 -4.87 -29.23 15.31
CA GLU O 406 -4.20 -28.11 15.95
C GLU O 406 -5.01 -27.55 17.11
N LYS O 407 -6.31 -27.40 16.88
CA LYS O 407 -7.22 -26.86 17.88
C LYS O 407 -7.60 -27.86 18.99
N LEU O 408 -7.63 -29.17 18.65
CA LEU O 408 -7.66 -30.26 19.66
C LEU O 408 -6.47 -30.27 20.56
N TRP O 409 -5.28 -30.12 20.00
CA TRP O 409 -4.06 -29.95 20.77
C TRP O 409 -4.12 -28.78 21.79
N LYS O 410 -4.54 -27.59 21.32
CA LYS O 410 -4.73 -26.41 22.17
C LYS O 410 -5.74 -26.65 23.30
N LEU O 411 -6.88 -27.30 22.98
CA LEU O 411 -7.83 -27.79 24.01
C LEU O 411 -7.29 -28.86 24.96
N GLN O 412 -6.48 -29.79 24.46
CA GLN O 412 -5.88 -30.86 25.28
C GLN O 412 -4.83 -30.33 26.31
N HIS O 413 -4.10 -29.29 25.92
CA HIS O 413 -3.19 -28.59 26.82
C HIS O 413 -3.96 -27.66 27.78
N GLU O 414 -5.08 -27.09 27.30
CA GLU O 414 -5.98 -26.24 28.13
C GLU O 414 -6.58 -27.07 29.29
N ILE O 415 -6.98 -28.32 28.98
CA ILE O 415 -7.55 -29.26 29.95
C ILE O 415 -6.54 -29.66 31.05
N GLU O 416 -5.30 -29.99 30.64
CA GLU O 416 -4.23 -30.35 31.62
C GLU O 416 -3.71 -29.18 32.45
N MET O 417 -3.77 -27.97 31.88
CA MET O 417 -3.53 -26.74 32.65
C MET O 417 -4.59 -26.47 33.74
N TYR O 418 -5.88 -26.62 33.40
CA TYR O 418 -6.98 -26.44 34.34
C TYR O 418 -6.95 -27.42 35.52
N ARG O 419 -6.57 -28.67 35.21
CA ARG O 419 -6.25 -29.71 36.18
C ARG O 419 -5.26 -29.25 37.24
N GLN O 420 -4.09 -28.72 36.79
CA GLN O 420 -3.07 -28.17 37.70
C GLN O 420 -3.54 -26.96 38.46
N SER O 421 -4.43 -26.18 37.83
CA SER O 421 -5.01 -24.99 38.44
C SER O 421 -5.94 -25.31 39.65
N VAL O 422 -6.75 -26.37 39.49
CA VAL O 422 -7.59 -26.87 40.59
C VAL O 422 -6.75 -27.61 41.62
N ILE O 423 -5.71 -28.31 41.15
CA ILE O 423 -4.76 -29.00 42.07
C ILE O 423 -3.99 -28.05 42.96
N ALA O 424 -3.51 -26.94 42.39
CA ALA O 424 -2.91 -25.85 43.18
C ALA O 424 -3.92 -25.16 44.13
N GLN O 425 -5.19 -25.03 43.68
CA GLN O 425 -6.30 -24.48 44.50
C GLN O 425 -6.57 -25.31 45.76
N TRP O 426 -6.48 -26.62 45.60
CA TRP O 426 -6.68 -27.64 46.65
C TRP O 426 -5.57 -27.62 47.72
N LYS O 427 -4.33 -27.29 47.34
CA LYS O 427 -3.17 -27.41 48.24
C LYS O 427 -2.96 -26.18 49.07
N ALA O 428 -3.28 -25.01 48.52
CA ALA O 428 -3.29 -23.73 49.26
C ALA O 428 -4.30 -23.71 50.39
N MET O 429 -5.40 -24.45 50.20
CA MET O 429 -6.40 -24.66 51.23
C MET O 429 -6.12 -25.91 52.06
N ASN O 430 -5.13 -26.68 51.59
CA ASN O 430 -4.69 -27.95 52.21
C ASN O 430 -5.77 -28.94 52.56
N LEU O 431 -6.67 -29.17 51.61
CA LEU O 431 -7.76 -30.14 51.78
C LEU O 431 -7.29 -31.61 51.76
N ASP O 432 -8.21 -32.52 52.06
CA ASP O 432 -7.98 -33.95 51.96
C ASP O 432 -8.87 -34.50 50.86
N VAL O 433 -10.00 -33.83 50.68
CA VAL O 433 -11.24 -34.43 50.21
C VAL O 433 -12.31 -33.30 50.01
N LEU O 434 -13.30 -33.56 49.16
CA LEU O 434 -14.24 -32.52 48.69
C LEU O 434 -15.69 -32.96 48.79
N LEU O 435 -16.53 -32.07 49.32
CA LEU O 435 -17.96 -32.31 49.41
C LEU O 435 -18.74 -31.41 48.47
N THR O 436 -19.58 -32.04 47.64
CA THR O 436 -20.22 -31.43 46.48
C THR O 436 -21.68 -31.91 46.52
N PRO O 437 -22.66 -31.06 46.12
CA PRO O 437 -24.03 -31.55 45.89
C PRO O 437 -24.04 -32.57 44.75
N MET O 438 -25.05 -33.38 44.72
CA MET O 438 -25.20 -34.33 43.66
C MET O 438 -26.59 -34.21 43.15
N LEU O 439 -26.72 -34.05 41.81
CA LEU O 439 -28.01 -33.80 41.12
C LEU O 439 -29.19 -34.43 41.87
N GLY O 440 -30.15 -33.58 42.30
CA GLY O 440 -31.24 -33.89 43.21
C GLY O 440 -32.17 -35.02 42.79
N PRO O 441 -33.42 -34.99 43.26
CA PRO O 441 -34.31 -36.16 43.12
C PRO O 441 -34.44 -36.58 41.65
N ALA O 442 -34.60 -37.88 41.39
CA ALA O 442 -34.75 -38.38 40.02
C ALA O 442 -35.69 -37.51 39.18
N LEU O 443 -35.18 -37.10 38.01
CA LEU O 443 -35.94 -36.30 37.02
C LEU O 443 -37.02 -37.20 36.44
N ASP O 444 -38.01 -36.64 35.72
CA ASP O 444 -39.19 -37.43 35.22
C ASP O 444 -38.80 -38.50 34.15
N LEU O 445 -39.67 -38.81 33.20
CA LEU O 445 -39.28 -39.81 32.22
C LEU O 445 -38.33 -39.26 31.15
N ASN O 446 -38.84 -38.67 30.07
CA ASN O 446 -37.97 -38.23 28.95
C ASN O 446 -37.48 -36.78 29.04
N THR O 447 -36.97 -36.41 30.21
CA THR O 447 -36.55 -35.01 30.51
C THR O 447 -35.01 -34.72 30.62
N PRO O 448 -34.15 -35.73 30.96
CA PRO O 448 -32.68 -35.58 30.83
C PRO O 448 -32.18 -35.04 29.49
N GLY O 449 -32.70 -35.58 28.39
CA GLY O 449 -32.47 -35.04 27.06
C GLY O 449 -32.72 -33.55 26.92
N ARG O 450 -33.76 -33.05 27.60
CA ARG O 450 -34.12 -31.63 27.56
C ARG O 450 -33.43 -30.76 28.61
N ALA O 451 -32.63 -31.37 29.49
CA ALA O 451 -32.04 -30.59 30.60
C ALA O 451 -30.51 -30.67 30.75
N THR O 452 -29.80 -30.78 29.61
CA THR O 452 -28.34 -31.09 29.48
C THR O 452 -27.37 -30.41 30.49
N GLY O 453 -27.63 -29.14 30.81
CA GLY O 453 -26.82 -28.40 31.77
C GLY O 453 -26.96 -28.80 33.24
N ALA O 454 -27.71 -29.88 33.52
CA ALA O 454 -27.78 -30.49 34.85
C ALA O 454 -26.66 -31.52 35.16
N ILE O 455 -25.75 -31.73 34.20
CA ILE O 455 -24.58 -32.62 34.39
C ILE O 455 -23.32 -31.83 34.84
N SER O 456 -23.53 -30.53 35.06
CA SER O 456 -22.57 -29.60 35.63
C SER O 456 -21.94 -30.03 36.97
N TYR O 457 -22.68 -30.83 37.73
CA TYR O 457 -22.20 -31.40 38.99
C TYR O 457 -21.21 -32.55 38.79
N THR O 458 -21.60 -33.52 37.97
CA THR O 458 -20.81 -34.70 37.76
C THR O 458 -19.68 -34.52 36.74
N VAL O 459 -19.98 -33.98 35.54
CA VAL O 459 -19.01 -33.86 34.41
C VAL O 459 -17.68 -33.13 34.71
N LEU O 460 -17.74 -32.10 35.58
CA LEU O 460 -16.53 -31.28 35.93
C LEU O 460 -15.38 -32.14 36.49
N TYR O 461 -15.73 -33.32 36.99
CA TYR O 461 -14.76 -34.25 37.59
C TYR O 461 -14.29 -35.36 36.64
N ASN O 462 -15.02 -35.58 35.54
CA ASN O 462 -14.45 -36.25 34.36
C ASN O 462 -13.40 -35.40 33.67
N CYS O 463 -13.72 -34.11 33.52
CA CYS O 463 -12.82 -33.14 32.86
C CYS O 463 -11.50 -32.96 33.64
N LEU O 464 -11.61 -32.92 34.97
CA LEU O 464 -10.49 -32.84 35.89
C LEU O 464 -9.82 -34.22 36.16
N ASP O 465 -10.56 -35.30 35.84
CA ASP O 465 -10.23 -36.68 36.18
C ASP O 465 -9.95 -36.97 37.68
N PHE O 466 -10.87 -36.54 38.51
CA PHE O 466 -10.75 -36.78 39.94
C PHE O 466 -11.64 -37.98 40.28
N PRO O 467 -11.27 -38.78 41.28
CA PRO O 467 -12.17 -39.80 41.82
C PRO O 467 -13.39 -39.17 42.42
N ALA O 468 -14.57 -39.66 42.05
CA ALA O 468 -15.82 -39.13 42.57
C ALA O 468 -16.77 -40.21 42.97
N GLY O 469 -17.34 -40.07 44.16
CA GLY O 469 -18.21 -41.08 44.71
C GLY O 469 -19.50 -40.53 45.29
N VAL O 470 -20.56 -41.29 45.12
CA VAL O 470 -21.91 -40.87 45.49
C VAL O 470 -22.47 -41.81 46.57
N VAL O 471 -23.02 -41.23 47.63
CA VAL O 471 -23.70 -42.00 48.70
C VAL O 471 -24.99 -41.29 49.09
N PRO O 472 -26.13 -42.02 49.14
CA PRO O 472 -27.43 -41.44 49.51
C PRO O 472 -27.47 -41.01 50.99
N VAL O 473 -27.96 -39.78 51.24
CA VAL O 473 -27.87 -39.19 52.61
C VAL O 473 -29.21 -38.83 53.29
N THR O 474 -30.27 -38.70 52.48
CA THR O 474 -31.62 -38.35 52.97
C THR O 474 -32.67 -38.71 51.90
N THR O 475 -33.96 -38.59 52.25
CA THR O 475 -35.02 -38.57 51.21
C THR O 475 -35.74 -37.22 51.14
N VAL O 476 -36.51 -37.00 50.06
CA VAL O 476 -37.32 -35.80 49.84
C VAL O 476 -38.46 -35.78 50.85
N THR O 477 -38.56 -34.69 51.62
CA THR O 477 -39.70 -34.43 52.48
C THR O 477 -40.78 -33.69 51.68
N ALA O 478 -41.98 -33.55 52.26
CA ALA O 478 -43.07 -32.73 51.67
C ALA O 478 -42.64 -31.29 51.36
N GLU O 479 -41.95 -30.64 52.32
CA GLU O 479 -41.45 -29.26 52.18
C GLU O 479 -40.21 -29.09 51.23
N ASP O 480 -39.51 -30.21 50.90
CA ASP O 480 -38.46 -30.20 49.85
C ASP O 480 -39.09 -30.15 48.44
N ASP O 481 -40.28 -30.73 48.33
CA ASP O 481 -41.06 -30.75 47.08
C ASP O 481 -42.06 -29.59 46.98
N ALA O 482 -42.38 -28.99 48.13
CA ALA O 482 -43.23 -27.80 48.18
C ALA O 482 -42.44 -26.56 47.74
N GLN O 483 -41.22 -26.42 48.28
CA GLN O 483 -40.29 -25.33 47.89
C GLN O 483 -39.64 -25.55 46.48
N MET O 484 -40.01 -26.65 45.83
CA MET O 484 -39.63 -26.99 44.46
C MET O 484 -40.44 -26.21 43.41
N GLU O 485 -41.61 -25.70 43.82
CA GLU O 485 -42.40 -24.78 43.00
C GLU O 485 -41.90 -23.32 43.13
N LEU O 486 -40.99 -23.10 44.10
CA LEU O 486 -40.23 -21.83 44.26
C LEU O 486 -38.82 -21.84 43.55
N TYR O 487 -38.69 -22.64 42.50
CA TYR O 487 -37.38 -22.90 41.88
C TYR O 487 -37.15 -22.02 40.65
N LYS O 488 -36.26 -21.03 40.79
CA LYS O 488 -35.72 -20.33 39.62
C LYS O 488 -34.31 -20.79 39.34
N GLY O 489 -34.01 -20.99 38.06
CA GLY O 489 -32.67 -21.31 37.66
C GLY O 489 -31.75 -20.09 37.67
N TYR O 490 -30.48 -20.33 37.35
CA TYR O 490 -29.47 -19.28 37.28
C TYR O 490 -29.53 -18.50 35.95
N PHE O 491 -30.24 -19.04 34.96
CA PHE O 491 -30.24 -18.46 33.61
C PHE O 491 -31.65 -18.20 33.03
N GLY O 492 -32.62 -19.00 33.47
CA GLY O 492 -33.98 -18.90 32.99
C GLY O 492 -34.15 -19.30 31.54
N ASP O 493 -33.23 -20.12 31.01
CA ASP O 493 -33.43 -20.77 29.73
C ASP O 493 -34.18 -22.09 29.91
N ILE O 494 -34.24 -22.88 28.82
CA ILE O 494 -35.10 -24.07 28.75
C ILE O 494 -34.59 -25.25 29.61
N TRP O 495 -33.28 -25.26 29.91
CA TRP O 495 -32.69 -26.29 30.79
C TRP O 495 -33.13 -26.09 32.22
N ASP O 496 -33.28 -24.83 32.64
CA ASP O 496 -33.87 -24.46 33.90
C ASP O 496 -35.36 -24.74 33.95
N ILE O 497 -36.09 -24.30 32.91
CA ILE O 497 -37.56 -24.49 32.79
C ILE O 497 -37.98 -25.98 32.85
N ILE O 498 -37.31 -26.84 32.07
CA ILE O 498 -37.57 -28.28 32.10
C ILE O 498 -37.19 -28.90 33.46
N LEU O 499 -36.06 -28.48 34.02
CA LEU O 499 -35.61 -28.92 35.35
C LEU O 499 -36.61 -28.70 36.51
N LYS O 500 -37.15 -27.46 36.63
CA LYS O 500 -38.27 -27.11 37.54
C LYS O 500 -39.48 -28.06 37.42
N LYS O 501 -39.88 -28.35 36.17
CA LYS O 501 -40.91 -29.34 35.88
C LYS O 501 -40.46 -30.77 36.18
N ALA O 502 -39.19 -31.08 35.93
CA ALA O 502 -38.68 -32.47 35.91
C ALA O 502 -38.49 -33.05 37.30
N MET O 503 -38.25 -32.17 38.26
CA MET O 503 -37.84 -32.55 39.61
C MET O 503 -39.01 -32.53 40.62
N LYS O 504 -40.15 -31.97 40.19
CA LYS O 504 -41.40 -31.94 40.99
C LYS O 504 -42.00 -33.36 41.08
N ASN O 505 -43.00 -33.52 41.97
CA ASN O 505 -43.68 -34.81 42.23
C ASN O 505 -42.71 -35.94 42.74
N SER O 506 -41.87 -35.59 43.71
CA SER O 506 -40.74 -36.45 44.08
C SER O 506 -40.60 -36.86 45.54
N VAL O 507 -41.67 -36.67 46.35
CA VAL O 507 -41.64 -36.90 47.82
C VAL O 507 -41.26 -38.34 48.18
N GLY O 508 -40.22 -38.47 49.00
CA GLY O 508 -39.76 -39.77 49.49
C GLY O 508 -38.91 -40.56 48.51
N LEU O 509 -38.23 -39.81 47.62
CA LEU O 509 -37.24 -40.37 46.70
C LEU O 509 -35.87 -40.01 47.23
N PRO O 510 -34.84 -40.84 46.99
CA PRO O 510 -33.51 -40.59 47.55
C PRO O 510 -32.75 -39.41 46.91
N VAL O 511 -32.17 -38.59 47.79
CA VAL O 511 -31.31 -37.47 47.43
C VAL O 511 -29.94 -37.78 47.94
N ALA O 512 -28.91 -37.44 47.14
CA ALA O 512 -27.53 -37.89 47.42
C ALA O 512 -26.54 -36.77 47.53
N VAL O 513 -25.40 -37.08 48.17
CA VAL O 513 -24.22 -36.22 48.16
C VAL O 513 -23.01 -36.86 47.39
N GLN O 514 -22.15 -36.00 46.85
CA GLN O 514 -20.98 -36.46 46.12
C GLN O 514 -19.71 -36.20 46.89
N CYS O 515 -18.81 -37.20 46.87
CA CYS O 515 -17.53 -37.14 47.52
C CYS O 515 -16.40 -37.29 46.52
N VAL O 516 -15.51 -36.30 46.49
CA VAL O 516 -14.37 -36.23 45.55
C VAL O 516 -13.01 -36.26 46.33
N ALA O 517 -11.98 -36.91 45.74
CA ALA O 517 -10.58 -36.73 46.15
C ALA O 517 -9.63 -36.45 44.97
N LEU O 518 -8.32 -36.40 45.22
CA LEU O 518 -7.29 -36.06 44.20
C LEU O 518 -7.00 -37.24 43.29
N PRO O 519 -6.36 -37.03 42.10
CA PRO O 519 -6.03 -38.14 41.19
C PRO O 519 -5.29 -39.24 41.90
N TRP O 520 -5.76 -40.47 41.67
CA TRP O 520 -5.23 -41.72 42.25
C TRP O 520 -5.57 -42.01 43.75
N GLN O 521 -6.38 -41.14 44.38
CA GLN O 521 -6.69 -41.27 45.82
C GLN O 521 -8.12 -41.82 46.10
N GLU O 522 -8.41 -42.99 45.49
CA GLU O 522 -9.76 -43.63 45.52
C GLU O 522 -10.10 -44.16 46.89
N GLU O 523 -9.11 -44.72 47.57
CA GLU O 523 -9.34 -45.37 48.84
C GLU O 523 -9.54 -44.33 49.92
N LEU O 524 -8.81 -43.19 49.81
CA LEU O 524 -9.07 -41.98 50.61
C LEU O 524 -10.44 -41.37 50.32
N CYS O 525 -10.86 -41.44 49.05
CA CYS O 525 -12.20 -41.05 48.65
C CYS O 525 -13.26 -41.93 49.33
N LEU O 526 -13.03 -43.24 49.32
CA LEU O 526 -13.99 -44.23 49.84
C LEU O 526 -14.16 -44.19 51.37
N ARG O 527 -13.06 -43.91 52.08
CA ARG O 527 -13.01 -43.65 53.54
C ARG O 527 -13.93 -42.50 53.96
N PHE O 528 -13.83 -41.39 53.22
CA PHE O 528 -14.74 -40.26 53.35
C PHE O 528 -16.22 -40.60 53.04
N MET O 529 -16.44 -41.47 52.04
CA MET O 529 -17.77 -41.98 51.71
C MET O 529 -18.35 -42.81 52.86
N ARG O 530 -17.55 -43.75 53.35
CA ARG O 530 -17.82 -44.54 54.57
C ARG O 530 -18.17 -43.68 55.77
N GLU O 531 -17.34 -42.66 56.02
CA GLU O 531 -17.61 -41.64 57.03
C GLU O 531 -18.95 -40.95 56.83
N VAL O 532 -19.22 -40.49 55.60
CA VAL O 532 -20.49 -39.86 55.26
C VAL O 532 -21.69 -40.85 55.45
N GLU O 533 -21.48 -42.14 55.08
CA GLU O 533 -22.50 -43.21 55.22
C GLU O 533 -22.82 -43.49 56.69
N GLN O 534 -21.78 -43.47 57.52
CA GLN O 534 -21.88 -43.71 58.96
C GLN O 534 -22.72 -42.67 59.63
N LEU O 535 -22.35 -41.41 59.44
CA LEU O 535 -22.97 -40.28 60.13
C LEU O 535 -24.41 -39.99 59.67
N MET O 536 -24.77 -40.41 58.46
CA MET O 536 -26.11 -40.21 57.90
C MET O 536 -27.05 -41.42 58.03
N THR O 537 -26.49 -42.63 57.90
CA THR O 537 -27.30 -43.86 57.97
C THR O 537 -26.93 -44.77 59.17
N ALA P 1 16.20 -8.44 15.47
CA ALA P 1 15.20 -9.15 16.34
C ALA P 1 15.80 -10.40 16.98
N ARG P 2 16.32 -11.28 16.13
CA ARG P 2 17.01 -12.51 16.55
C ARG P 2 18.54 -12.35 16.48
N GLY P 3 19.00 -11.08 16.45
CA GLY P 3 20.38 -10.70 16.74
C GLY P 3 20.59 -10.43 18.24
N ALA P 4 19.61 -10.84 19.05
CA ALA P 4 19.78 -11.12 20.49
C ALA P 4 20.15 -12.61 20.78
N ALA P 5 20.78 -13.26 19.78
CA ALA P 5 21.66 -14.42 19.99
C ALA P 5 23.05 -13.99 20.52
N THR P 6 23.42 -12.72 20.23
CA THR P 6 24.56 -12.02 20.84
C THR P 6 24.27 -11.61 22.30
N ARG P 7 22.99 -11.41 22.63
CA ARG P 7 22.54 -11.18 24.02
C ARG P 7 22.62 -12.46 24.91
N ALA P 8 22.51 -13.63 24.29
CA ALA P 8 22.55 -14.91 25.02
C ALA P 8 23.94 -15.51 25.08
N ARG P 9 24.73 -15.23 24.02
CA ARG P 9 26.17 -15.52 23.97
C ARG P 9 26.92 -14.96 25.16
N GLN P 10 26.64 -13.68 25.51
CA GLN P 10 27.28 -13.03 26.65
C GLN P 10 26.82 -13.58 27.98
N LYS P 11 25.55 -14.01 28.06
CA LYS P 11 24.98 -14.67 29.25
C LYS P 11 25.65 -16.02 29.53
N GLN P 12 26.11 -16.66 28.46
CA GLN P 12 26.87 -17.90 28.51
C GLN P 12 28.36 -17.69 28.84
N ARG P 13 28.98 -16.64 28.26
CA ARG P 13 30.39 -16.30 28.56
C ARG P 13 30.55 -15.72 29.96
N ALA P 14 29.57 -14.93 30.42
CA ALA P 14 29.60 -14.32 31.77
C ALA P 14 29.30 -15.31 32.90
N SER P 15 28.62 -16.40 32.57
CA SER P 15 28.40 -17.49 33.55
C SER P 15 29.58 -18.46 33.63
N LEU P 16 30.43 -18.45 32.60
CA LEU P 16 31.59 -19.34 32.51
C LEU P 16 32.79 -18.80 33.26
N GLU P 17 32.94 -17.47 33.28
CA GLU P 17 33.91 -16.80 34.14
C GLU P 17 33.51 -16.91 35.62
N THR P 18 32.20 -16.79 35.91
CA THR P 18 31.69 -16.93 37.30
C THR P 18 31.83 -18.34 37.90
N MET P 19 31.95 -19.35 37.03
CA MET P 19 32.38 -20.68 37.45
C MET P 19 33.90 -20.73 37.66
N ASP P 20 34.65 -20.11 36.73
CA ASP P 20 36.15 -20.15 36.72
C ASP P 20 36.78 -19.44 37.92
N LYS P 21 36.13 -18.38 38.39
CA LYS P 21 36.55 -17.65 39.58
C LYS P 21 36.22 -18.43 40.86
N ALA P 22 34.97 -18.93 40.95
CA ALA P 22 34.47 -19.66 42.13
C ALA P 22 35.11 -21.04 42.34
N VAL P 23 35.58 -21.67 41.25
CA VAL P 23 36.44 -22.85 41.36
C VAL P 23 37.85 -22.51 41.86
N GLN P 24 38.38 -21.37 41.40
CA GLN P 24 39.74 -20.94 41.77
C GLN P 24 39.83 -20.31 43.17
N ARG P 25 38.75 -19.64 43.59
CA ARG P 25 38.58 -19.15 44.98
C ARG P 25 38.52 -20.31 45.99
N PHE P 26 37.96 -21.45 45.54
CA PHE P 26 38.04 -22.73 46.26
C PHE P 26 39.43 -23.36 46.14
N ARG P 27 39.97 -23.44 44.90
CA ARG P 27 41.24 -24.21 44.61
C ARG P 27 42.51 -23.58 45.21
N LEU P 28 42.53 -22.23 45.33
CA LEU P 28 43.57 -21.53 46.11
C LEU P 28 43.43 -21.83 47.63
N GLN P 29 42.20 -21.67 48.17
CA GLN P 29 41.88 -21.94 49.59
C GLN P 29 41.89 -23.45 50.03
N ASN P 30 41.95 -24.38 49.06
CA ASN P 30 41.93 -25.84 49.35
C ASN P 30 42.79 -26.77 48.37
N PRO P 31 44.14 -26.59 48.34
CA PRO P 31 44.97 -27.22 47.27
C PRO P 31 45.25 -28.74 47.46
N ASP P 32 45.19 -29.22 48.71
CA ASP P 32 45.65 -30.57 49.09
C ASP P 32 44.70 -31.73 48.69
N LEU P 33 43.48 -31.39 48.25
CA LEU P 33 42.46 -32.37 47.77
C LEU P 33 42.76 -32.94 46.36
N ASP P 34 42.72 -34.28 46.27
CA ASP P 34 42.89 -35.01 45.01
C ASP P 34 41.70 -34.84 44.06
N SER P 35 41.92 -34.06 42.99
CA SER P 35 40.90 -33.76 41.96
C SER P 35 40.46 -35.02 41.23
N GLU P 36 41.43 -35.67 40.55
CA GLU P 36 41.23 -36.93 39.77
C GLU P 36 40.45 -38.04 40.49
N ALA P 37 40.80 -38.31 41.75
CA ALA P 37 40.20 -39.40 42.54
C ALA P 37 38.77 -39.12 43.04
N LEU P 38 38.43 -37.83 43.23
CA LEU P 38 37.03 -37.39 43.46
C LEU P 38 36.12 -37.74 42.26
N LEU P 39 36.53 -37.32 41.06
CA LEU P 39 35.77 -37.52 39.82
C LEU P 39 35.60 -39.00 39.47
N THR P 40 36.68 -39.80 39.63
CA THR P 40 36.67 -41.24 39.25
C THR P 40 35.87 -42.18 40.20
N LEU P 41 35.32 -41.60 41.28
CA LEU P 41 34.32 -42.26 42.11
C LEU P 41 33.05 -42.47 41.28
N PRO P 42 32.53 -43.72 41.27
CA PRO P 42 31.11 -43.94 40.93
C PRO P 42 30.17 -43.29 41.96
N LEU P 43 28.93 -43.04 41.57
CA LEU P 43 28.01 -42.19 42.33
C LEU P 43 27.65 -42.78 43.70
N LEU P 44 27.61 -44.10 43.80
CA LEU P 44 27.08 -44.82 44.97
C LEU P 44 28.03 -44.68 46.13
N GLN P 45 29.32 -44.82 45.82
CA GLN P 45 30.42 -44.51 46.73
C GLN P 45 30.50 -43.03 47.02
N LEU P 46 30.25 -42.20 45.99
CA LEU P 46 30.26 -40.73 46.13
C LEU P 46 29.23 -40.23 47.15
N VAL P 47 27.99 -40.75 47.08
CA VAL P 47 26.94 -40.41 48.08
C VAL P 47 27.20 -41.02 49.45
N GLN P 48 27.80 -42.23 49.49
CA GLN P 48 28.02 -42.96 50.76
C GLN P 48 29.14 -42.35 51.62
N LYS P 49 30.19 -41.85 50.95
CA LYS P 49 31.23 -41.02 51.56
C LYS P 49 30.67 -39.67 52.02
N LEU P 50 29.74 -39.12 51.23
CA LEU P 50 29.04 -37.85 51.55
C LEU P 50 28.06 -37.99 52.71
N GLN P 51 27.53 -39.21 52.89
CA GLN P 51 26.59 -39.52 53.97
C GLN P 51 27.29 -39.76 55.30
N SER P 52 28.45 -40.43 55.26
CA SER P 52 29.25 -40.73 56.48
C SER P 52 30.17 -39.57 56.94
N GLY P 53 30.18 -38.46 56.16
CA GLY P 53 30.91 -37.23 56.50
C GLY P 53 32.34 -37.18 55.98
N GLU P 54 32.71 -38.18 55.16
CA GLU P 54 34.10 -38.36 54.70
C GLU P 54 34.57 -37.33 53.65
N LEU P 55 33.62 -36.77 52.88
CA LEU P 55 33.87 -35.58 52.04
C LEU P 55 32.89 -34.46 52.36
N SER P 56 33.30 -33.22 52.07
CA SER P 56 32.44 -32.03 52.26
C SER P 56 31.58 -31.73 50.98
N PRO P 57 30.35 -31.18 51.14
CA PRO P 57 29.53 -30.69 50.01
C PRO P 57 30.24 -29.73 49.06
N GLU P 58 31.05 -28.81 49.60
CA GLU P 58 31.84 -27.87 48.79
C GLU P 58 32.92 -28.58 47.98
N ALA P 59 33.55 -29.58 48.60
CA ALA P 59 34.61 -30.39 47.95
C ALA P 59 34.11 -31.16 46.71
N VAL P 60 32.96 -31.82 46.83
CA VAL P 60 32.36 -32.58 45.73
C VAL P 60 31.66 -31.67 44.68
N PHE P 61 31.23 -30.48 45.13
CA PHE P 61 30.56 -29.53 44.27
C PHE P 61 31.57 -28.80 43.37
N PHE P 62 32.60 -28.21 43.97
CA PHE P 62 33.53 -27.33 43.24
C PHE P 62 34.56 -28.12 42.42
N THR P 63 34.82 -29.38 42.81
CA THR P 63 35.64 -30.29 41.97
C THR P 63 34.88 -30.68 40.70
N TYR P 64 33.56 -30.89 40.83
CA TYR P 64 32.73 -31.18 39.67
C TYR P 64 32.53 -29.99 38.78
N LEU P 65 32.17 -28.85 39.40
CA LEU P 65 32.13 -27.50 38.76
C LEU P 65 33.44 -27.16 38.01
N GLY P 66 34.57 -27.57 38.62
CA GLY P 66 35.90 -27.58 38.01
C GLY P 66 35.91 -28.35 36.72
N LYS P 67 35.59 -29.66 36.78
CA LYS P 67 35.62 -30.54 35.61
C LYS P 67 34.62 -30.11 34.54
N ALA P 68 33.42 -29.70 34.98
CA ALA P 68 32.35 -29.14 34.09
C ALA P 68 32.83 -27.96 33.24
N TRP P 69 33.53 -27.02 33.88
CA TRP P 69 34.21 -25.92 33.22
C TRP P 69 35.36 -26.40 32.28
N GLU P 70 36.17 -27.35 32.76
CA GLU P 70 37.38 -27.85 32.07
C GLU P 70 37.10 -28.47 30.71
N VAL P 71 35.97 -29.19 30.60
CA VAL P 71 35.58 -29.92 29.35
C VAL P 71 34.64 -29.13 28.41
N ASN P 72 33.96 -28.11 28.95
CA ASN P 72 33.09 -27.21 28.16
C ASN P 72 33.87 -26.37 27.10
N LYS P 73 35.14 -26.05 27.40
CA LYS P 73 36.08 -25.51 26.38
C LYS P 73 36.27 -26.45 25.17
N GLY P 74 36.16 -27.77 25.43
CA GLY P 74 36.21 -28.78 24.38
C GLY P 74 34.88 -29.06 23.68
N THR P 75 33.79 -29.08 24.43
CA THR P 75 32.51 -29.60 23.91
C THR P 75 31.41 -28.58 23.71
N ASN P 76 31.49 -27.44 24.39
CA ASN P 76 30.44 -26.37 24.38
C ASN P 76 29.01 -26.86 24.76
N CYS P 77 28.92 -27.47 25.95
CA CYS P 77 27.69 -28.10 26.45
C CYS P 77 26.99 -27.30 27.57
N VAL P 78 27.59 -26.19 27.99
CA VAL P 78 27.14 -25.45 29.17
C VAL P 78 26.44 -24.14 28.76
N THR P 79 25.15 -24.08 29.03
CA THR P 79 24.30 -22.97 28.57
C THR P 79 24.32 -21.78 29.58
N SER P 80 24.21 -22.09 30.89
CA SER P 80 24.50 -21.13 31.96
C SER P 80 24.96 -21.87 33.22
N TYR P 81 25.58 -21.13 34.13
CA TYR P 81 25.75 -21.55 35.52
C TYR P 81 24.49 -21.16 36.28
N LEU P 82 23.97 -22.10 37.09
CA LEU P 82 22.68 -21.93 37.76
C LEU P 82 22.84 -21.21 39.12
N THR P 83 23.30 -19.95 39.07
CA THR P 83 24.10 -19.28 40.15
C THR P 83 23.54 -19.36 41.59
N ASP P 84 22.20 -19.34 41.71
CA ASP P 84 21.53 -19.40 43.01
C ASP P 84 21.51 -20.80 43.70
N CYS P 85 22.42 -21.69 43.25
CA CYS P 85 23.07 -22.68 44.13
C CYS P 85 24.03 -22.02 45.18
N GLU P 86 24.86 -22.84 45.87
CA GLU P 86 25.68 -22.43 47.07
C GLU P 86 24.88 -21.99 48.32
N THR P 87 23.76 -21.27 48.11
CA THR P 87 22.61 -21.26 49.03
C THR P 87 21.81 -22.58 48.98
N GLN P 88 21.95 -23.31 47.87
CA GLN P 88 21.49 -24.71 47.74
C GLN P 88 22.57 -25.71 48.28
N LEU P 89 23.78 -25.21 48.58
CA LEU P 89 24.76 -25.97 49.39
C LEU P 89 24.46 -25.93 50.91
N SER P 90 24.24 -24.70 51.43
CA SER P 90 24.03 -24.42 52.90
C SER P 90 22.77 -25.10 53.50
N GLN P 91 21.66 -25.02 52.75
CA GLN P 91 20.39 -25.68 53.10
C GLN P 91 20.09 -26.87 52.14
N ALA P 92 21.04 -27.80 52.05
CA ALA P 92 20.82 -29.10 51.43
C ALA P 92 20.46 -30.15 52.51
N PRO P 93 19.22 -30.71 52.45
CA PRO P 93 18.69 -31.60 53.52
C PRO P 93 19.49 -32.92 53.74
N ARG P 94 19.79 -33.22 55.01
CA ARG P 94 20.92 -34.09 55.42
C ARG P 94 20.74 -35.57 55.06
N GLN P 95 19.57 -36.13 55.37
CA GLN P 95 19.23 -37.53 55.09
C GLN P 95 18.41 -37.70 53.79
N GLY P 96 18.59 -36.76 52.84
CA GLY P 96 18.02 -36.85 51.50
C GLY P 96 18.85 -37.75 50.61
N LEU P 97 18.18 -38.59 49.83
CA LEU P 97 18.78 -39.79 49.24
C LEU P 97 19.90 -39.54 48.21
N LEU P 98 19.97 -38.30 47.70
CA LEU P 98 21.11 -37.80 46.92
C LEU P 98 21.60 -36.48 47.51
N TYR P 99 22.02 -36.51 48.78
CA TYR P 99 22.37 -35.30 49.56
C TYR P 99 23.51 -34.44 48.96
N GLY P 100 24.57 -35.08 48.49
CA GLY P 100 25.73 -34.34 48.05
C GLY P 100 25.66 -33.84 46.64
N VAL P 101 24.82 -34.50 45.84
CA VAL P 101 25.03 -34.72 44.41
C VAL P 101 24.71 -33.47 43.58
N PRO P 102 25.72 -32.88 42.91
CA PRO P 102 25.46 -31.91 41.84
C PRO P 102 24.79 -32.57 40.63
N VAL P 103 23.75 -31.95 40.07
CA VAL P 103 23.07 -32.51 38.86
C VAL P 103 22.98 -31.57 37.65
N SER P 104 23.04 -32.14 36.46
CA SER P 104 22.89 -31.37 35.25
C SER P 104 21.45 -31.40 34.74
N LEU P 105 20.96 -30.23 34.31
CA LEU P 105 19.61 -30.13 33.78
C LEU P 105 19.65 -29.73 32.36
N LYS P 106 18.98 -30.55 31.52
CA LYS P 106 18.54 -30.15 30.19
C LYS P 106 17.78 -28.85 30.28
N GLU P 107 18.12 -27.94 29.36
CA GLU P 107 17.71 -26.54 29.38
C GLU P 107 16.18 -26.31 29.62
N CYS P 108 15.36 -27.19 29.04
CA CYS P 108 13.90 -27.20 29.18
C CYS P 108 13.32 -27.57 30.57
N PHE P 109 14.18 -27.89 31.54
CA PHE P 109 13.76 -28.04 32.93
C PHE P 109 13.86 -26.68 33.51
N SER P 110 12.70 -26.05 33.75
CA SER P 110 12.65 -24.60 34.06
C SER P 110 13.17 -24.35 35.45
N TYR P 111 14.05 -23.35 35.56
CA TYR P 111 14.79 -23.09 36.80
C TYR P 111 14.61 -21.59 37.20
N LYS P 112 14.06 -21.36 38.41
CA LYS P 112 13.69 -20.01 38.93
C LYS P 112 14.78 -18.92 38.71
N GLY P 113 14.43 -17.91 37.94
CA GLY P 113 15.34 -16.83 37.62
C GLY P 113 16.11 -17.01 36.33
N HIS P 114 16.17 -18.24 35.80
CA HIS P 114 16.92 -18.53 34.57
C HIS P 114 16.04 -18.70 33.34
N ASP P 115 16.64 -18.41 32.19
CA ASP P 115 15.96 -18.63 30.92
C ASP P 115 15.80 -20.15 30.58
N SER P 116 14.73 -20.44 29.84
CA SER P 116 14.53 -21.74 29.20
C SER P 116 14.40 -21.56 27.66
N THR P 117 15.50 -21.11 27.02
CA THR P 117 15.48 -20.79 25.58
C THR P 117 15.65 -22.07 24.83
N LEU P 118 14.67 -22.44 24.05
CA LEU P 118 14.69 -23.80 23.55
C LEU P 118 15.46 -23.95 22.26
N GLY P 119 16.55 -23.14 22.14
CA GLY P 119 17.11 -22.73 20.87
C GLY P 119 16.54 -21.45 20.28
N LEU P 120 15.32 -21.08 20.69
CA LEU P 120 14.55 -20.06 20.03
C LEU P 120 14.70 -18.68 20.68
N SER P 121 14.88 -17.66 19.80
CA SER P 121 14.99 -16.23 20.17
C SER P 121 13.76 -15.74 20.94
N LEU P 122 12.59 -16.12 20.40
CA LEU P 122 11.29 -16.07 21.07
C LEU P 122 11.28 -16.20 22.62
N ASN P 123 11.93 -17.26 23.16
CA ASN P 123 11.98 -17.47 24.63
C ASN P 123 13.23 -16.91 25.35
N GLU P 124 14.10 -16.18 24.63
CA GLU P 124 15.24 -15.48 25.26
C GLU P 124 14.80 -14.23 26.06
N GLY P 125 13.66 -13.65 25.69
CA GLY P 125 12.98 -12.62 26.47
C GLY P 125 12.96 -12.86 28.01
N MET P 126 12.45 -14.03 28.41
CA MET P 126 11.95 -14.21 29.78
C MET P 126 12.58 -15.39 30.53
N PRO P 127 13.01 -15.13 31.79
CA PRO P 127 13.28 -16.21 32.76
C PRO P 127 12.02 -16.94 33.22
N SER P 128 12.20 -18.04 33.95
CA SER P 128 11.07 -18.77 34.52
C SER P 128 10.70 -18.24 35.89
N GLU P 129 9.39 -18.05 36.11
CA GLU P 129 8.84 -17.67 37.43
C GLU P 129 9.02 -18.74 38.54
N SER P 130 9.19 -20.01 38.14
CA SER P 130 9.26 -21.11 39.11
C SER P 130 10.16 -22.28 38.73
N ASP P 131 10.69 -22.93 39.77
CA ASP P 131 11.41 -24.21 39.69
C ASP P 131 10.43 -25.29 39.31
N CYS P 132 10.85 -26.15 38.39
CA CYS P 132 9.97 -27.23 37.90
C CYS P 132 9.93 -28.40 38.89
N VAL P 133 8.99 -29.33 38.70
CA VAL P 133 8.64 -30.27 39.77
C VAL P 133 9.73 -31.32 40.02
N VAL P 134 10.33 -31.86 38.97
CA VAL P 134 11.50 -32.75 39.16
C VAL P 134 12.74 -32.06 39.79
N VAL P 135 13.00 -30.79 39.43
CA VAL P 135 14.03 -29.96 40.07
C VAL P 135 13.69 -29.75 41.54
N GLN P 136 12.40 -29.43 41.80
CA GLN P 136 11.89 -29.30 43.16
C GLN P 136 12.25 -30.48 44.03
N VAL P 137 11.86 -31.70 43.58
CA VAL P 137 12.18 -32.93 44.35
C VAL P 137 13.67 -33.33 44.39
N LEU P 138 14.44 -32.94 43.36
CA LEU P 138 15.92 -33.07 43.42
C LEU P 138 16.50 -32.29 44.59
N LYS P 139 16.11 -30.99 44.71
CA LYS P 139 16.49 -30.14 45.86
C LYS P 139 15.99 -30.67 47.21
N LEU P 140 14.71 -31.10 47.25
CA LEU P 140 14.11 -31.75 48.46
C LEU P 140 14.64 -33.18 48.82
N GLN P 141 15.47 -33.74 47.91
CA GLN P 141 16.26 -34.95 48.17
C GLN P 141 17.75 -34.66 48.26
N GLY P 142 18.07 -33.37 48.39
CA GLY P 142 19.43 -32.95 48.68
C GLY P 142 20.30 -32.63 47.49
N ALA P 143 19.87 -33.04 46.27
CA ALA P 143 20.61 -32.72 45.03
C ALA P 143 20.80 -31.22 44.78
N VAL P 144 21.94 -30.88 44.18
CA VAL P 144 22.36 -29.48 44.00
C VAL P 144 22.54 -29.16 42.50
N PRO P 145 21.43 -28.82 41.81
CA PRO P 145 21.47 -28.59 40.34
C PRO P 145 22.22 -27.33 39.97
N PHE P 146 23.13 -27.43 39.00
CA PHE P 146 24.26 -26.48 38.84
C PHE P 146 24.58 -26.01 37.43
N VAL P 147 23.96 -26.65 36.43
CA VAL P 147 24.12 -26.26 35.01
C VAL P 147 22.82 -26.44 34.25
N HIS P 148 22.57 -25.53 33.29
CA HIS P 148 21.69 -25.86 32.17
C HIS P 148 22.54 -26.35 31.02
N THR P 149 22.10 -27.42 30.37
CA THR P 149 22.85 -27.97 29.27
C THR P 149 22.19 -27.70 27.94
N ASN P 150 23.02 -27.46 26.91
CA ASN P 150 22.60 -27.00 25.58
C ASN P 150 21.72 -28.04 24.84
N VAL P 151 20.76 -27.54 24.05
CA VAL P 151 19.87 -28.37 23.20
C VAL P 151 20.04 -27.94 21.70
N PRO P 152 19.57 -28.77 20.72
CA PRO P 152 19.31 -28.28 19.36
C PRO P 152 18.12 -27.34 19.26
N GLN P 153 17.98 -26.68 18.10
CA GLN P 153 17.15 -25.51 17.94
C GLN P 153 15.70 -25.58 18.41
N SER P 154 15.00 -26.68 18.16
CA SER P 154 13.65 -26.71 18.72
C SER P 154 13.34 -27.78 19.69
N MET P 155 14.40 -28.39 20.23
CA MET P 155 14.40 -29.78 20.78
C MET P 155 14.07 -30.93 19.79
N LEU P 156 13.69 -30.63 18.53
CA LEU P 156 13.29 -31.69 17.57
C LEU P 156 14.37 -31.98 16.55
N SER P 157 15.44 -32.58 17.08
CA SER P 157 16.61 -33.01 16.32
C SER P 157 17.39 -33.95 17.19
N PHE P 158 18.08 -34.93 16.58
CA PHE P 158 19.14 -35.65 17.29
C PHE P 158 20.58 -35.18 16.99
N ASP P 159 20.68 -33.94 16.50
CA ASP P 159 21.90 -33.13 16.64
C ASP P 159 21.84 -32.26 17.93
N CYS P 160 22.87 -31.44 18.17
CA CYS P 160 22.87 -30.45 19.28
C CYS P 160 23.62 -29.19 18.89
N SER P 161 22.85 -28.20 18.43
CA SER P 161 23.35 -26.92 17.92
C SER P 161 22.14 -26.02 17.72
N ASN P 162 22.30 -24.74 18.06
CA ASN P 162 21.23 -23.75 17.92
C ASN P 162 21.83 -22.35 17.75
N PRO P 163 21.14 -21.45 17.00
CA PRO P 163 21.62 -20.07 16.73
C PRO P 163 22.05 -19.24 17.94
N LEU P 164 21.45 -19.48 19.10
CA LEU P 164 21.72 -18.74 20.32
C LEU P 164 23.02 -19.16 21.08
N PHE P 165 23.36 -20.47 21.07
CA PHE P 165 24.49 -21.00 21.90
C PHE P 165 25.64 -21.71 21.16
N GLY P 166 25.47 -21.93 19.86
CA GLY P 166 26.44 -22.65 19.06
C GLY P 166 26.35 -24.17 19.20
N GLN P 167 27.28 -24.87 18.56
CA GLN P 167 27.32 -26.34 18.52
C GLN P 167 27.79 -26.91 19.83
N THR P 168 27.19 -28.03 20.23
CA THR P 168 27.85 -29.01 21.12
C THR P 168 28.61 -30.06 20.29
N MET P 169 29.80 -30.47 20.77
CA MET P 169 30.57 -31.58 20.15
C MET P 169 30.57 -32.86 20.99
N ASN P 170 30.83 -34.00 20.31
CA ASN P 170 31.21 -35.24 20.99
C ASN P 170 32.60 -35.11 21.65
N PRO P 171 32.68 -35.44 22.96
CA PRO P 171 33.97 -35.55 23.69
C PRO P 171 34.90 -36.71 23.26
N TRP P 172 34.40 -37.68 22.50
CA TRP P 172 35.26 -38.73 22.00
C TRP P 172 36.05 -38.30 20.74
N LYS P 173 35.39 -37.50 19.87
CA LYS P 173 35.99 -36.98 18.59
C LYS P 173 35.21 -35.75 18.07
N SER P 174 35.92 -34.62 17.92
CA SER P 174 35.30 -33.28 17.70
C SER P 174 34.51 -33.10 16.38
N SER P 175 34.72 -34.03 15.43
CA SER P 175 34.04 -34.02 14.12
C SER P 175 32.64 -34.67 14.15
N LYS P 176 32.30 -35.32 15.27
CA LYS P 176 31.01 -36.07 15.44
C LYS P 176 29.97 -35.35 16.32
N SER P 177 28.72 -35.82 16.21
CA SER P 177 27.62 -35.39 17.05
C SER P 177 27.72 -35.95 18.47
N PRO P 178 27.42 -35.12 19.47
CA PRO P 178 27.13 -35.60 20.81
C PRO P 178 25.70 -36.14 20.96
N GLY P 179 24.94 -36.27 19.87
CA GLY P 179 23.56 -36.66 19.95
C GLY P 179 22.65 -35.53 20.36
N GLY P 180 21.44 -35.89 20.74
CA GLY P 180 20.37 -34.94 20.86
C GLY P 180 19.10 -35.67 21.26
N SER P 181 18.09 -34.93 21.72
CA SER P 181 18.17 -33.52 22.00
C SER P 181 18.70 -33.17 23.40
N SER P 182 18.97 -34.18 24.23
CA SER P 182 19.77 -33.96 25.44
C SER P 182 21.28 -34.15 25.13
N GLY P 183 21.76 -33.47 24.10
CA GLY P 183 23.12 -33.65 23.61
C GLY P 183 24.16 -32.98 24.49
N GLY P 184 23.76 -31.88 25.15
CA GLY P 184 24.56 -31.19 26.16
C GLY P 184 24.82 -32.09 27.35
N GLU P 185 23.73 -32.61 27.93
CA GLU P 185 23.75 -33.68 28.94
C GLU P 185 24.77 -34.80 28.69
N GLY P 186 24.69 -35.41 27.51
CA GLY P 186 25.58 -36.52 27.16
C GLY P 186 27.04 -36.12 26.94
N ALA P 187 27.24 -34.87 26.51
CA ALA P 187 28.58 -34.29 26.39
C ALA P 187 29.21 -33.99 27.75
N LEU P 188 28.38 -33.68 28.75
CA LEU P 188 28.87 -33.32 30.09
C LEU P 188 29.26 -34.53 30.91
N ILE P 189 28.39 -35.55 30.91
CA ILE P 189 28.59 -36.75 31.73
C ILE P 189 29.69 -37.66 31.16
N GLY P 190 29.64 -37.92 29.86
CA GLY P 190 30.78 -38.46 29.12
C GLY P 190 31.87 -37.41 29.11
N SER P 191 33.13 -37.82 29.27
CA SER P 191 34.29 -36.97 29.73
C SER P 191 34.29 -36.58 31.22
N GLY P 192 33.23 -36.93 31.96
CA GLY P 192 33.26 -36.92 33.41
C GLY P 192 32.87 -35.63 34.15
N GLY P 193 32.34 -34.63 33.43
CA GLY P 193 31.98 -33.33 34.04
C GLY P 193 30.77 -33.28 35.02
N SER P 194 30.03 -34.40 35.15
CA SER P 194 28.85 -34.49 36.05
C SER P 194 28.57 -35.97 36.41
N PRO P 195 28.11 -36.25 37.66
CA PRO P 195 27.69 -37.63 38.03
C PRO P 195 26.33 -38.06 37.42
N LEU P 196 25.48 -37.08 37.09
CA LEU P 196 24.04 -37.30 36.99
C LEU P 196 23.38 -36.18 36.26
N GLY P 197 22.46 -36.57 35.40
CA GLY P 197 21.74 -35.65 34.58
C GLY P 197 20.38 -36.11 34.20
N LEU P 198 19.58 -35.15 33.77
CA LEU P 198 18.19 -35.38 33.43
C LEU P 198 17.94 -34.80 32.04
N GLY P 199 17.27 -35.57 31.21
CA GLY P 199 16.90 -35.15 29.86
C GLY P 199 15.44 -35.38 29.63
N THR P 200 15.00 -35.18 28.38
CA THR P 200 13.61 -35.50 27.96
C THR P 200 13.74 -36.29 26.73
N ASP P 201 12.69 -37.03 26.39
CA ASP P 201 12.70 -37.95 25.27
C ASP P 201 11.26 -38.13 24.77
N ILE P 202 11.04 -37.74 23.51
CA ILE P 202 9.81 -38.06 22.75
C ILE P 202 10.12 -38.80 21.44
N GLY P 203 11.40 -38.97 21.12
CA GLY P 203 11.80 -39.66 19.90
C GLY P 203 13.06 -40.47 20.04
N GLY P 204 13.84 -40.18 21.07
CA GLY P 204 15.09 -40.87 21.33
C GLY P 204 16.07 -39.99 22.09
N SER P 205 15.58 -38.83 22.55
CA SER P 205 16.41 -37.74 23.04
C SER P 205 17.19 -37.96 24.35
N ILE P 206 16.76 -38.90 25.18
CA ILE P 206 17.62 -39.37 26.28
C ILE P 206 18.59 -40.47 25.77
N ARG P 207 18.16 -41.23 24.76
CA ARG P 207 18.89 -42.44 24.34
C ARG P 207 19.99 -42.19 23.31
N PHE P 208 19.69 -41.46 22.23
CA PHE P 208 20.75 -40.96 21.31
C PHE P 208 22.08 -40.47 21.97
N PRO P 209 22.06 -39.42 22.87
CA PRO P 209 23.31 -38.88 23.41
C PRO P 209 24.00 -39.80 24.42
N SER P 210 23.20 -40.62 25.12
CA SER P 210 23.69 -41.73 25.91
C SER P 210 24.50 -42.68 25.07
N ALA P 211 23.94 -43.07 23.91
CA ALA P 211 24.56 -44.02 23.02
C ALA P 211 25.77 -43.46 22.32
N PHE P 212 25.73 -42.18 22.02
CA PHE P 212 26.75 -41.56 21.18
C PHE P 212 28.02 -41.24 22.02
N CYS P 213 27.83 -41.10 23.35
CA CYS P 213 28.91 -40.72 24.27
C CYS P 213 29.33 -41.83 25.27
N GLY P 214 28.61 -42.97 25.24
CA GLY P 214 28.93 -44.15 26.06
C GLY P 214 28.57 -44.03 27.51
N ILE P 215 27.65 -43.11 27.81
CA ILE P 215 27.02 -43.08 29.12
C ILE P 215 25.70 -43.87 29.11
N CYS P 216 25.11 -44.01 30.31
CA CYS P 216 23.82 -44.68 30.49
C CYS P 216 22.63 -43.71 30.60
N GLY P 217 21.51 -44.08 29.97
CA GLY P 217 20.23 -43.40 30.14
C GLY P 217 19.02 -44.33 30.08
N LEU P 218 17.98 -44.01 30.87
CA LEU P 218 16.65 -44.67 30.79
C LEU P 218 15.49 -43.65 30.53
N LYS P 219 14.58 -44.06 29.63
CA LYS P 219 13.33 -43.33 29.36
C LYS P 219 12.17 -44.09 30.01
N PRO P 220 11.69 -43.62 31.18
CA PRO P 220 10.51 -44.18 31.84
C PRO P 220 9.23 -44.06 31.01
N THR P 221 8.28 -44.98 31.19
CA THR P 221 6.85 -44.80 30.80
C THR P 221 6.42 -43.36 30.96
N GLY P 222 5.73 -42.84 29.97
CA GLY P 222 5.40 -41.41 29.86
C GLY P 222 5.10 -40.70 31.15
N ASN P 223 4.11 -41.22 31.87
CA ASN P 223 3.64 -40.61 33.10
C ASN P 223 4.35 -40.99 34.42
N ARG P 224 5.48 -41.75 34.36
CA ARG P 224 6.18 -42.21 35.60
C ARG P 224 6.74 -41.09 36.42
N LEU P 225 7.18 -40.04 35.75
CA LEU P 225 7.64 -38.82 36.38
C LEU P 225 6.78 -37.61 35.94
N SER P 226 6.89 -36.52 36.70
CA SER P 226 6.14 -35.30 36.41
C SER P 226 6.82 -34.48 35.32
N LYS P 227 5.99 -33.89 34.46
CA LYS P 227 6.45 -32.89 33.52
C LYS P 227 5.80 -31.54 33.78
N SER P 228 5.56 -31.24 35.07
CA SER P 228 4.75 -30.08 35.47
C SER P 228 5.33 -28.72 35.06
N GLY P 229 6.65 -28.56 35.15
CA GLY P 229 7.25 -27.30 34.76
C GLY P 229 8.12 -27.30 33.52
N LEU P 230 7.97 -28.33 32.67
CA LEU P 230 8.82 -28.54 31.51
C LEU P 230 8.51 -27.60 30.39
N LYS P 231 9.55 -26.99 29.83
CA LYS P 231 9.38 -26.03 28.76
C LYS P 231 9.35 -26.77 27.47
N GLY P 232 8.27 -26.60 26.73
CA GLY P 232 8.12 -27.24 25.43
C GLY P 232 7.86 -26.22 24.36
N CYS P 233 8.10 -26.61 23.13
CA CYS P 233 7.81 -25.76 22.01
C CYS P 233 6.43 -26.03 21.37
N VAL P 234 5.96 -27.28 21.46
CA VAL P 234 4.49 -27.57 21.36
C VAL P 234 3.95 -28.19 22.64
N TYR P 235 2.62 -28.03 22.83
CA TYR P 235 1.89 -28.53 24.00
C TYR P 235 0.61 -29.18 23.57
N GLY P 236 0.24 -30.26 24.25
CA GLY P 236 -1.07 -30.88 24.10
C GLY P 236 -1.09 -31.99 23.08
N GLN P 237 0.10 -32.41 22.65
CA GLN P 237 0.29 -33.58 21.79
C GLN P 237 0.30 -34.82 22.70
N THR P 238 -0.66 -35.72 22.54
CA THR P 238 -0.83 -36.85 23.50
C THR P 238 -0.66 -38.27 22.91
N ALA P 239 -0.39 -38.33 21.60
CA ALA P 239 -0.27 -39.59 20.90
C ALA P 239 1.16 -39.73 20.46
N VAL P 240 1.89 -40.68 21.07
CA VAL P 240 3.40 -40.60 21.20
C VAL P 240 3.78 -39.69 22.34
N GLN P 241 4.50 -40.26 23.30
CA GLN P 241 4.52 -39.77 24.65
C GLN P 241 5.84 -39.15 24.99
N LEU P 242 5.77 -37.95 25.59
CA LEU P 242 6.93 -37.34 26.18
C LEU P 242 7.31 -38.04 27.51
N SER P 243 8.61 -38.24 27.70
CA SER P 243 9.10 -38.83 28.93
C SER P 243 10.47 -38.31 29.26
N LEU P 244 10.67 -38.06 30.55
CA LEU P 244 11.94 -37.63 31.08
C LEU P 244 12.49 -38.70 31.97
N GLY P 245 13.80 -38.63 32.26
CA GLY P 245 14.47 -39.66 33.03
C GLY P 245 15.97 -39.48 33.07
N PRO P 246 16.65 -40.35 33.81
CA PRO P 246 18.02 -40.07 34.24
C PRO P 246 19.07 -40.38 33.21
N MET P 247 20.19 -39.73 33.38
CA MET P 247 21.35 -39.94 32.57
C MET P 247 22.56 -39.90 33.48
N ALA P 248 23.39 -40.93 33.40
CA ALA P 248 24.57 -41.07 34.28
C ALA P 248 25.62 -41.99 33.71
N ARG P 249 26.72 -42.16 34.44
CA ARG P 249 27.83 -42.99 33.98
C ARG P 249 27.57 -44.52 34.11
N ASP P 250 26.64 -44.87 35.02
CA ASP P 250 26.35 -46.28 35.40
C ASP P 250 24.84 -46.49 35.70
N VAL P 251 24.35 -47.73 35.59
CA VAL P 251 22.91 -47.99 35.84
C VAL P 251 22.39 -47.81 37.28
N GLU P 252 23.27 -48.08 38.25
CA GLU P 252 23.00 -47.95 39.68
C GLU P 252 22.64 -46.50 40.10
N SER P 253 23.19 -45.52 39.34
CA SER P 253 22.86 -44.10 39.50
C SER P 253 21.47 -43.80 38.99
N LEU P 254 21.14 -44.37 37.82
CA LEU P 254 19.85 -44.19 37.18
C LEU P 254 18.79 -44.69 38.13
N ALA P 255 19.01 -45.92 38.62
CA ALA P 255 18.24 -46.50 39.72
C ALA P 255 18.23 -45.73 41.05
N LEU P 256 19.33 -45.01 41.37
CA LEU P 256 19.37 -44.13 42.55
C LEU P 256 18.43 -42.97 42.36
N CYS P 257 18.67 -42.20 41.29
CA CYS P 257 17.85 -41.04 40.92
C CYS P 257 16.39 -41.35 40.85
N LEU P 258 16.03 -42.37 40.07
CA LEU P 258 14.64 -42.85 39.92
C LEU P 258 14.00 -43.31 41.24
N LYS P 259 14.79 -43.83 42.18
CA LYS P 259 14.31 -44.14 43.55
C LYS P 259 14.18 -42.86 44.42
N ALA P 260 15.12 -41.92 44.24
CA ALA P 260 15.13 -40.66 44.97
C ALA P 260 14.05 -39.69 44.46
N LEU P 261 13.81 -39.75 43.14
CA LEU P 261 12.71 -39.04 42.51
C LEU P 261 11.35 -39.62 42.88
N LEU P 262 11.22 -40.97 42.88
CA LEU P 262 9.92 -41.65 43.09
C LEU P 262 9.57 -41.78 44.57
N CYS P 263 9.26 -40.64 45.15
CA CYS P 263 9.17 -40.49 46.57
C CYS P 263 7.93 -39.65 46.87
N GLU P 264 7.51 -39.64 48.16
CA GLU P 264 6.26 -38.99 48.59
C GLU P 264 6.18 -37.45 48.38
N HIS P 265 7.27 -36.84 47.94
CA HIS P 265 7.36 -35.39 47.71
C HIS P 265 6.92 -35.05 46.31
N LEU P 266 7.33 -35.89 45.35
CA LEU P 266 6.85 -35.84 43.96
C LEU P 266 5.36 -36.11 43.91
N PHE P 267 4.91 -37.14 44.62
CA PHE P 267 3.53 -37.55 44.51
C PHE P 267 2.57 -36.54 45.16
N THR P 268 3.08 -35.82 46.17
CA THR P 268 2.35 -34.70 46.77
C THR P 268 2.39 -33.45 45.88
N LEU P 269 3.59 -33.08 45.40
CA LEU P 269 3.72 -31.98 44.45
C LEU P 269 3.44 -32.46 43.05
N ASP P 270 2.16 -32.42 42.63
CA ASP P 270 1.61 -33.14 41.41
C ASP P 270 1.02 -34.58 41.66
N PRO P 271 -0.23 -34.66 42.19
CA PRO P 271 -1.00 -35.92 42.25
C PRO P 271 -1.38 -36.58 40.93
N THR P 272 -1.16 -35.96 39.76
CA THR P 272 -1.49 -36.60 38.44
C THR P 272 -0.58 -37.79 38.08
N VAL P 273 0.65 -37.75 38.58
CA VAL P 273 1.57 -38.84 38.45
C VAL P 273 1.06 -39.91 39.39
N PRO P 274 1.00 -41.17 38.94
CA PRO P 274 0.60 -42.28 39.83
C PRO P 274 1.64 -42.58 40.95
N PRO P 275 1.20 -42.64 42.23
CA PRO P 275 2.11 -42.86 43.37
C PRO P 275 2.71 -44.30 43.51
N LEU P 276 3.35 -44.78 42.43
CA LEU P 276 4.12 -46.05 42.40
C LEU P 276 5.53 -45.82 42.97
N PRO P 277 5.83 -46.43 44.14
CA PRO P 277 7.20 -46.38 44.69
C PRO P 277 8.17 -47.29 43.95
N PHE P 278 9.45 -46.92 43.92
CA PHE P 278 10.50 -47.73 43.31
C PHE P 278 10.63 -49.05 44.01
N ARG P 279 10.23 -50.11 43.32
CA ARG P 279 10.27 -51.44 43.89
C ARG P 279 11.70 -52.00 43.89
N GLU P 280 12.35 -51.82 45.04
CA GLU P 280 13.74 -52.24 45.29
C GLU P 280 13.96 -53.71 45.04
N GLU P 281 12.97 -54.52 45.44
CA GLU P 281 12.99 -55.97 45.29
C GLU P 281 12.94 -56.48 43.82
N VAL P 282 12.31 -55.70 42.93
CA VAL P 282 12.15 -56.05 41.49
C VAL P 282 13.44 -55.71 40.75
N TYR P 283 14.08 -54.61 41.21
CA TYR P 283 15.36 -54.14 40.72
C TYR P 283 16.51 -55.07 41.09
N ARG P 284 16.51 -55.53 42.34
CA ARG P 284 17.68 -56.21 42.92
C ARG P 284 17.68 -57.72 42.62
N SER P 285 16.55 -58.22 42.09
CA SER P 285 16.33 -59.66 41.88
C SER P 285 17.29 -60.21 40.88
N SER P 286 17.70 -61.46 41.10
CA SER P 286 18.73 -62.09 40.26
C SER P 286 18.16 -63.20 39.35
N ARG P 287 16.82 -63.33 39.36
CA ARG P 287 16.09 -64.41 38.69
C ARG P 287 16.24 -64.38 37.14
N PRO P 288 16.39 -65.58 36.49
CA PRO P 288 16.64 -65.64 35.04
C PRO P 288 15.43 -65.22 34.18
N LEU P 289 15.68 -64.26 33.30
CA LEU P 289 14.67 -63.59 32.47
C LEU P 289 14.58 -64.24 31.11
N ARG P 290 13.35 -64.55 30.70
CA ARG P 290 13.02 -64.76 29.31
C ARG P 290 13.17 -63.42 28.56
N VAL P 291 14.07 -63.41 27.57
CA VAL P 291 14.48 -62.16 26.90
C VAL P 291 14.12 -62.24 25.43
N GLY P 292 13.26 -61.31 24.99
CA GLY P 292 13.06 -61.07 23.56
C GLY P 292 14.25 -60.36 22.96
N TYR P 293 14.52 -60.62 21.68
CA TYR P 293 15.56 -59.94 20.94
C TYR P 293 15.23 -59.81 19.45
N TYR P 294 15.80 -58.78 18.80
CA TYR P 294 15.89 -58.69 17.33
C TYR P 294 17.14 -57.96 16.85
N GLU P 295 17.61 -58.35 15.65
CA GLU P 295 18.86 -57.82 15.07
C GLU P 295 18.66 -56.53 14.32
N THR P 296 17.45 -56.36 13.78
CA THR P 296 17.07 -55.20 12.98
C THR P 296 15.54 -55.01 13.02
N ASP P 297 15.06 -53.77 12.74
CA ASP P 297 13.62 -53.48 12.62
C ASP P 297 13.08 -53.65 11.16
N ASN P 298 14.00 -53.97 10.22
CA ASN P 298 13.78 -53.97 8.75
C ASN P 298 13.32 -52.63 8.17
N TYR P 299 13.86 -51.55 8.75
CA TYR P 299 13.52 -50.20 8.35
C TYR P 299 14.79 -49.34 8.22
N THR P 300 15.46 -49.08 9.35
CA THR P 300 16.86 -48.72 9.34
C THR P 300 17.66 -50.00 9.25
N MET P 301 18.68 -50.01 8.38
CA MET P 301 19.75 -51.01 8.51
C MET P 301 20.73 -50.66 9.65
N PRO P 302 21.05 -51.66 10.50
CA PRO P 302 22.12 -51.50 11.50
C PRO P 302 23.50 -51.33 10.89
N SER P 303 24.35 -50.54 11.56
CA SER P 303 25.80 -50.58 11.36
C SER P 303 26.35 -51.96 11.74
N PRO P 304 27.47 -52.39 11.13
CA PRO P 304 28.15 -53.63 11.56
C PRO P 304 28.63 -53.60 13.04
N ALA P 305 28.90 -52.38 13.55
CA ALA P 305 29.03 -52.11 14.97
C ALA P 305 27.76 -52.45 15.80
N MET P 306 26.59 -52.03 15.30
CA MET P 306 25.30 -52.29 15.98
C MET P 306 24.94 -53.78 15.98
N ARG P 307 25.15 -54.42 14.80
CA ARG P 307 24.87 -55.83 14.57
C ARG P 307 25.64 -56.75 15.52
N ARG P 308 26.96 -56.49 15.64
CA ARG P 308 27.87 -57.20 16.55
C ARG P 308 27.52 -56.94 18.00
N ALA P 309 27.33 -55.66 18.37
CA ALA P 309 26.93 -55.23 19.75
C ALA P 309 25.74 -55.98 20.26
N LEU P 310 24.72 -56.14 19.40
CA LEU P 310 23.52 -56.90 19.68
C LEU P 310 23.81 -58.37 19.92
N ILE P 311 24.40 -59.03 18.90
CA ILE P 311 24.71 -60.50 18.90
C ILE P 311 25.76 -60.89 19.99
N GLU P 312 26.63 -59.94 20.35
CA GLU P 312 27.56 -60.14 21.47
C GLU P 312 26.91 -60.21 22.87
N THR P 313 26.02 -59.26 23.20
CA THR P 313 25.25 -59.28 24.48
C THR P 313 24.25 -60.45 24.54
N LYS P 314 23.69 -60.81 23.37
CA LYS P 314 22.77 -61.97 23.23
C LYS P 314 23.44 -63.30 23.66
N GLN P 315 24.72 -63.46 23.28
CA GLN P 315 25.50 -64.65 23.62
C GLN P 315 25.87 -64.71 25.10
N ARG P 316 26.10 -63.54 25.70
CA ARG P 316 26.56 -63.44 27.09
C ARG P 316 25.41 -63.61 28.06
N LEU P 317 24.24 -63.06 27.69
CA LEU P 317 22.99 -63.29 28.41
C LEU P 317 22.55 -64.77 28.34
N GLU P 318 22.77 -65.41 27.18
CA GLU P 318 22.61 -66.89 27.02
C GLU P 318 23.51 -67.68 27.97
N ALA P 319 24.79 -67.32 28.00
CA ALA P 319 25.82 -68.01 28.79
C ALA P 319 25.66 -67.88 30.33
N ALA P 320 25.15 -66.73 30.81
CA ALA P 320 24.91 -66.52 32.26
C ALA P 320 23.61 -67.15 32.76
N GLY P 321 22.73 -67.58 31.83
CA GLY P 321 21.57 -68.43 32.16
C GLY P 321 20.19 -67.98 31.63
N HIS P 322 20.17 -66.88 30.87
CA HIS P 322 18.92 -66.33 30.39
C HIS P 322 18.64 -66.93 29.05
N THR P 323 17.35 -66.93 28.67
CA THR P 323 16.88 -67.56 27.44
C THR P 323 16.46 -66.50 26.41
N LEU P 324 17.00 -66.62 25.20
CA LEU P 324 16.90 -65.56 24.19
C LEU P 324 16.00 -66.00 23.01
N ILE P 325 14.90 -65.25 22.81
CA ILE P 325 13.82 -65.64 21.90
C ILE P 325 13.65 -64.58 20.81
N PRO P 326 13.75 -65.00 19.52
CA PRO P 326 13.46 -64.11 18.39
C PRO P 326 12.06 -63.50 18.48
N PHE P 327 12.02 -62.17 18.48
CA PHE P 327 10.80 -61.35 18.70
C PHE P 327 10.91 -60.06 17.89
N LEU P 328 9.93 -59.82 17.03
CA LEU P 328 9.77 -58.53 16.40
C LEU P 328 8.32 -58.05 16.59
N PRO P 329 8.18 -56.84 17.18
CA PRO P 329 6.90 -56.11 17.20
C PRO P 329 6.26 -56.01 15.80
N ASN P 330 5.00 -56.44 15.66
CA ASN P 330 4.25 -56.37 14.38
C ASN P 330 4.13 -54.96 13.79
N ASN P 331 4.07 -54.89 12.45
CA ASN P 331 3.67 -53.70 11.70
C ASN P 331 4.51 -52.44 12.03
N ILE P 332 5.82 -52.66 12.26
CA ILE P 332 6.79 -51.57 12.49
C ILE P 332 6.72 -50.43 11.44
N PRO P 333 6.75 -50.72 10.11
CA PRO P 333 6.59 -49.63 9.13
C PRO P 333 5.31 -48.82 9.39
N TYR P 334 4.20 -49.50 9.76
CA TYR P 334 2.91 -48.86 10.02
C TYR P 334 2.97 -48.00 11.26
N ALA P 335 3.67 -48.51 12.26
CA ALA P 335 3.89 -47.81 13.50
C ALA P 335 4.68 -46.52 13.28
N LEU P 336 5.86 -46.61 12.65
CA LEU P 336 6.69 -45.43 12.38
C LEU P 336 6.02 -44.37 11.46
N GLU P 337 5.45 -44.82 10.34
CA GLU P 337 5.01 -43.92 9.27
C GLU P 337 3.69 -43.25 9.56
N VAL P 338 2.65 -44.04 9.84
CA VAL P 338 1.34 -43.45 10.12
C VAL P 338 1.10 -43.12 11.61
N LEU P 339 1.41 -44.06 12.50
CA LEU P 339 1.13 -43.86 13.90
C LEU P 339 2.09 -42.86 14.52
N SER P 340 3.41 -43.11 14.42
CA SER P 340 4.42 -42.26 15.05
C SER P 340 4.50 -40.87 14.42
N ALA P 341 4.80 -40.80 13.12
CA ALA P 341 5.08 -39.55 12.42
C ALA P 341 3.84 -38.68 12.29
N GLY P 342 2.69 -39.33 12.12
CA GLY P 342 1.40 -38.70 12.08
C GLY P 342 1.02 -38.13 13.42
N GLY P 343 1.15 -38.96 14.48
CA GLY P 343 1.09 -38.49 15.86
C GLY P 343 1.81 -37.19 16.11
N LEU P 344 3.06 -37.11 15.65
CA LEU P 344 3.92 -35.98 15.85
C LEU P 344 3.55 -34.77 14.97
N PHE P 345 3.12 -35.03 13.73
CA PHE P 345 2.81 -33.95 12.79
C PHE P 345 1.32 -33.75 12.43
N SER P 346 0.41 -34.11 13.34
CA SER P 346 -1.06 -34.12 13.07
C SER P 346 -1.66 -32.77 12.68
N ASP P 347 -1.05 -31.69 13.18
CA ASP P 347 -1.49 -30.32 12.91
C ASP P 347 -0.95 -29.79 11.59
N GLY P 348 -0.04 -30.56 10.97
CA GLY P 348 0.55 -30.20 9.69
C GLY P 348 1.81 -29.39 9.85
N GLY P 349 2.16 -29.09 11.09
CA GLY P 349 3.39 -28.42 11.43
C GLY P 349 3.20 -27.08 12.08
N ARG P 350 1.99 -26.49 11.97
CA ARG P 350 1.75 -25.05 12.25
C ARG P 350 2.10 -24.59 13.68
N SER P 351 1.76 -25.42 14.68
CA SER P 351 2.11 -25.17 16.08
C SER P 351 3.63 -25.08 16.25
N PHE P 352 4.34 -26.10 15.73
CA PHE P 352 5.81 -26.18 15.73
C PHE P 352 6.45 -24.98 15.04
N LEU P 353 5.89 -24.59 13.89
CA LEU P 353 6.44 -23.56 13.01
C LEU P 353 6.25 -22.15 13.51
N GLN P 354 5.28 -21.95 14.41
CA GLN P 354 5.04 -20.67 15.10
C GLN P 354 6.22 -20.18 15.97
N ASN P 355 7.13 -21.10 16.26
CA ASN P 355 8.33 -20.83 17.04
C ASN P 355 9.43 -20.28 16.22
N PHE P 356 9.30 -20.37 14.90
CA PHE P 356 10.36 -20.04 13.96
C PHE P 356 10.14 -18.71 13.25
N LYS P 357 9.08 -18.00 13.64
CA LYS P 357 8.71 -16.68 13.10
C LYS P 357 9.78 -15.63 13.42
N GLY P 358 10.41 -15.13 12.35
CA GLY P 358 11.50 -14.18 12.44
C GLY P 358 12.80 -14.74 13.01
N ASP P 359 12.95 -16.06 12.96
CA ASP P 359 14.13 -16.71 13.50
C ASP P 359 14.96 -17.37 12.43
N PHE P 360 16.28 -17.43 12.70
CA PHE P 360 17.22 -18.22 11.89
C PHE P 360 16.87 -19.65 12.05
N VAL P 361 16.94 -20.38 10.95
CA VAL P 361 16.97 -21.82 11.01
C VAL P 361 18.43 -22.30 11.13
N ASP P 362 18.69 -23.10 12.15
CA ASP P 362 20.01 -23.72 12.32
C ASP P 362 20.24 -24.73 11.21
N PRO P 363 21.43 -24.69 10.59
CA PRO P 363 21.87 -25.69 9.58
C PRO P 363 21.79 -27.21 10.00
N CYS P 364 21.77 -27.48 11.32
CA CYS P 364 21.62 -28.85 11.84
C CYS P 364 20.18 -29.42 11.70
N LEU P 365 19.23 -28.55 11.43
CA LEU P 365 17.83 -28.90 11.29
C LEU P 365 17.50 -29.35 9.86
N GLY P 366 18.42 -29.06 8.92
CA GLY P 366 18.28 -29.45 7.52
C GLY P 366 17.22 -28.64 6.81
N ASP P 367 16.38 -29.33 6.09
CA ASP P 367 15.29 -28.67 5.39
C ASP P 367 13.90 -29.07 5.94
N LEU P 368 13.86 -29.52 7.22
CA LEU P 368 12.61 -29.81 7.94
C LEU P 368 11.70 -28.61 7.98
N ILE P 369 12.29 -27.43 8.22
CA ILE P 369 11.55 -26.18 8.16
C ILE P 369 11.08 -25.86 6.73
N LEU P 370 11.99 -25.94 5.73
CA LEU P 370 11.64 -25.67 4.28
C LEU P 370 10.43 -26.51 3.82
N ILE P 371 10.42 -27.78 4.22
CA ILE P 371 9.39 -28.73 3.83
C ILE P 371 8.06 -28.51 4.60
N LEU P 372 8.14 -28.33 5.93
CA LEU P 372 6.93 -28.14 6.74
C LEU P 372 6.17 -26.87 6.32
N ARG P 373 6.92 -25.80 5.99
CA ARG P 373 6.40 -24.49 5.58
C ARG P 373 5.77 -24.49 4.17
N LEU P 374 5.93 -25.59 3.43
CA LEU P 374 5.26 -25.77 2.12
C LEU P 374 3.73 -25.83 2.28
N PRO P 375 3.00 -25.31 1.27
CA PRO P 375 1.55 -25.56 1.16
C PRO P 375 1.17 -27.03 1.13
N SER P 376 0.04 -27.38 1.76
CA SER P 376 -0.40 -28.77 1.92
C SER P 376 -0.61 -29.48 0.58
N TRP P 377 -1.12 -28.74 -0.41
CA TRP P 377 -1.30 -29.23 -1.76
C TRP P 377 0.00 -29.65 -2.46
N PHE P 378 1.11 -28.93 -2.21
CA PHE P 378 2.43 -29.31 -2.76
C PHE P 378 2.98 -30.60 -2.15
N LYS P 379 2.91 -30.70 -0.81
CA LYS P 379 3.09 -31.94 -0.06
C LYS P 379 2.25 -33.10 -0.62
N ARG P 380 0.93 -32.87 -0.76
CA ARG P 380 -0.01 -33.88 -1.31
C ARG P 380 0.28 -34.22 -2.76
N LEU P 381 0.78 -33.24 -3.53
CA LEU P 381 1.35 -33.53 -4.87
C LEU P 381 2.60 -34.41 -4.79
N LEU P 382 3.55 -34.06 -3.91
CA LEU P 382 4.86 -34.75 -3.81
C LEU P 382 4.70 -36.17 -3.30
N SER P 383 3.67 -36.36 -2.44
CA SER P 383 3.39 -37.60 -1.74
C SER P 383 3.07 -38.78 -2.65
N LEU P 384 2.39 -38.53 -3.76
CA LEU P 384 2.09 -39.64 -4.71
C LEU P 384 2.89 -39.57 -5.98
N LEU P 385 3.53 -38.42 -6.20
CA LEU P 385 4.67 -38.33 -7.13
C LEU P 385 5.82 -39.26 -6.71
N LEU P 386 6.15 -39.25 -5.41
CA LEU P 386 7.30 -39.97 -4.91
C LEU P 386 7.00 -41.43 -4.56
N LYS P 387 5.72 -41.74 -4.28
CA LYS P 387 5.31 -43.09 -3.76
C LYS P 387 5.75 -44.39 -4.51
N PRO P 388 5.74 -44.43 -5.86
CA PRO P 388 6.36 -45.57 -6.56
C PRO P 388 7.92 -45.63 -6.49
N LEU P 389 8.58 -44.47 -6.32
CA LEU P 389 10.04 -44.40 -6.36
C LEU P 389 10.69 -44.43 -4.96
N PHE P 390 10.32 -43.46 -4.11
CA PHE P 390 10.91 -43.28 -2.76
C PHE P 390 9.83 -43.26 -1.63
N PRO P 391 9.25 -44.44 -1.30
CA PRO P 391 7.97 -44.52 -0.54
C PRO P 391 8.05 -44.19 0.97
N ARG P 392 9.25 -44.30 1.58
CA ARG P 392 9.52 -43.79 2.95
C ARG P 392 9.37 -42.27 3.04
N LEU P 393 9.92 -41.57 2.05
CA LEU P 393 9.85 -40.11 1.94
C LEU P 393 8.41 -39.66 1.62
N ALA P 394 7.71 -40.49 0.85
CA ALA P 394 6.33 -40.24 0.50
C ALA P 394 5.47 -40.25 1.75
N ALA P 395 5.67 -41.29 2.59
CA ALA P 395 5.06 -41.43 3.92
C ALA P 395 5.47 -40.36 4.88
N PHE P 396 6.71 -39.89 4.76
CA PHE P 396 7.21 -38.74 5.50
C PHE P 396 6.46 -37.47 5.12
N LEU P 397 6.28 -37.25 3.82
CA LEU P 397 5.56 -36.07 3.36
C LEU P 397 4.06 -36.19 3.62
N ASN P 398 3.51 -37.40 3.40
CA ASN P 398 2.11 -37.77 3.78
C ASN P 398 1.69 -37.49 5.21
N SER P 399 2.64 -37.61 6.14
CA SER P 399 2.36 -37.46 7.56
C SER P 399 2.31 -36.02 8.06
N MET P 400 2.70 -35.06 7.22
CA MET P 400 2.69 -33.63 7.57
C MET P 400 1.47 -32.92 7.03
N ARG P 401 0.45 -33.68 6.69
CA ARG P 401 -0.76 -33.10 6.23
C ARG P 401 -1.68 -32.77 7.45
N PRO P 402 -2.25 -31.53 7.45
CA PRO P 402 -3.10 -31.08 8.54
C PRO P 402 -4.37 -31.90 8.64
N ARG P 403 -4.63 -32.44 9.81
CA ARG P 403 -5.76 -33.32 10.00
C ARG P 403 -6.84 -32.58 10.73
N SER P 404 -8.08 -33.08 10.59
CA SER P 404 -9.22 -32.69 11.44
C SER P 404 -9.09 -33.29 12.80
N ALA P 405 -9.85 -32.76 13.76
CA ALA P 405 -10.04 -33.42 15.09
C ALA P 405 -10.64 -34.82 15.01
N GLU P 406 -11.60 -35.02 14.09
CA GLU P 406 -12.15 -36.35 13.71
C GLU P 406 -11.07 -37.40 13.39
N LYS P 407 -10.03 -36.96 12.68
CA LYS P 407 -8.98 -37.84 12.23
C LYS P 407 -7.84 -38.07 13.28
N LEU P 408 -7.75 -37.19 14.30
CA LEU P 408 -6.87 -37.41 15.48
C LEU P 408 -7.37 -38.47 16.36
N TRP P 409 -8.66 -38.37 16.71
CA TRP P 409 -9.38 -39.39 17.53
C TRP P 409 -9.24 -40.83 16.98
N LYS P 410 -9.31 -40.95 15.64
CA LYS P 410 -9.03 -42.19 14.94
C LYS P 410 -7.58 -42.62 15.08
N LEU P 411 -6.65 -41.66 15.07
CA LEU P 411 -5.21 -41.99 15.22
C LEU P 411 -4.85 -42.44 16.63
N GLN P 412 -5.40 -41.76 17.63
CA GLN P 412 -5.29 -42.12 19.04
C GLN P 412 -5.93 -43.48 19.38
N HIS P 413 -7.01 -43.83 18.68
CA HIS P 413 -7.58 -45.17 18.81
C HIS P 413 -6.69 -46.22 18.20
N GLU P 414 -6.21 -45.93 17.00
CA GLU P 414 -5.23 -46.77 16.32
C GLU P 414 -3.91 -46.92 17.09
N ILE P 415 -3.54 -45.90 17.86
CA ILE P 415 -2.37 -45.99 18.73
C ILE P 415 -2.63 -46.82 20.04
N GLU P 416 -3.83 -46.66 20.63
CA GLU P 416 -4.21 -47.51 21.78
C GLU P 416 -4.45 -49.01 21.38
N MET P 417 -4.91 -49.22 20.15
CA MET P 417 -5.11 -50.57 19.59
C MET P 417 -3.80 -51.29 19.26
N TYR P 418 -2.75 -50.53 18.95
CA TYR P 418 -1.50 -51.11 18.46
C TYR P 418 -0.67 -51.56 19.63
N ARG P 419 -0.59 -50.67 20.63
CA ARG P 419 -0.02 -50.92 21.94
C ARG P 419 -0.56 -52.19 22.60
N GLN P 420 -1.89 -52.40 22.48
CA GLN P 420 -2.53 -53.64 22.89
C GLN P 420 -2.02 -54.87 22.12
N SER P 421 -1.77 -54.71 20.82
CA SER P 421 -1.41 -55.84 19.96
C SER P 421 0.07 -56.26 20.09
N VAL P 422 0.95 -55.32 20.39
CA VAL P 422 2.33 -55.65 20.77
C VAL P 422 2.39 -56.27 22.19
N ILE P 423 1.61 -55.72 23.14
CA ILE P 423 1.38 -56.36 24.47
C ILE P 423 0.85 -57.83 24.38
N ALA P 424 -0.09 -58.07 23.46
CA ALA P 424 -0.56 -59.44 23.19
C ALA P 424 0.54 -60.29 22.61
N GLN P 425 1.38 -59.69 21.76
CA GLN P 425 2.56 -60.37 21.19
C GLN P 425 3.63 -60.71 22.26
N TRP P 426 3.76 -59.79 23.23
CA TRP P 426 4.68 -59.90 24.35
C TRP P 426 4.27 -61.03 25.31
N LYS P 427 2.94 -61.19 25.53
CA LYS P 427 2.42 -62.20 26.49
C LYS P 427 2.48 -63.60 25.92
N ALA P 428 2.18 -63.73 24.62
CA ALA P 428 2.06 -65.02 23.95
C ALA P 428 3.44 -65.70 23.78
N MET P 429 4.50 -64.89 23.84
CA MET P 429 5.87 -65.38 23.84
C MET P 429 6.49 -65.36 25.23
N ASN P 430 5.79 -64.72 26.17
CA ASN P 430 6.13 -64.73 27.61
C ASN P 430 7.50 -64.13 28.01
N LEU P 431 7.93 -63.10 27.27
CA LEU P 431 9.11 -62.29 27.65
C LEU P 431 8.89 -61.45 28.94
N ASP P 432 10.00 -61.01 29.51
CA ASP P 432 9.99 -60.11 30.69
C ASP P 432 10.57 -58.78 30.27
N VAL P 433 11.22 -58.80 29.12
CA VAL P 433 12.27 -57.86 28.80
C VAL P 433 12.78 -58.06 27.35
N LEU P 434 13.18 -56.96 26.69
CA LEU P 434 13.46 -56.93 25.23
C LEU P 434 14.81 -56.36 24.85
N LEU P 435 15.47 -57.00 23.89
CA LEU P 435 16.77 -56.59 23.40
C LEU P 435 16.72 -56.16 21.95
N THR P 436 17.46 -55.09 21.66
CA THR P 436 17.16 -54.20 20.57
C THR P 436 18.46 -53.48 20.32
N PRO P 437 18.82 -53.25 19.04
CA PRO P 437 19.94 -52.39 18.73
C PRO P 437 19.55 -50.92 18.92
N MET P 438 20.39 -50.24 19.65
CA MET P 438 20.43 -48.82 19.67
C MET P 438 21.08 -48.34 18.38
N LEU P 439 20.68 -47.16 17.88
CA LEU P 439 21.35 -46.49 16.72
C LEU P 439 22.84 -46.42 16.95
N GLY P 440 23.60 -46.49 15.85
CA GLY P 440 25.02 -46.87 15.86
C GLY P 440 26.02 -45.91 16.45
N PRO P 441 27.23 -45.90 15.89
CA PRO P 441 28.25 -44.94 16.33
C PRO P 441 27.79 -43.52 15.93
N ALA P 442 28.06 -42.55 16.80
CA ALA P 442 27.72 -41.14 16.61
C ALA P 442 27.93 -40.65 15.19
N LEU P 443 26.87 -40.06 14.62
CA LEU P 443 26.89 -39.50 13.27
C LEU P 443 27.78 -38.24 13.23
N ASP P 444 28.14 -37.78 12.02
CA ASP P 444 29.02 -36.58 11.79
C ASP P 444 28.37 -35.27 12.30
N LEU P 445 29.00 -34.13 11.97
CA LEU P 445 28.65 -32.88 12.62
C LEU P 445 27.28 -32.31 12.29
N ASN P 446 26.98 -32.07 11.00
CA ASN P 446 25.70 -31.46 10.57
C ASN P 446 24.75 -32.45 9.84
N THR P 447 24.82 -33.72 10.24
CA THR P 447 24.21 -34.84 9.48
C THR P 447 23.01 -35.65 10.11
N PRO P 448 22.81 -35.69 11.48
CA PRO P 448 21.56 -36.25 12.05
C PRO P 448 20.29 -35.71 11.42
N GLY P 449 20.26 -34.38 11.19
CA GLY P 449 19.17 -33.68 10.53
C GLY P 449 18.80 -34.14 9.13
N ARG P 450 19.73 -34.79 8.43
CA ARG P 450 19.47 -35.32 7.09
C ARG P 450 19.15 -36.83 7.08
N ALA P 451 18.77 -37.38 8.23
CA ALA P 451 18.67 -38.81 8.38
C ALA P 451 17.50 -39.27 9.30
N THR P 452 16.31 -38.63 9.13
CA THR P 452 15.08 -38.90 9.95
C THR P 452 14.69 -40.40 10.11
N GLY P 453 14.92 -41.20 9.05
CA GLY P 453 14.73 -42.65 9.08
C GLY P 453 15.54 -43.45 10.11
N ALA P 454 16.68 -42.90 10.55
CA ALA P 454 17.49 -43.54 11.62
C ALA P 454 16.80 -43.63 13.02
N ILE P 455 15.83 -42.74 13.31
CA ILE P 455 15.20 -42.69 14.64
C ILE P 455 14.16 -43.80 14.88
N SER P 456 14.01 -44.66 13.88
CA SER P 456 13.19 -45.86 13.91
C SER P 456 13.30 -46.77 15.17
N TYR P 457 14.52 -47.10 15.59
CA TYR P 457 14.73 -47.99 16.76
C TYR P 457 14.24 -47.41 18.11
N THR P 458 14.37 -46.10 18.27
CA THR P 458 14.04 -45.41 19.53
C THR P 458 12.58 -44.93 19.57
N VAL P 459 12.08 -44.41 18.43
CA VAL P 459 10.77 -43.76 18.35
C VAL P 459 9.59 -44.73 18.60
N LEU P 460 9.84 -46.02 18.37
CA LEU P 460 8.81 -47.05 18.46
C LEU P 460 8.40 -47.31 19.92
N TYR P 461 9.25 -46.91 20.86
CA TYR P 461 8.97 -47.07 22.28
C TYR P 461 8.53 -45.76 22.95
N ASN P 462 8.47 -44.69 22.16
CA ASN P 462 7.67 -43.50 22.49
C ASN P 462 6.25 -43.70 21.99
N CYS P 463 6.13 -44.50 20.95
CA CYS P 463 4.88 -44.79 20.32
C CYS P 463 4.09 -45.77 21.18
N LEU P 464 4.77 -46.83 21.60
CA LEU P 464 4.22 -47.90 22.45
C LEU P 464 4.16 -47.50 23.94
N ASP P 465 4.99 -46.51 24.28
CA ASP P 465 5.18 -45.99 25.63
C ASP P 465 5.65 -47.00 26.66
N PHE P 466 6.84 -47.50 26.39
CA PHE P 466 7.43 -48.56 27.18
C PHE P 466 8.68 -47.92 27.82
N PRO P 467 9.08 -48.34 29.03
CA PRO P 467 10.45 -48.17 29.48
C PRO P 467 11.40 -48.68 28.44
N ALA P 468 12.22 -47.76 27.96
CA ALA P 468 13.33 -48.08 27.09
C ALA P 468 14.55 -47.41 27.70
N GLY P 469 15.74 -47.91 27.36
CA GLY P 469 16.93 -47.63 28.14
C GLY P 469 18.19 -48.09 27.49
N VAL P 470 19.26 -47.34 27.73
CA VAL P 470 20.47 -47.47 26.94
C VAL P 470 21.76 -47.68 27.82
N VAL P 471 22.43 -48.82 27.59
CA VAL P 471 23.73 -49.16 28.19
C VAL P 471 24.82 -49.46 27.07
N PRO P 472 26.01 -48.80 27.15
CA PRO P 472 27.18 -49.13 26.29
C PRO P 472 27.85 -50.50 26.59
N VAL P 473 28.37 -51.15 25.55
CA VAL P 473 28.59 -52.61 25.57
C VAL P 473 29.93 -53.04 24.94
N THR P 474 30.53 -52.14 24.16
CA THR P 474 31.53 -52.46 23.14
C THR P 474 32.03 -51.10 22.59
N THR P 475 33.11 -51.09 21.82
CA THR P 475 33.35 -49.98 20.89
C THR P 475 33.65 -50.45 19.45
N VAL P 476 33.73 -49.50 18.51
CA VAL P 476 33.95 -49.79 17.08
C VAL P 476 35.41 -50.19 16.83
N THR P 477 35.61 -51.41 16.30
CA THR P 477 36.94 -51.90 15.86
C THR P 477 37.24 -51.53 14.40
N ALA P 478 38.45 -51.87 13.94
CA ALA P 478 38.89 -51.65 12.54
C ALA P 478 38.02 -52.40 11.52
N GLU P 479 37.64 -53.65 11.87
CA GLU P 479 36.75 -54.48 11.03
C GLU P 479 35.29 -53.95 10.96
N ASP P 480 34.80 -53.41 12.09
CA ASP P 480 33.48 -52.70 12.15
C ASP P 480 33.45 -51.47 11.25
N ASP P 481 34.53 -50.68 11.30
CA ASP P 481 34.61 -49.47 10.49
C ASP P 481 34.85 -49.74 9.02
N ALA P 482 35.55 -50.85 8.72
CA ALA P 482 35.80 -51.29 7.34
C ALA P 482 34.53 -51.72 6.60
N GLN P 483 33.68 -52.53 7.28
CA GLN P 483 32.42 -53.06 6.71
C GLN P 483 31.28 -52.01 6.54
N MET P 484 31.52 -50.79 7.05
CA MET P 484 30.64 -49.63 6.83
C MET P 484 30.52 -49.15 5.36
N GLU P 485 31.53 -49.44 4.53
CA GLU P 485 31.49 -49.11 3.10
C GLU P 485 30.60 -50.06 2.26
N LEU P 486 30.28 -51.24 2.82
CA LEU P 486 29.38 -52.24 2.17
C LEU P 486 27.92 -52.17 2.70
N TYR P 487 27.70 -51.28 3.69
CA TYR P 487 26.37 -50.88 4.16
C TYR P 487 25.50 -50.34 2.98
N LYS P 488 24.44 -51.08 2.67
CA LYS P 488 23.35 -50.55 1.85
C LYS P 488 22.06 -50.77 2.62
N GLY P 489 21.30 -49.68 2.84
CA GLY P 489 19.99 -49.74 3.50
C GLY P 489 18.94 -50.54 2.74
N TYR P 490 17.77 -50.73 3.36
CA TYR P 490 16.66 -51.50 2.74
C TYR P 490 15.90 -50.70 1.64
N PHE P 491 16.33 -49.45 1.42
CA PHE P 491 15.57 -48.50 0.60
C PHE P 491 16.45 -47.83 -0.42
N GLY P 492 17.70 -47.52 -0.04
CA GLY P 492 18.66 -46.87 -0.91
C GLY P 492 18.34 -45.40 -1.21
N ASP P 493 17.33 -44.86 -0.52
CA ASP P 493 17.01 -43.46 -0.62
C ASP P 493 17.99 -42.62 0.21
N ILE P 494 17.89 -41.30 0.06
CA ILE P 494 18.79 -40.28 0.66
C ILE P 494 19.16 -40.52 2.10
N TRP P 495 18.16 -40.94 2.90
CA TRP P 495 18.31 -41.22 4.33
C TRP P 495 19.34 -42.28 4.58
N ASP P 496 19.30 -43.37 3.80
CA ASP P 496 20.33 -44.40 3.86
C ASP P 496 21.68 -43.86 3.42
N ILE P 497 21.66 -43.02 2.36
CA ILE P 497 22.90 -42.54 1.70
C ILE P 497 23.71 -41.65 2.63
N ILE P 498 23.02 -40.73 3.33
CA ILE P 498 23.65 -39.82 4.31
C ILE P 498 24.18 -40.54 5.54
N LEU P 499 23.49 -41.64 5.95
CA LEU P 499 23.94 -42.52 7.05
C LEU P 499 25.35 -43.07 6.84
N LYS P 500 25.59 -43.61 5.64
CA LYS P 500 26.89 -44.22 5.27
C LYS P 500 28.12 -43.29 5.41
N LYS P 501 28.04 -42.09 4.83
CA LYS P 501 29.07 -41.05 5.00
C LYS P 501 29.21 -40.58 6.49
N ALA P 502 28.06 -40.38 7.14
CA ALA P 502 27.99 -39.84 8.54
C ALA P 502 28.52 -40.77 9.64
N MET P 503 28.47 -42.09 9.39
CA MET P 503 28.86 -43.11 10.40
C MET P 503 30.27 -43.69 10.18
N LYS P 504 30.88 -43.34 9.05
CA LYS P 504 32.31 -43.63 8.78
C LYS P 504 33.20 -42.68 9.60
N ASN P 505 34.49 -43.05 9.77
CA ASN P 505 35.46 -42.37 10.69
C ASN P 505 35.10 -42.52 12.20
N SER P 506 34.81 -43.76 12.60
CA SER P 506 34.17 -44.01 13.91
C SER P 506 34.85 -45.05 14.84
N VAL P 507 36.06 -45.53 14.46
CA VAL P 507 36.88 -46.47 15.29
C VAL P 507 37.16 -45.89 16.67
N GLY P 508 36.89 -46.68 17.70
CA GLY P 508 37.13 -46.28 19.08
C GLY P 508 35.90 -45.77 19.80
N LEU P 509 34.91 -45.29 19.02
CA LEU P 509 33.70 -44.62 19.55
C LEU P 509 32.67 -45.65 20.08
N PRO P 510 31.96 -45.32 21.19
CA PRO P 510 31.08 -46.31 21.82
C PRO P 510 29.78 -46.59 21.05
N VAL P 511 29.41 -47.87 21.06
CA VAL P 511 28.12 -48.35 20.54
C VAL P 511 27.30 -48.91 21.73
N ALA P 512 25.98 -48.89 21.60
CA ALA P 512 25.11 -49.29 22.68
C ALA P 512 24.07 -50.36 22.28
N VAL P 513 23.49 -50.99 23.31
CA VAL P 513 22.33 -51.86 23.13
C VAL P 513 21.08 -51.24 23.85
N GLN P 514 19.89 -51.51 23.32
CA GLN P 514 18.66 -50.98 23.92
C GLN P 514 17.88 -52.08 24.68
N CYS P 515 17.49 -51.76 25.92
CA CYS P 515 16.80 -52.66 26.82
C CYS P 515 15.37 -52.14 27.07
N VAL P 516 14.36 -52.97 26.77
CA VAL P 516 12.92 -52.55 26.85
C VAL P 516 12.05 -53.50 27.73
N ALA P 517 11.33 -52.95 28.71
CA ALA P 517 10.25 -53.72 29.41
C ALA P 517 8.82 -53.23 29.03
N LEU P 518 7.80 -53.92 29.55
CA LEU P 518 6.39 -53.47 29.49
C LEU P 518 6.13 -52.17 30.30
N PRO P 519 5.02 -51.42 29.99
CA PRO P 519 4.70 -50.16 30.71
C PRO P 519 4.74 -50.30 32.23
N TRP P 520 5.36 -49.31 32.88
CA TRP P 520 5.49 -49.18 34.33
C TRP P 520 6.55 -50.11 34.99
N GLN P 521 7.17 -51.00 34.19
CA GLN P 521 8.20 -51.93 34.70
C GLN P 521 9.63 -51.39 34.49
N GLU P 522 9.84 -50.11 34.87
CA GLU P 522 11.17 -49.42 34.90
C GLU P 522 12.22 -50.19 35.63
N GLU P 523 11.84 -50.74 36.80
CA GLU P 523 12.79 -51.40 37.69
C GLU P 523 13.23 -52.75 37.10
N LEU P 524 12.27 -53.51 36.53
CA LEU P 524 12.56 -54.73 35.77
C LEU P 524 13.37 -54.46 34.47
N CYS P 525 13.11 -53.31 33.84
CA CYS P 525 13.97 -52.75 32.78
C CYS P 525 15.41 -52.46 33.29
N LEU P 526 15.53 -51.83 34.46
CA LEU P 526 16.83 -51.43 35.00
C LEU P 526 17.63 -52.64 35.50
N ARG P 527 16.93 -53.68 35.95
CA ARG P 527 17.54 -54.95 36.36
C ARG P 527 18.20 -55.61 35.16
N PHE P 528 17.51 -55.56 34.03
CA PHE P 528 18.06 -56.04 32.78
C PHE P 528 19.23 -55.19 32.28
N MET P 529 19.15 -53.88 32.53
CA MET P 529 20.20 -52.96 32.17
C MET P 529 21.45 -53.27 32.97
N ARG P 530 21.26 -53.52 34.29
CA ARG P 530 22.32 -53.86 35.26
C ARG P 530 23.10 -55.12 34.87
N GLU P 531 22.37 -56.19 34.55
CA GLU P 531 22.94 -57.45 34.07
C GLU P 531 23.77 -57.27 32.78
N VAL P 532 23.21 -56.57 31.78
CA VAL P 532 23.91 -56.27 30.48
C VAL P 532 25.18 -55.39 30.69
N GLU P 533 25.09 -54.41 31.60
CA GLU P 533 26.24 -53.57 32.01
C GLU P 533 27.34 -54.39 32.70
N GLN P 534 26.94 -55.39 33.48
CA GLN P 534 27.86 -56.14 34.30
C GLN P 534 28.55 -57.29 33.52
N LEU P 535 27.82 -57.91 32.59
CA LEU P 535 28.40 -58.92 31.68
C LEU P 535 29.38 -58.32 30.65
N MET P 536 29.08 -57.13 30.12
CA MET P 536 29.88 -56.51 29.04
C MET P 536 31.00 -55.57 29.52
N THR P 537 30.85 -55.01 30.73
CA THR P 537 31.82 -54.02 31.28
C THR P 537 32.34 -54.39 32.67
C1 MAY Q . 3.15 58.84 7.63
O1 MAY Q . 4.77 60.58 6.38
P1 MAY Q . 4.43 60.08 7.85
C2 MAY Q . 2.70 58.22 8.92
O2 MAY Q . 5.76 59.54 8.54
C3 MAY Q . 2.44 56.74 8.63
C4 MAY Q . 0.96 56.44 8.42
C5 MAY Q . 0.50 55.56 9.58
C6 MAY Q . 0.32 54.23 9.51
C7 MAY Q . 0.54 53.45 8.25
C8 MAY Q . 1.74 52.55 8.42
C9 MAY Q . 1.96 51.47 7.65
CM MAY Q . 7.07 59.90 8.08
C10 MAY Q . 1.00 51.05 6.56
C11 MAY Q . 1.71 51.03 5.23
C12 MAY Q . 1.05 51.25 4.08
C13 MAY Q . -0.43 51.55 4.01
C14 MAY Q . -0.61 52.70 3.05
C15 MAY Q . -1.63 52.81 2.17
C16 MAY Q . -2.71 51.78 2.01
C17 MAY Q . -3.97 52.15 2.81
C18 MAY Q . -4.58 50.90 3.46
C19 MAY Q . -4.85 49.81 2.41
C20 MAY Q . -4.41 48.47 2.89
C1 MAY R . 25.78 50.15 -22.20
O1 MAY R . 24.31 52.32 -22.02
P1 MAY R . 24.58 51.16 -23.06
C2 MAY R . 26.13 48.90 -22.97
O2 MAY R . 23.19 50.39 -23.37
C3 MAY R . 26.29 47.76 -21.97
C4 MAY R . 27.76 47.52 -21.64
C5 MAY R . 28.16 46.19 -22.25
C6 MAY R . 28.27 45.03 -21.57
C7 MAY R . 28.02 44.94 -20.08
C8 MAY R . 26.76 44.18 -19.80
C9 MAY R . 26.51 43.63 -18.60
CM MAY R . 21.89 51.00 -23.13
C10 MAY R . 27.47 43.74 -17.43
C11 MAY R . 26.78 44.44 -16.29
C12 MAY R . 27.43 45.15 -15.37
C13 MAY R . 28.94 45.34 -15.38
C14 MAY R . 29.20 46.81 -15.16
C15 MAY R . 30.25 47.30 -14.49
C16 MAY R . 31.30 46.44 -13.82
C17 MAY R . 32.56 46.26 -14.67
C18 MAY R . 33.06 44.80 -14.59
C19 MAY R . 33.26 44.31 -13.14
C20 MAY R . 32.70 42.93 -12.92
C1 MAY S . 47.37 23.29 17.08
O1 MAY S . 47.09 23.66 19.69
P1 MAY S . 47.66 24.42 18.47
C2 MAY S . 47.82 23.78 15.73
O2 MAY S . 46.94 25.83 18.30
C3 MAY S . 46.76 23.37 14.71
C4 MAY S . 47.18 22.17 13.90
C5 MAY S . 47.41 22.62 12.46
C6 MAY S . 46.56 22.39 11.46
C7 MAY S . 45.28 21.62 11.65
C8 MAY S . 44.09 22.55 11.48
C9 MAY S . 42.86 22.10 11.21
CM MAY S . 46.16 26.43 19.35
C10 MAY S . 42.56 20.61 11.04
C11 MAY S . 41.53 20.17 12.04
C12 MAY S . 41.43 18.91 12.46
C13 MAY S . 42.33 17.79 12.02
C14 MAY S . 42.82 17.08 13.28
C15 MAY S . 43.04 15.76 13.38
C16 MAY S . 42.78 14.81 12.25
C17 MAY S . 44.08 14.46 11.51
C18 MAY S . 43.85 14.45 9.99
C19 MAY S . 42.68 13.55 9.59
C20 MAY S . 41.80 14.20 8.56
C1 MAY T . 15.11 18.01 37.29
O1 MAY T . 17.53 17.20 38.15
P1 MAY T . 16.07 16.62 38.00
C2 MAY T . 13.62 17.79 37.18
O2 MAY T . 16.10 15.41 36.95
C3 MAY T . 13.16 18.42 35.87
C4 MAY T . 12.44 19.74 36.10
C5 MAY T . 10.99 19.51 35.65
C6 MAY T . 10.44 20.01 34.53
C7 MAY T . 11.19 20.89 33.57
C8 MAY T . 11.43 20.15 32.30
C9 MAY T . 11.76 20.80 31.16
CM MAY T . 17.29 14.66 36.69
C10 MAY T . 11.87 22.30 31.10
C11 MAY T . 13.26 22.68 30.63
C12 MAY T . 13.88 23.83 30.92
C13 MAY T . 13.30 24.93 31.76
C14 MAY T . 14.32 25.31 32.80
C15 MAY T . 14.45 26.54 33.30
C16 MAY T . 13.63 27.72 32.84
C17 MAY T . 12.43 28.00 33.77
C18 MAY T . 11.18 28.33 32.93
C19 MAY T . 11.49 29.41 31.86
C20 MAY T . 10.79 29.19 30.56
C1 MAY U . -29.44 35.30 36.99
O1 MAY U . -31.34 34.46 38.65
P1 MAY U . -31.16 35.50 37.49
C2 MAY U . -29.03 36.04 35.73
O2 MAY U . -32.22 35.19 36.32
C3 MAY U . -28.10 35.10 34.93
C4 MAY U . -26.62 35.44 35.15
C5 MAY U . -26.05 36.11 33.88
C6 MAY U . -25.27 35.48 32.98
C7 MAY U . -24.86 34.02 33.14
C8 MAY U . -25.57 33.16 32.12
C9 MAY U . -25.16 31.92 31.82
CM MAY U . -33.36 34.31 36.53
C10 MAY U . -23.93 31.31 32.45
C11 MAY U . -24.29 30.04 33.17
C12 MAY U . -23.58 29.57 34.20
C13 MAY U . -22.39 30.29 34.81
C14 MAY U . -22.55 30.23 36.31
C15 MAY U . -21.55 30.05 37.18
C16 MAY U . -20.08 29.86 36.79
C17 MAY U . -19.27 31.16 36.81
C18 MAY U . -18.35 31.26 35.59
C19 MAY U . -17.43 30.03 35.49
C20 MAY U . -17.30 29.57 34.08
C1 MAY V . -39.48 -0.73 45.24
O1 MAY V . -39.13 1.26 46.99
P1 MAY V . -38.70 -0.21 46.79
C2 MAY V . -39.09 -2.11 44.75
O2 MAY V . -37.09 -0.31 46.78
C3 MAY V . -38.86 -2.08 43.24
C4 MAY V . -40.08 -2.58 42.46
C5 MAY V . -39.73 -3.90 41.80
C6 MAY V . -39.49 -4.04 40.48
C7 MAY V . -39.56 -2.88 39.53
C8 MAY V . -38.16 -2.48 39.10
C9 MAY V . -37.95 -1.75 37.98
CM MAY V . -36.24 0.75 47.32
C10 MAY V . -39.06 -1.29 37.05
C11 MAY V . -39.04 0.21 36.89
C12 MAY V . -40.12 0.96 36.65
C13 MAY V . -41.52 0.41 36.54
C14 MAY V . -42.44 1.23 37.43
C15 MAY V . -43.71 1.52 37.12
C16 MAY V . -44.37 1.11 35.84
C17 MAY V . -45.22 -0.17 36.00
C18 MAY V . -45.04 -1.10 34.79
C19 MAY V . -45.32 -0.36 33.48
C20 MAY V . -44.30 -0.67 32.45
C1 MAY W . -54.59 4.67 -4.49
O1 MAY W . -55.20 6.82 -5.86
P1 MAY W . -55.75 6.04 -4.63
C2 MAY W . -54.94 3.65 -3.44
O2 MAY W . -55.71 6.98 -3.36
C3 MAY W . -53.64 3.17 -2.81
C4 MAY W . -53.30 1.79 -3.32
C5 MAY W . -53.37 0.82 -2.17
C6 MAY W . -52.28 0.32 -1.55
C7 MAY W . -50.87 0.67 -1.96
C8 MAY W . -50.26 1.57 -0.91
C9 MAY W . -48.92 1.69 -0.78
CM MAY W . -55.51 8.40 -3.46
C10 MAY W . -47.95 0.93 -1.66
C11 MAY W . -47.14 1.92 -2.45
C12 MAY W . -46.60 1.65 -3.63
C13 MAY W . -46.78 0.36 -4.37
C14 MAY W . -47.10 0.73 -5.81
C15 MAY W . -46.69 0.04 -6.88
C16 MAY W . -45.81 -1.19 -6.81
C17 MAY W . -46.61 -2.49 -6.89
C18 MAY W . -46.07 -3.51 -5.89
C19 MAY W . -44.57 -3.68 -6.04
C20 MAY W . -43.89 -3.81 -4.71
C1 MAY X . -28.67 31.35 -14.15
O1 MAY X . -30.60 30.44 -15.69
P1 MAY X . -29.05 30.72 -15.77
C2 MAY X . -27.22 31.63 -13.89
O2 MAY X . -28.26 29.37 -16.13
C3 MAY X . -26.92 31.26 -12.44
C4 MAY X . -26.91 32.51 -11.56
C5 MAY X . -25.47 32.78 -11.10
C6 MAY X . -24.99 32.43 -9.90
C7 MAY X . -25.82 31.77 -8.82
C8 MAY X . -25.39 30.34 -8.65
C9 MAY X . -25.71 29.64 -7.55
CM MAY X . -28.94 28.19 -16.66
C10 MAY X . -26.51 30.26 -6.43
C11 MAY X . -27.81 29.49 -6.25
C12 MAY X . -28.90 29.99 -5.67
C13 MAY X . -29.03 31.41 -5.16
C14 MAY X . -30.30 31.96 -5.74
C15 MAY X . -31.08 32.88 -5.14
C16 MAY X . -30.76 33.44 -3.78
C17 MAY X . -30.08 34.81 -3.85
C18 MAY X . -28.95 34.91 -2.83
C19 MAY X . -29.42 34.51 -1.43
C20 MAY X . -28.41 33.72 -0.64
C1 MAY Y . 37.17 -40.28 -22.22
O1 MAY Y . 39.79 -40.05 -22.50
P1 MAY Y . 38.54 -40.37 -23.40
C2 MAY Y . 35.81 -40.56 -22.84
O2 MAY Y . 38.46 -39.29 -24.57
C3 MAY Y . 34.80 -39.61 -22.19
C4 MAY Y . 33.99 -40.29 -21.09
C5 MAY Y . 32.55 -40.33 -21.55
C6 MAY Y . 31.59 -39.49 -21.07
C7 MAY Y . 31.87 -38.46 -19.99
C8 MAY Y . 31.76 -37.08 -20.59
C9 MAY Y . 31.51 -36.00 -19.82
CM MAY Y . 39.62 -38.52 -24.97
C10 MAY Y . 31.29 -36.10 -18.34
C11 MAY Y . 32.36 -35.30 -17.64
C12 MAY Y . 32.79 -35.61 -16.40
C13 MAY Y . 32.30 -36.80 -15.59
C14 MAY Y . 33.51 -37.48 -15.01
C15 MAY Y . 33.57 -38.00 -13.79
C16 MAY Y . 32.43 -37.98 -12.81
C17 MAY Y . 31.60 -39.27 -12.81
C18 MAY Y . 30.10 -38.93 -12.75
C19 MAY Y . 29.76 -38.09 -11.52
C20 MAY Y . 28.82 -36.95 -11.85
C1 MAY Z . 58.57 -11.92 -8.01
O1 MAY Z . 59.24 -14.48 -7.87
P1 MAY Z . 59.16 -13.23 -6.92
C2 MAY Z . 58.42 -10.58 -7.38
O2 MAY Z . 58.17 -13.54 -5.72
C3 MAY Z . 57.19 -9.92 -7.98
C4 MAY Z . 57.55 -8.83 -8.97
C5 MAY Z . 57.17 -7.48 -8.39
C6 MAY Z . 56.08 -6.78 -8.76
C7 MAY Z . 55.13 -7.27 -9.81
C8 MAY Z . 53.82 -7.63 -9.17
C9 MAY Z . 52.69 -7.74 -9.86
CM MAY Z . 57.79 -14.89 -5.40
C10 MAY Z . 52.65 -7.46 -11.34
C11 MAY Z . 52.15 -8.67 -12.08
C12 MAY Z . 52.46 -8.91 -13.36
C13 MAY Z . 53.37 -8.03 -14.21
C14 MAY Z . 54.37 -8.94 -14.91
C15 MAY Z . 54.85 -8.73 -16.14
C16 MAY Z . 54.40 -7.61 -17.03
C17 MAY Z . 55.35 -6.41 -16.97
C18 MAY Z . 54.59 -5.08 -16.89
C19 MAY Z . 53.65 -4.87 -18.08
C20 MAY Z . 52.29 -4.34 -17.65
C1 MAY AA . 30.55 11.92 -45.25
O1 MAY AA . 29.16 10.84 -47.24
P1 MAY AA . 30.65 10.96 -46.78
C2 MAY AA . 31.84 12.08 -44.48
O2 MAY AA . 31.28 9.50 -46.52
C3 MAY AA . 31.54 11.90 -42.99
C4 MAY AA . 31.41 13.26 -42.29
C5 MAY AA . 32.61 13.46 -41.38
C6 MAY AA . 32.56 13.28 -40.06
C7 MAY AA . 31.28 12.92 -39.35
C8 MAY AA . 31.39 11.54 -38.78
C9 MAY AA . 30.62 11.12 -37.76
CM MAY AA . 30.72 8.30 -47.13
C10 MAY AA . 29.61 12.01 -37.10
C11 MAY AA . 28.21 11.40 -37.23
C12 MAY AA . 27.09 12.12 -37.20
C13 MAY AA . 27.06 13.64 -37.09
C14 MAY AA . 26.20 14.19 -38.22
C15 MAY AA . 25.42 15.27 -38.10
C16 MAY AA . 25.29 16.04 -36.80
C17 MAY AA . 26.12 17.33 -36.82
C18 MAY AA . 26.81 17.53 -35.46
C19 MAY AA . 25.82 17.46 -34.28
C20 MAY AA . 26.33 16.65 -33.11
C1 MAY BA . -0.73 -10.42 -42.45
O1 MAY BA . -0.46 -8.38 -44.14
P1 MAY BA . -1.51 -8.92 -43.12
C2 MAY BA . -1.53 -11.13 -41.40
O2 MAY BA . -1.79 -7.80 -42.04
C3 MAY BA . -0.55 -11.60 -40.34
C4 MAY BA . -0.30 -13.09 -40.47
C5 MAY BA . -0.95 -13.81 -39.30
C6 MAY BA . -0.28 -14.31 -38.25
C7 MAY BA . 1.24 -14.22 -38.14
C8 MAY BA . 1.62 -13.17 -37.11
C9 MAY BA . 2.82 -13.13 -36.53
CM MAY BA . -1.42 -6.42 -42.22
C10 MAY BA . 3.91 -14.15 -36.83
C11 MAY BA . 5.12 -13.38 -37.29
C12 MAY BA . 6.01 -13.87 -38.16
C13 MAY BA . 5.91 -15.24 -38.79
C14 MAY BA . 6.14 -15.08 -40.27
C15 MAY BA . 6.77 -15.99 -41.03
C16 MAY BA . 7.38 -17.25 -40.46
C17 MAY BA . 6.50 -18.48 -40.68
C18 MAY BA . 6.49 -19.36 -39.41
C19 MAY BA . 7.91 -19.71 -38.94
C20 MAY BA . 8.08 -19.59 -37.44
C1 MAY CA . -10.34 -53.98 -21.44
O1 MAY CA . -12.66 -55.35 -21.55
P1 MAY CA . -11.25 -55.42 -20.84
C2 MAY CA . -8.92 -53.87 -20.93
O2 MAY CA . -11.37 -55.52 -19.23
C3 MAY CA . -8.67 -52.40 -20.57
C4 MAY CA . -7.89 -51.70 -21.69
C5 MAY CA . -6.51 -51.33 -21.17
C6 MAY CA . -6.16 -50.10 -20.76
C7 MAY CA . -7.10 -48.91 -20.86
C8 MAY CA . -7.58 -48.51 -19.49
C9 MAY CA . -8.06 -47.29 -19.26
CM MAY CA . -12.58 -55.94 -18.58
C10 MAY CA . -8.17 -46.23 -20.35
C11 MAY CA . -9.61 -45.83 -20.50
C12 MAY CA . -10.12 -45.35 -21.64
C13 MAY CA . -9.31 -45.24 -22.91
C14 MAY CA . -10.15 -45.84 -24.01
C15 MAY CA . -10.23 -45.35 -25.23
C16 MAY CA . -9.53 -44.11 -25.69
C17 MAY CA . -8.24 -44.47 -26.46
C18 MAY CA . -7.08 -43.55 -26.04
C19 MAY CA . -7.41 -42.08 -26.33
C20 MAY CA . -7.05 -41.20 -25.15
C1 MAY DA . -45.06 -38.88 -15.18
O1 MAY DA . -44.55 -40.61 -17.17
P1 MAY DA . -45.23 -39.19 -16.96
C2 MAY DA . -45.70 -37.60 -14.76
O2 MAY DA . -44.56 -38.06 -17.92
C3 MAY DA . -44.84 -36.95 -13.70
C4 MAY DA . -45.38 -37.22 -12.30
C5 MAY DA . -45.80 -35.89 -11.69
C6 MAY DA . -45.09 -35.20 -10.77
C7 MAY DA . -43.78 -35.71 -10.20
C8 MAY DA . -42.63 -34.91 -10.78
C9 MAY DA . -41.42 -34.89 -10.20
CM MAY DA . -43.73 -38.38 -19.06
C10 MAY DA . -41.14 -35.66 -8.92
C11 MAY DA . -39.98 -36.60 -9.17
C12 MAY DA . -39.80 -37.74 -8.50
C13 MAY DA . -40.74 -38.24 -7.42
C14 MAY DA . -41.03 -39.70 -7.72
C15 MAY DA . -41.23 -40.63 -6.78
C16 MAY DA . -41.11 -40.36 -5.31
C17 MAY DA . -42.48 -40.19 -4.67
C18 MAY DA . -42.47 -39.04 -3.65
C19 MAY DA . -41.43 -39.25 -2.52
C20 MAY DA . -40.62 -38.01 -2.32
C1 MAY EA . -22.86 -39.45 30.69
O1 MAY EA . -20.96 -41.02 31.61
P1 MAY EA . -22.43 -41.17 31.10
C2 MAY EA . -24.28 -39.25 30.24
O2 MAY EA . -22.44 -42.09 29.79
C3 MAY EA . -24.29 -38.15 29.17
C4 MAY EA . -24.83 -36.84 29.73
C5 MAY EA . -26.15 -36.52 29.03
C6 MAY EA . -26.28 -35.58 28.07
C7 MAY EA . -25.13 -34.73 27.60
C8 MAY EA . -24.73 -35.13 26.21
C9 MAY EA . -24.04 -34.30 25.44
CM MAY EA . -21.33 -42.90 29.39
C10 MAY EA . -23.62 -32.92 25.89
C11 MAY EA . -22.10 -32.79 25.85
C12 MAY EA . -21.40 -31.95 26.64
C13 MAY EA . -22.01 -31.07 27.71
C14 MAY EA . -21.22 -31.25 28.99
C15 MAY EA . -20.96 -30.25 29.85
C16 MAY EA . -21.40 -28.80 29.65
C17 MAY EA . -22.69 -28.47 30.42
C18 MAY EA . -23.65 -27.65 29.56
C19 MAY EA . -22.95 -26.40 28.98
C20 MAY EA . -23.23 -26.17 27.51
C1 MAY FA . 13.77 -36.64 19.60
O1 MAY FA . 12.98 -36.99 22.11
P1 MAY FA . 13.95 -36.09 21.31
C2 MAY FA . 14.63 -35.91 18.59
O2 MAY FA . 13.55 -34.55 21.50
C3 MAY FA . 13.81 -35.67 17.32
C4 MAY FA . 14.16 -36.71 16.24
C5 MAY FA . 14.83 -35.99 15.08
C6 MAY FA . 14.22 -35.75 13.90
C7 MAY FA . 12.81 -36.20 13.59
C8 MAY FA . 11.89 -35.00 13.59
C9 MAY FA . 10.68 -35.00 13.01
CM MAY FA . 12.71 -34.10 22.59
C10 MAY FA . 10.13 -36.21 12.26
C11 MAY FA . 8.83 -36.69 12.89
C12 MAY FA . 8.45 -37.98 12.91
C13 MAY FA . 9.24 -39.12 12.32
C14 MAY FA . 9.24 -40.28 13.32
C15 MAY FA . 9.20 -41.57 12.98
C16 MAY FA . 9.09 -42.05 11.55
C17 MAY FA . 10.42 -42.51 10.98
C18 MAY FA . 10.53 -42.06 9.51
C19 MAY FA . 9.36 -42.54 8.64
C20 MAY FA . 8.88 -41.48 7.67
#